data_3J0S
#
_entry.id   3J0S
#
_cell.length_a   1
_cell.length_b   1
_cell.length_c   1
_cell.angle_alpha   90.00
_cell.angle_beta   90.00
_cell.angle_gamma   90.00
#
_symmetry.space_group_name_H-M   'P 1'
#
loop_
_entity.id
_entity.type
_entity.pdbx_description
1 polymer 'Actin, cytoplasmic 1'
2 polymer Cofilin-2
#
loop_
_entity_poly.entity_id
_entity_poly.type
_entity_poly.pdbx_seq_one_letter_code
_entity_poly.pdbx_strand_id
1 'polypeptide(L)'
;DDDIAALVVDNGSGMCKAGFAGDDAPRAVFPSIVGRPRHQGVMVGMGQKDSYVGDEAQSKRGILTLKYPIEHGIVTNWDD
MEKIWHHTFYNELRVAPEEHPVLLTEAPLNPKANREKMTQIMFETFNTPAMYVAIQAVLSLYASGRTTGIVMDSGDGVTH
TVPIYEGYALPHAILRLDLAGRDLTDYLMKILTERGYSFTTTAEREIVRDIKEKLCYVALDFEQEMATAASSSSLEKSYE
LPDGQVITIGNERFRCPEALFQPSFLGMESCGIHETTFNSIMKCDVDIRKDLYANTVLSGGTTMYPGIADRMQKEITALA
PSTMKIKIIAPPERKYSVWIGGSILASLSTFQQMWISKQEYDESGPSIVHRKCF
;
A,B,C,D,E,F,G,H,I,J,K,L
2 'polypeptide(L)'
;MASGVAVSDGVIKVFNDMKVRKSSTPEEVKKRKKAVLFCLSEDKKNIILEEGKEILVGDVGQTVDDPYATFVKMLPDKDC
RYALYDATYETKESKKEDLVFIFWAPESAPLKSKMIYASSKDAIKKKLTGIKHELQANCYEEVKDRCTLAEKLGGSAVIS
LEGKPL
;
M,O,N,Q,P,S,R,U,T,W,V,X
#
# COMPACT_ATOMS: atom_id res chain seq x y z
N ASP A 1 -56.00 56.98 124.39
CA ASP A 1 -56.84 55.85 123.91
C ASP A 1 -58.09 55.62 124.78
N ASP A 2 -59.26 56.06 124.24
CA ASP A 2 -60.62 55.82 124.83
C ASP A 2 -61.38 57.02 125.45
N ASP A 3 -60.85 57.71 126.47
CA ASP A 3 -61.65 58.77 127.14
C ASP A 3 -62.10 59.92 126.24
N ILE A 4 -61.18 60.38 125.40
CA ILE A 4 -61.33 61.47 124.40
C ILE A 4 -59.96 62.13 124.23
N ALA A 5 -59.14 61.46 123.43
CA ALA A 5 -57.75 61.84 123.20
C ALA A 5 -57.57 63.24 122.64
N ALA A 6 -58.60 63.80 122.01
CA ALA A 6 -58.54 65.16 121.46
C ALA A 6 -57.73 65.25 120.18
N LEU A 7 -58.44 65.38 119.08
CA LEU A 7 -57.84 65.51 117.77
C LEU A 7 -57.65 66.99 117.51
N VAL A 8 -56.44 67.41 117.27
CA VAL A 8 -56.21 68.82 117.04
C VAL A 8 -55.85 69.09 115.59
N VAL A 9 -56.62 69.95 114.95
CA VAL A 9 -56.35 70.30 113.57
C VAL A 9 -55.85 71.74 113.52
N ASP A 10 -54.65 71.91 113.02
CA ASP A 10 -54.04 73.22 112.93
C ASP A 10 -54.12 73.72 111.49
N ASN A 11 -54.78 74.85 111.30
CA ASN A 11 -54.98 75.42 109.97
C ASN A 11 -54.23 76.73 109.75
N GLY A 12 -53.73 76.87 108.53
CA GLY A 12 -52.99 78.06 108.11
C GLY A 12 -52.95 78.14 106.60
N SER A 13 -52.18 79.07 106.05
CA SER A 13 -52.09 79.22 104.59
C SER A 13 -51.59 77.94 103.92
N GLY A 14 -50.61 77.30 104.57
CA GLY A 14 -50.05 76.07 104.06
C GLY A 14 -49.32 75.29 105.14
N MET A 15 -48.95 74.04 104.85
CA MET A 15 -48.22 73.20 105.82
C MET A 15 -49.02 72.96 107.11
N CYS A 16 -50.28 72.54 106.94
CA CYS A 16 -51.19 72.28 108.08
C CYS A 16 -50.77 71.01 108.83
N LYS A 17 -51.20 70.87 110.08
CA LYS A 17 -50.78 69.72 110.91
C LYS A 17 -51.83 69.29 111.96
N ALA A 18 -51.71 68.04 112.43
CA ALA A 18 -52.67 67.45 113.40
C ALA A 18 -52.06 66.33 114.27
N GLY A 19 -52.73 66.00 115.40
CA GLY A 19 -52.23 64.95 116.29
C GLY A 19 -53.20 64.53 117.41
N PHE A 20 -52.64 64.06 118.53
CA PHE A 20 -53.41 63.58 119.71
C PHE A 20 -52.89 64.25 121.01
N ALA A 21 -53.74 64.31 122.05
CA ALA A 21 -53.35 64.92 123.34
C ALA A 21 -52.32 64.10 124.11
N GLY A 22 -51.53 64.80 124.90
CA GLY A 22 -50.46 64.17 125.67
C GLY A 22 -49.15 64.13 124.88
N ASP A 23 -49.25 64.47 123.61
CA ASP A 23 -48.10 64.50 122.71
C ASP A 23 -47.26 65.77 122.90
N ASP A 24 -46.00 65.67 122.52
CA ASP A 24 -45.07 66.80 122.64
C ASP A 24 -44.93 67.57 121.32
N ALA A 25 -45.61 67.07 120.29
CA ALA A 25 -45.58 67.65 118.94
C ALA A 25 -46.65 66.96 118.08
N PRO A 26 -47.10 67.56 116.95
CA PRO A 26 -48.11 66.90 116.12
C PRO A 26 -47.57 65.67 115.39
N ARG A 27 -48.44 64.68 115.22
CA ARG A 27 -48.10 63.43 114.56
C ARG A 27 -47.87 63.55 113.03
N ALA A 28 -48.70 64.35 112.35
CA ALA A 28 -48.59 64.49 110.90
C ALA A 28 -48.76 65.93 110.39
N VAL A 29 -47.98 66.25 109.35
CA VAL A 29 -48.00 67.57 108.70
C VAL A 29 -48.21 67.42 107.18
N PHE A 30 -49.16 68.15 106.60
CA PHE A 30 -49.40 68.03 105.14
C PHE A 30 -49.61 69.40 104.46
N PRO A 31 -49.41 69.46 103.12
CA PRO A 31 -49.63 70.69 102.33
C PRO A 31 -51.10 71.08 102.19
N SER A 32 -51.39 72.37 102.07
CA SER A 32 -52.79 72.77 101.88
C SER A 32 -53.03 73.21 100.44
N ILE A 33 -53.35 72.25 99.59
CA ILE A 33 -53.67 72.51 98.18
C ILE A 33 -54.84 71.63 97.70
N VAL A 34 -55.68 72.18 96.83
CA VAL A 34 -56.81 71.43 96.25
C VAL A 34 -56.81 71.56 94.73
N GLY A 35 -56.90 70.45 93.99
CA GLY A 35 -56.84 70.56 92.54
C GLY A 35 -57.99 69.95 91.74
N ARG A 36 -58.38 70.68 90.70
CA ARG A 36 -59.46 70.33 89.76
C ARG A 36 -58.99 70.70 88.32
N PRO A 37 -59.60 70.24 87.21
CA PRO A 37 -59.05 70.48 85.84
C PRO A 37 -58.67 71.94 85.45
N ARG A 38 -57.43 72.03 84.92
CA ARG A 38 -56.82 73.27 84.39
C ARG A 38 -56.33 73.07 82.96
N HIS A 39 -56.53 74.06 82.10
CA HIS A 39 -56.03 73.99 80.70
C HIS A 39 -56.67 72.77 80.00
N GLN A 40 -57.95 72.57 80.28
CA GLN A 40 -58.78 71.45 79.79
C GLN A 40 -58.28 70.06 80.27
N GLY A 41 -57.43 70.04 81.30
CA GLY A 41 -56.92 68.77 81.82
C GLY A 41 -55.61 68.21 81.21
N VAL A 42 -55.11 68.80 80.09
CA VAL A 42 -53.82 68.39 79.46
C VAL A 42 -53.90 67.26 78.35
N MET A 43 -55.13 66.89 77.90
CA MET A 43 -55.31 65.92 76.76
C MET A 43 -55.56 64.42 77.00
N VAL A 44 -56.57 63.97 76.22
CA VAL A 44 -57.05 62.56 76.10
C VAL A 44 -57.82 61.93 77.29
N GLY A 45 -59.15 62.10 77.26
CA GLY A 45 -60.03 61.49 78.25
C GLY A 45 -60.31 62.31 79.49
N MET A 46 -60.86 63.51 79.33
CA MET A 46 -61.12 64.35 80.50
C MET A 46 -62.56 64.38 81.00
N GLY A 47 -62.63 64.36 82.32
CA GLY A 47 -63.87 64.36 83.08
C GLY A 47 -63.57 63.95 84.52
N GLN A 48 -63.11 62.68 84.62
CA GLN A 48 -62.68 61.97 85.86
C GLN A 48 -62.98 62.59 87.25
N LYS A 49 -62.40 61.99 88.27
CA LYS A 49 -62.52 62.49 89.63
C LYS A 49 -61.28 63.27 90.00
N ASP A 50 -61.48 64.54 90.28
CA ASP A 50 -60.38 65.40 90.67
C ASP A 50 -60.77 66.42 91.73
N SER A 51 -60.07 66.26 92.82
CA SER A 51 -60.16 67.08 94.02
C SER A 51 -59.15 66.45 94.94
N TYR A 52 -57.90 66.78 94.72
CA TYR A 52 -56.84 66.17 95.48
C TYR A 52 -56.34 67.07 96.60
N VAL A 53 -56.31 66.51 97.79
CA VAL A 53 -55.84 67.21 98.97
C VAL A 53 -54.65 66.45 99.56
N GLY A 54 -53.57 67.17 99.82
CA GLY A 54 -52.38 66.53 100.36
C GLY A 54 -51.18 66.79 99.47
N ASP A 55 -50.10 66.04 99.64
CA ASP A 55 -48.93 66.24 98.80
C ASP A 55 -48.96 65.40 97.52
N GLU A 56 -49.99 64.55 97.38
CA GLU A 56 -50.14 63.77 96.14
C GLU A 56 -50.53 64.71 95.00
N ALA A 57 -51.25 65.77 95.39
CA ALA A 57 -51.71 66.82 94.50
C ALA A 57 -50.57 67.70 93.98
N GLN A 58 -49.49 67.79 94.76
CA GLN A 58 -48.35 68.65 94.42
C GLN A 58 -47.73 68.21 93.08
N SER A 59 -47.56 66.91 92.91
CA SER A 59 -47.07 66.36 91.64
C SER A 59 -48.02 66.70 90.49
N LYS A 60 -49.30 66.62 90.82
CA LYS A 60 -50.43 66.84 89.91
C LYS A 60 -50.77 68.32 89.68
N ARG A 61 -49.93 69.23 90.18
CA ARG A 61 -50.17 70.68 90.06
C ARG A 61 -50.25 71.15 88.61
N GLY A 62 -49.40 70.61 87.75
CA GLY A 62 -49.43 70.99 86.34
C GLY A 62 -50.77 70.69 85.66
N ILE A 63 -51.38 69.54 85.97
CA ILE A 63 -52.65 69.16 85.34
C ILE A 63 -53.92 69.52 86.16
N LEU A 64 -53.77 69.94 87.41
CA LEU A 64 -54.91 70.38 88.23
C LEU A 64 -54.76 71.83 88.73
N THR A 65 -55.86 72.57 88.72
CA THR A 65 -55.88 73.94 89.21
C THR A 65 -55.89 73.91 90.73
N LEU A 66 -55.01 74.66 91.37
CA LEU A 66 -54.98 74.68 92.82
C LEU A 66 -55.64 75.93 93.37
N LYS A 67 -56.51 75.71 94.33
CA LYS A 67 -57.22 76.77 95.00
C LYS A 67 -56.86 76.72 96.48
N TYR A 68 -56.68 77.87 97.10
CA TYR A 68 -56.29 77.90 98.50
C TYR A 68 -57.52 78.04 99.40
N PRO A 69 -57.84 76.96 100.16
CA PRO A 69 -58.97 76.95 101.09
C PRO A 69 -58.80 78.02 102.16
N ILE A 70 -57.54 78.29 102.44
CA ILE A 70 -57.15 79.27 103.43
C ILE A 70 -56.32 80.36 102.78
N GLU A 71 -56.74 81.60 102.82
CA GLU A 71 -55.89 82.62 102.29
C GLU A 71 -55.39 83.48 103.43
N HIS A 72 -54.10 83.34 103.69
CA HIS A 72 -53.39 84.07 104.74
C HIS A 72 -54.09 84.04 106.12
N GLY A 73 -54.46 82.83 106.58
CA GLY A 73 -55.09 82.65 107.90
C GLY A 73 -56.64 82.62 107.97
N ILE A 74 -57.31 82.81 106.85
CA ILE A 74 -58.79 82.79 106.82
C ILE A 74 -59.33 81.87 105.71
N VAL A 75 -60.60 81.44 105.83
CA VAL A 75 -61.17 80.53 104.85
C VAL A 75 -62.22 81.26 104.01
N THR A 76 -61.98 81.31 102.71
CA THR A 76 -62.93 81.94 101.80
C THR A 76 -63.81 80.90 101.11
N ASN A 77 -63.22 79.77 100.73
CA ASN A 77 -63.98 78.69 100.09
C ASN A 77 -64.10 77.48 101.01
N TRP A 78 -65.31 77.25 101.47
CA TRP A 78 -65.62 76.13 102.36
C TRP A 78 -65.56 74.76 101.70
N ASP A 79 -65.89 74.69 100.40
CA ASP A 79 -65.89 73.39 99.69
C ASP A 79 -64.50 72.73 99.71
N ASP A 80 -63.47 73.53 99.53
CA ASP A 80 -62.09 73.03 99.57
C ASP A 80 -61.70 72.59 101.00
N MET A 81 -62.14 73.40 101.97
CA MET A 81 -61.86 73.17 103.40
C MET A 81 -62.42 71.83 103.91
N GLU A 82 -63.63 71.49 103.48
CA GLU A 82 -64.27 70.22 103.89
C GLU A 82 -63.46 69.01 103.45
N LYS A 83 -62.91 69.07 102.24
CA LYS A 83 -62.10 67.97 101.72
C LYS A 83 -60.88 67.74 102.59
N ILE A 84 -60.28 68.83 103.06
CA ILE A 84 -59.11 68.75 103.95
C ILE A 84 -59.44 68.03 105.26
N TRP A 85 -60.60 68.34 105.86
CA TRP A 85 -60.97 67.70 107.13
C TRP A 85 -61.28 66.22 106.92
N HIS A 86 -61.96 65.91 105.82
CA HIS A 86 -62.26 64.52 105.46
C HIS A 86 -60.99 63.71 105.29
N HIS A 87 -60.06 64.31 104.55
CA HIS A 87 -58.80 63.66 104.23
C HIS A 87 -57.92 63.53 105.48
N THR A 88 -57.90 64.56 106.32
CA THR A 88 -57.08 64.52 107.54
C THR A 88 -57.47 63.39 108.50
N PHE A 89 -58.77 63.26 108.80
CA PHE A 89 -59.21 62.20 109.71
C PHE A 89 -59.09 60.79 109.11
N TYR A 90 -59.75 60.61 107.98
CA TYR A 90 -59.79 59.32 107.29
C TYR A 90 -58.48 58.87 106.65
N ASN A 91 -57.74 59.80 106.04
CA ASN A 91 -56.50 59.40 105.35
C ASN A 91 -55.18 59.77 106.06
N GLU A 92 -55.08 60.96 106.66
CA GLU A 92 -53.81 61.35 107.29
C GLU A 92 -53.62 60.86 108.74
N LEU A 93 -54.56 61.20 109.62
CA LEU A 93 -54.55 60.72 111.02
C LEU A 93 -54.88 59.22 111.15
N ARG A 94 -55.80 58.77 110.30
CA ARG A 94 -56.29 57.38 110.29
C ARG A 94 -56.94 57.00 111.63
N VAL A 95 -57.69 57.95 112.18
CA VAL A 95 -58.43 57.78 113.43
C VAL A 95 -59.89 58.25 113.24
N ALA A 96 -60.85 57.50 113.79
CA ALA A 96 -62.25 57.90 113.65
C ALA A 96 -62.58 59.15 114.48
N PRO A 97 -63.16 60.19 113.83
CA PRO A 97 -63.53 61.45 114.48
C PRO A 97 -64.55 61.28 115.61
N GLU A 98 -65.37 60.26 115.47
CA GLU A 98 -66.42 59.97 116.43
C GLU A 98 -65.92 59.66 117.86
N GLU A 99 -64.88 58.83 118.01
CA GLU A 99 -64.31 58.58 119.36
C GLU A 99 -63.57 59.80 119.96
N HIS A 100 -62.82 60.51 119.12
CA HIS A 100 -61.98 61.64 119.56
C HIS A 100 -62.51 63.04 119.16
N PRO A 101 -62.66 63.96 120.14
CA PRO A 101 -63.14 65.34 119.89
C PRO A 101 -62.10 66.15 119.13
N VAL A 102 -62.50 67.13 118.32
CA VAL A 102 -61.51 67.88 117.53
C VAL A 102 -61.39 69.36 117.92
N LEU A 103 -60.16 69.83 118.00
CA LEU A 103 -59.86 71.22 118.33
C LEU A 103 -59.36 71.94 117.08
N LEU A 104 -59.96 73.08 116.76
CA LEU A 104 -59.56 73.83 115.57
C LEU A 104 -58.86 75.13 115.92
N THR A 105 -57.74 75.40 115.27
CA THR A 105 -57.00 76.65 115.51
C THR A 105 -57.57 77.79 114.66
N GLU A 106 -57.28 79.02 115.07
CA GLU A 106 -57.76 80.19 114.33
C GLU A 106 -56.70 81.29 114.27
N ALA A 107 -56.78 82.11 113.23
CA ALA A 107 -55.89 83.27 113.10
C ALA A 107 -56.39 84.38 114.03
N PRO A 108 -55.50 85.23 114.56
CA PRO A 108 -55.92 86.35 115.43
C PRO A 108 -56.87 87.31 114.73
N LEU A 109 -57.90 87.78 115.45
CA LEU A 109 -58.91 88.69 114.90
C LEU A 109 -59.65 88.06 113.72
N ASN A 110 -60.05 86.81 113.93
CA ASN A 110 -60.81 86.01 112.95
C ASN A 110 -62.23 86.58 112.81
N PRO A 111 -62.74 86.82 111.57
CA PRO A 111 -64.07 87.42 111.40
C PRO A 111 -65.20 86.58 112.01
N LYS A 112 -66.18 87.32 112.52
CA LYS A 112 -67.34 86.74 113.22
C LYS A 112 -68.21 85.81 112.38
N ALA A 113 -68.44 86.14 111.11
CA ALA A 113 -69.27 85.29 110.24
C ALA A 113 -68.70 83.87 110.09
N ASN A 114 -67.39 83.79 109.94
CA ASN A 114 -66.69 82.50 109.81
C ASN A 114 -66.76 81.66 111.07
N ARG A 115 -66.63 82.32 112.22
CA ARG A 115 -66.60 81.63 113.52
C ARG A 115 -67.89 80.84 113.82
N GLU A 116 -69.05 81.41 113.50
CA GLU A 116 -70.30 80.69 113.74
C GLU A 116 -70.47 79.50 112.77
N LYS A 117 -70.09 79.71 111.51
CA LYS A 117 -70.25 78.68 110.47
C LYS A 117 -69.31 77.47 110.61
N MET A 118 -68.04 77.67 110.99
CA MET A 118 -67.13 76.53 111.15
C MET A 118 -67.66 75.56 112.22
N THR A 119 -68.19 76.14 113.30
CA THR A 119 -68.79 75.36 114.37
C THR A 119 -69.98 74.55 113.83
N GLN A 120 -70.74 75.21 112.96
CA GLN A 120 -71.92 74.62 112.32
C GLN A 120 -71.59 73.38 111.48
N ILE A 121 -70.47 73.43 110.75
CA ILE A 121 -70.07 72.30 109.90
C ILE A 121 -69.64 71.07 110.72
N MET A 122 -68.91 71.29 111.80
CA MET A 122 -68.47 70.18 112.64
C MET A 122 -69.61 69.37 113.25
N PHE A 123 -70.61 70.08 113.74
CA PHE A 123 -71.74 69.43 114.37
C PHE A 123 -72.66 68.65 113.42
N GLU A 124 -72.92 69.20 112.23
CA GLU A 124 -73.81 68.49 111.30
C GLU A 124 -73.08 67.67 110.21
N THR A 125 -72.04 68.21 109.60
CA THR A 125 -71.32 67.48 108.55
C THR A 125 -70.52 66.26 109.05
N PHE A 126 -69.80 66.42 110.16
CA PHE A 126 -69.00 65.30 110.69
C PHE A 126 -69.53 64.72 112.01
N ASN A 127 -70.61 65.28 112.56
CA ASN A 127 -71.22 64.80 113.81
C ASN A 127 -70.17 64.65 114.95
N THR A 128 -69.24 65.60 115.07
CA THR A 128 -68.22 65.52 116.13
C THR A 128 -68.82 65.84 117.53
N PRO A 129 -68.57 64.97 118.54
CA PRO A 129 -69.09 65.17 119.90
C PRO A 129 -68.63 66.47 120.59
N ALA A 130 -67.38 66.85 120.39
CA ALA A 130 -66.86 68.08 121.02
C ALA A 130 -65.81 68.79 120.15
N MET A 131 -65.76 70.11 120.28
CA MET A 131 -64.79 70.92 119.55
C MET A 131 -64.47 72.23 120.28
N TYR A 132 -63.34 72.84 119.96
CA TYR A 132 -62.94 74.10 120.59
C TYR A 132 -62.12 74.94 119.62
N VAL A 133 -62.19 76.27 119.75
CA VAL A 133 -61.44 77.16 118.87
C VAL A 133 -60.39 77.92 119.69
N ALA A 134 -59.14 77.89 119.21
CA ALA A 134 -58.00 78.49 119.90
C ALA A 134 -57.15 79.40 119.00
N ILE A 135 -56.37 80.29 119.60
CA ILE A 135 -55.53 81.21 118.84
C ILE A 135 -54.07 80.83 119.02
N GLN A 136 -53.38 80.72 117.88
CA GLN A 136 -52.00 80.27 117.84
C GLN A 136 -51.03 81.18 118.63
N ALA A 137 -51.24 82.48 118.54
CA ALA A 137 -50.39 83.43 119.27
C ALA A 137 -50.60 83.35 120.78
N VAL A 138 -51.87 83.20 121.19
CA VAL A 138 -52.20 83.11 122.61
C VAL A 138 -51.54 81.92 123.28
N LEU A 139 -51.65 80.76 122.64
CA LEU A 139 -51.05 79.54 123.16
C LEU A 139 -49.53 79.63 123.29
N SER A 140 -48.87 80.23 122.29
CA SER A 140 -47.40 80.36 122.34
C SER A 140 -46.89 81.18 123.53
N LEU A 141 -47.59 82.28 123.85
CA LEU A 141 -47.22 83.10 125.01
C LEU A 141 -47.53 82.32 126.29
N TYR A 142 -48.68 81.64 126.22
CA TYR A 142 -49.21 80.82 127.29
C TYR A 142 -48.25 79.68 127.63
N ALA A 143 -47.66 79.09 126.60
CA ALA A 143 -46.73 77.95 126.73
C ALA A 143 -45.51 78.28 127.58
N SER A 144 -44.98 79.48 127.41
CA SER A 144 -43.81 79.94 128.16
C SER A 144 -44.15 80.16 129.65
N GLY A 145 -45.46 80.13 129.96
CA GLY A 145 -45.91 80.36 131.33
C GLY A 145 -46.12 81.82 131.67
N ARG A 146 -46.13 82.63 130.63
CA ARG A 146 -46.29 84.07 130.78
C ARG A 146 -47.55 84.59 130.06
N THR A 147 -48.38 85.33 130.78
CA THR A 147 -49.62 85.88 130.22
C THR A 147 -49.49 87.32 129.71
N THR A 148 -48.47 88.03 130.17
CA THR A 148 -48.23 89.40 129.75
C THR A 148 -47.08 89.46 128.76
N GLY A 149 -47.30 90.02 127.57
CA GLY A 149 -46.22 90.10 126.61
C GLY A 149 -46.63 90.29 125.18
N ILE A 150 -45.66 90.15 124.29
CA ILE A 150 -45.88 90.29 122.86
C ILE A 150 -45.27 89.09 122.14
N VAL A 151 -46.04 88.48 121.28
CA VAL A 151 -45.56 87.30 120.56
C VAL A 151 -45.48 87.53 119.06
N MET A 152 -44.33 87.24 118.52
CA MET A 152 -44.16 87.31 117.09
C MET A 152 -44.28 85.87 116.64
N ASP A 153 -45.32 85.58 115.89
CA ASP A 153 -45.58 84.20 115.49
C ASP A 153 -45.22 83.90 114.06
N SER A 154 -44.32 82.98 113.88
CA SER A 154 -43.95 82.55 112.55
C SER A 154 -44.84 81.37 112.21
N GLY A 155 -45.87 81.63 111.44
CA GLY A 155 -46.78 80.56 111.09
C GLY A 155 -46.24 79.72 109.96
N ASP A 156 -46.85 78.58 109.75
CA ASP A 156 -46.41 77.71 108.67
C ASP A 156 -46.77 78.33 107.32
N GLY A 157 -47.72 79.26 107.35
CA GLY A 157 -48.14 79.93 106.13
C GLY A 157 -48.27 81.46 106.26
N VAL A 158 -48.60 81.96 107.45
CA VAL A 158 -48.76 83.42 107.66
C VAL A 158 -48.18 83.90 109.01
N THR A 159 -47.53 85.06 109.00
CA THR A 159 -46.94 85.62 110.24
C THR A 159 -47.78 86.76 110.83
N HIS A 160 -48.22 86.57 112.07
CA HIS A 160 -49.02 87.58 112.77
C HIS A 160 -48.37 88.07 114.07
N THR A 161 -48.49 89.36 114.31
CA THR A 161 -48.00 89.99 115.54
C THR A 161 -49.19 90.17 116.47
N VAL A 162 -49.15 89.56 117.65
CA VAL A 162 -50.30 89.63 118.56
C VAL A 162 -49.94 89.85 120.02
N PRO A 163 -49.70 91.10 120.48
CA PRO A 163 -49.42 91.34 121.89
C PRO A 163 -50.61 90.89 122.75
N ILE A 164 -50.32 90.15 123.81
CA ILE A 164 -51.36 89.62 124.67
C ILE A 164 -51.29 90.08 126.12
N TYR A 165 -52.32 90.74 126.61
CA TYR A 165 -52.34 91.12 128.03
C TYR A 165 -53.56 90.46 128.71
N GLU A 166 -53.30 89.56 129.65
CA GLU A 166 -54.36 88.83 130.39
C GLU A 166 -55.30 87.99 129.51
N GLY A 167 -54.77 87.34 128.50
CA GLY A 167 -55.57 86.48 127.64
C GLY A 167 -56.28 87.24 126.53
N TYR A 168 -56.23 88.55 126.61
CA TYR A 168 -56.87 89.41 125.63
C TYR A 168 -55.84 89.98 124.66
N ALA A 169 -56.11 89.81 123.37
CA ALA A 169 -55.22 90.32 122.33
C ALA A 169 -55.52 91.79 122.09
N LEU A 170 -54.51 92.57 121.70
CA LEU A 170 -54.74 94.00 121.47
C LEU A 170 -55.06 94.27 120.01
N PRO A 171 -56.33 94.66 119.72
CA PRO A 171 -56.81 94.93 118.34
C PRO A 171 -56.04 96.06 117.65
N HIS A 172 -55.56 97.00 118.45
CA HIS A 172 -54.83 98.16 117.94
C HIS A 172 -53.32 97.91 117.83
N ALA A 173 -52.89 96.72 118.21
CA ALA A 173 -51.47 96.37 118.14
C ALA A 173 -51.18 95.17 117.21
N ILE A 174 -52.18 94.76 116.44
CA ILE A 174 -52.01 93.59 115.56
C ILE A 174 -52.00 93.97 114.06
N LEU A 175 -50.98 93.47 113.36
CA LEU A 175 -50.84 93.69 111.91
C LEU A 175 -50.60 92.38 111.18
N ARG A 176 -51.06 92.32 109.93
CA ARG A 176 -50.91 91.12 109.11
C ARG A 176 -49.74 91.24 108.11
N LEU A 177 -48.80 90.31 108.19
CA LEU A 177 -47.68 90.29 107.24
C LEU A 177 -47.74 88.93 106.52
N ASP A 178 -47.59 88.93 105.22
CA ASP A 178 -47.80 87.70 104.43
C ASP A 178 -46.56 86.82 104.22
N LEU A 179 -45.40 87.18 104.73
CA LEU A 179 -44.24 86.32 104.55
C LEU A 179 -44.00 85.51 105.84
N ALA A 180 -44.04 84.17 105.75
CA ALA A 180 -43.90 83.32 106.95
C ALA A 180 -43.03 82.08 106.74
N GLY A 181 -43.55 81.06 106.06
CA GLY A 181 -42.78 79.85 105.85
C GLY A 181 -42.77 79.34 104.42
N ARG A 182 -43.95 79.04 103.86
CA ARG A 182 -44.03 78.55 102.47
C ARG A 182 -43.44 79.56 101.47
N ASP A 183 -43.74 80.84 101.71
CA ASP A 183 -43.26 81.91 100.84
C ASP A 183 -41.73 82.00 100.81
N LEU A 184 -41.09 81.80 101.97
CA LEU A 184 -39.63 81.78 102.05
C LEU A 184 -39.06 80.66 101.20
N THR A 185 -39.73 79.51 101.22
CA THR A 185 -39.28 78.36 100.43
C THR A 185 -39.26 78.73 98.95
N ASP A 186 -40.30 79.43 98.49
CA ASP A 186 -40.35 79.91 97.10
C ASP A 186 -39.15 80.84 96.84
N TYR A 187 -38.94 81.77 97.79
CA TYR A 187 -37.83 82.74 97.75
C TYR A 187 -36.45 82.12 97.74
N LEU A 188 -36.24 81.11 98.58
CA LEU A 188 -34.94 80.44 98.65
C LEU A 188 -34.59 79.85 97.29
N MET A 189 -35.57 79.20 96.66
CA MET A 189 -35.38 78.63 95.33
C MET A 189 -35.03 79.72 94.31
N LYS A 190 -35.73 80.85 94.43
CA LYS A 190 -35.56 81.99 93.51
C LYS A 190 -34.13 82.56 93.52
N ILE A 191 -33.51 82.67 94.71
CA ILE A 191 -32.13 83.21 94.78
C ILE A 191 -31.11 82.13 94.41
N LEU A 192 -31.45 80.88 94.70
CA LEU A 192 -30.60 79.73 94.36
C LEU A 192 -30.39 79.66 92.84
N THR A 193 -31.49 79.92 92.14
CA THR A 193 -31.53 79.94 90.67
C THR A 193 -30.59 81.01 90.09
N GLU A 194 -30.55 82.17 90.75
CA GLU A 194 -29.72 83.30 90.29
C GLU A 194 -28.23 82.95 90.22
N ARG A 195 -27.73 82.20 91.21
CA ARG A 195 -26.31 81.82 91.22
C ARG A 195 -25.93 80.96 89.99
N GLY A 196 -26.81 80.04 89.60
CA GLY A 196 -26.53 79.17 88.45
C GLY A 196 -27.10 77.77 88.56
N TYR A 197 -28.25 77.60 89.20
CA TYR A 197 -28.86 76.27 89.35
C TYR A 197 -30.25 76.26 88.69
N SER A 198 -30.58 75.17 88.00
CA SER A 198 -31.82 75.10 87.22
C SER A 198 -33.10 74.69 87.96
N PHE A 199 -34.00 75.67 88.13
CA PHE A 199 -35.33 75.43 88.68
C PHE A 199 -36.37 76.05 87.72
N THR A 200 -37.14 75.23 87.01
CA THR A 200 -38.14 75.76 86.07
C THR A 200 -39.54 75.16 86.21
N THR A 201 -39.66 74.16 87.08
CA THR A 201 -40.92 73.43 87.26
C THR A 201 -41.30 73.32 88.75
N THR A 202 -42.60 73.42 89.01
CA THR A 202 -43.15 73.40 90.37
C THR A 202 -42.90 72.07 91.11
N ALA A 203 -42.61 71.02 90.37
CA ALA A 203 -42.34 69.69 90.94
C ALA A 203 -41.12 69.68 91.89
N GLU A 204 -40.06 70.40 91.53
CA GLU A 204 -38.83 70.43 92.33
C GLU A 204 -38.84 71.53 93.40
N ARG A 205 -39.92 72.30 93.46
CA ARG A 205 -40.10 73.36 94.49
C ARG A 205 -40.08 72.76 95.90
N GLU A 206 -40.70 71.62 96.05
CA GLU A 206 -40.78 70.90 97.33
C GLU A 206 -39.40 70.52 97.84
N ILE A 207 -38.48 70.25 96.92
CA ILE A 207 -37.12 69.82 97.26
C ILE A 207 -36.39 70.86 98.12
N VAL A 208 -36.56 72.14 97.80
CA VAL A 208 -35.91 73.21 98.57
C VAL A 208 -36.44 73.27 100.02
N ARG A 209 -37.63 72.70 100.31
CA ARG A 209 -38.17 72.71 101.69
C ARG A 209 -37.19 71.99 102.62
N ASP A 210 -36.66 70.87 102.12
CA ASP A 210 -35.68 70.08 102.87
C ASP A 210 -34.45 70.94 103.13
N ILE A 211 -34.10 71.71 102.11
CA ILE A 211 -32.98 72.64 102.16
C ILE A 211 -33.19 73.68 103.26
N LYS A 212 -34.43 74.16 103.38
CA LYS A 212 -34.75 75.21 104.34
C LYS A 212 -34.47 74.86 105.80
N GLU A 213 -34.92 73.72 106.31
CA GLU A 213 -34.61 73.44 107.73
C GLU A 213 -33.12 73.14 107.97
N LYS A 214 -32.51 72.35 107.06
CA LYS A 214 -31.08 72.02 107.15
C LYS A 214 -30.07 73.16 106.87
N LEU A 215 -30.36 73.99 105.86
CA LEU A 215 -29.39 75.04 105.46
C LEU A 215 -29.74 76.49 105.75
N CYS A 216 -30.88 76.82 106.34
CA CYS A 216 -31.15 78.25 106.58
C CYS A 216 -30.44 78.71 107.84
N TYR A 217 -29.62 79.75 107.70
CA TYR A 217 -28.84 80.29 108.81
C TYR A 217 -29.01 81.80 108.92
N VAL A 218 -28.81 82.35 110.10
CA VAL A 218 -28.88 83.79 110.27
C VAL A 218 -27.53 84.31 110.79
N ALA A 219 -27.00 85.33 110.11
CA ALA A 219 -25.69 85.90 110.49
C ALA A 219 -25.78 86.92 111.62
N LEU A 220 -24.72 86.97 112.44
CA LEU A 220 -24.66 87.92 113.56
C LEU A 220 -24.73 89.36 113.07
N ASP A 221 -24.05 89.63 111.95
CA ASP A 221 -24.06 90.95 111.31
C ASP A 221 -24.04 90.74 109.79
N PHE A 222 -25.09 91.15 109.11
CA PHE A 222 -25.22 90.96 107.65
C PHE A 222 -24.14 91.59 106.74
N GLU A 223 -23.82 92.87 106.89
CA GLU A 223 -22.86 93.47 105.94
C GLU A 223 -21.42 92.95 106.09
N GLN A 224 -20.98 92.74 107.33
CA GLN A 224 -19.64 92.21 107.57
C GLN A 224 -19.52 90.80 106.96
N GLU A 225 -20.61 90.07 107.13
CA GLU A 225 -20.76 88.70 106.66
C GLU A 225 -20.62 88.60 105.12
N MET A 226 -21.19 89.59 104.42
CA MET A 226 -21.13 89.64 102.95
C MET A 226 -19.68 89.70 102.43
N ALA A 227 -18.83 90.48 103.12
CA ALA A 227 -17.43 90.61 102.72
C ALA A 227 -16.66 89.28 102.88
N THR A 228 -16.96 88.56 103.95
CA THR A 228 -16.37 87.25 104.25
C THR A 228 -16.70 86.22 103.15
N ALA A 229 -17.95 86.30 102.70
CA ALA A 229 -18.53 85.41 101.69
C ALA A 229 -17.83 85.42 100.32
N ALA A 230 -17.34 86.57 99.89
CA ALA A 230 -16.70 86.71 98.57
C ALA A 230 -15.48 85.80 98.41
N SER A 231 -14.67 85.67 99.46
CA SER A 231 -13.47 84.82 99.43
C SER A 231 -13.83 83.32 99.38
N SER A 232 -15.04 83.00 99.86
CA SER A 232 -15.57 81.61 99.93
C SER A 232 -15.02 80.85 101.14
N SER A 233 -13.89 80.18 100.94
CA SER A 233 -13.25 79.41 102.02
C SER A 233 -14.19 78.34 102.63
N SER A 234 -14.51 78.49 103.91
CA SER A 234 -15.39 77.53 104.61
C SER A 234 -16.87 77.89 104.54
N LEU A 235 -17.21 79.00 103.89
CA LEU A 235 -18.62 79.43 103.77
C LEU A 235 -19.50 78.41 103.05
N GLU A 236 -18.97 77.81 101.99
CA GLU A 236 -19.74 76.85 101.20
C GLU A 236 -20.17 75.67 102.10
N LYS A 237 -21.44 75.27 102.05
CA LYS A 237 -21.93 74.19 102.91
C LYS A 237 -22.66 73.11 102.08
N SER A 238 -22.32 71.84 102.34
CA SER A 238 -22.91 70.69 101.61
C SER A 238 -24.39 70.41 101.92
N TYR A 239 -25.08 69.88 100.90
CA TYR A 239 -26.50 69.48 100.97
C TYR A 239 -26.81 68.27 100.08
N GLU A 240 -27.80 67.45 100.48
CA GLU A 240 -28.15 66.24 99.72
C GLU A 240 -29.38 66.36 98.80
N LEU A 241 -29.16 66.14 97.51
CA LEU A 241 -30.23 66.08 96.50
C LEU A 241 -30.58 64.62 96.27
N PRO A 242 -31.87 64.26 96.09
CA PRO A 242 -32.28 62.85 95.87
C PRO A 242 -31.47 62.12 94.78
N ASP A 243 -31.19 62.84 93.69
CA ASP A 243 -30.43 62.28 92.55
C ASP A 243 -28.94 61.97 92.88
N GLY A 244 -28.29 62.80 93.68
CA GLY A 244 -26.89 62.56 94.02
C GLY A 244 -26.01 63.80 94.01
N GLN A 245 -26.34 64.79 93.18
CA GLN A 245 -25.56 66.04 93.17
C GLN A 245 -25.78 66.83 94.44
N VAL A 246 -24.77 67.57 94.83
CA VAL A 246 -24.85 68.39 96.02
C VAL A 246 -24.80 69.84 95.59
N ILE A 247 -25.79 70.61 96.00
CA ILE A 247 -25.82 72.01 95.65
C ILE A 247 -25.22 72.79 96.79
N THR A 248 -24.12 73.45 96.46
CA THR A 248 -23.36 74.19 97.44
C THR A 248 -23.89 75.60 97.63
N ILE A 249 -24.11 75.95 98.88
CA ILE A 249 -24.61 77.26 99.27
C ILE A 249 -23.61 77.98 100.18
N GLY A 250 -23.13 79.16 99.74
CA GLY A 250 -22.14 79.89 100.52
C GLY A 250 -22.65 81.17 101.18
N ASN A 251 -22.89 82.22 100.40
CA ASN A 251 -23.37 83.48 100.99
C ASN A 251 -24.90 83.53 101.06
N GLU A 252 -25.53 82.48 100.58
CA GLU A 252 -26.97 82.34 100.60
C GLU A 252 -27.44 81.81 101.96
N ARG A 253 -26.46 81.38 102.76
CA ARG A 253 -26.72 80.80 104.09
C ARG A 253 -27.42 81.79 105.02
N PHE A 254 -26.98 83.05 104.96
CA PHE A 254 -27.53 84.11 105.81
C PHE A 254 -28.47 85.07 105.06
N ARG A 255 -28.24 85.25 103.77
CA ARG A 255 -29.04 86.16 102.96
C ARG A 255 -30.57 85.83 102.87
N CYS A 256 -30.93 84.54 102.77
CA CYS A 256 -32.36 84.14 102.70
C CYS A 256 -33.27 84.69 103.84
N PRO A 257 -32.89 84.47 105.13
CA PRO A 257 -33.64 84.98 106.32
C PRO A 257 -33.75 86.50 106.33
N GLU A 258 -32.74 87.11 105.74
CA GLU A 258 -32.60 88.56 105.64
C GLU A 258 -33.76 89.20 104.91
N ALA A 259 -34.42 88.47 104.02
CA ALA A 259 -35.54 89.01 103.28
C ALA A 259 -36.64 89.47 104.25
N LEU A 260 -36.89 88.70 105.32
CA LEU A 260 -37.88 89.12 106.33
C LEU A 260 -37.48 90.48 106.95
N PHE A 261 -36.20 90.56 107.33
CA PHE A 261 -35.57 91.75 107.93
C PHE A 261 -35.40 92.94 106.96
N GLN A 262 -35.03 92.61 105.72
CA GLN A 262 -34.74 93.58 104.66
C GLN A 262 -35.48 93.26 103.34
N PRO A 263 -36.78 93.64 103.30
CA PRO A 263 -37.68 93.39 102.15
C PRO A 263 -37.20 93.98 100.82
N SER A 264 -36.31 94.95 100.89
CA SER A 264 -35.77 95.64 99.71
C SER A 264 -35.16 94.65 98.70
N PHE A 265 -34.54 93.56 99.17
CA PHE A 265 -33.95 92.58 98.24
C PHE A 265 -35.03 91.98 97.31
N LEU A 266 -36.21 91.71 97.87
CA LEU A 266 -37.39 91.24 97.11
C LEU A 266 -37.83 92.21 96.03
N GLY A 267 -37.78 93.47 96.39
CA GLY A 267 -38.28 94.52 95.53
C GLY A 267 -39.41 95.26 96.21
N MET A 268 -39.51 95.04 97.52
CA MET A 268 -40.54 95.69 98.34
C MET A 268 -40.01 96.93 99.04
N GLU A 269 -40.87 97.92 99.05
CA GLU A 269 -40.59 99.20 99.67
C GLU A 269 -41.04 99.17 101.14
N SER A 270 -41.64 98.05 101.52
CA SER A 270 -42.20 97.83 102.87
C SER A 270 -41.11 97.70 103.95
N CYS A 271 -41.46 98.11 105.17
CA CYS A 271 -40.56 98.03 106.32
C CYS A 271 -40.35 96.57 106.76
N GLY A 272 -39.17 96.29 107.33
CA GLY A 272 -38.87 94.94 107.79
C GLY A 272 -39.83 94.46 108.88
N ILE A 273 -40.06 93.15 108.93
CA ILE A 273 -40.98 92.56 109.91
C ILE A 273 -40.58 92.82 111.37
N HIS A 274 -39.28 92.75 111.70
CA HIS A 274 -38.85 93.01 113.08
C HIS A 274 -39.25 94.44 113.48
N GLU A 275 -39.10 95.37 112.54
CA GLU A 275 -39.51 96.77 112.69
C GLU A 275 -41.02 96.85 112.92
N THR A 276 -41.77 96.01 112.21
CA THR A 276 -43.23 95.98 112.29
C THR A 276 -43.67 95.63 113.73
N THR A 277 -42.95 94.71 114.35
CA THR A 277 -43.22 94.35 115.75
C THR A 277 -43.04 95.58 116.66
N PHE A 278 -41.99 96.34 116.35
CA PHE A 278 -41.66 97.57 117.07
C PHE A 278 -42.78 98.62 116.99
N ASN A 279 -43.42 98.76 115.81
CA ASN A 279 -44.52 99.71 115.66
C ASN A 279 -45.67 99.38 116.61
N SER A 280 -45.95 98.09 116.77
CA SER A 280 -47.02 97.65 117.68
C SER A 280 -46.73 98.11 119.11
N ILE A 281 -45.45 98.02 119.50
CA ILE A 281 -45.00 98.42 120.85
C ILE A 281 -45.14 99.94 121.05
N MET A 282 -44.83 100.71 120.02
CA MET A 282 -44.92 102.18 120.04
C MET A 282 -46.37 102.64 120.31
N LYS A 283 -47.29 101.93 119.68
CA LYS A 283 -48.74 102.18 119.80
C LYS A 283 -49.26 101.82 121.21
N CYS A 284 -48.60 100.85 121.81
CA CYS A 284 -48.94 100.29 123.13
C CYS A 284 -48.65 101.27 124.29
N ASP A 285 -49.31 101.01 125.41
CA ASP A 285 -49.17 101.84 126.61
C ASP A 285 -47.70 101.88 127.06
N VAL A 286 -47.24 103.10 127.30
CA VAL A 286 -45.85 103.40 127.65
C VAL A 286 -45.34 102.73 128.94
N ASP A 287 -46.18 102.69 129.97
CA ASP A 287 -45.82 102.10 131.26
C ASP A 287 -45.45 100.60 131.14
N ILE A 288 -46.19 99.87 130.31
CA ILE A 288 -45.96 98.43 130.18
C ILE A 288 -44.92 98.08 129.11
N ARG A 289 -44.36 99.08 128.43
CA ARG A 289 -43.37 98.81 127.37
C ARG A 289 -42.12 98.07 127.89
N LYS A 290 -41.63 98.43 129.08
CA LYS A 290 -40.46 97.75 129.63
C LYS A 290 -40.76 96.28 129.92
N ASP A 291 -41.97 96.01 130.43
CA ASP A 291 -42.39 94.64 130.70
C ASP A 291 -42.47 93.83 129.41
N LEU A 292 -42.95 94.47 128.34
CA LEU A 292 -43.11 93.82 127.03
C LEU A 292 -41.78 93.31 126.48
N TYR A 293 -40.72 94.10 126.65
CA TYR A 293 -39.39 93.70 126.19
C TYR A 293 -38.93 92.41 126.85
N ALA A 294 -39.21 92.27 128.14
CA ALA A 294 -38.83 91.06 128.88
C ALA A 294 -39.81 89.90 128.65
N ASN A 295 -40.94 90.19 128.00
CA ASN A 295 -41.98 89.19 127.75
C ASN A 295 -42.04 88.67 126.28
N THR A 296 -41.06 89.01 125.45
CA THR A 296 -41.08 88.60 124.01
C THR A 296 -40.85 87.09 123.78
N VAL A 297 -41.74 86.47 122.97
CA VAL A 297 -41.65 85.03 122.66
C VAL A 297 -41.51 84.72 121.15
N LEU A 298 -40.53 83.89 120.77
CA LEU A 298 -40.35 83.51 119.35
C LEU A 298 -40.86 82.07 119.12
N SER A 299 -41.91 81.89 118.32
CA SER A 299 -42.45 80.54 118.06
C SER A 299 -42.90 80.27 116.61
N GLY A 300 -42.89 78.99 116.23
CA GLY A 300 -43.43 78.57 114.94
C GLY A 300 -42.51 78.34 113.72
N GLY A 301 -43.18 77.79 112.71
CA GLY A 301 -42.66 77.43 111.38
C GLY A 301 -41.18 77.58 111.07
N THR A 302 -40.76 78.79 110.74
CA THR A 302 -39.37 79.03 110.32
C THR A 302 -38.47 79.78 111.32
N THR A 303 -38.92 79.95 112.56
CA THR A 303 -38.07 80.62 113.58
C THR A 303 -36.92 79.72 114.02
N MET A 304 -36.98 78.47 113.60
CA MET A 304 -36.00 77.47 113.97
C MET A 304 -34.68 77.54 113.16
N TYR A 305 -34.51 78.58 112.34
CA TYR A 305 -33.24 78.77 111.61
C TYR A 305 -32.19 79.14 112.65
N PRO A 306 -31.00 78.50 112.68
CA PRO A 306 -30.04 78.86 113.72
C PRO A 306 -29.45 80.25 113.51
N GLY A 307 -29.17 80.90 114.62
CA GLY A 307 -28.60 82.24 114.59
C GLY A 307 -29.68 83.33 114.58
N ILE A 308 -30.95 82.93 114.40
CA ILE A 308 -32.05 83.90 114.37
C ILE A 308 -32.21 84.65 115.69
N ALA A 309 -32.05 83.92 116.80
CA ALA A 309 -32.15 84.52 118.12
C ALA A 309 -31.09 85.61 118.31
N ASP A 310 -29.89 85.33 117.82
CA ASP A 310 -28.78 86.30 117.92
C ASP A 310 -29.05 87.58 117.13
N ARG A 311 -29.63 87.42 115.94
CA ARG A 311 -29.95 88.58 115.09
C ARG A 311 -31.04 89.48 115.68
N MET A 312 -32.04 88.86 116.29
CA MET A 312 -33.17 89.59 116.86
C MET A 312 -32.74 90.54 117.97
N GLN A 313 -31.81 90.09 118.80
CA GLN A 313 -31.31 90.93 119.89
C GLN A 313 -30.67 92.22 119.35
N LYS A 314 -29.84 92.07 118.31
CA LYS A 314 -29.16 93.21 117.69
C LYS A 314 -30.08 94.28 117.09
N GLU A 315 -31.06 93.85 116.30
CA GLU A 315 -31.99 94.80 115.67
C GLU A 315 -32.89 95.49 116.68
N ILE A 316 -33.38 94.75 117.66
CA ILE A 316 -34.24 95.34 118.68
C ILE A 316 -33.48 96.39 119.49
N THR A 317 -32.22 96.10 119.80
CA THR A 317 -31.39 97.06 120.54
C THR A 317 -31.19 98.35 119.76
N ALA A 318 -31.00 98.23 118.45
CA ALA A 318 -30.83 99.41 117.60
C ALA A 318 -32.15 100.19 117.45
N LEU A 319 -33.25 99.47 117.33
CA LEU A 319 -34.60 100.06 117.22
C LEU A 319 -35.07 100.74 118.51
N ALA A 320 -34.77 100.11 119.65
CA ALA A 320 -35.19 100.61 120.98
C ALA A 320 -34.43 101.88 121.39
N PRO A 321 -35.10 102.79 122.16
CA PRO A 321 -34.50 104.05 122.63
C PRO A 321 -33.14 103.93 123.35
N SER A 322 -33.00 102.87 124.19
CA SER A 322 -31.76 102.53 124.97
C SER A 322 -32.02 102.58 126.49
N THR A 323 -30.93 102.49 127.27
CA THR A 323 -30.99 102.57 128.75
C THR A 323 -31.86 101.46 129.42
N MET A 324 -32.29 100.45 128.66
CA MET A 324 -33.09 99.37 129.27
C MET A 324 -32.79 97.97 128.75
N LYS A 325 -33.20 97.02 129.58
CA LYS A 325 -33.04 95.58 129.37
C LYS A 325 -34.00 95.00 128.33
N ILE A 326 -33.46 94.21 127.42
CA ILE A 326 -34.25 93.51 126.41
C ILE A 326 -34.03 92.01 126.58
N LYS A 327 -35.10 91.26 126.84
CA LYS A 327 -34.98 89.83 127.07
C LYS A 327 -35.87 89.02 126.11
N ILE A 328 -35.31 87.97 125.55
CA ILE A 328 -36.04 87.13 124.62
C ILE A 328 -36.30 85.75 125.23
N ILE A 329 -37.55 85.33 125.16
CA ILE A 329 -37.96 84.05 125.72
C ILE A 329 -37.83 82.98 124.65
N ALA A 330 -37.00 81.98 124.93
CA ALA A 330 -36.74 80.92 123.97
C ALA A 330 -37.11 79.52 124.45
N PRO A 331 -38.30 79.03 124.08
CA PRO A 331 -38.74 77.67 124.41
C PRO A 331 -38.14 76.65 123.43
N PRO A 332 -37.53 75.56 123.95
CA PRO A 332 -36.89 74.50 123.14
C PRO A 332 -37.80 73.97 122.01
N GLU A 333 -39.07 73.83 122.33
CA GLU A 333 -40.08 73.29 121.41
C GLU A 333 -40.81 74.40 120.63
N ARG A 334 -40.12 75.48 120.27
CA ARG A 334 -40.76 76.64 119.60
C ARG A 334 -41.41 76.28 118.25
N LYS A 335 -40.83 75.39 117.46
CA LYS A 335 -41.46 74.98 116.18
C LYS A 335 -42.84 74.36 116.37
N TYR A 336 -42.98 73.55 117.39
CA TYR A 336 -44.23 72.87 117.65
C TYR A 336 -45.03 73.54 118.77
N SER A 337 -44.57 74.72 119.23
CA SER A 337 -45.22 75.41 120.36
C SER A 337 -46.67 75.74 120.09
N VAL A 338 -46.99 76.17 118.88
CA VAL A 338 -48.36 76.49 118.55
C VAL A 338 -49.29 75.27 118.71
N TRP A 339 -48.88 74.14 118.13
CA TRP A 339 -49.65 72.90 118.22
C TRP A 339 -49.63 72.34 119.67
N ILE A 340 -48.45 72.42 120.29
CA ILE A 340 -48.24 71.89 121.64
C ILE A 340 -49.16 72.51 122.68
N GLY A 341 -49.35 73.83 122.60
CA GLY A 341 -50.22 74.48 123.56
C GLY A 341 -51.64 73.95 123.49
N GLY A 342 -52.12 73.70 122.28
CA GLY A 342 -53.46 73.15 122.09
C GLY A 342 -53.63 71.69 122.55
N SER A 343 -52.62 70.85 122.27
CA SER A 343 -52.66 69.42 122.59
C SER A 343 -52.80 69.04 124.08
N ILE A 344 -52.00 69.65 124.96
CA ILE A 344 -52.00 69.29 126.38
C ILE A 344 -53.30 69.61 127.18
N LEU A 345 -53.89 70.77 127.01
CA LEU A 345 -55.07 71.11 127.81
C LEU A 345 -56.39 70.69 127.14
N ALA A 346 -56.42 69.54 126.52
CA ALA A 346 -57.66 69.08 125.89
C ALA A 346 -58.26 67.80 126.52
N SER A 347 -57.55 67.16 127.47
CA SER A 347 -58.09 65.91 128.07
C SER A 347 -57.97 65.76 129.61
N LEU A 348 -57.63 66.79 130.40
CA LEU A 348 -57.39 66.57 131.85
C LEU A 348 -58.57 66.00 132.67
N SER A 349 -59.75 66.61 132.54
CA SER A 349 -60.98 66.24 133.29
C SER A 349 -61.78 67.49 133.59
N THR A 350 -61.07 68.55 133.93
CA THR A 350 -61.69 69.84 134.22
C THR A 350 -61.83 70.63 132.94
N PHE A 351 -61.29 70.06 131.87
CA PHE A 351 -61.46 70.63 130.55
C PHE A 351 -62.73 70.03 129.94
N GLN A 352 -63.26 69.01 130.63
CA GLN A 352 -64.56 68.41 130.28
C GLN A 352 -65.71 69.36 130.54
N GLN A 353 -65.59 70.08 131.65
CA GLN A 353 -66.58 71.06 132.07
C GLN A 353 -66.73 72.20 131.03
N MET A 354 -65.58 72.59 130.49
CA MET A 354 -65.42 73.71 129.55
C MET A 354 -65.73 73.41 128.05
N TRP A 355 -65.78 72.13 127.64
CA TRP A 355 -66.05 71.80 126.22
C TRP A 355 -67.37 72.29 125.66
N ILE A 356 -67.32 72.73 124.41
CA ILE A 356 -68.52 73.12 123.70
C ILE A 356 -68.98 71.83 123.03
N SER A 357 -70.18 71.41 123.35
CA SER A 357 -70.69 70.14 122.85
C SER A 357 -71.73 70.28 121.75
N LYS A 358 -71.88 69.18 121.01
CA LYS A 358 -72.84 69.09 119.92
C LYS A 358 -74.26 69.32 120.45
N GLN A 359 -74.54 68.75 121.62
CA GLN A 359 -75.84 68.85 122.25
C GLN A 359 -76.21 70.32 122.55
N GLU A 360 -75.24 71.10 123.01
CA GLU A 360 -75.44 72.53 123.29
C GLU A 360 -75.77 73.34 122.03
N TYR A 361 -75.08 73.03 120.92
CA TYR A 361 -75.28 73.73 119.65
C TYR A 361 -76.72 73.59 119.15
N ASP A 362 -77.29 72.41 119.30
CA ASP A 362 -78.67 72.16 118.86
C ASP A 362 -79.65 73.08 119.58
N GLU A 363 -79.43 73.30 120.88
CA GLU A 363 -80.32 74.18 121.65
C GLU A 363 -80.17 75.66 121.27
N SER A 364 -79.11 76.33 121.76
CA SER A 364 -78.85 77.76 121.46
C SER A 364 -78.62 78.09 119.97
N GLY A 365 -77.88 77.22 119.28
CA GLY A 365 -77.56 77.47 117.87
C GLY A 365 -76.15 78.05 117.67
N PRO A 366 -75.93 78.80 116.56
CA PRO A 366 -74.63 79.45 116.22
C PRO A 366 -74.15 80.47 117.28
N SER A 367 -75.10 81.07 117.95
CA SER A 367 -74.89 82.11 118.98
C SER A 367 -74.05 81.64 120.19
N ILE A 368 -74.06 80.34 120.45
CA ILE A 368 -73.38 79.76 121.62
C ILE A 368 -71.85 80.00 121.69
N VAL A 369 -71.14 79.95 120.58
CA VAL A 369 -69.68 80.14 120.62
C VAL A 369 -69.28 81.52 121.18
N HIS A 370 -69.99 82.58 120.80
CA HIS A 370 -69.68 83.92 121.33
C HIS A 370 -69.91 84.03 122.86
N ARG A 371 -70.97 83.39 123.33
CA ARG A 371 -71.42 83.48 124.72
C ARG A 371 -70.54 82.81 125.82
N LYS A 372 -69.97 81.62 125.59
CA LYS A 372 -69.22 80.97 126.68
C LYS A 372 -67.73 81.29 126.77
N CYS A 373 -67.16 82.06 125.86
CA CYS A 373 -65.74 82.35 126.00
C CYS A 373 -65.53 83.63 126.80
N PHE A 374 -65.02 83.43 128.02
CA PHE A 374 -64.76 84.52 128.97
C PHE A 374 -66.04 85.21 129.45
N ASP B 1 -15.85 105.09 61.34
CA ASP B 1 -14.41 104.99 61.00
C ASP B 1 -13.56 106.09 61.66
N ASP B 2 -12.82 105.70 62.73
CA ASP B 2 -11.81 106.57 63.43
C ASP B 2 -12.14 107.08 64.86
N ASP B 3 -13.22 107.84 65.07
CA ASP B 3 -13.46 108.43 66.42
C ASP B 3 -13.60 107.43 67.57
N ILE B 4 -14.34 106.37 67.30
CA ILE B 4 -14.65 105.22 68.21
C ILE B 4 -16.03 104.69 67.82
N ALA B 5 -16.02 103.89 66.76
CA ALA B 5 -17.24 103.35 66.15
C ALA B 5 -18.10 102.50 67.10
N ALA B 6 -17.50 101.99 68.16
CA ALA B 6 -18.23 101.20 69.15
C ALA B 6 -18.56 99.79 68.66
N LEU B 7 -17.83 98.84 69.19
CA LEU B 7 -18.03 97.44 68.87
C LEU B 7 -19.01 96.88 69.88
N VAL B 8 -20.11 96.34 69.41
CA VAL B 8 -21.09 95.82 70.34
C VAL B 8 -21.15 94.31 70.27
N VAL B 9 -20.93 93.67 71.40
CA VAL B 9 -21.00 92.23 71.46
C VAL B 9 -22.24 91.82 72.26
N ASP B 10 -23.12 91.08 71.60
CA ASP B 10 -24.36 90.64 72.20
C ASP B 10 -24.24 89.17 72.60
N ASN B 11 -24.39 88.90 73.88
CA ASN B 11 -24.23 87.55 74.41
C ASN B 11 -25.55 86.95 74.93
N GLY B 12 -25.70 85.65 74.68
CA GLY B 12 -26.87 84.90 75.10
C GLY B 12 -26.56 83.41 75.10
N SER B 13 -27.57 82.57 75.30
CA SER B 13 -27.35 81.11 75.32
C SER B 13 -26.76 80.62 73.99
N GLY B 14 -27.26 81.18 72.90
CA GLY B 14 -26.78 80.82 71.57
C GLY B 14 -27.12 81.88 70.54
N MET B 15 -26.57 81.76 69.34
CA MET B 15 -26.84 82.72 68.25
C MET B 15 -26.42 84.15 68.61
N CYS B 16 -25.19 84.30 69.11
CA CYS B 16 -24.64 85.61 69.52
C CYS B 16 -24.37 86.50 68.29
N LYS B 17 -24.29 87.81 68.50
CA LYS B 17 -24.10 88.75 67.37
C LYS B 17 -23.33 90.03 67.75
N ALA B 18 -22.77 90.70 66.72
CA ALA B 18 -21.94 91.92 66.92
C ALA B 18 -21.93 92.86 65.69
N GLY B 19 -21.52 94.13 65.90
CA GLY B 19 -21.49 95.11 64.80
C GLY B 19 -20.78 96.43 65.13
N PHE B 20 -21.21 97.50 64.44
CA PHE B 20 -20.65 98.88 64.60
C PHE B 20 -21.77 99.91 64.82
N ALA B 21 -21.45 101.04 65.43
CA ALA B 21 -22.44 102.12 65.69
C ALA B 21 -22.90 102.82 64.41
N GLY B 22 -24.13 103.31 64.47
CA GLY B 22 -24.74 103.97 63.32
C GLY B 22 -25.48 103.00 62.43
N ASP B 23 -25.28 101.71 62.71
CA ASP B 23 -25.93 100.63 61.98
C ASP B 23 -27.38 100.43 62.41
N ASP B 24 -28.17 99.85 61.52
CA ASP B 24 -29.58 99.59 61.79
C ASP B 24 -29.82 98.15 62.24
N ALA B 25 -28.73 97.37 62.27
CA ALA B 25 -28.76 95.95 62.67
C ALA B 25 -27.32 95.44 62.80
N PRO B 26 -27.07 94.32 63.52
CA PRO B 26 -25.70 93.83 63.64
C PRO B 26 -25.15 93.25 62.34
N ARG B 27 -23.85 93.43 62.13
CA ARG B 27 -23.17 92.96 60.93
C ARG B 27 -23.02 91.42 60.84
N ALA B 28 -22.72 90.77 61.97
CA ALA B 28 -22.51 89.31 61.96
C ALA B 28 -23.14 88.59 63.15
N VAL B 29 -23.65 87.39 62.87
CA VAL B 29 -24.28 86.52 63.88
C VAL B 29 -23.63 85.11 63.86
N PHE B 30 -23.22 84.58 65.01
CA PHE B 30 -22.60 83.25 65.03
C PHE B 30 -23.11 82.37 66.20
N PRO B 31 -22.95 81.02 66.08
CA PRO B 31 -23.35 80.07 67.14
C PRO B 31 -22.45 80.13 68.37
N SER B 32 -22.99 79.83 69.55
CA SER B 32 -22.16 79.82 70.75
C SER B 32 -21.87 78.39 71.22
N ILE B 33 -20.82 77.81 70.65
CA ILE B 33 -20.38 76.47 71.01
C ILE B 33 -18.84 76.37 71.09
N VAL B 34 -18.33 75.58 72.01
CA VAL B 34 -16.88 75.38 72.16
C VAL B 34 -16.58 73.87 72.21
N GLY B 35 -15.63 73.38 71.40
CA GLY B 35 -15.37 71.94 71.40
C GLY B 35 -13.93 71.50 71.66
N ARG B 36 -13.82 70.43 72.44
CA ARG B 36 -12.55 69.78 72.83
C ARG B 36 -12.78 68.23 72.78
N PRO B 37 -11.74 67.36 72.79
CA PRO B 37 -11.95 65.89 72.58
C PRO B 37 -13.03 65.17 73.44
N ARG B 38 -13.86 64.42 72.70
CA ARG B 38 -14.95 63.57 73.25
C ARG B 38 -14.81 62.13 72.73
N HIS B 39 -15.06 61.15 73.60
CA HIS B 39 -15.02 59.73 73.19
C HIS B 39 -13.61 59.39 72.64
N GLN B 40 -12.62 59.94 73.32
CA GLN B 40 -11.18 59.82 72.99
C GLN B 40 -10.82 60.45 71.62
N GLY B 41 -11.70 61.29 71.08
CA GLY B 41 -11.43 61.95 69.80
C GLY B 41 -11.91 61.22 68.51
N VAL B 42 -12.36 59.95 68.61
CA VAL B 42 -12.90 59.18 67.44
C VAL B 42 -11.86 58.33 66.60
N MET B 43 -10.61 58.19 67.09
CA MET B 43 -9.58 57.29 66.44
C MET B 43 -8.53 57.86 65.46
N VAL B 44 -7.30 57.36 65.73
CA VAL B 44 -6.04 57.60 64.97
C VAL B 44 -5.38 59.00 65.01
N GLY B 45 -4.50 59.18 66.00
CA GLY B 45 -3.71 60.42 66.12
C GLY B 45 -4.34 61.50 66.97
N MET B 46 -4.62 61.24 68.24
CA MET B 46 -5.25 62.25 69.07
C MET B 46 -4.32 62.99 70.03
N GLY B 47 -4.61 64.28 70.10
CA GLY B 47 -3.87 65.24 70.92
C GLY B 47 -4.22 66.64 70.45
N GLN B 48 -3.80 66.90 69.20
CA GLN B 48 -3.99 68.16 68.40
C GLN B 48 -4.52 69.44 69.12
N LYS B 49 -4.85 70.42 68.30
CA LYS B 49 -5.41 71.66 68.79
C LYS B 49 -6.92 71.66 68.61
N ASP B 50 -7.63 71.73 69.72
CA ASP B 50 -9.07 71.75 69.67
C ASP B 50 -9.68 72.65 70.74
N SER B 51 -10.38 73.61 70.20
CA SER B 51 -11.13 74.62 70.91
C SER B 51 -11.74 75.46 69.81
N TYR B 52 -12.81 74.96 69.25
CA TYR B 52 -13.42 75.61 68.12
C TYR B 52 -14.64 76.43 68.52
N VAL B 53 -14.62 77.68 68.11
CA VAL B 53 -15.70 78.60 68.37
C VAL B 53 -16.28 79.09 67.05
N GLY B 54 -17.59 79.01 66.91
CA GLY B 54 -18.23 79.44 65.67
C GLY B 54 -19.05 78.32 65.07
N ASP B 55 -19.43 78.44 63.80
CA ASP B 55 -20.22 77.37 63.19
C ASP B 55 -19.35 76.30 62.53
N GLU B 56 -18.02 76.50 62.54
CA GLU B 56 -17.11 75.48 62.00
C GLU B 56 -17.10 74.27 62.94
N ALA B 57 -17.32 74.58 64.21
CA ALA B 57 -17.40 73.61 65.30
C ALA B 57 -18.65 72.74 65.22
N GLN B 58 -19.71 73.28 64.63
CA GLN B 58 -20.99 72.59 64.54
C GLN B 58 -20.85 71.26 63.78
N SER B 59 -20.12 71.30 62.67
CA SER B 59 -19.82 70.10 61.88
C SER B 59 -19.03 69.09 62.73
N LYS B 60 -18.12 69.66 63.50
CA LYS B 60 -17.17 68.94 64.36
C LYS B 60 -17.77 68.50 65.71
N ARG B 61 -19.08 68.67 65.88
CA ARG B 61 -19.77 68.34 67.14
C ARG B 61 -19.61 66.85 67.52
N GLY B 62 -19.70 65.98 66.54
CA GLY B 62 -19.54 64.55 66.80
C GLY B 62 -18.19 64.18 67.41
N ILE B 63 -17.11 64.81 66.94
CA ILE B 63 -15.76 64.50 67.44
C ILE B 63 -15.24 65.45 68.56
N LEU B 64 -15.94 66.55 68.81
CA LEU B 64 -15.58 67.48 69.92
C LEU B 64 -16.71 67.66 70.93
N THR B 65 -16.35 67.71 72.21
CA THR B 65 -17.30 67.94 73.28
C THR B 65 -17.67 69.40 73.31
N LEU B 66 -18.96 69.72 73.34
CA LEU B 66 -19.36 71.11 73.37
C LEU B 66 -19.79 71.54 74.77
N LYS B 67 -19.24 72.66 75.19
CA LYS B 67 -19.55 73.24 76.48
C LYS B 67 -20.16 74.61 76.25
N TYR B 68 -21.17 74.96 77.02
CA TYR B 68 -21.82 76.24 76.84
C TYR B 68 -21.24 77.31 77.76
N PRO B 69 -20.53 78.29 77.17
CA PRO B 69 -19.92 79.41 77.90
C PRO B 69 -20.98 80.20 78.64
N ILE B 70 -22.16 80.20 78.04
CA ILE B 70 -23.31 80.91 78.57
C ILE B 70 -24.43 79.91 78.85
N GLU B 71 -24.88 79.81 80.08
CA GLU B 71 -26.02 78.93 80.30
C GLU B 71 -27.21 79.80 80.66
N HIS B 72 -28.15 79.85 79.74
CA HIS B 72 -29.39 80.59 79.87
C HIS B 72 -29.22 82.06 80.33
N GLY B 73 -28.31 82.80 79.66
CA GLY B 73 -28.07 84.22 79.96
C GLY B 73 -26.93 84.56 80.93
N ILE B 74 -26.25 83.57 81.49
CA ILE B 74 -25.12 83.81 82.42
C ILE B 74 -23.87 83.01 82.03
N VAL B 75 -22.70 83.44 82.52
CA VAL B 75 -21.46 82.76 82.16
C VAL B 75 -20.91 82.01 83.36
N THR B 76 -20.78 80.70 83.21
CA THR B 76 -20.22 79.87 84.28
C THR B 76 -18.75 79.56 84.03
N ASN B 77 -18.40 79.30 82.77
CA ASN B 77 -17.01 79.01 82.43
C ASN B 77 -16.41 80.14 81.60
N TRP B 78 -15.48 80.86 82.21
CA TRP B 78 -14.80 81.98 81.58
C TRP B 78 -13.82 81.59 80.48
N ASP B 79 -13.19 80.41 80.59
CA ASP B 79 -12.22 79.96 79.59
C ASP B 79 -12.85 79.85 78.19
N ASP B 80 -14.07 79.34 78.13
CA ASP B 80 -14.79 79.23 76.86
C ASP B 80 -15.18 80.61 76.32
N MET B 81 -15.61 81.49 77.25
CA MET B 81 -16.04 82.85 76.92
C MET B 81 -14.93 83.70 76.27
N GLU B 82 -13.70 83.58 76.78
CA GLU B 82 -12.56 84.32 76.23
C GLU B 82 -12.30 83.98 74.77
N LYS B 83 -12.43 82.70 74.43
CA LYS B 83 -12.22 82.24 73.06
C LYS B 83 -13.22 82.92 72.12
N ILE B 84 -14.46 83.06 72.58
CA ILE B 84 -15.51 83.72 71.79
C ILE B 84 -15.15 85.18 71.50
N TRP B 85 -14.64 85.90 72.49
CA TRP B 85 -14.29 87.32 72.28
C TRP B 85 -13.09 87.44 71.33
N HIS B 86 -12.11 86.57 71.50
CA HIS B 86 -10.95 86.54 70.62
C HIS B 86 -11.35 86.29 69.18
N HIS B 87 -12.22 85.29 69.02
CA HIS B 87 -12.68 84.88 67.70
C HIS B 87 -13.57 85.94 67.07
N THR B 88 -14.44 86.58 67.87
CA THR B 88 -15.34 87.61 67.35
C THR B 88 -14.60 88.81 66.76
N PHE B 89 -13.64 89.36 67.50
CA PHE B 89 -12.89 90.51 67.00
C PHE B 89 -11.96 90.17 65.83
N TYR B 90 -11.05 89.24 66.09
CA TYR B 90 -10.05 88.83 65.11
C TYR B 90 -10.59 88.04 63.90
N ASN B 91 -11.55 87.15 64.11
CA ASN B 91 -12.06 86.34 62.99
C ASN B 91 -13.45 86.72 62.45
N GLU B 92 -14.40 87.05 63.31
CA GLU B 92 -15.76 87.36 62.81
C GLU B 92 -15.97 88.82 62.36
N LEU B 93 -15.71 89.78 63.24
CA LEU B 93 -15.78 91.21 62.91
C LEU B 93 -14.65 91.68 61.98
N ARG B 94 -13.47 91.10 62.20
CA ARG B 94 -12.24 91.45 61.46
C ARG B 94 -11.86 92.93 61.61
N VAL B 95 -12.04 93.41 62.84
CA VAL B 95 -11.70 94.79 63.22
C VAL B 95 -10.86 94.78 64.50
N ALA B 96 -9.83 95.63 64.57
CA ALA B 96 -8.99 95.68 65.76
C ALA B 96 -9.74 96.30 66.96
N PRO B 97 -9.77 95.58 68.11
CA PRO B 97 -10.44 96.05 69.35
C PRO B 97 -9.87 97.35 69.88
N GLU B 98 -8.59 97.55 69.63
CA GLU B 98 -7.87 98.72 70.11
C GLU B 98 -8.43 100.07 69.58
N GLU B 99 -8.74 100.18 68.29
CA GLU B 99 -9.35 101.42 67.77
C GLU B 99 -10.81 101.65 68.24
N HIS B 100 -11.59 100.57 68.28
CA HIS B 100 -13.02 100.63 68.63
C HIS B 100 -13.38 100.08 70.02
N PRO B 101 -14.09 100.88 70.85
CA PRO B 101 -14.52 100.47 72.21
C PRO B 101 -15.61 99.40 72.14
N VAL B 102 -15.69 98.51 73.12
CA VAL B 102 -16.69 97.43 73.04
C VAL B 102 -17.79 97.51 74.11
N LEU B 103 -19.02 97.28 73.67
CA LEU B 103 -20.19 97.28 74.57
C LEU B 103 -20.67 95.84 74.76
N LEU B 104 -20.84 95.42 76.00
CA LEU B 104 -21.29 94.06 76.29
C LEU B 104 -22.71 94.05 76.85
N THR B 105 -23.55 93.16 76.32
CA THR B 105 -24.92 93.03 76.80
C THR B 105 -24.99 92.10 78.02
N GLU B 106 -26.06 92.21 78.79
CA GLU B 106 -26.23 91.36 79.96
C GLU B 106 -27.69 90.91 80.11
N ALA B 107 -27.87 89.77 80.78
CA ALA B 107 -29.20 89.28 81.08
C ALA B 107 -29.76 90.04 82.29
N PRO B 108 -31.09 90.24 82.38
CA PRO B 108 -31.67 90.96 83.53
C PRO B 108 -31.38 90.26 84.86
N LEU B 109 -31.09 91.07 85.89
CA LEU B 109 -30.76 90.54 87.23
C LEU B 109 -29.51 89.64 87.19
N ASN B 110 -28.49 90.16 86.50
CA ASN B 110 -27.19 89.50 86.35
C ASN B 110 -26.45 89.52 87.70
N PRO B 111 -25.90 88.37 88.17
CA PRO B 111 -25.24 88.33 89.47
C PRO B 111 -24.04 89.29 89.58
N LYS B 112 -23.89 89.81 90.79
CA LYS B 112 -22.86 90.81 91.11
C LYS B 112 -21.41 90.32 90.93
N ALA B 113 -21.12 89.08 91.30
CA ALA B 113 -19.74 88.55 91.16
C ALA B 113 -19.26 88.56 89.70
N ASN B 114 -20.15 88.20 88.78
CA ASN B 114 -19.84 88.18 87.36
C ASN B 114 -19.59 89.58 86.78
N ARG B 115 -20.40 90.54 87.24
CA ARG B 115 -20.33 91.91 86.74
C ARG B 115 -18.96 92.57 86.96
N GLU B 116 -18.37 92.38 88.13
CA GLU B 116 -17.05 92.96 88.39
C GLU B 116 -15.94 92.28 87.56
N LYS B 117 -16.03 90.96 87.45
CA LYS B 117 -15.02 90.17 86.73
C LYS B 117 -15.00 90.37 85.21
N MET B 118 -16.16 90.47 84.56
CA MET B 118 -16.18 90.67 83.09
C MET B 118 -15.47 91.97 82.72
N THR B 119 -15.71 93.00 83.54
CA THR B 119 -15.06 94.30 83.36
C THR B 119 -13.54 94.14 83.49
N GLN B 120 -13.15 93.32 84.46
CA GLN B 120 -11.74 93.02 84.75
C GLN B 120 -11.01 92.37 83.57
N ILE B 121 -11.69 91.46 82.86
CA ILE B 121 -11.06 90.79 81.73
C ILE B 121 -10.84 91.72 80.53
N MET B 122 -11.80 92.60 80.26
CA MET B 122 -11.66 93.54 79.14
C MET B 122 -10.47 94.47 79.27
N PHE B 123 -10.29 95.00 80.47
CA PHE B 123 -9.21 95.94 80.72
C PHE B 123 -7.81 95.33 80.68
N GLU B 124 -7.63 94.13 81.23
CA GLU B 124 -6.31 93.52 81.24
C GLU B 124 -6.05 92.49 80.12
N THR B 125 -7.01 91.61 79.84
CA THR B 125 -6.82 90.60 78.79
C THR B 125 -6.79 91.16 77.36
N PHE B 126 -7.71 92.08 77.04
CA PHE B 126 -7.75 92.66 75.69
C PHE B 126 -7.34 94.14 75.61
N ASN B 127 -7.03 94.74 76.75
CA ASN B 127 -6.61 96.16 76.82
C ASN B 127 -7.59 97.11 76.06
N THR B 128 -8.90 96.87 76.19
CA THR B 128 -9.88 97.73 75.51
C THR B 128 -9.98 99.11 76.17
N PRO B 129 -9.91 100.21 75.38
CA PRO B 129 -10.00 101.59 75.89
C PRO B 129 -11.30 101.94 76.62
N ALA B 130 -12.43 101.44 76.10
CA ALA B 130 -13.73 101.72 76.73
C ALA B 130 -14.72 100.56 76.58
N MET B 131 -15.61 100.44 77.56
CA MET B 131 -16.64 99.40 77.52
C MET B 131 -17.87 99.81 78.34
N TYR B 132 -19.00 99.18 78.08
CA TYR B 132 -20.24 99.48 78.81
C TYR B 132 -21.13 98.24 78.89
N VAL B 133 -21.91 98.13 79.96
CA VAL B 133 -22.80 96.98 80.14
C VAL B 133 -24.26 97.43 80.06
N ALA B 134 -25.04 96.75 79.23
CA ALA B 134 -26.45 97.11 78.98
C ALA B 134 -27.40 95.91 79.09
N ILE B 135 -28.69 96.19 79.29
CA ILE B 135 -29.69 95.13 79.44
C ILE B 135 -30.58 95.10 78.21
N GLN B 136 -30.73 93.91 77.66
CA GLN B 136 -31.49 93.70 76.42
C GLN B 136 -32.96 94.12 76.52
N ALA B 137 -33.59 93.83 77.65
CA ALA B 137 -34.99 94.20 77.85
C ALA B 137 -35.17 95.72 77.97
N VAL B 138 -34.24 96.37 78.67
CA VAL B 138 -34.30 97.82 78.87
C VAL B 138 -34.24 98.57 77.54
N LEU B 139 -33.28 98.18 76.71
CA LEU B 139 -33.10 98.81 75.40
C LEU B 139 -34.32 98.64 74.50
N SER B 140 -34.94 97.44 74.50
CA SER B 140 -36.11 97.20 73.66
C SER B 140 -37.31 98.11 74.00
N LEU B 141 -37.55 98.34 75.30
CA LEU B 141 -38.62 99.24 75.72
C LEU B 141 -38.24 100.67 75.35
N TYR B 142 -36.96 100.93 75.57
CA TYR B 142 -36.33 102.21 75.31
C TYR B 142 -36.43 102.59 73.82
N ALA B 143 -36.24 101.60 72.97
CA ALA B 143 -36.27 101.75 71.50
C ALA B 143 -37.61 102.30 70.99
N SER B 144 -38.69 101.81 71.57
CA SER B 144 -40.04 102.25 71.19
C SER B 144 -40.30 103.71 71.62
N GLY B 145 -39.40 104.25 72.45
CA GLY B 145 -39.55 105.62 72.95
C GLY B 145 -40.39 105.69 74.21
N ARG B 146 -40.60 104.55 74.82
CA ARG B 146 -41.41 104.46 76.01
C ARG B 146 -40.61 103.89 77.20
N THR B 147 -40.63 104.60 78.33
CA THR B 147 -39.89 104.19 79.53
C THR B 147 -40.75 103.40 80.54
N THR B 148 -42.07 103.52 80.43
CA THR B 148 -42.98 102.82 81.33
C THR B 148 -43.62 101.64 80.60
N GLY B 149 -43.48 100.43 81.14
CA GLY B 149 -44.11 99.30 80.47
C GLY B 149 -43.54 97.94 80.85
N ILE B 150 -43.95 96.94 80.10
CA ILE B 150 -43.50 95.58 80.29
C ILE B 150 -43.03 94.99 78.96
N VAL B 151 -41.85 94.41 78.97
CA VAL B 151 -41.31 93.85 77.74
C VAL B 151 -41.12 92.35 77.83
N MET B 152 -41.66 91.67 76.84
CA MET B 152 -41.46 90.25 76.75
C MET B 152 -40.36 90.10 75.71
N ASP B 153 -39.21 89.63 76.14
CA ASP B 153 -38.07 89.54 75.24
C ASP B 153 -37.79 88.14 74.75
N SER B 154 -37.84 87.99 73.44
CA SER B 154 -37.51 86.71 72.85
C SER B 154 -36.04 86.76 72.51
N GLY B 155 -35.23 86.16 73.35
CA GLY B 155 -33.81 86.18 73.11
C GLY B 155 -33.40 85.15 72.09
N ASP B 156 -32.18 85.26 71.59
CA ASP B 156 -31.69 84.31 70.61
C ASP B 156 -31.47 82.95 71.28
N GLY B 157 -31.33 82.98 72.61
CA GLY B 157 -31.12 81.76 73.37
C GLY B 157 -32.00 81.62 74.61
N VAL B 158 -32.37 82.73 75.25
CA VAL B 158 -33.20 82.69 76.47
C VAL B 158 -34.27 83.81 76.50
N THR B 159 -35.47 83.47 76.98
CA THR B 159 -36.58 84.44 77.06
C THR B 159 -36.81 84.96 78.49
N HIS B 160 -36.68 86.27 78.66
CA HIS B 160 -36.89 86.91 79.97
C HIS B 160 -38.01 87.95 79.96
N THR B 161 -38.78 87.96 81.04
CA THR B 161 -39.85 88.94 81.22
C THR B 161 -39.31 90.02 82.16
N VAL B 162 -39.26 91.26 81.70
CA VAL B 162 -38.69 92.34 82.53
C VAL B 162 -39.47 93.66 82.49
N PRO B 163 -40.53 93.81 83.31
CA PRO B 163 -41.26 95.08 83.36
C PRO B 163 -40.32 96.20 83.79
N ILE B 164 -40.36 97.32 83.07
CA ILE B 164 -39.47 98.44 83.36
C ILE B 164 -40.19 99.75 83.70
N TYR B 165 -39.95 100.28 84.89
CA TYR B 165 -40.54 101.58 85.22
C TYR B 165 -39.39 102.57 85.52
N GLU B 166 -39.28 103.61 84.70
CA GLU B 166 -38.24 104.66 84.83
C GLU B 166 -36.79 104.13 84.78
N GLY B 167 -36.53 103.17 83.90
CA GLY B 167 -35.17 102.66 83.74
C GLY B 167 -34.82 101.56 84.74
N TYR B 168 -35.69 101.39 85.73
CA TYR B 168 -35.50 100.40 86.76
C TYR B 168 -36.35 99.16 86.52
N ALA B 169 -35.71 98.00 86.51
CA ALA B 169 -36.43 96.75 86.31
C ALA B 169 -37.06 96.30 87.63
N LEU B 170 -38.17 95.59 87.57
CA LEU B 170 -38.83 95.15 88.80
C LEU B 170 -38.37 93.74 89.18
N PRO B 171 -37.60 93.61 90.27
CA PRO B 171 -37.05 92.32 90.76
C PRO B 171 -38.14 91.31 91.11
N HIS B 172 -39.29 91.82 91.54
CA HIS B 172 -40.40 90.97 91.95
C HIS B 172 -41.35 90.64 90.78
N ALA B 173 -41.04 91.15 89.59
CA ALA B 173 -41.87 90.90 88.41
C ALA B 173 -41.10 90.18 87.29
N ILE B 174 -39.90 89.68 87.59
CA ILE B 174 -39.08 89.02 86.57
C ILE B 174 -38.93 87.50 86.81
N LEU B 175 -39.20 86.73 85.75
CA LEU B 175 -39.08 85.27 85.78
C LEU B 175 -38.26 84.76 84.61
N ARG B 176 -37.57 83.64 84.82
CA ARG B 176 -36.72 83.04 83.79
C ARG B 176 -37.40 81.85 83.10
N LEU B 177 -37.55 81.93 81.79
CA LEU B 177 -38.12 80.82 81.02
C LEU B 177 -37.06 80.39 80.00
N ASP B 178 -36.84 79.09 79.87
CA ASP B 178 -35.73 78.61 79.05
C ASP B 178 -36.04 78.35 77.57
N LEU B 179 -37.26 78.56 77.12
CA LEU B 179 -37.56 78.33 75.70
C LEU B 179 -37.56 79.69 74.97
N ALA B 180 -36.69 79.86 73.97
CA ALA B 180 -36.58 81.15 73.26
C ALA B 180 -36.42 81.02 71.74
N GLY B 181 -35.22 80.65 71.27
CA GLY B 181 -34.99 80.53 69.84
C GLY B 181 -34.31 79.23 69.42
N ARG B 182 -33.11 78.97 69.93
CA ARG B 182 -32.39 77.74 69.55
C ARG B 182 -33.19 76.48 69.93
N ASP B 183 -33.82 76.52 71.10
CA ASP B 183 -34.61 75.40 71.61
C ASP B 183 -35.79 75.07 70.68
N LEU B 184 -36.44 76.11 70.15
CA LEU B 184 -37.54 75.94 69.20
C LEU B 184 -37.06 75.22 67.94
N THR B 185 -35.86 75.57 67.49
CA THR B 185 -35.29 74.95 66.31
C THR B 185 -35.14 73.44 66.53
N ASP B 186 -34.68 73.04 67.73
CA ASP B 186 -34.58 71.63 68.10
C ASP B 186 -35.99 70.99 68.03
N TYR B 187 -36.95 71.69 68.63
CA TYR B 187 -38.35 71.28 68.66
C TYR B 187 -39.00 71.13 67.29
N LEU B 188 -38.75 72.09 66.41
CA LEU B 188 -39.33 72.05 65.06
C LEU B 188 -38.87 70.78 64.35
N MET B 189 -37.59 70.48 64.46
CA MET B 189 -37.03 69.26 63.87
C MET B 189 -37.70 68.02 64.45
N LYS B 190 -37.91 68.04 65.77
CA LYS B 190 -38.50 66.91 66.51
C LYS B 190 -39.93 66.56 66.03
N ILE B 191 -40.75 67.57 65.74
CA ILE B 191 -42.12 67.30 65.28
C ILE B 191 -42.14 66.95 63.78
N LEU B 192 -41.18 67.53 63.05
CA LEU B 192 -41.02 67.25 61.61
C LEU B 192 -40.74 65.76 61.39
N THR B 193 -39.90 65.23 62.27
CA THR B 193 -39.50 63.81 62.28
C THR B 193 -40.71 62.89 62.47
N GLU B 194 -41.63 63.31 63.34
CA GLU B 194 -42.82 62.50 63.68
C GLU B 194 -43.69 62.22 62.44
N ARG B 195 -43.86 63.23 61.57
CA ARG B 195 -44.68 63.06 60.37
C ARG B 195 -44.13 61.96 59.43
N GLY B 196 -42.80 61.92 59.28
CA GLY B 196 -42.19 60.92 58.41
C GLY B 196 -40.92 61.38 57.70
N TYR B 197 -40.13 62.25 58.33
CA TYR B 197 -38.90 62.74 57.71
C TYR B 197 -37.68 62.36 58.57
N SER B 198 -36.58 61.96 57.93
CA SER B 198 -35.42 61.44 58.67
C SER B 198 -34.40 62.47 59.19
N PHE B 199 -34.37 62.62 60.51
CA PHE B 199 -33.38 63.44 61.21
C PHE B 199 -32.75 62.58 62.32
N THR B 200 -31.48 62.17 62.16
CA THR B 200 -30.83 61.34 63.20
C THR B 200 -29.44 61.86 63.63
N THR B 201 -28.97 62.89 62.97
CA THR B 201 -27.63 63.45 63.23
C THR B 201 -27.66 64.96 63.43
N THR B 202 -26.82 65.43 64.35
CA THR B 202 -26.75 66.85 64.72
C THR B 202 -26.31 67.77 63.57
N ALA B 203 -25.68 67.20 62.56
CA ALA B 203 -25.21 67.94 61.38
C ALA B 203 -26.35 68.64 60.61
N GLU B 204 -27.50 67.97 60.48
CA GLU B 204 -28.63 68.52 59.72
C GLU B 204 -29.59 69.36 60.60
N ARG B 205 -29.27 69.46 61.89
CA ARG B 205 -30.05 70.29 62.84
C ARG B 205 -30.07 71.76 62.42
N GLU B 206 -28.93 72.22 61.94
CA GLU B 206 -28.76 73.60 61.48
C GLU B 206 -29.70 73.93 60.31
N ILE B 207 -29.98 72.92 59.49
CA ILE B 207 -30.81 73.08 58.29
C ILE B 207 -32.23 73.58 58.65
N VAL B 208 -32.80 73.07 59.73
CA VAL B 208 -34.13 73.50 60.16
C VAL B 208 -34.16 74.99 60.58
N ARG B 209 -33.00 75.58 60.91
CA ARG B 209 -32.96 77.00 61.30
C ARG B 209 -33.48 77.87 60.15
N ASP B 210 -33.06 77.50 58.93
CA ASP B 210 -33.50 78.19 57.72
C ASP B 210 -35.00 78.06 57.59
N ILE B 211 -35.48 76.86 57.94
CA ILE B 211 -36.90 76.54 57.94
C ILE B 211 -37.66 77.45 58.90
N LYS B 212 -37.06 77.70 60.06
CA LYS B 212 -37.72 78.48 61.09
C LYS B 212 -38.09 79.92 60.69
N GLU B 213 -37.19 80.71 60.11
CA GLU B 213 -37.61 82.06 59.74
C GLU B 213 -38.59 82.07 58.55
N LYS B 214 -38.33 81.25 57.54
CA LYS B 214 -39.22 81.14 56.37
C LYS B 214 -40.59 80.47 56.59
N LEU B 215 -40.64 79.39 57.38
CA LEU B 215 -41.89 78.63 57.54
C LEU B 215 -42.61 78.70 58.90
N CYS B 216 -42.11 79.42 59.90
CA CYS B 216 -42.85 79.43 61.16
C CYS B 216 -43.99 80.44 61.10
N TYR B 217 -45.20 79.96 61.37
CA TYR B 217 -46.40 80.79 61.32
C TYR B 217 -47.24 80.64 62.58
N VAL B 218 -48.03 81.65 62.90
CA VAL B 218 -48.91 81.55 64.06
C VAL B 218 -50.36 81.71 63.61
N ALA B 219 -51.22 80.78 64.02
CA ALA B 219 -52.63 80.79 63.62
C ALA B 219 -53.48 81.72 64.49
N LEU B 220 -54.52 82.30 63.88
CA LEU B 220 -55.43 83.20 64.59
C LEU B 220 -56.15 82.47 65.74
N ASP B 221 -56.53 81.22 65.47
CA ASP B 221 -57.17 80.35 66.46
C ASP B 221 -56.66 78.92 66.25
N PHE B 222 -55.96 78.37 67.23
CA PHE B 222 -55.37 77.03 67.11
C PHE B 222 -56.32 75.84 66.89
N GLU B 223 -57.39 75.68 67.66
CA GLU B 223 -58.23 74.49 67.48
C GLU B 223 -59.01 74.47 66.16
N GLN B 224 -59.54 75.61 65.75
CA GLN B 224 -60.27 75.71 64.48
C GLN B 224 -59.34 75.36 63.32
N GLU B 225 -58.11 75.87 63.46
CA GLU B 225 -57.03 75.68 62.49
C GLU B 225 -56.69 74.20 62.28
N MET B 226 -56.70 73.44 63.39
CA MET B 226 -56.39 71.99 63.36
C MET B 226 -57.37 71.22 62.46
N ALA B 227 -58.66 71.59 62.53
CA ALA B 227 -59.69 70.92 61.70
C ALA B 227 -59.47 71.18 60.20
N THR B 228 -59.08 72.41 59.88
CA THR B 228 -58.79 72.82 58.50
C THR B 228 -57.63 72.02 57.89
N ALA B 229 -56.63 71.80 58.74
CA ALA B 229 -55.39 71.09 58.41
C ALA B 229 -55.57 69.65 57.92
N ALA B 230 -56.53 68.93 58.49
CA ALA B 230 -56.75 67.51 58.14
C ALA B 230 -57.07 67.30 56.65
N SER B 231 -57.86 68.19 56.07
CA SER B 231 -58.22 68.10 54.65
C SER B 231 -57.01 68.41 53.73
N SER B 232 -56.03 69.14 54.27
CA SER B 232 -54.81 69.56 53.55
C SER B 232 -55.06 70.77 52.64
N SER B 233 -55.44 70.52 51.40
CA SER B 233 -55.72 71.58 50.43
C SER B 233 -54.52 72.53 50.24
N SER B 234 -54.70 73.81 50.58
CA SER B 234 -53.64 74.81 50.44
C SER B 234 -52.73 74.95 51.67
N LEU B 235 -52.99 74.18 52.71
CA LEU B 235 -52.18 74.24 53.93
C LEU B 235 -50.72 73.88 53.70
N GLU B 236 -50.47 72.88 52.87
CA GLU B 236 -49.10 72.44 52.62
C GLU B 236 -48.28 73.60 52.01
N LYS B 237 -47.08 73.85 52.53
CA LYS B 237 -46.27 74.97 52.03
C LYS B 237 -44.85 74.51 51.65
N SER B 238 -44.39 74.93 50.47
CA SER B 238 -43.05 74.55 49.95
C SER B 238 -41.85 75.17 50.70
N TYR B 239 -40.75 74.42 50.70
CA TYR B 239 -39.46 74.82 51.31
C TYR B 239 -38.26 74.23 50.56
N GLU B 240 -37.13 74.95 50.58
CA GLU B 240 -35.92 74.51 49.86
C GLU B 240 -34.84 73.82 50.72
N LEU B 241 -34.54 72.57 50.37
CA LEU B 241 -33.45 71.80 50.99
C LEU B 241 -32.22 71.91 50.07
N PRO B 242 -30.99 72.03 50.63
CA PRO B 242 -29.76 72.17 49.81
C PRO B 242 -29.63 71.10 48.70
N ASP B 243 -30.01 69.85 49.03
CA ASP B 243 -29.94 68.73 48.09
C ASP B 243 -30.93 68.84 46.91
N GLY B 244 -32.14 69.33 47.15
CA GLY B 244 -33.11 69.45 46.07
C GLY B 244 -34.54 69.05 46.46
N GLN B 245 -34.69 68.14 47.41
CA GLN B 245 -36.04 67.75 47.85
C GLN B 245 -36.69 68.87 48.64
N VAL B 246 -37.99 68.93 48.56
CA VAL B 246 -38.74 69.93 49.28
C VAL B 246 -39.58 69.24 50.35
N ILE B 247 -39.41 69.67 51.59
CA ILE B 247 -40.15 69.08 52.67
C ILE B 247 -41.39 69.91 52.90
N THR B 248 -42.52 69.28 52.69
CA THR B 248 -43.79 69.95 52.80
C THR B 248 -44.31 69.98 54.23
N ILE B 249 -44.69 71.15 54.67
CA ILE B 249 -45.23 71.38 56.01
C ILE B 249 -46.65 71.94 55.94
N GLY B 250 -47.61 71.21 56.52
CA GLY B 250 -49.01 71.64 56.47
C GLY B 250 -49.59 72.14 57.79
N ASN B 251 -49.86 71.23 58.73
CA ASN B 251 -50.43 71.66 60.03
C ASN B 251 -49.34 71.99 61.04
N GLU B 252 -48.09 71.84 60.62
CA GLU B 252 -46.94 72.14 61.45
C GLU B 252 -46.62 73.63 61.38
N ARG B 253 -47.29 74.32 60.45
CA ARG B 253 -47.08 75.75 60.21
C ARG B 253 -47.41 76.60 61.44
N PHE B 254 -48.49 76.22 62.12
CA PHE B 254 -48.96 76.94 63.31
C PHE B 254 -48.66 76.21 64.63
N ARG B 255 -48.59 74.89 64.58
CA ARG B 255 -48.35 74.07 65.77
C ARG B 255 -47.00 74.34 66.49
N CYS B 256 -45.90 74.55 65.74
CA CYS B 256 -44.58 74.80 66.36
C CYS B 256 -44.53 75.98 67.38
N PRO B 257 -45.01 77.19 67.02
CA PRO B 257 -45.08 78.39 67.91
C PRO B 257 -45.93 78.13 69.15
N GLU B 258 -46.90 77.25 68.96
CA GLU B 258 -47.88 76.86 69.96
C GLU B 258 -47.22 76.25 71.19
N ALA B 259 -46.06 75.64 71.02
CA ALA B 259 -45.36 75.03 72.14
C ALA B 259 -45.07 76.08 73.23
N LEU B 260 -44.70 77.30 72.82
CA LEU B 260 -44.47 78.37 73.80
C LEU B 260 -45.77 78.66 74.61
N PHE B 261 -46.86 78.77 73.86
CA PHE B 261 -48.22 79.02 74.38
C PHE B 261 -48.83 77.83 75.15
N GLN B 262 -48.59 76.63 74.63
CA GLN B 262 -49.13 75.37 75.16
C GLN B 262 -48.03 74.30 75.35
N PRO B 263 -47.29 74.41 76.48
CA PRO B 263 -46.16 73.52 76.85
C PRO B 263 -46.54 72.03 76.94
N SER B 264 -47.83 71.76 77.12
CA SER B 264 -48.35 70.40 77.27
C SER B 264 -47.94 69.49 76.09
N PHE B 265 -47.84 70.03 74.87
CA PHE B 265 -47.43 69.22 73.71
C PHE B 265 -46.02 68.62 73.92
N LEU B 266 -45.13 69.43 74.50
CA LEU B 266 -43.77 68.99 74.86
C LEU B 266 -43.75 67.85 75.86
N GLY B 267 -44.65 67.95 76.81
CA GLY B 267 -44.71 67.01 77.91
C GLY B 267 -44.50 67.75 79.22
N MET B 268 -44.62 69.07 79.15
CA MET B 268 -44.46 69.92 80.32
C MET B 268 -45.80 70.27 80.96
N GLU B 269 -45.78 70.24 82.27
CA GLU B 269 -46.95 70.56 83.09
C GLU B 269 -46.96 72.07 83.40
N SER B 270 -45.92 72.76 82.93
CA SER B 270 -45.73 74.19 83.17
C SER B 270 -46.73 75.08 82.39
N CYS B 271 -47.05 76.23 82.96
CA CYS B 271 -47.96 77.20 82.35
C CYS B 271 -47.33 77.87 81.12
N GLY B 272 -48.18 78.25 80.16
CA GLY B 272 -47.70 78.90 78.95
C GLY B 272 -46.97 80.20 79.22
N ILE B 273 -46.00 80.53 78.37
CA ILE B 273 -45.20 81.76 78.54
C ILE B 273 -46.04 83.05 78.52
N HIS B 274 -47.05 83.14 77.65
CA HIS B 274 -47.88 84.36 77.60
C HIS B 274 -48.56 84.55 78.96
N GLU B 275 -49.02 83.43 79.55
CA GLU B 275 -49.61 83.40 80.88
C GLU B 275 -48.59 83.88 81.93
N THR B 276 -47.34 83.47 81.75
CA THR B 276 -46.25 83.83 82.67
C THR B 276 -46.08 85.36 82.72
N THR B 277 -46.21 86.01 81.57
CA THR B 277 -46.14 87.47 81.50
C THR B 277 -47.27 88.09 82.35
N PHE B 278 -48.44 87.46 82.25
CA PHE B 278 -49.63 87.86 83.01
C PHE B 278 -49.43 87.79 84.53
N ASN B 279 -48.73 86.74 85.00
CA ASN B 279 -48.45 86.62 86.45
C ASN B 279 -47.63 87.81 86.96
N SER B 280 -46.67 88.25 86.15
CA SER B 280 -45.85 89.40 86.53
C SER B 280 -46.71 90.66 86.73
N ILE B 281 -47.70 90.82 85.84
CA ILE B 281 -48.64 91.95 85.90
C ILE B 281 -49.52 91.90 87.17
N MET B 282 -49.97 90.69 87.52
CA MET B 282 -50.81 90.47 88.71
C MET B 282 -50.09 90.90 90.00
N LYS B 283 -48.80 90.59 90.03
CA LYS B 283 -47.90 90.92 91.16
C LYS B 283 -47.66 92.44 91.26
N CYS B 284 -47.70 93.08 90.10
CA CYS B 284 -47.45 94.53 89.94
C CYS B 284 -48.57 95.41 90.52
N ASP B 285 -48.20 96.67 90.78
CA ASP B 285 -49.13 97.64 91.37
C ASP B 285 -50.36 97.80 90.46
N VAL B 286 -51.53 97.72 91.10
CA VAL B 286 -52.84 97.76 90.45
C VAL B 286 -53.12 99.03 89.64
N ASP B 287 -52.75 100.18 90.18
CA ASP B 287 -52.98 101.48 89.53
C ASP B 287 -52.31 101.57 88.15
N ILE B 288 -51.09 101.05 88.04
CA ILE B 288 -50.34 101.15 86.78
C ILE B 288 -50.62 99.98 85.81
N ARG B 289 -51.49 99.04 86.21
CA ARG B 289 -51.78 97.90 85.33
C ARG B 289 -52.38 98.30 83.98
N LYS B 290 -53.28 99.30 83.98
CA LYS B 290 -53.87 99.75 82.71
C LYS B 290 -52.82 100.35 81.78
N ASP B 291 -51.90 101.12 82.36
CA ASP B 291 -50.80 101.70 81.60
C ASP B 291 -49.90 100.62 81.00
N LEU B 292 -49.67 99.55 81.77
CA LEU B 292 -48.81 98.45 81.34
C LEU B 292 -49.35 97.77 80.08
N TYR B 293 -50.66 97.60 80.00
CA TYR B 293 -51.30 96.97 78.84
C TYR B 293 -51.00 97.77 77.57
N ALA B 294 -51.04 99.11 77.67
CA ALA B 294 -50.78 99.97 76.52
C ALA B 294 -49.26 100.14 76.25
N ASN B 295 -48.44 99.66 77.19
CA ASN B 295 -46.99 99.80 77.08
C ASN B 295 -46.24 98.49 76.69
N THR B 296 -46.97 97.44 76.30
CA THR B 296 -46.32 96.14 75.95
C THR B 296 -45.50 96.15 74.65
N VAL B 297 -44.26 95.66 74.72
CA VAL B 297 -43.36 95.60 73.54
C VAL B 297 -42.89 94.16 73.18
N LEU B 298 -43.01 93.78 71.90
CA LEU B 298 -42.53 92.45 71.46
C LEU B 298 -41.21 92.59 70.68
N SER B 299 -40.11 92.03 71.20
CA SER B 299 -38.81 92.14 70.50
C SER B 299 -37.93 90.87 70.54
N GLY B 300 -37.06 90.74 69.53
CA GLY B 300 -36.06 89.66 69.54
C GLY B 300 -36.30 88.37 68.74
N GLY B 301 -35.19 87.61 68.72
CA GLY B 301 -35.01 86.30 68.07
C GLY B 301 -36.13 85.70 67.23
N THR B 302 -37.11 85.09 67.88
CA THR B 302 -38.17 84.40 67.15
C THR B 302 -39.56 85.05 67.17
N THR B 303 -39.66 86.29 67.62
CA THR B 303 -40.96 87.00 67.62
C THR B 303 -41.38 87.39 66.21
N MET B 304 -40.46 87.22 65.28
CA MET B 304 -40.67 87.59 63.89
C MET B 304 -41.48 86.56 63.07
N TYR B 305 -42.04 85.54 63.74
CA TYR B 305 -42.91 84.57 63.05
C TYR B 305 -44.19 85.31 62.68
N PRO B 306 -44.69 85.25 61.42
CA PRO B 306 -45.90 86.01 61.11
C PRO B 306 -47.14 85.45 61.80
N GLY B 307 -48.04 86.34 62.15
CA GLY B 307 -49.26 85.96 62.81
C GLY B 307 -49.14 85.95 64.33
N ILE B 308 -47.90 86.08 64.84
CA ILE B 308 -47.67 86.06 66.30
C ILE B 308 -48.35 87.24 67.00
N ALA B 309 -48.31 88.41 66.37
CA ALA B 309 -48.95 89.59 66.93
C ALA B 309 -50.45 89.38 67.09
N ASP B 310 -51.06 88.74 66.09
CA ASP B 310 -52.50 88.46 66.12
C ASP B 310 -52.88 87.51 67.26
N ARG B 311 -52.05 86.48 67.47
CA ARG B 311 -52.29 85.51 68.54
C ARG B 311 -52.20 86.12 69.95
N MET B 312 -51.22 87.00 70.13
CA MET B 312 -50.98 87.62 71.43
C MET B 312 -52.18 88.42 71.92
N GLN B 313 -52.81 89.15 71.00
CA GLN B 313 -53.97 89.95 71.35
C GLN B 313 -55.10 89.08 71.91
N LYS B 314 -55.36 87.95 71.23
CA LYS B 314 -56.42 87.01 71.64
C LYS B 314 -56.23 86.41 73.04
N GLU B 315 -55.03 85.89 73.32
CA GLU B 315 -54.76 85.28 74.63
C GLU B 315 -54.77 86.28 75.77
N ILE B 316 -54.22 87.47 75.54
CA ILE B 316 -54.19 88.49 76.58
C ILE B 316 -55.62 88.93 76.91
N THR B 317 -56.47 89.07 75.89
CA THR B 317 -57.86 89.46 76.09
C THR B 317 -58.60 88.42 76.95
N ALA B 318 -58.33 87.14 76.69
CA ALA B 318 -58.96 86.07 77.47
C ALA B 318 -58.43 86.02 78.91
N LEU B 319 -57.12 86.25 79.06
CA LEU B 319 -56.46 86.27 80.37
C LEU B 319 -56.86 87.48 81.23
N ALA B 320 -56.98 88.65 80.59
CA ALA B 320 -57.33 89.90 81.28
C ALA B 320 -58.79 89.93 81.78
N PRO B 321 -59.04 90.62 82.92
CA PRO B 321 -60.40 90.73 83.52
C PRO B 321 -61.51 91.21 82.56
N SER B 322 -61.18 92.19 81.69
CA SER B 322 -62.09 92.78 80.65
C SER B 322 -62.32 94.28 80.90
N THR B 323 -63.28 94.86 80.16
CA THR B 323 -63.66 96.28 80.30
C THR B 323 -62.50 97.29 80.02
N MET B 324 -61.37 96.83 79.50
CA MET B 324 -60.27 97.76 79.21
C MET B 324 -59.48 97.46 77.93
N LYS B 325 -58.82 98.52 77.49
CA LYS B 325 -58.00 98.55 76.28
C LYS B 325 -56.65 97.83 76.42
N ILE B 326 -56.34 97.00 75.44
CA ILE B 326 -55.05 96.30 75.39
C ILE B 326 -54.34 96.71 74.10
N LYS B 327 -53.15 97.29 74.23
CA LYS B 327 -52.42 97.75 73.06
C LYS B 327 -51.01 97.15 72.98
N ILE B 328 -50.64 96.69 71.80
CA ILE B 328 -49.33 96.08 71.61
C ILE B 328 -48.45 96.98 70.74
N ILE B 329 -47.25 97.22 71.21
CA ILE B 329 -46.29 98.07 70.51
C ILE B 329 -45.45 97.21 69.57
N ALA B 330 -45.52 97.52 68.29
CA ALA B 330 -44.82 96.74 67.27
C ALA B 330 -43.80 97.53 66.46
N PRO B 331 -42.52 97.49 66.85
CA PRO B 331 -41.45 98.13 66.09
C PRO B 331 -41.02 97.27 64.89
N PRO B 332 -40.93 97.86 63.68
CA PRO B 332 -40.54 97.16 62.44
C PRO B 332 -39.26 96.33 62.59
N GLU B 333 -38.30 96.89 63.30
CA GLU B 333 -36.98 96.29 63.51
C GLU B 333 -36.91 95.47 64.81
N ARG B 334 -38.00 94.79 65.19
CA ARG B 334 -38.06 94.04 66.46
C ARG B 334 -37.01 92.91 66.58
N LYS B 335 -36.69 92.22 65.49
CA LYS B 335 -35.64 91.18 65.55
C LYS B 335 -34.28 91.73 65.98
N TYR B 336 -33.94 92.88 65.47
CA TYR B 336 -32.66 93.49 65.77
C TYR B 336 -32.77 94.59 66.82
N SER B 337 -33.94 94.72 67.44
CA SER B 337 -34.18 95.82 68.41
C SER B 337 -33.24 95.75 69.60
N VAL B 338 -32.95 94.56 70.10
CA VAL B 338 -32.04 94.43 71.21
C VAL B 338 -30.65 94.98 70.87
N TRP B 339 -30.11 94.55 69.74
CA TRP B 339 -28.79 95.02 69.28
C TRP B 339 -28.83 96.51 68.88
N ILE B 340 -29.91 96.89 68.21
CA ILE B 340 -30.09 98.26 67.69
C ILE B 340 -30.07 99.30 68.79
N GLY B 341 -30.72 99.02 69.92
CA GLY B 341 -30.72 99.98 71.01
C GLY B 341 -29.31 100.27 71.51
N GLY B 342 -28.48 99.23 71.59
CA GLY B 342 -27.11 99.40 72.02
C GLY B 342 -26.20 100.14 71.04
N SER B 343 -26.36 99.84 69.74
CA SER B 343 -25.53 100.43 68.67
C SER B 343 -25.58 101.97 68.51
N ILE B 344 -26.77 102.55 68.48
CA ILE B 344 -26.91 104.00 68.26
C ILE B 344 -26.36 104.93 69.34
N LEU B 345 -26.60 104.66 70.62
CA LEU B 345 -26.13 105.58 71.66
C LEU B 345 -24.72 105.26 72.16
N ALA B 346 -23.82 104.88 71.28
CA ALA B 346 -22.45 104.58 71.71
C ALA B 346 -21.39 105.53 71.14
N SER B 347 -21.76 106.44 70.22
CA SER B 347 -20.75 107.35 69.63
C SER B 347 -21.14 108.85 69.46
N LEU B 348 -22.23 109.35 70.07
CA LEU B 348 -22.64 110.75 69.78
C LEU B 348 -21.63 111.87 70.13
N SER B 349 -21.09 111.84 71.35
CA SER B 349 -20.14 112.86 71.87
C SER B 349 -20.39 113.07 73.36
N THR B 350 -21.67 113.05 73.72
CA THR B 350 -22.06 113.21 75.11
C THR B 350 -22.13 111.85 75.78
N PHE B 351 -21.89 110.84 74.96
CA PHE B 351 -21.79 109.49 75.46
C PHE B 351 -20.30 109.23 75.80
N GLN B 352 -19.45 110.19 75.38
CA GLN B 352 -18.03 110.20 75.76
C GLN B 352 -17.83 110.46 77.23
N GLN B 353 -18.64 111.39 77.73
CA GLN B 353 -18.62 111.79 79.14
C GLN B 353 -18.95 110.60 80.07
N MET B 354 -19.91 109.81 79.61
CA MET B 354 -20.46 108.65 80.35
C MET B 354 -19.67 107.32 80.27
N TRP B 355 -18.73 107.17 79.32
CA TRP B 355 -17.97 105.91 79.19
C TRP B 355 -17.14 105.52 80.41
N ILE B 356 -17.13 104.22 80.67
CA ILE B 356 -16.29 103.67 81.72
C ILE B 356 -14.98 103.35 81.01
N SER B 357 -13.91 103.95 81.47
CA SER B 357 -12.62 103.79 80.80
C SER B 357 -11.65 102.90 81.56
N LYS B 358 -10.67 102.42 80.79
CA LYS B 358 -9.61 101.56 81.31
C LYS B 358 -8.84 102.28 82.42
N GLN B 359 -8.59 103.57 82.18
CA GLN B 359 -7.84 104.39 83.13
C GLN B 359 -8.54 104.47 84.50
N GLU B 360 -9.87 104.60 84.48
CA GLU B 360 -10.66 104.64 85.72
C GLU B 360 -10.59 103.34 86.51
N TYR B 361 -10.63 102.20 85.80
CA TYR B 361 -10.57 100.87 86.42
C TYR B 361 -9.30 100.68 87.23
N ASP B 362 -8.19 101.14 86.70
CA ASP B 362 -6.89 101.02 87.36
C ASP B 362 -6.92 101.72 88.73
N GLU B 363 -7.55 102.89 88.79
CA GLU B 363 -7.63 103.63 90.05
C GLU B 363 -8.56 102.96 91.09
N SER B 364 -9.88 103.12 90.93
CA SER B 364 -10.87 102.52 91.85
C SER B 364 -10.87 100.98 91.91
N GLY B 365 -10.70 100.33 90.76
CA GLY B 365 -10.73 98.87 90.71
C GLY B 365 -12.09 98.31 90.25
N PRO B 366 -12.42 97.07 90.64
CA PRO B 366 -13.70 96.38 90.30
C PRO B 366 -14.96 97.13 90.79
N SER B 367 -14.80 97.84 91.89
CA SER B 367 -15.87 98.60 92.57
C SER B 367 -16.51 99.70 91.70
N ILE B 368 -15.78 100.19 90.72
CA ILE B 368 -16.22 101.31 89.88
C ILE B 368 -17.52 101.06 89.08
N VAL B 369 -17.73 99.86 88.54
CA VAL B 369 -18.95 99.60 87.76
C VAL B 369 -20.25 99.81 88.57
N HIS B 370 -20.27 99.38 89.83
CA HIS B 370 -21.46 99.59 90.68
C HIS B 370 -21.76 101.08 90.95
N ARG B 371 -20.69 101.84 91.16
CA ARG B 371 -20.78 103.26 91.55
C ARG B 371 -21.29 104.28 90.50
N LYS B 372 -20.93 104.17 89.22
CA LYS B 372 -21.37 105.22 88.26
C LYS B 372 -22.70 104.97 87.56
N CYS B 373 -23.36 103.85 87.76
CA CYS B 373 -24.64 103.67 87.07
C CYS B 373 -25.78 104.17 87.94
N PHE B 374 -26.36 105.29 87.50
CA PHE B 374 -27.48 105.96 88.18
C PHE B 374 -27.06 106.53 89.55
N ASP C 1 -59.09 27.98 70.65
CA ASP C 1 -60.02 27.41 69.63
C ASP C 1 -61.49 27.68 69.95
N ASP C 2 -62.09 28.66 69.21
CA ASP C 2 -63.55 28.99 69.24
C ASP C 2 -63.98 30.34 69.88
N ASP C 3 -63.70 30.60 71.16
CA ASP C 3 -64.24 31.83 71.81
C ASP C 3 -63.81 33.16 71.17
N ILE C 4 -62.53 33.23 70.82
CA ILE C 4 -61.84 34.37 70.17
C ILE C 4 -60.39 34.35 70.63
N ALA C 5 -59.62 33.47 69.99
CA ALA C 5 -58.22 33.20 70.34
C ALA C 5 -57.31 34.42 70.27
N ALA C 6 -57.72 35.45 69.53
CA ALA C 6 -56.94 36.68 69.41
C ALA C 6 -55.70 36.52 68.53
N LEU C 7 -55.79 37.09 67.35
CA LEU C 7 -54.70 37.06 66.40
C LEU C 7 -53.89 38.32 66.63
N VAL C 8 -52.62 38.17 66.91
CA VAL C 8 -51.81 39.34 67.17
C VAL C 8 -50.82 39.56 66.05
N VAL C 9 -50.87 40.75 65.45
CA VAL C 9 -49.95 41.08 64.38
C VAL C 9 -48.98 42.14 64.90
N ASP C 10 -47.71 41.81 64.88
CA ASP C 10 -46.67 42.70 65.34
C ASP C 10 -45.96 43.33 64.15
N ASN C 11 -46.00 44.66 64.08
CA ASN C 11 -45.42 45.38 62.96
C ASN C 11 -44.22 46.23 63.36
N GLY C 12 -43.24 46.26 62.47
CA GLY C 12 -42.01 47.02 62.64
C GLY C 12 -41.32 47.24 61.31
N SER C 13 -40.10 47.77 61.32
CA SER C 13 -39.37 48.02 60.06
C SER C 13 -39.16 46.73 59.27
N GLY C 14 -38.86 45.66 59.99
CA GLY C 14 -38.65 44.36 59.37
C GLY C 14 -38.78 43.23 60.38
N MET C 15 -38.81 41.98 59.89
CA MET C 15 -38.92 40.81 60.77
C MET C 15 -40.21 40.82 61.62
N CYS C 16 -41.34 41.05 60.95
CA CYS C 16 -42.66 41.09 61.60
C CYS C 16 -43.09 39.70 62.08
N LYS C 17 -44.02 39.63 63.04
CA LYS C 17 -44.44 38.34 63.60
C LYS C 17 -45.91 38.31 64.10
N ALA C 18 -46.47 37.11 64.23
CA ALA C 18 -47.88 36.92 64.63
C ALA C 18 -48.16 35.55 65.30
N GLY C 19 -49.29 35.45 66.03
CA GLY C 19 -49.64 34.19 66.71
C GLY C 19 -51.07 34.15 67.30
N PHE C 20 -51.23 33.36 68.37
CA PHE C 20 -52.54 33.15 69.05
C PHE C 20 -52.40 33.37 70.58
N ALA C 21 -53.50 33.70 71.27
CA ALA C 21 -53.47 33.93 72.72
C ALA C 21 -53.25 32.65 73.53
N GLY C 22 -52.64 32.83 74.70
CA GLY C 22 -52.31 31.71 75.56
C GLY C 22 -50.92 31.16 75.26
N ASP C 23 -50.34 31.64 74.17
CA ASP C 23 -49.01 31.24 73.74
C ASP C 23 -47.92 31.97 74.52
N ASP C 24 -46.74 31.36 74.56
CA ASP C 24 -45.60 31.92 75.27
C ASP C 24 -44.65 32.68 74.33
N ALA C 25 -44.98 32.64 73.05
CA ALA C 25 -44.19 33.29 71.99
C ALA C 25 -44.98 33.26 70.68
N PRO C 26 -44.68 34.12 69.68
CA PRO C 26 -45.42 34.08 68.42
C PRO C 26 -45.13 32.83 67.59
N ARG C 27 -46.16 32.36 66.90
CA ARG C 27 -46.06 31.17 66.05
C ARG C 27 -45.21 31.34 64.78
N ALA C 28 -45.33 32.49 64.11
CA ALA C 28 -44.57 32.72 62.87
C ALA C 28 -43.96 34.12 62.75
N VAL C 29 -42.77 34.17 62.15
CA VAL C 29 -42.04 35.42 61.91
C VAL C 29 -41.65 35.54 60.42
N PHE C 30 -41.92 36.68 59.79
CA PHE C 30 -41.56 36.83 58.36
C PHE C 30 -40.95 38.21 58.05
N PRO C 31 -40.21 38.32 56.92
CA PRO C 31 -39.60 39.59 56.47
C PRO C 31 -40.63 40.62 55.97
N SER C 32 -40.34 41.90 56.13
CA SER C 32 -41.27 42.91 55.62
C SER C 32 -40.72 43.56 54.35
N ILE C 33 -41.00 42.95 53.21
CA ILE C 33 -40.59 43.47 51.90
C ILE C 33 -41.70 43.28 50.85
N VAL C 34 -41.83 44.24 49.94
CA VAL C 34 -42.82 44.15 48.85
C VAL C 34 -42.15 44.42 47.51
N GLY C 35 -42.33 43.56 46.51
CA GLY C 35 -41.64 43.79 45.24
C GLY C 35 -42.51 43.85 43.98
N ARG C 36 -42.13 44.79 43.11
CA ARG C 36 -42.78 45.06 41.80
C ARG C 36 -41.65 45.33 40.77
N PRO C 37 -41.88 45.32 39.43
CA PRO C 37 -40.77 45.43 38.44
C PRO C 37 -39.74 46.58 38.60
N ARG C 38 -38.47 46.17 38.54
CA ARG C 38 -37.28 47.04 38.60
C ARG C 38 -36.36 46.80 37.41
N HIS C 39 -35.79 47.86 36.83
CA HIS C 39 -34.84 47.72 35.71
C HIS C 39 -35.53 47.00 34.53
N GLN C 40 -36.80 47.38 34.33
CA GLN C 40 -37.71 46.82 33.30
C GLN C 40 -38.01 45.31 33.52
N GLY C 41 -37.73 44.79 34.72
CA GLY C 41 -38.01 43.38 35.01
C GLY C 41 -36.86 42.36 34.73
N VAL C 42 -35.78 42.77 34.05
CA VAL C 42 -34.59 41.89 33.77
C VAL C 42 -34.63 41.05 32.43
N MET C 43 -35.60 41.32 31.52
CA MET C 43 -35.65 40.68 30.16
C MET C 43 -36.53 39.44 29.90
N VAL C 44 -37.21 39.57 28.73
CA VAL C 44 -38.09 38.56 28.08
C VAL C 44 -39.46 38.22 28.74
N GLY C 45 -40.48 38.98 28.33
CA GLY C 45 -41.86 38.73 28.78
C GLY C 45 -42.28 39.46 30.04
N MET C 46 -42.23 40.78 30.04
CA MET C 46 -42.61 41.51 31.25
C MET C 46 -44.00 42.13 31.25
N GLY C 47 -44.61 42.01 32.42
CA GLY C 47 -45.94 42.49 32.70
C GLY C 47 -46.44 41.84 33.98
N GLN C 48 -46.58 40.50 33.89
CA GLN C 48 -47.00 39.54 34.96
C GLN C 48 -47.59 40.08 36.28
N LYS C 49 -47.73 39.16 37.22
CA LYS C 49 -48.20 39.51 38.56
C LYS C 49 -47.03 39.62 39.51
N ASP C 50 -46.84 40.80 40.05
CA ASP C 50 -45.77 41.01 40.98
C ASP C 50 -46.14 41.98 42.10
N SER C 51 -46.07 41.41 43.27
CA SER C 51 -46.31 42.05 44.55
C SER C 51 -46.09 40.94 45.55
N TYR C 52 -44.84 40.68 45.84
CA TYR C 52 -44.50 39.58 46.70
C TYR C 52 -44.21 40.03 48.12
N VAL C 53 -44.89 39.39 49.06
CA VAL C 53 -44.70 39.68 50.47
C VAL C 53 -44.24 38.40 51.18
N GLY C 54 -43.19 38.52 51.96
CA GLY C 54 -42.65 37.37 52.66
C GLY C 54 -41.20 37.15 52.31
N ASP C 55 -40.65 35.97 52.61
CA ASP C 55 -39.25 35.72 52.29
C ASP C 55 -39.08 35.12 50.89
N GLU C 56 -40.18 34.85 50.19
CA GLU C 56 -40.10 34.36 48.80
C GLU C 56 -39.60 35.49 47.90
N ALA C 57 -39.95 36.71 48.31
CA ALA C 57 -39.58 37.94 47.64
C ALA C 57 -38.09 38.26 47.78
N GLN C 58 -37.49 37.77 48.87
CA GLN C 58 -36.08 38.05 49.15
C GLN C 58 -35.18 37.53 48.02
N SER C 59 -35.45 36.32 47.56
CA SER C 59 -34.73 35.74 46.42
C SER C 59 -34.92 36.60 45.17
N LYS C 60 -36.16 37.07 45.04
CA LYS C 60 -36.64 37.87 43.90
C LYS C 60 -36.27 39.37 43.99
N ARG C 61 -35.44 39.73 44.96
CA ARG C 61 -35.05 41.14 45.19
C ARG C 61 -34.35 41.75 43.96
N GLY C 62 -33.48 40.98 43.32
CA GLY C 62 -32.79 41.47 42.14
C GLY C 62 -33.74 41.89 41.00
N ILE C 63 -34.80 41.11 40.77
CA ILE C 63 -35.74 41.42 39.68
C ILE C 63 -36.99 42.23 40.11
N LEU C 64 -37.22 42.39 41.41
CA LEU C 64 -38.36 43.22 41.91
C LEU C 64 -37.88 44.38 42.81
N THR C 65 -38.52 45.53 42.64
CA THR C 65 -38.22 46.70 43.46
C THR C 65 -38.86 46.52 44.83
N LEU C 66 -38.10 46.71 45.89
CA LEU C 66 -38.67 46.56 47.21
C LEU C 66 -38.96 47.91 47.85
N LYS C 67 -40.17 48.01 48.37
CA LYS C 67 -40.63 49.20 49.06
C LYS C 67 -40.97 48.83 50.49
N TYR C 68 -40.63 49.69 51.42
CA TYR C 68 -40.88 49.40 52.82
C TYR C 68 -42.21 49.98 53.29
N PRO C 69 -43.19 49.10 53.57
CA PRO C 69 -44.52 49.49 54.05
C PRO C 69 -44.42 50.25 55.36
N ILE C 70 -43.38 49.88 56.10
CA ILE C 70 -43.09 50.47 57.40
C ILE C 70 -41.72 51.13 57.36
N GLU C 71 -41.64 52.42 57.61
CA GLU C 71 -40.32 53.00 57.67
C GLU C 71 -40.05 53.41 59.12
N HIS C 72 -39.14 52.67 59.73
CA HIS C 72 -38.71 52.89 61.10
C HIS C 72 -39.87 53.02 62.13
N GLY C 73 -40.81 52.07 62.09
CA GLY C 73 -41.94 52.06 63.04
C GLY C 73 -43.26 52.72 62.58
N ILE C 74 -43.29 53.32 61.40
CA ILE C 74 -44.53 53.98 60.89
C ILE C 74 -44.87 53.52 59.47
N VAL C 75 -46.13 53.70 59.05
CA VAL C 75 -46.54 53.26 57.73
C VAL C 75 -46.80 54.46 56.84
N THR C 76 -46.06 54.54 55.74
CA THR C 76 -46.23 55.62 54.78
C THR C 76 -47.07 55.18 53.59
N ASN C 77 -46.85 53.95 53.13
CA ASN C 77 -47.62 53.41 52.00
C ASN C 77 -48.55 52.29 52.47
N TRP C 78 -49.84 52.59 52.44
CA TRP C 78 -50.87 51.64 52.84
C TRP C 78 -51.07 50.46 51.87
N ASP C 79 -50.84 50.69 50.57
CA ASP C 79 -51.04 49.62 49.57
C ASP C 79 -50.14 48.41 49.85
N ASP C 80 -48.90 48.67 50.25
CA ASP C 80 -47.97 47.59 50.59
C ASP C 80 -48.40 46.89 51.89
N MET C 81 -48.85 47.69 52.85
CA MET C 81 -49.28 47.21 54.17
C MET C 81 -50.46 46.22 54.09
N GLU C 82 -51.43 46.51 53.22
CA GLU C 82 -52.60 45.64 53.04
C GLU C 82 -52.20 44.23 52.57
N LYS C 83 -51.24 44.18 51.66
CA LYS C 83 -50.75 42.89 51.15
C LYS C 83 -50.19 42.04 52.28
N ILE C 84 -49.47 42.68 53.20
CA ILE C 84 -48.89 41.99 54.35
C ILE C 84 -49.97 41.37 55.24
N TRP C 85 -51.06 42.09 55.49
CA TRP C 85 -52.13 41.56 56.34
C TRP C 85 -52.86 40.42 55.64
N HIS C 86 -53.10 40.57 54.34
CA HIS C 86 -53.72 39.51 53.55
C HIS C 86 -52.89 38.24 53.58
N HIS C 87 -51.59 38.43 53.36
CA HIS C 87 -50.66 37.32 53.30
C HIS C 87 -50.48 36.66 54.69
N THR C 88 -50.43 37.48 55.74
CA THR C 88 -50.26 36.95 57.10
C THR C 88 -51.41 36.02 57.53
N PHE C 89 -52.65 36.45 57.35
CA PHE C 89 -53.79 35.62 57.74
C PHE C 89 -53.97 34.39 56.85
N TYR C 90 -54.12 34.64 55.55
CA TYR C 90 -54.37 33.60 54.57
C TYR C 90 -53.17 32.67 54.29
N ASN C 91 -51.96 33.22 54.23
CA ASN C 91 -50.80 32.38 53.90
C ASN C 91 -49.85 32.04 55.07
N GLU C 92 -49.57 32.99 55.96
CA GLU C 92 -48.63 32.68 57.05
C GLU C 92 -49.25 32.01 58.30
N LEU C 93 -50.26 32.64 58.89
CA LEU C 93 -51.01 32.07 60.03
C LEU C 93 -51.89 30.87 59.63
N ARG C 94 -52.49 30.98 58.44
CA ARG C 94 -53.40 29.98 57.89
C ARG C 94 -54.65 29.78 58.78
N VAL C 95 -55.13 30.91 59.30
CA VAL C 95 -56.32 30.96 60.15
C VAL C 95 -57.29 32.05 59.64
N ALA C 96 -58.59 31.77 59.63
CA ALA C 96 -59.55 32.77 59.16
C ALA C 96 -59.68 33.94 60.14
N PRO C 97 -59.51 35.19 59.65
CA PRO C 97 -59.62 36.41 60.46
C PRO C 97 -60.99 36.59 61.12
N GLU C 98 -61.99 36.08 60.43
CA GLU C 98 -63.37 36.19 60.89
C GLU C 98 -63.65 35.54 62.27
N GLU C 99 -63.16 34.32 62.52
CA GLU C 99 -63.34 33.71 63.84
C GLU C 99 -62.51 34.37 64.96
N HIS C 100 -61.27 34.75 64.64
CA HIS C 100 -60.33 35.33 65.62
C HIS C 100 -60.08 36.85 65.46
N PRO C 101 -60.27 37.63 66.55
CA PRO C 101 -60.05 39.10 66.55
C PRO C 101 -58.56 39.42 66.43
N VAL C 102 -58.20 40.56 65.82
CA VAL C 102 -56.77 40.86 65.65
C VAL C 102 -56.27 42.07 66.44
N LEU C 103 -55.10 41.93 67.05
CA LEU C 103 -54.48 42.99 67.82
C LEU C 103 -53.27 43.53 67.04
N LEU C 104 -53.21 44.84 66.86
CA LEU C 104 -52.11 45.45 66.11
C LEU C 104 -51.19 46.25 67.03
N THR C 105 -49.88 46.05 66.87
CA THR C 105 -48.91 46.79 67.67
C THR C 105 -48.59 48.16 67.03
N GLU C 106 -48.07 49.08 67.83
CA GLU C 106 -47.72 50.41 67.32
C GLU C 106 -46.39 50.89 67.91
N ALA C 107 -45.73 51.77 67.18
CA ALA C 107 -44.51 52.40 67.66
C ALA C 107 -44.88 53.52 68.64
N PRO C 108 -44.04 53.82 69.65
CA PRO C 108 -44.33 54.90 70.60
C PRO C 108 -44.47 56.27 69.92
N LEU C 109 -45.44 57.06 70.38
CA LEU C 109 -45.72 58.39 69.80
C LEU C 109 -46.09 58.29 68.31
N ASN C 110 -46.97 57.35 68.03
CA ASN C 110 -47.51 57.08 66.69
C ASN C 110 -48.42 58.25 66.26
N PRO C 111 -48.23 58.81 65.04
CA PRO C 111 -49.05 59.97 64.62
C PRO C 111 -50.55 59.68 64.58
N LYS C 112 -51.31 60.72 64.92
CA LYS C 112 -52.76 60.65 65.03
C LYS C 112 -53.50 60.31 63.73
N ALA C 113 -53.04 60.84 62.59
CA ALA C 113 -53.70 60.56 61.30
C ALA C 113 -53.69 59.06 60.97
N ASN C 114 -52.56 58.41 61.23
CA ASN C 114 -52.42 56.97 60.97
C ASN C 114 -53.32 56.12 61.87
N ARG C 115 -53.43 56.53 63.14
CA ARG C 115 -54.20 55.77 64.13
C ARG C 115 -55.68 55.62 63.78
N GLU C 116 -56.31 56.68 63.27
CA GLU C 116 -57.71 56.58 62.88
C GLU C 116 -57.90 55.71 61.62
N LYS C 117 -56.99 55.86 60.66
CA LYS C 117 -57.09 55.13 59.39
C LYS C 117 -56.83 53.62 59.49
N MET C 118 -55.86 53.18 60.30
CA MET C 118 -55.58 51.74 60.42
C MET C 118 -56.82 51.00 60.95
N THR C 119 -57.48 51.64 61.91
CA THR C 119 -58.72 51.10 62.48
C THR C 119 -59.79 50.99 61.39
N GLN C 120 -59.83 52.01 60.53
CA GLN C 120 -60.76 52.09 59.41
C GLN C 120 -60.61 50.93 58.41
N ILE C 121 -59.35 50.54 58.13
CA ILE C 121 -59.11 49.46 57.18
C ILE C 121 -59.55 48.09 57.72
N MET C 122 -59.30 47.84 59.00
CA MET C 122 -59.69 46.56 59.59
C MET C 122 -61.19 46.30 59.56
N PHE C 123 -61.96 47.33 59.87
CA PHE C 123 -63.40 47.20 59.91
C PHE C 123 -64.07 47.02 58.54
N GLU C 124 -63.60 47.75 57.52
CA GLU C 124 -64.21 47.62 56.20
C GLU C 124 -63.48 46.69 55.22
N THR C 125 -62.15 46.76 55.15
CA THR C 125 -61.40 45.90 54.23
C THR C 125 -61.40 44.41 54.61
N PHE C 126 -61.20 44.10 55.89
CA PHE C 126 -61.17 42.70 56.33
C PHE C 126 -62.37 42.27 57.19
N ASN C 127 -63.28 43.20 57.48
CA ASN C 127 -64.47 42.91 58.29
C ASN C 127 -64.13 42.19 59.63
N THR C 128 -63.04 42.60 60.30
CA THR C 128 -62.66 41.96 61.57
C THR C 128 -63.61 42.36 62.72
N PRO C 129 -64.14 41.37 63.48
CA PRO C 129 -65.06 41.63 64.61
C PRO C 129 -64.48 42.50 65.73
N ALA C 130 -63.21 42.29 66.06
CA ALA C 130 -62.57 43.08 67.13
C ALA C 130 -61.08 43.33 66.88
N MET C 131 -60.59 44.47 67.37
CA MET C 131 -59.18 44.81 67.24
C MET C 131 -58.72 45.75 68.38
N TYR C 132 -57.42 45.81 68.61
CA TYR C 132 -56.88 46.69 69.66
C TYR C 132 -55.47 47.17 69.27
N VAL C 133 -55.10 48.35 69.73
CA VAL C 133 -53.77 48.90 69.42
C VAL C 133 -52.95 49.01 70.71
N ALA C 134 -51.73 48.46 70.67
CA ALA C 134 -50.83 48.41 71.83
C ALA C 134 -49.42 48.93 71.53
N ILE C 135 -48.69 49.30 72.58
CA ILE C 135 -47.33 49.82 72.41
C ILE C 135 -46.33 48.80 72.93
N GLN C 136 -45.34 48.51 72.10
CA GLN C 136 -44.33 47.49 72.38
C GLN C 136 -43.52 47.78 73.66
N ALA C 137 -43.16 49.04 73.87
CA ALA C 137 -42.39 49.41 75.06
C ALA C 137 -43.22 49.28 76.34
N VAL C 138 -44.50 49.66 76.26
CA VAL C 138 -45.40 49.60 77.42
C VAL C 138 -45.57 48.16 77.91
N LEU C 139 -45.83 47.26 76.98
CA LEU C 139 -46.00 45.85 77.31
C LEU C 139 -44.75 45.22 77.94
N SER C 140 -43.57 45.56 77.41
CA SER C 140 -42.33 45.00 77.97
C SER C 140 -42.08 45.38 79.44
N LEU C 141 -42.38 46.64 79.80
CA LEU C 141 -42.24 47.08 81.20
C LEU C 141 -43.32 46.39 82.03
N TYR C 142 -44.48 46.31 81.42
CA TYR C 142 -45.68 45.70 81.99
C TYR C 142 -45.46 44.23 82.30
N ALA C 143 -44.76 43.54 81.40
CA ALA C 143 -44.46 42.11 81.49
C ALA C 143 -43.67 41.75 82.75
N SER C 144 -42.71 42.61 83.11
CA SER C 144 -41.88 42.39 84.29
C SER C 144 -42.69 42.59 85.59
N GLY C 145 -43.91 43.12 85.45
CA GLY C 145 -44.77 43.38 86.60
C GLY C 145 -44.52 44.73 87.23
N ARG C 146 -43.81 45.57 86.52
CA ARG C 146 -43.46 46.89 86.99
C ARG C 146 -44.01 48.00 86.08
N THR C 147 -44.73 48.96 86.67
CA THR C 147 -45.32 50.06 85.91
C THR C 147 -44.46 51.34 85.88
N THR C 148 -43.53 51.45 86.82
CA THR C 148 -42.65 52.61 86.89
C THR C 148 -41.27 52.25 86.39
N GLY C 149 -40.76 52.96 85.38
CA GLY C 149 -39.43 52.64 84.90
C GLY C 149 -39.11 53.16 83.51
N ILE C 150 -37.99 52.68 82.99
CA ILE C 150 -37.54 53.05 81.65
C ILE C 150 -37.19 51.80 80.87
N VAL C 151 -37.71 51.69 79.66
CA VAL C 151 -37.46 50.51 78.85
C VAL C 151 -36.70 50.84 77.59
N MET C 152 -35.62 50.11 77.37
CA MET C 152 -34.86 50.25 76.16
C MET C 152 -35.32 49.08 75.32
N ASP C 153 -36.00 49.38 74.23
CA ASP C 153 -36.56 48.32 73.41
C ASP C 153 -35.79 48.05 72.14
N SER C 154 -35.32 46.83 72.02
CA SER C 154 -34.63 46.43 70.81
C SER C 154 -35.66 45.83 69.89
N GLY C 155 -36.11 46.61 68.94
CA GLY C 155 -37.12 46.11 68.03
C GLY C 155 -36.52 45.24 66.96
N ASP C 156 -37.37 44.53 66.25
CA ASP C 156 -36.89 43.67 65.18
C ASP C 156 -36.40 44.53 64.01
N GLY C 157 -36.86 45.78 63.98
CA GLY C 157 -36.46 46.70 62.92
C GLY C 157 -36.04 48.09 63.41
N VAL C 158 -36.62 48.57 64.53
CA VAL C 158 -36.30 49.90 65.07
C VAL C 158 -36.19 49.91 66.61
N THR C 159 -35.21 50.66 67.14
CA THR C 159 -35.00 50.75 68.59
C THR C 159 -35.52 52.07 69.17
N HIS C 160 -36.47 51.98 70.11
CA HIS C 160 -37.04 53.16 70.76
C HIS C 160 -36.85 53.16 72.28
N THR C 161 -36.56 54.34 72.81
CA THR C 161 -36.41 54.52 74.25
C THR C 161 -37.72 55.13 74.76
N VAL C 162 -38.40 54.45 75.67
CA VAL C 162 -39.71 54.94 76.15
C VAL C 162 -39.92 54.81 77.65
N PRO C 163 -39.44 55.77 78.48
CA PRO C 163 -39.70 55.71 79.92
C PRO C 163 -41.20 55.74 80.20
N ILE C 164 -41.67 54.84 81.04
CA ILE C 164 -43.10 54.76 81.34
C ILE C 164 -43.46 54.98 82.81
N TYR C 165 -44.27 55.97 83.10
CA TYR C 165 -44.71 56.16 84.48
C TYR C 165 -46.26 56.06 84.52
N GLU C 166 -46.77 55.05 85.22
CA GLU C 166 -48.22 54.80 85.34
C GLU C 166 -48.96 54.57 84.01
N GLY C 167 -48.34 53.86 83.09
CA GLY C 167 -48.99 53.56 81.81
C GLY C 167 -48.83 54.66 80.78
N TYR C 168 -48.33 55.80 81.23
CA TYR C 168 -48.14 56.95 80.37
C TYR C 168 -46.68 57.09 79.98
N ALA C 169 -46.43 57.20 78.68
CA ALA C 169 -45.08 57.37 78.17
C ALA C 169 -44.67 58.83 78.27
N LEU C 170 -43.39 59.11 78.44
CA LEU C 170 -42.95 60.50 78.56
C LEU C 170 -42.52 61.04 77.19
N PRO C 171 -43.31 61.99 76.64
CA PRO C 171 -43.04 62.60 75.31
C PRO C 171 -41.70 63.32 75.23
N HIS C 172 -41.26 63.85 76.37
CA HIS C 172 -40.01 64.60 76.46
C HIS C 172 -38.81 63.71 76.78
N ALA C 173 -39.05 62.42 76.94
CA ALA C 173 -37.98 61.47 77.25
C ALA C 173 -37.81 60.39 76.16
N ILE C 174 -38.48 60.54 75.03
CA ILE C 174 -38.41 59.54 73.96
C ILE C 174 -37.65 60.02 72.72
N LEU C 175 -36.71 59.19 72.27
CA LEU C 175 -35.91 59.48 71.07
C LEU C 175 -35.90 58.29 70.12
N ARG C 176 -35.79 58.58 68.82
CA ARG C 176 -35.78 57.54 67.80
C ARG C 176 -34.36 57.22 67.30
N LEU C 177 -33.95 55.97 67.43
CA LEU C 177 -32.64 55.53 66.92
C LEU C 177 -32.91 54.44 65.88
N ASP C 178 -32.25 54.52 64.73
CA ASP C 178 -32.56 53.60 63.63
C ASP C 178 -31.79 52.28 63.59
N LEU C 179 -30.89 52.03 64.53
CA LEU C 179 -30.17 50.75 64.51
C LEU C 179 -30.81 49.80 65.53
N ALA C 180 -31.31 48.64 65.07
CA ALA C 180 -31.99 47.69 65.96
C ALA C 180 -31.65 46.22 65.72
N GLY C 181 -32.20 45.63 64.66
CA GLY C 181 -31.92 44.23 64.38
C GLY C 181 -31.51 43.93 62.94
N ARG C 182 -32.37 44.26 61.97
CA ARG C 182 -32.06 43.99 60.56
C ARG C 182 -30.79 44.74 60.11
N ASP C 183 -30.65 45.97 60.59
CA ASP C 183 -29.49 46.82 60.26
C ASP C 183 -28.18 46.20 60.74
N LEU C 184 -28.20 45.61 61.93
CA LEU C 184 -27.02 44.92 62.48
C LEU C 184 -26.61 43.76 61.59
N THR C 185 -27.61 43.03 61.08
CA THR C 185 -27.35 41.90 60.20
C THR C 185 -26.58 42.38 58.95
N ASP C 186 -27.00 43.52 58.39
CA ASP C 186 -26.29 44.12 57.25
C ASP C 186 -24.84 44.43 57.66
N TYR C 187 -24.71 45.05 58.84
CA TYR C 187 -23.41 45.42 59.43
C TYR C 187 -22.48 44.23 59.69
N LEU C 188 -23.03 43.16 60.23
CA LEU C 188 -22.23 41.97 60.54
C LEU C 188 -21.60 41.43 59.26
N MET C 189 -22.41 41.36 58.21
CA MET C 189 -21.92 40.92 56.91
C MET C 189 -20.80 41.84 56.38
N LYS C 190 -21.00 43.14 56.58
CA LYS C 190 -20.05 44.17 56.12
C LYS C 190 -18.66 44.03 56.75
N ILE C 191 -18.58 43.73 58.04
CA ILE C 191 -17.28 43.57 58.70
C ILE C 191 -16.67 42.19 58.40
N LEU C 192 -17.54 41.21 58.21
CA LEU C 192 -17.13 39.84 57.86
C LEU C 192 -16.36 39.85 56.54
N THR C 193 -16.89 40.65 55.61
CA THR C 193 -16.32 40.85 54.27
C THR C 193 -14.89 41.42 54.35
N GLU C 194 -14.69 42.35 55.28
CA GLU C 194 -13.40 43.03 55.44
C GLU C 194 -12.25 42.06 55.76
N ARG C 195 -12.53 41.06 56.61
CA ARG C 195 -11.49 40.08 56.96
C ARG C 195 -11.00 39.29 55.75
N GLY C 196 -11.92 38.90 54.85
CA GLY C 196 -11.53 38.14 53.67
C GLY C 196 -12.58 37.13 53.19
N TYR C 197 -13.86 37.45 53.37
CA TYR C 197 -14.92 36.53 52.94
C TYR C 197 -15.82 37.21 51.89
N SER C 198 -16.23 36.47 50.86
CA SER C 198 -16.96 37.06 49.73
C SER C 198 -18.49 37.19 49.88
N PHE C 199 -18.94 38.44 50.01
CA PHE C 199 -20.36 38.78 50.02
C PHE C 199 -20.60 39.89 48.98
N THR C 200 -21.24 39.59 47.86
CA THR C 200 -21.49 40.63 46.83
C THR C 200 -22.95 40.70 46.34
N THR C 201 -23.77 39.78 46.82
CA THR C 201 -25.17 39.68 46.39
C THR C 201 -26.14 39.61 47.57
N THR C 202 -27.29 40.25 47.41
CA THR C 202 -28.31 40.33 48.47
C THR C 202 -28.90 38.96 48.86
N ALA C 203 -28.76 37.99 47.98
CA ALA C 203 -29.27 36.63 48.23
C ALA C 203 -28.64 35.97 49.47
N GLU C 204 -27.34 36.16 49.69
CA GLU C 204 -26.64 35.54 50.82
C GLU C 204 -26.67 36.41 52.10
N ARG C 205 -27.31 37.57 52.01
CA ARG C 205 -27.48 38.48 53.17
C ARG C 205 -28.26 37.80 54.30
N GLU C 206 -29.28 37.06 53.91
CA GLU C 206 -30.13 36.31 54.84
C GLU C 206 -29.33 35.29 55.66
N ILE C 207 -28.30 34.74 55.05
CA ILE C 207 -27.47 33.69 55.68
C ILE C 207 -26.81 34.20 56.97
N VAL C 208 -26.34 35.44 56.98
CA VAL C 208 -25.73 36.02 58.18
C VAL C 208 -26.73 36.16 59.35
N ARG C 209 -28.05 36.16 59.06
CA ARG C 209 -29.06 36.27 60.14
C ARG C 209 -28.89 35.09 61.11
N ASP C 210 -28.67 33.91 60.52
CA ASP C 210 -28.46 32.68 61.29
C ASP C 210 -27.22 32.86 62.16
N ILE C 211 -26.22 33.49 61.57
CA ILE C 211 -24.96 33.81 62.22
C ILE C 211 -25.21 34.71 63.43
N LYS C 212 -26.11 35.68 63.27
CA LYS C 212 -26.37 36.65 64.33
C LYS C 212 -26.86 36.06 65.65
N GLU C 213 -27.87 35.20 65.66
CA GLU C 213 -28.30 34.66 66.95
C GLU C 213 -27.27 33.69 67.57
N LYS C 214 -26.70 32.81 66.73
CA LYS C 214 -25.67 31.86 67.19
C LYS C 214 -24.29 32.44 67.56
N LEU C 215 -23.80 33.42 66.79
CA LEU C 215 -22.43 33.95 67.02
C LEU C 215 -22.30 35.37 67.57
N CYS C 216 -23.36 36.11 67.83
CA CYS C 216 -23.15 37.47 68.35
C CYS C 216 -22.90 37.43 69.86
N TYR C 217 -21.77 37.99 70.27
CA TYR C 217 -21.38 38.00 71.68
C TYR C 217 -20.99 39.40 72.14
N VAL C 218 -21.10 39.67 73.43
CA VAL C 218 -20.69 40.96 73.94
C VAL C 218 -19.59 40.76 74.99
N ALA C 219 -18.48 41.49 74.84
CA ALA C 219 -17.34 41.35 75.75
C ALA C 219 -17.50 42.17 77.02
N LEU C 220 -16.92 41.67 78.12
CA LEU C 220 -16.98 42.35 79.41
C LEU C 220 -16.30 43.73 79.34
N ASP C 221 -15.17 43.76 78.63
CA ASP C 221 -14.42 45.01 78.40
C ASP C 221 -13.86 44.97 76.98
N PHE C 222 -14.31 45.88 76.13
CA PHE C 222 -13.88 45.93 74.72
C PHE C 222 -12.38 46.10 74.41
N GLU C 223 -11.68 47.07 75.01
CA GLU C 223 -10.28 47.27 74.62
C GLU C 223 -9.35 46.14 75.07
N GLN C 224 -9.55 45.62 76.28
CA GLN C 224 -8.74 44.52 76.79
C GLN C 224 -8.92 43.29 75.89
N GLU C 225 -10.18 43.11 75.48
CA GLU C 225 -10.62 42.01 74.62
C GLU C 225 -9.91 42.03 73.27
N MET C 226 -9.72 43.23 72.71
CA MET C 226 -9.06 43.42 71.41
C MET C 226 -7.62 42.87 71.43
N ALA C 227 -6.90 43.10 72.54
CA ALA C 227 -5.51 42.62 72.68
C ALA C 227 -5.45 41.08 72.68
N THR C 228 -6.40 40.46 73.37
CA THR C 228 -6.52 39.00 73.47
C THR C 228 -6.74 38.36 72.09
N ALA C 229 -7.56 39.04 71.30
CA ALA C 229 -7.96 38.63 69.95
C ALA C 229 -6.82 38.46 68.94
N ALA C 230 -5.81 39.31 69.02
CA ALA C 230 -4.67 39.28 68.07
C ALA C 230 -3.93 37.93 68.07
N SER C 231 -3.74 37.36 69.25
CA SER C 231 -3.05 36.06 69.38
C SER C 231 -3.89 34.90 68.81
N SER C 232 -5.22 35.11 68.76
CA SER C 232 -6.21 34.12 68.26
C SER C 232 -6.53 33.06 69.34
N SER C 233 -5.76 31.98 69.35
CA SER C 233 -5.96 30.89 70.31
C SER C 233 -7.39 30.31 70.27
N SER C 234 -8.13 30.44 71.37
CA SER C 234 -9.50 29.92 71.45
C SER C 234 -10.58 30.92 71.01
N LEU C 235 -10.17 32.13 70.61
CA LEU C 235 -11.13 33.14 70.17
C LEU C 235 -11.95 32.71 68.96
N GLU C 236 -11.30 32.06 67.99
CA GLU C 236 -11.98 31.65 66.77
C GLU C 236 -13.16 30.70 67.13
N LYS C 237 -14.33 30.93 66.56
CA LYS C 237 -15.51 30.10 66.88
C LYS C 237 -16.17 29.56 65.61
N SER C 238 -16.47 28.26 65.60
CA SER C 238 -17.10 27.58 64.43
C SER C 238 -18.56 27.96 64.16
N TYR C 239 -18.93 27.92 62.87
CA TYR C 239 -20.28 28.21 62.37
C TYR C 239 -20.64 27.37 61.13
N GLU C 240 -21.91 27.05 60.95
CA GLU C 240 -22.36 26.21 59.81
C GLU C 240 -22.96 26.98 58.61
N LEU C 241 -22.33 26.82 57.47
CA LEU C 241 -22.83 27.36 56.18
C LEU C 241 -23.57 26.25 55.46
N PRO C 242 -24.71 26.53 54.78
CA PRO C 242 -25.48 25.49 54.07
C PRO C 242 -24.64 24.59 53.14
N ASP C 243 -23.68 25.21 52.43
CA ASP C 243 -22.79 24.51 51.50
C ASP C 243 -21.82 23.52 52.20
N GLY C 244 -21.29 23.88 53.35
CA GLY C 244 -20.36 22.99 54.04
C GLY C 244 -19.15 23.70 54.66
N GLN C 245 -18.71 24.81 54.08
CA GLN C 245 -17.60 25.56 54.66
C GLN C 245 -18.00 26.23 55.96
N VAL C 246 -17.05 26.38 56.84
CA VAL C 246 -17.29 27.02 58.11
C VAL C 246 -16.52 28.34 58.14
N ILE C 247 -17.23 29.41 58.40
CA ILE C 247 -16.59 30.70 58.46
C ILE C 247 -16.25 31.00 59.89
N THR C 248 -14.96 31.12 60.13
CA THR C 248 -14.45 31.33 61.47
C THR C 248 -14.45 32.80 61.86
N ILE C 249 -15.00 33.07 63.02
CA ILE C 249 -15.09 34.42 63.57
C ILE C 249 -14.35 34.51 64.91
N GLY C 250 -13.35 35.38 64.98
CA GLY C 250 -12.56 35.50 66.22
C GLY C 250 -12.76 36.78 67.01
N ASN C 251 -12.26 37.92 66.50
CA ASN C 251 -12.42 39.18 67.23
C ASN C 251 -13.70 39.91 66.81
N GLU C 252 -14.43 39.31 65.89
CA GLU C 252 -15.70 39.85 65.40
C GLU C 252 -16.84 39.45 66.34
N ARG C 253 -16.51 38.53 67.26
CA ARG C 253 -17.49 38.00 68.22
C ARG C 253 -18.08 39.08 69.13
N PHE C 254 -17.21 40.00 69.54
CA PHE C 254 -17.62 41.11 70.43
C PHE C 254 -17.74 42.46 69.71
N ARG C 255 -16.95 42.65 68.67
CA ARG C 255 -16.94 43.92 67.91
C ARG C 255 -18.30 44.31 67.26
N CYS C 256 -19.04 43.36 66.70
CA CYS C 256 -20.35 43.65 66.06
C CYS C 256 -21.38 44.42 66.95
N PRO C 257 -21.67 43.93 68.19
CA PRO C 257 -22.59 44.59 69.16
C PRO C 257 -22.11 45.98 69.55
N GLU C 258 -20.80 46.13 69.50
CA GLU C 258 -20.09 47.35 69.86
C GLU C 258 -20.52 48.53 69.00
N ALA C 259 -20.98 48.27 67.79
CA ALA C 259 -21.41 49.34 66.89
C ALA C 259 -22.55 50.14 67.54
N LEU C 260 -23.47 49.46 68.22
CA LEU C 260 -24.56 50.17 68.93
C LEU C 260 -23.96 51.12 70.00
N PHE C 261 -23.03 50.57 70.77
CA PHE C 261 -22.31 51.28 71.85
C PHE C 261 -21.32 52.36 71.35
N GLN C 262 -20.63 52.04 70.26
CA GLN C 262 -19.58 52.88 69.65
C GLN C 262 -19.80 53.06 68.14
N PRO C 263 -20.70 53.99 67.78
CA PRO C 263 -21.09 54.30 66.38
C PRO C 263 -19.91 54.75 65.48
N SER C 264 -18.83 55.20 66.12
CA SER C 264 -17.64 55.69 65.41
C SER C 264 -17.09 54.65 64.41
N PHE C 265 -17.17 53.36 64.74
CA PHE C 265 -16.68 52.31 63.81
C PHE C 265 -17.42 52.37 62.46
N LEU C 266 -18.73 52.62 62.52
CA LEU C 266 -19.57 52.80 61.32
C LEU C 266 -19.14 53.98 60.47
N GLY C 267 -18.76 55.04 61.15
CA GLY C 267 -18.44 56.28 60.50
C GLY C 267 -19.38 57.38 60.96
N MET C 268 -20.09 57.09 62.04
CA MET C 268 -21.04 58.04 62.63
C MET C 268 -20.42 58.82 63.78
N GLU C 269 -20.76 60.10 63.78
CA GLU C 269 -20.30 61.03 64.80
C GLU C 269 -21.29 61.06 65.96
N SER C 270 -22.37 60.30 65.81
CA SER C 270 -23.46 60.21 66.79
C SER C 270 -23.05 59.47 68.08
N CYS C 271 -23.68 59.87 69.18
CA CYS C 271 -23.44 59.27 70.50
C CYS C 271 -23.99 57.84 70.57
N GLY C 272 -23.35 57.00 71.38
CA GLY C 272 -23.80 55.61 71.54
C GLY C 272 -25.22 55.50 72.08
N ILE C 273 -25.92 54.44 71.69
CA ILE C 273 -27.31 54.24 72.12
C ILE C 273 -27.48 54.13 73.65
N HIS C 274 -26.57 53.45 74.34
CA HIS C 274 -26.67 53.33 75.80
C HIS C 274 -26.63 54.74 76.43
N GLU C 275 -25.78 55.58 75.88
CA GLU C 275 -25.65 57.00 76.27
C GLU C 275 -26.97 57.74 76.02
N THR C 276 -27.60 57.40 74.89
CA THR C 276 -28.87 58.02 74.49
C THR C 276 -29.95 57.76 75.55
N THR C 277 -29.96 56.55 76.11
CA THR C 277 -30.90 56.21 77.18
C THR C 277 -30.65 57.11 78.39
N PHE C 278 -29.37 57.34 78.67
CA PHE C 278 -28.92 58.22 79.76
C PHE C 278 -29.43 59.66 79.61
N ASN C 279 -29.42 60.19 78.38
CA ASN C 279 -29.92 61.56 78.15
C ASN C 279 -31.40 61.68 78.54
N SER C 280 -32.18 60.65 78.24
CA SER C 280 -33.60 60.65 78.60
C SER C 280 -33.78 60.77 80.12
N ILE C 281 -32.91 60.06 80.87
CA ILE C 281 -32.94 60.07 82.33
C ILE C 281 -32.57 61.46 82.90
N MET C 282 -31.58 62.11 82.27
CA MET C 282 -31.13 63.46 82.67
C MET C 282 -32.26 64.49 82.57
N LYS C 283 -33.04 64.34 81.51
CA LYS C 283 -34.20 65.21 81.21
C LYS C 283 -35.34 64.98 82.22
N CYS C 284 -35.41 63.74 82.71
CA CYS C 284 -36.44 63.28 83.65
C CYS C 284 -36.31 63.88 85.06
N ASP C 285 -37.41 63.83 85.80
CA ASP C 285 -37.47 64.38 87.15
C ASP C 285 -36.42 63.70 88.04
N VAL C 286 -35.68 64.55 88.75
CA VAL C 286 -34.55 64.15 89.60
C VAL C 286 -34.92 63.18 90.74
N ASP C 287 -36.05 63.42 91.39
CA ASP C 287 -36.50 62.59 92.52
C ASP C 287 -36.70 61.12 92.12
N ILE C 288 -37.25 60.88 90.93
CA ILE C 288 -37.55 59.52 90.49
C ILE C 288 -36.38 58.85 89.75
N ARG C 289 -35.25 59.56 89.59
CA ARG C 289 -34.10 58.98 88.88
C ARG C 289 -33.56 57.71 89.55
N LYS C 290 -33.50 57.68 90.88
CA LYS C 290 -33.01 56.48 91.58
C LYS C 290 -33.93 55.29 91.33
N ASP C 291 -35.23 55.55 91.35
CA ASP C 291 -36.22 54.50 91.07
C ASP C 291 -36.06 53.95 89.65
N LEU C 292 -35.78 54.86 88.70
CA LEU C 292 -35.62 54.48 87.29
C LEU C 292 -34.48 53.49 87.08
N TYR C 293 -33.37 53.70 87.80
CA TYR C 293 -32.23 52.80 87.70
C TYR C 293 -32.60 51.36 88.09
N ALA C 294 -33.42 51.23 89.13
CA ALA C 294 -33.86 49.91 89.59
C ALA C 294 -35.01 49.35 88.74
N ASN C 295 -35.58 50.18 87.88
CA ASN C 295 -36.72 49.79 87.03
C ASN C 295 -36.35 49.53 85.54
N THR C 296 -35.08 49.46 85.20
CA THR C 296 -34.66 49.27 83.79
C THR C 296 -34.95 47.85 83.23
N VAL C 297 -35.58 47.79 82.05
CA VAL C 297 -35.93 46.50 81.39
C VAL C 297 -35.29 46.33 79.98
N LEU C 298 -34.63 45.20 79.73
CA LEU C 298 -34.06 44.93 78.39
C LEU C 298 -34.92 43.91 77.63
N SER C 299 -35.54 44.31 76.52
CA SER C 299 -36.39 43.39 75.73
C SER C 299 -36.28 43.50 74.20
N GLY C 300 -36.58 42.40 73.51
CA GLY C 300 -36.66 42.41 72.05
C GLY C 300 -35.49 41.93 71.20
N GLY C 301 -35.83 41.86 69.90
CA GLY C 301 -35.00 41.44 68.76
C GLY C 301 -33.58 40.94 68.99
N THR C 302 -32.64 41.86 69.18
CA THR C 302 -31.23 41.48 69.31
C THR C 302 -30.60 41.64 70.70
N THR C 303 -31.42 41.85 71.73
CA THR C 303 -30.88 41.95 73.11
C THR C 303 -30.44 40.59 73.63
N MET C 304 -30.78 39.55 72.89
CA MET C 304 -30.50 38.18 73.27
C MET C 304 -29.05 37.73 72.98
N TYR C 305 -28.18 38.67 72.58
CA TYR C 305 -26.75 38.35 72.37
C TYR C 305 -26.16 38.08 73.75
N PRO C 306 -25.43 36.97 74.00
CA PRO C 306 -24.92 36.75 75.34
C PRO C 306 -23.82 37.73 75.72
N GLY C 307 -23.79 38.06 77.00
CA GLY C 307 -22.81 39.00 77.52
C GLY C 307 -23.30 40.44 77.47
N ILE C 308 -24.43 40.70 76.79
CA ILE C 308 -24.97 42.06 76.66
C ILE C 308 -25.36 42.65 78.02
N ALA C 309 -25.95 41.81 78.87
CA ALA C 309 -26.35 42.25 80.21
C ALA C 309 -25.14 42.71 81.02
N ASP C 310 -24.04 41.98 80.88
CA ASP C 310 -22.81 42.32 81.59
C ASP C 310 -22.22 43.66 81.14
N ARG C 311 -22.27 43.91 79.83
CA ARG C 311 -21.76 45.17 79.28
C ARG C 311 -22.57 46.39 79.72
N MET C 312 -23.89 46.23 79.77
CA MET C 312 -24.78 47.32 80.13
C MET C 312 -24.52 47.86 81.53
N GLN C 313 -24.25 46.96 82.45
CA GLN C 313 -23.98 47.35 83.83
C GLN C 313 -22.74 48.26 83.91
N LYS C 314 -21.68 47.86 83.20
CA LYS C 314 -20.42 48.64 83.15
C LYS C 314 -20.55 50.05 82.61
N GLU C 315 -21.20 50.21 81.45
CA GLU C 315 -21.35 51.53 80.86
C GLU C 315 -22.26 52.45 81.66
N ILE C 316 -23.35 51.91 82.19
CA ILE C 316 -24.26 52.72 83.00
C ILE C 316 -23.56 53.22 84.27
N THR C 317 -22.75 52.36 84.88
CA THR C 317 -22.00 52.73 86.08
C THR C 317 -21.03 53.88 85.79
N ALA C 318 -20.38 53.83 84.63
CA ALA C 318 -19.44 54.89 84.23
C ALA C 318 -20.19 56.20 83.89
N LEU C 319 -21.34 56.06 83.23
CA LEU C 319 -22.17 57.21 82.86
C LEU C 319 -22.84 57.88 84.07
N ALA C 320 -23.31 57.06 85.02
CA ALA C 320 -23.99 57.56 86.22
C ALA C 320 -23.06 58.31 87.20
N PRO C 321 -23.60 59.32 87.92
CA PRO C 321 -22.82 60.12 88.90
C PRO C 321 -22.03 59.31 89.94
N SER C 322 -22.65 58.22 90.46
CA SER C 322 -22.07 57.28 91.47
C SER C 322 -22.88 57.28 92.78
N THR C 323 -22.33 56.64 93.81
CA THR C 323 -22.97 56.57 95.15
C THR C 323 -24.38 55.90 95.17
N MET C 324 -24.81 55.29 94.07
CA MET C 324 -26.12 54.63 94.08
C MET C 324 -26.19 53.31 93.31
N LYS C 325 -27.22 52.56 93.68
CA LYS C 325 -27.55 51.24 93.14
C LYS C 325 -28.14 51.27 91.72
N ILE C 326 -27.60 50.41 90.86
CA ILE C 326 -28.12 50.27 89.49
C ILE C 326 -28.57 48.82 89.31
N LYS C 327 -29.84 48.63 89.00
CA LYS C 327 -30.38 47.27 88.85
C LYS C 327 -31.03 47.06 87.48
N ILE C 328 -30.72 45.94 86.86
CA ILE C 328 -31.27 45.61 85.55
C ILE C 328 -32.26 44.46 85.64
N ILE C 329 -33.42 44.66 85.07
CA ILE C 329 -34.48 43.65 85.09
C ILE C 329 -34.33 42.75 83.86
N ALA C 330 -34.13 41.47 84.11
CA ALA C 330 -33.91 40.51 83.03
C ALA C 330 -34.94 39.38 82.97
N PRO C 331 -35.97 39.53 82.12
CA PRO C 331 -36.97 38.50 81.90
C PRO C 331 -36.46 37.41 80.93
N PRO C 332 -36.57 36.12 81.30
CA PRO C 332 -36.12 34.98 80.48
C PRO C 332 -36.60 35.04 79.02
N GLU C 333 -37.84 35.46 78.85
CA GLU C 333 -38.50 35.53 77.55
C GLU C 333 -38.38 36.93 76.91
N ARG C 334 -37.25 37.61 77.11
CA ARG C 334 -37.07 39.00 76.61
C ARG C 334 -37.19 39.12 75.07
N LYS C 335 -36.73 38.15 74.29
CA LYS C 335 -36.88 38.22 72.83
C LYS C 335 -38.34 38.28 72.39
N TYR C 336 -39.17 37.50 73.04
CA TYR C 336 -40.58 37.44 72.69
C TYR C 336 -41.44 38.28 73.64
N SER C 337 -40.81 39.07 74.51
CA SER C 337 -41.55 39.85 75.52
C SER C 337 -42.53 40.83 74.90
N VAL C 338 -42.14 41.48 73.83
CA VAL C 338 -43.03 42.43 73.16
C VAL C 338 -44.31 41.74 72.68
N TRP C 339 -44.16 40.62 71.97
CA TRP C 339 -45.31 39.87 71.47
C TRP C 339 -46.09 39.20 72.62
N ILE C 340 -45.35 38.68 73.60
CA ILE C 340 -45.91 37.96 74.74
C ILE C 340 -46.87 38.82 75.57
N GLY C 341 -46.50 40.08 75.79
CA GLY C 341 -47.38 40.95 76.55
C GLY C 341 -48.73 41.13 75.88
N GLY C 342 -48.72 41.25 74.56
CA GLY C 342 -49.97 41.39 73.82
C GLY C 342 -50.84 40.12 73.77
N SER C 343 -50.20 38.97 73.61
CA SER C 343 -50.91 37.68 73.50
C SER C 343 -51.78 37.24 74.70
N ILE C 344 -51.24 37.33 75.91
CA ILE C 344 -51.96 36.87 77.11
C ILE C 344 -53.24 37.64 77.50
N LEU C 345 -53.22 38.96 77.48
CA LEU C 345 -54.40 39.71 77.91
C LEU C 345 -55.39 40.01 76.77
N ALA C 346 -55.59 39.06 75.88
CA ALA C 346 -56.53 39.28 74.78
C ALA C 346 -57.77 38.35 74.82
N SER C 347 -57.82 37.37 75.73
CA SER C 347 -58.98 36.44 75.76
C SER C 347 -59.57 36.08 77.15
N LEU C 348 -59.22 36.76 78.25
CA LEU C 348 -59.70 36.30 79.59
C LEU C 348 -61.23 36.25 79.79
N SER C 349 -61.93 37.34 79.46
CA SER C 349 -63.40 37.47 79.64
C SER C 349 -63.73 38.92 80.00
N THR C 350 -62.86 39.51 80.83
CA THR C 350 -63.02 40.89 81.24
C THR C 350 -62.30 41.79 80.25
N PHE C 351 -61.65 41.16 79.30
CA PHE C 351 -61.02 41.87 78.22
C PHE C 351 -62.06 41.98 77.08
N GLN C 352 -63.17 41.25 77.25
CA GLN C 352 -64.33 41.35 76.36
C GLN C 352 -65.03 42.68 76.47
N GLN C 353 -65.12 43.14 77.71
CA GLN C 353 -65.74 44.41 78.05
C GLN C 353 -65.01 45.59 77.38
N MET C 354 -63.68 45.48 77.37
CA MET C 354 -62.75 46.50 76.86
C MET C 354 -62.51 46.53 75.33
N TRP C 355 -62.86 45.48 74.59
CA TRP C 355 -62.63 45.45 73.12
C TRP C 355 -63.32 46.55 72.33
N ILE C 356 -62.60 47.04 71.33
CA ILE C 356 -63.15 48.00 70.41
C ILE C 356 -63.75 47.15 69.29
N SER C 357 -65.04 47.28 69.09
CA SER C 357 -65.73 46.44 68.11
C SER C 357 -66.08 47.14 66.83
N LYS C 358 -66.32 46.33 65.81
CA LYS C 358 -66.71 46.80 64.49
C LYS C 358 -68.03 47.59 64.57
N GLN C 359 -68.94 47.08 65.38
CA GLN C 359 -70.25 47.70 65.56
C GLN C 359 -70.13 49.13 66.11
N GLU C 360 -69.22 49.34 67.06
CA GLU C 360 -68.97 50.66 67.64
C GLU C 360 -68.42 51.66 66.61
N TYR C 361 -67.52 51.20 65.75
CA TYR C 361 -66.90 52.04 64.72
C TYR C 361 -67.94 52.63 63.76
N ASP C 362 -68.91 51.82 63.39
CA ASP C 362 -69.97 52.25 62.49
C ASP C 362 -70.73 53.44 63.08
N GLU C 363 -71.00 53.41 64.38
CA GLU C 363 -71.72 54.50 65.03
C GLU C 363 -70.89 55.80 65.14
N SER C 364 -69.97 55.84 66.11
CA SER C 364 -69.10 57.03 66.31
C SER C 364 -68.16 57.37 65.14
N GLY C 365 -67.59 56.34 64.50
CA GLY C 365 -66.65 56.58 63.40
C GLY C 365 -65.18 56.48 63.83
N PRO C 366 -64.26 57.16 63.10
CA PRO C 366 -62.80 57.18 63.40
C PRO C 366 -62.45 57.74 64.78
N SER C 367 -63.30 58.65 65.25
CA SER C 367 -63.14 59.35 66.54
C SER C 367 -63.12 58.42 67.78
N ILE C 368 -63.72 57.25 67.66
CA ILE C 368 -63.85 56.31 68.78
C ILE C 368 -62.52 55.82 69.40
N VAL C 369 -61.48 55.57 68.60
CA VAL C 369 -60.22 55.07 69.16
C VAL C 369 -59.60 56.05 70.18
N HIS C 370 -59.63 57.35 69.90
CA HIS C 370 -59.10 58.36 70.85
C HIS C 370 -59.87 58.38 72.19
N ARG C 371 -61.19 58.26 72.09
CA ARG C 371 -62.10 58.39 73.24
C ARG C 371 -62.07 57.28 74.33
N LYS C 372 -61.95 55.99 73.98
CA LYS C 372 -62.01 54.95 75.03
C LYS C 372 -60.69 54.55 75.68
N CYS C 373 -59.56 55.09 75.25
CA CYS C 373 -58.32 54.68 75.92
C CYS C 373 -58.00 55.63 77.06
N PHE C 374 -58.14 55.10 78.28
CA PHE C 374 -57.90 55.84 79.52
C PHE C 374 -58.91 56.98 79.73
N ASP D 1 18.18 59.15 39.65
CA ASP D 1 19.47 58.44 39.78
C ASP D 1 20.32 58.96 40.95
N ASP D 2 20.36 58.17 42.05
CA ASP D 2 21.24 58.40 43.25
C ASP D 2 20.57 58.85 44.58
N ASP D 3 19.86 59.99 44.63
CA ASP D 3 19.34 60.48 45.94
C ASP D 3 18.38 59.53 46.67
N ILE D 4 17.46 58.96 45.89
CA ILE D 4 16.41 57.99 46.29
C ILE D 4 15.22 58.18 45.36
N ALA D 5 15.35 57.59 44.18
CA ALA D 5 14.39 57.72 43.08
C ALA D 5 12.99 57.25 43.43
N ALA D 6 12.85 56.42 44.45
CA ALA D 6 11.53 55.94 44.90
C ALA D 6 10.93 54.90 43.96
N LEU D 7 10.96 53.67 44.41
CA LEU D 7 10.40 52.55 43.67
C LEU D 7 8.97 52.39 44.11
N VAL D 8 8.05 52.47 43.19
CA VAL D 8 6.66 52.35 43.57
C VAL D 8 6.07 51.05 43.08
N VAL D 9 5.54 50.26 44.00
CA VAL D 9 4.91 49.00 43.64
C VAL D 9 3.41 49.12 43.84
N ASP D 10 2.68 48.94 42.76
CA ASP D 10 1.23 49.04 42.79
C ASP D 10 0.61 47.64 42.78
N ASN D 11 -0.14 47.33 43.83
CA ASN D 11 -0.73 46.01 43.98
C ASN D 11 -2.26 46.02 43.87
N GLY D 12 -2.77 44.97 43.23
CA GLY D 12 -4.20 44.79 43.03
C GLY D 12 -4.50 43.33 42.73
N SER D 13 -5.74 43.02 42.34
CA SER D 13 -6.11 41.62 42.04
C SER D 13 -5.26 41.07 40.89
N GLY D 14 -5.03 41.90 39.89
CA GLY D 14 -4.22 41.51 38.75
C GLY D 14 -3.68 42.72 37.99
N MET D 15 -2.77 42.47 37.04
CA MET D 15 -2.19 43.57 36.24
C MET D 15 -1.45 44.61 37.10
N CYS D 16 -0.57 44.14 37.98
CA CYS D 16 0.21 45.00 38.89
C CYS D 16 1.27 45.80 38.10
N LYS D 17 1.74 46.91 38.68
CA LYS D 17 2.71 47.76 37.97
C LYS D 17 3.69 48.51 38.92
N ALA D 18 4.82 48.97 38.35
CA ALA D 18 5.88 49.64 39.12
C ALA D 18 6.76 50.60 38.28
N GLY D 19 7.47 51.52 38.94
CA GLY D 19 8.34 52.48 38.23
C GLY D 19 9.28 53.31 39.13
N PHE D 20 9.60 54.52 38.66
CA PHE D 20 10.52 55.46 39.35
C PHE D 20 9.89 56.86 39.47
N ALA D 21 10.33 57.66 40.45
CA ALA D 21 9.79 59.02 40.66
C ALA D 21 10.21 60.00 39.54
N GLY D 22 9.34 60.99 39.33
CA GLY D 22 9.56 61.97 38.27
C GLY D 22 8.94 61.53 36.96
N ASP D 23 8.50 60.28 36.93
CA ASP D 23 7.86 59.69 35.75
C ASP D 23 6.39 60.12 35.63
N ASP D 24 5.89 60.06 34.41
CA ASP D 24 4.51 60.44 34.12
C ASP D 24 3.59 59.22 34.07
N ALA D 25 4.18 58.05 34.22
CA ALA D 25 3.47 56.76 34.19
C ALA D 25 4.41 55.64 34.63
N PRO D 26 3.90 54.46 35.06
CA PRO D 26 4.82 53.38 35.47
C PRO D 26 5.59 52.77 34.31
N ARG D 27 6.82 52.36 34.59
CA ARG D 27 7.70 51.76 33.59
C ARG D 27 7.29 50.34 33.14
N ALA D 28 6.83 49.51 34.08
CA ALA D 28 6.46 48.13 33.73
C ALA D 28 5.18 47.64 34.42
N VAL D 29 4.41 46.84 33.67
CA VAL D 29 3.15 46.24 34.14
C VAL D 29 3.17 44.71 33.95
N PHE D 30 2.84 43.93 34.98
CA PHE D 30 2.85 42.47 34.83
C PHE D 30 1.63 41.79 35.49
N PRO D 31 1.30 40.55 35.06
CA PRO D 31 0.18 39.77 35.63
C PRO D 31 0.44 39.28 37.06
N SER D 32 -0.61 39.14 37.86
CA SER D 32 -0.41 38.63 39.21
C SER D 32 -0.90 37.18 39.33
N ILE D 33 -0.01 36.24 39.01
CA ILE D 33 -0.30 34.82 39.12
C ILE D 33 0.91 34.04 39.65
N VAL D 34 0.67 33.01 40.44
CA VAL D 34 1.73 32.15 40.97
C VAL D 34 1.40 30.68 40.71
N GLY D 35 2.34 29.90 40.15
CA GLY D 35 2.01 28.51 39.84
C GLY D 35 2.94 27.44 40.41
N ARG D 36 2.30 26.36 40.87
CA ARG D 36 2.95 25.16 41.45
C ARG D 36 2.22 23.91 40.91
N PRO D 37 2.74 22.66 41.01
CA PRO D 37 2.09 21.48 40.36
C PRO D 37 0.59 21.24 40.58
N ARG D 38 -0.10 21.03 39.45
CA ARG D 38 -1.53 20.70 39.35
C ARG D 38 -1.76 19.43 38.54
N HIS D 39 -2.69 18.57 38.98
CA HIS D 39 -3.02 17.35 38.23
C HIS D 39 -1.75 16.47 38.08
N GLN D 40 -1.00 16.43 39.18
CA GLN D 40 0.29 15.71 39.31
C GLN D 40 1.39 16.25 38.36
N GLY D 41 1.19 17.45 37.82
CA GLY D 41 2.19 18.05 36.91
C GLY D 41 2.05 17.75 35.39
N VAL D 42 1.16 16.83 35.00
CA VAL D 42 0.90 16.50 33.55
C VAL D 42 1.78 15.38 32.89
N MET D 43 2.57 14.62 33.70
CA MET D 43 3.35 13.44 33.20
C MET D 43 4.84 13.58 32.81
N VAL D 44 5.57 12.54 33.31
CA VAL D 44 7.01 12.27 33.09
C VAL D 44 8.07 13.21 33.72
N GLY D 45 8.47 12.86 34.95
CA GLY D 45 9.54 13.59 35.65
C GLY D 45 9.08 14.75 36.52
N MET D 46 8.22 14.50 37.51
CA MET D 46 7.74 15.59 38.34
C MET D 46 8.40 15.73 39.71
N GLY D 47 8.62 16.99 40.03
CA GLY D 47 9.24 17.42 41.27
C GLY D 47 9.68 18.87 41.12
N GLN D 48 10.64 19.05 40.19
CA GLN D 48 11.28 20.34 39.76
C GLN D 48 11.02 21.62 40.58
N LYS D 49 11.45 22.73 40.00
CA LYS D 49 11.25 24.03 40.61
C LYS D 49 10.07 24.72 39.96
N ASP D 50 9.06 25.00 40.75
CA ASP D 50 7.88 25.66 40.25
C ASP D 50 7.28 26.63 41.27
N SER D 51 7.28 27.85 40.82
CA SER D 51 6.73 29.01 41.50
C SER D 51 7.00 30.14 40.52
N TYR D 52 6.14 30.24 39.54
CA TYR D 52 6.35 31.22 38.50
C TYR D 52 5.49 32.45 38.70
N VAL D 53 6.14 33.60 38.67
CA VAL D 53 5.47 34.88 38.81
C VAL D 53 5.72 35.72 37.56
N GLY D 54 4.67 36.25 36.99
CA GLY D 54 4.80 37.05 35.78
C GLY D 54 3.94 36.49 34.67
N ASP D 55 4.18 36.90 33.43
CA ASP D 55 3.37 36.38 32.32
C ASP D 55 3.98 35.11 31.71
N GLU D 56 5.15 34.69 32.20
CA GLU D 56 5.75 33.43 31.73
C GLU D 56 4.91 32.25 32.26
N ALA D 57 4.32 32.49 33.42
CA ALA D 57 3.45 31.54 34.11
C ALA D 57 2.12 31.35 33.40
N GLN D 58 1.69 32.38 32.67
CA GLN D 58 0.39 32.35 31.98
C GLN D 58 0.32 31.19 30.98
N SER D 59 1.40 31.02 30.22
CA SER D 59 1.52 29.90 29.27
C SER D 59 1.44 28.56 30.02
N LYS D 60 2.11 28.57 31.17
CA LYS D 60 2.27 27.41 32.07
C LYS D 60 1.05 27.16 32.97
N ARG D 61 -0.04 27.88 32.75
CA ARG D 61 -1.26 27.75 33.57
C ARG D 61 -1.85 26.34 33.55
N GLY D 62 -1.83 25.71 32.40
CA GLY D 62 -2.36 24.34 32.29
C GLY D 62 -1.62 23.33 33.19
N ILE D 63 -0.28 23.45 33.28
CA ILE D 63 0.51 22.51 34.08
C ILE D 63 0.84 23.00 35.52
N LEU D 64 0.56 24.27 35.84
CA LEU D 64 0.77 24.80 37.21
C LEU D 64 -0.52 25.37 37.82
N THR D 65 -0.72 25.12 39.10
CA THR D 65 -1.87 25.63 39.83
C THR D 65 -1.65 27.10 40.13
N LEU D 66 -2.60 27.95 39.83
CA LEU D 66 -2.43 29.36 40.12
C LEU D 66 -3.20 29.78 41.35
N LYS D 67 -2.49 30.49 42.21
CA LYS D 67 -3.06 31.00 43.45
C LYS D 67 -2.95 32.51 43.41
N TYR D 68 -3.98 33.20 43.89
CA TYR D 68 -3.96 34.66 43.86
C TYR D 68 -3.45 35.23 45.18
N PRO D 69 -2.25 35.85 45.14
CA PRO D 69 -1.63 36.48 46.30
C PRO D 69 -2.52 37.59 46.86
N ILE D 70 -3.26 38.18 45.93
CA ILE D 70 -4.16 39.26 46.23
C ILE D 70 -5.58 38.87 45.85
N GLU D 71 -6.51 38.85 46.78
CA GLU D 71 -7.86 38.56 46.39
C GLU D 71 -8.68 39.83 46.56
N HIS D 72 -9.06 40.39 45.43
CA HIS D 72 -9.87 41.60 45.36
C HIS D 72 -9.36 42.78 46.24
N GLY D 73 -8.05 43.09 46.12
CA GLY D 73 -7.46 44.21 46.86
C GLY D 73 -6.77 43.89 48.20
N ILE D 74 -6.79 42.65 48.65
CA ILE D 74 -6.16 42.26 49.93
C ILE D 74 -5.26 41.01 49.76
N VAL D 75 -4.33 40.81 50.70
CA VAL D 75 -3.40 39.69 50.59
C VAL D 75 -3.72 38.65 51.65
N THR D 76 -4.04 37.44 51.20
CA THR D 76 -4.33 36.35 52.11
C THR D 76 -3.11 35.43 52.28
N ASN D 77 -2.41 35.17 51.18
CA ASN D 77 -1.21 34.33 51.24
C ASN D 77 0.05 35.15 50.99
N TRP D 78 0.83 35.30 52.05
CA TRP D 78 2.09 36.05 52.00
C TRP D 78 3.20 35.37 51.20
N ASP D 79 3.23 34.03 51.18
CA ASP D 79 4.29 33.30 50.47
C ASP D 79 4.31 33.64 48.98
N ASP D 80 3.12 33.75 48.38
CA ASP D 80 3.00 34.12 46.97
C ASP D 80 3.41 35.58 46.74
N MET D 81 3.01 36.44 47.67
CA MET D 81 3.28 37.87 47.62
C MET D 81 4.80 38.19 47.61
N GLU D 82 5.56 37.47 48.44
CA GLU D 82 7.01 37.68 48.52
C GLU D 82 7.71 37.41 47.18
N LYS D 83 7.25 36.37 46.47
CA LYS D 83 7.81 36.02 45.18
C LYS D 83 7.64 37.18 44.19
N ILE D 84 6.46 37.81 44.24
CA ILE D 84 6.16 38.95 43.37
C ILE D 84 7.12 40.12 43.62
N TRP D 85 7.41 40.42 44.88
CA TRP D 85 8.32 41.54 45.19
C TRP D 85 9.75 41.21 44.76
N HIS D 86 10.17 39.97 44.99
CA HIS D 86 11.49 39.51 44.56
C HIS D 86 11.65 39.63 43.05
N HIS D 87 10.61 39.15 42.36
CA HIS D 87 10.62 39.14 40.90
C HIS D 87 10.54 40.55 40.33
N THR D 88 9.72 41.42 40.95
CA THR D 88 9.58 42.80 40.47
C THR D 88 10.88 43.60 40.51
N PHE D 89 11.59 43.56 41.64
CA PHE D 89 12.86 44.29 41.74
C PHE D 89 13.98 43.70 40.89
N TYR D 90 14.26 42.44 41.15
CA TYR D 90 15.34 41.72 40.48
C TYR D 90 15.10 41.40 38.99
N ASN D 91 13.88 41.03 38.63
CA ASN D 91 13.61 40.65 37.23
C ASN D 91 12.82 41.67 36.40
N GLU D 92 11.80 42.31 36.96
CA GLU D 92 10.99 43.25 36.16
C GLU D 92 11.55 44.69 36.07
N LEU D 93 11.76 45.33 37.22
CA LEU D 93 12.38 46.66 37.30
C LEU D 93 13.88 46.67 36.94
N ARG D 94 14.56 45.59 37.37
CA ARG D 94 16.01 45.42 37.18
C ARG D 94 16.81 46.55 37.85
N VAL D 95 16.35 46.93 39.04
CA VAL D 95 16.99 47.95 39.87
C VAL D 95 17.16 47.43 41.30
N ALA D 96 18.31 47.70 41.92
CA ALA D 96 18.54 47.24 43.30
C ALA D 96 17.66 47.99 44.30
N PRO D 97 16.88 47.25 45.14
CA PRO D 97 16.01 47.84 46.16
C PRO D 97 16.75 48.68 47.20
N GLU D 98 17.98 48.29 47.44
CA GLU D 98 18.83 48.97 48.43
C GLU D 98 19.08 50.47 48.14
N GLU D 99 19.40 50.85 46.89
CA GLU D 99 19.57 52.27 46.57
C GLU D 99 18.25 53.08 46.59
N HIS D 100 17.18 52.48 46.07
CA HIS D 100 15.87 53.15 45.94
C HIS D 100 14.79 52.67 46.94
N PRO D 101 14.16 53.61 47.68
CA PRO D 101 13.10 53.30 48.66
C PRO D 101 11.83 52.84 47.95
N VAL D 102 11.02 51.99 48.58
CA VAL D 102 9.80 51.49 47.89
C VAL D 102 8.49 51.96 48.52
N LEU D 103 7.55 52.34 47.66
CA LEU D 103 6.22 52.78 48.10
C LEU D 103 5.21 51.71 47.72
N LEU D 104 4.40 51.29 48.68
CA LEU D 104 3.39 50.25 48.42
C LEU D 104 1.97 50.81 48.46
N THR D 105 1.16 50.46 47.47
CA THR D 105 -0.22 50.93 47.43
C THR D 105 -1.13 50.00 48.25
N GLU D 106 -2.30 50.49 48.64
CA GLU D 106 -3.24 49.70 49.42
C GLU D 106 -4.68 49.94 48.96
N ALA D 107 -5.53 48.95 49.19
CA ALA D 107 -6.95 49.07 48.90
C ALA D 107 -7.61 49.88 50.02
N PRO D 108 -8.68 50.64 49.74
CA PRO D 108 -9.37 51.42 50.78
C PRO D 108 -9.94 50.53 51.89
N LEU D 109 -9.82 51.00 53.14
CA LEU D 109 -10.28 50.25 54.31
C LEU D 109 -9.57 48.89 54.44
N ASN D 110 -8.25 48.95 54.28
CA ASN D 110 -7.35 47.80 54.38
C ASN D 110 -7.27 47.35 55.84
N PRO D 111 -7.44 46.02 56.13
CA PRO D 111 -7.44 45.54 57.52
C PRO D 111 -6.13 45.83 58.27
N LYS D 112 -6.30 46.11 59.56
CA LYS D 112 -5.21 46.49 60.45
C LYS D 112 -4.11 45.43 60.62
N ALA D 113 -4.48 44.15 60.71
CA ALA D 113 -3.48 43.08 60.88
C ALA D 113 -2.48 43.02 59.72
N ASN D 114 -2.98 43.20 58.51
CA ASN D 114 -2.14 43.20 57.30
C ASN D 114 -1.18 44.38 57.25
N ARG D 115 -1.68 45.55 57.67
CA ARG D 115 -0.89 46.79 57.61
C ARG D 115 0.39 46.74 58.43
N GLU D 116 0.34 46.17 59.63
CA GLU D 116 1.55 46.06 60.45
C GLU D 116 2.56 45.05 59.88
N LYS D 117 2.02 43.93 59.37
CA LYS D 117 2.87 42.85 58.84
C LYS D 117 3.58 43.18 57.52
N MET D 118 2.92 43.86 56.58
CA MET D 118 3.58 44.21 55.31
C MET D 118 4.81 45.08 55.56
N THR D 119 4.67 46.01 56.49
CA THR D 119 5.77 46.88 56.90
C THR D 119 6.92 46.04 57.46
N GLN D 120 6.54 45.03 58.24
CA GLN D 120 7.47 44.10 58.87
C GLN D 120 8.32 43.32 57.86
N ILE D 121 7.71 42.90 56.75
CA ILE D 121 8.44 42.14 55.75
C ILE D 121 9.47 43.00 54.99
N MET D 122 9.11 44.23 54.67
CA MET D 122 10.03 45.11 53.96
C MET D 122 11.32 45.40 54.73
N PHE D 123 11.18 45.66 56.01
CA PHE D 123 12.33 45.98 56.84
C PHE D 123 13.28 44.80 57.10
N GLU D 124 12.75 43.60 57.32
CA GLU D 124 13.62 42.46 57.58
C GLU D 124 13.90 41.56 56.37
N THR D 125 12.89 41.24 55.56
CA THR D 125 13.10 40.36 54.40
C THR D 125 13.92 41.01 53.27
N PHE D 126 13.63 42.27 52.94
CA PHE D 126 14.36 42.95 51.86
C PHE D 126 15.29 44.08 52.33
N ASN D 127 15.32 44.35 53.64
CA ASN D 127 16.17 45.41 54.21
C ASN D 127 16.02 46.77 53.47
N THR D 128 14.79 47.14 53.09
CA THR D 128 14.57 48.42 52.40
C THR D 128 14.73 49.62 53.34
N PRO D 129 15.54 50.65 52.95
CA PRO D 129 15.78 51.85 53.77
C PRO D 129 14.51 52.66 54.09
N ALA D 130 13.61 52.80 53.13
CA ALA D 130 12.38 53.56 53.36
C ALA D 130 11.17 53.00 52.58
N MET D 131 9.99 53.19 53.14
CA MET D 131 8.76 52.74 52.50
C MET D 131 7.55 53.57 52.95
N TYR D 132 6.48 53.55 52.17
CA TYR D 132 5.27 54.30 52.52
C TYR D 132 4.03 53.60 51.97
N VAL D 133 2.90 53.75 52.66
CA VAL D 133 1.66 53.10 52.22
C VAL D 133 0.64 54.17 51.80
N ALA D 134 0.07 54.01 50.61
CA ALA D 134 -0.86 54.99 50.03
C ALA D 134 -2.14 54.35 49.51
N ILE D 135 -3.19 55.15 49.34
CA ILE D 135 -4.48 54.66 48.86
C ILE D 135 -4.73 55.17 47.45
N GLN D 136 -5.09 54.23 46.58
CA GLN D 136 -5.27 54.52 45.15
C GLN D 136 -6.38 55.55 44.88
N ALA D 137 -7.48 55.45 45.62
CA ALA D 137 -8.59 56.40 45.45
C ALA D 137 -8.22 57.81 45.91
N VAL D 138 -7.49 57.89 47.03
CA VAL D 138 -7.07 59.19 47.59
C VAL D 138 -6.20 59.96 46.61
N LEU D 139 -5.21 59.27 46.06
CA LEU D 139 -4.29 59.88 45.11
C LEU D 139 -5.00 60.39 43.85
N SER D 140 -5.95 59.59 43.32
CA SER D 140 -6.68 60.02 42.11
C SER D 140 -7.47 61.32 42.29
N LEU D 141 -8.12 61.49 43.45
CA LEU D 141 -8.85 62.73 43.73
C LEU D 141 -7.84 63.86 43.92
N TYR D 142 -6.77 63.50 44.59
CA TYR D 142 -5.66 64.38 44.92
C TYR D 142 -4.99 64.91 43.65
N ALA D 143 -4.86 64.04 42.65
CA ALA D 143 -4.22 64.35 41.37
C ALA D 143 -4.92 65.48 40.62
N SER D 144 -6.23 65.49 40.67
CA SER D 144 -7.03 66.52 40.00
C SER D 144 -6.89 67.89 40.71
N GLY D 145 -6.27 67.87 41.89
CA GLY D 145 -6.08 69.10 42.67
C GLY D 145 -7.26 69.41 43.56
N ARG D 146 -8.13 68.43 43.73
CA ARG D 146 -9.33 68.58 44.54
C ARG D 146 -9.36 67.59 45.71
N THR D 147 -9.57 68.11 46.92
CA THR D 147 -9.61 67.28 48.14
C THR D 147 -11.03 66.87 48.55
N THR D 148 -12.03 67.58 48.06
CA THR D 148 -13.43 67.28 48.39
C THR D 148 -14.10 66.61 47.20
N GLY D 149 -14.66 65.41 47.40
CA GLY D 149 -15.32 64.76 46.28
C GLY D 149 -15.52 63.26 46.44
N ILE D 150 -15.93 62.64 45.35
CA ILE D 150 -16.15 61.21 45.30
C ILE D 150 -15.43 60.62 44.09
N VAL D 151 -14.67 59.57 44.31
CA VAL D 151 -13.93 58.96 43.23
C VAL D 151 -14.37 57.54 42.95
N MET D 152 -14.67 57.28 41.70
CA MET D 152 -15.00 55.94 41.29
C MET D 152 -13.71 55.43 40.66
N ASP D 153 -13.11 54.44 41.29
CA ASP D 153 -11.83 53.95 40.82
C ASP D 153 -11.92 52.64 40.08
N SER D 154 -11.49 52.66 38.84
CA SER D 154 -11.45 51.44 38.05
C SER D 154 -10.06 50.85 38.25
N GLY D 155 -9.96 49.87 39.09
CA GLY D 155 -8.67 49.27 39.35
C GLY D 155 -8.31 48.28 38.27
N ASP D 156 -7.05 47.89 38.24
CA ASP D 156 -6.60 46.92 37.26
C ASP D 156 -7.19 45.55 37.56
N GLY D 157 -7.61 45.37 38.81
CA GLY D 157 -8.20 44.11 39.23
C GLY D 157 -9.50 44.25 40.04
N VAL D 158 -9.65 45.34 40.80
CA VAL D 158 -10.85 45.55 41.64
C VAL D 158 -11.34 47.02 41.62
N THR D 159 -12.66 47.21 41.57
CA THR D 159 -13.25 48.57 41.55
C THR D 159 -13.83 48.98 42.92
N HIS D 160 -13.30 50.06 43.47
CA HIS D 160 -13.77 50.58 44.76
C HIS D 160 -14.30 52.01 44.68
N THR D 161 -15.38 52.25 45.40
CA THR D 161 -15.98 53.58 45.50
C THR D 161 -15.51 54.20 46.82
N VAL D 162 -14.83 55.33 46.76
CA VAL D 162 -14.27 55.93 47.99
C VAL D 162 -14.42 57.45 48.07
N PRO D 163 -15.58 57.98 48.50
CA PRO D 163 -15.73 59.43 48.66
C PRO D 163 -14.70 59.95 49.67
N ILE D 164 -14.02 61.03 49.31
CA ILE D 164 -12.97 61.60 50.16
C ILE D 164 -13.22 63.04 50.61
N TYR D 165 -13.31 63.28 51.91
CA TYR D 165 -13.45 64.65 52.37
C TYR D 165 -12.25 64.99 53.29
N GLU D 166 -11.42 65.94 52.85
CA GLU D 166 -10.22 66.38 53.60
C GLU D 166 -9.19 65.26 53.88
N GLY D 167 -8.97 64.39 52.90
CA GLY D 167 -7.97 63.34 53.05
C GLY D 167 -8.50 62.11 53.77
N TYR D 168 -9.69 62.24 54.33
CA TYR D 168 -10.33 61.16 55.06
C TYR D 168 -11.41 60.48 54.22
N ALA D 169 -11.32 59.17 54.11
CA ALA D 169 -12.30 58.40 53.36
C ALA D 169 -13.52 58.15 54.22
N LEU D 170 -14.69 58.04 53.61
CA LEU D 170 -15.90 57.81 54.39
C LEU D 170 -16.21 56.30 54.49
N PRO D 171 -16.06 55.74 55.71
CA PRO D 171 -16.29 54.30 55.97
C PRO D 171 -17.73 53.85 55.66
N HIS D 172 -18.66 54.78 55.82
CA HIS D 172 -20.08 54.49 55.59
C HIS D 172 -20.51 54.74 54.14
N ALA D 173 -19.58 55.18 53.31
CA ALA D 173 -19.87 55.45 51.90
C ALA D 173 -19.05 54.59 50.94
N ILE D 174 -18.35 53.58 51.46
CA ILE D 174 -17.51 52.73 50.62
C ILE D 174 -18.05 51.30 50.46
N LEU D 175 -18.13 50.85 49.21
CA LEU D 175 -18.59 49.50 48.88
C LEU D 175 -17.62 48.79 47.94
N ARG D 176 -17.55 47.47 48.06
CA ARG D 176 -16.65 46.67 47.23
C ARG D 176 -17.38 45.99 46.05
N LEU D 177 -16.94 46.27 44.83
CA LEU D 177 -17.52 45.63 43.65
C LEU D 177 -16.38 44.88 42.96
N ASP D 178 -16.63 43.64 42.56
CA ASP D 178 -15.54 42.80 42.03
C ASP D 178 -15.30 42.87 40.51
N LEU D 179 -16.04 43.66 39.78
CA LEU D 179 -15.80 43.74 38.33
C LEU D 179 -15.00 45.02 38.04
N ALA D 180 -13.80 44.88 37.46
CA ALA D 180 -12.92 46.05 37.20
C ALA D 180 -12.22 46.03 35.85
N GLY D 181 -11.17 45.21 35.72
CA GLY D 181 -10.44 45.15 34.46
C GLY D 181 -10.19 43.75 33.93
N ARG D 182 -9.50 42.91 34.71
CA ARG D 182 -9.21 41.54 34.27
C ARG D 182 -10.50 40.74 34.01
N ASP D 183 -11.49 40.94 34.88
CA ASP D 183 -12.77 40.25 34.77
C ASP D 183 -13.50 40.59 33.46
N LEU D 184 -13.43 41.87 33.05
CA LEU D 184 -14.02 42.30 31.78
C LEU D 184 -13.38 41.58 30.61
N THR D 185 -12.06 41.40 30.69
CA THR D 185 -11.34 40.72 29.63
C THR D 185 -11.87 39.29 29.47
N ASP D 186 -12.13 38.61 30.59
CA ASP D 186 -12.72 37.27 30.57
C ASP D 186 -14.11 37.35 29.87
N TYR D 187 -14.89 38.34 30.31
CA TYR D 187 -16.23 38.61 29.76
C TYR D 187 -16.26 38.92 28.27
N LEU D 188 -15.34 39.74 27.82
CA LEU D 188 -15.28 40.11 26.40
C LEU D 188 -15.08 38.87 25.55
N MET D 189 -14.17 38.00 25.98
CA MET D 189 -13.93 36.74 25.29
C MET D 189 -15.19 35.87 25.26
N LYS D 190 -15.89 35.84 26.40
CA LYS D 190 -17.10 35.05 26.56
C LYS D 190 -18.22 35.42 25.57
N ILE D 191 -18.42 36.72 25.33
CA ILE D 191 -19.46 37.15 24.39
C ILE D 191 -19.00 37.01 22.94
N LEU D 192 -17.69 37.16 22.73
CA LEU D 192 -17.07 37.00 21.42
C LEU D 192 -17.31 35.58 20.89
N THR D 193 -17.17 34.63 21.82
CA THR D 193 -17.37 33.21 21.57
C THR D 193 -18.80 32.91 21.09
N GLU D 194 -19.77 33.60 21.70
CA GLU D 194 -21.19 33.40 21.40
C GLU D 194 -21.52 33.68 19.93
N ARG D 195 -20.93 34.73 19.36
CA ARG D 195 -21.18 35.08 17.96
C ARG D 195 -20.75 33.95 16.99
N GLY D 196 -19.60 33.33 17.27
CA GLY D 196 -19.11 32.27 16.40
C GLY D 196 -17.59 32.18 16.30
N TYR D 197 -16.87 32.51 17.36
CA TYR D 197 -15.40 32.46 17.32
C TYR D 197 -14.89 31.48 18.40
N SER D 198 -13.86 30.70 18.06
CA SER D 198 -13.39 29.64 18.95
C SER D 198 -12.37 30.03 20.04
N PHE D 199 -12.84 30.01 21.29
CA PHE D 199 -11.98 30.20 22.47
C PHE D 199 -12.23 29.05 23.44
N THR D 200 -11.28 28.13 23.60
CA THR D 200 -11.46 26.98 24.52
C THR D 200 -10.29 26.77 25.50
N THR D 201 -9.24 27.55 25.34
CA THR D 201 -8.02 27.40 26.15
C THR D 201 -7.57 28.74 26.74
N THR D 202 -7.06 28.67 27.97
CA THR D 202 -6.63 29.85 28.72
C THR D 202 -5.45 30.60 28.07
N ALA D 203 -4.71 29.91 27.20
CA ALA D 203 -3.57 30.48 26.48
C ALA D 203 -3.94 31.70 25.61
N GLU D 204 -5.10 31.64 24.95
CA GLU D 204 -5.52 32.73 24.04
C GLU D 204 -6.37 33.80 24.76
N ARG D 205 -6.59 33.61 26.06
CA ARG D 205 -7.31 34.59 26.89
C ARG D 205 -6.60 35.95 26.91
N GLU D 206 -5.29 35.90 26.98
CA GLU D 206 -4.44 37.09 26.98
C GLU D 206 -4.61 37.92 25.71
N ILE D 207 -4.89 37.25 24.59
CA ILE D 207 -5.03 37.90 23.29
C ILE D 207 -6.16 38.95 23.30
N VAL D 208 -7.28 38.63 23.95
CA VAL D 208 -8.40 39.57 24.02
C VAL D 208 -8.04 40.86 24.80
N ARG D 209 -6.98 40.82 25.65
CA ARG D 209 -6.58 42.02 26.40
C ARG D 209 -6.21 43.15 25.43
N ASP D 210 -5.51 42.76 24.36
CA ASP D 210 -5.11 43.69 23.31
C ASP D 210 -6.37 44.28 22.68
N ILE D 211 -7.35 43.40 22.50
CA ILE D 211 -8.65 43.75 21.95
C ILE D 211 -9.34 44.80 22.83
N LYS D 212 -9.22 44.63 24.14
CA LYS D 212 -9.89 45.50 25.09
C LYS D 212 -9.51 46.98 24.99
N GLU D 213 -8.22 47.34 24.98
CA GLU D 213 -7.91 48.76 24.87
C GLU D 213 -8.24 49.35 23.49
N LYS D 214 -7.91 48.61 22.42
CA LYS D 214 -8.21 49.04 21.05
C LYS D 214 -9.69 49.05 20.61
N LEU D 215 -10.46 48.03 21.02
CA LEU D 215 -11.86 47.90 20.57
C LEU D 215 -12.98 48.15 21.58
N CYS D 216 -12.71 48.46 22.83
CA CYS D 216 -13.84 48.66 23.74
C CYS D 216 -14.38 50.08 23.61
N TYR D 217 -15.68 50.17 23.32
CA TYR D 217 -16.34 51.46 23.11
C TYR D 217 -17.61 51.57 23.96
N VAL D 218 -18.02 52.78 24.27
CA VAL D 218 -19.27 52.97 25.01
C VAL D 218 -20.23 53.82 24.16
N ALA D 219 -21.46 53.34 24.02
CA ALA D 219 -22.47 54.03 23.20
C ALA D 219 -23.18 55.15 23.96
N LEU D 220 -23.58 56.20 23.23
CA LEU D 220 -24.29 57.32 23.84
C LEU D 220 -25.62 56.88 24.44
N ASP D 221 -26.30 55.98 23.73
CA ASP D 221 -27.56 55.39 24.19
C ASP D 221 -27.60 53.91 23.76
N PHE D 222 -27.62 53.01 24.72
CA PHE D 222 -27.59 51.56 24.45
C PHE D 222 -28.73 50.96 23.61
N GLU D 223 -29.99 51.23 23.93
CA GLU D 223 -31.07 50.57 23.16
C GLU D 223 -31.19 51.04 21.70
N GLN D 224 -31.02 52.34 21.48
CA GLN D 224 -31.08 52.89 20.12
C GLN D 224 -29.96 52.29 19.27
N GLU D 225 -28.81 52.16 19.93
CA GLU D 225 -27.58 51.61 19.36
C GLU D 225 -27.77 50.17 18.87
N MET D 226 -28.52 49.38 19.66
CA MET D 226 -28.78 47.97 19.33
C MET D 226 -29.52 47.82 18.00
N ALA D 227 -30.48 48.71 17.74
CA ALA D 227 -31.24 48.69 16.49
C ALA D 227 -30.36 48.98 15.26
N THR D 228 -29.44 49.92 15.42
CA THR D 228 -28.48 50.32 14.39
C THR D 228 -27.57 49.14 13.99
N ALA D 229 -27.18 48.40 15.02
CA ALA D 229 -26.27 47.24 14.93
C ALA D 229 -26.76 46.09 14.04
N ALA D 230 -28.05 45.83 14.03
CA ALA D 230 -28.64 44.71 13.27
C ALA D 230 -28.36 44.83 11.76
N SER D 231 -28.45 46.04 11.22
CA SER D 231 -28.19 46.28 9.79
C SER D 231 -26.70 46.10 9.43
N SER D 232 -25.84 46.26 10.44
CA SER D 232 -24.37 46.14 10.29
C SER D 232 -23.75 47.43 9.72
N SER D 233 -23.65 47.50 8.40
CA SER D 233 -23.09 48.67 7.72
C SER D 233 -21.66 48.99 8.20
N SER D 234 -21.47 50.17 8.80
CA SER D 234 -20.15 50.59 9.29
C SER D 234 -19.84 50.18 10.73
N LEU D 235 -20.79 49.50 11.38
CA LEU D 235 -20.59 49.06 12.77
C LEU D 235 -19.41 48.10 12.94
N GLU D 236 -19.24 47.19 12.00
CA GLU D 236 -18.15 46.21 12.08
C GLU D 236 -16.79 46.93 12.11
N LYS D 237 -15.91 46.55 13.04
CA LYS D 237 -14.61 47.23 13.15
C LYS D 237 -13.45 46.22 13.15
N SER D 238 -12.43 46.51 12.34
CA SER D 238 -11.25 45.63 12.19
C SER D 238 -10.32 45.55 13.42
N TYR D 239 -9.68 44.38 13.58
CA TYR D 239 -8.73 44.09 14.66
C TYR D 239 -7.62 43.11 14.20
N GLU D 240 -6.43 43.24 14.78
CA GLU D 240 -5.29 42.37 14.40
C GLU D 240 -5.00 41.18 15.34
N LEU D 241 -5.08 39.98 14.77
CA LEU D 241 -4.71 38.74 15.48
C LEU D 241 -3.27 38.37 15.08
N PRO D 242 -2.44 37.88 16.01
CA PRO D 242 -1.03 37.52 15.69
C PRO D 242 -0.88 36.63 14.44
N ASP D 243 -1.79 35.67 14.28
CA ASP D 243 -1.77 34.74 13.14
C ASP D 243 -2.06 35.42 11.78
N GLY D 244 -2.99 36.37 11.74
CA GLY D 244 -3.31 37.03 10.48
C GLY D 244 -4.80 37.28 10.27
N GLN D 245 -5.66 36.43 10.82
CA GLN D 245 -7.11 36.66 10.69
C GLN D 245 -7.55 37.86 11.50
N VAL D 246 -8.58 38.51 11.03
CA VAL D 246 -9.12 39.66 11.70
C VAL D 246 -10.51 39.31 12.22
N ILE D 247 -10.72 39.49 13.51
CA ILE D 247 -12.00 39.18 14.09
C ILE D 247 -12.81 40.46 14.14
N THR D 248 -13.90 40.42 13.41
CA THR D 248 -14.76 41.58 13.28
C THR D 248 -15.77 41.69 14.42
N ILE D 249 -15.82 42.87 15.01
CA ILE D 249 -16.72 43.15 16.11
C ILE D 249 -17.67 44.31 15.74
N GLY D 250 -18.98 44.03 15.76
CA GLY D 250 -19.96 45.05 15.38
C GLY D 250 -20.80 45.61 16.53
N ASN D 251 -21.74 44.83 17.05
CA ASN D 251 -22.59 45.32 18.15
C ASN D 251 -21.98 45.01 19.51
N GLU D 252 -20.83 44.36 19.49
CA GLU D 252 -20.09 44.02 20.70
C GLU D 252 -19.23 45.21 21.15
N ARG D 253 -19.15 46.21 20.27
CA ARG D 253 -18.35 47.42 20.52
C ARG D 253 -18.81 48.19 21.75
N PHE D 254 -20.12 48.27 21.91
CA PHE D 254 -20.73 48.99 23.05
C PHE D 254 -21.29 48.07 24.14
N ARG D 255 -21.72 46.88 23.75
CA ARG D 255 -22.31 45.91 24.69
C ARG D 255 -21.38 45.46 25.85
N CYS D 256 -20.09 45.23 25.57
CA CYS D 256 -19.13 44.79 26.64
C CYS D 256 -19.08 45.70 27.90
N PRO D 257 -18.88 47.04 27.74
CA PRO D 257 -18.84 48.02 28.86
C PRO D 257 -20.15 48.05 29.64
N GLU D 258 -21.21 47.74 28.91
CA GLU D 258 -22.59 47.73 29.40
C GLU D 258 -22.77 46.75 30.56
N ALA D 259 -21.96 45.72 30.61
CA ALA D 259 -22.07 44.73 31.69
C ALA D 259 -21.87 45.42 33.05
N LEU D 260 -20.94 46.37 33.14
CA LEU D 260 -20.75 47.11 34.40
C LEU D 260 -22.06 47.86 34.78
N PHE D 261 -22.61 48.54 33.78
CA PHE D 261 -23.87 49.32 33.89
C PHE D 261 -25.15 48.45 34.06
N GLN D 262 -25.18 47.34 33.34
CA GLN D 262 -26.32 46.41 33.30
C GLN D 262 -25.88 44.95 33.54
N PRO D 263 -25.69 44.59 34.82
CA PRO D 263 -25.23 43.25 35.26
C PRO D 263 -26.15 42.10 34.83
N SER D 264 -27.39 42.42 34.50
CA SER D 264 -28.39 41.43 34.09
C SER D 264 -27.91 40.56 32.91
N PHE D 265 -27.13 41.13 31.98
CA PHE D 265 -26.62 40.35 30.84
C PHE D 265 -25.75 39.16 31.33
N LEU D 266 -24.94 39.41 32.36
CA LEU D 266 -24.12 38.37 33.01
C LEU D 266 -24.96 37.24 33.61
N GLY D 267 -26.06 37.65 34.20
CA GLY D 267 -26.90 36.72 34.92
C GLY D 267 -26.99 37.13 36.37
N MET D 268 -26.56 38.37 36.64
CA MET D 268 -26.59 38.93 37.99
C MET D 268 -27.83 39.77 38.22
N GLU D 269 -28.37 39.61 39.41
CA GLU D 269 -29.54 40.33 39.87
C GLU D 269 -29.12 41.63 40.56
N SER D 270 -27.81 41.82 40.66
CA SER D 270 -27.21 42.98 41.33
C SER D 270 -27.39 44.29 40.54
N CYS D 271 -27.44 45.39 41.27
CA CYS D 271 -27.59 46.73 40.69
C CYS D 271 -26.33 47.17 39.96
N GLY D 272 -26.49 47.99 38.93
CA GLY D 272 -25.34 48.48 38.15
C GLY D 272 -24.36 49.28 39.00
N ILE D 273 -23.09 49.23 38.63
CA ILE D 273 -22.03 49.93 39.37
C ILE D 273 -22.23 51.45 39.44
N HIS D 274 -22.68 52.09 38.35
CA HIS D 274 -22.90 53.54 38.37
C HIS D 274 -23.96 53.88 39.44
N GLU D 275 -24.98 53.03 39.52
CA GLU D 275 -26.03 53.12 40.53
C GLU D 275 -25.44 52.98 41.94
N THR D 276 -24.48 52.07 42.06
CA THR D 276 -23.81 51.80 43.35
C THR D 276 -23.12 53.06 43.87
N THR D 277 -22.51 53.83 42.97
CA THR D 277 -21.88 55.10 43.32
C THR D 277 -22.94 56.06 43.90
N PHE D 278 -24.10 56.05 43.26
CA PHE D 278 -25.26 56.86 43.67
C PHE D 278 -25.73 56.54 45.10
N ASN D 279 -25.75 55.25 45.47
CA ASN D 279 -26.15 54.86 46.83
C ASN D 279 -25.24 55.49 47.87
N SER D 280 -23.94 55.53 47.58
CA SER D 280 -22.97 56.14 48.50
C SER D 280 -23.30 57.62 48.74
N ILE D 281 -23.70 58.31 47.67
CA ILE D 281 -24.08 59.73 47.73
C ILE D 281 -25.35 59.94 48.58
N MET D 282 -26.32 59.04 48.42
CA MET D 282 -27.59 59.10 49.17
C MET D 282 -27.35 59.01 50.68
N LYS D 283 -26.41 58.15 51.05
CA LYS D 283 -26.01 57.92 52.45
C LYS D 283 -25.27 59.14 53.04
N CYS D 284 -24.59 59.85 52.15
CA CYS D 284 -23.77 61.04 52.48
C CYS D 284 -24.61 62.26 52.89
N ASP D 285 -23.94 63.18 53.58
CA ASP D 285 -24.58 64.40 54.08
C ASP D 285 -25.18 65.19 52.91
N VAL D 286 -26.44 65.58 53.10
CA VAL D 286 -27.25 66.27 52.08
C VAL D 286 -26.68 67.62 51.62
N ASP D 287 -26.15 68.41 52.54
CA ASP D 287 -25.61 69.74 52.24
C ASP D 287 -24.44 69.66 51.22
N ILE D 288 -23.58 68.67 51.37
CA ILE D 288 -22.40 68.54 50.50
C ILE D 288 -22.67 67.74 49.21
N ARG D 289 -23.91 67.26 49.03
CA ARG D 289 -24.23 66.46 47.83
C ARG D 289 -24.02 67.24 46.53
N LYS D 290 -24.39 68.53 46.50
CA LYS D 290 -24.19 69.34 45.28
C LYS D 290 -22.72 69.49 44.96
N ASP D 291 -21.90 69.69 45.99
CA ASP D 291 -20.45 69.79 45.82
C ASP D 291 -19.88 68.49 45.26
N LEU D 292 -20.38 67.37 45.74
CA LEU D 292 -19.91 66.04 45.33
C LEU D 292 -20.10 65.81 43.82
N TYR D 293 -21.23 66.27 43.28
CA TYR D 293 -21.51 66.12 41.85
C TYR D 293 -20.45 66.84 41.01
N ALA D 294 -20.02 68.02 41.46
CA ALA D 294 -19.00 68.79 40.74
C ALA D 294 -17.58 68.29 41.03
N ASN D 295 -17.45 67.40 42.02
CA ASN D 295 -16.14 66.86 42.42
C ASN D 295 -15.86 65.41 41.95
N THR D 296 -16.69 64.85 41.06
CA THR D 296 -16.51 63.45 40.61
C THR D 296 -15.28 63.23 39.69
N VAL D 297 -14.47 62.21 40.02
CA VAL D 297 -13.25 61.88 39.24
C VAL D 297 -13.25 60.44 38.68
N LEU D 298 -12.98 60.29 37.37
CA LEU D 298 -12.90 58.94 36.75
C LEU D 298 -11.43 58.55 36.50
N SER D 299 -10.93 57.51 37.17
CA SER D 299 -9.53 57.09 37.00
C SER D 299 -9.29 55.57 36.97
N GLY D 300 -8.20 55.15 36.30
CA GLY D 300 -7.78 53.75 36.33
C GLY D 300 -8.14 52.80 35.18
N GLY D 301 -7.49 51.63 35.31
CA GLY D 301 -7.56 50.46 34.42
C GLY D 301 -8.38 50.52 33.14
N THR D 302 -9.69 50.35 33.23
CA THR D 302 -10.54 50.30 32.05
C THR D 302 -11.46 51.51 31.80
N THR D 303 -11.26 52.61 32.51
CA THR D 303 -12.06 53.82 32.30
C THR D 303 -11.69 54.50 30.98
N MET D 304 -10.61 54.04 30.39
CA MET D 304 -10.07 54.61 29.16
C MET D 304 -10.80 54.15 27.87
N TYR D 305 -11.93 53.43 28.02
CA TYR D 305 -12.73 53.03 26.86
C TYR D 305 -13.36 54.32 26.30
N PRO D 306 -13.29 54.61 25.00
CA PRO D 306 -13.88 55.87 24.53
C PRO D 306 -15.40 55.85 24.59
N GLY D 307 -15.95 57.02 24.86
CA GLY D 307 -17.40 57.17 24.96
C GLY D 307 -17.92 56.94 26.38
N ILE D 308 -17.05 56.44 27.28
CA ILE D 308 -17.45 56.17 28.67
C ILE D 308 -17.87 57.43 29.40
N ALA D 309 -17.14 58.52 29.17
CA ALA D 309 -17.45 59.80 29.79
C ALA D 309 -18.84 60.28 29.39
N ASP D 310 -19.18 60.08 28.11
CA ASP D 310 -20.49 60.49 27.61
C ASP D 310 -21.64 59.69 28.25
N ARG D 311 -21.42 58.39 28.44
CA ARG D 311 -22.43 57.52 29.06
C ARG D 311 -22.69 57.87 30.53
N MET D 312 -21.63 58.18 31.25
CA MET D 312 -21.72 58.49 32.69
C MET D 312 -22.62 59.70 32.95
N GLN D 313 -22.49 60.71 32.12
CA GLN D 313 -23.30 61.92 32.27
C GLN D 313 -24.80 61.59 32.18
N LYS D 314 -25.17 60.79 31.17
CA LYS D 314 -26.56 60.39 30.96
C LYS D 314 -27.20 59.62 32.11
N GLU D 315 -26.51 58.59 32.61
CA GLU D 315 -27.06 57.79 33.71
C GLU D 315 -27.16 58.56 35.02
N ILE D 316 -26.16 59.38 35.32
CA ILE D 316 -26.18 60.17 36.54
C ILE D 316 -27.33 61.17 36.51
N THR D 317 -27.56 61.78 35.35
CA THR D 317 -28.66 62.73 35.19
C THR D 317 -30.02 62.07 35.43
N ALA D 318 -30.17 60.83 34.95
CA ALA D 318 -31.42 60.08 35.15
C ALA D 318 -31.58 59.66 36.62
N LEU D 319 -30.47 59.24 37.24
CA LEU D 319 -30.45 58.82 38.65
C LEU D 319 -30.69 59.98 39.62
N ALA D 320 -30.08 61.14 39.32
CA ALA D 320 -30.19 62.34 40.18
C ALA D 320 -31.59 62.96 40.17
N PRO D 321 -32.01 63.57 41.31
CA PRO D 321 -33.34 64.22 41.45
C PRO D 321 -33.69 65.25 40.35
N SER D 322 -32.69 66.06 39.94
CA SER D 322 -32.80 67.10 38.87
C SER D 322 -32.53 68.51 39.42
N THR D 323 -32.81 69.53 38.60
CA THR D 323 -32.65 70.96 39.00
C THR D 323 -31.19 71.35 39.39
N MET D 324 -30.21 70.48 39.16
CA MET D 324 -28.83 70.84 39.51
C MET D 324 -27.76 70.37 38.52
N LYS D 325 -26.63 71.04 38.62
CA LYS D 325 -25.44 70.83 37.81
C LYS D 325 -24.65 69.56 38.17
N ILE D 326 -24.30 68.80 37.15
CA ILE D 326 -23.47 67.60 37.33
C ILE D 326 -22.20 67.78 36.50
N LYS D 327 -21.05 67.75 37.16
CA LYS D 327 -19.78 67.94 36.47
C LYS D 327 -18.81 66.78 36.69
N ILE D 328 -18.19 66.32 35.61
CA ILE D 328 -17.25 65.23 35.68
C ILE D 328 -15.82 65.70 35.44
N ILE D 329 -14.93 65.32 36.32
CA ILE D 329 -13.52 65.72 36.22
C ILE D 329 -12.76 64.68 35.40
N ALA D 330 -12.18 65.13 34.31
CA ALA D 330 -11.48 64.22 33.40
C ALA D 330 -10.01 64.55 33.20
N PRO D 331 -9.12 63.89 33.96
CA PRO D 331 -7.68 64.05 33.80
C PRO D 331 -7.14 63.22 32.61
N PRO D 332 -6.36 63.85 31.71
CA PRO D 332 -5.78 63.18 30.51
C PRO D 332 -5.09 61.84 30.84
N GLU D 333 -4.37 61.84 31.95
CA GLU D 333 -3.59 60.68 32.39
C GLU D 333 -4.37 59.77 33.37
N ARG D 334 -5.69 59.64 33.17
CA ARG D 334 -6.54 58.87 34.10
C ARG D 334 -6.14 57.38 34.23
N LYS D 335 -5.68 56.73 33.17
CA LYS D 335 -5.23 55.33 33.28
C LYS D 335 -4.06 55.16 34.24
N TYR D 336 -3.14 56.08 34.20
CA TYR D 336 -1.97 56.01 35.06
C TYR D 336 -2.08 56.92 36.28
N SER D 337 -3.26 57.50 36.50
CA SER D 337 -3.44 58.47 37.60
C SER D 337 -3.16 57.86 38.97
N VAL D 338 -3.58 56.63 39.18
CA VAL D 338 -3.34 55.97 40.46
C VAL D 338 -1.82 55.87 40.75
N TRP D 339 -1.07 55.37 39.77
CA TRP D 339 0.38 55.24 39.92
C TRP D 339 1.07 56.61 39.94
N ILE D 340 0.59 57.52 39.09
CA ILE D 340 1.16 58.87 38.93
C ILE D 340 1.13 59.66 40.23
N GLY D 341 0.02 59.58 40.96
CA GLY D 341 -0.06 60.31 42.22
C GLY D 341 1.01 59.89 43.20
N GLY D 342 1.28 58.57 43.26
CA GLY D 342 2.30 58.05 44.14
C GLY D 342 3.74 58.41 43.74
N SER D 343 4.03 58.36 42.43
CA SER D 343 5.38 58.62 41.90
C SER D 343 5.98 60.02 42.16
N ILE D 344 5.22 61.07 41.91
CA ILE D 344 5.73 62.45 42.06
C ILE D 344 6.10 62.91 43.48
N LEU D 345 5.28 62.64 44.47
CA LEU D 345 5.60 63.13 45.82
C LEU D 345 6.43 62.15 46.65
N ALA D 346 7.40 61.50 46.03
CA ALA D 346 8.24 60.57 46.78
C ALA D 346 9.72 61.00 46.86
N SER D 347 10.13 62.07 46.17
CA SER D 347 11.56 62.48 46.20
C SER D 347 11.86 64.00 46.34
N LEU D 348 10.90 64.87 46.67
CA LEU D 348 11.20 66.33 46.66
C LEU D 348 12.32 66.83 47.61
N SER D 349 12.26 66.43 48.88
CA SER D 349 13.22 66.84 49.94
C SER D 349 12.47 66.98 51.26
N THR D 350 11.25 67.51 51.17
CA THR D 350 10.42 67.68 52.35
C THR D 350 9.59 66.43 52.56
N PHE D 351 9.74 65.52 51.62
CA PHE D 351 9.11 64.22 51.74
C PHE D 351 10.10 63.28 52.45
N GLN D 352 11.34 63.79 52.61
CA GLN D 352 12.38 63.12 53.41
C GLN D 352 12.04 63.11 54.89
N GLN D 353 11.51 64.24 55.33
CA GLN D 353 11.09 64.44 56.71
C GLN D 353 10.00 63.43 57.13
N MET D 354 9.09 63.20 56.19
CA MET D 354 7.89 62.36 56.36
C MET D 354 8.09 60.82 56.19
N TRP D 355 9.19 60.37 55.59
CA TRP D 355 9.42 58.92 55.37
C TRP D 355 9.45 58.07 56.63
N ILE D 356 8.88 56.89 56.52
CA ILE D 356 8.93 55.92 57.59
C ILE D 356 10.18 55.11 57.28
N SER D 357 11.12 55.12 58.21
CA SER D 357 12.41 54.46 57.97
C SER D 357 12.57 53.15 58.72
N LYS D 358 13.52 52.36 58.21
CA LYS D 358 13.86 51.07 58.79
C LYS D 358 14.33 51.23 60.24
N GLN D 359 15.10 52.28 60.47
CA GLN D 359 15.66 52.57 61.79
C GLN D 359 14.54 52.82 62.82
N GLU D 360 13.49 53.54 62.40
CA GLU D 360 12.34 53.80 63.28
C GLU D 360 11.58 52.52 63.67
N TYR D 361 11.42 51.62 62.70
CA TYR D 361 10.70 50.35 62.93
C TYR D 361 11.37 49.51 64.02
N ASP D 362 12.69 49.48 64.02
CA ASP D 362 13.43 48.71 65.01
C ASP D 362 13.12 49.19 66.43
N GLU D 363 13.00 50.51 66.60
CA GLU D 363 12.71 51.07 67.92
C GLU D 363 11.26 50.78 68.38
N SER D 364 10.29 51.54 67.86
CA SER D 364 8.86 51.36 68.19
C SER D 364 8.25 49.98 67.83
N GLY D 365 8.62 49.46 66.66
CA GLY D 365 8.07 48.19 66.21
C GLY D 365 6.92 48.36 65.20
N PRO D 366 6.01 47.37 65.11
CA PRO D 366 4.84 47.37 64.19
C PRO D 366 3.87 48.55 64.44
N SER D 367 3.81 48.99 65.69
CA SER D 367 2.93 50.07 66.17
C SER D 367 3.17 51.43 65.47
N ILE D 368 4.37 51.64 64.95
CA ILE D 368 4.76 52.93 64.35
C ILE D 368 3.90 53.38 63.14
N VAL D 369 3.50 52.46 62.27
CA VAL D 369 2.72 52.87 61.08
C VAL D 369 1.38 53.56 61.46
N HIS D 370 0.69 53.05 62.47
CA HIS D 370 -0.57 53.69 62.92
C HIS D 370 -0.36 55.11 63.48
N ARG D 371 0.72 55.28 64.22
CA ARG D 371 1.02 56.54 64.93
C ARG D 371 1.40 57.77 64.10
N LYS D 372 2.19 57.66 63.03
CA LYS D 372 2.61 58.88 62.30
C LYS D 372 1.70 59.34 61.16
N CYS D 373 0.65 58.63 60.83
CA CYS D 373 -0.20 59.12 59.74
C CYS D 373 -1.31 59.99 60.30
N PHE D 374 -1.19 61.28 60.01
CA PHE D 374 -2.15 62.31 60.47
C PHE D 374 -2.16 62.48 61.99
N ASP E 1 -50.54 9.44 13.01
CA ASP E 1 -51.11 9.46 11.64
C ASP E 1 -52.36 10.34 11.53
N ASP E 2 -52.19 11.55 10.93
CA ASP E 2 -53.29 12.50 10.58
C ASP E 2 -53.42 13.82 11.39
N ASP E 3 -53.60 13.79 12.71
CA ASP E 3 -53.85 15.05 13.46
C ASP E 3 -52.74 16.10 13.37
N ILE E 4 -51.51 15.63 13.50
CA ILE E 4 -50.23 16.39 13.44
C ILE E 4 -49.22 15.66 14.33
N ALA E 5 -48.65 14.62 13.75
CA ALA E 5 -47.73 13.71 14.44
C ALA E 5 -46.49 14.38 15.00
N ALA E 6 -46.13 15.55 14.48
CA ALA E 6 -44.98 16.30 14.98
C ALA E 6 -43.64 15.70 14.53
N LEU E 7 -43.03 16.36 13.58
CA LEU E 7 -41.74 15.95 13.07
C LEU E 7 -40.68 16.67 13.88
N VAL E 8 -39.81 15.94 14.51
CA VAL E 8 -38.79 16.58 15.32
C VAL E 8 -37.42 16.45 14.69
N VAL E 9 -36.78 17.57 14.45
CA VAL E 9 -35.45 17.58 13.88
C VAL E 9 -34.46 18.02 14.93
N ASP E 10 -33.52 17.14 15.24
CA ASP E 10 -32.52 17.42 16.25
C ASP E 10 -31.19 17.78 15.56
N ASN E 11 -30.71 18.98 15.84
CA ASN E 11 -29.49 19.48 15.22
C ASN E 11 -28.33 19.65 16.21
N GLY E 12 -27.15 19.33 15.72
CA GLY E 12 -25.92 19.42 16.49
C GLY E 12 -24.71 19.45 15.56
N SER E 13 -23.50 19.37 16.10
CA SER E 13 -22.29 19.39 15.26
C SER E 13 -22.27 18.24 14.26
N GLY E 14 -22.72 17.08 14.72
CA GLY E 14 -22.78 15.90 13.88
C GLY E 14 -23.72 14.85 14.43
N MET E 15 -24.01 13.82 13.64
CA MET E 15 -24.91 12.73 14.07
C MET E 15 -26.33 13.23 14.43
N CYS E 16 -26.91 14.02 13.52
CA CYS E 16 -28.26 14.58 13.71
C CYS E 16 -29.34 13.49 13.61
N LYS E 17 -30.52 13.76 14.17
CA LYS E 17 -31.59 12.74 14.19
C LYS E 17 -33.02 13.33 14.16
N ALA E 18 -33.99 12.49 13.77
CA ALA E 18 -35.40 12.93 13.62
C ALA E 18 -36.42 11.77 13.77
N GLY E 19 -37.70 12.12 14.03
CA GLY E 19 -38.75 11.09 14.20
C GLY E 19 -40.18 11.62 14.25
N PHE E 20 -41.05 10.88 14.95
CA PHE E 20 -42.49 11.23 15.10
C PHE E 20 -42.92 11.19 16.58
N ALA E 21 -43.99 11.91 16.94
CA ALA E 21 -44.49 11.95 18.33
C ALA E 21 -45.10 10.62 18.79
N GLY E 22 -45.01 10.38 20.08
CA GLY E 22 -45.51 9.13 20.67
C GLY E 22 -44.44 8.07 20.70
N ASP E 23 -43.33 8.35 20.02
CA ASP E 23 -42.19 7.43 19.96
C ASP E 23 -41.34 7.50 21.22
N ASP E 24 -40.60 6.42 21.46
CA ASP E 24 -39.74 6.32 22.63
C ASP E 24 -38.28 6.67 22.29
N ALA E 25 -38.04 6.93 21.01
CA ALA E 25 -36.71 7.26 20.49
C ALA E 25 -36.84 7.73 19.03
N PRO E 26 -35.85 8.45 18.47
CA PRO E 26 -35.97 8.90 17.07
C PRO E 26 -35.86 7.74 16.07
N ARG E 27 -36.60 7.87 14.98
CA ARG E 27 -36.63 6.86 13.92
C ARG E 27 -35.34 6.77 13.09
N ALA E 28 -34.73 7.90 12.77
CA ALA E 28 -33.51 7.90 11.94
C ALA E 28 -32.43 8.87 12.41
N VAL E 29 -31.18 8.44 12.27
CA VAL E 29 -29.99 9.24 12.64
C VAL E 29 -29.01 9.33 11.44
N PHE E 30 -28.55 10.53 11.09
CA PHE E 30 -27.62 10.66 9.96
C PHE E 30 -26.46 11.64 10.25
N PRO E 31 -25.34 11.52 9.49
CA PRO E 31 -24.17 12.42 9.63
C PRO E 31 -24.44 13.84 9.13
N SER E 32 -23.78 14.84 9.72
CA SER E 32 -23.96 16.20 9.23
C SER E 32 -22.74 16.67 8.45
N ILE E 33 -22.73 16.37 7.14
CA ILE E 33 -21.67 16.79 6.25
C ILE E 33 -22.23 17.23 4.87
N VAL E 34 -21.61 18.24 4.27
CA VAL E 34 -22.02 18.73 2.94
C VAL E 34 -20.80 18.79 2.02
N GLY E 35 -20.87 18.23 0.81
CA GLY E 35 -19.69 18.25 -0.06
C GLY E 35 -19.88 18.84 -1.46
N ARG E 36 -18.85 19.58 -1.87
CA ARG E 36 -18.76 20.26 -3.17
C ARG E 36 -17.29 20.10 -3.68
N PRO E 37 -16.93 20.34 -4.97
CA PRO E 37 -15.56 20.05 -5.48
C PRO E 37 -14.34 20.58 -4.68
N ARG E 38 -13.42 19.64 -4.44
CA ARG E 38 -12.12 19.88 -3.76
C ARG E 38 -10.97 19.36 -4.62
N HIS E 39 -9.86 20.11 -4.66
CA HIS E 39 -8.66 19.67 -5.41
C HIS E 39 -9.03 19.48 -6.91
N GLN E 40 -9.85 20.41 -7.39
CA GLN E 40 -10.39 20.43 -8.77
C GLN E 40 -11.30 19.22 -9.08
N GLY E 41 -11.75 18.50 -8.05
CA GLY E 41 -12.63 17.34 -8.25
C GLY E 41 -11.94 15.95 -8.43
N VAL E 42 -10.61 15.90 -8.59
CA VAL E 42 -9.85 14.61 -8.70
C VAL E 42 -9.65 14.03 -10.15
N MET E 43 -9.98 14.80 -11.21
CA MET E 43 -9.71 14.39 -12.63
C MET E 43 -10.79 13.73 -13.50
N VAL E 44 -10.83 14.27 -14.74
CA VAL E 44 -11.67 13.85 -15.88
C VAL E 44 -13.21 14.09 -15.83
N GLY E 45 -13.61 15.27 -16.32
CA GLY E 45 -15.03 15.63 -16.43
C GLY E 45 -15.63 16.32 -15.22
N MET E 46 -15.09 17.48 -14.84
CA MET E 46 -15.62 18.16 -13.66
C MET E 46 -16.55 19.35 -13.95
N GLY E 47 -17.57 19.39 -13.12
CA GLY E 47 -18.62 20.39 -13.15
C GLY E 47 -19.80 19.90 -12.33
N GLN E 48 -20.38 18.79 -12.83
CA GLN E 48 -21.54 18.01 -12.27
C GLN E 48 -22.36 18.61 -11.11
N LYS E 49 -23.21 17.77 -10.54
CA LYS E 49 -24.02 18.15 -9.40
C LYS E 49 -23.39 17.61 -8.12
N ASP E 50 -23.01 18.51 -7.24
CA ASP E 50 -22.42 18.11 -5.99
C ASP E 50 -22.82 19.03 -4.84
N SER E 51 -23.46 18.36 -3.91
CA SER E 51 -23.95 18.90 -2.66
C SER E 51 -24.59 17.71 -1.99
N TYR E 52 -23.76 16.89 -1.39
CA TYR E 52 -24.24 15.66 -0.81
C TYR E 52 -24.41 15.78 0.70
N VAL E 53 -25.60 15.42 1.15
CA VAL E 53 -25.92 15.45 2.57
C VAL E 53 -26.30 14.04 3.02
N GLY E 54 -25.70 13.58 4.09
CA GLY E 54 -25.97 12.24 4.59
C GLY E 54 -24.71 11.41 4.68
N ASP E 55 -24.82 10.09 4.80
CA ASP E 55 -23.61 9.28 4.89
C ASP E 55 -23.13 8.81 3.51
N GLU E 56 -23.86 9.16 2.45
CA GLU E 56 -23.42 8.83 1.09
C GLU E 56 -22.21 9.70 0.74
N ALA E 57 -22.21 10.90 1.34
CA ALA E 57 -21.16 11.90 1.19
C ALA E 57 -19.86 11.48 1.88
N GLN E 58 -19.99 10.67 2.92
CA GLN E 58 -18.82 10.24 3.71
C GLN E 58 -17.80 9.50 2.84
N SER E 59 -18.31 8.59 2.00
CA SER E 59 -17.46 7.88 1.04
C SER E 59 -16.77 8.86 0.08
N LYS E 60 -17.57 9.85 -0.31
CA LYS E 60 -17.21 10.89 -1.28
C LYS E 60 -16.37 12.04 -0.65
N ARG E 61 -15.95 11.89 0.59
CA ARG E 61 -15.18 12.92 1.30
C ARG E 61 -13.87 13.28 0.58
N GLY E 62 -13.18 12.28 0.07
CA GLY E 62 -11.93 12.53 -0.64
C GLY E 62 -12.09 13.45 -1.87
N ILE E 63 -13.18 13.27 -2.62
CA ILE E 63 -13.40 14.08 -3.84
C ILE E 63 -14.32 15.31 -3.63
N LEU E 64 -14.97 15.43 -2.47
CA LEU E 64 -15.80 16.61 -2.16
C LEU E 64 -15.35 17.34 -0.88
N THR E 65 -15.38 18.65 -0.92
CA THR E 65 -15.02 19.47 0.24
C THR E 65 -16.18 19.46 1.22
N LEU E 66 -15.91 19.17 2.48
CA LEU E 66 -16.99 19.16 3.46
C LEU E 66 -16.99 20.42 4.31
N LYS E 67 -18.17 20.98 4.42
CA LYS E 67 -18.38 22.18 5.21
C LYS E 67 -19.39 21.86 6.30
N TYR E 68 -19.16 22.37 7.50
CA TYR E 68 -20.06 22.07 8.60
C TYR E 68 -21.14 23.14 8.76
N PRO E 69 -22.40 22.76 8.45
CA PRO E 69 -23.56 23.66 8.57
C PRO E 69 -23.72 24.16 10.00
N ILE E 70 -23.29 23.29 10.90
CA ILE E 70 -23.37 23.53 12.32
C ILE E 70 -21.97 23.49 12.92
N GLU E 71 -21.51 24.57 13.52
CA GLU E 71 -20.22 24.48 14.17
C GLU E 71 -20.44 24.57 15.67
N HIS E 72 -20.21 23.44 16.31
CA HIS E 72 -20.33 23.29 17.75
C HIS E 72 -21.66 23.83 18.35
N GLY E 73 -22.79 23.41 17.75
CA GLY E 73 -24.13 23.81 18.25
C GLY E 73 -24.79 25.05 17.59
N ILE E 74 -24.12 25.71 16.67
CA ILE E 74 -24.67 26.91 16.00
C ILE E 74 -24.54 26.82 14.47
N VAL E 75 -25.36 27.59 13.73
CA VAL E 75 -25.33 27.53 12.28
C VAL E 75 -24.72 28.80 11.71
N THR E 76 -23.62 28.64 10.99
CA THR E 76 -22.97 29.79 10.36
C THR E 76 -23.35 29.90 8.88
N ASN E 77 -23.44 28.76 8.20
CA ASN E 77 -23.81 28.76 6.79
C ASN E 77 -25.19 28.14 6.59
N TRP E 78 -26.15 28.98 6.24
CA TRP E 78 -27.53 28.57 6.00
C TRP E 78 -27.74 27.72 4.75
N ASP E 79 -26.94 27.96 3.71
CA ASP E 79 -27.08 27.20 2.44
C ASP E 79 -26.92 25.70 2.66
N ASP E 80 -25.94 25.33 3.49
CA ASP E 80 -25.72 23.91 3.80
C ASP E 80 -26.87 23.35 4.65
N MET E 81 -27.34 24.16 5.59
CA MET E 81 -28.43 23.79 6.52
C MET E 81 -29.74 23.45 5.79
N GLU E 82 -30.08 24.25 4.77
CA GLU E 82 -31.31 24.02 3.99
C GLU E 82 -31.31 22.64 3.31
N LYS E 83 -30.15 22.25 2.78
CA LYS E 83 -30.02 20.96 2.11
C LYS E 83 -30.34 19.82 3.09
N ILE E 84 -29.87 19.97 4.33
CA ILE E 84 -30.12 18.97 5.37
C ILE E 84 -31.62 18.82 5.65
N TRP E 85 -32.36 19.93 5.73
CA TRP E 85 -33.80 19.84 6.02
C TRP E 85 -34.55 19.23 4.83
N HIS E 86 -34.15 19.61 3.62
CA HIS E 86 -34.74 19.04 2.41
C HIS E 86 -34.54 17.54 2.35
N HIS E 87 -33.30 17.13 2.63
CA HIS E 87 -32.92 15.74 2.57
C HIS E 87 -33.59 14.94 3.70
N THR E 88 -33.67 15.52 4.90
CA THR E 88 -34.29 14.83 6.04
C THR E 88 -35.76 14.48 5.81
N PHE E 89 -36.56 15.45 5.36
CA PHE E 89 -37.98 15.18 5.11
C PHE E 89 -38.23 14.27 3.92
N TYR E 90 -37.73 14.70 2.77
CA TYR E 90 -37.92 13.99 1.51
C TYR E 90 -37.16 12.66 1.38
N ASN E 91 -35.92 12.61 1.87
CA ASN E 91 -35.14 11.37 1.72
C ASN E 91 -34.95 10.52 2.98
N GLU E 92 -34.73 11.14 4.15
CA GLU E 92 -34.51 10.32 5.36
C GLU E 92 -35.79 9.87 6.10
N LEU E 93 -36.63 10.83 6.49
CA LEU E 93 -37.93 10.54 7.11
C LEU E 93 -38.95 9.92 6.14
N ARG E 94 -38.92 10.42 4.90
CA ARG E 94 -39.85 10.00 3.83
C ARG E 94 -41.31 10.29 4.19
N VAL E 95 -41.49 11.45 4.81
CA VAL E 95 -42.82 11.95 5.21
C VAL E 95 -43.00 13.40 4.73
N ALA E 96 -44.18 13.74 4.22
CA ALA E 96 -44.42 15.11 3.76
C ALA E 96 -44.48 16.10 4.93
N PRO E 97 -43.67 17.19 4.88
CA PRO E 97 -43.65 18.23 5.92
C PRO E 97 -44.98 18.94 6.12
N GLU E 98 -45.73 19.02 5.04
CA GLU E 98 -47.02 19.69 5.03
C GLU E 98 -48.07 19.09 6.01
N GLU E 99 -48.21 17.76 6.07
CA GLU E 99 -49.13 17.15 7.04
C GLU E 99 -48.66 17.25 8.51
N HIS E 100 -47.35 17.07 8.72
CA HIS E 100 -46.75 17.05 10.07
C HIS E 100 -45.91 18.30 10.42
N PRO E 101 -46.22 18.95 11.57
CA PRO E 101 -45.49 20.15 12.04
C PRO E 101 -44.07 19.78 12.50
N VAL E 102 -43.11 20.69 12.38
CA VAL E 102 -41.73 20.33 12.76
C VAL E 102 -41.19 21.09 13.97
N LEU E 103 -40.52 20.37 14.85
CA LEU E 103 -39.90 20.94 16.04
C LEU E 103 -38.39 20.96 15.88
N LEU E 104 -37.77 22.11 16.10
CA LEU E 104 -36.32 22.24 15.94
C LEU E 104 -35.62 22.43 17.29
N THR E 105 -34.56 21.68 17.51
CA THR E 105 -33.80 21.81 18.75
C THR E 105 -32.76 22.94 18.65
N GLU E 106 -32.30 23.43 19.79
CA GLU E 106 -31.30 24.50 19.80
C GLU E 106 -30.26 24.28 20.91
N ALA E 107 -29.08 24.83 20.70
CA ALA E 107 -28.02 24.79 21.70
C ALA E 107 -28.30 25.84 22.77
N PRO E 108 -27.91 25.62 24.04
CA PRO E 108 -28.14 26.61 25.11
C PRO E 108 -27.47 27.95 24.81
N LEU E 109 -28.16 29.04 25.14
CA LEU E 109 -27.66 30.40 24.88
C LEU E 109 -27.39 30.65 23.39
N ASN E 110 -28.37 30.24 22.59
CA ASN E 110 -28.36 30.39 21.13
C ASN E 110 -28.50 31.87 20.77
N PRO E 111 -27.64 32.44 19.88
CA PRO E 111 -27.71 33.86 19.54
C PRO E 111 -29.06 34.29 18.95
N LYS E 112 -29.43 35.51 19.29
CA LYS E 112 -30.71 36.10 18.91
C LYS E 112 -30.92 36.27 17.39
N ALA E 113 -29.88 36.66 16.66
CA ALA E 113 -30.01 36.85 15.21
C ALA E 113 -30.42 35.56 14.50
N ASN E 114 -29.84 34.44 14.92
CA ASN E 114 -30.15 33.12 14.35
C ASN E 114 -31.58 32.68 14.64
N ARG E 115 -32.05 32.95 15.86
CA ARG E 115 -33.37 32.52 16.30
C ARG E 115 -34.52 33.10 15.46
N GLU E 116 -34.43 34.37 15.09
CA GLU E 116 -35.47 34.97 14.25
C GLU E 116 -35.45 34.42 12.81
N LYS E 117 -34.25 34.24 12.28
CA LYS E 117 -34.07 33.77 10.90
C LYS E 117 -34.46 32.31 10.65
N MET E 118 -34.15 31.39 11.58
CA MET E 118 -34.52 29.97 11.38
C MET E 118 -36.03 29.83 11.27
N THR E 119 -36.74 30.60 12.10
CA THR E 119 -38.20 30.62 12.07
C THR E 119 -38.69 31.11 10.70
N GLN E 120 -37.99 32.12 10.19
CA GLN E 120 -38.27 32.75 8.89
C GLN E 120 -38.17 31.75 7.73
N ILE E 121 -37.16 30.88 7.77
CA ILE E 121 -36.99 29.91 6.69
C ILE E 121 -38.08 28.83 6.67
N MET E 122 -38.49 28.36 7.83
CA MET E 122 -39.54 27.34 7.89
C MET E 122 -40.86 27.79 7.31
N PHE E 123 -41.25 29.02 7.62
CA PHE E 123 -42.52 29.55 7.16
C PHE E 123 -42.57 29.85 5.65
N GLU E 124 -41.49 30.39 5.08
CA GLU E 124 -41.50 30.69 3.65
C GLU E 124 -40.84 29.63 2.74
N THR E 125 -39.69 29.10 3.13
CA THR E 125 -39.01 28.10 2.29
C THR E 125 -39.72 26.74 2.23
N PHE E 126 -40.19 26.23 3.38
CA PHE E 126 -40.88 24.93 3.39
C PHE E 126 -42.39 25.01 3.68
N ASN E 127 -42.92 26.21 3.91
CA ASN E 127 -44.35 26.42 4.18
C ASN E 127 -44.88 25.48 5.30
N THR E 128 -44.10 25.28 6.37
CA THR E 128 -44.54 24.40 7.46
C THR E 128 -45.65 25.06 8.30
N PRO E 129 -46.78 24.34 8.56
CA PRO E 129 -47.91 24.86 9.35
C PRO E 129 -47.56 25.26 10.79
N ALA E 130 -46.71 24.47 11.45
CA ALA E 130 -46.33 24.76 12.84
C ALA E 130 -44.88 24.34 13.16
N MET E 131 -44.26 25.06 14.08
CA MET E 131 -42.90 24.74 14.51
C MET E 131 -42.64 25.25 15.93
N TYR E 132 -41.63 24.69 16.59
CA TYR E 132 -41.27 25.10 17.94
C TYR E 132 -39.77 24.94 18.19
N VAL E 133 -39.20 25.77 19.05
CA VAL E 133 -37.77 25.69 19.35
C VAL E 133 -37.56 25.28 20.81
N ALA E 134 -36.73 24.25 21.01
CA ALA E 134 -36.49 23.67 22.35
C ALA E 134 -35.00 23.52 22.67
N ILE E 135 -34.68 23.40 23.95
CA ILE E 135 -33.28 23.27 24.39
C ILE E 135 -33.06 21.85 24.90
N GLN E 136 -31.99 21.24 24.38
CA GLN E 136 -31.66 19.85 24.69
C GLN E 136 -31.39 19.60 26.18
N ALA E 137 -30.71 20.53 26.84
CA ALA E 137 -30.42 20.39 28.26
C ALA E 137 -31.69 20.51 29.12
N VAL E 138 -32.57 21.44 28.74
CA VAL E 138 -33.81 21.66 29.49
C VAL E 138 -34.69 20.42 29.49
N LEU E 139 -34.86 19.83 28.30
CA LEU E 139 -35.68 18.63 28.16
C LEU E 139 -35.13 17.45 28.97
N SER E 140 -33.81 17.26 28.96
CA SER E 140 -33.20 16.15 29.71
C SER E 140 -33.46 16.21 31.23
N LEU E 141 -33.39 17.42 31.80
CA LEU E 141 -33.68 17.59 33.24
C LEU E 141 -35.17 17.38 33.46
N TYR E 142 -35.93 17.92 32.51
CA TYR E 142 -37.38 17.85 32.47
C TYR E 142 -37.88 16.40 32.42
N ALA E 143 -37.18 15.59 31.64
CA ALA E 143 -37.52 14.17 31.43
C ALA E 143 -37.50 13.37 32.73
N SER E 144 -36.53 13.64 33.58
CA SER E 144 -36.41 12.95 34.87
C SER E 144 -37.54 13.37 35.84
N GLY E 145 -38.29 14.40 35.46
CA GLY E 145 -39.39 14.89 36.30
C GLY E 145 -38.93 15.90 37.33
N ARG E 146 -37.73 16.40 37.13
CA ARG E 146 -37.14 17.37 38.04
C ARG E 146 -36.81 18.70 37.33
N THR E 147 -37.28 19.80 37.90
CA THR E 147 -37.05 21.14 37.33
C THR E 147 -35.84 21.87 37.93
N THR E 148 -35.42 21.45 39.11
CA THR E 148 -34.28 22.07 39.78
C THR E 148 -33.05 21.18 39.66
N GLY E 149 -31.96 21.69 39.12
CA GLY E 149 -30.77 20.86 39.02
C GLY E 149 -29.74 21.32 38.00
N ILE E 150 -28.77 20.45 37.76
CA ILE E 150 -27.72 20.71 36.80
C ILE E 150 -27.57 19.53 35.86
N VAL E 151 -27.55 19.80 34.57
CA VAL E 151 -27.45 18.73 33.60
C VAL E 151 -26.17 18.81 32.78
N MET E 152 -25.47 17.71 32.74
CA MET E 152 -24.29 17.61 31.93
C MET E 152 -24.77 16.87 30.69
N ASP E 153 -24.77 17.56 29.56
CA ASP E 153 -25.30 16.96 28.35
C ASP E 153 -24.24 16.51 27.37
N SER E 154 -24.26 15.23 27.09
CA SER E 154 -23.34 14.69 26.10
C SER E 154 -24.05 14.72 24.77
N GLY E 155 -23.74 15.72 23.98
CA GLY E 155 -24.39 15.83 22.69
C GLY E 155 -23.78 14.91 21.68
N ASP E 156 -24.47 14.73 20.57
CA ASP E 156 -23.96 13.88 19.51
C ASP E 156 -22.74 14.53 18.84
N GLY E 157 -22.64 15.86 19.01
CA GLY E 157 -21.54 16.60 18.44
C GLY E 157 -20.86 17.60 19.40
N VAL E 158 -21.63 18.15 20.35
CA VAL E 158 -21.07 19.13 21.31
C VAL E 158 -21.61 18.94 22.75
N THR E 159 -20.73 19.09 23.74
CA THR E 159 -21.12 18.92 25.15
C THR E 159 -21.29 20.27 25.88
N HIS E 160 -22.49 20.51 26.39
CA HIS E 160 -22.80 21.74 27.12
C HIS E 160 -23.26 21.49 28.56
N THR E 161 -22.79 22.35 29.46
CA THR E 161 -23.19 22.30 30.86
C THR E 161 -24.26 23.37 31.07
N VAL E 162 -25.46 22.98 31.49
CA VAL E 162 -26.56 23.95 31.63
C VAL E 162 -27.40 23.77 32.89
N PRO E 163 -26.97 24.31 34.06
CA PRO E 163 -27.80 24.22 35.27
C PRO E 163 -29.15 24.91 35.04
N ILE E 164 -30.23 24.24 35.41
CA ILE E 164 -31.57 24.77 35.19
C ILE E 164 -32.38 24.97 36.47
N TYR E 165 -32.81 26.19 36.74
CA TYR E 165 -33.67 26.41 37.90
C TYR E 165 -35.00 27.02 37.41
N GLU E 166 -36.10 26.27 37.60
CA GLU E 166 -37.45 26.70 37.18
C GLU E 166 -37.61 26.98 35.67
N GLY E 167 -36.98 26.16 34.84
CA GLY E 167 -37.11 26.32 33.39
C GLY E 167 -36.15 27.35 32.81
N TYR E 168 -35.48 28.07 33.69
CA TYR E 168 -34.54 29.10 33.30
C TYR E 168 -33.11 28.61 33.44
N ALA E 169 -32.33 28.73 32.38
CA ALA E 169 -30.93 28.32 32.40
C ALA E 169 -30.09 29.42 33.02
N LEU E 170 -28.99 29.07 33.67
CA LEU E 170 -28.14 30.09 34.29
C LEU E 170 -27.03 30.52 33.34
N PRO E 171 -27.10 31.77 32.84
CA PRO E 171 -26.11 32.33 31.90
C PRO E 171 -24.69 32.38 32.46
N HIS E 172 -24.59 32.52 33.77
CA HIS E 172 -23.30 32.62 34.46
C HIS E 172 -22.77 31.25 34.90
N ALA E 173 -23.52 30.19 34.61
CA ALA E 173 -23.11 28.83 34.97
C ALA E 173 -22.94 27.91 33.75
N ILE E 174 -22.97 28.48 32.55
CA ILE E 174 -22.85 27.67 31.33
C ILE E 174 -21.53 27.89 30.57
N LEU E 175 -20.87 26.78 30.25
CA LEU E 175 -19.61 26.80 29.51
C LEU E 175 -19.66 25.84 28.31
N ARG E 176 -18.93 26.19 27.26
CA ARG E 176 -18.89 25.37 26.05
C ARG E 176 -17.63 24.50 25.97
N LEU E 177 -17.81 23.19 25.87
CA LEU E 177 -16.68 22.27 25.71
C LEU E 177 -16.89 21.53 24.38
N ASP E 178 -15.84 21.43 23.58
CA ASP E 178 -15.99 20.88 22.23
C ASP E 178 -15.82 19.36 22.08
N LEU E 179 -15.56 18.63 23.15
CA LEU E 179 -15.42 17.18 23.01
C LEU E 179 -16.74 16.51 23.47
N ALA E 180 -17.39 15.76 22.58
CA ALA E 180 -18.69 15.13 22.90
C ALA E 180 -18.86 13.70 22.40
N GLY E 181 -19.10 13.54 21.09
CA GLY E 181 -19.28 12.20 20.55
C GLY E 181 -18.47 11.90 19.29
N ARG E 182 -18.66 12.70 18.23
CA ARG E 182 -17.92 12.47 16.98
C ARG E 182 -16.40 12.60 17.19
N ASP E 183 -16.01 13.58 18.00
CA ASP E 183 -14.60 13.83 18.29
C ASP E 183 -13.94 12.64 19.00
N LEU E 184 -14.67 12.00 19.90
CA LEU E 184 -14.17 10.80 20.60
C LEU E 184 -13.91 9.68 19.60
N THR E 185 -14.80 9.55 18.62
CA THR E 185 -14.64 8.52 17.60
C THR E 185 -13.31 8.73 16.84
N ASP E 186 -13.00 9.99 16.52
CA ASP E 186 -11.72 10.32 15.87
C ASP E 186 -10.56 9.89 16.79
N TYR E 187 -10.70 10.26 18.08
CA TYR E 187 -9.73 9.93 19.13
C TYR E 187 -9.51 8.44 19.34
N LEU E 188 -10.59 7.68 19.36
CA LEU E 188 -10.50 6.24 19.58
C LEU E 188 -9.66 5.61 18.47
N MET E 189 -9.92 6.02 17.24
CA MET E 189 -9.14 5.55 16.09
C MET E 189 -7.66 5.91 16.23
N LYS E 190 -7.41 7.14 16.70
CA LYS E 190 -6.06 7.67 16.87
C LYS E 190 -5.20 6.85 17.86
N ILE E 191 -5.79 6.40 18.97
CA ILE E 191 -5.04 5.60 19.94
C ILE E 191 -4.92 4.14 19.49
N LEU E 192 -5.93 3.68 18.77
CA LEU E 192 -5.96 2.32 18.21
C LEU E 192 -4.78 2.13 17.26
N THR E 193 -4.53 3.17 16.47
CA THR E 193 -3.44 3.23 15.50
C THR E 193 -2.08 3.09 16.17
N GLU E 194 -1.93 3.72 17.34
CA GLU E 194 -0.67 3.73 18.08
C GLU E 194 -0.22 2.31 18.47
N ARG E 195 -1.16 1.46 18.89
CA ARG E 195 -0.82 0.08 19.28
C ARG E 195 -0.20 -0.72 18.11
N GLY E 196 -0.75 -0.54 16.91
CA GLY E 196 -0.23 -1.27 15.75
C GLY E 196 -1.28 -1.63 14.70
N TYR E 197 -2.30 -0.79 14.53
CA TYR E 197 -3.36 -1.08 13.55
C TYR E 197 -3.41 0.05 12.50
N SER E 198 -3.61 -0.32 11.23
CA SER E 198 -3.53 0.65 10.13
C SER E 198 -4.82 1.44 9.81
N PHE E 199 -4.77 2.74 10.13
CA PHE E 199 -5.84 3.69 9.77
C PHE E 199 -5.19 4.89 9.06
N THR E 200 -5.38 5.03 7.75
CA THR E 200 -4.77 6.17 7.01
C THR E 200 -5.76 6.95 6.13
N THR E 201 -6.98 6.46 6.05
CA THR E 201 -8.01 7.05 5.17
C THR E 201 -9.32 7.30 5.92
N THR E 202 -9.97 8.40 5.57
CA THR E 202 -11.23 8.83 6.22
C THR E 202 -12.39 7.83 6.01
N ALA E 203 -12.29 7.00 5.00
CA ALA E 203 -13.32 5.99 4.68
C ALA E 203 -13.55 4.99 5.83
N GLU E 204 -12.48 4.57 6.50
CA GLU E 204 -12.61 3.57 7.58
C GLU E 204 -12.83 4.21 8.97
N ARG E 205 -12.88 5.54 9.01
CA ARG E 205 -13.16 6.30 10.24
C ARG E 205 -14.52 5.94 10.82
N GLU E 206 -15.48 5.77 9.95
CA GLU E 206 -16.86 5.41 10.31
C GLU E 206 -16.92 4.05 11.03
N ILE E 207 -16.00 3.15 10.66
CA ILE E 207 -15.96 1.80 11.21
C ILE E 207 -15.76 1.80 12.74
N VAL E 208 -14.91 2.70 13.23
CA VAL E 208 -14.67 2.80 14.67
C VAL E 208 -15.93 3.25 15.45
N ARG E 209 -16.91 3.88 14.76
CA ARG E 209 -18.15 4.31 15.45
C ARG E 209 -18.86 3.09 16.05
N ASP E 210 -18.88 2.01 15.27
CA ASP E 210 -19.48 0.74 15.69
C ASP E 210 -18.74 0.25 16.93
N ILE E 211 -17.42 0.43 16.89
CA ILE E 211 -16.53 0.07 17.98
C ILE E 211 -16.88 0.84 19.24
N LYS E 212 -17.21 2.12 19.08
CA LYS E 212 -17.49 2.99 20.21
C LYS E 212 -18.66 2.55 21.09
N GLU E 213 -19.84 2.24 20.53
CA GLU E 213 -20.91 1.81 21.42
C GLU E 213 -20.68 0.43 22.05
N LYS E 214 -20.19 -0.52 21.23
CA LYS E 214 -19.87 -1.88 21.72
C LYS E 214 -18.66 -2.03 22.67
N LEU E 215 -17.57 -1.30 22.39
CA LEU E 215 -16.34 -1.46 23.18
C LEU E 215 -15.91 -0.33 24.11
N CYS E 216 -16.63 0.78 24.21
CA CYS E 216 -16.15 1.82 25.12
C CYS E 216 -16.58 1.52 26.55
N TYR E 217 -15.60 1.46 27.45
CA TYR E 217 -15.84 1.13 28.86
C TYR E 217 -15.19 2.15 29.78
N VAL E 218 -15.70 2.31 30.98
CA VAL E 218 -15.09 3.21 31.94
C VAL E 218 -14.67 2.42 33.18
N ALA E 219 -13.42 2.58 33.60
CA ALA E 219 -12.89 1.86 34.76
C ALA E 219 -13.24 2.51 36.10
N LEU E 220 -13.40 1.68 37.12
CA LEU E 220 -13.72 2.18 38.47
C LEU E 220 -12.61 3.09 39.00
N ASP E 221 -11.36 2.69 38.73
CA ASP E 221 -10.19 3.48 39.10
C ASP E 221 -9.15 3.34 37.99
N PHE E 222 -8.82 4.45 37.33
CA PHE E 222 -7.88 4.44 36.19
C PHE E 222 -6.44 3.94 36.45
N GLU E 223 -5.74 4.43 37.47
CA GLU E 223 -4.34 4.01 37.65
C GLU E 223 -4.17 2.54 38.04
N GLN E 224 -5.04 2.05 38.92
CA GLN E 224 -4.98 0.65 39.35
C GLN E 224 -5.23 -0.27 38.14
N GLU E 225 -6.17 0.19 37.31
CA GLU E 225 -6.60 -0.48 36.09
C GLU E 225 -5.45 -0.65 35.10
N MET E 226 -4.61 0.39 34.99
CA MET E 226 -3.45 0.38 34.07
C MET E 226 -2.47 -0.75 34.40
N ALA E 227 -2.24 -0.99 35.69
CA ALA E 227 -1.33 -2.05 36.14
C ALA E 227 -1.85 -3.45 35.75
N THR E 228 -3.16 -3.63 35.88
CA THR E 228 -3.85 -4.88 35.54
C THR E 228 -3.71 -5.21 34.04
N ALA E 229 -3.80 -4.15 33.25
CA ALA E 229 -3.74 -4.18 31.78
C ALA E 229 -2.44 -4.75 31.20
N ALA E 230 -1.31 -4.47 31.82
CA ALA E 230 0.00 -4.89 31.32
C ALA E 230 0.12 -6.42 31.19
N SER E 231 -0.42 -7.15 32.16
CA SER E 231 -0.38 -8.63 32.14
C SER E 231 -1.30 -9.20 31.04
N SER E 232 -2.30 -8.41 30.62
CA SER E 232 -3.29 -8.80 29.59
C SER E 232 -4.39 -9.70 30.16
N SER E 233 -4.17 -11.01 30.12
CA SER E 233 -5.13 -11.99 30.64
C SER E 233 -6.52 -11.85 29.97
N SER E 234 -7.54 -11.51 30.77
CA SER E 234 -8.92 -11.37 30.26
C SER E 234 -9.25 -9.94 29.79
N LEU E 235 -8.29 -9.02 29.89
CA LEU E 235 -8.53 -7.64 29.46
C LEU E 235 -8.87 -7.51 27.98
N GLU E 236 -8.19 -8.28 27.14
CA GLU E 236 -8.41 -8.21 25.70
C GLU E 236 -9.88 -8.56 25.38
N LYS E 237 -10.54 -7.75 24.55
CA LYS E 237 -11.96 -8.00 24.24
C LYS E 237 -12.20 -8.04 22.72
N SER E 238 -12.94 -9.05 22.26
CA SER E 238 -13.22 -9.25 20.82
C SER E 238 -14.19 -8.21 20.19
N TYR E 239 -13.98 -7.95 18.90
CA TYR E 239 -14.80 -7.03 18.09
C TYR E 239 -14.89 -7.49 16.62
N GLU E 240 -16.01 -7.17 15.95
CA GLU E 240 -16.22 -7.59 14.56
C GLU E 240 -15.95 -6.51 13.48
N LEU E 241 -15.00 -6.81 12.60
CA LEU E 241 -14.70 -5.97 11.44
C LEU E 241 -15.44 -6.54 10.22
N PRO E 242 -15.99 -5.71 9.32
CA PRO E 242 -16.75 -6.20 8.14
C PRO E 242 -15.99 -7.28 7.33
N ASP E 243 -14.68 -7.08 7.17
CA ASP E 243 -13.83 -8.02 6.41
C ASP E 243 -13.67 -9.40 7.08
N GLY E 244 -13.57 -9.44 8.41
CA GLY E 244 -13.40 -10.73 9.08
C GLY E 244 -12.39 -10.71 10.23
N GLN E 245 -11.37 -9.86 10.15
CA GLN E 245 -10.40 -9.77 11.24
C GLN E 245 -11.02 -9.14 12.47
N VAL E 246 -10.52 -9.53 13.61
CA VAL E 246 -11.00 -8.99 14.87
C VAL E 246 -9.90 -8.18 15.51
N ILE E 247 -10.19 -6.92 15.81
CA ILE E 247 -9.19 -6.07 16.42
C ILE E 247 -9.38 -6.12 17.91
N THR E 248 -8.36 -6.62 18.57
CA THR E 248 -8.41 -6.81 20.00
C THR E 248 -8.01 -5.55 20.77
N ILE E 249 -8.85 -5.18 21.71
CA ILE E 249 -8.64 -4.01 22.55
C ILE E 249 -8.55 -4.41 24.03
N GLY E 250 -7.41 -4.10 24.66
CA GLY E 250 -7.21 -4.48 26.07
C GLY E 250 -7.23 -3.33 27.06
N ASN E 251 -6.17 -2.51 27.08
CA ASN E 251 -6.14 -1.39 28.03
C ASN E 251 -6.76 -0.12 27.44
N GLU E 252 -7.21 -0.23 26.21
CA GLU E 252 -7.85 0.87 25.50
C GLU E 252 -9.34 0.93 25.88
N ARG E 253 -9.79 -0.11 26.57
CA ARG E 253 -11.19 -0.26 26.98
C ARG E 253 -11.64 0.88 27.90
N PHE E 254 -10.76 1.26 28.81
CA PHE E 254 -11.04 2.32 29.78
C PHE E 254 -10.33 3.65 29.47
N ARG E 255 -9.18 3.58 28.82
CA ARG E 255 -8.39 4.77 28.49
C ARG E 255 -9.10 5.81 27.58
N CYS E 256 -9.86 5.36 26.55
CA CYS E 256 -10.57 6.29 25.64
C CYS E 256 -11.49 7.33 26.34
N PRO E 257 -12.43 6.90 27.22
CA PRO E 257 -13.34 7.79 27.99
C PRO E 257 -12.59 8.76 28.88
N GLU E 258 -11.42 8.32 29.29
CA GLU E 258 -10.52 9.03 30.17
C GLU E 258 -10.08 10.36 29.58
N ALA E 259 -10.06 10.47 28.26
CA ALA E 259 -9.65 11.71 27.61
C ALA E 259 -10.57 12.86 28.05
N LEU E 260 -11.87 12.61 28.19
CA LEU E 260 -12.79 13.64 28.67
C LEU E 260 -12.38 14.11 30.09
N PHE E 261 -12.12 13.12 30.94
CA PHE E 261 -11.70 13.30 32.35
C PHE E 261 -10.27 13.86 32.51
N GLN E 262 -9.37 13.39 31.65
CA GLN E 262 -7.94 13.71 31.67
C GLN E 262 -7.42 14.14 30.29
N PRO E 263 -7.67 15.41 29.92
CA PRO E 263 -7.31 16.01 28.61
C PRO E 263 -5.81 15.97 28.31
N SER E 264 -4.99 15.82 29.35
CA SER E 264 -3.54 15.78 29.22
C SER E 264 -3.05 14.72 28.21
N PHE E 265 -3.75 13.58 28.12
CA PHE E 265 -3.35 12.52 27.16
C PHE E 265 -3.38 13.06 25.71
N LEU E 266 -4.40 13.86 25.41
CA LEU E 266 -4.54 14.54 24.10
C LEU E 266 -3.38 15.47 23.79
N GLY E 267 -2.97 16.17 24.82
CA GLY E 267 -1.96 17.19 24.67
C GLY E 267 -2.51 18.54 25.10
N MET E 268 -3.66 18.49 25.77
CA MET E 268 -4.33 19.69 26.25
C MET E 268 -3.99 19.99 27.70
N GLU E 269 -3.80 21.26 27.95
CA GLU E 269 -3.48 21.77 29.27
C GLU E 269 -4.78 22.12 30.03
N SER E 270 -5.90 21.96 29.32
CA SER E 270 -7.24 22.26 29.84
C SER E 270 -7.70 21.30 30.94
N CYS E 271 -8.53 21.82 31.84
CA CYS E 271 -9.09 21.02 32.95
C CYS E 271 -10.12 20.01 32.44
N GLY E 272 -10.23 18.89 33.15
CA GLY E 272 -11.18 17.85 32.77
C GLY E 272 -12.63 18.33 32.77
N ILE E 273 -13.46 17.75 31.90
CA ILE E 273 -14.86 18.16 31.78
C ILE E 273 -15.67 17.97 33.09
N HIS E 274 -15.44 16.88 33.82
CA HIS E 274 -16.18 16.67 35.08
C HIS E 274 -15.88 17.83 36.04
N GLU E 275 -14.61 18.25 36.06
CA GLU E 275 -14.14 19.40 36.84
C GLU E 275 -14.86 20.68 36.39
N THR E 276 -15.05 20.79 35.07
CA THR E 276 -15.71 21.96 34.47
C THR E 276 -17.14 22.11 35.02
N THR E 277 -17.83 20.98 35.17
CA THR E 277 -19.18 20.98 35.76
C THR E 277 -19.13 21.54 37.19
N PHE E 278 -18.09 21.14 37.91
CA PHE E 278 -17.83 21.60 39.28
C PHE E 278 -17.65 23.11 39.38
N ASN E 279 -16.95 23.71 38.41
CA ASN E 279 -16.75 25.17 38.41
C ASN E 279 -18.09 25.90 38.33
N SER E 280 -19.01 25.38 37.52
CA SER E 280 -20.33 25.98 37.39
C SER E 280 -21.07 26.00 38.74
N ILE E 281 -20.92 24.91 39.50
CA ILE E 281 -21.53 24.77 40.84
C ILE E 281 -20.93 25.78 41.83
N MET E 282 -19.62 25.97 41.76
CA MET E 282 -18.89 26.92 42.64
C MET E 282 -19.41 28.35 42.47
N LYS E 283 -19.68 28.69 41.21
CA LYS E 283 -20.19 30.01 40.81
C LYS E 283 -21.65 30.22 41.30
N CYS E 284 -22.36 29.10 41.38
CA CYS E 284 -23.79 29.06 41.77
C CYS E 284 -24.02 29.38 43.25
N ASP E 285 -25.27 29.76 43.55
CA ASP E 285 -25.66 30.13 44.91
C ASP E 285 -25.40 28.95 45.87
N VAL E 286 -24.75 29.29 46.98
CA VAL E 286 -24.32 28.34 48.01
C VAL E 286 -25.45 27.52 48.66
N ASP E 287 -26.57 28.18 48.95
CA ASP E 287 -27.72 27.53 49.59
C ASP E 287 -28.28 26.36 48.76
N ILE E 288 -28.34 26.53 47.45
CA ILE E 288 -28.92 25.50 46.58
C ILE E 288 -27.88 24.46 46.10
N ARG E 289 -26.63 24.60 46.52
CA ARG E 289 -25.58 23.64 46.09
C ARG E 289 -25.89 22.20 46.51
N LYS E 290 -26.41 22.00 47.74
CA LYS E 290 -26.73 20.64 48.20
C LYS E 290 -27.84 20.02 47.35
N ASP E 291 -28.83 20.85 47.02
CA ASP E 291 -29.93 20.40 46.15
C ASP E 291 -29.42 19.99 44.77
N LEU E 292 -28.47 20.76 44.25
CA LEU E 292 -27.90 20.51 42.92
C LEU E 292 -27.23 19.14 42.83
N TYR E 293 -26.52 18.75 43.89
CA TYR E 293 -25.87 17.43 43.92
C TYR E 293 -26.88 16.30 43.76
N ALA E 294 -28.04 16.43 44.41
CA ALA E 294 -29.08 15.42 44.32
C ALA E 294 -29.90 15.53 43.02
N ASN E 295 -29.70 16.62 42.29
CA ASN E 295 -30.46 16.88 41.05
C ASN E 295 -29.65 16.64 39.74
N THR E 296 -28.46 16.05 39.83
CA THR E 296 -27.61 15.84 38.63
C THR E 296 -28.15 14.76 37.65
N VAL E 297 -28.23 15.13 36.35
CA VAL E 297 -28.72 14.21 35.29
C VAL E 297 -27.68 13.93 34.17
N LEU E 298 -27.46 12.65 33.84
CA LEU E 298 -26.53 12.29 32.75
C LEU E 298 -27.33 11.86 31.49
N SER E 299 -27.23 12.62 30.40
CA SER E 299 -27.96 12.27 29.16
C SER E 299 -27.19 12.49 27.84
N GLY E 300 -27.59 11.72 26.82
CA GLY E 300 -27.04 11.93 25.47
C GLY E 300 -25.89 11.05 24.94
N GLY E 301 -25.68 11.28 23.64
CA GLY E 301 -24.69 10.66 22.76
C GLY E 301 -23.78 9.55 23.29
N THR E 302 -22.73 9.92 24.01
CA THR E 302 -21.76 8.93 24.48
C THR E 302 -21.75 8.63 25.99
N THR E 303 -22.76 9.08 26.72
CA THR E 303 -22.85 8.79 28.17
C THR E 303 -23.21 7.33 28.41
N MET E 304 -23.58 6.65 27.34
CA MET E 304 -24.01 5.25 27.40
C MET E 304 -22.85 4.23 27.48
N TYR E 305 -21.61 4.71 27.66
CA TYR E 305 -20.47 3.80 27.84
C TYR E 305 -20.64 3.15 29.21
N PRO E 306 -20.55 1.81 29.37
CA PRO E 306 -20.76 1.24 30.69
C PRO E 306 -19.63 1.58 31.66
N GLY E 307 -20.00 1.72 32.92
CA GLY E 307 -19.05 2.05 33.95
C GLY E 307 -18.88 3.56 34.15
N ILE E 308 -19.46 4.36 33.24
CA ILE E 308 -19.34 5.83 33.33
C ILE E 308 -20.01 6.38 34.58
N ALA E 309 -21.16 5.81 34.94
CA ALA E 309 -21.88 6.24 36.14
C ALA E 309 -21.03 6.02 37.38
N ASP E 310 -20.33 4.88 37.43
CA ASP E 310 -19.47 4.55 38.56
C ASP E 310 -18.29 5.52 38.71
N ARG E 311 -17.71 5.91 37.57
CA ARG E 311 -16.57 6.85 37.58
C ARG E 311 -16.97 8.25 38.05
N MET E 312 -18.15 8.70 37.63
CA MET E 312 -18.64 10.04 37.97
C MET E 312 -18.78 10.24 39.46
N GLN E 313 -19.29 9.22 40.15
CA GLN E 313 -19.47 9.30 41.59
C GLN E 313 -18.13 9.53 42.30
N LYS E 314 -17.11 8.78 41.89
CA LYS E 314 -15.75 8.90 42.48
C LYS E 314 -15.10 10.28 42.32
N GLU E 315 -15.11 10.82 41.11
CA GLU E 315 -14.50 12.13 40.89
C GLU E 315 -15.24 13.27 41.57
N ILE E 316 -16.57 13.22 41.56
CA ILE E 316 -17.35 14.27 42.21
C ILE E 316 -17.10 14.26 43.72
N THR E 317 -17.00 13.06 44.31
CA THR E 317 -16.73 12.93 45.74
C THR E 317 -15.37 13.53 46.10
N ALA E 318 -14.37 13.33 45.25
CA ALA E 318 -13.03 13.88 45.48
C ALA E 318 -13.03 15.41 45.29
N LEU E 319 -13.76 15.88 44.28
CA LEU E 319 -13.88 17.32 43.99
C LEU E 319 -14.68 18.09 45.05
N ALA E 320 -15.75 17.47 45.54
CA ALA E 320 -16.63 18.10 46.55
C ALA E 320 -15.98 18.22 47.93
N PRO E 321 -16.34 19.29 48.70
CA PRO E 321 -15.78 19.54 50.04
C PRO E 321 -15.86 18.35 51.03
N SER E 322 -17.00 17.62 51.00
CA SER E 322 -17.28 16.42 51.84
C SER E 322 -18.49 16.64 52.76
N THR E 323 -18.71 15.70 53.70
CA THR E 323 -19.80 15.80 54.70
C THR E 323 -21.23 15.84 54.08
N MET E 324 -21.37 15.61 52.77
CA MET E 324 -22.71 15.62 52.18
C MET E 324 -22.95 14.57 51.09
N LYS E 325 -24.24 14.33 50.89
CA LYS E 325 -24.79 13.36 49.94
C LYS E 325 -24.69 13.81 48.47
N ILE E 326 -24.21 12.90 47.63
CA ILE E 326 -24.14 13.15 46.18
C ILE E 326 -24.98 12.09 45.47
N LYS E 327 -25.99 12.53 44.73
CA LYS E 327 -26.88 11.59 44.05
C LYS E 327 -26.94 11.84 42.54
N ILE E 328 -26.85 10.77 41.77
CA ILE E 328 -26.88 10.88 40.32
C ILE E 328 -28.18 10.28 39.77
N ILE E 329 -28.84 11.05 38.92
CA ILE E 329 -30.11 10.63 38.32
C ILE E 329 -29.81 9.90 37.02
N ALA E 330 -30.24 8.65 36.95
CA ALA E 330 -29.98 7.82 35.79
C ALA E 330 -31.23 7.30 35.09
N PRO E 331 -31.67 7.99 34.01
CA PRO E 331 -32.82 7.54 33.22
C PRO E 331 -32.39 6.46 32.21
N PRO E 332 -33.12 5.33 32.15
CA PRO E 332 -32.83 4.19 31.24
C PRO E 332 -32.61 4.63 29.79
N GLU E 333 -33.42 5.57 29.35
CA GLU E 333 -33.41 6.08 27.97
C GLU E 333 -32.52 7.33 27.81
N ARG E 334 -31.41 7.40 28.55
CA ARG E 334 -30.54 8.59 28.53
C ARG E 334 -29.96 8.94 27.14
N LYS E 335 -29.61 7.94 26.33
CA LYS E 335 -29.13 8.22 24.96
C LYS E 335 -30.13 8.98 24.10
N TYR E 336 -31.38 8.60 24.21
CA TYR E 336 -32.42 9.23 23.42
C TYR E 336 -33.22 10.26 24.22
N SER E 337 -32.76 10.57 25.45
CA SER E 337 -33.50 11.49 26.33
C SER E 337 -33.69 12.87 25.72
N VAL E 338 -32.67 13.39 25.05
CA VAL E 338 -32.78 14.70 24.43
C VAL E 338 -33.91 14.72 23.39
N TRP E 339 -33.92 13.74 22.49
CA TRP E 339 -34.96 13.64 21.46
C TRP E 339 -36.32 13.28 22.07
N ILE E 340 -36.30 12.38 23.05
CA ILE E 340 -37.52 11.87 23.71
C ILE E 340 -38.32 12.99 24.38
N GLY E 341 -37.64 13.90 25.05
CA GLY E 341 -38.34 15.00 25.70
C GLY E 341 -39.14 15.84 24.70
N GLY E 342 -38.55 16.09 23.54
CA GLY E 342 -39.21 16.85 22.50
C GLY E 342 -40.40 16.13 21.84
N SER E 343 -40.24 14.84 21.57
CA SER E 343 -41.27 14.01 20.89
C SER E 343 -42.65 13.90 21.58
N ILE E 344 -42.66 13.60 22.88
CA ILE E 344 -43.93 13.39 23.60
C ILE E 344 -44.86 14.61 23.76
N LEU E 345 -44.33 15.78 24.10
CA LEU E 345 -45.22 16.93 24.31
C LEU E 345 -45.45 17.76 23.05
N ALA E 346 -45.61 17.11 21.92
CA ALA E 346 -45.87 17.84 20.68
C ALA E 346 -47.25 17.58 20.06
N SER E 347 -48.04 16.64 20.60
CA SER E 347 -49.36 16.35 19.99
C SER E 347 -50.56 16.14 20.97
N LEU E 348 -50.46 16.46 22.27
CA LEU E 348 -51.59 16.13 23.19
C LEU E 348 -52.96 16.75 22.87
N SER E 349 -53.00 18.06 22.64
CA SER E 349 -54.24 18.84 22.37
C SER E 349 -54.11 20.22 22.98
N THR E 350 -53.52 20.25 24.18
CA THR E 350 -53.30 21.52 24.88
C THR E 350 -51.97 22.10 24.46
N PHE E 351 -51.26 21.34 23.64
CA PHE E 351 -50.04 21.81 23.05
C PHE E 351 -50.38 22.49 21.72
N GLN E 352 -51.66 22.32 21.31
CA GLN E 352 -52.22 23.03 20.15
C GLN E 352 -52.34 24.52 20.40
N GLN E 353 -52.75 24.83 21.62
CA GLN E 353 -52.93 26.21 22.07
C GLN E 353 -51.61 27.00 22.03
N MET E 354 -50.54 26.29 22.41
CA MET E 354 -49.18 26.84 22.53
C MET E 354 -48.33 26.91 21.23
N TRP E 355 -48.73 26.22 20.16
CA TRP E 355 -47.94 26.24 18.89
C TRP E 355 -47.77 27.61 18.25
N ILE E 356 -46.57 27.83 17.72
CA ILE E 356 -46.30 29.03 16.97
C ILE E 356 -46.66 28.66 15.53
N SER E 357 -47.60 29.39 14.96
CA SER E 357 -48.10 29.05 13.63
C SER E 357 -47.60 29.98 12.54
N LYS E 358 -47.68 29.47 11.33
CA LYS E 358 -47.29 30.22 10.13
C LYS E 358 -48.11 31.49 9.99
N GLN E 359 -49.40 31.37 10.30
CA GLN E 359 -50.33 32.50 10.21
C GLN E 359 -49.92 33.65 11.14
N GLU E 360 -49.48 33.31 12.35
CA GLU E 360 -49.01 34.32 13.32
C GLU E 360 -47.75 35.05 12.84
N TYR E 361 -46.82 34.32 12.22
CA TYR E 361 -45.57 34.91 11.72
C TYR E 361 -45.83 36.00 10.67
N ASP E 362 -46.79 35.76 9.80
CA ASP E 362 -47.13 36.73 8.76
C ASP E 362 -47.57 38.07 9.38
N GLU E 363 -48.33 38.01 10.46
CA GLU E 363 -48.79 39.23 11.11
C GLU E 363 -47.66 40.00 11.84
N SER E 364 -47.26 39.52 13.03
CA SER E 364 -46.17 40.15 13.82
C SER E 364 -44.79 40.15 13.14
N GLY E 365 -44.44 39.06 12.48
CA GLY E 365 -43.13 38.95 11.84
C GLY E 365 -42.11 38.15 12.69
N PRO E 366 -40.80 38.42 12.50
CA PRO E 366 -39.70 37.74 13.24
C PRO E 366 -39.77 37.94 14.77
N SER E 367 -40.31 39.07 15.17
CA SER E 367 -40.46 39.49 16.59
C SER E 367 -41.28 38.52 17.46
N ILE E 368 -42.18 37.77 16.83
CA ILE E 368 -43.10 36.87 17.54
C ILE E 368 -42.43 35.78 18.41
N VAL E 369 -41.34 35.17 17.94
CA VAL E 369 -40.70 34.10 18.72
C VAL E 369 -40.23 34.57 20.11
N HIS E 370 -39.65 35.78 20.21
CA HIS E 370 -39.23 36.31 21.51
C HIS E 370 -40.40 36.55 22.49
N ARG E 371 -41.51 37.05 21.94
CA ARG E 371 -42.69 37.45 22.72
C ARG E 371 -43.52 36.33 23.41
N LYS E 372 -43.76 35.18 22.78
CA LYS E 372 -44.64 34.18 23.43
C LYS E 372 -43.95 33.15 24.34
N CYS E 373 -42.63 33.16 24.46
CA CYS E 373 -42.03 32.17 25.35
C CYS E 373 -41.88 32.74 26.75
N PHE E 374 -42.69 32.21 27.65
CA PHE E 374 -42.73 32.62 29.07
C PHE E 374 -43.22 34.07 29.25
N ASP F 1 38.10 5.40 18.38
CA ASP F 1 38.85 4.16 18.73
C ASP F 1 39.29 4.12 20.20
N ASP F 2 38.57 3.28 21.00
CA ASP F 2 38.89 2.97 22.43
C ASP F 2 37.96 3.52 23.54
N ASP F 3 37.78 4.84 23.67
CA ASP F 3 36.99 5.37 24.82
C ASP F 3 35.54 4.89 24.90
N ILE F 4 34.88 4.88 23.76
CA ILE F 4 33.47 4.46 23.52
C ILE F 4 32.95 5.26 22.34
N ALA F 5 33.32 4.80 21.15
CA ALA F 5 33.01 5.47 19.88
C ALA F 5 31.52 5.66 19.62
N ALA F 6 30.68 4.87 20.27
CA ALA F 6 29.23 5.00 20.12
C ALA F 6 28.72 4.44 18.78
N LEU F 7 28.10 3.29 18.87
CA LEU F 7 27.52 2.63 17.71
C LEU F 7 26.08 3.10 17.61
N VAL F 8 25.72 3.68 16.50
CA VAL F 8 24.36 4.17 16.36
C VAL F 8 23.58 3.33 15.37
N VAL F 9 22.47 2.77 15.82
CA VAL F 9 21.63 1.98 14.94
C VAL F 9 20.34 2.74 14.67
N ASP F 10 20.11 3.03 13.41
CA ASP F 10 18.93 3.77 13.00
C ASP F 10 17.90 2.80 12.41
N ASN F 11 16.73 2.76 13.03
CA ASN F 11 15.66 1.85 12.60
C ASN F 11 14.44 2.57 12.01
N GLY F 12 13.89 1.93 10.99
CA GLY F 12 12.73 2.44 10.29
C GLY F 12 12.04 1.31 9.52
N SER F 13 11.06 1.63 8.70
CA SER F 13 10.35 0.60 7.91
C SER F 13 11.31 -0.15 6.99
N GLY F 14 12.24 0.58 6.39
CA GLY F 14 13.22 0.00 5.51
C GLY F 14 14.44 0.90 5.33
N MET F 15 15.49 0.38 4.70
CA MET F 15 16.71 1.17 4.45
C MET F 15 17.37 1.67 5.76
N CYS F 16 17.55 0.76 6.71
CA CYS F 16 18.16 1.07 8.02
C CYS F 16 19.66 1.39 7.87
N LYS F 17 20.24 2.09 8.85
CA LYS F 17 21.65 2.49 8.76
C LYS F 17 22.36 2.61 10.14
N ALA F 18 23.70 2.56 10.10
CA ALA F 18 24.52 2.60 11.33
C ALA F 18 25.95 3.14 11.11
N GLY F 19 26.62 3.56 12.20
CA GLY F 19 27.99 4.09 12.09
C GLY F 19 28.72 4.31 13.43
N PHE F 20 29.65 5.28 13.45
CA PHE F 20 30.47 5.62 14.64
C PHE F 20 30.43 7.14 14.93
N ALA F 21 30.70 7.54 16.17
CA ALA F 21 30.67 8.97 16.56
C ALA F 21 31.83 9.76 15.95
N GLY F 22 31.58 11.05 15.74
CA GLY F 22 32.55 11.94 15.14
C GLY F 22 32.42 11.97 13.63
N ASP F 23 31.60 11.06 13.11
CA ASP F 23 31.32 10.97 11.68
C ASP F 23 30.31 12.01 11.20
N ASP F 24 30.38 12.31 9.92
CA ASP F 24 29.49 13.31 9.32
C ASP F 24 28.28 12.65 8.64
N ALA F 25 28.27 11.32 8.65
CA ALA F 25 27.22 10.51 8.03
C ALA F 25 27.40 9.05 8.43
N PRO F 26 26.35 8.19 8.33
CA PRO F 26 26.54 6.78 8.72
C PRO F 26 27.42 6.00 7.74
N ARG F 27 28.18 5.06 8.27
CA ARG F 27 29.09 4.23 7.50
C ARG F 27 28.40 3.21 6.56
N ALA F 28 27.33 2.58 7.03
CA ALA F 28 26.64 1.56 6.23
C ALA F 28 25.11 1.64 6.29
N VAL F 29 24.48 1.36 5.16
CA VAL F 29 23.02 1.35 5.01
C VAL F 29 22.54 0.01 4.43
N PHE F 30 21.55 -0.64 5.04
CA PHE F 30 21.07 -1.93 4.50
C PHE F 30 19.53 -2.04 4.52
N PRO F 31 18.96 -2.95 3.68
CA PRO F 31 17.50 -3.20 3.63
C PRO F 31 16.96 -3.90 4.87
N SER F 32 15.70 -3.64 5.22
CA SER F 32 15.12 -4.32 6.38
C SER F 32 14.12 -5.40 5.93
N ILE F 33 14.64 -6.59 5.66
CA ILE F 33 13.83 -7.74 5.27
C ILE F 33 14.32 -9.04 5.93
N VAL F 34 13.40 -9.92 6.29
CA VAL F 34 13.75 -11.22 6.89
C VAL F 34 13.03 -12.35 6.13
N GLY F 35 13.75 -13.39 5.71
CA GLY F 35 13.08 -14.44 4.95
C GLY F 35 13.21 -15.88 5.47
N ARG F 36 12.09 -16.60 5.38
CA ARG F 36 11.95 -18.00 5.79
C ARG F 36 11.08 -18.73 4.72
N PRO F 37 11.01 -20.08 4.64
CA PRO F 37 10.30 -20.77 3.52
C PRO F 37 8.85 -20.32 3.17
N ARG F 38 8.68 -20.07 1.86
CA ARG F 38 7.39 -19.70 1.22
C ARG F 38 7.07 -20.64 0.06
N HIS F 39 5.80 -21.03 -0.07
CA HIS F 39 5.37 -21.88 -1.20
C HIS F 39 6.14 -23.22 -1.16
N GLN F 40 6.31 -23.71 0.07
CA GLN F 40 7.06 -24.95 0.40
C GLN F 40 8.56 -24.86 0.04
N GLY F 41 9.07 -23.66 -0.18
CA GLY F 41 10.50 -23.48 -0.51
C GLY F 41 10.89 -23.51 -2.01
N VAL F 42 9.96 -23.89 -2.92
CA VAL F 42 10.22 -23.90 -4.41
C VAL F 42 10.80 -25.23 -5.02
N MET F 43 10.84 -26.33 -4.24
CA MET F 43 11.26 -27.68 -4.77
C MET F 43 12.70 -28.20 -4.60
N VAL F 44 12.72 -29.48 -4.20
CA VAL F 44 13.91 -30.36 -4.01
C VAL F 44 14.88 -30.07 -2.83
N GLY F 45 14.57 -30.70 -1.69
CA GLY F 45 15.44 -30.60 -0.51
C GLY F 45 15.15 -29.47 0.46
N MET F 46 13.94 -29.41 0.99
CA MET F 46 13.61 -28.30 1.89
C MET F 46 13.64 -28.64 3.38
N GLY F 47 14.16 -27.66 4.09
CA GLY F 47 14.35 -27.69 5.54
C GLY F 47 15.31 -26.58 5.94
N GLN F 48 16.56 -26.76 5.45
CA GLN F 48 17.75 -25.87 5.61
C GLN F 48 17.68 -24.70 6.64
N LYS F 49 18.70 -23.85 6.55
CA LYS F 49 18.77 -22.66 7.40
C LYS F 49 18.31 -21.45 6.61
N ASP F 50 17.24 -20.84 7.09
CA ASP F 50 16.73 -19.66 6.44
C ASP F 50 16.17 -18.65 7.42
N SER F 51 16.81 -17.51 7.36
CA SER F 51 16.52 -16.31 8.11
C SER F 51 17.55 -15.33 7.63
N TYR F 52 17.29 -14.74 6.48
CA TYR F 52 18.25 -13.85 5.87
C TYR F 52 17.92 -12.40 6.11
N VAL F 53 18.90 -11.68 6.61
CA VAL F 53 18.77 -10.26 6.87
C VAL F 53 19.80 -9.50 6.06
N GLY F 54 19.36 -8.48 5.34
CA GLY F 54 20.26 -7.71 4.51
C GLY F 54 19.79 -7.69 3.06
N ASP F 55 20.67 -7.31 2.14
CA ASP F 55 20.25 -7.29 0.73
C ASP F 55 20.52 -8.62 0.02
N GLU F 56 21.13 -9.58 0.73
CA GLU F 56 21.35 -10.91 0.16
C GLU F 56 20.01 -11.64 0.04
N ALA F 57 19.12 -11.28 0.97
CA ALA F 57 17.76 -11.79 1.06
C ALA F 57 16.87 -11.28 -0.07
N GLN F 58 17.20 -10.10 -0.60
CA GLN F 58 16.38 -9.47 -1.64
C GLN F 58 16.32 -10.36 -2.89
N SER F 59 17.46 -10.91 -3.29
CA SER F 59 17.51 -11.87 -4.41
C SER F 59 16.64 -13.09 -4.12
N LYS F 60 16.73 -13.51 -2.86
CA LYS F 60 16.06 -14.69 -2.32
C LYS F 60 14.58 -14.47 -1.96
N ARG F 61 14.04 -13.32 -2.31
CA ARG F 61 12.65 -12.97 -1.99
C ARG F 61 11.63 -13.95 -2.58
N GLY F 62 11.87 -14.39 -3.81
CA GLY F 62 10.97 -15.35 -4.43
C GLY F 62 10.84 -16.67 -3.66
N ILE F 63 11.95 -17.18 -3.12
CA ILE F 63 11.93 -18.46 -2.39
C ILE F 63 11.80 -18.32 -0.85
N LEU F 64 11.92 -17.11 -0.31
CA LEU F 64 11.74 -16.88 1.14
C LEU F 64 10.62 -15.87 1.43
N THR F 65 9.83 -16.13 2.46
CA THR F 65 8.78 -15.23 2.89
C THR F 65 9.39 -14.07 3.64
N LEU F 66 9.04 -12.86 3.29
CA LEU F 66 9.60 -11.71 4.00
C LEU F 66 8.61 -11.12 4.99
N LYS F 67 9.11 -10.91 6.18
CA LYS F 67 8.32 -10.32 7.26
C LYS F 67 8.99 -9.03 7.68
N TYR F 68 8.20 -8.02 7.96
CA TYR F 68 8.77 -6.73 8.34
C TYR F 68 8.87 -6.59 9.86
N PRO F 69 10.11 -6.58 10.38
CA PRO F 69 10.39 -6.43 11.81
C PRO F 69 9.85 -5.11 12.33
N ILE F 70 9.83 -4.15 11.42
CA ILE F 70 9.37 -2.81 11.69
C ILE F 70 8.19 -2.48 10.79
N GLU F 71 7.04 -2.17 11.33
CA GLU F 71 5.97 -1.78 10.45
C GLU F 71 5.68 -0.31 10.69
N HIS F 72 6.05 0.48 9.70
CA HIS F 72 5.85 1.93 9.71
C HIS F 72 6.36 2.65 10.98
N GLY F 73 7.61 2.35 11.39
CA GLY F 73 8.23 2.99 12.56
C GLY F 73 8.13 2.25 13.90
N ILE F 74 7.46 1.12 13.96
CA ILE F 74 7.31 0.34 15.22
C ILE F 74 7.67 -1.14 15.02
N VAL F 75 7.98 -1.85 16.11
CA VAL F 75 8.37 -3.25 16.01
C VAL F 75 7.29 -4.13 16.58
N THR F 76 6.76 -5.01 15.74
CA THR F 76 5.73 -5.95 16.17
C THR F 76 6.32 -7.32 16.46
N ASN F 77 7.26 -7.76 15.63
CA ASN F 77 7.91 -9.05 15.83
C ASN F 77 9.37 -8.87 16.24
N TRP F 78 9.66 -9.20 17.48
CA TRP F 78 11.00 -9.10 18.05
C TRP F 78 12.00 -10.12 17.50
N ASP F 79 11.52 -11.32 17.14
CA ASP F 79 12.43 -12.36 16.63
C ASP F 79 13.17 -11.91 15.36
N ASP F 80 12.46 -11.21 14.48
CA ASP F 80 13.08 -10.69 13.26
C ASP F 80 14.07 -9.55 13.59
N MET F 81 13.68 -8.71 14.54
CA MET F 81 14.47 -7.56 14.98
C MET F 81 15.85 -7.95 15.54
N GLU F 82 15.88 -9.03 16.34
CA GLU F 82 17.13 -9.52 16.94
C GLU F 82 18.15 -9.91 15.87
N LYS F 83 17.67 -10.56 14.81
CA LYS F 83 18.54 -10.98 13.72
C LYS F 83 19.22 -9.78 13.08
N ILE F 84 18.46 -8.69 12.92
CA ILE F 84 19.00 -7.46 12.36
C ILE F 84 20.14 -6.88 13.20
N TRP F 85 19.98 -6.88 14.53
CA TRP F 85 21.02 -6.33 15.40
C TRP F 85 22.27 -7.23 15.38
N HIS F 86 22.06 -8.54 15.38
CA HIS F 86 23.16 -9.49 15.30
C HIS F 86 23.94 -9.31 14.01
N HIS F 87 23.20 -9.18 12.92
CA HIS F 87 23.79 -9.04 11.60
C HIS F 87 24.49 -7.68 11.44
N THR F 88 23.88 -6.62 11.97
CA THR F 88 24.47 -5.28 11.87
C THR F 88 25.84 -5.18 12.54
N PHE F 89 25.96 -5.65 13.79
CA PHE F 89 27.24 -5.57 14.49
C PHE F 89 28.31 -6.52 13.92
N TYR F 90 27.96 -7.80 13.90
CA TYR F 90 28.87 -8.85 13.44
C TYR F 90 29.15 -8.85 11.93
N ASN F 91 28.14 -8.60 11.10
CA ASN F 91 28.35 -8.66 9.65
C ASN F 91 28.42 -7.32 8.92
N GLU F 92 27.57 -6.34 9.27
CA GLU F 92 27.59 -5.06 8.54
C GLU F 92 28.63 -4.03 9.04
N LEU F 93 28.57 -3.69 10.33
CA LEU F 93 29.55 -2.79 10.96
C LEU F 93 30.95 -3.42 11.12
N ARG F 94 30.94 -4.73 11.44
CA ARG F 94 32.16 -5.51 11.68
C ARG F 94 32.98 -4.95 12.86
N VAL F 95 32.24 -4.55 13.89
CA VAL F 95 32.82 -4.01 15.13
C VAL F 95 32.18 -4.70 16.35
N ALA F 96 32.99 -5.04 17.35
CA ALA F 96 32.43 -5.70 18.54
C ALA F 96 31.57 -4.75 19.37
N PRO F 97 30.31 -5.15 19.68
CA PRO F 97 29.38 -4.34 20.48
C PRO F 97 29.90 -4.03 21.90
N GLU F 98 30.67 -4.96 22.41
CA GLU F 98 31.23 -4.86 23.75
C GLU F 98 32.12 -3.61 23.98
N GLU F 99 33.03 -3.29 23.07
CA GLU F 99 33.84 -2.06 23.22
C GLU F 99 33.04 -0.75 23.03
N HIS F 100 32.13 -0.75 22.06
CA HIS F 100 31.36 0.45 21.69
C HIS F 100 29.87 0.40 22.12
N PRO F 101 29.40 1.44 22.85
CA PRO F 101 27.99 1.55 23.31
C PRO F 101 27.05 1.80 22.12
N VAL F 102 25.80 1.34 22.19
CA VAL F 102 24.89 1.52 21.04
C VAL F 102 23.71 2.45 21.33
N LEU F 103 23.43 3.32 20.36
CA LEU F 103 22.31 4.26 20.44
C LEU F 103 21.21 3.81 19.47
N LEU F 104 19.99 3.70 19.97
CA LEU F 104 18.88 3.27 19.13
C LEU F 104 17.89 4.41 18.85
N THR F 105 17.49 4.57 17.60
CA THR F 105 16.53 5.61 17.24
C THR F 105 15.09 5.10 17.45
N GLU F 106 14.15 6.04 17.55
CA GLU F 106 12.75 5.67 17.73
C GLU F 106 11.82 6.58 16.92
N ALA F 107 10.65 6.07 16.59
CA ALA F 107 9.64 6.85 15.90
C ALA F 107 8.93 7.75 16.93
N PRO F 108 8.45 8.93 16.53
CA PRO F 108 7.74 9.82 17.46
C PRO F 108 6.48 9.18 18.05
N LEU F 109 6.24 9.41 19.35
CA LEU F 109 5.09 8.82 20.06
C LEU F 109 5.13 7.28 20.02
N ASN F 110 6.31 6.76 20.33
CA ASN F 110 6.59 5.32 20.39
C ASN F 110 5.88 4.72 21.62
N PRO F 111 5.12 3.60 21.46
CA PRO F 111 4.37 3.03 22.59
C PRO F 111 5.27 2.61 23.76
N LYS F 112 4.71 2.80 24.95
CA LYS F 112 5.39 2.54 26.22
C LYS F 112 5.84 1.09 26.44
N ALA F 113 5.01 0.11 26.05
CA ALA F 113 5.37 -1.30 26.23
C ALA F 113 6.65 -1.68 25.49
N ASN F 114 6.80 -1.16 24.26
CA ASN F 114 7.99 -1.43 23.45
C ASN F 114 9.26 -0.80 24.05
N ARG F 115 9.11 0.41 24.58
CA ARG F 115 10.25 1.16 25.12
C ARG F 115 10.97 0.45 26.27
N GLU F 116 10.21 -0.16 27.18
CA GLU F 116 10.85 -0.89 28.28
C GLU F 116 11.54 -2.18 27.80
N LYS F 117 10.88 -2.89 26.88
CA LYS F 117 11.40 -4.16 26.37
C LYS F 117 12.66 -4.05 25.50
N MET F 118 12.75 -3.04 24.62
CA MET F 118 13.94 -2.90 23.77
C MET F 118 15.19 -2.72 24.63
N THR F 119 15.04 -1.93 25.69
CA THR F 119 16.11 -1.70 26.65
C THR F 119 16.53 -3.02 27.30
N GLN F 120 15.51 -3.82 27.61
CA GLN F 120 15.68 -5.14 28.23
C GLN F 120 16.51 -6.11 27.38
N ILE F 121 16.29 -6.09 26.06
CA ILE F 121 17.03 -6.98 25.16
C ILE F 121 18.51 -6.60 25.05
N MET F 122 18.81 -5.32 24.98
CA MET F 122 20.21 -4.87 24.88
C MET F 122 21.07 -5.29 26.06
N PHE F 123 20.51 -5.14 27.26
CA PHE F 123 21.26 -5.46 28.46
C PHE F 123 21.49 -6.96 28.69
N GLU F 124 20.51 -7.81 28.39
CA GLU F 124 20.70 -9.25 28.59
C GLU F 124 21.10 -10.04 27.33
N THR F 125 20.46 -9.77 26.19
CA THR F 125 20.78 -10.52 24.96
C THR F 125 22.17 -10.20 24.38
N PHE F 126 22.54 -8.91 24.33
CA PHE F 126 23.85 -8.53 23.77
C PHE F 126 24.85 -8.00 24.81
N ASN F 127 24.44 -7.91 26.07
CA ASN F 127 25.32 -7.42 27.16
C ASN F 127 25.99 -6.07 26.81
N THR F 128 25.27 -5.15 26.18
CA THR F 128 25.85 -3.84 25.83
C THR F 128 26.05 -2.94 27.07
N PRO F 129 27.27 -2.37 27.25
CA PRO F 129 27.58 -1.49 28.40
C PRO F 129 26.70 -0.23 28.51
N ALA F 130 26.40 0.40 27.38
CA ALA F 130 25.57 1.60 27.40
C ALA F 130 24.68 1.73 26.16
N MET F 131 23.53 2.38 26.33
CA MET F 131 22.60 2.61 25.23
C MET F 131 21.72 3.84 25.48
N TYR F 132 21.14 4.39 24.43
CA TYR F 132 20.28 5.57 24.56
C TYR F 132 19.21 5.56 23.46
N VAL F 133 18.04 6.13 23.76
CA VAL F 133 16.94 6.17 22.79
C VAL F 133 16.67 7.62 22.38
N ALA F 134 16.64 7.86 21.06
CA ALA F 134 16.46 9.21 20.51
C ALA F 134 15.36 9.28 19.44
N ILE F 135 14.87 10.49 19.18
CA ILE F 135 13.80 10.68 18.19
C ILE F 135 14.36 11.39 16.97
N GLN F 136 14.08 10.83 15.81
CA GLN F 136 14.61 11.32 14.54
C GLN F 136 14.19 12.76 14.22
N ALA F 137 12.94 13.10 14.51
CA ALA F 137 12.44 14.45 14.26
C ALA F 137 13.09 15.48 15.18
N VAL F 138 13.27 15.10 16.45
CA VAL F 138 13.86 16.00 17.45
C VAL F 138 15.29 16.39 17.05
N LEU F 139 16.08 15.39 16.69
CA LEU F 139 17.47 15.62 16.28
C LEU F 139 17.58 16.52 15.05
N SER F 140 16.71 16.32 14.05
CA SER F 140 16.75 17.14 12.83
C SER F 140 16.51 18.64 13.09
N LEU F 141 15.56 18.96 13.98
CA LEU F 141 15.31 20.35 14.35
C LEU F 141 16.49 20.89 15.15
N TYR F 142 16.97 20.00 16.01
CA TYR F 142 18.09 20.24 16.90
C TYR F 142 19.37 20.55 16.12
N ALA F 143 19.56 19.82 15.01
CA ALA F 143 20.74 19.94 14.14
C ALA F 143 20.88 21.34 13.55
N SER F 144 19.77 21.94 13.16
CA SER F 144 19.77 23.29 12.59
C SER F 144 20.11 24.35 13.65
N GLY F 145 20.13 23.93 14.93
CA GLY F 145 20.43 24.85 16.02
C GLY F 145 19.20 25.56 16.54
N ARG F 146 18.05 25.08 16.14
CA ARG F 146 16.77 25.66 16.53
C ARG F 146 15.90 24.68 17.31
N THR F 147 15.43 25.10 18.48
CA THR F 147 14.58 24.25 19.34
C THR F 147 13.07 24.48 19.14
N THR F 148 12.71 25.62 18.58
CA THR F 148 11.30 25.95 18.34
C THR F 148 10.97 25.78 16.86
N GLY F 149 9.98 24.97 16.53
CA GLY F 149 9.63 24.80 15.13
C GLY F 149 8.85 23.55 14.79
N ILE F 150 8.72 23.31 13.51
CA ILE F 150 8.02 22.14 13.00
C ILE F 150 8.89 21.42 11.97
N VAL F 151 9.04 20.12 12.13
CA VAL F 151 9.87 19.37 11.22
C VAL F 151 9.09 18.34 10.44
N MET F 152 9.25 18.38 9.14
CA MET F 152 8.64 17.38 8.29
C MET F 152 9.77 16.41 8.00
N ASP F 153 9.64 15.20 8.48
CA ASP F 153 10.72 14.23 8.34
C ASP F 153 10.46 13.19 7.29
N SER F 154 11.33 13.15 6.31
CA SER F 154 11.23 12.14 5.27
C SER F 154 12.08 10.98 5.72
N GLY F 155 11.44 9.96 6.27
CA GLY F 155 12.19 8.83 6.73
C GLY F 155 12.57 7.90 5.61
N ASP F 156 13.47 6.98 5.89
CA ASP F 156 13.89 6.03 4.88
C ASP F 156 12.75 5.05 4.58
N GLY F 157 11.83 4.95 5.53
CA GLY F 157 10.69 4.06 5.37
C GLY F 157 9.33 4.68 5.73
N VAL F 158 9.30 5.64 6.67
CA VAL F 158 8.04 6.27 7.09
C VAL F 158 8.19 7.79 7.32
N THR F 159 7.20 8.57 6.91
CA THR F 159 7.22 10.03 7.07
C THR F 159 6.34 10.51 8.23
N HIS F 160 6.94 11.18 9.20
CA HIS F 160 6.23 11.71 10.36
C HIS F 160 6.36 13.23 10.51
N THR F 161 5.25 13.85 10.89
CA THR F 161 5.22 15.30 11.15
C THR F 161 5.29 15.49 12.65
N VAL F 162 6.32 16.18 13.14
CA VAL F 162 6.50 16.33 14.59
C VAL F 162 6.92 17.74 15.03
N PRO F 163 5.97 18.69 15.21
CA PRO F 163 6.33 20.02 15.69
C PRO F 163 6.96 19.91 17.08
N ILE F 164 8.08 20.60 17.26
CA ILE F 164 8.81 20.53 18.54
C ILE F 164 8.97 21.87 19.25
N TYR F 165 8.46 21.98 20.47
CA TYR F 165 8.66 23.21 21.21
C TYR F 165 9.41 22.87 22.53
N GLU F 166 10.63 23.39 22.66
CA GLU F 166 11.50 23.14 23.85
C GLU F 166 11.82 21.68 24.12
N GLY F 167 12.07 20.90 23.07
CA GLY F 167 12.44 19.50 23.24
C GLY F 167 11.25 18.57 23.38
N TYR F 168 10.08 19.18 23.54
CA TYR F 168 8.84 18.42 23.72
C TYR F 168 8.04 18.40 22.42
N ALA F 169 7.67 17.22 21.98
CA ALA F 169 6.88 17.05 20.77
C ALA F 169 5.40 17.29 21.09
N LEU F 170 4.64 17.79 20.13
CA LEU F 170 3.22 18.05 20.38
C LEU F 170 2.36 16.85 19.97
N PRO F 171 1.78 16.14 20.95
CA PRO F 171 0.94 14.95 20.72
C PRO F 171 -0.29 15.23 19.87
N HIS F 172 -0.79 16.46 19.95
CA HIS F 172 -1.98 16.87 19.22
C HIS F 172 -1.66 17.45 17.84
N ALA F 173 -0.37 17.50 17.50
CA ALA F 173 0.06 18.02 16.20
C ALA F 173 0.82 16.99 15.36
N ILE F 174 0.81 15.73 15.78
CA ILE F 174 1.53 14.68 15.05
C ILE F 174 0.61 13.67 14.34
N LEU F 175 0.88 13.44 13.06
CA LEU F 175 0.13 12.49 12.25
C LEU F 175 1.06 11.53 11.52
N ARG F 176 0.58 10.32 11.27
CA ARG F 176 1.36 9.29 10.60
C ARG F 176 0.98 9.15 9.12
N LEU F 177 1.94 9.32 8.22
CA LEU F 177 1.71 9.15 6.80
C LEU F 177 2.66 8.04 6.32
N ASP F 178 2.16 7.10 5.54
CA ASP F 178 2.95 5.91 5.18
C ASP F 178 3.80 6.03 3.91
N LEU F 179 3.78 7.14 3.21
CA LEU F 179 4.61 7.27 2.01
C LEU F 179 5.88 8.06 2.36
N ALA F 180 7.06 7.46 2.18
CA ALA F 180 8.32 8.13 2.55
C ALA F 180 9.46 7.93 1.54
N GLY F 181 10.08 6.75 1.54
CA GLY F 181 11.18 6.50 0.62
C GLY F 181 11.08 5.20 -0.17
N ARG F 182 11.01 4.05 0.53
CA ARG F 182 10.92 2.75 -0.15
C ARG F 182 9.66 2.67 -1.02
N ASP F 183 8.56 3.19 -0.50
CA ASP F 183 7.27 3.18 -1.20
C ASP F 183 7.34 3.96 -2.53
N LEU F 184 8.03 5.09 -2.52
CA LEU F 184 8.22 5.89 -3.74
C LEU F 184 8.96 5.09 -4.80
N THR F 185 9.97 4.32 -4.35
CA THR F 185 10.74 3.50 -5.27
C THR F 185 9.83 2.49 -5.97
N ASP F 186 8.91 1.88 -5.23
CA ASP F 186 7.91 0.97 -5.81
C ASP F 186 7.08 1.73 -6.86
N TYR F 187 6.62 2.93 -6.45
CA TYR F 187 5.83 3.83 -7.30
C TYR F 187 6.53 4.28 -8.58
N LEU F 188 7.79 4.64 -8.46
CA LEU F 188 8.56 5.08 -9.62
C LEU F 188 8.61 3.99 -10.68
N MET F 189 8.86 2.76 -10.22
CA MET F 189 8.87 1.60 -11.12
C MET F 189 7.51 1.41 -11.79
N LYS F 190 6.45 1.59 -10.99
CA LYS F 190 5.07 1.40 -11.46
C LYS F 190 4.68 2.36 -12.61
N ILE F 191 5.11 3.62 -12.54
CA ILE F 191 4.79 4.57 -13.61
C ILE F 191 5.72 4.39 -14.81
N LEU F 192 6.95 3.96 -14.53
CA LEU F 192 7.95 3.68 -15.57
C LEU F 192 7.43 2.58 -16.51
N THR F 193 6.81 1.58 -15.88
CA THR F 193 6.21 0.43 -16.57
C THR F 193 5.10 0.87 -17.54
N GLU F 194 4.31 1.85 -17.11
CA GLU F 194 3.17 2.34 -17.91
C GLU F 194 3.61 2.90 -19.27
N ARG F 195 4.73 3.63 -19.31
CA ARG F 195 5.22 4.20 -20.57
C ARG F 195 5.56 3.11 -21.60
N GLY F 196 6.16 2.01 -21.15
CA GLY F 196 6.52 0.94 -22.07
C GLY F 196 7.80 0.18 -21.71
N TYR F 197 8.09 0.04 -20.41
CA TYR F 197 9.31 -0.66 -19.98
C TYR F 197 8.93 -1.88 -19.11
N SER F 198 9.62 -3.00 -19.31
CA SER F 198 9.25 -4.25 -18.63
C SER F 198 9.80 -4.48 -17.22
N PHE F 199 8.89 -4.41 -16.24
CA PHE F 199 9.20 -4.75 -14.85
C PHE F 199 8.15 -5.78 -14.36
N THR F 200 8.55 -7.04 -14.16
CA THR F 200 7.58 -8.06 -13.70
C THR F 200 8.06 -8.88 -12.49
N THR F 201 9.30 -8.65 -12.08
CA THR F 201 9.93 -9.42 -10.99
C THR F 201 10.56 -8.52 -9.95
N THR F 202 10.46 -8.93 -8.69
CA THR F 202 10.96 -8.15 -7.54
C THR F 202 12.48 -7.97 -7.55
N ALA F 203 13.19 -8.81 -8.29
CA ALA F 203 14.65 -8.74 -8.41
C ALA F 203 15.15 -7.41 -8.99
N GLU F 204 14.45 -6.87 -9.99
CA GLU F 204 14.86 -5.61 -10.64
C GLU F 204 14.28 -4.36 -9.97
N ARG F 205 13.49 -4.56 -8.91
CA ARG F 205 12.91 -3.46 -8.12
C ARG F 205 14.00 -2.58 -7.51
N GLU F 206 15.05 -3.22 -7.04
CA GLU F 206 16.20 -2.55 -6.43
C GLU F 206 16.89 -1.60 -7.41
N ILE F 207 16.87 -1.95 -8.69
CA ILE F 207 17.52 -1.17 -9.74
C ILE F 207 16.98 0.26 -9.82
N VAL F 208 15.67 0.42 -9.68
CA VAL F 208 15.06 1.75 -9.71
C VAL F 208 15.51 2.64 -8.53
N ARG F 209 16.03 2.04 -7.44
CA ARG F 209 16.52 2.84 -6.29
C ARG F 209 17.64 3.78 -6.75
N ASP F 210 18.51 3.22 -7.59
CA ASP F 210 19.62 3.99 -8.17
C ASP F 210 19.06 5.14 -8.99
N ILE F 211 17.99 4.82 -9.71
CA ILE F 211 17.26 5.79 -10.52
C ILE F 211 16.73 6.94 -9.66
N LYS F 212 16.23 6.58 -8.47
CA LYS F 212 15.60 7.57 -7.60
C LYS F 212 16.52 8.71 -7.16
N GLU F 213 17.73 8.45 -6.66
CA GLU F 213 18.56 9.58 -6.26
C GLU F 213 19.08 10.40 -7.46
N LYS F 214 19.51 9.70 -8.53
CA LYS F 214 19.98 10.36 -9.75
C LYS F 214 18.94 11.09 -10.62
N LEU F 215 17.75 10.48 -10.77
CA LEU F 215 16.72 11.06 -11.68
C LEU F 215 15.46 11.67 -11.05
N CYS F 216 15.29 11.69 -9.74
CA CYS F 216 14.06 12.29 -9.22
C CYS F 216 14.20 13.81 -9.14
N TYR F 217 13.27 14.50 -9.79
CA TYR F 217 13.29 15.97 -9.84
C TYR F 217 11.93 16.55 -9.45
N VAL F 218 11.92 17.77 -8.98
CA VAL F 218 10.65 18.42 -8.65
C VAL F 218 10.51 19.69 -9.49
N ALA F 219 9.36 19.85 -10.16
CA ALA F 219 9.12 21.00 -11.03
C ALA F 219 8.64 22.23 -10.26
N LEU F 220 9.00 23.42 -10.76
CA LEU F 220 8.59 24.67 -10.14
C LEU F 220 7.06 24.82 -10.15
N ASP F 221 6.44 24.41 -11.26
CA ASP F 221 4.99 24.40 -11.40
C ASP F 221 4.59 23.16 -12.22
N PHE F 222 3.83 22.26 -11.59
CA PHE F 222 3.43 21.01 -12.23
C PHE F 222 2.59 21.07 -13.52
N GLU F 223 1.51 21.85 -13.57
CA GLU F 223 0.69 21.84 -14.80
C GLU F 223 1.36 22.46 -16.01
N GLN F 224 2.08 23.56 -15.81
CA GLN F 224 2.79 24.22 -16.90
C GLN F 224 3.85 23.27 -17.49
N GLU F 225 4.49 22.56 -16.55
CA GLU F 225 5.54 21.59 -16.83
C GLU F 225 5.04 20.45 -17.72
N MET F 226 3.80 20.00 -17.47
CA MET F 226 3.18 18.90 -18.23
C MET F 226 3.06 19.25 -19.72
N ALA F 227 2.70 20.51 -20.02
CA ALA F 227 2.57 20.96 -21.41
C ALA F 227 3.91 20.94 -22.16
N THR F 228 4.96 21.34 -21.45
CA THR F 228 6.33 21.37 -21.97
C THR F 228 6.81 19.96 -22.36
N ALA F 229 6.44 19.02 -21.50
CA ALA F 229 6.80 17.60 -21.61
C ALA F 229 6.33 16.90 -22.90
N ALA F 230 5.15 17.25 -23.38
CA ALA F 230 4.56 16.61 -24.57
C ALA F 230 5.45 16.75 -25.82
N SER F 231 6.05 17.92 -26.01
CA SER F 231 6.95 18.16 -27.15
C SER F 231 8.26 17.37 -27.05
N SER F 232 8.63 17.01 -25.80
CA SER F 232 9.87 16.25 -25.50
C SER F 232 11.09 17.18 -25.47
N SER F 233 11.75 17.34 -26.61
CA SER F 233 12.93 18.20 -26.72
C SER F 233 14.06 17.78 -25.74
N SER F 234 14.39 18.67 -24.80
CA SER F 234 15.46 18.40 -23.83
C SER F 234 14.95 17.74 -22.54
N LEU F 235 13.65 17.49 -22.44
CA LEU F 235 13.09 16.86 -21.23
C LEU F 235 13.64 15.46 -20.97
N GLU F 236 13.83 14.68 -22.01
CA GLU F 236 14.33 13.31 -21.86
C GLU F 236 15.72 13.33 -21.19
N LYS F 237 15.93 12.50 -20.17
CA LYS F 237 17.21 12.50 -19.46
C LYS F 237 17.81 11.09 -19.37
N SER F 238 19.10 10.96 -19.70
CA SER F 238 19.81 9.66 -19.69
C SER F 238 20.05 9.05 -18.30
N TYR F 239 20.06 7.71 -18.27
CA TYR F 239 20.32 6.90 -17.06
C TYR F 239 21.05 5.58 -17.39
N GLU F 240 21.85 5.08 -16.45
CA GLU F 240 22.63 3.85 -16.66
C GLU F 240 22.04 2.56 -16.05
N LEU F 241 21.76 1.60 -16.91
CA LEU F 241 21.31 0.25 -16.49
C LEU F 241 22.53 -0.67 -16.50
N PRO F 242 22.66 -1.59 -15.52
CA PRO F 242 23.82 -2.50 -15.44
C PRO F 242 24.13 -3.23 -16.78
N ASP F 243 23.08 -3.66 -17.47
CA ASP F 243 23.21 -4.36 -18.76
C ASP F 243 23.77 -3.49 -19.90
N GLY F 244 23.38 -2.23 -19.97
CA GLY F 244 23.88 -1.35 -21.03
C GLY F 244 22.82 -0.44 -21.64
N GLN F 245 21.56 -0.86 -21.64
CA GLN F 245 20.49 0.01 -22.17
C GLN F 245 20.24 1.19 -21.25
N VAL F 246 19.83 2.27 -21.84
CA VAL F 246 19.53 3.46 -21.08
C VAL F 246 18.04 3.73 -21.16
N ILE F 247 17.40 3.84 -20.00
CA ILE F 247 15.97 4.10 -19.98
C ILE F 247 15.77 5.58 -19.85
N THR F 248 15.15 6.13 -20.87
CA THR F 248 14.93 7.56 -20.95
C THR F 248 13.66 7.98 -20.21
N ILE F 249 13.82 8.98 -19.37
CA ILE F 249 12.72 9.53 -18.58
C ILE F 249 12.51 11.02 -18.91
N GLY F 250 11.31 11.37 -19.38
CA GLY F 250 11.04 12.76 -19.76
C GLY F 250 10.09 13.51 -18.84
N ASN F 251 8.79 13.18 -18.89
CA ASN F 251 7.82 13.88 -18.04
C ASN F 251 7.65 13.19 -16.68
N GLU F 252 8.38 12.10 -16.51
CA GLU F 252 8.36 11.34 -15.27
C GLU F 252 9.34 11.95 -14.26
N ARG F 253 10.14 12.90 -14.75
CA ARG F 253 11.17 13.57 -13.95
C ARG F 253 10.56 14.33 -12.76
N PHE F 254 9.43 14.98 -13.01
CA PHE F 254 8.75 15.77 -12.00
C PHE F 254 7.48 15.09 -11.43
N ARG F 255 6.83 14.27 -12.26
CA ARG F 255 5.60 13.59 -11.86
C ARG F 255 5.72 12.65 -10.63
N CYS F 256 6.82 11.87 -10.52
CA CYS F 256 7.02 10.94 -9.38
C CYS F 256 6.88 11.59 -7.96
N PRO F 257 7.62 12.70 -7.67
CA PRO F 257 7.56 13.44 -6.38
C PRO F 257 6.16 13.98 -6.09
N GLU F 258 5.46 14.25 -7.18
CA GLU F 258 4.11 14.81 -7.18
C GLU F 258 3.13 13.91 -6.46
N ALA F 259 3.39 12.61 -6.43
CA ALA F 259 2.48 11.68 -5.76
C ALA F 259 2.35 12.06 -4.27
N LEU F 260 3.44 12.46 -3.63
CA LEU F 260 3.36 12.90 -2.23
C LEU F 260 2.40 14.12 -2.10
N PHE F 261 2.60 15.08 -3.00
CA PHE F 261 1.81 16.32 -3.09
C PHE F 261 0.35 16.12 -3.57
N GLN F 262 0.21 15.22 -4.54
CA GLN F 262 -1.08 14.92 -5.21
C GLN F 262 -1.36 13.40 -5.26
N PRO F 263 -1.86 12.86 -4.13
CA PRO F 263 -2.16 11.42 -3.94
C PRO F 263 -3.18 10.85 -4.94
N SER F 264 -3.96 11.74 -5.55
CA SER F 264 -5.00 11.36 -6.52
C SER F 264 -4.44 10.51 -7.68
N PHE F 265 -3.19 10.75 -8.12
CA PHE F 265 -2.59 9.95 -9.19
C PHE F 265 -2.52 8.46 -8.80
N LEU F 266 -2.18 8.20 -7.55
CA LEU F 266 -2.15 6.84 -6.97
C LEU F 266 -3.51 6.16 -7.00
N GLY F 267 -4.52 6.95 -6.71
CA GLY F 267 -5.86 6.42 -6.59
C GLY F 267 -6.38 6.68 -5.18
N MET F 268 -5.67 7.56 -4.47
CA MET F 268 -6.04 7.92 -3.10
C MET F 268 -6.85 9.20 -3.05
N GLU F 269 -7.84 9.17 -2.20
CA GLU F 269 -8.73 10.29 -1.97
C GLU F 269 -8.18 11.18 -0.84
N SER F 270 -7.06 10.74 -0.27
CA SER F 270 -6.39 11.43 0.83
C SER F 270 -5.73 12.75 0.42
N CYS F 271 -5.67 13.68 1.37
CA CYS F 271 -5.05 15.00 1.16
C CYS F 271 -3.53 14.88 1.03
N GLY F 272 -2.93 15.80 0.27
CA GLY F 272 -1.48 15.79 0.07
C GLY F 272 -0.70 15.97 1.37
N ILE F 273 0.49 15.39 1.43
CA ILE F 273 1.32 15.45 2.64
C ILE F 273 1.70 16.88 3.06
N HIS F 274 2.01 17.75 2.09
CA HIS F 274 2.36 19.14 2.44
C HIS F 274 1.18 19.81 3.16
N GLU F 275 -0.03 19.52 2.67
CA GLU F 275 -1.29 19.97 3.27
C GLU F 275 -1.42 19.42 4.70
N THR F 276 -1.01 18.16 4.87
CA THR F 276 -1.09 17.49 6.17
C THR F 276 -0.25 18.24 7.22
N THR F 277 0.92 18.73 6.80
CA THR F 277 1.77 19.54 7.69
C THR F 277 1.02 20.80 8.12
N PHE F 278 0.30 21.40 7.17
CA PHE F 278 -0.52 22.58 7.39
C PHE F 278 -1.61 22.36 8.44
N ASN F 279 -2.26 21.19 8.42
CA ASN F 279 -3.30 20.88 9.41
C ASN F 279 -2.73 20.91 10.83
N SER F 280 -1.52 20.39 10.99
CA SER F 280 -0.87 20.39 12.31
C SER F 280 -0.69 21.83 12.83
N ILE F 281 -0.32 22.73 11.92
CA ILE F 281 -0.12 24.16 12.24
C ILE F 281 -1.45 24.83 12.65
N MET F 282 -2.53 24.49 11.95
CA MET F 282 -3.87 25.03 12.24
C MET F 282 -4.33 24.69 13.66
N LYS F 283 -4.01 23.46 14.06
CA LYS F 283 -4.33 22.92 15.39
C LYS F 283 -3.51 23.61 16.50
N CYS F 284 -2.31 24.03 16.12
CA CYS F 284 -1.32 24.68 17.00
C CYS F 284 -1.73 26.08 17.44
N ASP F 285 -1.11 26.53 18.53
CA ASP F 285 -1.39 27.85 19.11
C ASP F 285 -1.11 28.94 18.07
N VAL F 286 -2.09 29.83 17.94
CA VAL F 286 -2.09 30.92 16.96
C VAL F 286 -0.91 31.92 17.08
N ASP F 287 -0.56 32.27 18.31
CA ASP F 287 0.53 33.23 18.58
C ASP F 287 1.88 32.74 18.01
N ILE F 288 2.16 31.45 18.14
CA ILE F 288 3.45 30.91 17.70
C ILE F 288 3.44 30.46 16.23
N ARG F 289 2.31 30.60 15.54
CA ARG F 289 2.24 30.18 14.13
C ARG F 289 3.24 30.92 13.22
N LYS F 290 3.43 32.22 13.44
CA LYS F 290 4.39 32.98 12.61
C LYS F 290 5.81 32.48 12.84
N ASP F 291 6.14 32.18 14.09
CA ASP F 291 7.45 31.63 14.43
C ASP F 291 7.68 30.28 13.76
N LEU F 292 6.62 29.45 13.72
CA LEU F 292 6.69 28.11 13.13
C LEU F 292 7.07 28.16 11.64
N TYR F 293 6.52 29.14 10.92
CA TYR F 293 6.82 29.29 9.50
C TYR F 293 8.32 29.53 9.27
N ALA F 294 8.93 30.34 10.13
CA ALA F 294 10.36 30.63 10.02
C ALA F 294 11.23 29.51 10.61
N ASN F 295 10.61 28.56 11.30
CA ASN F 295 11.32 27.45 11.94
C ASN F 295 11.21 26.08 11.20
N THR F 296 10.67 26.06 9.99
CA THR F 296 10.48 24.79 9.24
C THR F 296 11.79 24.14 8.74
N VAL F 297 11.96 22.83 9.03
CA VAL F 297 13.17 22.07 8.63
C VAL F 297 12.85 20.86 7.71
N LEU F 298 13.56 20.74 6.58
CA LEU F 298 13.38 19.57 5.67
C LEU F 298 14.55 18.59 5.82
N SER F 299 14.29 17.37 6.31
CA SER F 299 15.38 16.38 6.48
C SER F 299 15.02 14.93 6.11
N GLY F 300 16.04 14.14 5.76
CA GLY F 300 15.86 12.71 5.53
C GLY F 300 15.68 12.16 4.11
N GLY F 301 15.71 10.81 4.11
CA GLY F 301 15.58 9.90 2.97
C GLY F 301 15.45 10.46 1.55
N THR F 302 14.26 10.89 1.18
CA THR F 302 14.02 11.36 -0.19
C THR F 302 13.80 12.87 -0.38
N THR F 303 14.10 13.67 0.63
CA THR F 303 13.97 15.14 0.50
C THR F 303 15.07 15.71 -0.38
N MET F 304 16.04 14.88 -0.69
CA MET F 304 17.21 15.27 -1.48
C MET F 304 16.95 15.33 -3.01
N TYR F 305 15.68 15.19 -3.43
CA TYR F 305 15.34 15.33 -4.85
C TYR F 305 15.53 16.81 -5.21
N PRO F 306 16.24 17.18 -6.28
CA PRO F 306 16.41 18.60 -6.54
C PRO F 306 15.11 19.27 -6.99
N GLY F 307 14.98 20.53 -6.61
CA GLY F 307 13.79 21.30 -6.94
C GLY F 307 12.70 21.18 -5.88
N ILE F 308 12.87 20.25 -4.93
CA ILE F 308 11.85 20.04 -3.88
C ILE F 308 11.68 21.27 -3.00
N ALA F 309 12.80 21.93 -2.67
CA ALA F 309 12.76 23.14 -1.86
C ALA F 309 11.94 24.24 -2.53
N ASP F 310 12.11 24.35 -3.86
CA ASP F 310 11.38 25.36 -4.63
C ASP F 310 9.87 25.11 -4.64
N ARG F 311 9.49 23.83 -4.75
CA ARG F 311 8.06 23.45 -4.75
C ARG F 311 7.37 23.73 -3.42
N MET F 312 8.08 23.44 -2.33
CA MET F 312 7.53 23.61 -0.98
C MET F 312 7.13 25.05 -0.70
N GLN F 313 7.96 25.98 -1.13
CA GLN F 313 7.67 27.39 -0.92
C GLN F 313 6.34 27.79 -1.58
N LYS F 314 6.15 27.37 -2.83
CA LYS F 314 4.93 27.66 -3.58
C LYS F 314 3.63 27.13 -2.95
N GLU F 315 3.61 25.86 -2.56
CA GLU F 315 2.41 25.29 -1.96
C GLU F 315 2.08 25.88 -0.59
N ILE F 316 3.10 26.11 0.23
CA ILE F 316 2.87 26.69 1.54
C ILE F 316 2.30 28.11 1.42
N THR F 317 2.82 28.87 0.46
CA THR F 317 2.33 30.24 0.22
C THR F 317 0.85 30.23 -0.18
N ALA F 318 0.46 29.26 -1.01
CA ALA F 318 -0.94 29.14 -1.43
C ALA F 318 -1.84 28.67 -0.27
N LEU F 319 -1.32 27.74 0.54
CA LEU F 319 -2.05 27.21 1.70
C LEU F 319 -2.20 28.24 2.83
N ALA F 320 -1.14 29.03 3.07
CA ALA F 320 -1.13 30.03 4.14
C ALA F 320 -2.05 31.23 3.85
N PRO F 321 -2.64 31.83 4.92
CA PRO F 321 -3.56 32.99 4.79
C PRO F 321 -3.03 34.18 3.97
N SER F 322 -1.72 34.49 4.13
CA SER F 322 -0.98 35.57 3.41
C SER F 322 -0.46 36.64 4.39
N THR F 323 0.04 37.76 3.84
CA THR F 323 0.54 38.91 4.64
C THR F 323 1.73 38.56 5.57
N MET F 324 2.33 37.37 5.44
CA MET F 324 3.46 37.03 6.30
C MET F 324 4.58 36.22 5.62
N LYS F 325 5.73 36.30 6.27
CA LYS F 325 6.98 35.66 5.84
C LYS F 325 7.00 34.15 6.08
N ILE F 326 7.44 33.41 5.07
CA ILE F 326 7.59 31.97 5.16
C ILE F 326 9.06 31.63 4.88
N LYS F 327 9.73 31.01 5.84
CA LYS F 327 11.15 30.69 5.67
C LYS F 327 11.43 29.20 5.86
N ILE F 328 12.22 28.64 4.97
CA ILE F 328 12.55 27.22 5.04
C ILE F 328 14.02 27.03 5.39
N ILE F 329 14.26 26.19 6.37
CA ILE F 329 15.62 25.92 6.86
C ILE F 329 16.19 24.74 6.08
N ALA F 330 17.29 24.99 5.39
CA ALA F 330 17.90 23.97 4.55
C ALA F 330 19.34 23.61 4.94
N PRO F 331 19.52 22.54 5.72
CA PRO F 331 20.85 22.05 6.09
C PRO F 331 21.46 21.21 4.96
N PRO F 332 22.72 21.50 4.57
CA PRO F 332 23.44 20.77 3.48
C PRO F 332 23.39 19.24 3.64
N GLU F 333 23.52 18.80 4.87
CA GLU F 333 23.55 17.37 5.22
C GLU F 333 22.16 16.82 5.60
N ARG F 334 21.09 17.31 4.95
CA ARG F 334 19.72 16.91 5.30
C ARG F 334 19.44 15.40 5.15
N LYS F 335 20.01 14.74 4.15
CA LYS F 335 19.81 13.28 4.01
C LYS F 335 20.32 12.49 5.21
N TYR F 336 21.46 12.89 5.74
CA TYR F 336 22.05 12.21 6.87
C TYR F 336 21.80 12.94 8.19
N SER F 337 20.95 13.97 8.17
CA SER F 337 20.71 14.79 9.37
C SER F 337 20.15 13.98 10.53
N VAL F 338 19.25 13.05 10.25
CA VAL F 338 18.69 12.23 11.31
C VAL F 338 19.79 11.42 12.03
N TRP F 339 20.64 10.74 11.25
CA TRP F 339 21.73 9.95 11.82
C TRP F 339 22.81 10.85 12.44
N ILE F 340 23.09 11.97 11.76
CA ILE F 340 24.14 12.91 12.17
C ILE F 340 23.88 13.50 13.55
N GLY F 341 22.63 13.85 13.83
CA GLY F 341 22.32 14.40 15.14
C GLY F 341 22.66 13.42 16.28
N GLY F 342 22.35 12.15 16.05
CA GLY F 342 22.65 11.12 17.03
C GLY F 342 24.15 10.83 17.23
N SER F 343 24.90 10.79 16.12
CA SER F 343 26.34 10.48 16.14
C SER F 343 27.26 11.41 16.97
N ILE F 344 27.12 12.72 16.78
CA ILE F 344 28.01 13.69 17.45
C ILE F 344 27.91 13.77 18.98
N LEU F 345 26.72 13.81 19.54
CA LEU F 345 26.60 13.95 21.00
C LEU F 345 26.60 12.62 21.76
N ALA F 346 27.42 11.67 21.34
CA ALA F 346 27.46 10.38 22.03
C ALA F 346 28.82 10.08 22.70
N SER F 347 29.84 10.92 22.49
CA SER F 347 31.17 10.63 23.10
C SER F 347 31.93 11.83 23.74
N LEU F 348 31.33 13.00 23.96
CA LEU F 348 32.13 14.16 24.45
C LEU F 348 32.86 13.99 25.81
N SER F 349 32.13 13.53 26.83
CA SER F 349 32.65 13.34 28.22
C SER F 349 31.55 13.66 29.21
N THR F 350 30.77 14.69 28.88
CA THR F 350 29.65 15.10 29.73
C THR F 350 28.41 14.35 29.30
N PHE F 351 28.57 13.57 28.25
CA PHE F 351 27.52 12.69 27.81
C PHE F 351 27.70 11.34 28.52
N GLN F 352 28.85 11.20 29.19
CA GLN F 352 29.13 10.06 30.07
C GLN F 352 28.25 10.05 31.29
N GLN F 353 28.04 11.23 31.83
CA GLN F 353 27.21 11.45 33.01
C GLN F 353 25.75 11.01 32.76
N MET F 354 25.29 11.33 31.55
CA MET F 354 23.92 11.10 31.08
C MET F 354 23.57 9.68 30.57
N TRP F 355 24.57 8.84 30.26
CA TRP F 355 24.29 7.47 29.74
C TRP F 355 23.50 6.57 30.66
N ILE F 356 22.61 5.80 30.04
CA ILE F 356 21.86 4.80 30.77
C ILE F 356 22.72 3.54 30.68
N SER F 357 23.13 3.03 31.82
CA SER F 357 24.04 1.90 31.85
C SER F 357 23.38 0.58 32.20
N LYS F 358 24.07 -0.49 31.84
CA LYS F 358 23.64 -1.85 32.11
C LYS F 358 23.49 -2.07 33.63
N GLN F 359 24.45 -1.52 34.37
CA GLN F 359 24.47 -1.65 35.82
C GLN F 359 23.22 -1.04 36.47
N GLU F 360 22.78 0.11 35.96
CA GLU F 360 21.56 0.77 36.45
C GLU F 360 20.30 -0.05 36.20
N TYR F 361 20.22 -0.68 35.02
CA TYR F 361 19.05 -1.50 34.66
C TYR F 361 18.84 -2.67 35.62
N ASP F 362 19.93 -3.29 36.04
CA ASP F 362 19.85 -4.41 36.97
C ASP F 362 19.20 -3.99 38.29
N GLU F 363 19.53 -2.79 38.76
CA GLU F 363 18.94 -2.30 40.02
C GLU F 363 17.44 -1.96 39.89
N SER F 364 17.13 -0.79 39.30
CA SER F 364 15.74 -0.34 39.11
C SER F 364 14.87 -1.25 38.21
N GLY F 365 15.46 -1.75 37.13
CA GLY F 365 14.71 -2.58 36.18
C GLY F 365 14.23 -1.80 34.95
N PRO F 366 13.14 -2.26 34.30
CA PRO F 366 12.54 -1.62 33.09
C PRO F 366 12.07 -0.16 33.32
N SER F 367 11.68 0.11 34.56
CA SER F 367 11.16 1.41 35.01
C SER F 367 12.16 2.59 34.82
N ILE F 368 13.44 2.29 34.79
CA ILE F 368 14.50 3.31 34.73
C ILE F 368 14.45 4.23 33.48
N VAL F 369 14.14 3.70 32.31
CA VAL F 369 14.12 4.54 31.09
C VAL F 369 13.11 5.71 31.20
N HIS F 370 11.92 5.47 31.75
CA HIS F 370 10.94 6.55 31.92
C HIS F 370 11.41 7.66 32.88
N ARG F 371 12.08 7.24 33.96
CA ARG F 371 12.50 8.13 35.04
C ARG F 371 13.63 9.16 34.75
N LYS F 372 14.68 8.80 34.00
CA LYS F 372 15.78 9.77 33.81
C LYS F 372 15.67 10.72 32.61
N CYS F 373 14.66 10.60 31.78
CA CYS F 373 14.59 11.53 30.66
C CYS F 373 13.76 12.75 31.04
N PHE F 374 14.46 13.87 31.17
CA PHE F 374 13.86 15.17 31.55
C PHE F 374 13.29 15.15 32.98
N ASP G 1 -26.79 -4.70 -41.53
CA ASP G 1 -26.69 -4.27 -42.95
C ASP G 1 -27.35 -2.91 -43.22
N ASP G 2 -26.52 -1.86 -43.38
CA ASP G 2 -26.93 -0.48 -43.78
C ASP G 2 -26.87 0.66 -42.73
N ASP G 3 -27.58 0.57 -41.61
CA ASP G 3 -27.61 1.73 -40.67
C ASP G 3 -26.26 2.16 -40.09
N ILE G 4 -25.47 1.17 -39.71
CA ILE G 4 -24.10 1.28 -39.13
C ILE G 4 -23.90 0.08 -38.22
N ALA G 5 -23.58 -1.04 -38.84
CA ALA G 5 -23.44 -2.34 -38.16
C ALA G 5 -22.38 -2.36 -37.07
N ALA G 6 -21.43 -1.43 -37.11
CA ALA G 6 -20.39 -1.34 -36.08
C ALA G 6 -19.33 -2.44 -36.22
N LEU G 7 -18.17 -2.02 -36.70
CA LEU G 7 -17.05 -2.91 -36.86
C LEU G 7 -16.24 -2.84 -35.59
N VAL G 8 -16.04 -3.95 -34.93
CA VAL G 8 -15.29 -3.93 -33.70
C VAL G 8 -13.94 -4.60 -33.86
N VAL G 9 -12.88 -3.86 -33.56
CA VAL G 9 -11.55 -4.41 -33.66
C VAL G 9 -10.98 -4.58 -32.25
N ASP G 10 -10.66 -5.81 -31.91
CA ASP G 10 -10.13 -6.12 -30.60
C ASP G 10 -8.62 -6.32 -30.69
N ASN G 11 -7.88 -5.51 -29.96
CA ASN G 11 -6.42 -5.56 -29.99
C ASN G 11 -5.80 -6.04 -28.68
N GLY G 12 -4.74 -6.81 -28.83
CA GLY G 12 -3.99 -7.36 -27.71
C GLY G 12 -2.60 -7.78 -28.16
N SER G 13 -1.85 -8.47 -27.30
CA SER G 13 -0.48 -8.90 -27.66
C SER G 13 -0.50 -9.81 -28.87
N GLY G 14 -1.49 -10.70 -28.92
CA GLY G 14 -1.63 -11.63 -30.02
C GLY G 14 -3.05 -12.18 -30.12
N MET G 15 -3.35 -12.88 -31.21
CA MET G 15 -4.68 -13.48 -31.40
C MET G 15 -5.82 -12.45 -31.41
N CYS G 16 -5.64 -11.38 -32.20
CA CYS G 16 -6.62 -10.30 -32.31
C CYS G 16 -7.89 -10.76 -33.04
N LYS G 17 -9.00 -10.05 -32.84
CA LYS G 17 -10.28 -10.47 -33.45
C LYS G 17 -11.23 -9.30 -33.78
N ALA G 18 -12.19 -9.55 -34.68
CA ALA G 18 -13.15 -8.52 -35.14
C ALA G 18 -14.49 -9.09 -35.65
N GLY G 19 -15.52 -8.24 -35.73
CA GLY G 19 -16.84 -8.69 -36.21
C GLY G 19 -17.87 -7.57 -36.48
N PHE G 20 -19.15 -7.90 -36.32
CA PHE G 20 -20.28 -6.97 -36.56
C PHE G 20 -21.26 -6.97 -35.36
N ALA G 21 -22.03 -5.89 -35.19
CA ALA G 21 -23.00 -5.77 -34.08
C ALA G 21 -24.19 -6.72 -34.23
N GLY G 22 -24.74 -7.11 -33.08
CA GLY G 22 -25.86 -8.05 -33.05
C GLY G 22 -25.38 -9.49 -32.97
N ASP G 23 -24.08 -9.66 -33.16
CA ASP G 23 -23.45 -10.98 -33.09
C ASP G 23 -23.22 -11.45 -31.66
N ASP G 24 -23.12 -12.76 -31.50
CA ASP G 24 -22.92 -13.36 -30.19
C ASP G 24 -21.44 -13.68 -29.93
N ALA G 25 -20.61 -13.42 -30.95
CA ALA G 25 -19.17 -13.68 -30.90
C ALA G 25 -18.51 -13.05 -32.13
N PRO G 26 -17.18 -12.79 -32.13
CA PRO G 26 -16.54 -12.20 -33.31
C PRO G 26 -16.47 -13.16 -34.49
N ARG G 27 -16.60 -12.59 -35.69
CA ARG G 27 -16.57 -13.36 -36.93
C ARG G 27 -15.19 -13.94 -37.29
N ALA G 28 -14.12 -13.18 -37.08
CA ALA G 28 -12.77 -13.64 -37.43
C ALA G 28 -11.69 -13.32 -36.38
N VAL G 29 -10.75 -14.25 -36.24
CA VAL G 29 -9.63 -14.12 -35.31
C VAL G 29 -8.29 -14.36 -36.05
N PHE G 30 -7.31 -13.47 -35.89
CA PHE G 30 -6.02 -13.65 -36.57
C PHE G 30 -4.80 -13.34 -35.67
N PRO G 31 -3.62 -13.87 -36.03
CA PRO G 31 -2.36 -13.63 -35.28
C PRO G 31 -1.84 -12.19 -35.42
N SER G 32 -1.16 -11.67 -34.41
CA SER G 32 -0.61 -10.32 -34.54
C SER G 32 0.91 -10.38 -34.72
N ILE G 33 1.33 -10.51 -35.98
CA ILE G 33 2.75 -10.52 -36.35
C ILE G 33 3.01 -9.73 -37.63
N VAL G 34 4.14 -9.06 -37.72
CA VAL G 34 4.53 -8.30 -38.92
C VAL G 34 5.95 -8.69 -39.34
N GLY G 35 6.18 -9.03 -40.61
CA GLY G 35 7.52 -9.45 -41.01
C GLY G 35 8.15 -8.70 -42.17
N ARG G 36 9.46 -8.46 -42.01
CA ARG G 36 10.34 -7.77 -42.98
C ARG G 36 11.70 -8.51 -43.01
N PRO G 37 12.61 -8.33 -44.01
CA PRO G 37 13.85 -9.15 -44.10
C PRO G 37 14.73 -9.31 -42.84
N ARG G 38 15.06 -10.59 -42.57
CA ARG G 38 15.94 -11.04 -41.49
C ARG G 38 17.07 -11.92 -42.03
N HIS G 39 18.28 -11.76 -41.50
CA HIS G 39 19.42 -12.61 -41.92
C HIS G 39 19.65 -12.46 -43.44
N GLN G 40 19.52 -11.21 -43.89
CA GLN G 40 19.63 -10.80 -45.31
C GLN G 40 18.55 -11.43 -46.22
N GLY G 41 17.49 -11.97 -45.63
CA GLY G 41 16.40 -12.58 -46.41
C GLY G 41 16.53 -14.09 -46.73
N VAL G 42 17.68 -14.73 -46.46
CA VAL G 42 17.88 -16.20 -46.66
C VAL G 42 18.42 -16.66 -48.07
N MET G 43 18.86 -15.70 -48.93
CA MET G 43 19.53 -16.04 -50.24
C MET G 43 18.73 -16.05 -51.57
N VAL G 44 19.40 -15.41 -52.54
CA VAL G 44 19.01 -15.28 -53.97
C VAL G 44 17.81 -14.38 -54.35
N GLY G 45 18.12 -13.10 -54.60
CA GLY G 45 17.12 -12.14 -55.06
C GLY G 45 16.38 -11.37 -53.97
N MET G 46 17.11 -10.64 -53.13
CA MET G 46 16.45 -9.91 -52.05
C MET G 46 16.24 -8.42 -52.29
N GLY G 47 15.06 -8.01 -51.85
CA GLY G 47 14.57 -6.64 -51.95
C GLY G 47 13.07 -6.63 -51.71
N GLN G 48 12.38 -7.30 -52.66
CA GLN G 48 10.90 -7.53 -52.73
C GLN G 48 9.97 -6.73 -51.77
N LYS G 49 8.70 -7.17 -51.78
CA LYS G 49 7.71 -6.58 -50.89
C LYS G 49 7.51 -7.48 -49.69
N ASP G 50 7.80 -6.95 -48.53
CA ASP G 50 7.63 -7.70 -47.30
C ASP G 50 7.16 -6.84 -46.15
N SER G 51 6.01 -7.23 -45.68
CA SER G 51 5.29 -6.67 -44.57
C SER G 51 4.03 -7.50 -44.49
N TYR G 52 4.17 -8.67 -43.91
CA TYR G 52 3.06 -9.60 -43.86
C TYR G 52 2.35 -9.58 -42.52
N VAL G 53 1.05 -9.40 -42.59
CA VAL G 53 0.21 -9.40 -41.40
C VAL G 53 -0.83 -10.52 -41.51
N GLY G 54 -0.93 -11.31 -40.47
CA GLY G 54 -1.87 -12.43 -40.48
C GLY G 54 -1.16 -13.74 -40.21
N ASP G 55 -1.80 -14.87 -40.50
CA ASP G 55 -1.14 -16.15 -40.26
C ASP G 55 -0.34 -16.63 -41.47
N GLU G 56 -0.39 -15.89 -42.57
CA GLU G 56 0.42 -16.23 -43.75
C GLU G 56 1.90 -15.97 -43.44
N ALA G 57 2.09 -14.97 -42.58
CA ALA G 57 3.40 -14.55 -42.10
C ALA G 57 4.04 -15.58 -41.16
N GLN G 58 3.20 -16.35 -40.48
CA GLN G 58 3.70 -17.34 -39.51
C GLN G 58 4.61 -18.37 -40.18
N SER G 59 4.21 -18.85 -41.34
CA SER G 59 5.03 -19.77 -42.14
C SER G 59 6.36 -19.10 -42.52
N LYS G 60 6.24 -17.82 -42.85
CA LYS G 60 7.32 -16.96 -43.33
C LYS G 60 8.19 -16.39 -42.19
N ARG G 61 7.98 -16.85 -40.97
CA ARG G 61 8.71 -16.35 -39.78
C ARG G 61 10.23 -16.55 -39.91
N GLY G 62 10.64 -17.70 -40.43
CA GLY G 62 12.06 -17.96 -40.61
C GLY G 62 12.78 -16.95 -41.52
N ILE G 63 12.12 -16.53 -42.60
CA ILE G 63 12.74 -15.58 -43.55
C ILE G 63 12.36 -14.10 -43.32
N LEU G 64 11.38 -13.82 -42.45
CA LEU G 64 11.00 -12.43 -42.12
C LEU G 64 11.13 -12.13 -40.61
N THR G 65 11.62 -10.95 -40.29
CA THR G 65 11.74 -10.51 -38.91
C THR G 65 10.36 -10.11 -38.39
N LEU G 66 9.97 -10.62 -37.24
CA LEU G 66 8.67 -10.25 -36.70
C LEU G 66 8.79 -9.22 -35.59
N LYS G 67 7.98 -8.20 -35.72
CA LYS G 67 7.92 -7.12 -34.74
C LYS G 67 6.52 -7.07 -34.16
N TYR G 68 6.41 -6.85 -32.87
CA TYR G 68 5.10 -6.83 -32.24
C TYR G 68 4.55 -5.40 -32.15
N PRO G 69 3.47 -5.13 -32.93
CA PRO G 69 2.81 -3.82 -32.96
C PRO G 69 2.27 -3.47 -31.58
N ILE G 70 1.92 -4.53 -30.87
CA ILE G 70 1.37 -4.43 -29.53
C ILE G 70 2.28 -5.16 -28.54
N GLU G 71 2.81 -4.48 -27.56
CA GLU G 71 3.60 -5.21 -26.59
C GLU G 71 2.83 -5.20 -25.27
N HIS G 72 2.33 -6.37 -24.93
CA HIS G 72 1.58 -6.60 -23.70
C HIS G 72 0.43 -5.58 -23.44
N GLY G 73 -0.41 -5.37 -24.47
CA GLY G 73 -1.57 -4.47 -24.34
C GLY G 73 -1.39 -3.01 -24.81
N ILE G 74 -0.21 -2.63 -25.24
CA ILE G 74 0.05 -1.24 -25.71
C ILE G 74 0.76 -1.22 -27.07
N VAL G 75 0.67 -0.09 -27.79
CA VAL G 75 1.27 -0.01 -29.11
C VAL G 75 2.48 0.91 -29.08
N THR G 76 3.63 0.36 -29.43
CA THR G 76 4.87 1.13 -29.47
C THR G 76 5.20 1.57 -30.90
N ASN G 77 4.97 0.68 -31.86
CA ASN G 77 5.23 0.98 -33.26
C ASN G 77 3.93 1.08 -34.05
N TRP G 78 3.60 2.30 -34.44
CA TRP G 78 2.39 2.59 -35.22
C TRP G 78 2.42 2.06 -36.66
N ASP G 79 3.60 2.01 -37.28
CA ASP G 79 3.70 1.56 -38.68
C ASP G 79 3.20 0.13 -38.84
N ASP G 80 3.52 -0.74 -37.88
CA ASP G 80 3.06 -2.12 -37.91
C ASP G 80 1.54 -2.20 -37.67
N MET G 81 1.07 -1.36 -36.74
CA MET G 81 -0.35 -1.30 -36.35
C MET G 81 -1.28 -0.93 -37.53
N GLU G 82 -0.84 0.04 -38.35
CA GLU G 82 -1.63 0.48 -39.51
C GLU G 82 -1.87 -0.66 -40.51
N LYS G 83 -0.83 -1.48 -40.72
CA LYS G 83 -0.94 -2.61 -41.63
C LYS G 83 -2.03 -3.58 -41.16
N ILE G 84 -2.10 -3.79 -39.85
CA ILE G 84 -3.11 -4.68 -39.26
C ILE G 84 -4.53 -4.17 -39.52
N TRP G 85 -4.75 -2.86 -39.39
CA TRP G 85 -6.09 -2.30 -39.62
C TRP G 85 -6.46 -2.38 -41.10
N HIS G 86 -5.50 -2.10 -41.97
CA HIS G 86 -5.71 -2.20 -43.41
C HIS G 86 -6.08 -3.62 -43.81
N HIS G 87 -5.31 -4.56 -43.27
CA HIS G 87 -5.50 -5.97 -43.58
C HIS G 87 -6.82 -6.50 -42.99
N THR G 88 -7.16 -6.07 -41.77
CA THR G 88 -8.40 -6.52 -41.13
C THR G 88 -9.66 -6.15 -41.91
N PHE G 89 -9.78 -4.88 -42.31
CA PHE G 89 -10.95 -4.44 -43.06
C PHE G 89 -11.02 -5.02 -44.48
N TYR G 90 -9.96 -4.73 -45.24
CA TYR G 90 -9.88 -5.14 -46.64
C TYR G 90 -9.69 -6.65 -46.87
N ASN G 91 -8.88 -7.32 -46.05
CA ASN G 91 -8.63 -8.74 -46.27
C ASN G 91 -9.32 -9.71 -45.30
N GLU G 92 -9.38 -9.40 -44.01
CA GLU G 92 -9.99 -10.34 -43.06
C GLU G 92 -11.53 -10.25 -42.92
N LEU G 93 -12.03 -9.06 -42.58
CA LEU G 93 -13.48 -8.80 -42.51
C LEU G 93 -14.17 -8.78 -43.89
N ARG G 94 -13.44 -8.22 -44.87
CA ARG G 94 -13.93 -8.06 -46.26
C ARG G 94 -15.19 -7.17 -46.31
N VAL G 95 -15.16 -6.12 -45.50
CA VAL G 95 -16.24 -5.12 -45.43
C VAL G 95 -15.64 -3.71 -45.52
N ALA G 96 -16.29 -2.82 -46.27
CA ALA G 96 -15.78 -1.45 -46.38
C ALA G 96 -15.95 -0.67 -45.08
N PRO G 97 -14.84 -0.07 -44.56
CA PRO G 97 -14.86 0.73 -43.32
C PRO G 97 -15.79 1.94 -43.38
N GLU G 98 -15.94 2.47 -44.58
CA GLU G 98 -16.75 3.64 -44.82
C GLU G 98 -18.24 3.49 -44.43
N GLU G 99 -18.88 2.36 -44.79
CA GLU G 99 -20.28 2.14 -44.38
C GLU G 99 -20.45 1.85 -42.86
N HIS G 100 -19.52 1.08 -42.31
CA HIS G 100 -19.58 0.65 -40.89
C HIS G 100 -18.56 1.33 -39.95
N PRO G 101 -19.03 1.94 -38.84
CA PRO G 101 -18.16 2.62 -37.85
C PRO G 101 -17.32 1.59 -37.08
N VAL G 102 -16.13 1.97 -36.63
CA VAL G 102 -15.26 0.99 -35.94
C VAL G 102 -15.03 1.30 -34.46
N LEU G 103 -15.11 0.25 -33.64
CA LEU G 103 -14.87 0.36 -32.20
C LEU G 103 -13.53 -0.30 -31.86
N LEU G 104 -12.68 0.43 -31.15
CA LEU G 104 -11.36 -0.10 -30.79
C LEU G 104 -11.27 -0.39 -29.29
N THR G 105 -10.74 -1.57 -28.95
CA THR G 105 -10.57 -1.93 -27.54
C THR G 105 -9.25 -1.39 -27.00
N GLU G 106 -9.15 -1.28 -25.68
CA GLU G 106 -7.92 -0.79 -25.04
C GLU G 106 -7.59 -1.57 -23.78
N ALA G 107 -6.31 -1.59 -23.44
CA ALA G 107 -5.86 -2.21 -22.20
C ALA G 107 -6.14 -1.26 -21.02
N PRO G 108 -6.42 -1.78 -19.81
CA PRO G 108 -6.68 -0.91 -18.65
C PRO G 108 -5.49 -0.01 -18.32
N LEU G 109 -5.79 1.25 -17.96
CA LEU G 109 -4.76 2.25 -17.65
C LEU G 109 -3.84 2.51 -18.85
N ASN G 110 -4.47 2.68 -20.00
CA ASN G 110 -3.81 2.95 -21.29
C ASN G 110 -3.22 4.38 -21.25
N PRO G 111 -1.94 4.57 -21.63
CA PRO G 111 -1.31 5.91 -21.56
C PRO G 111 -2.03 6.96 -22.41
N LYS G 112 -2.02 8.17 -21.89
CA LYS G 112 -2.71 9.32 -22.48
C LYS G 112 -2.20 9.72 -23.88
N ALA G 113 -0.89 9.68 -24.10
CA ALA G 113 -0.32 10.05 -25.41
C ALA G 113 -0.86 9.17 -26.55
N ASN G 114 -0.97 7.87 -26.28
CA ASN G 114 -1.49 6.91 -27.26
C ASN G 114 -2.97 7.14 -27.58
N ARG G 115 -3.74 7.46 -26.55
CA ARG G 115 -5.19 7.63 -26.70
C ARG G 115 -5.58 8.75 -27.67
N GLU G 116 -4.88 9.88 -27.63
CA GLU G 116 -5.19 10.96 -28.56
C GLU G 116 -4.78 10.62 -30.00
N LYS G 117 -3.63 9.97 -30.15
CA LYS G 117 -3.09 9.63 -31.47
C LYS G 117 -3.87 8.53 -32.22
N MET G 118 -4.33 7.49 -31.53
CA MET G 118 -5.09 6.42 -32.21
C MET G 118 -6.36 6.99 -32.85
N THR G 119 -7.00 7.90 -32.12
CA THR G 119 -8.19 8.58 -32.61
C THR G 119 -7.86 9.39 -33.87
N GLN G 120 -6.68 10.02 -33.83
CA GLN G 120 -6.15 10.83 -34.92
C GLN G 120 -5.96 10.04 -36.22
N ILE G 121 -5.47 8.80 -36.09
CA ILE G 121 -5.24 7.97 -37.29
C ILE G 121 -6.54 7.52 -37.95
N MET G 122 -7.54 7.16 -37.15
CA MET G 122 -8.82 6.72 -37.71
C MET G 122 -9.52 7.80 -38.55
N PHE G 123 -9.50 9.01 -38.05
CA PHE G 123 -10.17 10.11 -38.74
C PHE G 123 -9.49 10.56 -40.04
N GLU G 124 -8.16 10.61 -40.06
CA GLU G 124 -7.47 11.04 -41.28
C GLU G 124 -6.94 9.90 -42.18
N THR G 125 -6.34 8.86 -41.60
CA THR G 125 -5.80 7.76 -42.41
C THR G 125 -6.89 6.88 -43.07
N PHE G 126 -7.94 6.53 -42.32
CA PHE G 126 -9.00 5.69 -42.89
C PHE G 126 -10.34 6.41 -43.10
N ASN G 127 -10.42 7.68 -42.73
CA ASN G 127 -11.65 8.48 -42.89
C ASN G 127 -12.91 7.78 -42.30
N THR G 128 -12.77 7.12 -41.14
CA THR G 128 -13.91 6.44 -40.53
C THR G 128 -14.94 7.43 -39.94
N PRO G 129 -16.24 7.28 -40.27
CA PRO G 129 -17.31 8.17 -39.77
C PRO G 129 -17.46 8.20 -38.25
N ALA G 130 -17.33 7.05 -37.59
CA ALA G 130 -17.46 6.99 -36.14
C ALA G 130 -16.55 5.92 -35.50
N MET G 131 -16.14 6.18 -34.26
CA MET G 131 -15.31 5.24 -33.52
C MET G 131 -15.48 5.42 -32.00
N TYR G 132 -15.11 4.40 -31.24
CA TYR G 132 -15.23 4.46 -29.78
C TYR G 132 -14.14 3.60 -29.12
N VAL G 133 -13.70 3.99 -27.93
CA VAL G 133 -12.66 3.24 -27.23
C VAL G 133 -13.24 2.62 -25.94
N ALA G 134 -13.02 1.32 -25.78
CA ALA G 134 -13.59 0.56 -24.64
C ALA G 134 -12.53 -0.29 -23.91
N ILE G 135 -12.84 -0.67 -22.69
CA ILE G 135 -11.90 -1.47 -21.88
C ILE G 135 -12.46 -2.88 -21.72
N GLN G 136 -11.59 -3.85 -22.01
CA GLN G 136 -11.96 -5.27 -22.01
C GLN G 136 -12.45 -5.77 -20.64
N ALA G 137 -11.80 -5.31 -19.57
CA ALA G 137 -12.19 -5.73 -18.22
C ALA G 137 -13.56 -5.14 -17.82
N VAL G 138 -13.78 -3.88 -18.19
CA VAL G 138 -15.04 -3.20 -17.87
C VAL G 138 -16.24 -3.91 -18.49
N LEU G 139 -16.12 -4.21 -19.77
CA LEU G 139 -17.19 -4.90 -20.50
C LEU G 139 -17.50 -6.28 -19.91
N SER G 140 -16.47 -7.04 -19.54
CA SER G 140 -16.70 -8.37 -18.97
C SER G 140 -17.51 -8.37 -17.67
N LEU G 141 -17.23 -7.39 -16.79
CA LEU G 141 -17.99 -7.25 -15.54
C LEU G 141 -19.40 -6.79 -15.87
N TYR G 142 -19.44 -5.88 -16.84
CA TYR G 142 -20.65 -5.27 -17.35
C TYR G 142 -21.60 -6.32 -17.95
N ALA G 143 -21.00 -7.28 -18.67
CA ALA G 143 -21.73 -8.36 -19.35
C ALA G 143 -22.54 -9.21 -18.39
N SER G 144 -21.98 -9.50 -17.22
CA SER G 144 -22.66 -10.30 -16.21
C SER G 144 -23.85 -9.53 -15.58
N GLY G 145 -23.94 -8.24 -15.88
CA GLY G 145 -25.01 -7.40 -15.34
C GLY G 145 -24.67 -6.81 -13.99
N ARG G 146 -23.40 -6.90 -13.64
CA ARG G 146 -22.92 -6.41 -12.36
C ARG G 146 -21.86 -5.31 -12.52
N THR G 147 -22.07 -4.17 -11.86
CA THR G 147 -21.14 -3.03 -11.95
C THR G 147 -20.11 -2.99 -10.81
N THR G 148 -20.40 -3.68 -9.72
CA THR G 148 -19.49 -3.72 -8.57
C THR G 148 -18.76 -5.05 -8.53
N GLY G 149 -17.43 -5.04 -8.53
CA GLY G 149 -16.71 -6.30 -8.46
C GLY G 149 -15.28 -6.25 -8.93
N ILE G 150 -14.69 -7.43 -9.07
CA ILE G 150 -13.32 -7.57 -9.53
C ILE G 150 -13.26 -8.59 -10.67
N VAL G 151 -12.61 -8.22 -11.74
CA VAL G 151 -12.54 -9.11 -12.88
C VAL G 151 -11.11 -9.53 -13.19
N MET G 152 -10.92 -10.83 -13.30
CA MET G 152 -9.64 -11.35 -13.70
C MET G 152 -9.81 -11.66 -15.17
N ASP G 153 -9.10 -10.94 -16.00
CA ASP G 153 -9.26 -11.09 -17.44
C ASP G 153 -8.15 -11.86 -18.10
N SER G 154 -8.52 -12.96 -18.72
CA SER G 154 -7.56 -13.75 -19.46
C SER G 154 -7.59 -13.25 -20.89
N GLY G 155 -6.64 -12.42 -21.24
CA GLY G 155 -6.62 -11.90 -22.58
C GLY G 155 -6.04 -12.88 -23.56
N ASP G 156 -6.22 -12.60 -24.83
CA ASP G 156 -5.68 -13.48 -25.85
C ASP G 156 -4.15 -13.37 -25.88
N GLY G 157 -3.65 -12.27 -25.34
CA GLY G 157 -2.20 -12.06 -25.30
C GLY G 157 -1.67 -11.58 -23.94
N VAL G 158 -2.48 -10.84 -23.17
CA VAL G 158 -2.04 -10.33 -21.86
C VAL G 158 -3.15 -10.41 -20.79
N THR G 159 -2.78 -10.78 -19.55
CA THR G 159 -3.74 -10.90 -18.45
C THR G 159 -3.67 -9.71 -17.48
N HIS G 160 -4.80 -9.01 -17.33
CA HIS G 160 -4.88 -7.86 -16.43
C HIS G 160 -5.95 -8.02 -15.35
N THR G 161 -5.61 -7.57 -14.15
CA THR G 161 -6.53 -7.59 -13.02
C THR G 161 -7.10 -6.17 -12.88
N VAL G 162 -8.42 -6.02 -12.99
CA VAL G 162 -9.02 -4.69 -12.95
C VAL G 162 -10.30 -4.59 -12.13
N PRO G 163 -10.23 -4.43 -10.79
CA PRO G 163 -11.44 -4.27 -9.99
C PRO G 163 -12.21 -3.03 -10.44
N ILE G 164 -13.52 -3.17 -10.64
CA ILE G 164 -14.34 -2.07 -11.12
C ILE G 164 -15.47 -1.65 -10.17
N TYR G 165 -15.48 -0.42 -9.73
CA TYR G 165 -16.57 0.05 -8.90
C TYR G 165 -17.26 1.24 -9.60
N GLU G 166 -18.52 1.06 -9.99
CA GLU G 166 -19.32 2.09 -10.69
C GLU G 166 -18.73 2.57 -12.02
N GLY G 167 -18.17 1.65 -12.80
CA GLY G 167 -17.63 2.01 -14.11
C GLY G 167 -16.21 2.54 -14.05
N TYR G 168 -15.75 2.79 -12.83
CA TYR G 168 -14.41 3.32 -12.60
C TYR G 168 -13.46 2.21 -12.15
N ALA G 169 -12.34 2.09 -12.83
CA ALA G 169 -11.34 1.09 -12.47
C ALA G 169 -10.47 1.61 -11.33
N LEU G 170 -9.96 0.73 -10.49
CA LEU G 170 -9.14 1.19 -9.38
C LEU G 170 -7.65 1.16 -9.75
N PRO G 171 -7.04 2.35 -9.89
CA PRO G 171 -5.61 2.50 -10.27
C PRO G 171 -4.65 1.84 -9.29
N HIS G 172 -5.05 1.80 -8.02
CA HIS G 172 -4.23 1.22 -6.96
C HIS G 172 -4.47 -0.29 -6.77
N ALA G 173 -5.37 -0.85 -7.57
CA ALA G 173 -5.69 -2.27 -7.48
C ALA G 173 -5.39 -3.03 -8.78
N ILE G 174 -4.71 -2.39 -9.73
CA ILE G 174 -4.42 -3.04 -11.01
C ILE G 174 -2.93 -3.36 -11.21
N LEU G 175 -2.67 -4.61 -11.60
CA LEU G 175 -1.31 -5.08 -11.86
C LEU G 175 -1.22 -5.77 -13.21
N ARG G 176 -0.05 -5.68 -13.84
CA ARG G 176 0.17 -6.30 -15.15
C ARG G 176 0.92 -7.63 -15.06
N LEU G 177 0.32 -8.70 -15.57
CA LEU G 177 0.98 -10.00 -15.59
C LEU G 177 1.08 -10.43 -17.06
N ASP G 178 2.23 -10.91 -17.48
CA ASP G 178 2.46 -11.18 -18.91
C ASP G 178 2.09 -12.58 -19.40
N LEU G 179 1.60 -13.46 -18.55
CA LEU G 179 1.21 -14.80 -19.02
C LEU G 179 -0.32 -14.84 -19.21
N ALA G 180 -0.77 -15.11 -20.44
CA ALA G 180 -2.22 -15.11 -20.73
C ALA G 180 -2.68 -16.25 -21.65
N GLY G 181 -2.42 -16.15 -22.94
CA GLY G 181 -2.84 -17.19 -23.87
C GLY G 181 -1.76 -17.69 -24.83
N ARG G 182 -1.20 -16.78 -25.64
CA ARG G 182 -0.15 -17.19 -26.59
C ARG G 182 1.07 -17.78 -25.88
N ASP G 183 1.43 -17.17 -24.75
CA ASP G 183 2.58 -17.62 -23.95
C ASP G 183 2.39 -19.05 -23.43
N LEU G 184 1.18 -19.39 -23.02
CA LEU G 184 0.86 -20.75 -22.56
C LEU G 184 1.07 -21.75 -23.69
N THR G 185 0.68 -21.36 -24.89
CA THR G 185 0.84 -22.23 -26.05
C THR G 185 2.33 -22.57 -26.26
N ASP G 186 3.20 -21.56 -26.10
CA ASP G 186 4.64 -21.78 -26.18
C ASP G 186 5.07 -22.78 -25.09
N TYR G 187 4.57 -22.52 -23.87
CA TYR G 187 4.82 -23.37 -22.69
C TYR G 187 4.36 -24.82 -22.84
N LEU G 188 3.16 -25.00 -23.38
CA LEU G 188 2.62 -26.34 -23.55
C LEU G 188 3.53 -27.16 -24.46
N MET G 189 3.98 -26.54 -25.54
CA MET G 189 4.91 -27.20 -26.46
C MET G 189 6.22 -27.56 -25.76
N LYS G 190 6.70 -26.63 -24.91
CA LYS G 190 7.95 -26.79 -24.18
C LYS G 190 7.95 -28.02 -23.23
N ILE G 191 6.83 -28.26 -22.54
CA ILE G 191 6.77 -29.41 -21.62
C ILE G 191 6.50 -30.71 -22.41
N LEU G 192 5.78 -30.59 -23.52
CA LEU G 192 5.47 -31.71 -24.40
C LEU G 192 6.78 -32.32 -24.94
N THR G 193 7.70 -31.42 -25.28
CA THR G 193 9.03 -31.76 -25.79
C THR G 193 9.83 -32.58 -24.78
N GLU G 194 9.71 -32.21 -23.50
CA GLU G 194 10.45 -32.85 -22.42
C GLU G 194 10.14 -34.35 -22.30
N ARG G 195 8.87 -34.73 -22.47
CA ARG G 195 8.47 -36.14 -22.38
C ARG G 195 9.16 -37.00 -23.46
N GLY G 196 9.26 -36.47 -24.68
CA GLY G 196 9.89 -37.22 -25.76
C GLY G 196 9.31 -36.96 -27.15
N TYR G 197 8.86 -35.74 -27.41
CA TYR G 197 8.28 -35.41 -28.72
C TYR G 197 9.08 -34.28 -29.38
N SER G 198 9.30 -34.38 -30.69
CA SER G 198 10.18 -33.42 -31.40
C SER G 198 9.54 -32.11 -31.88
N PHE G 199 9.93 -31.02 -31.22
CA PHE G 199 9.55 -29.67 -31.64
C PHE G 199 10.83 -28.81 -31.73
N THR G 200 11.26 -28.46 -32.95
CA THR G 200 12.49 -27.65 -33.10
C THR G 200 12.32 -26.42 -34.01
N THR G 201 11.16 -26.29 -34.62
CA THR G 201 10.89 -25.21 -35.58
C THR G 201 9.58 -24.48 -35.26
N THR G 202 9.59 -23.17 -35.47
CA THR G 202 8.45 -22.30 -35.17
C THR G 202 7.20 -22.62 -36.01
N ALA G 203 7.38 -23.30 -37.13
CA ALA G 203 6.28 -23.70 -38.02
C ALA G 203 5.23 -24.59 -37.33
N GLU G 204 5.69 -25.53 -36.50
CA GLU G 204 4.77 -26.47 -35.82
C GLU G 204 4.27 -25.95 -34.47
N ARG G 205 4.71 -24.75 -34.08
CA ARG G 205 4.24 -24.08 -32.85
C ARG G 205 2.73 -23.86 -32.86
N GLU G 206 2.23 -23.47 -34.01
CA GLU G 206 0.81 -23.21 -34.23
C GLU G 206 -0.05 -24.47 -33.96
N ILE G 207 0.53 -25.63 -34.25
CA ILE G 207 -0.17 -26.91 -34.11
C ILE G 207 -0.62 -27.16 -32.66
N VAL G 208 0.21 -26.81 -31.69
CA VAL G 208 -0.14 -26.97 -30.28
C VAL G 208 -1.33 -26.09 -29.87
N ARG G 209 -1.64 -25.02 -30.63
CA ARG G 209 -2.78 -24.14 -30.30
C ARG G 209 -4.07 -24.97 -30.30
N ASP G 210 -4.17 -25.83 -31.31
CA ASP G 210 -5.33 -26.72 -31.46
C ASP G 210 -5.40 -27.63 -30.24
N ILE G 211 -4.22 -28.08 -29.81
CA ILE G 211 -4.06 -28.91 -28.63
C ILE G 211 -4.59 -28.20 -27.39
N LYS G 212 -4.31 -26.90 -27.30
CA LYS G 212 -4.68 -26.12 -26.12
C LYS G 212 -6.18 -26.07 -25.82
N GLU G 213 -7.04 -25.76 -26.79
CA GLU G 213 -8.47 -25.74 -26.45
C GLU G 213 -9.05 -27.15 -26.19
N LYS G 214 -8.66 -28.12 -27.02
CA LYS G 214 -9.10 -29.51 -26.85
C LYS G 214 -8.54 -30.29 -25.64
N LEU G 215 -7.25 -30.11 -25.35
CA LEU G 215 -6.61 -30.91 -24.28
C LEU G 215 -6.21 -30.19 -22.99
N CYS G 216 -6.43 -28.90 -22.82
CA CYS G 216 -6.02 -28.28 -21.56
C CYS G 216 -7.07 -28.52 -20.48
N TYR G 217 -6.64 -29.10 -19.37
CA TYR G 217 -7.55 -29.43 -18.27
C TYR G 217 -6.99 -28.93 -16.93
N VAL G 218 -7.86 -28.68 -15.98
CA VAL G 218 -7.40 -28.26 -14.65
C VAL G 218 -7.86 -29.29 -13.62
N ALA G 219 -6.93 -29.75 -12.79
CA ALA G 219 -7.24 -30.77 -11.76
C ALA G 219 -7.82 -30.16 -10.49
N LEU G 220 -8.70 -30.93 -9.84
CA LEU G 220 -9.33 -30.50 -8.59
C LEU G 220 -8.27 -30.24 -7.49
N ASP G 221 -7.28 -31.13 -7.44
CA ASP G 221 -6.15 -31.02 -6.52
C ASP G 221 -4.89 -31.48 -7.23
N PHE G 222 -3.93 -30.58 -7.41
CA PHE G 222 -2.68 -30.90 -8.14
C PHE G 222 -1.78 -32.01 -7.58
N GLU G 223 -1.44 -32.00 -6.30
CA GLU G 223 -0.50 -33.02 -5.81
C GLU G 223 -1.07 -34.45 -5.80
N GLN G 224 -2.33 -34.59 -5.41
CA GLN G 224 -2.99 -35.89 -5.39
C GLN G 224 -3.04 -36.47 -6.82
N GLU G 225 -3.32 -35.54 -7.74
CA GLU G 225 -3.43 -35.82 -9.17
C GLU G 225 -2.12 -36.38 -9.75
N MET G 226 -0.99 -35.82 -9.29
CA MET G 226 0.34 -36.26 -9.75
C MET G 226 0.59 -37.74 -9.45
N ALA G 227 0.17 -38.19 -8.26
CA ALA G 227 0.35 -39.59 -7.86
C ALA G 227 -0.45 -40.56 -8.77
N THR G 228 -1.66 -40.14 -9.10
CA THR G 228 -2.57 -40.90 -9.99
C THR G 228 -1.95 -41.10 -11.39
N ALA G 229 -1.32 -40.03 -11.84
CA ALA G 229 -0.68 -39.93 -13.16
C ALA G 229 0.43 -40.96 -13.44
N ALA G 230 1.21 -41.28 -12.42
CA ALA G 230 2.36 -42.20 -12.57
C ALA G 230 1.93 -43.59 -13.06
N SER G 231 0.81 -44.10 -12.56
CA SER G 231 0.30 -45.42 -12.98
C SER G 231 -0.22 -45.39 -14.43
N SER G 232 -0.60 -44.21 -14.92
CA SER G 232 -1.14 -43.99 -16.27
C SER G 232 -2.63 -44.34 -16.36
N SER G 233 -2.91 -45.60 -16.68
CA SER G 233 -4.30 -46.08 -16.80
C SER G 233 -5.13 -45.27 -17.80
N SER G 234 -6.17 -44.59 -17.32
CA SER G 234 -7.05 -43.79 -18.18
C SER G 234 -6.61 -42.33 -18.32
N LEU G 235 -5.50 -41.95 -17.68
CA LEU G 235 -5.01 -40.56 -17.76
C LEU G 235 -4.63 -40.15 -19.19
N GLU G 236 -4.01 -41.05 -19.94
CA GLU G 236 -3.58 -40.73 -21.29
C GLU G 236 -4.81 -40.34 -22.15
N LYS G 237 -4.71 -39.24 -22.90
CA LYS G 237 -5.86 -38.78 -23.71
C LYS G 237 -5.45 -38.55 -25.17
N SER G 238 -6.25 -39.06 -26.10
CA SER G 238 -5.98 -38.95 -27.55
C SER G 238 -6.14 -37.53 -28.14
N TYR G 239 -5.33 -37.26 -29.17
CA TYR G 239 -5.33 -35.99 -29.91
C TYR G 239 -4.98 -36.19 -31.41
N GLU G 240 -5.52 -35.33 -32.29
CA GLU G 240 -5.28 -35.45 -33.74
C GLU G 240 -4.21 -34.51 -34.32
N LEU G 241 -3.18 -35.11 -34.90
CA LEU G 241 -2.13 -34.38 -35.63
C LEU G 241 -2.47 -34.42 -37.12
N PRO G 242 -2.25 -33.33 -37.88
CA PRO G 242 -2.57 -33.31 -39.33
C PRO G 242 -2.01 -34.51 -40.13
N ASP G 243 -0.78 -34.92 -39.79
CA ASP G 243 -0.12 -36.05 -40.45
C ASP G 243 -0.77 -37.41 -40.18
N GLY G 244 -1.25 -37.64 -38.96
CA GLY G 244 -1.88 -38.93 -38.64
C GLY G 244 -1.50 -39.49 -37.27
N GLN G 245 -0.30 -39.19 -36.78
CA GLN G 245 0.09 -39.67 -35.46
C GLN G 245 -0.68 -38.96 -34.37
N VAL G 246 -0.88 -39.65 -33.28
CA VAL G 246 -1.59 -39.08 -32.16
C VAL G 246 -0.62 -38.94 -30.99
N ILE G 247 -0.52 -37.73 -30.47
CA ILE G 247 0.38 -37.49 -29.36
C ILE G 247 -0.41 -37.61 -28.08
N THR G 248 -0.03 -38.59 -27.29
CA THR G 248 -0.72 -38.88 -26.06
C THR G 248 -0.23 -38.03 -24.90
N ILE G 249 -1.18 -37.43 -24.21
CA ILE G 249 -0.90 -36.57 -23.06
C ILE G 249 -1.58 -37.13 -21.81
N GLY G 250 -0.78 -37.44 -20.78
CA GLY G 250 -1.34 -38.01 -19.55
C GLY G 250 -1.32 -37.09 -18.34
N ASN G 251 -0.15 -36.84 -17.75
CA ASN G 251 -0.08 -35.97 -16.57
C ASN G 251 0.12 -34.50 -16.95
N GLU G 252 0.21 -34.27 -18.25
CA GLU G 252 0.37 -32.92 -18.79
C GLU G 252 -0.99 -32.24 -18.92
N ARG G 253 -2.04 -33.04 -18.73
CA ARG G 253 -3.43 -32.56 -18.84
C ARG G 253 -3.75 -31.46 -17.85
N PHE G 254 -3.25 -31.62 -16.63
CA PHE G 254 -3.48 -30.65 -15.56
C PHE G 254 -2.27 -29.76 -15.25
N ARG G 255 -1.08 -30.28 -15.48
CA ARG G 255 0.16 -29.54 -15.20
C ARG G 255 0.34 -28.20 -15.97
N CYS G 256 -0.04 -28.16 -17.26
CA CYS G 256 0.09 -26.91 -18.07
C CYS G 256 -0.57 -25.64 -17.45
N PRO G 257 -1.87 -25.70 -17.06
CA PRO G 257 -2.62 -24.58 -16.42
C PRO G 257 -1.98 -24.15 -15.11
N GLU G 258 -1.35 -25.12 -14.48
CA GLU G 258 -0.69 -24.99 -13.19
C GLU G 258 0.41 -23.95 -13.22
N ALA G 259 1.01 -23.72 -14.37
CA ALA G 259 2.08 -22.74 -14.49
C ALA G 259 1.58 -21.35 -14.08
N LEU G 260 0.33 -21.01 -14.45
CA LEU G 260 -0.23 -19.71 -14.02
C LEU G 260 -0.30 -19.64 -12.48
N PHE G 261 -0.81 -20.72 -11.89
CA PHE G 261 -0.96 -20.91 -10.43
C PHE G 261 0.38 -21.08 -9.67
N GLN G 262 1.29 -21.82 -10.29
CA GLN G 262 2.60 -22.17 -9.71
C GLN G 262 3.76 -21.88 -10.69
N PRO G 263 4.17 -20.60 -10.75
CA PRO G 263 5.23 -20.10 -11.65
C PRO G 263 6.60 -20.77 -11.45
N SER G 264 6.78 -21.39 -10.30
CA SER G 264 8.04 -22.07 -9.95
C SER G 264 8.45 -23.12 -11.00
N PHE G 265 7.49 -23.81 -11.62
CA PHE G 265 7.82 -24.82 -12.65
C PHE G 265 8.58 -24.18 -13.83
N LEU G 266 8.15 -22.97 -14.20
CA LEU G 266 8.82 -22.17 -15.26
C LEU G 266 10.26 -21.83 -14.91
N GLY G 267 10.46 -21.51 -13.65
CA GLY G 267 11.74 -21.05 -13.17
C GLY G 267 11.61 -19.65 -12.61
N MET G 268 10.35 -19.24 -12.37
CA MET G 268 10.06 -17.93 -11.82
C MET G 268 9.86 -17.98 -10.31
N GLU G 269 10.40 -16.97 -9.69
CA GLU G 269 10.31 -16.79 -8.24
C GLU G 269 9.06 -15.98 -7.89
N SER G 270 8.36 -15.55 -8.93
CA SER G 270 7.14 -14.73 -8.80
C SER G 270 5.94 -15.49 -8.23
N CYS G 271 5.08 -14.75 -7.53
CA CYS G 271 3.86 -15.31 -6.93
C CYS G 271 2.84 -15.69 -8.00
N GLY G 272 2.02 -16.71 -7.70
CA GLY G 272 1.00 -17.16 -8.64
C GLY G 272 -0.02 -16.08 -8.97
N ILE G 273 -0.58 -16.12 -10.17
CA ILE G 273 -1.54 -15.12 -10.62
C ILE G 273 -2.81 -15.06 -9.77
N HIS G 274 -3.34 -16.20 -9.32
CA HIS G 274 -4.54 -16.19 -8.47
C HIS G 274 -4.25 -15.40 -7.18
N GLU G 275 -3.05 -15.60 -6.65
CA GLU G 275 -2.54 -14.88 -5.48
C GLU G 275 -2.48 -13.38 -5.77
N THR G 276 -2.05 -13.05 -6.99
CA THR G 276 -1.92 -11.66 -7.43
C THR G 276 -3.27 -10.93 -7.35
N THR G 277 -4.34 -11.64 -7.75
CA THR G 277 -5.69 -11.09 -7.66
C THR G 277 -6.03 -10.76 -6.18
N PHE G 278 -5.60 -11.68 -5.30
CA PHE G 278 -5.79 -11.53 -3.85
C PHE G 278 -5.11 -10.27 -3.29
N ASN G 279 -3.90 -9.95 -3.77
CA ASN G 279 -3.20 -8.75 -3.31
C ASN G 279 -4.00 -7.50 -3.62
N SER G 280 -4.63 -7.46 -4.79
CA SER G 280 -5.45 -6.30 -5.17
C SER G 280 -6.60 -6.11 -4.18
N ILE G 281 -7.19 -7.23 -3.74
CA ILE G 281 -8.30 -7.21 -2.77
C ILE G 281 -7.84 -6.70 -1.39
N MET G 282 -6.64 -7.11 -0.98
CA MET G 282 -6.05 -6.70 0.31
C MET G 282 -5.86 -5.18 0.38
N LYS G 283 -5.45 -4.62 -0.75
CA LYS G 283 -5.22 -3.17 -0.92
C LYS G 283 -6.54 -2.39 -0.89
N CYS G 284 -7.59 -3.05 -1.35
CA CYS G 284 -8.95 -2.49 -1.47
C CYS G 284 -9.63 -2.26 -0.12
N ASP G 285 -10.66 -1.40 -0.15
CA ASP G 285 -11.40 -1.03 1.05
C ASP G 285 -12.02 -2.29 1.69
N VAL G 286 -11.81 -2.41 3.00
CA VAL G 286 -12.21 -3.56 3.81
C VAL G 286 -13.74 -3.83 3.81
N ASP G 287 -14.53 -2.78 3.89
CA ASP G 287 -16.00 -2.91 3.94
C ASP G 287 -16.56 -3.60 2.68
N ILE G 288 -16.02 -3.28 1.51
CA ILE G 288 -16.53 -3.84 0.26
C ILE G 288 -15.88 -5.17 -0.12
N ARG G 289 -14.93 -5.67 0.69
CA ARG G 289 -14.25 -6.93 0.38
C ARG G 289 -15.22 -8.12 0.27
N LYS G 290 -16.23 -8.20 1.15
CA LYS G 290 -17.18 -9.31 1.10
C LYS G 290 -18.00 -9.25 -0.20
N ASP G 291 -18.38 -8.04 -0.61
CA ASP G 291 -19.12 -7.85 -1.85
C ASP G 291 -18.27 -8.30 -3.05
N LEU G 292 -16.98 -7.99 -3.01
CA LEU G 292 -16.05 -8.33 -4.10
C LEU G 292 -15.97 -9.83 -4.35
N TYR G 293 -15.97 -10.62 -3.26
CA TYR G 293 -15.93 -12.07 -3.38
C TYR G 293 -17.14 -12.61 -4.16
N ALA G 294 -18.31 -12.03 -3.91
CA ALA G 294 -19.52 -12.45 -4.61
C ALA G 294 -19.63 -11.84 -6.01
N ASN G 295 -18.76 -10.88 -6.32
CA ASN G 295 -18.77 -10.18 -7.61
C ASN G 295 -17.66 -10.61 -8.60
N THR G 296 -16.93 -11.69 -8.31
CA THR G 296 -15.81 -12.14 -9.18
C THR G 296 -16.26 -12.74 -10.54
N VAL G 297 -15.66 -12.25 -11.63
CA VAL G 297 -15.98 -12.72 -13.01
C VAL G 297 -14.77 -13.31 -13.76
N LEU G 298 -14.92 -14.51 -14.34
CA LEU G 298 -13.83 -15.13 -15.13
C LEU G 298 -14.15 -15.03 -16.64
N SER G 299 -13.33 -14.28 -17.39
CA SER G 299 -13.56 -14.12 -18.84
C SER G 299 -12.31 -14.14 -19.73
N GLY G 300 -12.49 -14.53 -21.00
CA GLY G 300 -11.42 -14.45 -21.99
C GLY G 300 -10.57 -15.69 -22.33
N GLY G 301 -9.78 -15.43 -23.39
CA GLY G 301 -8.82 -16.34 -24.03
C GLY G 301 -8.71 -17.80 -23.56
N THR G 302 -7.99 -18.02 -22.47
CA THR G 302 -7.74 -19.39 -22.00
C THR G 302 -8.47 -19.81 -20.72
N THR G 303 -9.44 -19.04 -20.25
CA THR G 303 -10.21 -19.41 -19.05
C THR G 303 -11.16 -20.58 -19.35
N MET G 304 -11.28 -20.90 -20.62
CA MET G 304 -12.19 -21.94 -21.08
C MET G 304 -11.64 -23.37 -20.93
N TYR G 305 -10.51 -23.52 -20.23
CA TYR G 305 -9.97 -24.87 -19.94
C TYR G 305 -10.93 -25.52 -18.93
N PRO G 306 -11.40 -26.75 -19.13
CA PRO G 306 -12.34 -27.31 -18.16
C PRO G 306 -11.67 -27.63 -16.83
N GLY G 307 -12.45 -27.46 -15.77
CA GLY G 307 -11.96 -27.71 -14.42
C GLY G 307 -11.34 -26.48 -13.79
N ILE G 308 -11.14 -25.40 -14.58
CA ILE G 308 -10.53 -24.17 -14.06
C ILE G 308 -11.39 -23.52 -12.99
N ALA G 309 -12.70 -23.53 -13.18
CA ALA G 309 -13.63 -22.96 -12.21
C ALA G 309 -13.52 -23.67 -10.87
N ASP G 310 -13.38 -25.01 -10.92
CA ASP G 310 -13.26 -25.81 -9.70
C ASP G 310 -11.97 -25.49 -8.93
N ARG G 311 -10.87 -25.29 -9.66
CA ARG G 311 -9.58 -24.97 -9.04
C ARG G 311 -9.57 -23.60 -8.35
N MET G 312 -10.22 -22.63 -8.99
CA MET G 312 -10.26 -21.26 -8.47
C MET G 312 -10.91 -21.17 -7.11
N GLN G 313 -11.99 -21.92 -6.93
CA GLN G 313 -12.71 -21.93 -5.66
C GLN G 313 -11.80 -22.40 -4.52
N LYS G 314 -11.07 -23.50 -4.76
CA LYS G 314 -10.14 -24.05 -3.77
C LYS G 314 -9.01 -23.11 -3.32
N GLU G 315 -8.32 -22.50 -4.26
CA GLU G 315 -7.22 -21.59 -3.92
C GLU G 315 -7.69 -20.31 -3.22
N ILE G 316 -8.80 -19.76 -3.68
CA ILE G 316 -9.34 -18.55 -3.06
C ILE G 316 -9.75 -18.83 -1.60
N THR G 317 -10.36 -20.00 -1.37
CA THR G 317 -10.76 -20.39 -0.03
C THR G 317 -9.55 -20.50 0.92
N ALA G 318 -8.46 -21.05 0.41
CA ALA G 318 -7.23 -21.19 1.19
C ALA G 318 -6.58 -19.82 1.44
N LEU G 319 -6.59 -18.97 0.42
CA LEU G 319 -6.03 -17.61 0.51
C LEU G 319 -6.84 -16.68 1.43
N ALA G 320 -8.17 -16.78 1.36
CA ALA G 320 -9.07 -15.95 2.15
C ALA G 320 -9.06 -16.28 3.66
N PRO G 321 -9.26 -15.25 4.52
CA PRO G 321 -9.26 -15.42 6.00
C PRO G 321 -10.17 -16.55 6.54
N SER G 322 -11.39 -16.68 5.95
CA SER G 322 -12.41 -17.71 6.28
C SER G 322 -13.72 -17.06 6.79
N THR G 323 -14.63 -17.88 7.32
CA THR G 323 -15.92 -17.42 7.89
C THR G 323 -16.84 -16.67 6.88
N MET G 324 -16.50 -16.67 5.59
CA MET G 324 -17.37 -15.99 4.61
C MET G 324 -17.53 -16.70 3.27
N LYS G 325 -18.60 -16.30 2.61
CA LYS G 325 -19.03 -16.80 1.30
C LYS G 325 -18.17 -16.31 0.13
N ILE G 326 -17.77 -17.23 -0.73
CA ILE G 326 -17.02 -16.90 -1.94
C ILE G 326 -17.84 -17.37 -3.15
N LYS G 327 -18.21 -16.45 -4.03
CA LYS G 327 -19.02 -16.81 -5.20
C LYS G 327 -18.36 -16.39 -6.51
N ILE G 328 -18.37 -17.30 -7.47
CA ILE G 328 -17.76 -17.03 -8.76
C ILE G 328 -18.83 -16.91 -9.85
N ILE G 329 -18.75 -15.85 -10.62
CA ILE G 329 -19.71 -15.59 -11.68
C ILE G 329 -19.21 -16.22 -12.97
N ALA G 330 -20.02 -17.13 -13.51
CA ALA G 330 -19.62 -17.86 -14.71
C ALA G 330 -20.57 -17.68 -15.89
N PRO G 331 -20.25 -16.75 -16.81
CA PRO G 331 -21.03 -16.55 -18.03
C PRO G 331 -20.67 -17.60 -19.10
N PRO G 332 -21.69 -18.25 -19.70
CA PRO G 332 -21.50 -19.30 -20.74
C PRO G 332 -20.56 -18.86 -21.87
N GLU G 333 -20.70 -17.61 -22.27
CA GLU G 333 -19.94 -17.02 -23.37
C GLU G 333 -18.66 -16.29 -22.89
N ARG G 334 -18.01 -16.81 -21.85
CA ARG G 334 -16.82 -16.14 -21.25
C ARG G 334 -15.65 -15.96 -22.24
N LYS G 335 -15.41 -16.91 -23.14
CA LYS G 335 -14.33 -16.74 -24.14
C LYS G 335 -14.53 -15.52 -25.03
N TYR G 336 -15.76 -15.29 -25.43
CA TYR G 336 -16.07 -14.18 -26.32
C TYR G 336 -16.67 -13.00 -25.55
N SER G 337 -16.67 -13.06 -24.22
CA SER G 337 -17.31 -12.00 -23.41
C SER G 337 -16.69 -10.63 -23.64
N VAL G 338 -15.37 -10.57 -23.78
CA VAL G 338 -14.73 -9.28 -24.03
C VAL G 338 -15.23 -8.64 -25.33
N TRP G 339 -15.24 -9.42 -26.41
CA TRP G 339 -15.72 -8.92 -27.70
C TRP G 339 -17.24 -8.68 -27.68
N ILE G 340 -17.95 -9.60 -27.04
CA ILE G 340 -19.43 -9.57 -26.98
C ILE G 340 -19.95 -8.29 -26.32
N GLY G 341 -19.31 -7.86 -25.24
CA GLY G 341 -19.76 -6.64 -24.59
C GLY G 341 -19.69 -5.43 -25.51
N GLY G 342 -18.62 -5.36 -26.31
CA GLY G 342 -18.47 -4.27 -27.25
C GLY G 342 -19.46 -4.30 -28.43
N SER G 343 -19.71 -5.49 -28.97
CA SER G 343 -20.59 -5.68 -30.15
C SER G 343 -22.05 -5.23 -30.00
N ILE G 344 -22.72 -5.63 -28.92
CA ILE G 344 -24.14 -5.31 -28.72
C ILE G 344 -24.53 -3.83 -28.55
N LEU G 345 -23.80 -3.07 -27.75
CA LEU G 345 -24.18 -1.68 -27.52
C LEU G 345 -23.55 -0.70 -28.51
N ALA G 346 -23.46 -1.07 -29.78
CA ALA G 346 -22.89 -0.18 -30.77
C ALA G 346 -23.88 0.29 -31.86
N SER G 347 -25.12 -0.26 -31.88
CA SER G 347 -26.08 0.14 -32.93
C SER G 347 -27.55 0.40 -32.50
N LEU G 348 -27.87 0.50 -31.20
CA LEU G 348 -29.31 0.62 -30.81
C LEU G 348 -30.10 1.82 -31.38
N SER G 349 -29.54 3.03 -31.24
CA SER G 349 -30.17 4.30 -31.67
C SER G 349 -29.79 5.41 -30.70
N THR G 350 -29.77 5.04 -29.41
CA THR G 350 -29.41 5.98 -28.37
C THR G 350 -27.91 5.93 -28.15
N PHE G 351 -27.28 5.04 -28.88
CA PHE G 351 -25.84 4.96 -28.89
C PHE G 351 -25.32 5.86 -30.02
N GLN G 352 -26.27 6.33 -30.84
CA GLN G 352 -26.01 7.34 -31.88
C GLN G 352 -25.66 8.69 -31.29
N GLN G 353 -26.38 9.03 -30.23
CA GLN G 353 -26.19 10.27 -29.50
C GLN G 353 -24.77 10.38 -28.89
N MET G 354 -24.31 9.23 -28.40
CA MET G 354 -23.02 9.08 -27.70
C MET G 354 -21.76 8.91 -28.58
N TRP G 355 -21.90 8.58 -29.87
CA TRP G 355 -20.73 8.38 -30.76
C TRP G 355 -19.81 9.59 -30.91
N ILE G 356 -18.53 9.29 -30.95
CA ILE G 356 -17.53 10.31 -31.21
C ILE G 356 -17.38 10.31 -32.72
N SER G 357 -17.66 11.43 -33.35
CA SER G 357 -17.65 11.50 -34.81
C SER G 357 -16.44 12.22 -35.38
N LYS G 358 -16.21 11.94 -36.65
CA LYS G 358 -15.11 12.54 -37.41
C LYS G 358 -15.25 14.06 -37.44
N GLN G 359 -16.50 14.50 -37.61
CA GLN G 359 -16.81 15.93 -37.69
C GLN G 359 -16.42 16.66 -36.40
N GLU G 360 -16.68 16.03 -35.25
CA GLU G 360 -16.30 16.61 -33.94
C GLU G 360 -14.78 16.75 -33.77
N TYR G 361 -14.04 15.75 -34.24
CA TYR G 361 -12.57 15.75 -34.13
C TYR G 361 -11.94 16.94 -34.85
N ASP G 362 -12.48 17.26 -36.02
CA ASP G 362 -11.97 18.38 -36.81
C ASP G 362 -12.07 19.69 -36.02
N GLU G 363 -13.18 19.88 -35.30
CA GLU G 363 -13.37 21.10 -34.52
C GLU G 363 -12.43 21.18 -33.29
N SER G 364 -12.78 20.46 -32.22
CA SER G 364 -11.96 20.43 -30.98
C SER G 364 -10.53 19.89 -31.14
N GLY G 365 -10.38 18.83 -31.93
CA GLY G 365 -9.07 18.21 -32.12
C GLY G 365 -8.86 16.96 -31.25
N PRO G 366 -7.60 16.61 -30.91
CA PRO G 366 -7.24 15.44 -30.07
C PRO G 366 -7.85 15.48 -28.65
N SER G 367 -8.05 16.69 -28.16
CA SER G 367 -8.59 16.97 -26.80
C SER G 367 -9.99 16.40 -26.55
N ILE G 368 -10.76 16.19 -27.61
CA ILE G 368 -12.17 15.75 -27.51
C ILE G 368 -12.36 14.39 -26.81
N VAL G 369 -11.50 13.41 -27.05
CA VAL G 369 -11.69 12.08 -26.43
C VAL G 369 -11.69 12.14 -24.88
N HIS G 370 -10.80 12.93 -24.29
CA HIS G 370 -10.77 13.08 -22.82
C HIS G 370 -12.06 13.72 -22.25
N ARG G 371 -12.57 14.71 -22.97
CA ARG G 371 -13.73 15.51 -22.53
C ARG G 371 -15.12 14.83 -22.48
N LYS G 372 -15.49 13.99 -23.44
CA LYS G 372 -16.86 13.43 -23.41
C LYS G 372 -17.05 12.11 -22.65
N CYS G 373 -16.00 11.51 -22.12
CA CYS G 373 -16.24 10.26 -21.39
C CYS G 373 -16.46 10.55 -19.91
N PHE G 374 -17.71 10.35 -19.49
CA PHE G 374 -18.16 10.59 -18.11
C PHE G 374 -18.10 12.07 -17.72
N ASP H 1 43.19 -48.95 -9.20
CA ASP H 1 43.22 -50.42 -8.97
C ASP H 1 42.95 -50.80 -7.51
N ASP H 2 41.72 -51.31 -7.25
CA ASP H 2 41.28 -51.89 -5.94
C ASP H 2 40.26 -51.09 -5.08
N ASP H 3 40.55 -49.85 -4.65
CA ASP H 3 39.63 -49.16 -3.72
C ASP H 3 38.21 -48.93 -4.24
N ILE H 4 38.12 -48.52 -5.50
CA ILE H 4 36.90 -48.23 -6.29
C ILE H 4 37.24 -47.16 -7.31
N ALA H 5 37.86 -47.61 -8.39
CA ALA H 5 38.38 -46.74 -9.45
C ALA H 5 37.32 -45.87 -10.12
N ALA H 6 36.06 -46.25 -10.02
CA ALA H 6 34.96 -45.47 -10.60
C ALA H 6 34.87 -45.58 -12.11
N LEU H 7 33.88 -46.33 -12.55
CA LEU H 7 33.64 -46.52 -13.96
C LEU H 7 32.66 -45.46 -14.40
N VAL H 8 33.03 -44.66 -15.36
CA VAL H 8 32.13 -43.60 -15.79
C VAL H 8 31.59 -43.88 -17.17
N VAL H 9 30.27 -43.92 -17.28
CA VAL H 9 29.63 -44.15 -18.56
C VAL H 9 28.96 -42.86 -19.01
N ASP H 10 29.38 -42.36 -20.15
CA ASP H 10 28.85 -41.13 -20.70
C ASP H 10 27.87 -41.45 -21.83
N ASN H 11 26.63 -41.03 -21.65
CA ASN H 11 25.58 -41.32 -22.64
C ASN H 11 25.07 -40.08 -23.36
N GLY H 12 24.80 -40.27 -24.65
CA GLY H 12 24.30 -39.22 -25.51
C GLY H 12 23.63 -39.82 -26.73
N SER H 13 23.27 -39.00 -27.72
CA SER H 13 22.61 -39.51 -28.94
C SER H 13 23.51 -40.52 -29.67
N GLY H 14 24.79 -40.21 -29.71
CA GLY H 14 25.76 -41.09 -30.35
C GLY H 14 27.18 -40.82 -29.88
N MET H 15 28.12 -41.69 -30.25
CA MET H 15 29.53 -41.52 -29.86
C MET H 15 29.73 -41.51 -28.33
N CYS H 16 29.15 -42.50 -27.65
CA CYS H 16 29.24 -42.64 -26.19
C CYS H 16 30.67 -43.03 -25.75
N LYS H 17 31.00 -42.77 -24.50
CA LYS H 17 32.36 -43.05 -24.01
C LYS H 17 32.44 -43.41 -22.51
N ALA H 18 33.55 -44.06 -22.11
CA ALA H 18 33.74 -44.53 -20.72
C ALA H 18 35.23 -44.68 -20.31
N GLY H 19 35.49 -44.72 -18.99
CA GLY H 19 36.88 -44.85 -18.50
C GLY H 19 37.01 -45.14 -16.99
N PHE H 20 38.14 -44.69 -16.41
CA PHE H 20 38.47 -44.89 -14.98
C PHE H 20 38.87 -43.56 -14.32
N ALA H 21 38.75 -43.46 -12.99
CA ALA H 21 39.11 -42.23 -12.26
C ALA H 21 40.62 -41.98 -12.22
N GLY H 22 40.97 -40.70 -12.14
CA GLY H 22 42.37 -40.29 -12.13
C GLY H 22 42.89 -40.04 -13.54
N ASP H 23 42.07 -40.43 -14.51
CA ASP H 23 42.39 -40.23 -15.93
C ASP H 23 42.14 -38.80 -16.39
N ASP H 24 42.84 -38.42 -17.45
CA ASP H 24 42.72 -37.07 -18.01
C ASP H 24 41.74 -37.04 -19.19
N ALA H 25 41.23 -38.21 -19.56
CA ALA H 25 40.31 -38.38 -20.68
C ALA H 25 39.74 -39.81 -20.67
N PRO H 26 38.59 -40.09 -21.32
CA PRO H 26 38.05 -41.46 -21.30
C PRO H 26 38.91 -42.44 -22.12
N ARG H 27 38.96 -43.68 -21.63
CA ARG H 27 39.73 -44.74 -22.27
C ARG H 27 39.15 -45.23 -23.62
N ALA H 28 37.83 -45.35 -23.71
CA ALA H 28 37.21 -45.86 -24.95
C ALA H 28 35.93 -45.10 -25.36
N VAL H 29 35.77 -44.95 -26.68
CA VAL H 29 34.61 -44.28 -27.29
C VAL H 29 33.95 -45.19 -28.34
N PHE H 30 32.63 -45.37 -28.28
CA PHE H 30 31.97 -46.24 -29.27
C PHE H 30 30.64 -45.64 -29.78
N PRO H 31 30.16 -46.11 -30.96
CA PRO H 31 28.88 -45.66 -31.56
C PRO H 31 27.65 -46.16 -30.79
N SER H 32 26.56 -45.40 -30.81
CA SER H 32 25.36 -45.87 -30.15
C SER H 32 24.31 -46.32 -31.17
N ILE H 33 24.40 -47.58 -31.56
CA ILE H 33 23.44 -48.19 -32.50
C ILE H 33 23.10 -49.63 -32.09
N VAL H 34 21.86 -50.04 -32.32
CA VAL H 34 21.42 -51.41 -32.01
C VAL H 34 20.70 -52.00 -33.23
N GLY H 35 21.08 -53.21 -33.67
CA GLY H 35 20.44 -53.76 -34.87
C GLY H 35 19.81 -55.14 -34.74
N ARG H 36 18.64 -55.26 -35.38
CA ARG H 36 17.81 -56.49 -35.45
C ARG H 36 17.27 -56.62 -36.90
N PRO H 37 16.73 -57.78 -37.36
CA PRO H 37 16.34 -57.95 -38.79
C PRO H 37 15.45 -56.86 -39.45
N ARG H 38 15.93 -56.42 -40.63
CA ARG H 38 15.28 -55.44 -41.51
C ARG H 38 15.12 -56.00 -42.92
N HIS H 39 13.98 -55.75 -43.58
CA HIS H 39 13.76 -56.20 -44.97
C HIS H 39 13.88 -57.74 -45.04
N GLN H 40 13.34 -58.38 -44.01
CA GLN H 40 13.36 -59.85 -43.81
C GLN H 40 14.79 -60.41 -43.62
N GLY H 41 15.76 -59.55 -43.33
CA GLY H 41 17.14 -60.00 -43.13
C GLY H 41 18.07 -60.04 -44.37
N VAL H 42 17.53 -59.87 -45.59
CA VAL H 42 18.35 -59.83 -46.86
C VAL H 42 18.58 -61.22 -47.59
N MET H 43 17.89 -62.29 -47.17
CA MET H 43 17.94 -63.61 -47.88
C MET H 43 18.89 -64.75 -47.41
N VAL H 44 18.24 -65.94 -47.39
CA VAL H 44 18.82 -67.27 -47.07
C VAL H 44 19.26 -67.58 -45.62
N GLY H 45 18.31 -68.12 -44.85
CA GLY H 45 18.58 -68.56 -43.48
C GLY H 45 18.37 -67.52 -42.40
N MET H 46 17.16 -66.98 -42.28
CA MET H 46 16.93 -65.94 -41.26
C MET H 46 16.22 -66.41 -39.99
N GLY H 47 16.74 -65.86 -38.91
CA GLY H 47 16.28 -66.12 -37.56
C GLY H 47 17.34 -65.63 -36.57
N GLN H 48 18.51 -66.28 -36.67
CA GLN H 48 19.77 -66.05 -35.89
C GLN H 48 19.73 -65.10 -34.66
N LYS H 49 20.93 -64.79 -34.18
CA LYS H 49 21.09 -63.87 -33.07
C LYS H 49 21.48 -62.50 -33.59
N ASP H 50 20.63 -61.53 -33.35
CA ASP H 50 20.90 -60.18 -33.78
C ASP H 50 20.42 -59.15 -32.79
N SER H 51 21.40 -58.42 -32.33
CA SER H 51 21.31 -57.30 -31.41
C SER H 51 22.74 -56.86 -31.24
N TYR H 52 23.20 -56.09 -32.20
CA TYR H 52 24.59 -55.68 -32.20
C TYR H 52 24.76 -54.27 -31.70
N VAL H 53 25.64 -54.13 -30.73
CA VAL H 53 25.96 -52.83 -30.14
C VAL H 53 27.44 -52.54 -30.34
N GLY H 54 27.74 -51.36 -30.85
CA GLY H 54 29.13 -51.00 -31.11
C GLY H 54 29.33 -50.63 -32.56
N ASP H 55 30.58 -50.57 -33.02
CA ASP H 55 30.82 -50.21 -34.42
C ASP H 55 30.83 -51.44 -35.33
N GLU H 56 30.70 -52.64 -34.76
CA GLU H 56 30.61 -53.86 -35.57
C GLU H 56 29.27 -53.88 -36.31
N ALA H 57 28.29 -53.27 -35.65
CA ALA H 57 26.93 -53.12 -36.16
C ALA H 57 26.84 -52.13 -37.33
N GLN H 58 27.77 -51.18 -37.38
CA GLN H 58 27.76 -50.15 -38.41
C GLN H 58 27.87 -50.76 -39.81
N SER H 59 28.78 -51.73 -39.95
CA SER H 59 28.93 -52.48 -41.20
C SER H 59 27.63 -53.21 -41.57
N LYS H 60 27.03 -53.75 -40.51
CA LYS H 60 25.81 -54.56 -40.56
C LYS H 60 24.51 -53.73 -40.64
N ARG H 61 24.64 -52.41 -40.83
CA ARG H 61 23.48 -51.50 -40.89
C ARG H 61 22.51 -51.86 -42.03
N GLY H 62 23.04 -52.23 -43.17
CA GLY H 62 22.19 -52.61 -44.30
C GLY H 62 21.28 -53.80 -44.00
N ILE H 63 21.78 -54.82 -43.29
CA ILE H 63 20.99 -56.01 -42.98
C ILE H 63 20.30 -56.00 -41.60
N LEU H 64 20.63 -55.03 -40.73
CA LEU H 64 19.97 -54.90 -39.42
C LEU H 64 19.30 -53.53 -39.23
N THR H 65 18.13 -53.52 -38.63
CA THR H 65 17.41 -52.29 -38.34
C THR H 65 18.06 -51.62 -37.13
N LEU H 66 18.36 -50.34 -37.23
CA LEU H 66 18.97 -49.66 -36.10
C LEU H 66 17.95 -48.80 -35.36
N LYS H 67 17.96 -48.96 -34.06
CA LYS H 67 17.09 -48.20 -33.18
C LYS H 67 17.95 -47.41 -32.23
N TYR H 68 17.56 -46.18 -31.94
CA TYR H 68 18.36 -45.34 -31.07
C TYR H 68 17.88 -45.42 -29.62
N PRO H 69 18.71 -46.04 -28.75
CA PRO H 69 18.41 -46.18 -27.31
C PRO H 69 18.24 -44.82 -26.67
N ILE H 70 18.97 -43.86 -27.24
CA ILE H 70 18.96 -42.50 -26.77
C ILE H 70 18.49 -41.57 -27.88
N GLU H 71 17.41 -40.85 -27.68
CA GLU H 71 17.03 -39.91 -28.70
C GLU H 71 17.25 -38.50 -28.17
N HIS H 72 18.25 -37.86 -28.74
CA HIS H 72 18.63 -36.50 -28.40
C HIS H 72 18.80 -36.23 -26.88
N GLY H 73 19.56 -37.10 -26.21
CA GLY H 73 19.84 -36.94 -24.76
C GLY H 73 18.93 -37.69 -23.77
N ILE H 74 17.92 -38.40 -24.25
CA ILE H 74 16.99 -39.15 -23.37
C ILE H 74 16.82 -40.61 -23.83
N VAL H 75 16.36 -41.48 -22.94
CA VAL H 75 16.21 -42.90 -23.30
C VAL H 75 14.74 -43.25 -23.37
N THR H 76 14.31 -43.70 -24.54
CA THR H 76 12.93 -44.11 -24.74
C THR H 76 12.78 -45.63 -24.66
N ASN H 77 13.74 -46.35 -25.23
CA ASN H 77 13.72 -47.81 -25.19
C ASN H 77 14.83 -48.35 -24.31
N TRP H 78 14.43 -48.91 -23.18
CA TRP H 78 15.35 -49.48 -22.20
C TRP H 78 16.03 -50.78 -22.66
N ASP H 79 15.33 -51.58 -23.47
CA ASP H 79 15.90 -52.86 -23.93
C ASP H 79 17.20 -52.66 -24.71
N ASP H 80 17.24 -51.64 -25.54
CA ASP H 80 18.45 -51.33 -26.30
C ASP H 80 19.57 -50.80 -25.38
N MET H 81 19.16 -49.97 -24.42
CA MET H 81 20.08 -49.36 -23.44
C MET H 81 20.84 -50.40 -22.60
N GLU H 82 20.14 -51.44 -22.16
CA GLU H 82 20.75 -52.50 -21.35
C GLU H 82 21.89 -53.21 -22.09
N LYS H 83 21.68 -53.45 -23.39
CA LYS H 83 22.69 -54.11 -24.22
C LYS H 83 23.98 -53.27 -24.25
N ILE H 84 23.82 -51.96 -24.33
CA ILE H 84 24.96 -51.04 -24.34
C ILE H 84 25.77 -51.13 -23.04
N TRP H 85 25.10 -51.20 -21.89
CA TRP H 85 25.82 -51.29 -20.62
C TRP H 85 26.52 -52.63 -20.47
N HIS H 86 25.86 -53.69 -20.90
CA HIS H 86 26.44 -55.04 -20.89
C HIS H 86 27.70 -55.10 -21.74
N HIS H 87 27.57 -54.53 -22.94
CA HIS H 87 28.65 -54.54 -23.91
C HIS H 87 29.81 -53.63 -23.45
N THR H 88 29.49 -52.47 -22.87
CA THR H 88 30.52 -51.53 -22.41
C THR H 88 31.43 -52.14 -21.33
N PHE H 89 30.83 -52.73 -20.29
CA PHE H 89 31.65 -53.33 -19.22
C PHE H 89 32.41 -54.58 -19.65
N TYR H 90 31.65 -55.56 -20.14
CA TYR H 90 32.19 -56.86 -20.55
C TYR H 90 33.04 -56.83 -21.82
N ASN H 91 32.64 -56.06 -22.83
CA ASN H 91 33.39 -56.05 -24.09
C ASN H 91 34.25 -54.81 -24.37
N GLU H 92 33.76 -53.60 -24.05
CA GLU H 92 34.56 -52.40 -24.35
C GLU H 92 35.61 -52.01 -23.29
N LEU H 93 35.16 -51.82 -22.06
CA LEU H 93 36.06 -51.54 -20.91
C LEU H 93 36.92 -52.74 -20.50
N ARG H 94 36.28 -53.92 -20.56
CA ARG H 94 36.90 -55.20 -20.16
C ARG H 94 37.32 -55.20 -18.68
N VAL H 95 36.43 -54.61 -17.87
CA VAL H 95 36.61 -54.54 -16.42
C VAL H 95 35.31 -54.99 -15.71
N ALA H 96 35.44 -55.77 -14.64
CA ALA H 96 34.25 -56.23 -13.92
C ALA H 96 33.56 -55.08 -13.18
N PRO H 97 32.23 -54.89 -13.42
CA PRO H 97 31.43 -53.84 -12.76
C PRO H 97 31.39 -53.96 -11.24
N GLU H 98 31.49 -55.18 -10.78
CA GLU H 98 31.44 -55.49 -9.36
C GLU H 98 32.54 -54.81 -8.51
N GLU H 99 33.80 -54.84 -8.96
CA GLU H 99 34.88 -54.14 -8.22
C GLU H 99 34.78 -52.60 -8.29
N HIS H 100 34.43 -52.08 -9.47
CA HIS H 100 34.37 -50.63 -9.72
C HIS H 100 32.95 -50.04 -9.82
N PRO H 101 32.65 -48.98 -9.03
CA PRO H 101 31.33 -48.31 -9.04
C PRO H 101 31.12 -47.53 -10.35
N VAL H 102 29.89 -47.38 -10.81
CA VAL H 102 29.68 -46.69 -12.09
C VAL H 102 28.92 -45.35 -11.97
N LEU H 103 29.41 -44.36 -12.71
CA LEU H 103 28.79 -43.03 -12.73
C LEU H 103 28.12 -42.83 -14.08
N LEU H 104 26.85 -42.43 -14.06
CA LEU H 104 26.11 -42.22 -15.30
C LEU H 104 25.83 -40.73 -15.54
N THR H 105 26.07 -40.28 -16.77
CA THR H 105 25.81 -38.88 -17.12
C THR H 105 24.34 -38.70 -17.54
N GLU H 106 23.86 -37.46 -17.49
CA GLU H 106 22.48 -37.16 -17.87
C GLU H 106 22.39 -35.86 -18.66
N ALA H 107 21.36 -35.75 -19.49
CA ALA H 107 21.10 -34.52 -20.22
C ALA H 107 20.42 -33.51 -19.28
N PRO H 108 20.62 -32.20 -19.46
CA PRO H 108 19.98 -31.18 -18.60
C PRO H 108 18.45 -31.26 -18.66
N LEU H 109 17.81 -31.09 -17.50
CA LEU H 109 16.35 -31.16 -17.39
C LEU H 109 15.82 -32.53 -17.82
N ASN H 110 16.48 -33.56 -17.31
CA ASN H 110 16.14 -34.96 -17.55
C ASN H 110 14.82 -35.31 -16.84
N PRO H 111 13.84 -35.94 -17.53
CA PRO H 111 12.54 -36.23 -16.91
C PRO H 111 12.65 -37.13 -15.66
N LYS H 112 11.76 -36.85 -14.72
CA LYS H 112 11.72 -37.51 -13.42
C LYS H 112 11.46 -39.03 -13.47
N ALA H 113 10.56 -39.47 -14.36
CA ALA H 113 10.25 -40.90 -14.47
C ALA H 113 11.48 -41.74 -14.83
N ASN H 114 12.30 -41.22 -15.75
CA ASN H 114 13.53 -41.90 -16.17
C ASN H 114 14.57 -41.99 -15.06
N ARG H 115 14.68 -40.90 -14.29
CA ARG H 115 15.69 -40.82 -13.24
C ARG H 115 15.54 -41.89 -12.15
N GLU H 116 14.32 -42.19 -11.74
CA GLU H 116 14.12 -43.24 -10.74
C GLU H 116 14.40 -44.64 -11.29
N LYS H 117 13.97 -44.87 -12.54
CA LYS H 117 14.13 -46.17 -13.18
C LYS H 117 15.58 -46.56 -13.54
N MET H 118 16.39 -45.61 -14.03
CA MET H 118 17.78 -45.94 -14.37
C MET H 118 18.54 -46.44 -13.14
N THR H 119 18.28 -45.78 -12.01
CA THR H 119 18.86 -46.16 -10.74
C THR H 119 18.44 -47.59 -10.37
N GLN H 120 17.17 -47.87 -10.65
CA GLN H 120 16.56 -49.19 -10.39
C GLN H 120 17.25 -50.32 -11.16
N ILE H 121 17.61 -50.06 -12.42
CA ILE H 121 18.26 -51.10 -13.23
C ILE H 121 19.67 -51.42 -12.75
N MET H 122 20.44 -50.41 -12.36
CA MET H 122 21.79 -50.63 -11.89
C MET H 122 21.87 -51.52 -10.65
N PHE H 123 20.99 -51.26 -9.71
CA PHE H 123 20.99 -52.01 -8.47
C PHE H 123 20.53 -53.47 -8.60
N GLU H 124 19.51 -53.74 -9.41
CA GLU H 124 19.06 -55.13 -9.56
C GLU H 124 19.60 -55.87 -10.79
N THR H 125 19.64 -55.22 -11.96
CA THR H 125 20.13 -55.91 -13.16
C THR H 125 21.64 -56.18 -13.16
N PHE H 126 22.45 -55.21 -12.73
CA PHE H 126 23.91 -55.41 -12.72
C PHE H 126 24.52 -55.50 -11.31
N ASN H 127 23.69 -55.37 -10.28
CA ASN H 127 24.16 -55.45 -8.87
C ASN H 127 25.38 -54.52 -8.59
N THR H 128 25.38 -53.31 -9.15
CA THR H 128 26.49 -52.38 -8.93
C THR H 128 26.48 -51.81 -7.49
N PRO H 129 27.65 -51.86 -6.77
CA PRO H 129 27.76 -51.35 -5.39
C PRO H 129 27.46 -49.85 -5.23
N ALA H 130 27.90 -49.04 -6.18
CA ALA H 130 27.66 -47.60 -6.11
C ALA H 130 27.48 -46.95 -7.47
N MET H 131 26.69 -45.88 -7.51
CA MET H 131 26.45 -45.13 -8.75
C MET H 131 26.08 -43.67 -8.46
N TYR H 132 26.25 -42.81 -9.45
CA TYR H 132 25.91 -41.39 -9.29
C TYR H 132 25.46 -40.79 -10.64
N VAL H 133 24.59 -39.79 -10.58
CA VAL H 133 24.09 -39.16 -11.81
C VAL H 133 24.58 -37.71 -11.87
N ALA H 134 25.18 -37.34 -13.00
CA ALA H 134 25.77 -36.00 -13.20
C ALA H 134 25.32 -35.33 -14.50
N ILE H 135 25.46 -34.01 -14.56
CA ILE H 135 25.05 -33.26 -15.75
C ILE H 135 26.29 -32.74 -16.48
N GLN H 136 26.32 -32.99 -17.78
CA GLN H 136 27.47 -32.66 -18.63
C GLN H 136 27.78 -31.16 -18.65
N ALA H 137 26.75 -30.33 -18.71
CA ALA H 137 26.95 -28.88 -18.73
C ALA H 137 27.50 -28.36 -17.39
N VAL H 138 26.98 -28.90 -16.29
CA VAL H 138 27.42 -28.49 -14.95
C VAL H 138 28.90 -28.75 -14.73
N LEU H 139 29.33 -29.95 -15.09
CA LEU H 139 30.74 -30.32 -14.94
C LEU H 139 31.67 -29.45 -15.78
N SER H 140 31.27 -29.13 -17.02
CA SER H 140 32.13 -28.30 -17.88
C SER H 140 32.38 -26.89 -17.32
N LEU H 141 31.35 -26.27 -16.72
CA LEU H 141 31.51 -24.95 -16.10
C LEU H 141 32.36 -25.11 -14.84
N TYR H 142 32.08 -26.20 -14.16
CA TYR H 142 32.74 -26.59 -12.91
C TYR H 142 34.24 -26.81 -13.14
N ALA H 143 34.57 -27.43 -14.27
CA ALA H 143 35.95 -27.76 -14.64
C ALA H 143 36.85 -26.52 -14.75
N SER H 144 36.30 -25.44 -15.30
CA SER H 144 37.04 -24.19 -15.44
C SER H 144 37.29 -23.52 -14.08
N GLY H 145 36.63 -24.03 -13.04
CA GLY H 145 36.77 -23.47 -11.69
C GLY H 145 35.80 -22.33 -11.43
N ARG H 146 34.82 -22.21 -12.29
CA ARG H 146 33.83 -21.15 -12.19
C ARG H 146 32.41 -21.71 -12.04
N THR H 147 31.70 -21.25 -11.02
CA THR H 147 30.33 -21.71 -10.75
C THR H 147 29.23 -20.80 -11.34
N THR H 148 29.60 -19.57 -11.67
CA THR H 148 28.65 -18.62 -12.24
C THR H 148 28.92 -18.46 -13.73
N GLY H 149 27.92 -18.70 -14.57
CA GLY H 149 28.15 -18.54 -16.00
C GLY H 149 27.16 -19.25 -16.90
N ILE H 150 27.49 -19.27 -18.17
CA ILE H 150 26.68 -19.94 -19.18
C ILE H 150 27.55 -20.85 -20.02
N VAL H 151 27.12 -22.08 -20.19
CA VAL H 151 27.91 -23.04 -20.95
C VAL H 151 27.18 -23.51 -22.19
N MET H 152 27.87 -23.41 -23.32
CA MET H 152 27.34 -23.92 -24.55
C MET H 152 28.03 -25.27 -24.71
N ASP H 153 27.27 -26.33 -24.64
CA ASP H 153 27.86 -27.66 -24.70
C ASP H 153 27.68 -28.35 -26.02
N SER H 154 28.80 -28.67 -26.64
CA SER H 154 28.76 -29.42 -27.88
C SER H 154 28.84 -30.88 -27.52
N GLY H 155 27.71 -31.55 -27.51
CA GLY H 155 27.72 -32.95 -27.16
C GLY H 155 28.14 -33.82 -28.31
N ASP H 156 28.44 -35.06 -28.02
CA ASP H 156 28.84 -35.99 -29.07
C ASP H 156 27.64 -36.31 -29.97
N GLY H 157 26.44 -36.08 -29.42
CA GLY H 157 25.23 -36.34 -30.18
C GLY H 157 24.19 -35.22 -30.13
N VAL H 158 24.14 -34.46 -29.03
CA VAL H 158 23.15 -33.37 -28.87
C VAL H 158 23.76 -32.11 -28.20
N THR H 159 23.39 -30.93 -28.69
CA THR H 159 23.89 -29.66 -28.12
C THR H 159 22.85 -28.96 -27.23
N HIS H 160 23.22 -28.76 -25.97
CA HIS H 160 22.34 -28.08 -25.01
C HIS H 160 22.96 -26.81 -24.42
N THR H 161 22.13 -25.80 -24.26
CA THR H 161 22.53 -24.53 -23.64
C THR H 161 22.05 -24.56 -22.19
N VAL H 162 22.96 -24.45 -21.24
CA VAL H 162 22.58 -24.56 -19.82
C VAL H 162 23.27 -23.55 -18.90
N PRO H 163 22.76 -22.30 -18.79
CA PRO H 163 23.36 -21.34 -17.87
C PRO H 163 23.29 -21.87 -16.43
N ILE H 164 24.40 -21.78 -15.72
CA ILE H 164 24.46 -22.31 -14.35
C ILE H 164 24.80 -21.27 -13.29
N TYR H 165 23.92 -21.07 -12.32
CA TYR H 165 24.24 -20.16 -11.24
C TYR H 165 24.21 -20.94 -9.90
N GLU H 166 25.36 -21.05 -9.24
CA GLU H 166 25.50 -21.77 -7.96
C GLU H 166 25.10 -23.26 -8.01
N GLY H 167 25.45 -23.93 -9.09
CA GLY H 167 25.17 -25.37 -9.20
C GLY H 167 23.77 -25.66 -9.71
N TYR H 168 22.95 -24.62 -9.78
CA TYR H 168 21.58 -24.74 -10.23
C TYR H 168 21.44 -24.26 -11.67
N ALA H 169 20.85 -25.10 -12.50
CA ALA H 169 20.63 -24.75 -13.90
C ALA H 169 19.37 -23.92 -14.03
N LEU H 170 19.31 -23.02 -15.01
CA LEU H 170 18.12 -22.18 -15.15
C LEU H 170 17.14 -22.80 -16.14
N PRO H 171 15.98 -23.27 -15.63
CA PRO H 171 14.92 -23.92 -16.43
C PRO H 171 14.36 -23.02 -17.53
N HIS H 172 14.37 -21.73 -17.28
CA HIS H 172 13.83 -20.74 -18.22
C HIS H 172 14.89 -20.23 -19.21
N ALA H 173 16.11 -20.73 -19.08
CA ALA H 173 17.20 -20.32 -19.97
C ALA H 173 17.79 -21.48 -20.78
N ILE H 174 17.13 -22.65 -20.74
CA ILE H 174 17.64 -23.83 -21.46
C ILE H 174 16.78 -24.23 -22.67
N LEU H 175 17.46 -24.41 -23.80
CA LEU H 175 16.79 -24.82 -25.05
C LEU H 175 17.51 -26.02 -25.68
N ARG H 176 16.75 -26.85 -26.38
CA ARG H 176 17.30 -28.05 -27.02
C ARG H 176 17.53 -27.84 -28.53
N LEU H 177 18.77 -28.03 -28.98
CA LEU H 177 19.09 -27.92 -30.40
C LEU H 177 19.65 -29.28 -30.82
N ASP H 178 19.20 -29.81 -31.95
CA ASP H 178 19.57 -31.18 -32.35
C ASP H 178 20.84 -31.33 -33.20
N LEU H 179 21.53 -30.25 -33.52
CA LEU H 179 22.75 -30.39 -34.32
C LEU H 179 23.97 -30.30 -33.37
N ALA H 180 24.80 -31.34 -33.31
CA ALA H 180 25.95 -31.36 -32.39
C ALA H 180 27.23 -31.95 -32.99
N GLY H 181 27.30 -33.27 -33.12
CA GLY H 181 28.50 -33.88 -33.67
C GLY H 181 28.24 -34.91 -34.77
N ARG H 182 27.48 -35.97 -34.46
CA ARG H 182 27.19 -37.01 -35.47
C ARG H 182 26.46 -36.42 -36.69
N ASP H 183 25.53 -35.51 -36.42
CA ASP H 183 24.75 -34.87 -37.48
C ASP H 183 25.63 -34.07 -38.45
N LEU H 184 26.64 -33.38 -37.91
CA LEU H 184 27.60 -32.63 -38.74
C LEU H 184 28.35 -33.57 -39.67
N THR H 185 28.71 -34.74 -39.15
CA THR H 185 29.42 -35.73 -39.96
C THR H 185 28.58 -36.13 -41.17
N ASP H 186 27.27 -36.33 -40.96
CA ASP H 186 26.34 -36.63 -42.06
C ASP H 186 26.36 -35.46 -43.07
N TYR H 187 26.27 -34.24 -42.52
CA TYR H 187 26.29 -32.99 -43.30
C TYR H 187 27.56 -32.78 -44.10
N LEU H 188 28.71 -33.05 -43.50
CA LEU H 188 29.99 -32.87 -44.17
C LEU H 188 30.03 -33.75 -45.41
N MET H 189 29.61 -34.99 -45.26
CA MET H 189 29.55 -35.93 -46.38
C MET H 189 28.61 -35.41 -47.49
N LYS H 190 27.48 -34.87 -47.05
CA LYS H 190 26.45 -34.35 -47.97
C LYS H 190 26.96 -33.21 -48.88
N ILE H 191 27.76 -32.29 -48.33
CA ILE H 191 28.29 -31.19 -49.15
C ILE H 191 29.49 -31.64 -49.98
N LEU H 192 30.23 -32.61 -49.46
CA LEU H 192 31.38 -33.19 -50.15
C LEU H 192 30.92 -33.84 -51.48
N THR H 193 29.78 -34.51 -51.38
CA THR H 193 29.13 -35.19 -52.51
C THR H 193 28.78 -34.20 -53.62
N GLU H 194 28.30 -33.01 -53.22
CA GLU H 194 27.87 -31.97 -54.18
C GLU H 194 29.00 -31.53 -55.11
N ARG H 195 30.22 -31.39 -54.58
CA ARG H 195 31.35 -30.97 -55.42
C ARG H 195 31.65 -31.98 -56.54
N GLY H 196 31.56 -33.27 -56.24
CA GLY H 196 31.84 -34.29 -57.24
C GLY H 196 32.46 -35.57 -56.71
N TYR H 197 32.11 -35.96 -55.49
CA TYR H 197 32.69 -37.19 -54.90
C TYR H 197 31.56 -38.18 -54.57
N SER H 198 31.80 -39.47 -54.82
CA SER H 198 30.75 -40.49 -54.67
C SER H 198 30.53 -41.09 -53.27
N PHE H 199 29.40 -40.72 -52.66
CA PHE H 199 28.96 -41.31 -51.39
C PHE H 199 27.50 -41.79 -51.57
N THR H 200 27.28 -43.11 -51.61
CA THR H 200 25.91 -43.63 -51.78
C THR H 200 25.50 -44.71 -50.76
N THR H 201 26.45 -45.11 -49.93
CA THR H 201 26.23 -46.18 -48.95
C THR H 201 26.68 -45.78 -47.55
N THR H 202 25.91 -46.23 -46.56
CA THR H 202 26.16 -45.89 -45.15
C THR H 202 27.50 -46.42 -44.61
N ALA H 203 28.07 -47.40 -45.29
CA ALA H 203 29.36 -47.99 -44.90
C ALA H 203 30.51 -46.97 -44.90
N GLU H 204 30.54 -46.07 -45.89
CA GLU H 204 31.63 -45.09 -46.00
C GLU H 204 31.33 -43.78 -45.23
N ARG H 205 30.17 -43.71 -44.58
CA ARG H 205 29.78 -42.56 -43.75
C ARG H 205 30.77 -42.34 -42.61
N GLU H 206 31.21 -43.44 -42.01
CA GLU H 206 32.16 -43.43 -40.91
C GLU H 206 33.50 -42.79 -41.32
N ILE H 207 33.86 -42.96 -42.58
CA ILE H 207 35.14 -42.45 -43.12
C ILE H 207 35.25 -40.93 -42.96
N VAL H 208 34.16 -40.21 -43.21
CA VAL H 208 34.17 -38.74 -43.07
C VAL H 208 34.40 -38.29 -41.62
N ARG H 209 34.16 -39.17 -40.62
CA ARG H 209 34.40 -38.80 -39.21
C ARG H 209 35.86 -38.43 -39.00
N ASP H 210 36.73 -39.23 -39.64
CA ASP H 210 38.18 -39.00 -39.59
C ASP H 210 38.48 -37.64 -40.20
N ILE H 211 37.76 -37.35 -41.27
CA ILE H 211 37.85 -36.09 -41.99
C ILE H 211 37.48 -34.92 -41.07
N LYS H 212 36.45 -35.13 -40.26
CA LYS H 212 35.95 -34.08 -39.39
C LYS H 212 36.96 -33.52 -38.38
N GLU H 213 37.65 -34.36 -37.61
CA GLU H 213 38.61 -33.77 -36.67
C GLU H 213 39.84 -33.15 -37.37
N LYS H 214 40.37 -33.85 -38.39
CA LYS H 214 41.51 -33.35 -39.17
C LYS H 214 41.26 -32.14 -40.09
N LEU H 215 40.12 -32.12 -40.77
CA LEU H 215 39.85 -31.05 -41.76
C LEU H 215 38.78 -30.01 -41.44
N CYS H 216 38.11 -30.05 -40.30
CA CYS H 216 37.09 -29.02 -40.06
C CYS H 216 37.75 -27.75 -39.54
N TYR H 217 37.50 -26.65 -40.22
CA TYR H 217 38.09 -25.35 -39.86
C TYR H 217 37.03 -24.25 -39.80
N VAL H 218 37.26 -23.22 -39.03
CA VAL H 218 36.33 -22.11 -38.97
C VAL H 218 37.04 -20.82 -39.43
N ALA H 219 36.41 -20.11 -40.36
CA ALA H 219 37.00 -18.89 -40.91
C ALA H 219 36.74 -17.65 -40.03
N LEU H 220 37.70 -16.72 -40.05
CA LEU H 220 37.57 -15.48 -39.27
C LEU H 220 36.35 -14.66 -39.73
N ASP H 221 36.15 -14.63 -41.04
CA ASP H 221 34.99 -13.95 -41.64
C ASP H 221 34.52 -14.78 -42.85
N PHE H 222 33.30 -15.31 -42.77
CA PHE H 222 32.76 -16.17 -43.84
C PHE H 222 32.62 -15.59 -45.25
N GLU H 223 32.04 -14.41 -45.44
CA GLU H 223 31.84 -13.92 -46.81
C GLU H 223 33.14 -13.54 -47.53
N GLN H 224 34.07 -12.91 -46.81
CA GLN H 224 35.36 -12.54 -47.39
C GLN H 224 36.11 -13.80 -47.83
N GLU H 225 36.00 -14.80 -46.97
CA GLU H 225 36.61 -16.11 -47.16
C GLU H 225 36.13 -16.81 -48.45
N MET H 226 34.84 -16.67 -48.73
CA MET H 226 34.23 -17.28 -49.93
C MET H 226 34.86 -16.75 -51.22
N ALA H 227 35.16 -15.45 -51.26
CA ALA H 227 35.78 -14.84 -52.43
C ALA H 227 37.20 -15.39 -52.68
N THR H 228 37.94 -15.57 -51.59
CA THR H 228 39.31 -16.11 -51.62
C THR H 228 39.34 -17.55 -52.20
N ALA H 229 38.32 -18.30 -51.81
CA ALA H 229 38.12 -19.71 -52.18
C ALA H 229 37.99 -19.98 -53.68
N ALA H 230 37.35 -19.08 -54.41
CA ALA H 230 37.11 -19.26 -55.86
C ALA H 230 38.41 -19.41 -56.66
N SER H 231 39.43 -18.62 -56.31
CA SER H 231 40.72 -18.68 -57.00
C SER H 231 41.48 -19.99 -56.69
N SER H 232 41.14 -20.61 -55.55
CA SER H 232 41.77 -21.88 -55.08
C SER H 232 43.11 -21.62 -54.40
N SER H 233 44.18 -21.64 -55.18
CA SER H 233 45.54 -21.41 -54.67
C SER H 233 45.92 -22.39 -53.53
N SER H 234 46.16 -21.86 -52.34
CA SER H 234 46.53 -22.68 -51.17
C SER H 234 45.34 -23.18 -50.34
N LEU H 235 44.12 -22.82 -50.75
CA LEU H 235 42.92 -23.25 -50.01
C LEU H 235 42.75 -24.76 -49.97
N GLU H 236 43.04 -25.44 -51.08
CA GLU H 236 42.87 -26.89 -51.15
C GLU H 236 43.77 -27.56 -50.08
N LYS H 237 43.22 -28.50 -49.32
CA LYS H 237 43.99 -29.16 -48.27
C LYS H 237 43.92 -30.69 -48.38
N SER H 238 45.07 -31.36 -48.29
CA SER H 238 45.18 -32.82 -48.42
C SER H 238 44.58 -33.63 -47.25
N TYR H 239 44.07 -34.82 -47.58
CA TYR H 239 43.49 -35.78 -46.63
C TYR H 239 43.73 -37.25 -47.04
N GLU H 240 43.83 -38.16 -46.07
CA GLU H 240 44.10 -39.57 -46.35
C GLU H 240 42.88 -40.51 -46.34
N LEU H 241 42.63 -41.15 -47.48
CA LEU H 241 41.58 -42.17 -47.62
C LEU H 241 42.25 -43.55 -47.47
N PRO H 242 41.61 -44.53 -46.81
CA PRO H 242 42.21 -45.87 -46.61
C PRO H 242 42.74 -46.51 -47.91
N ASP H 243 41.99 -46.34 -49.00
CA ASP H 243 42.36 -46.88 -50.32
C ASP H 243 43.62 -46.24 -50.93
N GLY H 244 43.80 -44.94 -50.77
CA GLY H 244 44.97 -44.28 -51.34
C GLY H 244 44.69 -42.92 -51.98
N GLN H 245 43.49 -42.72 -52.50
CA GLN H 245 43.13 -41.42 -53.08
C GLN H 245 43.00 -40.37 -52.02
N VAL H 246 43.30 -39.15 -52.38
CA VAL H 246 43.18 -38.04 -51.46
C VAL H 246 42.08 -37.12 -51.94
N ILE H 247 41.12 -36.85 -51.07
CA ILE H 247 40.02 -35.99 -51.43
C ILE H 247 40.35 -34.59 -50.98
N THR H 248 40.46 -33.72 -51.95
CA THR H 248 40.84 -32.35 -51.71
C THR H 248 39.64 -31.47 -51.33
N ILE H 249 39.81 -30.75 -50.24
CA ILE H 249 38.78 -29.86 -49.74
C ILE H 249 39.30 -28.41 -49.69
N GLY H 250 38.62 -27.50 -50.41
CA GLY H 250 39.08 -26.12 -50.47
C GLY H 250 38.18 -25.11 -49.74
N ASN H 251 37.01 -24.81 -50.28
CA ASN H 251 36.12 -23.84 -49.62
C ASN H 251 35.16 -24.52 -48.64
N GLU H 252 35.29 -25.83 -48.55
CA GLU H 252 34.48 -26.64 -47.64
C GLU H 252 35.10 -26.64 -46.24
N ARG H 253 36.33 -26.12 -46.18
CA ARG H 253 37.11 -26.07 -44.93
C ARG H 253 36.41 -25.25 -43.85
N PHE H 254 35.81 -24.14 -44.25
CA PHE H 254 35.11 -23.24 -43.34
C PHE H 254 33.59 -23.33 -43.42
N ARG H 255 33.07 -23.68 -44.59
CA ARG H 255 31.63 -23.76 -44.82
C ARG H 255 30.87 -24.79 -43.93
N CYS H 256 31.46 -25.97 -43.69
CA CYS H 256 30.80 -27.01 -42.85
C CYS H 256 30.35 -26.53 -41.43
N PRO H 257 31.26 -25.91 -40.63
CA PRO H 257 30.95 -25.36 -39.27
C PRO H 257 29.88 -24.29 -39.31
N GLU H 258 29.85 -23.61 -40.45
CA GLU H 258 28.93 -22.51 -40.73
C GLU H 258 27.49 -22.93 -40.64
N ALA H 259 27.20 -24.20 -40.88
CA ALA H 259 25.82 -24.69 -40.83
C ALA H 259 25.25 -24.45 -39.43
N LEU H 260 26.05 -24.66 -38.38
CA LEU H 260 25.57 -24.38 -37.01
C LEU H 260 25.18 -22.89 -36.87
N PHE H 261 26.07 -22.03 -37.36
CA PHE H 261 25.92 -20.56 -37.36
C PHE H 261 24.83 -20.03 -38.32
N GLN H 262 24.76 -20.65 -39.50
CA GLN H 262 23.86 -20.27 -40.59
C GLN H 262 23.07 -21.48 -41.13
N PRO H 263 22.00 -21.86 -40.43
CA PRO H 263 21.12 -23.01 -40.75
C PRO H 263 20.48 -22.94 -42.14
N SER H 264 20.42 -21.74 -42.71
CA SER H 264 19.81 -21.51 -44.02
C SER H 264 20.41 -22.39 -45.12
N PHE H 265 21.72 -22.69 -45.04
CA PHE H 265 22.36 -23.56 -46.05
C PHE H 265 21.71 -24.95 -46.08
N LEU H 266 21.37 -25.48 -44.90
CA LEU H 266 20.66 -26.75 -44.75
C LEU H 266 19.28 -26.74 -45.40
N GLY H 267 18.62 -25.62 -45.24
CA GLY H 267 17.25 -25.48 -45.70
C GLY H 267 16.34 -25.16 -44.53
N MET H 268 16.97 -24.79 -43.41
CA MET H 268 16.24 -24.45 -42.20
C MET H 268 16.03 -22.95 -42.07
N GLU H 269 14.84 -22.63 -41.62
CA GLU H 269 14.42 -21.26 -41.39
C GLU H 269 14.77 -20.83 -39.95
N SER H 270 15.29 -21.79 -39.20
CA SER H 270 15.66 -21.61 -37.78
C SER H 270 16.87 -20.69 -37.58
N CYS H 271 16.89 -19.99 -36.45
CA CYS H 271 17.98 -19.09 -36.08
C CYS H 271 19.25 -19.86 -35.73
N GLY H 272 20.40 -19.24 -35.99
CA GLY H 272 21.69 -19.88 -35.70
C GLY H 272 21.87 -20.22 -34.22
N ILE H 273 22.62 -21.27 -33.94
CA ILE H 273 22.83 -21.73 -32.55
C ILE H 273 23.52 -20.67 -31.67
N HIS H 274 24.50 -19.93 -32.19
CA HIS H 274 25.17 -18.90 -31.40
C HIS H 274 24.13 -17.86 -30.94
N GLU H 275 23.22 -17.52 -31.85
CA GLU H 275 22.10 -16.61 -31.60
C GLU H 275 21.21 -17.18 -30.49
N THR H 276 21.00 -18.50 -30.55
CA THR H 276 20.16 -19.21 -29.57
C THR H 276 20.70 -19.03 -28.15
N THR H 277 22.02 -19.08 -28.02
CA THR H 277 22.68 -18.85 -26.72
C THR H 277 22.35 -17.43 -26.22
N PHE H 278 22.36 -16.49 -27.16
CA PHE H 278 22.04 -15.08 -26.89
C PHE H 278 20.61 -14.89 -26.36
N ASN H 279 19.65 -15.64 -26.91
CA ASN H 279 18.25 -15.55 -26.43
C ASN H 279 18.16 -15.92 -24.95
N SER H 280 18.91 -16.96 -24.55
CA SER H 280 18.91 -17.39 -23.15
C SER H 280 19.39 -16.26 -22.22
N ILE H 281 20.40 -15.52 -22.69
CA ILE H 281 20.98 -14.39 -21.94
C ILE H 281 19.96 -13.24 -21.81
N MET H 282 19.21 -12.97 -22.88
CA MET H 282 18.19 -11.92 -22.92
C MET H 282 17.10 -12.17 -21.86
N LYS H 283 16.73 -13.44 -21.74
CA LYS H 283 15.71 -13.91 -20.78
C LYS H 283 16.21 -13.79 -19.33
N CYS H 284 17.52 -13.93 -19.17
CA CYS H 284 18.21 -13.89 -17.87
C CYS H 284 18.23 -12.51 -17.23
N ASP H 285 18.47 -12.51 -15.92
CA ASP H 285 18.48 -11.28 -15.12
C ASP H 285 19.56 -10.32 -15.67
N VAL H 286 19.14 -9.07 -15.85
CA VAL H 286 19.94 -8.00 -16.45
C VAL H 286 21.25 -7.68 -15.68
N ASP H 287 21.16 -7.65 -14.36
CA ASP H 287 22.33 -7.31 -13.51
C ASP H 287 23.50 -8.31 -13.71
N ILE H 288 23.19 -9.59 -13.86
CA ILE H 288 24.24 -10.61 -13.99
C ILE H 288 24.67 -10.85 -15.45
N ARG H 289 24.07 -10.13 -16.40
CA ARG H 289 24.42 -10.32 -17.82
C ARG H 289 25.90 -10.03 -18.11
N LYS H 290 26.46 -8.98 -17.50
CA LYS H 290 27.88 -8.65 -17.73
C LYS H 290 28.79 -9.76 -17.20
N ASP H 291 28.43 -10.31 -16.05
CA ASP H 291 29.18 -11.43 -15.46
C ASP H 291 29.14 -12.65 -16.37
N LEU H 292 27.97 -12.90 -16.97
CA LEU H 292 27.77 -14.06 -17.85
C LEU H 292 28.70 -14.02 -19.07
N TYR H 293 28.90 -12.84 -19.64
CA TYR H 293 29.80 -12.70 -20.78
C TYR H 293 31.23 -13.12 -20.44
N ALA H 294 31.69 -12.78 -19.24
CA ALA H 294 33.03 -13.16 -18.80
C ALA H 294 33.09 -14.61 -18.29
N ASN H 295 31.94 -15.24 -18.13
CA ASN H 295 31.85 -16.61 -17.62
C ASN H 295 31.55 -17.69 -18.70
N THR H 296 31.59 -17.34 -19.98
CA THR H 296 31.25 -18.30 -21.06
C THR H 296 32.31 -19.42 -21.27
N VAL H 297 31.84 -20.68 -21.32
CA VAL H 297 32.72 -21.86 -21.50
C VAL H 297 32.38 -22.69 -22.76
N LEU H 298 33.38 -23.00 -23.60
CA LEU H 298 33.16 -23.84 -24.79
C LEU H 298 33.71 -25.26 -24.56
N SER H 299 32.85 -26.28 -24.52
CA SER H 299 33.30 -27.66 -24.29
C SER H 299 32.60 -28.75 -25.14
N GLY H 300 33.31 -29.87 -25.34
CA GLY H 300 32.71 -31.04 -26.01
C GLY H 300 32.94 -31.29 -27.51
N GLY H 301 32.46 -32.50 -27.85
CA GLY H 301 32.47 -33.12 -29.19
C GLY H 301 33.16 -32.42 -30.35
N THR H 302 32.48 -31.45 -30.96
CA THR H 302 33.01 -30.79 -32.15
C THR H 302 33.48 -29.34 -31.98
N THR H 303 33.61 -28.86 -30.74
CA THR H 303 34.11 -27.49 -30.50
C THR H 303 35.60 -27.40 -30.79
N MET H 304 36.23 -28.53 -30.99
CA MET H 304 37.66 -28.63 -31.22
C MET H 304 38.10 -28.30 -32.66
N TYR H 305 37.17 -27.80 -33.49
CA TYR H 305 37.52 -27.38 -34.86
C TYR H 305 38.36 -26.11 -34.71
N PRO H 306 39.54 -25.99 -35.36
CA PRO H 306 40.33 -24.77 -35.15
C PRO H 306 39.68 -23.55 -35.79
N GLY H 307 39.89 -22.41 -35.14
CA GLY H 307 39.32 -21.16 -35.61
C GLY H 307 37.93 -20.89 -35.04
N ILE H 308 37.33 -21.89 -34.38
CA ILE H 308 35.98 -21.73 -33.81
C ILE H 308 35.94 -20.65 -32.72
N ALA H 309 36.99 -20.61 -31.89
CA ALA H 309 37.08 -19.61 -30.84
C ALA H 309 37.09 -18.19 -31.42
N ASP H 310 37.80 -18.03 -32.53
CA ASP H 310 37.90 -16.73 -33.19
C ASP H 310 36.55 -16.27 -33.75
N ARG H 311 35.79 -17.21 -34.33
CA ARG H 311 34.48 -16.89 -34.89
C ARG H 311 33.46 -16.49 -33.83
N MET H 312 33.49 -17.18 -32.69
CA MET H 312 32.55 -16.92 -31.60
C MET H 312 32.63 -15.51 -31.08
N GLN H 313 33.86 -15.00 -30.95
CA GLN H 313 34.06 -13.64 -30.46
C GLN H 313 33.38 -12.61 -31.38
N LYS H 314 33.56 -12.78 -32.68
CA LYS H 314 32.96 -11.89 -33.69
C LYS H 314 31.44 -11.82 -33.67
N GLU H 315 30.78 -12.98 -33.67
CA GLU H 315 29.32 -13.02 -33.68
C GLU H 315 28.71 -12.49 -32.39
N ILE H 316 29.31 -12.83 -31.25
CA ILE H 316 28.79 -12.36 -29.96
C ILE H 316 28.90 -10.83 -29.88
N THR H 317 30.02 -10.28 -30.37
CA THR H 317 30.21 -8.83 -30.38
C THR H 317 29.14 -8.12 -31.22
N ALA H 318 28.79 -8.72 -32.36
CA ALA H 318 27.76 -8.15 -33.22
C ALA H 318 26.36 -8.27 -32.59
N LEU H 319 26.11 -9.42 -31.96
CA LEU H 319 24.83 -9.69 -31.28
C LEU H 319 24.62 -8.83 -30.02
N ALA H 320 25.70 -8.64 -29.25
CA ALA H 320 25.66 -7.86 -27.99
C ALA H 320 25.46 -6.36 -28.23
N PRO H 321 24.75 -5.67 -27.28
CA PRO H 321 24.48 -4.21 -27.37
C PRO H 321 25.71 -3.32 -27.64
N SER H 322 26.84 -3.65 -26.97
CA SER H 322 28.16 -2.94 -27.09
C SER H 322 28.60 -2.34 -25.74
N THR H 323 29.66 -1.51 -25.77
CA THR H 323 30.18 -0.82 -24.57
C THR H 323 30.66 -1.76 -23.43
N MET H 324 30.75 -3.07 -23.69
CA MET H 324 31.23 -3.97 -22.63
C MET H 324 32.12 -5.11 -23.12
N LYS H 325 32.85 -5.64 -22.13
CA LYS H 325 33.82 -6.73 -22.29
C LYS H 325 33.17 -8.11 -22.48
N ILE H 326 33.67 -8.84 -23.47
CA ILE H 326 33.21 -10.21 -23.72
C ILE H 326 34.42 -11.14 -23.60
N LYS H 327 34.36 -12.09 -22.68
CA LYS H 327 35.48 -13.00 -22.48
C LYS H 327 35.09 -14.46 -22.62
N ILE H 328 35.89 -15.22 -23.33
CA ILE H 328 35.62 -16.64 -23.55
C ILE H 328 36.61 -17.51 -22.80
N ILE H 329 36.10 -18.47 -22.05
CA ILE H 329 36.93 -19.37 -21.26
C ILE H 329 37.28 -20.59 -22.10
N ALA H 330 38.57 -20.80 -22.31
CA ALA H 330 39.04 -21.88 -23.15
C ALA H 330 39.94 -22.89 -22.44
N PRO H 331 39.36 -24.01 -21.95
CA PRO H 331 40.14 -25.07 -21.33
C PRO H 331 40.79 -25.99 -22.39
N PRO H 332 42.11 -26.26 -22.26
CA PRO H 332 42.88 -27.11 -23.20
C PRO H 332 42.20 -28.45 -23.51
N GLU H 333 41.63 -29.04 -22.46
CA GLU H 333 40.98 -30.35 -22.53
C GLU H 333 39.47 -30.25 -22.79
N ARG H 334 39.03 -29.27 -23.58
CA ARG H 334 37.59 -29.03 -23.81
C ARG H 334 36.86 -30.23 -24.45
N LYS H 335 37.49 -30.97 -25.36
CA LYS H 335 36.84 -32.16 -25.95
C LYS H 335 36.48 -33.21 -24.91
N TYR H 336 37.35 -33.42 -23.96
CA TYR H 336 37.13 -34.42 -22.94
C TYR H 336 36.65 -33.80 -21.61
N SER H 337 36.34 -32.50 -21.62
CA SER H 337 35.96 -31.79 -20.39
C SER H 337 34.71 -32.39 -19.74
N VAL H 338 33.73 -32.77 -20.54
CA VAL H 338 32.52 -33.36 -19.98
C VAL H 338 32.84 -34.65 -19.20
N TRP H 339 33.60 -35.55 -19.83
CA TRP H 339 33.98 -36.80 -19.17
C TRP H 339 34.96 -36.56 -18.01
N ILE H 340 35.89 -35.64 -18.23
CA ILE H 340 36.96 -35.31 -17.26
C ILE H 340 36.39 -34.82 -15.93
N GLY H 341 35.36 -33.98 -15.98
CA GLY H 341 34.78 -33.49 -14.74
C GLY H 341 34.23 -34.62 -13.89
N GLY H 342 33.60 -35.60 -14.53
CA GLY H 342 33.05 -36.74 -13.82
C GLY H 342 34.11 -37.70 -13.24
N SER H 343 35.17 -37.96 -14.02
CA SER H 343 36.24 -38.89 -13.63
C SER H 343 37.01 -38.56 -12.33
N ILE H 344 37.47 -37.32 -12.18
CA ILE H 344 38.30 -36.94 -11.02
C ILE H 344 37.62 -36.98 -9.63
N LEU H 345 36.41 -36.48 -9.51
CA LEU H 345 35.77 -36.45 -8.18
C LEU H 345 34.96 -37.70 -7.86
N ALA H 346 35.46 -38.87 -8.24
CA ALA H 346 34.73 -40.10 -7.95
C ALA H 346 35.47 -41.05 -6.99
N SER H 347 36.72 -40.76 -6.61
CA SER H 347 37.46 -41.67 -5.72
C SER H 347 38.29 -41.03 -4.56
N LEU H 348 38.13 -39.74 -4.24
CA LEU H 348 39.03 -39.12 -3.21
C LEU H 348 39.03 -39.75 -1.80
N SER H 349 37.82 -39.95 -1.23
CA SER H 349 37.62 -40.48 0.14
C SER H 349 36.42 -39.82 0.77
N THR H 350 36.29 -38.52 0.51
CA THR H 350 35.17 -37.74 1.02
C THR H 350 34.02 -37.80 0.04
N PHE H 351 34.30 -38.45 -1.09
CA PHE H 351 33.27 -38.71 -2.07
C PHE H 351 32.62 -40.06 -1.74
N GLN H 352 33.26 -40.76 -0.79
CA GLN H 352 32.70 -42.01 -0.23
C GLN H 352 31.47 -41.74 0.60
N GLN H 353 31.52 -40.66 1.36
CA GLN H 353 30.42 -40.22 2.21
C GLN H 353 29.15 -39.92 1.40
N MET H 354 29.39 -39.30 0.24
CA MET H 354 28.34 -38.83 -0.69
C MET H 354 27.73 -39.88 -1.67
N TRP H 355 28.37 -41.03 -1.85
CA TRP H 355 27.85 -42.07 -2.79
C TRP H 355 26.47 -42.61 -2.46
N ILE H 356 25.69 -42.82 -3.51
CA ILE H 356 24.39 -43.45 -3.37
C ILE H 356 24.68 -44.94 -3.52
N SER H 357 24.35 -45.69 -2.49
CA SER H 357 24.68 -47.11 -2.48
C SER H 357 23.48 -48.02 -2.74
N LYS H 358 23.81 -49.25 -3.13
CA LYS H 358 22.82 -50.28 -3.40
C LYS H 358 22.00 -50.58 -2.14
N GLN H 359 22.70 -50.60 -1.00
CA GLN H 359 22.07 -50.88 0.28
C GLN H 359 20.99 -49.84 0.63
N GLU H 360 21.28 -48.57 0.34
CA GLU H 360 20.31 -47.48 0.58
C GLU H 360 19.05 -47.61 -0.28
N TYR H 361 19.22 -48.01 -1.54
CA TYR H 361 18.11 -48.18 -2.48
C TYR H 361 17.10 -49.21 -1.99
N ASP H 362 17.60 -50.30 -1.43
CA ASP H 362 16.73 -51.36 -0.92
C ASP H 362 15.80 -50.83 0.17
N GLU H 363 16.33 -49.96 1.04
CA GLU H 363 15.51 -49.41 2.12
C GLU H 363 14.46 -48.40 1.62
N SER H 364 14.87 -47.16 1.31
CA SER H 364 13.96 -46.12 0.80
C SER H 364 13.27 -46.43 -0.54
N GLY H 365 14.01 -47.02 -1.47
CA GLY H 365 13.47 -47.32 -2.78
C GLY H 365 13.87 -46.29 -3.85
N PRO H 366 13.05 -46.13 -4.92
CA PRO H 366 13.29 -45.16 -6.03
C PRO H 366 13.35 -43.69 -5.56
N SER H 367 12.63 -43.40 -4.50
CA SER H 367 12.50 -42.05 -3.91
C SER H 367 13.83 -41.44 -3.43
N ILE H 368 14.81 -42.29 -3.12
CA ILE H 368 16.10 -41.85 -2.57
C ILE H 368 16.91 -40.89 -3.45
N VAL H 369 16.92 -41.09 -4.77
CA VAL H 369 17.73 -40.22 -5.64
C VAL H 369 17.29 -38.73 -5.56
N HIS H 370 15.99 -38.47 -5.50
CA HIS H 370 15.49 -37.08 -5.37
C HIS H 370 15.92 -36.41 -4.04
N ARG H 371 15.87 -37.20 -2.97
CA ARG H 371 16.12 -36.72 -1.60
C ARG H 371 17.55 -36.29 -1.22
N LYS H 372 18.60 -37.01 -1.66
CA LYS H 372 19.96 -36.61 -1.20
C LYS H 372 20.72 -35.61 -2.07
N CYS H 373 20.17 -35.16 -3.19
CA CYS H 373 20.92 -34.19 -3.97
C CYS H 373 20.53 -32.77 -3.56
N PHE H 374 21.49 -32.10 -2.90
CA PHE H 374 21.31 -30.73 -2.40
C PHE H 374 20.25 -30.64 -1.29
N ASP I 1 9.98 -22.12 -87.16
CA ASP I 1 10.81 -21.64 -88.31
C ASP I 1 10.88 -20.11 -88.39
N ASP I 2 12.04 -19.54 -87.98
CA ASP I 2 12.38 -18.08 -88.10
C ASP I 2 12.43 -17.22 -86.81
N ASP I 3 11.34 -17.10 -86.04
CA ASP I 3 11.36 -16.16 -84.89
C ASP I 3 12.41 -16.45 -83.82
N ILE I 4 12.54 -17.73 -83.48
CA ILE I 4 13.49 -18.32 -82.49
C ILE I 4 12.83 -19.56 -81.92
N ALA I 5 12.93 -20.64 -82.69
CA ALA I 5 12.27 -21.91 -82.38
C ALA I 5 12.70 -22.53 -81.06
N ALA I 6 13.85 -22.13 -80.54
CA ALA I 6 14.33 -22.63 -79.25
C ALA I 6 14.86 -24.06 -79.33
N LEU I 7 16.17 -24.17 -79.27
CA LEU I 7 16.85 -25.46 -79.30
C LEU I 7 17.02 -25.89 -77.87
N VAL I 8 16.51 -27.03 -77.52
CA VAL I 8 16.63 -27.49 -76.16
C VAL I 8 17.57 -28.67 -76.05
N VAL I 9 18.60 -28.52 -75.23
CA VAL I 9 19.55 -29.61 -75.04
C VAL I 9 19.37 -30.16 -73.63
N ASP I 10 19.04 -31.43 -73.55
CA ASP I 10 18.82 -32.10 -72.29
C ASP I 10 20.04 -32.95 -71.93
N ASN I 11 20.66 -32.64 -70.80
CA ASN I 11 21.88 -33.34 -70.38
C ASN I 11 21.67 -34.19 -69.11
N GLY I 12 22.32 -35.33 -69.13
CA GLY I 12 22.28 -36.28 -68.03
C GLY I 12 23.47 -37.23 -68.09
N SER I 13 23.48 -38.26 -67.25
CA SER I 13 24.59 -39.23 -67.25
C SER I 13 24.74 -39.91 -68.62
N GLY I 14 23.61 -40.24 -69.22
CA GLY I 14 23.60 -40.87 -70.53
C GLY I 14 22.25 -40.72 -71.22
N MET I 15 22.17 -41.08 -72.50
CA MET I 15 20.92 -41.00 -73.27
C MET I 15 20.37 -39.55 -73.35
N CYS I 16 21.24 -38.62 -73.72
CA CYS I 16 20.88 -37.19 -73.84
C CYS I 16 19.95 -36.96 -75.04
N LYS I 17 19.21 -35.84 -75.03
CA LYS I 17 18.24 -35.57 -76.09
C LYS I 17 18.02 -34.07 -76.39
N ALA I 18 17.49 -33.77 -77.58
CA ALA I 18 17.28 -32.37 -78.02
C ALA I 18 16.15 -32.21 -79.08
N GLY I 19 15.64 -30.98 -79.25
CA GLY I 19 14.57 -30.74 -80.23
C GLY I 19 14.25 -29.25 -80.50
N PHE I 20 13.00 -28.98 -80.87
CA PHE I 20 12.50 -27.62 -81.19
C PHE I 20 11.20 -27.30 -80.41
N ALA I 21 10.90 -26.01 -80.21
CA ALA I 21 9.68 -25.60 -79.48
C ALA I 21 8.40 -25.88 -80.26
N GLY I 22 7.32 -26.10 -79.51
CA GLY I 22 6.02 -26.42 -80.10
C GLY I 22 5.86 -27.92 -80.27
N ASP I 23 6.95 -28.65 -80.07
CA ASP I 23 6.96 -30.10 -80.16
C ASP I 23 6.38 -30.77 -78.92
N ASP I 24 5.90 -31.99 -79.10
CA ASP I 24 5.30 -32.77 -78.01
C ASP I 24 6.31 -33.74 -77.39
N ALA I 25 7.51 -33.78 -77.97
CA ALA I 25 8.60 -34.66 -77.53
C ALA I 25 9.89 -34.28 -78.27
N PRO I 26 11.09 -34.65 -77.76
CA PRO I 26 12.32 -34.28 -78.47
C PRO I 26 12.50 -35.04 -79.79
N ARG I 27 13.10 -34.35 -80.75
CA ARG I 27 13.35 -34.91 -82.07
C ARG I 27 14.43 -36.02 -82.12
N ALA I 28 15.52 -35.84 -81.36
CA ALA I 28 16.61 -36.83 -81.38
C ALA I 28 17.20 -37.14 -80.00
N VAL I 29 17.56 -38.41 -79.81
CA VAL I 29 18.17 -38.91 -78.57
C VAL I 29 19.49 -39.64 -78.87
N PHE I 30 20.57 -39.31 -78.17
CA PHE I 30 21.86 -39.99 -78.44
C PHE I 30 22.62 -40.36 -77.14
N PRO I 31 23.56 -41.33 -77.21
CA PRO I 31 24.38 -41.76 -76.07
C PRO I 31 25.42 -40.69 -75.64
N SER I 32 25.76 -40.65 -74.36
CA SER I 32 26.77 -39.70 -73.93
C SER I 32 28.10 -40.42 -73.62
N ILE I 33 28.91 -40.59 -74.65
CA ILE I 33 30.23 -41.20 -74.53
C ILE I 33 31.27 -40.48 -75.41
N VAL I 34 32.51 -40.39 -74.93
CA VAL I 34 33.60 -39.77 -75.68
C VAL I 34 34.82 -40.71 -75.71
N GLY I 35 35.39 -40.97 -76.88
CA GLY I 35 36.52 -41.91 -76.93
C GLY I 35 37.81 -41.41 -77.58
N ARG I 36 38.92 -41.80 -76.93
CA ARG I 36 40.30 -41.49 -77.35
C ARG I 36 41.16 -42.76 -77.14
N PRO I 37 42.40 -42.90 -77.70
CA PRO I 37 43.16 -44.18 -77.61
C PRO I 37 43.32 -44.86 -76.23
N ARG I 38 42.99 -46.17 -76.23
CA ARG I 38 43.12 -47.07 -75.08
C ARG I 38 43.94 -48.31 -75.46
N HIS I 39 44.80 -48.78 -74.55
CA HIS I 39 45.59 -50.00 -74.78
C HIS I 39 46.47 -49.81 -76.04
N GLN I 40 47.01 -48.60 -76.16
CA GLN I 40 47.84 -48.13 -77.29
C GLN I 40 47.08 -48.10 -78.63
N GLY I 41 45.75 -48.16 -78.59
CA GLY I 41 44.95 -48.12 -79.82
C GLY I 41 44.61 -49.49 -80.48
N VAL I 42 45.21 -50.60 -80.04
CA VAL I 42 44.90 -51.97 -80.56
C VAL I 42 45.76 -52.47 -81.80
N MET I 43 46.84 -51.74 -82.16
CA MET I 43 47.81 -52.19 -83.24
C MET I 43 47.67 -51.70 -84.68
N VAL I 44 48.88 -51.33 -85.18
CA VAL I 44 49.19 -50.90 -86.57
C VAL I 44 48.68 -49.51 -87.05
N GLY I 45 49.53 -48.49 -86.83
CA GLY I 45 49.23 -47.13 -87.30
C GLY I 45 48.47 -46.24 -86.34
N MET I 46 49.01 -46.01 -85.15
CA MET I 46 48.28 -45.18 -84.18
C MET I 46 48.77 -43.74 -84.05
N GLY I 47 47.76 -42.89 -83.92
CA GLY I 47 47.91 -41.46 -83.80
C GLY I 47 46.57 -40.79 -84.07
N GLN I 48 46.13 -40.97 -85.34
CA GLN I 48 44.84 -40.49 -85.94
C GLN I 48 43.97 -39.47 -85.16
N LYS I 49 42.77 -39.27 -85.68
CA LYS I 49 41.79 -38.40 -85.04
C LYS I 49 40.79 -39.24 -84.27
N ASP I 50 40.77 -39.02 -82.97
CA ASP I 50 39.84 -39.75 -82.12
C ASP I 50 39.30 -38.89 -80.98
N SER I 51 38.01 -38.77 -81.05
CA SER I 51 37.16 -38.06 -80.12
C SER I 51 35.78 -38.24 -80.68
N TYR I 52 35.21 -39.39 -80.42
CA TYR I 52 33.92 -39.73 -80.99
C TYR I 52 32.79 -39.53 -80.01
N VAL I 53 31.80 -38.78 -80.44
CA VAL I 53 30.62 -38.52 -79.63
C VAL I 53 29.39 -39.03 -80.37
N GLY I 54 28.56 -39.79 -79.68
CA GLY I 54 27.38 -40.36 -80.30
C GLY I 54 27.37 -41.87 -80.18
N ASP I 55 26.53 -42.55 -80.95
CA ASP I 55 26.49 -44.01 -80.88
C ASP I 55 27.47 -44.67 -81.84
N GLU I 56 28.16 -43.87 -82.66
CA GLU I 56 29.19 -44.41 -83.56
C GLU I 56 30.39 -44.88 -82.74
N ALA I 57 30.57 -44.18 -81.62
CA ALA I 57 31.63 -44.45 -80.64
C ALA I 57 31.39 -45.74 -79.87
N GLN I 58 30.12 -46.14 -79.74
CA GLN I 58 29.76 -47.33 -78.97
C GLN I 58 30.41 -48.58 -79.56
N SER I 59 30.36 -48.70 -80.88
CA SER I 59 31.04 -49.80 -81.58
C SER I 59 32.55 -49.78 -81.31
N LYS I 60 33.06 -48.55 -81.32
CA LYS I 60 34.47 -48.22 -81.15
C LYS I 60 34.96 -48.23 -79.69
N ARG I 61 34.10 -48.68 -78.77
CA ARG I 61 34.42 -48.70 -77.33
C ARG I 61 35.66 -49.55 -77.01
N GLY I 62 35.78 -50.69 -77.66
CA GLY I 62 36.94 -51.55 -77.43
C GLY I 62 38.28 -50.87 -77.75
N ILE I 63 38.33 -50.09 -78.84
CA ILE I 63 39.59 -49.43 -79.24
C ILE I 63 39.73 -47.97 -78.74
N LEU I 64 38.67 -47.37 -78.19
CA LEU I 64 38.74 -46.01 -77.63
C LEU I 64 38.34 -45.97 -76.14
N THR I 65 39.06 -45.17 -75.37
CA THR I 65 38.77 -44.99 -73.95
C THR I 65 37.56 -44.07 -73.82
N LEU I 66 36.57 -44.46 -73.05
CA LEU I 66 35.41 -43.60 -72.88
C LEU I 66 35.43 -42.86 -71.55
N LYS I 67 35.20 -41.58 -71.64
CA LYS I 67 35.16 -40.71 -70.48
C LYS I 67 33.77 -40.09 -70.40
N TYR I 68 33.24 -39.98 -69.20
CA TYR I 68 31.90 -39.43 -69.05
C TYR I 68 31.93 -37.93 -68.76
N PRO I 69 31.47 -37.13 -69.74
CA PRO I 69 31.42 -35.66 -69.62
C PRO I 69 30.53 -35.26 -68.44
N ILE I 70 29.56 -36.11 -68.20
CA ILE I 70 28.59 -35.91 -67.14
C ILE I 70 28.67 -37.07 -66.16
N GLU I 71 28.96 -36.82 -64.90
CA GLU I 71 28.93 -37.92 -63.97
C GLU I 71 27.77 -37.71 -63.02
N HIS I 72 26.77 -38.56 -63.19
CA HIS I 72 25.56 -38.55 -62.38
C HIS I 72 24.88 -37.17 -62.24
N GLY I 73 24.68 -36.48 -63.38
CA GLY I 73 24.00 -35.17 -63.39
C GLY I 73 24.89 -33.91 -63.36
N ILE I 74 26.20 -34.06 -63.26
CA ILE I 74 27.12 -32.91 -63.23
C ILE I 74 28.27 -33.05 -64.24
N VAL I 75 28.92 -31.94 -64.60
CA VAL I 75 29.99 -31.99 -65.58
C VAL I 75 31.32 -31.73 -64.91
N THR I 76 32.22 -32.71 -65.00
CA THR I 76 33.55 -32.57 -64.44
C THR I 76 34.58 -32.19 -65.50
N ASN I 77 34.45 -32.78 -66.69
CA ASN I 77 35.36 -32.46 -67.79
C ASN I 77 34.64 -31.70 -68.90
N TRP I 78 34.98 -30.44 -69.03
CA TRP I 78 34.40 -29.55 -70.04
C TRP I 78 34.81 -29.87 -71.48
N ASP I 79 36.03 -30.39 -71.67
CA ASP I 79 36.52 -30.69 -73.03
C ASP I 79 35.63 -31.71 -73.74
N ASP I 80 35.18 -32.72 -73.00
CA ASP I 80 34.29 -33.73 -73.56
C ASP I 80 32.90 -33.15 -73.84
N MET I 81 32.43 -32.28 -72.93
CA MET I 81 31.12 -31.63 -73.02
C MET I 81 30.98 -30.76 -74.28
N GLU I 82 32.04 -30.01 -74.62
CA GLU I 82 32.03 -29.15 -75.80
C GLU I 82 31.80 -29.94 -77.10
N LYS I 83 32.43 -31.11 -77.18
CA LYS I 83 32.30 -31.96 -78.35
C LYS I 83 30.85 -32.38 -78.55
N ILE I 84 30.16 -32.68 -77.44
CA ILE I 84 28.76 -33.06 -77.46
C ILE I 84 27.87 -31.95 -78.03
N TRP I 85 28.12 -30.70 -77.61
CA TRP I 85 27.31 -29.58 -78.11
C TRP I 85 27.58 -29.32 -79.59
N HIS I 86 28.84 -29.41 -79.99
CA HIS I 86 29.22 -29.26 -81.39
C HIS I 86 28.54 -30.30 -82.26
N HIS I 87 28.60 -31.53 -81.78
CA HIS I 87 28.05 -32.66 -82.51
C HIS I 87 26.51 -32.61 -82.55
N THR I 88 25.89 -32.21 -81.43
CA THR I 88 24.43 -32.11 -81.38
C THR I 88 23.84 -31.11 -82.38
N PHE I 89 24.38 -29.90 -82.44
CA PHE I 89 23.87 -28.91 -83.37
C PHE I 89 24.19 -29.23 -84.84
N TYR I 90 25.48 -29.38 -85.11
CA TYR I 90 25.97 -29.63 -86.47
C TYR I 90 25.65 -31.02 -87.02
N ASN I 91 25.74 -32.06 -86.20
CA ASN I 91 25.50 -33.42 -86.72
C ASN I 91 24.17 -34.07 -86.32
N GLU I 92 23.71 -33.90 -85.08
CA GLU I 92 22.45 -34.57 -84.68
C GLU I 92 21.15 -33.80 -85.02
N LEU I 93 21.05 -32.55 -84.56
CA LEU I 93 19.92 -31.67 -84.89
C LEU I 93 19.91 -31.20 -86.36
N ARG I 94 21.13 -30.93 -86.85
CA ARG I 94 21.36 -30.42 -88.21
C ARG I 94 20.66 -29.06 -88.43
N VAL I 95 20.75 -28.22 -87.40
CA VAL I 95 20.20 -26.87 -87.41
C VAL I 95 21.25 -25.87 -86.91
N ALA I 96 21.36 -24.71 -87.56
CA ALA I 96 22.34 -23.72 -87.12
C ALA I 96 21.96 -23.09 -85.78
N PRO I 97 22.90 -23.11 -84.80
CA PRO I 97 22.68 -22.53 -83.45
C PRO I 97 22.39 -21.03 -83.47
N GLU I 98 22.95 -20.37 -84.46
CA GLU I 98 22.81 -18.93 -84.62
C GLU I 98 21.34 -18.45 -84.79
N GLU I 99 20.54 -19.11 -85.64
CA GLU I 99 19.13 -18.72 -85.77
C GLU I 99 18.26 -19.05 -84.54
N HIS I 100 18.52 -20.22 -83.94
CA HIS I 100 17.72 -20.72 -82.80
C HIS I 100 18.45 -20.68 -81.44
N PRO I 101 17.82 -20.06 -80.41
CA PRO I 101 18.39 -19.96 -79.05
C PRO I 101 18.40 -21.32 -78.35
N VAL I 102 19.35 -21.57 -77.46
CA VAL I 102 19.41 -22.91 -76.83
C VAL I 102 19.11 -22.89 -75.32
N LEU I 103 18.33 -23.88 -74.89
CA LEU I 103 17.97 -24.04 -73.49
C LEU I 103 18.70 -25.26 -72.93
N LEU I 104 19.39 -25.08 -71.81
CA LEU I 104 20.14 -26.19 -71.20
C LEU I 104 19.50 -26.65 -69.89
N THR I 105 19.35 -27.96 -69.73
CA THR I 105 18.78 -28.51 -68.50
C THR I 105 19.86 -28.69 -67.43
N GLU I 106 19.44 -28.78 -66.18
CA GLU I 106 20.40 -28.96 -65.08
C GLU I 106 19.86 -29.94 -64.03
N ALA I 107 20.77 -30.58 -63.31
CA ALA I 107 20.40 -31.46 -62.22
C ALA I 107 20.04 -30.61 -60.99
N PRO I 108 19.13 -31.08 -60.12
CA PRO I 108 18.76 -30.32 -58.91
C PRO I 108 19.96 -30.09 -57.98
N LEU I 109 20.03 -28.88 -57.41
CA LEU I 109 21.14 -28.49 -56.52
C LEU I 109 22.49 -28.56 -57.25
N ASN I 110 22.49 -28.00 -58.44
CA ASN I 110 23.68 -27.91 -59.31
C ASN I 110 24.68 -26.92 -58.70
N PRO I 111 25.98 -27.29 -58.58
CA PRO I 111 26.97 -26.40 -57.95
C PRO I 111 27.12 -25.05 -58.67
N LYS I 112 27.36 -24.04 -57.85
CA LYS I 112 27.47 -22.64 -58.30
C LYS I 112 28.62 -22.37 -59.29
N ALA I 113 29.78 -22.98 -59.08
CA ALA I 113 30.93 -22.76 -59.98
C ALA I 113 30.61 -23.17 -61.43
N ASN I 114 29.92 -24.31 -61.57
CA ASN I 114 29.54 -24.82 -62.90
C ASN I 114 28.52 -23.92 -63.60
N ARG I 115 27.58 -23.39 -62.82
CA ARG I 115 26.50 -22.56 -63.38
C ARG I 115 27.00 -21.30 -64.08
N GLU I 116 27.98 -20.62 -63.51
CA GLU I 116 28.52 -19.42 -64.15
C GLU I 116 29.31 -19.75 -65.43
N LYS I 117 30.10 -20.83 -65.37
CA LYS I 117 30.94 -21.24 -66.48
C LYS I 117 30.19 -21.78 -67.71
N MET I 118 29.14 -22.57 -67.52
CA MET I 118 28.39 -23.09 -68.68
C MET I 118 27.81 -21.95 -69.51
N THR I 119 27.31 -20.93 -68.80
CA THR I 119 26.78 -19.74 -69.45
C THR I 119 27.89 -19.04 -70.26
N GLN I 120 29.07 -19.02 -69.67
CA GLN I 120 30.27 -18.43 -70.27
C GLN I 120 30.67 -19.07 -71.60
N ILE I 121 30.56 -20.41 -71.67
CA ILE I 121 30.92 -21.11 -72.90
C ILE I 121 29.94 -20.85 -74.04
N MET I 122 28.65 -20.81 -73.74
CA MET I 122 27.65 -20.55 -74.79
C MET I 122 27.82 -19.20 -75.48
N PHE I 123 28.08 -18.18 -74.68
CA PHE I 123 28.23 -16.84 -75.22
C PHE I 123 29.49 -16.61 -76.05
N GLU I 124 30.62 -17.17 -75.63
CA GLU I 124 31.86 -16.96 -76.40
C GLU I 124 32.24 -18.11 -77.36
N THR I 125 32.11 -19.36 -76.91
CA THR I 125 32.47 -20.49 -77.78
C THR I 125 31.51 -20.72 -78.97
N PHE I 126 30.20 -20.63 -78.73
CA PHE I 126 29.23 -20.83 -79.82
C PHE I 126 28.47 -19.57 -80.24
N ASN I 127 28.74 -18.45 -79.58
CA ASN I 127 28.07 -17.16 -79.90
C ASN I 127 26.53 -17.28 -79.97
N THR I 128 25.93 -18.05 -79.05
CA THR I 128 24.47 -18.21 -79.06
C THR I 128 23.75 -16.92 -78.58
N PRO I 129 22.73 -16.44 -79.34
CA PRO I 129 21.98 -15.22 -78.99
C PRO I 129 21.23 -15.29 -77.65
N ALA I 130 20.65 -16.43 -77.32
CA ALA I 130 19.92 -16.59 -76.07
C ALA I 130 20.01 -18.00 -75.48
N MET I 131 19.94 -18.09 -74.16
CA MET I 131 19.98 -19.38 -73.48
C MET I 131 19.28 -19.31 -72.11
N TYR I 132 18.89 -20.46 -71.58
CA TYR I 132 18.23 -20.51 -70.28
C TYR I 132 18.54 -21.83 -69.57
N VAL I 133 18.56 -21.81 -68.24
CA VAL I 133 18.86 -23.02 -67.48
C VAL I 133 17.62 -23.44 -66.67
N ALA I 134 17.23 -24.71 -66.80
CA ALA I 134 16.02 -25.25 -66.18
C ALA I 134 16.28 -26.55 -65.40
N ILE I 135 15.37 -26.89 -64.49
CA ILE I 135 15.52 -28.10 -63.68
C ILE I 135 14.48 -29.12 -64.10
N GLN I 136 14.95 -30.34 -64.34
CA GLN I 136 14.10 -31.42 -64.85
C GLN I 136 12.96 -31.79 -63.91
N ALA I 137 13.22 -31.81 -62.61
CA ALA I 137 12.19 -32.13 -61.62
C ALA I 137 11.11 -31.04 -61.54
N VAL I 138 11.55 -29.78 -61.60
CA VAL I 138 10.63 -28.64 -61.52
C VAL I 138 9.63 -28.65 -62.67
N LEU I 139 10.13 -28.85 -63.87
CA LEU I 139 9.28 -28.89 -65.07
C LEU I 139 8.25 -30.03 -65.02
N SER I 140 8.68 -31.22 -64.55
CA SER I 140 7.76 -32.36 -64.48
C SER I 140 6.55 -32.12 -63.56
N LEU I 141 6.79 -31.48 -62.40
CA LEU I 141 5.69 -31.14 -61.48
C LEU I 141 4.84 -30.06 -62.11
N TYR I 142 5.54 -29.14 -62.75
CA TYR I 142 4.96 -28.00 -63.43
C TYR I 142 4.04 -28.44 -64.57
N ALA I 143 4.46 -29.48 -65.29
CA ALA I 143 3.73 -30.03 -66.44
C ALA I 143 2.34 -30.51 -66.07
N SER I 144 2.22 -31.15 -64.91
CA SER I 144 0.93 -31.66 -64.43
C SER I 144 -0.02 -30.52 -64.03
N GLY I 145 0.52 -29.29 -63.98
CA GLY I 145 -0.27 -28.12 -63.60
C GLY I 145 -0.32 -27.90 -62.11
N ARG I 146 0.55 -28.59 -61.40
CA ARG I 146 0.62 -28.51 -59.96
C ARG I 146 1.98 -27.99 -59.47
N THR I 147 1.96 -26.97 -58.62
CA THR I 147 3.19 -26.36 -58.09
C THR I 147 3.60 -26.92 -56.70
N THR I 148 2.66 -27.52 -56.01
CA THR I 148 2.92 -28.08 -54.68
C THR I 148 3.01 -29.60 -54.78
N GLY I 149 4.13 -30.19 -54.34
CA GLY I 149 4.22 -31.64 -54.40
C GLY I 149 5.63 -32.19 -54.34
N ILE I 150 5.73 -33.48 -54.61
CA ILE I 150 7.00 -34.18 -54.61
C ILE I 150 7.13 -34.99 -55.90
N VAL I 151 8.26 -34.85 -56.57
CA VAL I 151 8.46 -35.54 -57.83
C VAL I 151 9.61 -36.52 -57.76
N MET I 152 9.32 -37.75 -58.16
CA MET I 152 10.35 -38.75 -58.23
C MET I 152 10.70 -38.78 -59.72
N ASP I 153 11.90 -38.38 -60.04
CA ASP I 153 12.30 -38.29 -61.44
C ASP I 153 13.19 -39.41 -61.89
N SER I 154 12.73 -40.15 -62.87
CA SER I 154 13.53 -41.19 -63.45
C SER I 154 14.28 -40.59 -64.61
N GLY I 155 15.53 -40.26 -64.40
CA GLY I 155 16.30 -39.65 -65.46
C GLY I 155 16.81 -40.68 -66.43
N ASP I 156 17.28 -40.23 -67.56
CA ASP I 156 17.82 -41.13 -68.57
C ASP I 156 19.15 -41.73 -68.07
N GLY I 157 19.76 -41.04 -67.11
CA GLY I 157 21.02 -41.49 -66.55
C GLY I 157 21.08 -41.46 -65.02
N VAL I 158 20.37 -40.53 -64.38
CA VAL I 158 20.39 -40.41 -62.90
C VAL I 158 19.00 -40.10 -62.31
N THR I 159 18.67 -40.72 -61.18
CA THR I 159 17.37 -40.51 -60.51
C THR I 159 17.48 -39.60 -59.29
N HIS I 160 16.75 -38.48 -59.33
CA HIS I 160 16.74 -37.51 -58.22
C HIS I 160 15.35 -37.30 -57.63
N THR I 161 15.30 -37.18 -56.31
CA THR I 161 14.06 -36.89 -55.59
C THR I 161 14.07 -35.40 -55.26
N VAL I 162 13.08 -34.66 -55.75
CA VAL I 162 13.06 -33.20 -55.54
C VAL I 162 11.69 -32.63 -55.19
N PRO I 163 11.26 -32.67 -53.90
CA PRO I 163 9.99 -32.05 -53.52
C PRO I 163 10.00 -30.56 -53.84
N ILE I 164 8.94 -30.08 -54.48
CA ILE I 164 8.87 -28.68 -54.88
C ILE I 164 7.70 -27.91 -54.27
N TYR I 165 7.97 -26.86 -53.52
CA TYR I 165 6.90 -26.03 -53.01
C TYR I 165 7.06 -24.59 -53.54
N GLU I 166 6.10 -24.14 -54.34
CA GLU I 166 6.11 -22.79 -54.96
C GLU I 166 7.34 -22.49 -55.84
N GLY I 167 7.77 -23.47 -56.61
CA GLY I 167 8.90 -23.26 -57.53
C GLY I 167 10.25 -23.44 -56.86
N TYR I 168 10.23 -23.56 -55.55
CA TYR I 168 11.44 -23.72 -54.77
C TYR I 168 11.63 -25.18 -54.35
N ALA I 169 12.79 -25.72 -54.65
CA ALA I 169 13.10 -27.10 -54.27
C ALA I 169 13.56 -27.15 -52.82
N LEU I 170 13.31 -28.25 -52.13
CA LEU I 170 13.71 -28.33 -50.72
C LEU I 170 15.08 -28.99 -50.59
N PRO I 171 16.10 -28.20 -50.20
CA PRO I 171 17.49 -28.67 -50.04
C PRO I 171 17.65 -29.80 -49.02
N HIS I 172 16.78 -29.80 -48.02
CA HIS I 172 16.81 -30.78 -46.95
C HIS I 172 15.96 -32.03 -47.27
N ALA I 173 15.33 -32.04 -48.43
CA ALA I 173 14.49 -33.16 -48.84
C ALA I 173 14.99 -33.83 -50.14
N ILE I 174 16.18 -33.47 -50.59
CA ILE I 174 16.71 -34.03 -51.85
C ILE I 174 17.90 -34.97 -51.64
N LEU I 175 17.81 -36.16 -52.24
CA LEU I 175 18.88 -37.16 -52.17
C LEU I 175 19.24 -37.67 -53.56
N ARG I 176 20.51 -38.06 -53.72
CA ARG I 176 21.00 -38.55 -55.01
C ARG I 176 21.09 -40.09 -55.05
N LEU I 177 20.39 -40.71 -55.99
CA LEU I 177 20.47 -42.16 -56.16
C LEU I 177 20.99 -42.42 -57.58
N ASP I 178 21.93 -43.33 -57.72
CA ASP I 178 22.61 -43.52 -59.01
C ASP I 178 21.97 -44.54 -59.97
N LEU I 179 20.89 -45.18 -59.59
CA LEU I 179 20.27 -46.14 -60.51
C LEU I 179 19.06 -45.47 -61.18
N ALA I 180 19.08 -45.37 -62.52
CA ALA I 180 17.98 -44.69 -63.25
C ALA I 180 17.55 -45.38 -64.55
N GLY I 181 18.35 -45.28 -65.60
CA GLY I 181 17.97 -45.92 -66.87
C GLY I 181 19.07 -46.73 -67.52
N ARG I 182 20.21 -46.11 -67.82
CA ARG I 182 21.33 -46.83 -68.46
C ARG I 182 21.82 -47.99 -67.59
N ASP I 183 21.89 -47.73 -66.28
CA ASP I 183 22.35 -48.74 -65.31
C ASP I 183 21.45 -49.97 -65.30
N LEU I 184 20.13 -49.77 -65.39
CA LEU I 184 19.18 -50.87 -65.46
C LEU I 184 19.44 -51.73 -66.69
N THR I 185 19.76 -51.09 -67.80
CA THR I 185 20.04 -51.80 -69.03
C THR I 185 21.23 -52.75 -68.83
N ASP I 186 22.27 -52.27 -68.14
CA ASP I 186 23.42 -53.11 -67.81
C ASP I 186 22.95 -54.31 -66.95
N TYR I 187 22.13 -53.99 -65.94
CA TYR I 187 21.55 -54.98 -65.02
C TYR I 187 20.68 -56.03 -65.70
N LEU I 188 19.83 -55.59 -66.62
CA LEU I 188 18.95 -56.52 -67.32
C LEU I 188 19.77 -57.56 -68.07
N MET I 189 20.82 -57.10 -68.75
CA MET I 189 21.72 -57.99 -69.46
C MET I 189 22.39 -58.99 -68.49
N LYS I 190 22.79 -58.47 -67.33
CA LYS I 190 23.47 -59.26 -66.29
C LYS I 190 22.63 -60.45 -65.77
N ILE I 191 21.32 -60.23 -65.57
CA ILE I 191 20.46 -61.32 -65.08
C ILE I 191 20.06 -62.26 -66.23
N LEU I 192 19.97 -61.71 -67.43
CA LEU I 192 19.65 -62.48 -68.65
C LEU I 192 20.73 -63.55 -68.87
N THR I 193 21.97 -63.13 -68.65
CA THR I 193 23.16 -63.98 -68.78
C THR I 193 23.10 -65.17 -67.81
N GLU I 194 22.62 -64.93 -66.60
CA GLU I 194 22.55 -65.95 -65.56
C GLU I 194 21.69 -67.15 -65.97
N ARG I 195 20.55 -66.88 -66.63
CA ARG I 195 19.66 -67.97 -67.06
C ARG I 195 20.35 -68.92 -68.06
N GLY I 196 21.14 -68.37 -68.97
CA GLY I 196 21.82 -69.21 -69.97
C GLY I 196 22.00 -68.56 -71.33
N TYR I 197 22.19 -67.24 -71.38
CA TYR I 197 22.37 -66.56 -72.66
C TYR I 197 23.72 -65.84 -72.69
N SER I 198 24.41 -65.90 -73.83
CA SER I 198 25.79 -65.37 -73.93
C SER I 198 25.95 -63.87 -74.22
N PHE I 199 26.42 -63.15 -73.19
CA PHE I 199 26.77 -61.73 -73.32
C PHE I 199 28.20 -61.55 -72.77
N THR I 200 29.18 -61.31 -73.63
CA THR I 200 30.57 -61.12 -73.15
C THR I 200 31.27 -59.86 -73.69
N THR I 201 30.60 -59.15 -74.58
CA THR I 201 31.17 -57.97 -75.24
C THR I 201 30.23 -56.77 -75.17
N THR I 202 30.82 -55.59 -75.01
CA THR I 202 30.07 -54.33 -74.86
C THR I 202 29.25 -53.96 -76.12
N ALA I 203 29.61 -54.54 -77.25
CA ALA I 203 28.91 -54.29 -78.52
C ALA I 203 27.42 -54.68 -78.48
N GLU I 204 27.11 -55.80 -77.85
CA GLU I 204 25.72 -56.29 -77.78
C GLU I 204 24.94 -55.75 -76.58
N ARG I 205 25.59 -54.92 -75.76
CA ARG I 205 24.96 -54.26 -74.60
C ARG I 205 23.80 -53.37 -75.04
N GLU I 206 23.99 -52.69 -76.14
CA GLU I 206 22.99 -51.79 -76.72
C GLU I 206 21.70 -52.54 -77.10
N ILE I 207 21.85 -53.80 -77.50
CA ILE I 207 20.73 -54.63 -77.94
C ILE I 207 19.68 -54.79 -76.84
N VAL I 208 20.11 -54.97 -75.60
CA VAL I 208 19.17 -55.11 -74.49
C VAL I 208 18.34 -53.83 -74.25
N ARG I 209 18.81 -52.66 -74.74
CA ARG I 209 18.05 -51.41 -74.56
C ARG I 209 16.67 -51.55 -75.22
N ASP I 210 16.67 -52.17 -76.41
CA ASP I 210 15.45 -52.42 -77.16
C ASP I 210 14.53 -53.32 -76.33
N ILE I 211 15.18 -54.29 -75.68
CA ILE I 211 14.51 -55.22 -74.79
C ILE I 211 13.83 -54.49 -73.63
N LYS I 212 14.52 -53.48 -73.11
CA LYS I 212 14.02 -52.75 -71.95
C LYS I 212 12.66 -52.05 -72.15
N GLU I 213 12.46 -51.29 -73.21
CA GLU I 213 11.15 -50.66 -73.36
C GLU I 213 10.03 -51.67 -73.69
N LYS I 214 10.32 -52.62 -74.60
CA LYS I 214 9.36 -53.67 -74.96
C LYS I 214 9.05 -54.74 -73.90
N LEU I 215 10.06 -55.20 -73.17
CA LEU I 215 9.86 -56.31 -72.20
C LEU I 215 9.93 -55.99 -70.71
N CYS I 216 10.17 -54.77 -70.29
CA CYS I 216 10.22 -54.55 -68.83
C CYS I 216 8.82 -54.38 -68.27
N TYR I 217 8.50 -55.22 -67.28
CA TYR I 217 7.18 -55.22 -66.66
C TYR I 217 7.28 -55.16 -65.14
N VAL I 218 6.25 -54.66 -64.47
CA VAL I 218 6.25 -54.64 -63.02
C VAL I 218 5.06 -55.44 -62.51
N ALA I 219 5.32 -56.37 -61.58
CA ALA I 219 4.27 -57.23 -61.04
C ALA I 219 3.48 -56.57 -59.90
N LEU I 220 2.19 -56.93 -59.80
CA LEU I 220 1.32 -56.38 -58.75
C LEU I 220 1.85 -56.76 -57.35
N ASP I 221 2.33 -58.00 -57.23
CA ASP I 221 2.93 -58.50 -55.99
C ASP I 221 4.09 -59.42 -56.36
N PHE I 222 5.30 -59.03 -55.98
CA PHE I 222 6.52 -59.80 -56.32
C PHE I 222 6.62 -61.25 -55.83
N GLU I 223 6.38 -61.53 -54.55
CA GLU I 223 6.58 -62.92 -54.08
C GLU I 223 5.57 -63.92 -54.65
N GLN I 224 4.30 -63.51 -54.74
CA GLN I 224 3.26 -64.37 -55.30
C GLN I 224 3.59 -64.70 -56.76
N GLU I 225 4.08 -63.67 -57.43
CA GLU I 225 4.48 -63.71 -58.85
C GLU I 225 5.59 -64.74 -59.10
N MET I 226 6.54 -64.80 -58.16
CA MET I 226 7.67 -65.73 -58.27
C MET I 226 7.21 -67.20 -58.32
N ALA I 227 6.20 -67.53 -57.51
CA ALA I 227 5.66 -68.90 -57.47
C ALA I 227 5.01 -69.29 -58.81
N THR I 228 4.29 -68.34 -59.39
CA THR I 228 3.62 -68.51 -60.70
C THR I 228 4.63 -68.81 -61.82
N ALA I 229 5.74 -68.10 -61.74
CA ALA I 229 6.85 -68.17 -62.70
C ALA I 229 7.50 -69.54 -62.87
N ALA I 230 7.62 -70.30 -61.78
CA ALA I 230 8.27 -71.61 -61.81
C ALA I 230 7.61 -72.60 -62.78
N SER I 231 6.29 -72.59 -62.82
CA SER I 231 5.53 -73.48 -63.72
C SER I 231 5.69 -73.07 -65.20
N SER I 232 6.04 -71.80 -65.43
CA SER I 232 6.22 -71.22 -66.77
C SER I 232 4.88 -70.85 -67.43
N SER I 233 4.31 -71.80 -68.16
CA SER I 233 3.02 -71.59 -68.84
C SER I 233 3.05 -70.38 -69.80
N SER I 234 2.23 -69.36 -69.51
CA SER I 234 2.16 -68.16 -70.35
C SER I 234 3.14 -67.06 -69.94
N LEU I 235 3.93 -67.29 -68.89
CA LEU I 235 4.89 -66.28 -68.44
C LEU I 235 5.95 -65.92 -69.48
N GLU I 236 6.43 -66.93 -70.21
CA GLU I 236 7.46 -66.69 -71.22
C GLU I 236 6.95 -65.70 -72.28
N LYS I 237 7.74 -64.69 -72.63
CA LYS I 237 7.29 -63.68 -73.60
C LYS I 237 8.32 -63.50 -74.73
N SER I 238 7.84 -63.50 -75.97
CA SER I 238 8.71 -63.37 -77.17
C SER I 238 9.35 -61.97 -77.36
N TYR I 239 10.53 -61.99 -77.97
CA TYR I 239 11.32 -60.78 -78.30
C TYR I 239 12.14 -60.96 -79.60
N GLU I 240 12.38 -59.86 -80.32
CA GLU I 240 13.13 -59.92 -81.59
C GLU I 240 14.61 -59.51 -81.52
N LEU I 241 15.49 -60.45 -81.88
CA LEU I 241 16.93 -60.20 -82.00
C LEU I 241 17.25 -59.92 -83.47
N PRO I 242 18.15 -58.98 -83.80
CA PRO I 242 18.49 -58.65 -85.20
C PRO I 242 18.82 -59.88 -86.07
N ASP I 243 19.54 -60.83 -85.49
CA ASP I 243 19.95 -62.08 -86.18
C ASP I 243 18.78 -63.01 -86.51
N GLY I 244 17.79 -63.13 -85.63
CA GLY I 244 16.66 -64.02 -85.89
C GLY I 244 16.21 -64.84 -84.69
N GLN I 245 17.12 -65.16 -83.78
CA GLN I 245 16.72 -65.90 -82.57
C GLN I 245 15.89 -65.04 -81.64
N VAL I 246 15.02 -65.68 -80.92
CA VAL I 246 14.19 -64.98 -79.96
C VAL I 246 14.57 -65.41 -78.56
N ILE I 247 14.89 -64.45 -77.72
CA ILE I 247 15.27 -64.76 -76.36
C ILE I 247 14.05 -64.64 -75.49
N THR I 248 13.68 -65.76 -74.92
CA THR I 248 12.49 -65.85 -74.11
C THR I 248 12.74 -65.43 -72.67
N ILE I 249 11.90 -64.54 -72.19
CA ILE I 249 11.98 -64.04 -70.82
C ILE I 249 10.69 -64.35 -70.05
N GLY I 250 10.83 -65.10 -68.94
CA GLY I 250 9.64 -65.49 -68.17
C GLY I 250 9.50 -64.81 -66.82
N ASN I 251 10.33 -65.18 -65.84
CA ASN I 251 10.23 -64.56 -64.51
C ASN I 251 11.11 -63.32 -64.39
N GLU I 252 11.80 -63.00 -65.47
CA GLU I 252 12.66 -61.83 -65.54
C GLU I 252 11.84 -60.60 -65.91
N ARG I 253 10.59 -60.85 -66.29
CA ARG I 253 9.66 -59.80 -66.72
C ARG I 253 9.39 -58.77 -65.61
N PHE I 254 9.26 -59.27 -64.39
CA PHE I 254 8.98 -58.42 -63.22
C PHE I 254 10.20 -58.21 -62.31
N ARG I 255 11.10 -59.19 -62.29
CA ARG I 255 12.29 -59.13 -61.42
C ARG I 255 13.25 -57.95 -61.70
N CYS I 256 13.48 -57.60 -62.98
CA CYS I 256 14.40 -56.46 -63.33
C CYS I 256 14.06 -55.11 -62.63
N PRO I 257 12.80 -54.62 -62.72
CA PRO I 257 12.34 -53.36 -62.07
C PRO I 257 12.48 -53.40 -60.55
N GLU I 258 12.39 -54.61 -60.05
CA GLU I 258 12.46 -54.93 -58.63
C GLU I 258 13.79 -54.50 -58.01
N ALA I 259 14.84 -54.45 -58.82
CA ALA I 259 16.15 -54.06 -58.30
C ALA I 259 16.07 -52.63 -57.71
N LEU I 260 15.33 -51.73 -58.34
CA LEU I 260 15.16 -50.37 -57.80
C LEU I 260 14.51 -50.44 -56.40
N PHE I 261 13.43 -51.24 -56.33
CA PHE I 261 12.64 -51.49 -55.10
C PHE I 261 13.37 -52.32 -54.02
N GLN I 262 14.11 -53.33 -54.49
CA GLN I 262 14.83 -54.29 -53.65
C GLN I 262 16.30 -54.45 -54.08
N PRO I 263 17.15 -53.50 -53.66
CA PRO I 263 18.60 -53.44 -54.00
C PRO I 263 19.40 -54.68 -53.56
N SER I 264 18.84 -55.44 -52.62
CA SER I 264 19.50 -56.64 -52.08
C SER I 264 19.87 -57.65 -53.18
N PHE I 265 19.06 -57.75 -54.25
CA PHE I 265 19.38 -58.68 -55.35
C PHE I 265 20.73 -58.33 -55.99
N LEU I 266 20.99 -57.03 -56.15
CA LEU I 266 22.28 -56.52 -56.66
C LEU I 266 23.46 -56.90 -55.79
N GLY I 267 23.22 -56.84 -54.50
CA GLY I 267 24.27 -57.06 -53.53
C GLY I 267 24.46 -55.82 -52.67
N MET I 268 23.47 -54.93 -52.75
CA MET I 268 23.49 -53.69 -51.99
C MET I 268 22.69 -53.80 -50.70
N GLU I 269 23.26 -53.21 -49.68
CA GLU I 269 22.67 -53.17 -48.36
C GLU I 269 21.78 -51.93 -48.22
N SER I 270 21.78 -51.12 -49.26
CA SER I 270 21.03 -49.85 -49.32
C SER I 270 19.51 -50.05 -49.39
N CYS I 271 18.79 -49.07 -48.84
CA CYS I 271 17.32 -49.09 -48.84
C CYS I 271 16.76 -48.85 -50.24
N GLY I 272 15.58 -49.41 -50.51
CA GLY I 272 14.94 -49.25 -51.81
C GLY I 272 14.63 -47.79 -52.14
N ILE I 273 14.66 -47.45 -53.43
CA ILE I 273 14.41 -46.08 -53.87
C ILE I 273 13.02 -45.54 -53.49
N HIS I 274 11.98 -46.36 -53.57
CA HIS I 274 10.64 -45.90 -53.19
C HIS I 274 10.64 -45.48 -51.71
N GLU I 275 11.35 -46.25 -50.90
CA GLU I 275 11.56 -45.96 -49.47
C GLU I 275 12.30 -44.63 -49.30
N THR I 276 13.28 -44.40 -50.19
CA THR I 276 14.09 -43.19 -50.15
C THR I 276 13.20 -41.94 -50.32
N THR I 277 12.22 -42.04 -51.22
CA THR I 277 11.26 -40.95 -51.42
C THR I 277 10.49 -40.67 -50.10
N PHE I 278 10.14 -41.76 -49.42
CA PHE I 278 9.45 -41.70 -48.13
C PHE I 278 10.26 -40.96 -47.06
N ASN I 279 11.58 -41.17 -47.02
CA ASN I 279 12.43 -40.48 -46.04
C ASN I 279 12.36 -38.97 -46.23
N SER I 280 12.34 -38.52 -47.49
CA SER I 280 12.24 -37.09 -47.78
C SER I 280 10.95 -36.50 -47.20
N ILE I 281 9.85 -37.27 -47.30
CA ILE I 281 8.55 -36.86 -46.77
C ILE I 281 8.55 -36.76 -45.23
N MET I 282 9.22 -37.71 -44.59
CA MET I 282 9.35 -37.76 -43.12
C MET I 282 10.04 -36.50 -42.58
N LYS I 283 11.06 -36.06 -43.32
CA LYS I 283 11.87 -34.87 -43.00
C LYS I 283 11.05 -33.58 -43.19
N CYS I 284 10.12 -33.65 -44.12
CA CYS I 284 9.24 -32.52 -44.51
C CYS I 284 8.21 -32.16 -43.45
N ASP I 285 7.69 -30.93 -43.56
CA ASP I 285 6.72 -30.40 -42.61
C ASP I 285 5.47 -31.30 -42.58
N VAL I 286 5.08 -31.63 -41.36
CA VAL I 286 3.96 -32.55 -41.08
C VAL I 286 2.60 -32.11 -41.65
N ASP I 287 2.30 -30.82 -41.54
CA ASP I 287 1.01 -30.27 -42.00
C ASP I 287 0.80 -30.50 -43.51
N ILE I 288 1.86 -30.35 -44.30
CA ILE I 288 1.73 -30.47 -45.76
C ILE I 288 1.93 -31.91 -46.26
N ARG I 289 2.19 -32.86 -45.36
CA ARG I 289 2.41 -34.26 -45.77
C ARG I 289 1.20 -34.86 -46.51
N LYS I 290 -0.02 -34.57 -46.04
CA LYS I 290 -1.22 -35.10 -46.72
C LYS I 290 -1.35 -34.55 -48.13
N ASP I 291 -1.04 -33.27 -48.29
CA ASP I 291 -1.06 -32.63 -49.61
C ASP I 291 -0.04 -33.28 -50.54
N LEU I 292 1.14 -33.60 -50.00
CA LEU I 292 2.23 -34.19 -50.78
C LEU I 292 1.82 -35.54 -51.39
N TYR I 293 1.09 -36.35 -50.63
CA TYR I 293 0.63 -37.64 -51.12
C TYR I 293 -0.25 -37.49 -52.36
N ALA I 294 -1.11 -36.47 -52.36
CA ALA I 294 -2.00 -36.23 -53.49
C ALA I 294 -1.29 -35.47 -54.64
N ASN I 295 -0.08 -34.99 -54.37
CA ASN I 295 0.70 -34.23 -55.35
C ASN I 295 1.87 -35.02 -56.01
N THR I 296 1.95 -36.33 -55.80
CA THR I 296 3.08 -37.13 -56.35
C THR I 296 3.03 -37.31 -57.89
N VAL I 297 4.16 -37.04 -58.56
CA VAL I 297 4.28 -37.16 -60.03
C VAL I 297 5.38 -38.16 -60.48
N LEU I 298 5.03 -39.09 -61.39
CA LEU I 298 6.03 -40.05 -61.93
C LEU I 298 6.42 -39.65 -63.37
N SER I 299 7.69 -39.28 -63.58
CA SER I 299 8.15 -38.88 -64.93
C SER I 299 9.56 -39.37 -65.34
N GLY I 300 9.78 -39.50 -66.65
CA GLY I 300 11.11 -39.80 -67.18
C GLY I 300 11.48 -41.24 -67.55
N GLY I 301 12.67 -41.27 -68.18
CA GLY I 301 13.38 -42.44 -68.71
C GLY I 301 12.74 -43.82 -68.64
N THR I 302 12.81 -44.47 -67.48
CA THR I 302 12.31 -45.84 -67.35
C THR I 302 11.02 -46.02 -66.54
N THR I 303 10.31 -44.95 -66.23
CA THR I 303 9.04 -45.06 -65.49
C THR I 303 7.93 -45.62 -66.38
N MET I 304 8.23 -45.71 -67.66
CA MET I 304 7.28 -46.18 -68.66
C MET I 304 7.13 -47.72 -68.72
N TYR I 305 7.73 -48.44 -67.78
CA TYR I 305 7.55 -49.90 -67.71
C TYR I 305 6.10 -50.15 -67.28
N PRO I 306 5.32 -51.01 -67.96
CA PRO I 306 3.94 -51.18 -67.53
C PRO I 306 3.83 -51.90 -66.19
N GLY I 307 2.81 -51.52 -65.44
CA GLY I 307 2.58 -52.11 -64.13
C GLY I 307 3.30 -51.36 -63.01
N ILE I 308 4.18 -50.42 -63.37
CA ILE I 308 4.94 -49.66 -62.37
C ILE I 308 4.03 -48.80 -61.49
N ALA I 309 3.02 -48.20 -62.11
CA ALA I 309 2.06 -47.39 -61.36
C ALA I 309 1.33 -48.21 -60.30
N ASP I 310 0.98 -49.44 -60.66
CA ASP I 310 0.29 -50.34 -59.75
C ASP I 310 1.15 -50.73 -58.54
N ARG I 311 2.44 -50.97 -58.80
CA ARG I 311 3.37 -51.33 -57.72
C ARG I 311 3.61 -50.20 -56.73
N MET I 312 3.71 -48.98 -57.25
CA MET I 312 3.98 -47.80 -56.41
C MET I 312 2.90 -47.58 -55.37
N GLN I 313 1.66 -47.77 -55.77
CA GLN I 313 0.54 -47.58 -54.84
C GLN I 313 0.65 -48.53 -53.64
N LYS I 314 0.96 -49.81 -53.93
CA LYS I 314 1.10 -50.83 -52.89
C LYS I 314 2.20 -50.55 -51.86
N GLU I 315 3.40 -50.22 -52.32
CA GLU I 315 4.51 -49.95 -51.41
C GLU I 315 4.31 -48.69 -50.58
N ILE I 316 3.78 -47.64 -51.19
CA ILE I 316 3.54 -46.39 -50.47
C ILE I 316 2.50 -46.62 -49.37
N THR I 317 1.46 -47.40 -49.68
CA THR I 317 0.42 -47.71 -48.69
C THR I 317 1.00 -48.46 -47.49
N ALA I 318 1.92 -49.39 -47.74
CA ALA I 318 2.56 -50.14 -46.67
C ALA I 318 3.52 -49.25 -45.86
N LEU I 319 4.24 -48.38 -46.55
CA LEU I 319 5.19 -47.44 -45.92
C LEU I 319 4.48 -46.35 -45.09
N ALA I 320 3.36 -45.84 -45.61
CA ALA I 320 2.59 -44.76 -44.96
C ALA I 320 1.87 -45.23 -43.67
N PRO I 321 1.73 -44.32 -42.68
CA PRO I 321 1.07 -44.64 -41.39
C PRO I 321 -0.33 -45.27 -41.49
N SER I 322 -1.15 -44.78 -42.46
CA SER I 322 -2.53 -45.26 -42.78
C SER I 322 -3.58 -44.14 -42.55
N THR I 323 -4.86 -44.52 -42.60
CA THR I 323 -5.98 -43.60 -42.37
C THR I 323 -6.06 -42.40 -43.37
N MET I 324 -5.26 -42.42 -44.44
CA MET I 324 -5.31 -41.32 -45.41
C MET I 324 -5.17 -41.73 -46.87
N LYS I 325 -5.64 -40.82 -47.71
CA LYS I 325 -5.65 -40.94 -49.17
C LYS I 325 -4.26 -40.75 -49.82
N ILE I 326 -3.92 -41.66 -50.73
CA ILE I 326 -2.69 -41.57 -51.49
C ILE I 326 -3.04 -41.50 -52.98
N LYS I 327 -2.65 -40.42 -53.64
CA LYS I 327 -2.99 -40.25 -55.05
C LYS I 327 -1.74 -40.04 -55.92
N ILE I 328 -1.69 -40.73 -57.04
CA ILE I 328 -0.56 -40.63 -57.95
C ILE I 328 -0.96 -39.93 -59.25
N ILE I 329 -0.17 -38.93 -59.62
CA ILE I 329 -0.44 -38.15 -60.82
C ILE I 329 0.27 -38.80 -62.01
N ALA I 330 -0.52 -39.19 -63.00
CA ALA I 330 0.02 -39.89 -64.16
C ALA I 330 -0.22 -39.17 -65.49
N PRO I 331 0.77 -38.40 -65.97
CA PRO I 331 0.70 -37.73 -67.26
C PRO I 331 1.04 -38.71 -68.41
N PRO I 332 0.19 -38.77 -69.46
CA PRO I 332 0.39 -39.67 -70.62
C PRO I 332 1.80 -39.58 -71.23
N GLU I 333 2.32 -38.36 -71.29
CA GLU I 333 3.62 -38.07 -71.89
C GLU I 333 4.76 -38.06 -70.83
N ARG I 334 4.68 -38.93 -69.81
CA ARG I 334 5.67 -38.94 -68.72
C ARG I 334 7.12 -39.19 -69.18
N LYS I 335 7.33 -40.05 -70.18
CA LYS I 335 8.70 -40.28 -70.68
C LYS I 335 9.36 -39.02 -71.23
N TYR I 336 8.59 -38.22 -71.93
CA TYR I 336 9.11 -37.01 -72.52
C TYR I 336 8.74 -35.76 -71.70
N SER I 337 8.17 -35.95 -70.51
CA SER I 337 7.70 -34.83 -69.69
C SER I 337 8.83 -33.86 -69.33
N VAL I 338 10.00 -34.38 -69.01
CA VAL I 338 11.12 -33.52 -68.67
C VAL I 338 11.48 -32.57 -69.84
N TRP I 339 11.62 -33.15 -71.03
CA TRP I 339 11.95 -32.36 -72.23
C TRP I 339 10.77 -31.46 -72.64
N ILE I 340 9.56 -32.02 -72.54
CA ILE I 340 8.32 -31.33 -72.94
C ILE I 340 8.09 -30.03 -72.16
N GLY I 341 8.34 -30.05 -70.86
CA GLY I 341 8.17 -28.84 -70.08
C GLY I 341 9.06 -27.70 -70.57
N GLY I 342 10.29 -28.03 -70.92
CA GLY I 342 11.22 -27.03 -71.43
C GLY I 342 10.87 -26.49 -72.83
N SER I 343 10.44 -27.37 -73.72
CA SER I 343 10.12 -27.02 -75.13
C SER I 343 9.00 -25.97 -75.34
N ILE I 344 7.86 -26.14 -74.67
CA ILE I 344 6.71 -25.23 -74.87
C ILE I 344 6.88 -23.77 -74.43
N LEU I 345 7.44 -23.52 -73.27
CA LEU I 345 7.55 -22.13 -72.81
C LEU I 345 8.85 -21.44 -73.23
N ALA I 346 9.30 -21.68 -74.45
CA ALA I 346 10.51 -21.04 -74.92
C ALA I 346 10.31 -20.07 -76.10
N SER I 347 9.09 -19.99 -76.67
CA SER I 347 8.88 -19.09 -77.82
C SER I 347 7.57 -18.24 -77.82
N LEU I 348 6.81 -18.13 -76.73
CA LEU I 348 5.49 -17.43 -76.82
C LEU I 348 5.52 -15.94 -77.25
N SER I 349 6.39 -15.14 -76.60
CA SER I 349 6.52 -13.68 -76.86
C SER I 349 6.84 -12.98 -75.54
N THR I 350 6.19 -13.45 -74.48
CA THR I 350 6.43 -12.89 -73.15
C THR I 350 7.57 -13.63 -72.49
N PHE I 351 8.06 -14.64 -73.19
CA PHE I 351 9.23 -15.36 -72.76
C PHE I 351 10.45 -14.68 -73.37
N GLN I 352 10.18 -13.74 -74.30
CA GLN I 352 11.20 -12.86 -74.87
C GLN I 352 11.76 -11.88 -73.85
N GLN I 353 10.85 -11.38 -73.04
CA GLN I 353 11.17 -10.43 -71.97
C GLN I 353 12.15 -11.05 -70.94
N MET I 354 11.89 -12.32 -70.65
CA MET I 354 12.62 -13.11 -69.65
C MET I 354 13.97 -13.74 -70.09
N TRP I 355 14.25 -13.83 -71.39
CA TRP I 355 15.52 -14.44 -71.86
C TRP I 355 16.80 -13.77 -71.38
N ILE I 356 17.78 -14.61 -71.08
CA ILE I 356 19.09 -14.12 -70.71
C ILE I 356 19.84 -14.04 -72.04
N SER I 357 20.29 -12.85 -72.39
CA SER I 357 20.91 -12.64 -73.69
C SER I 357 22.43 -12.49 -73.61
N LYS I 358 23.04 -12.71 -74.78
CA LYS I 358 24.48 -12.58 -74.94
C LYS I 358 24.95 -11.17 -74.60
N GLN I 359 24.15 -10.20 -75.04
CA GLN I 359 24.45 -8.78 -74.82
C GLN I 359 24.53 -8.46 -73.32
N GLU I 360 23.61 -9.02 -72.54
CA GLU I 360 23.60 -8.82 -71.08
C GLU I 360 24.84 -9.40 -70.39
N TYR I 361 25.28 -10.57 -70.84
CA TYR I 361 26.46 -11.25 -70.27
C TYR I 361 27.72 -10.40 -70.40
N ASP I 362 27.87 -9.75 -71.54
CA ASP I 362 29.04 -8.90 -71.78
C ASP I 362 29.12 -7.77 -70.75
N GLU I 363 27.98 -7.19 -70.39
CA GLU I 363 27.96 -6.10 -69.42
C GLU I 363 28.26 -6.59 -67.98
N SER I 364 27.27 -7.19 -67.32
CA SER I 364 27.43 -7.71 -65.94
C SER I 364 28.48 -8.82 -65.77
N GLY I 365 28.53 -9.74 -66.73
CA GLY I 365 29.47 -10.87 -66.64
C GLY I 365 28.80 -12.16 -66.14
N PRO I 366 29.59 -13.07 -65.52
CA PRO I 366 29.10 -14.37 -64.97
C PRO I 366 28.04 -14.21 -63.86
N SER I 367 28.13 -13.10 -63.15
CA SER I 367 27.23 -12.76 -62.02
C SER I 367 25.74 -12.66 -62.40
N ILE I 368 25.46 -12.37 -63.66
CA ILE I 368 24.08 -12.14 -64.15
C ILE I 368 23.12 -13.33 -63.95
N VAL I 369 23.56 -14.56 -64.15
CA VAL I 369 22.66 -15.71 -64.02
C VAL I 369 22.04 -15.83 -62.60
N HIS I 370 22.84 -15.59 -61.55
CA HIS I 370 22.31 -15.63 -60.18
C HIS I 370 21.25 -14.54 -59.91
N ARG I 371 21.49 -13.36 -60.45
CA ARG I 371 20.65 -12.17 -60.20
C ARG I 371 19.22 -12.15 -60.79
N LYS I 372 18.99 -12.62 -62.02
CA LYS I 372 17.62 -12.51 -62.58
C LYS I 372 16.67 -13.67 -62.31
N CYS I 373 17.09 -14.73 -61.66
CA CYS I 373 16.13 -15.81 -61.41
C CYS I 373 15.44 -15.60 -60.06
N PHE I 374 14.16 -15.26 -60.15
CA PHE I 374 13.31 -15.00 -58.98
C PHE I 374 13.75 -13.76 -58.19
N ASP J 1 38.32 -96.42 -47.42
CA ASP J 1 37.69 -97.75 -47.61
C ASP J 1 36.73 -98.14 -46.49
N ASP J 2 35.41 -98.05 -46.78
CA ASP J 2 34.29 -98.51 -45.89
C ASP J 2 33.39 -97.43 -45.23
N ASP J 3 33.92 -96.51 -44.41
CA ASP J 3 33.04 -95.57 -43.67
C ASP J 3 32.16 -94.67 -44.54
N ILE J 4 32.75 -94.14 -45.60
CA ILE J 4 32.16 -93.25 -46.62
C ILE J 4 33.27 -92.33 -47.14
N ALA J 5 34.06 -92.91 -48.05
CA ALA J 5 35.25 -92.26 -48.61
C ALA J 5 34.97 -90.94 -49.31
N ALA J 6 33.74 -90.71 -49.73
CA ALA J 6 33.35 -89.47 -50.39
C ALA J 6 33.86 -89.37 -51.83
N LEU J 7 32.94 -89.54 -52.75
CA LEU J 7 33.23 -89.44 -54.16
C LEU J 7 33.00 -88.01 -54.58
N VAL J 8 34.00 -87.37 -55.11
CA VAL J 8 33.83 -85.98 -55.50
C VAL J 8 33.84 -85.83 -57.01
N VAL J 9 32.78 -85.26 -57.53
CA VAL J 9 32.68 -85.03 -58.97
C VAL J 9 32.79 -83.54 -59.23
N ASP J 10 33.79 -83.18 -60.00
CA ASP J 10 34.04 -81.78 -60.33
C ASP J 10 33.56 -81.50 -61.76
N ASN J 11 32.62 -80.59 -61.89
CA ASN J 11 32.04 -80.27 -63.19
C ASN J 11 32.38 -78.85 -63.68
N GLY J 12 32.61 -78.77 -64.98
CA GLY J 12 32.94 -77.51 -65.64
C GLY J 12 32.66 -77.62 -67.13
N SER J 13 33.07 -76.62 -67.91
CA SER J 13 32.84 -76.65 -69.37
C SER J 13 33.50 -77.87 -70.02
N GLY J 14 34.70 -78.18 -69.55
CA GLY J 14 35.43 -79.32 -70.06
C GLY J 14 36.53 -79.77 -69.11
N MET J 15 37.13 -80.93 -69.37
CA MET J 15 38.20 -81.45 -68.52
C MET J 15 37.75 -81.70 -67.07
N CYS J 16 36.62 -82.40 -66.92
CA CYS J 16 36.05 -82.71 -65.60
C CYS J 16 36.91 -83.75 -64.85
N LYS J 17 36.77 -83.81 -63.53
CA LYS J 17 37.60 -84.72 -62.72
C LYS J 17 36.91 -85.24 -61.44
N ALA J 18 37.42 -86.35 -60.90
CA ALA J 18 36.84 -87.00 -59.71
C ALA J 18 37.85 -87.84 -58.89
N GLY J 19 37.51 -88.15 -57.63
CA GLY J 19 38.42 -88.94 -56.77
C GLY J 19 37.80 -89.42 -55.45
N PHE J 20 38.67 -89.60 -54.44
CA PHE J 20 38.29 -90.08 -53.08
C PHE J 20 38.86 -89.16 -51.98
N ALA J 21 38.24 -89.15 -50.80
CA ALA J 21 38.70 -88.30 -49.68
C ALA J 21 40.03 -88.76 -49.09
N GLY J 22 40.77 -87.80 -48.55
CA GLY J 22 42.09 -88.08 -47.97
C GLY J 22 43.19 -87.94 -49.02
N ASP J 23 42.77 -87.79 -50.27
CA ASP J 23 43.69 -87.62 -51.40
C ASP J 23 44.21 -86.19 -51.50
N ASP J 24 45.36 -86.06 -52.14
CA ASP J 24 45.99 -84.75 -52.31
C ASP J 24 45.68 -84.15 -53.70
N ALA J 25 44.96 -84.92 -54.50
CA ALA J 25 44.58 -84.53 -55.87
C ALA J 25 43.57 -85.54 -56.42
N PRO J 26 42.78 -85.21 -57.47
CA PRO J 26 41.82 -86.18 -58.00
C PRO J 26 42.49 -87.35 -58.73
N ARG J 27 41.87 -88.51 -58.61
CA ARG J 27 42.38 -89.72 -59.24
C ARG J 27 42.26 -89.76 -60.77
N ALA J 28 41.16 -89.26 -61.32
CA ALA J 28 40.96 -89.29 -62.78
C ALA J 28 40.34 -88.00 -63.36
N VAL J 29 40.81 -87.65 -64.56
CA VAL J 29 40.34 -86.47 -65.30
C VAL J 29 39.88 -86.87 -66.72
N PHE J 30 38.70 -86.45 -67.14
CA PHE J 30 38.22 -86.80 -68.49
C PHE J 30 37.55 -85.62 -69.23
N PRO J 31 37.47 -85.69 -70.58
CA PRO J 31 36.82 -84.65 -71.41
C PRO J 31 35.29 -84.62 -71.24
N SER J 32 34.68 -83.45 -71.40
CA SER J 32 33.23 -83.39 -71.31
C SER J 32 32.60 -83.21 -72.70
N ILE J 33 32.37 -84.32 -73.38
CA ILE J 33 31.72 -84.33 -74.70
C ILE J 33 30.74 -85.49 -74.83
N VAL J 34 29.64 -85.27 -75.55
CA VAL J 34 28.64 -86.31 -75.80
C VAL J 34 28.32 -86.39 -77.30
N GLY J 35 28.36 -87.57 -77.90
CA GLY J 35 28.11 -87.64 -79.35
C GLY J 35 27.00 -88.60 -79.81
N ARG J 36 26.26 -88.11 -80.80
CA ARG J 36 25.14 -88.81 -81.46
C ARG J 36 25.23 -88.53 -82.99
N PRO J 37 24.53 -89.27 -83.90
CA PRO J 37 24.74 -89.08 -85.37
C PRO J 37 24.67 -87.64 -85.95
N ARG J 38 25.72 -87.35 -86.74
CA ARG J 38 25.90 -86.09 -87.49
C ARG J 38 26.15 -86.36 -88.97
N HIS J 39 25.55 -85.55 -89.85
CA HIS J 39 25.77 -85.70 -91.30
C HIS J 39 25.32 -87.11 -91.76
N GLN J 40 24.21 -87.55 -91.18
CA GLN J 40 23.59 -88.88 -91.39
C GLN J 40 24.49 -90.04 -90.92
N GLY J 41 25.51 -89.75 -90.10
CA GLY J 41 26.40 -90.81 -89.60
C GLY J 41 27.67 -91.13 -90.43
N VAL J 42 27.79 -90.59 -91.66
CA VAL J 42 29.00 -90.79 -92.54
C VAL J 42 28.98 -92.05 -93.50
N MET J 43 27.82 -92.73 -93.65
CA MET J 43 27.66 -93.85 -94.65
C MET J 43 27.83 -95.33 -94.22
N VAL J 44 26.84 -96.10 -94.73
CA VAL J 44 26.69 -97.57 -94.63
C VAL J 44 26.34 -98.19 -93.25
N GLY J 45 25.02 -98.33 -93.01
CA GLY J 45 24.52 -98.99 -91.80
C GLY J 45 24.30 -98.09 -90.60
N MET J 46 23.44 -97.07 -90.73
CA MET J 46 23.23 -96.17 -89.61
C MET J 46 21.95 -96.39 -88.82
N GLY J 47 22.14 -96.25 -87.51
CA GLY J 47 21.11 -96.42 -86.51
C GLY J 47 21.77 -96.57 -85.14
N GLN J 48 22.53 -97.67 -85.03
CA GLN J 48 23.35 -98.11 -83.86
C GLN J 48 23.18 -97.38 -82.49
N LYS J 49 24.09 -97.71 -81.58
CA LYS J 49 24.11 -97.08 -80.27
C LYS J 49 25.17 -96.00 -80.25
N ASP J 50 24.72 -94.78 -80.03
CA ASP J 50 25.63 -93.67 -79.97
C ASP J 50 25.22 -92.63 -78.93
N SER J 51 26.12 -92.48 -78.01
CA SER J 51 26.08 -91.55 -76.90
C SER J 51 27.36 -91.81 -76.16
N TYR J 52 28.43 -91.24 -76.67
CA TYR J 52 29.74 -91.51 -76.11
C TYR J 52 30.21 -90.39 -75.21
N VAL J 53 30.60 -90.77 -74.01
CA VAL J 53 31.10 -89.83 -73.03
C VAL J 53 32.53 -90.21 -72.65
N GLY J 54 33.44 -89.26 -72.69
CA GLY J 54 34.82 -89.53 -72.37
C GLY J 54 35.74 -89.14 -73.53
N ASP J 55 36.98 -89.61 -73.52
CA ASP J 55 37.88 -89.25 -74.61
C ASP J 55 37.81 -90.24 -75.77
N GLU J 56 37.01 -91.31 -75.63
CA GLU J 56 36.81 -92.26 -76.73
C GLU J 56 36.00 -91.59 -77.84
N ALA J 57 35.15 -90.68 -77.39
CA ALA J 57 34.27 -89.87 -78.24
C ALA J 57 35.05 -88.84 -79.07
N GLN J 58 36.19 -88.41 -78.54
CA GLN J 58 37.00 -87.38 -79.20
C GLN J 58 37.44 -87.84 -80.60
N SER J 59 37.89 -89.08 -80.70
CA SER J 59 38.24 -89.68 -81.99
C SER J 59 37.03 -89.70 -82.94
N LYS J 60 35.90 -90.01 -82.32
CA LYS J 60 34.60 -90.18 -82.99
C LYS J 60 33.87 -88.84 -83.26
N ARG J 61 34.54 -87.73 -83.03
CA ARG J 61 33.94 -86.39 -83.20
C ARG J 61 33.47 -86.14 -84.64
N GLY J 62 34.25 -86.58 -85.61
CA GLY J 62 33.86 -86.41 -87.00
C GLY J 62 32.52 -87.09 -87.36
N ILE J 63 32.28 -88.29 -86.83
CA ILE J 63 31.05 -89.02 -87.13
C ILE J 63 29.90 -88.84 -86.10
N LEU J 64 30.19 -88.23 -84.95
CA LEU J 64 29.15 -87.96 -83.94
C LEU J 64 29.04 -86.46 -83.60
N THR J 65 27.81 -85.99 -83.43
CA THR J 65 27.56 -84.60 -83.06
C THR J 65 27.85 -84.43 -81.58
N LEU J 66 28.63 -83.42 -81.22
CA LEU J 66 28.92 -83.22 -79.81
C LEU J 66 28.11 -82.08 -79.24
N LYS J 67 27.51 -82.36 -78.10
CA LYS J 67 26.71 -81.40 -77.37
C LYS J 67 27.35 -81.18 -76.01
N TYR J 68 27.36 -79.95 -75.54
CA TYR J 68 27.99 -79.66 -74.26
C TYR J 68 26.96 -79.67 -73.13
N PRO J 69 27.06 -80.68 -72.23
CA PRO J 69 26.17 -80.82 -71.08
C PRO J 69 26.28 -79.61 -70.17
N ILE J 70 27.46 -79.04 -70.19
CA ILE J 70 27.79 -77.87 -69.39
C ILE J 70 28.19 -76.72 -70.29
N GLU J 71 27.49 -75.61 -70.26
CA GLU J 71 27.95 -74.50 -71.06
C GLU J 71 28.44 -73.42 -70.13
N HIS J 72 29.75 -73.24 -70.14
CA HIS J 72 30.44 -72.23 -69.34
C HIS J 72 30.06 -72.24 -67.84
N GLY J 73 30.08 -73.43 -67.20
CA GLY J 73 29.78 -73.56 -65.77
C GLY J 73 28.34 -73.92 -65.37
N ILE J 74 27.42 -74.04 -66.32
CA ILE J 74 26.02 -74.39 -66.03
C ILE J 74 25.52 -75.53 -66.92
N VAL J 75 24.44 -76.21 -66.49
CA VAL J 75 23.93 -77.35 -67.24
C VAL J 75 22.61 -76.99 -67.89
N THR J 76 22.56 -77.06 -69.21
CA THR J 76 21.33 -76.78 -69.95
C THR J 76 20.61 -78.07 -70.34
N ASN J 77 21.38 -79.08 -70.74
CA ASN J 77 20.79 -80.37 -71.12
C ASN J 77 21.15 -81.45 -70.10
N TRP J 78 20.14 -81.87 -69.36
CA TRP J 78 20.29 -82.91 -68.34
C TRP J 78 20.56 -84.32 -68.88
N ASP J 79 20.01 -84.62 -70.07
CA ASP J 79 20.19 -85.97 -70.65
C ASP J 79 21.67 -86.30 -70.88
N ASP J 80 22.43 -85.31 -71.35
CA ASP J 80 23.86 -85.50 -71.56
C ASP J 80 24.60 -85.64 -70.22
N MET J 81 24.19 -84.83 -69.24
CA MET J 81 24.79 -84.81 -67.90
C MET J 81 24.68 -86.16 -67.17
N GLU J 82 23.52 -86.81 -67.29
CA GLU J 82 23.30 -88.12 -66.65
C GLU J 82 24.28 -89.18 -67.15
N LYS J 83 24.56 -89.16 -68.45
CA LYS J 83 25.49 -90.11 -69.06
C LYS J 83 26.88 -89.95 -68.45
N ILE J 84 27.28 -88.70 -68.21
CA ILE J 84 28.58 -88.40 -67.60
C ILE J 84 28.69 -89.00 -66.18
N TRP J 85 27.63 -88.88 -65.38
CA TRP J 85 27.67 -89.42 -64.02
C TRP J 85 27.69 -90.94 -64.03
N HIS J 86 26.91 -91.53 -64.93
CA HIS J 86 26.89 -92.99 -65.09
C HIS J 86 28.27 -93.51 -65.47
N HIS J 87 28.87 -92.82 -66.44
CA HIS J 87 30.16 -93.22 -66.98
C HIS J 87 31.27 -92.99 -65.94
N THR J 88 31.21 -91.88 -65.20
CA THR J 88 32.22 -91.58 -64.19
C THR J 88 32.30 -92.63 -63.08
N PHE J 89 31.17 -93.00 -62.50
CA PHE J 89 31.18 -94.00 -61.44
C PHE J 89 31.52 -95.41 -61.93
N TYR J 90 30.72 -95.88 -62.87
CA TYR J 90 30.85 -97.23 -63.43
C TYR J 90 32.09 -97.46 -64.30
N ASN J 91 32.46 -96.49 -65.14
CA ASN J 91 33.60 -96.69 -66.03
C ASN J 91 34.90 -95.94 -65.66
N GLU J 92 34.82 -94.69 -65.20
CA GLU J 92 36.05 -93.95 -64.90
C GLU J 92 36.63 -94.19 -63.48
N LEU J 93 35.83 -93.96 -62.45
CA LEU J 93 36.21 -94.23 -61.06
C LEU J 93 36.30 -95.73 -60.73
N ARG J 94 35.36 -96.48 -61.32
CA ARG J 94 35.23 -97.93 -61.11
C ARG J 94 34.96 -98.28 -59.63
N VAL J 95 34.12 -97.45 -59.01
CA VAL J 95 33.71 -97.62 -57.62
C VAL J 95 32.18 -97.51 -57.53
N ALA J 96 31.54 -98.36 -56.73
CA ALA J 96 30.09 -98.32 -56.58
C ALA J 96 29.63 -97.06 -55.82
N PRO J 97 28.70 -96.28 -56.41
CA PRO J 97 28.16 -95.04 -55.79
C PRO J 97 27.46 -95.30 -54.46
N GLU J 98 26.89 -96.48 -54.35
CA GLU J 98 26.15 -96.87 -53.15
C GLU J 98 26.98 -96.87 -51.85
N GLU J 99 28.20 -97.42 -51.86
CA GLU J 99 29.05 -97.35 -50.66
C GLU J 99 29.58 -95.94 -50.32
N HIS J 100 29.97 -95.20 -51.36
CA HIS J 100 30.57 -93.86 -51.21
C HIS J 100 29.64 -92.68 -51.60
N PRO J 101 29.47 -91.70 -50.68
CA PRO J 101 28.63 -90.50 -50.94
C PRO J 101 29.29 -89.58 -51.97
N VAL J 102 28.51 -88.84 -52.75
CA VAL J 102 29.12 -87.99 -53.80
C VAL J 102 28.94 -86.48 -53.56
N LEU J 103 30.02 -85.75 -53.79
CA LEU J 103 30.03 -84.29 -53.65
C LEU J 103 30.09 -83.66 -55.03
N LEU J 104 29.17 -82.73 -55.32
CA LEU J 104 29.14 -82.08 -56.62
C LEU J 104 29.57 -80.60 -56.53
N THR J 105 30.43 -80.18 -57.43
CA THR J 105 30.88 -78.80 -57.45
C THR J 105 29.91 -77.92 -58.25
N GLU J 106 29.95 -76.62 -58.03
CA GLU J 106 29.07 -75.69 -58.74
C GLU J 106 29.82 -74.40 -59.12
N ALA J 107 29.34 -73.75 -60.17
CA ALA J 107 29.88 -72.47 -60.58
C ALA J 107 29.30 -71.37 -59.67
N PRO J 108 30.05 -70.28 -59.41
CA PRO J 108 29.55 -69.19 -58.57
C PRO J 108 28.27 -68.55 -59.13
N LEU J 109 27.33 -68.24 -58.23
CA LEU J 109 26.03 -67.65 -58.63
C LEU J 109 25.24 -68.58 -59.57
N ASN J 110 25.20 -69.84 -59.18
CA ASN J 110 24.50 -70.92 -59.89
C ASN J 110 22.98 -70.69 -59.77
N PRO J 111 22.21 -70.73 -60.88
CA PRO J 111 20.76 -70.48 -60.82
C PRO J 111 20.01 -71.45 -59.91
N LYS J 112 19.00 -70.90 -59.25
CA LYS J 112 18.17 -71.61 -58.27
C LYS J 112 17.40 -72.82 -58.82
N ALA J 113 16.86 -72.72 -60.03
CA ALA J 113 16.10 -73.83 -60.62
C ALA J 113 16.97 -75.09 -60.78
N ASN J 114 18.22 -74.91 -61.21
CA ASN J 114 19.16 -76.01 -61.39
C ASN J 114 19.54 -76.68 -60.06
N ARG J 115 19.73 -75.86 -59.03
CA ARG J 115 20.16 -76.35 -57.73
C ARG J 115 19.19 -77.35 -57.09
N GLU J 116 17.89 -77.10 -57.19
CA GLU J 116 16.92 -78.05 -56.64
C GLU J 116 16.85 -79.37 -57.43
N LYS J 117 16.92 -79.23 -58.76
CA LYS J 117 16.83 -80.40 -59.65
C LYS J 117 18.04 -81.36 -59.62
N MET J 118 19.27 -80.83 -59.54
CA MET J 118 20.45 -81.72 -59.48
C MET J 118 20.38 -82.62 -58.26
N THR J 119 19.95 -82.04 -57.14
CA THR J 119 19.77 -82.78 -55.90
C THR J 119 18.73 -83.89 -56.10
N GLN J 120 17.68 -83.54 -56.84
CA GLN J 120 16.57 -84.45 -57.15
C GLN J 120 17.03 -85.68 -57.95
N ILE J 121 17.95 -85.49 -58.89
CA ILE J 121 18.43 -86.61 -59.71
C ILE J 121 19.30 -87.59 -58.91
N MET J 122 20.15 -87.08 -58.04
CA MET J 122 21.00 -87.95 -57.23
C MET J 122 20.22 -88.90 -56.32
N PHE J 123 19.20 -88.37 -55.69
CA PHE J 123 18.40 -89.16 -54.76
C PHE J 123 17.53 -90.24 -55.43
N GLU J 124 16.93 -89.93 -56.58
CA GLU J 124 16.08 -90.93 -57.23
C GLU J 124 16.75 -91.71 -58.38
N THR J 125 17.50 -91.03 -59.25
CA THR J 125 18.15 -91.72 -60.37
C THR J 125 19.31 -92.66 -59.96
N PHE J 126 20.17 -92.20 -59.04
CA PHE J 126 21.30 -93.04 -58.60
C PHE J 126 21.20 -93.55 -57.16
N ASN J 127 20.14 -93.17 -56.45
CA ASN J 127 19.92 -93.60 -55.05
C ASN J 127 21.17 -93.36 -54.15
N THR J 128 21.85 -92.23 -54.32
CA THR J 128 23.04 -91.92 -53.50
C THR J 128 22.66 -91.58 -52.05
N PRO J 129 23.30 -92.23 -51.05
CA PRO J 129 23.03 -91.98 -49.61
C PRO J 129 23.27 -90.52 -49.15
N ALA J 130 24.33 -89.90 -49.65
CA ALA J 130 24.65 -88.53 -49.26
C ALA J 130 25.30 -87.72 -50.38
N MET J 131 25.07 -86.41 -50.38
CA MET J 131 25.66 -85.52 -51.38
C MET J 131 25.77 -84.09 -50.84
N TYR J 132 26.64 -83.29 -51.45
CA TYR J 132 26.83 -81.90 -51.01
C TYR J 132 27.23 -81.03 -52.21
N VAL J 133 26.86 -79.75 -52.17
CA VAL J 133 27.18 -78.84 -53.27
C VAL J 133 28.16 -77.75 -52.78
N ALA J 134 29.26 -77.58 -53.51
CA ALA J 134 30.33 -76.65 -53.12
C ALA J 134 30.74 -75.71 -54.26
N ILE J 135 31.38 -74.60 -53.91
CA ILE J 135 31.81 -73.62 -54.92
C ILE J 135 33.33 -73.65 -55.03
N GLN J 136 33.79 -73.75 -56.28
CA GLN J 136 35.22 -73.88 -56.57
C GLN J 136 36.06 -72.69 -56.09
N ALA J 137 35.53 -71.49 -56.24
CA ALA J 137 36.24 -70.29 -55.80
C ALA J 137 36.35 -70.21 -54.28
N VAL J 138 35.26 -70.59 -53.59
CA VAL J 138 35.24 -70.56 -52.13
C VAL J 138 36.29 -71.47 -51.52
N LEU J 139 36.35 -72.70 -52.03
CA LEU J 139 37.31 -73.69 -51.55
C LEU J 139 38.75 -73.24 -51.77
N SER J 140 39.05 -72.65 -52.93
CA SER J 140 40.43 -72.20 -53.20
C SER J 140 40.94 -71.13 -52.23
N LEU J 141 40.07 -70.18 -51.85
CA LEU J 141 40.44 -69.16 -50.88
C LEU J 141 40.58 -69.81 -49.50
N TYR J 142 39.65 -70.73 -49.27
CA TYR J 142 39.55 -71.50 -48.04
C TYR J 142 40.80 -72.35 -47.82
N ALA J 143 41.30 -72.92 -48.91
CA ALA J 143 42.49 -73.80 -48.89
C ALA J 143 43.73 -73.10 -48.36
N SER J 144 43.91 -71.84 -48.74
CA SER J 144 45.06 -71.05 -48.29
C SER J 144 44.96 -70.71 -46.79
N GLY J 145 43.80 -70.98 -46.20
CA GLY J 145 43.57 -70.69 -44.78
C GLY J 145 43.09 -69.27 -44.53
N ARG J 146 42.67 -68.64 -45.61
CA ARG J 146 42.20 -67.26 -45.55
C ARG J 146 40.74 -67.13 -46.01
N THR J 147 39.91 -66.49 -45.19
CA THR J 147 38.49 -66.31 -45.51
C THR J 147 38.16 -64.95 -46.16
N THR J 148 39.06 -64.00 -45.99
CA THR J 148 38.86 -62.66 -46.56
C THR J 148 39.76 -62.48 -47.78
N GLY J 149 39.17 -62.16 -48.94
CA GLY J 149 40.01 -61.96 -50.11
C GLY J 149 39.29 -62.05 -51.44
N ILE J 150 40.08 -62.09 -52.50
CA ILE J 150 39.56 -62.20 -53.85
C ILE J 150 40.30 -63.31 -54.58
N VAL J 151 39.54 -64.19 -55.21
CA VAL J 151 40.15 -65.31 -55.91
C VAL J 151 39.88 -65.27 -57.40
N MET J 152 40.95 -65.37 -58.17
CA MET J 152 40.82 -65.45 -59.60
C MET J 152 40.96 -66.94 -59.89
N ASP J 153 39.90 -67.54 -60.37
CA ASP J 153 39.90 -68.97 -60.58
C ASP J 153 40.04 -69.37 -62.03
N SER J 154 41.10 -70.09 -62.33
CA SER J 154 41.30 -70.61 -63.66
C SER J 154 40.67 -71.98 -63.71
N GLY J 155 39.48 -72.06 -64.25
CA GLY J 155 38.81 -73.33 -64.31
C GLY J 155 39.32 -74.17 -65.45
N ASP J 156 38.97 -75.44 -65.44
CA ASP J 156 39.39 -76.33 -66.50
C ASP J 156 38.64 -75.98 -67.80
N GLY J 157 37.51 -75.30 -67.64
CA GLY J 157 36.71 -74.89 -68.78
C GLY J 157 36.24 -73.43 -68.76
N VAL J 158 36.04 -72.86 -67.57
CA VAL J 158 35.57 -71.47 -67.45
C VAL J 158 36.27 -70.70 -66.29
N THR J 159 36.60 -69.42 -66.53
CA THR J 159 37.26 -68.59 -65.52
C THR J 159 36.30 -67.60 -64.85
N HIS J 160 36.16 -67.71 -63.53
CA HIS J 160 35.29 -66.82 -62.76
C HIS J 160 36.04 -66.04 -61.68
N THR J 161 35.66 -64.78 -61.52
CA THR J 161 36.22 -63.91 -60.49
C THR J 161 35.22 -63.87 -59.34
N VAL J 162 35.62 -64.30 -58.15
CA VAL J 162 34.69 -64.37 -57.02
C VAL J 162 35.26 -63.88 -55.69
N PRO J 163 35.27 -62.56 -55.41
CA PRO J 163 35.75 -62.07 -54.11
C PRO J 163 34.91 -62.67 -52.98
N ILE J 164 35.55 -63.17 -51.95
CA ILE J 164 34.86 -63.81 -50.84
C ILE J 164 35.09 -63.16 -49.49
N TYR J 165 34.05 -62.68 -48.84
CA TYR J 165 34.21 -62.14 -47.49
C TYR J 165 33.33 -62.95 -46.52
N GLU J 166 33.99 -63.64 -45.57
CA GLU J 166 33.30 -64.49 -44.56
C GLU J 166 32.44 -65.61 -45.15
N GLY J 167 32.91 -66.26 -46.19
CA GLY J 167 32.18 -67.38 -46.78
C GLY J 167 31.12 -66.96 -47.77
N TYR J 168 30.87 -65.66 -47.82
CA TYR J 168 29.85 -65.10 -48.69
C TYR J 168 30.51 -64.46 -49.92
N ALA J 169 30.05 -64.84 -51.10
CA ALA J 169 30.57 -64.28 -52.34
C ALA J 169 29.89 -62.96 -52.63
N LEU J 170 30.58 -62.04 -53.29
CA LEU J 170 29.97 -60.75 -53.58
C LEU J 170 29.31 -60.74 -54.96
N PRO J 171 27.96 -60.69 -55.00
CA PRO J 171 27.18 -60.70 -56.24
C PRO J 171 27.50 -59.53 -57.17
N HIS J 172 27.88 -58.42 -56.58
CA HIS J 172 28.19 -57.21 -57.34
C HIS J 172 29.67 -57.12 -57.75
N ALA J 173 30.45 -58.13 -57.38
CA ALA J 173 31.87 -58.17 -57.73
C ALA J 173 32.24 -59.38 -58.59
N ILE J 174 31.26 -60.11 -59.09
CA ILE J 174 31.52 -61.31 -59.90
C ILE J 174 31.17 -61.14 -61.37
N LEU J 175 32.12 -61.49 -62.24
CA LEU J 175 31.92 -61.43 -63.69
C LEU J 175 32.32 -62.75 -64.36
N ARG J 176 31.66 -63.06 -65.47
CA ARG J 176 31.93 -64.29 -66.20
C ARG J 176 32.82 -64.06 -67.44
N LEU J 177 33.97 -64.73 -67.49
CA LEU J 177 34.86 -64.64 -68.65
C LEU J 177 34.99 -66.05 -69.22
N ASP J 178 34.87 -66.19 -70.54
CA ASP J 178 34.83 -67.53 -71.14
C ASP J 178 36.17 -68.14 -71.55
N LEU J 179 37.29 -67.46 -71.33
CA LEU J 179 38.57 -68.06 -71.69
C LEU J 179 39.24 -68.62 -70.42
N ALA J 180 39.51 -69.94 -70.39
CA ALA J 180 40.09 -70.57 -69.19
C ALA J 180 41.18 -71.61 -69.47
N GLY J 181 40.78 -72.80 -69.94
CA GLY J 181 41.78 -73.83 -70.21
C GLY J 181 41.63 -74.50 -71.57
N ARG J 182 40.48 -75.12 -71.83
CA ARG J 182 40.26 -75.80 -73.13
C ARG J 182 40.37 -74.83 -74.31
N ASP J 183 39.83 -73.63 -74.11
CA ASP J 183 39.86 -72.59 -75.14
C ASP J 183 41.29 -72.18 -75.51
N LEU J 184 42.16 -72.08 -74.51
CA LEU J 184 43.58 -71.77 -74.75
C LEU J 184 44.22 -72.83 -75.61
N THR J 185 43.88 -74.09 -75.35
CA THR J 185 44.43 -75.20 -76.12
C THR J 185 44.07 -75.04 -77.60
N ASP J 186 42.83 -74.65 -77.89
CA ASP J 186 42.39 -74.38 -79.26
C ASP J 186 43.26 -73.24 -79.85
N TYR J 187 43.41 -72.19 -79.05
CA TYR J 187 44.22 -71.01 -79.41
C TYR J 187 45.69 -71.31 -79.66
N LEU J 188 46.30 -72.12 -78.81
CA LEU J 188 47.70 -72.47 -78.97
C LEU J 188 47.93 -73.15 -80.32
N MET J 189 47.03 -74.08 -80.66
CA MET J 189 47.09 -74.76 -81.95
C MET J 189 46.97 -73.75 -83.11
N LYS J 190 46.05 -72.80 -82.94
CA LYS J 190 45.76 -71.78 -83.96
C LYS J 190 46.98 -70.91 -84.31
N ILE J 191 47.77 -70.51 -83.29
CA ILE J 191 48.96 -69.68 -83.56
C ILE J 191 50.13 -70.54 -84.07
N LEU J 192 50.17 -71.79 -83.61
CA LEU J 192 51.19 -72.76 -84.03
C LEU J 192 51.10 -72.98 -85.55
N THR J 193 49.86 -73.06 -86.02
CA THR J 193 49.53 -73.25 -87.43
C THR J 193 50.06 -72.09 -88.28
N GLU J 194 49.96 -70.87 -87.75
CA GLU J 194 50.37 -69.66 -88.46
C GLU J 194 51.85 -69.68 -88.83
N ARG J 195 52.70 -70.16 -87.93
CA ARG J 195 54.15 -70.21 -88.19
C ARG J 195 54.48 -71.12 -89.39
N GLY J 196 53.80 -72.26 -89.50
CA GLY J 196 54.05 -73.17 -90.61
C GLY J 196 53.87 -74.65 -90.27
N TYR J 197 52.94 -74.98 -89.39
CA TYR J 197 52.72 -76.37 -89.00
C TYR J 197 51.27 -76.78 -89.34
N SER J 198 51.09 -78.00 -89.84
CA SER J 198 49.77 -78.44 -90.32
C SER J 198 48.80 -79.02 -89.29
N PHE J 199 47.75 -78.25 -89.01
CA PHE J 199 46.64 -78.71 -88.16
C PHE J 199 45.31 -78.46 -88.92
N THR J 200 44.65 -79.51 -89.39
CA THR J 200 43.38 -79.34 -90.13
C THR J 200 42.22 -80.23 -89.63
N THR J 201 42.52 -81.10 -88.68
CA THR J 201 41.54 -82.06 -88.16
C THR J 201 41.48 -82.05 -86.63
N THR J 202 40.28 -82.21 -86.10
CA THR J 202 40.02 -82.17 -84.65
C THR J 202 40.73 -83.30 -83.88
N ALA J 203 41.10 -84.36 -84.58
CA ALA J 203 41.80 -85.51 -83.98
C ALA J 203 43.14 -85.12 -83.32
N GLU J 204 43.90 -84.23 -83.96
CA GLU J 204 45.22 -83.83 -83.44
C GLU J 204 45.16 -82.63 -82.49
N ARG J 205 43.95 -82.12 -82.26
CA ARG J 205 43.71 -81.01 -81.31
C ARG J 205 44.15 -81.38 -79.89
N GLU J 206 43.86 -82.60 -79.52
CA GLU J 206 44.21 -83.15 -78.21
C GLU J 206 45.73 -83.15 -77.97
N ILE J 207 46.49 -83.33 -79.04
CA ILE J 207 47.95 -83.40 -78.97
C ILE J 207 48.56 -82.11 -78.39
N VAL J 208 48.02 -80.96 -78.76
CA VAL J 208 48.52 -79.69 -78.23
C VAL J 208 48.28 -79.55 -76.71
N ARG J 209 47.35 -80.33 -76.13
CA ARG J 209 47.10 -80.26 -74.68
C ARG J 209 48.38 -80.61 -73.92
N ASP J 210 49.07 -81.64 -74.42
CA ASP J 210 50.33 -82.10 -73.86
C ASP J 210 51.35 -80.97 -73.94
N ILE J 211 51.29 -80.27 -75.07
CA ILE J 211 52.14 -79.12 -75.34
C ILE J 211 51.89 -78.02 -74.31
N LYS J 212 50.62 -77.81 -73.96
CA LYS J 212 50.24 -76.74 -73.05
C LYS J 212 50.88 -76.81 -71.65
N GLU J 213 50.82 -77.95 -70.96
CA GLU J 213 51.46 -77.97 -69.65
C GLU J 213 53.00 -77.92 -69.71
N LYS J 214 53.59 -78.66 -70.65
CA LYS J 214 55.06 -78.64 -70.84
C LYS J 214 55.68 -77.37 -71.43
N LEU J 215 55.02 -76.75 -72.42
CA LEU J 215 55.59 -75.58 -73.11
C LEU J 215 54.96 -74.21 -72.87
N CYS J 216 53.93 -74.06 -72.07
CA CYS J 216 53.37 -72.72 -71.90
C CYS J 216 54.17 -71.95 -70.86
N TYR J 217 54.66 -70.78 -71.27
CA TYR J 217 55.49 -69.94 -70.39
C TYR J 217 54.98 -68.50 -70.38
N VAL J 218 55.27 -67.78 -69.31
CA VAL J 218 54.88 -66.37 -69.26
C VAL J 218 56.14 -65.51 -69.10
N ALA J 219 56.27 -64.49 -69.94
CA ALA J 219 57.45 -63.61 -69.92
C ALA J 219 57.34 -62.50 -68.87
N LEU J 220 58.49 -62.10 -68.32
CA LEU J 220 58.52 -61.04 -67.32
C LEU J 220 58.01 -59.71 -67.90
N ASP J 221 58.38 -59.44 -69.15
CA ASP J 221 57.93 -58.26 -69.88
C ASP J 221 57.72 -58.66 -71.36
N PHE J 222 56.48 -58.58 -71.82
CA PHE J 222 56.14 -58.98 -73.19
C PHE J 222 56.82 -58.26 -74.36
N GLU J 223 56.85 -56.93 -74.39
CA GLU J 223 57.43 -56.26 -75.57
C GLU J 223 58.96 -56.43 -75.70
N GLN J 224 59.66 -56.37 -74.58
CA GLN J 224 61.11 -56.55 -74.58
C GLN J 224 61.45 -57.97 -75.09
N GLU J 225 60.62 -58.89 -74.62
CA GLU J 225 60.72 -60.32 -74.95
C GLU J 225 60.59 -60.58 -76.46
N MET J 226 59.67 -59.84 -77.10
CA MET J 226 59.43 -59.97 -78.55
C MET J 226 60.69 -59.65 -79.37
N ALA J 227 61.44 -58.63 -78.95
CA ALA J 227 62.67 -58.25 -79.65
C ALA J 227 63.75 -59.35 -79.56
N THR J 228 63.85 -59.97 -78.39
CA THR J 228 64.78 -61.07 -78.12
C THR J 228 64.51 -62.28 -79.03
N ALA J 229 63.22 -62.53 -79.21
CA ALA J 229 62.68 -63.65 -79.99
C ALA J 229 63.09 -63.67 -81.47
N ALA J 230 63.19 -62.51 -82.09
CA ALA J 230 63.51 -62.40 -83.53
C ALA J 230 64.87 -63.04 -83.88
N SER J 231 65.86 -62.83 -83.02
CA SER J 231 67.20 -63.40 -83.24
C SER J 231 67.22 -64.94 -83.07
N SER J 232 66.24 -65.46 -82.33
CA SER J 232 66.08 -66.91 -82.03
C SER J 232 67.02 -67.36 -80.92
N SER J 233 68.23 -67.78 -81.29
CA SER J 233 69.23 -68.24 -80.32
C SER J 233 68.71 -69.40 -79.44
N SER J 234 68.62 -69.17 -78.13
CA SER J 234 68.15 -70.19 -77.19
C SER J 234 66.63 -70.18 -76.96
N LEU J 235 65.92 -69.27 -77.61
CA LEU J 235 64.45 -69.19 -77.45
C LEU J 235 63.73 -70.46 -77.88
N GLU J 236 64.17 -71.06 -78.98
CA GLU J 236 63.52 -72.26 -79.49
C GLU J 236 63.57 -73.38 -78.43
N LYS J 237 62.45 -74.04 -78.17
CA LYS J 237 62.42 -75.09 -77.15
C LYS J 237 61.83 -76.41 -77.69
N SER J 238 62.50 -77.53 -77.42
CA SER J 238 62.09 -78.85 -77.91
C SER J 238 60.80 -79.41 -77.26
N TYR J 239 60.08 -80.21 -78.05
CA TYR J 239 58.84 -80.90 -77.64
C TYR J 239 58.67 -82.26 -78.34
N GLU J 240 58.00 -83.21 -77.68
CA GLU J 240 57.82 -84.56 -78.23
C GLU J 240 56.44 -84.84 -78.87
N LEU J 241 56.46 -85.18 -80.16
CA LEU J 241 55.25 -85.59 -80.90
C LEU J 241 55.23 -87.13 -80.93
N PRO J 242 54.06 -87.77 -80.80
CA PRO J 242 53.98 -89.26 -80.80
C PRO J 242 54.71 -89.92 -81.98
N ASP J 243 54.60 -89.31 -83.17
CA ASP J 243 55.24 -89.82 -84.39
C ASP J 243 56.78 -89.76 -84.36
N GLY J 244 57.35 -88.70 -83.80
CA GLY J 244 58.81 -88.60 -83.76
C GLY J 244 59.35 -87.19 -84.06
N GLN J 245 58.64 -86.41 -84.87
CA GLN J 245 59.07 -85.04 -85.15
C GLN J 245 58.91 -84.17 -83.93
N VAL J 246 59.77 -83.18 -83.83
CA VAL J 246 59.71 -82.24 -82.73
C VAL J 246 59.34 -80.88 -83.27
N ILE J 247 58.29 -80.31 -82.72
CA ILE J 247 57.84 -79.00 -83.18
C ILE J 247 58.46 -77.96 -82.27
N THR J 248 59.27 -77.13 -82.88
CA THR J 248 60.00 -76.12 -82.16
C THR J 248 59.18 -74.85 -81.96
N ILE J 249 59.15 -74.39 -80.72
CA ILE J 249 58.42 -73.19 -80.35
C ILE J 249 59.37 -72.16 -79.74
N GLY J 250 59.45 -70.98 -80.37
CA GLY J 250 60.37 -69.94 -79.88
C GLY J 250 59.71 -68.72 -79.23
N ASN J 251 59.07 -67.87 -80.03
CA ASN J 251 58.42 -66.67 -79.45
C ASN J 251 56.97 -66.95 -79.07
N GLU J 252 56.54 -68.18 -79.30
CA GLU J 252 55.20 -68.62 -78.96
C GLU J 252 55.14 -69.06 -77.49
N ARG J 253 56.33 -69.16 -76.89
CA ARG J 253 56.47 -69.59 -75.49
C ARG J 253 55.77 -68.67 -74.51
N PHE J 254 55.86 -67.38 -74.77
CA PHE J 254 55.23 -66.35 -73.92
C PHE J 254 53.96 -65.74 -74.51
N ARG J 255 53.89 -65.68 -75.84
CA ARG J 255 52.75 -65.08 -76.53
C ARG J 255 51.37 -65.74 -76.25
N CYS J 256 51.31 -67.08 -76.16
CA CYS J 256 50.03 -67.80 -75.90
C CYS J 256 49.27 -67.32 -74.63
N PRO J 257 49.92 -67.27 -73.43
CA PRO J 257 49.32 -66.79 -72.17
C PRO J 257 48.85 -65.35 -72.25
N GLU J 258 49.53 -64.62 -73.11
CA GLU J 258 49.31 -63.20 -73.35
C GLU J 258 47.90 -62.92 -73.85
N ALA J 259 47.29 -63.89 -74.52
CA ALA J 259 45.94 -63.71 -75.03
C ALA J 259 44.97 -63.38 -73.89
N LEU J 260 45.13 -64.04 -72.74
CA LEU J 260 44.28 -63.72 -71.58
C LEU J 260 44.45 -62.24 -71.17
N PHE J 261 45.72 -61.83 -71.09
CA PHE J 261 46.15 -60.46 -70.74
C PHE J 261 45.83 -59.40 -71.82
N GLN J 262 46.03 -59.80 -73.07
CA GLN J 262 45.87 -58.94 -74.25
C GLN J 262 44.99 -59.58 -75.33
N PRO J 263 43.65 -59.51 -75.14
CA PRO J 263 42.62 -60.10 -76.04
C PRO J 263 42.68 -59.60 -77.47
N SER J 264 43.32 -58.45 -77.67
CA SER J 264 43.43 -57.82 -79.00
C SER J 264 44.06 -58.77 -80.05
N PHE J 265 45.01 -59.63 -79.64
CA PHE J 265 45.63 -60.58 -80.57
C PHE J 265 44.57 -61.51 -81.20
N LEU J 266 43.61 -61.95 -80.38
CA LEU J 266 42.46 -62.78 -80.83
C LEU J 266 41.60 -62.07 -81.85
N GLY J 267 41.41 -60.79 -81.62
CA GLY J 267 40.51 -60.00 -82.44
C GLY J 267 39.39 -59.44 -81.58
N MET J 268 39.60 -59.52 -80.26
CA MET J 268 38.62 -59.02 -79.31
C MET J 268 38.96 -57.60 -78.85
N GLU J 269 37.90 -56.83 -78.74
CA GLU J 269 37.98 -55.45 -78.28
C GLU J 269 37.83 -55.38 -76.76
N SER J 270 37.60 -56.55 -76.17
CA SER J 270 37.40 -56.70 -74.72
C SER J 270 38.67 -56.45 -73.89
N CYS J 271 38.47 -55.97 -72.67
CA CYS J 271 39.57 -55.70 -71.73
C CYS J 271 40.20 -57.00 -71.22
N GLY J 272 41.50 -56.95 -70.91
CA GLY J 272 42.20 -58.13 -70.40
C GLY J 272 41.62 -58.66 -69.11
N ILE J 273 41.73 -59.97 -68.90
CA ILE J 273 41.18 -60.61 -67.70
C ILE J 273 41.78 -60.08 -66.38
N HIS J 274 43.09 -59.82 -66.35
CA HIS J 274 43.71 -59.29 -65.12
C HIS J 274 43.05 -57.95 -64.75
N GLU J 275 42.80 -57.14 -65.78
CA GLU J 275 42.10 -55.86 -65.65
C GLU J 275 40.68 -56.07 -65.10
N THR J 276 40.04 -57.14 -65.58
CA THR J 276 38.67 -57.49 -65.18
C THR J 276 38.62 -57.73 -63.66
N THR J 277 39.64 -58.39 -63.12
CA THR J 277 39.74 -58.62 -61.67
C THR J 277 39.79 -57.27 -60.94
N PHE J 278 40.54 -56.34 -61.53
CA PHE J 278 40.70 -54.98 -61.01
C PHE J 278 39.36 -54.22 -60.92
N ASN J 279 38.50 -54.39 -61.94
CA ASN J 279 37.18 -53.72 -61.92
C ASN J 279 36.35 -54.18 -60.73
N SER J 280 36.42 -55.47 -60.40
CA SER J 280 35.69 -56.00 -59.25
C SER J 280 36.14 -55.31 -57.95
N ILE J 281 37.45 -55.07 -57.84
CA ILE J 281 38.03 -54.41 -56.66
C ILE J 281 37.57 -52.94 -56.56
N MET J 282 37.49 -52.26 -57.71
CA MET J 282 37.06 -50.85 -57.78
C MET J 282 35.62 -50.69 -57.24
N LYS J 283 34.78 -51.67 -57.58
CA LYS J 283 33.37 -51.73 -57.18
C LYS J 283 33.23 -52.00 -55.68
N CYS J 284 34.21 -52.73 -55.14
CA CYS J 284 34.27 -53.16 -53.74
C CYS J 284 34.53 -52.01 -52.76
N ASP J 285 34.19 -52.25 -51.50
CA ASP J 285 34.34 -51.26 -50.44
C ASP J 285 35.83 -50.83 -50.33
N VAL J 286 36.01 -49.53 -50.29
CA VAL J 286 37.33 -48.88 -50.28
C VAL J 286 38.22 -49.26 -49.08
N ASP J 287 37.62 -49.34 -47.90
CA ASP J 287 38.36 -49.66 -46.66
C ASP J 287 39.05 -51.04 -46.74
N ILE J 288 38.37 -52.02 -47.32
CA ILE J 288 38.92 -53.39 -47.38
C ILE J 288 39.78 -53.64 -48.62
N ARG J 289 39.94 -52.63 -49.49
CA ARG J 289 40.75 -52.81 -50.71
C ARG J 289 42.21 -53.18 -50.41
N LYS J 290 42.81 -52.57 -49.40
CA LYS J 290 44.21 -52.91 -49.05
C LYS J 290 44.33 -54.35 -48.59
N ASP J 291 43.35 -54.81 -47.80
CA ASP J 291 43.32 -56.19 -47.34
C ASP J 291 43.20 -57.16 -48.51
N LEU J 292 42.37 -56.79 -49.50
CA LEU J 292 42.13 -57.63 -50.68
C LEU J 292 43.43 -57.89 -51.47
N TYR J 293 44.27 -56.88 -51.60
CA TYR J 293 45.54 -57.02 -52.31
C TYR J 293 46.42 -58.09 -51.65
N ALA J 294 46.44 -58.12 -50.32
CA ALA J 294 47.24 -59.11 -49.60
C ALA J 294 46.54 -60.48 -49.52
N ASN J 295 45.27 -60.52 -49.91
CA ASN J 295 44.47 -61.76 -49.85
C ASN J 295 44.26 -62.46 -51.23
N THR J 296 44.95 -62.03 -52.29
CA THR J 296 44.76 -62.62 -53.64
C THR J 296 45.29 -64.06 -53.79
N VAL J 297 44.45 -64.96 -54.32
CA VAL J 297 44.82 -66.38 -54.53
C VAL J 297 44.74 -66.83 -56.01
N LEU J 298 45.80 -67.47 -56.52
CA LEU J 298 45.79 -67.99 -57.92
C LEU J 298 45.62 -69.52 -57.91
N SER J 299 44.50 -70.03 -58.44
CA SER J 299 44.26 -71.49 -58.47
C SER J 299 43.62 -72.04 -59.75
N GLY J 300 43.88 -73.33 -60.02
CA GLY J 300 43.21 -74.02 -61.13
C GLY J 300 43.92 -74.19 -62.48
N GLY J 301 43.22 -75.00 -63.29
CA GLY J 301 43.54 -75.42 -64.65
C GLY J 301 44.84 -74.99 -65.30
N THR J 302 44.89 -73.76 -65.80
CA THR J 302 46.07 -73.28 -66.53
C THR J 302 46.93 -72.23 -65.82
N THR J 303 46.72 -72.00 -64.54
CA THR J 303 47.55 -71.04 -63.78
C THR J 303 48.95 -71.59 -63.53
N MET J 304 49.11 -72.86 -63.82
CA MET J 304 50.37 -73.58 -63.60
C MET J 304 51.44 -73.33 -64.68
N TYR J 305 51.20 -72.38 -65.59
CA TYR J 305 52.21 -72.01 -66.59
C TYR J 305 53.33 -71.30 -65.85
N PRO J 306 54.62 -71.64 -66.02
CA PRO J 306 55.65 -70.95 -65.25
C PRO J 306 55.83 -69.50 -65.69
N GLY J 307 56.16 -68.66 -64.73
CA GLY J 307 56.35 -67.25 -65.00
C GLY J 307 55.06 -66.44 -64.85
N ILE J 308 53.92 -67.12 -64.72
CA ILE J 308 52.62 -66.43 -64.59
C ILE J 308 52.55 -65.58 -63.33
N ALA J 309 53.09 -66.09 -62.23
CA ALA J 309 53.11 -65.36 -60.97
C ALA J 309 53.89 -64.06 -61.10
N ASP J 310 55.00 -64.12 -61.83
CA ASP J 310 55.84 -62.93 -62.05
C ASP J 310 55.12 -61.86 -62.87
N ARG J 311 54.38 -62.29 -63.88
CA ARG J 311 53.63 -61.35 -64.74
C ARG J 311 52.49 -60.64 -63.99
N MET J 312 51.80 -61.39 -63.13
CA MET J 312 50.66 -60.86 -62.38
C MET J 312 51.05 -59.69 -61.49
N GLN J 313 52.21 -59.81 -60.84
CA GLN J 313 52.69 -58.76 -59.96
C GLN J 313 52.88 -57.44 -60.73
N LYS J 314 53.51 -57.53 -61.90
CA LYS J 314 53.76 -56.36 -62.76
C LYS J 314 52.51 -55.62 -63.23
N GLU J 315 51.53 -56.34 -63.74
CA GLU J 315 50.30 -55.71 -64.23
C GLU J 315 49.46 -55.11 -63.12
N ILE J 316 49.36 -55.80 -61.99
CA ILE J 316 48.59 -55.29 -60.86
C ILE J 316 49.22 -54.00 -60.33
N THR J 317 50.56 -53.96 -60.27
CA THR J 317 51.26 -52.77 -59.81
C THR J 317 50.98 -51.57 -60.72
N ALA J 318 50.94 -51.82 -62.03
CA ALA J 318 50.65 -50.75 -63.00
C ALA J 318 49.18 -50.30 -62.91
N LEU J 319 48.27 -51.27 -62.72
CA LEU J 319 46.83 -51.00 -62.59
C LEU J 319 46.47 -50.28 -61.28
N ALA J 320 47.12 -50.68 -60.18
CA ALA J 320 46.86 -50.10 -58.85
C ALA J 320 47.36 -48.65 -58.72
N PRO J 321 46.64 -47.83 -57.90
CA PRO J 321 47.00 -46.41 -57.68
C PRO J 321 48.47 -46.14 -57.27
N SER J 322 49.01 -47.02 -56.39
CA SER J 322 50.42 -46.97 -55.88
C SER J 322 50.46 -46.78 -54.35
N THR J 323 51.66 -46.53 -53.81
CA THR J 323 51.86 -46.28 -52.37
C THR J 323 51.44 -47.45 -51.45
N MET J 324 51.14 -48.62 -52.00
CA MET J 324 50.75 -49.75 -51.13
C MET J 324 51.27 -51.11 -51.60
N LYS J 325 51.28 -52.02 -50.63
CA LYS J 325 51.73 -53.39 -50.75
C LYS J 325 50.76 -54.31 -51.51
N ILE J 326 51.30 -55.07 -52.44
CA ILE J 326 50.53 -56.05 -53.20
C ILE J 326 51.12 -57.44 -52.95
N LYS J 327 50.34 -58.35 -52.40
CA LYS J 327 50.85 -59.68 -52.09
C LYS J 327 50.01 -60.79 -52.75
N ILE J 328 50.70 -61.74 -53.35
CA ILE J 328 50.02 -62.85 -54.02
C ILE J 328 50.23 -64.16 -53.26
N ILE J 329 49.13 -64.85 -53.02
CA ILE J 329 49.15 -66.10 -52.27
C ILE J 329 49.33 -67.26 -53.26
N ALA J 330 50.41 -68.00 -53.08
CA ALA J 330 50.74 -69.10 -53.99
C ALA J 330 50.82 -70.47 -53.33
N PRO J 331 49.73 -71.25 -53.39
CA PRO J 331 49.72 -72.61 -52.86
C PRO J 331 50.35 -73.59 -53.86
N PRO J 332 51.28 -74.45 -53.39
CA PRO J 332 52.00 -75.44 -54.23
C PRO J 332 51.05 -76.29 -55.09
N GLU J 333 49.93 -76.67 -54.50
CA GLU J 333 48.93 -77.53 -55.13
C GLU J 333 47.81 -76.73 -55.82
N ARG J 334 48.14 -75.58 -56.41
CA ARG J 334 47.12 -74.69 -57.02
C ARG J 334 46.32 -75.35 -58.16
N LYS J 335 46.94 -76.19 -58.98
CA LYS J 335 46.20 -76.89 -60.05
C LYS J 335 45.07 -77.76 -59.51
N TYR J 336 45.34 -78.45 -58.43
CA TYR J 336 44.36 -79.35 -57.85
C TYR J 336 43.65 -78.72 -56.65
N SER J 337 43.89 -77.43 -56.39
CA SER J 337 43.32 -76.76 -55.20
C SER J 337 41.80 -76.79 -55.17
N VAL J 338 41.17 -76.61 -56.32
CA VAL J 338 39.71 -76.64 -56.37
C VAL J 338 39.17 -78.00 -55.91
N TRP J 339 39.72 -79.07 -56.47
CA TRP J 339 39.30 -80.44 -56.11
C TRP J 339 39.74 -80.79 -54.67
N ILE J 340 40.95 -80.37 -54.32
CA ILE J 340 41.55 -80.67 -53.01
C ILE J 340 40.73 -80.12 -51.86
N GLY J 341 40.21 -78.89 -51.99
CA GLY J 341 39.41 -78.34 -50.92
C GLY J 341 38.16 -79.18 -50.64
N GLY J 342 37.54 -79.68 -51.70
CA GLY J 342 36.37 -80.53 -51.54
C GLY J 342 36.65 -81.91 -50.94
N SER J 343 37.75 -82.54 -51.37
CA SER J 343 38.13 -83.90 -50.92
C SER J 343 38.37 -84.09 -49.41
N ILE J 344 39.16 -83.22 -48.79
CA ILE J 344 39.50 -83.38 -47.37
C ILE J 344 38.36 -83.25 -46.34
N LEU J 345 37.48 -82.27 -46.47
CA LEU J 345 36.43 -82.11 -45.47
C LEU J 345 35.15 -82.88 -45.79
N ALA J 346 35.28 -84.10 -46.30
CA ALA J 346 34.10 -84.89 -46.61
C ALA J 346 33.96 -86.18 -45.76
N SER J 347 34.96 -86.51 -44.93
CA SER J 347 34.86 -87.76 -44.12
C SER J 347 35.32 -87.68 -42.63
N LEU J 348 35.54 -86.51 -42.03
CA LEU J 348 36.09 -86.48 -40.65
C LEU J 348 35.27 -87.18 -39.55
N SER J 349 33.98 -86.87 -39.48
CA SER J 349 33.04 -87.41 -38.45
C SER J 349 32.03 -86.33 -38.07
N THR J 350 32.53 -85.10 -38.00
CA THR J 350 31.67 -83.96 -37.68
C THR J 350 31.10 -83.39 -38.96
N PHE J 351 31.54 -83.96 -40.07
CA PHE J 351 31.00 -83.62 -41.36
C PHE J 351 29.82 -84.57 -41.64
N GLN J 352 29.69 -85.58 -40.77
CA GLN J 352 28.53 -86.49 -40.77
C GLN J 352 27.26 -85.78 -40.36
N GLN J 353 27.41 -84.93 -39.36
CA GLN J 353 26.32 -84.13 -38.82
C GLN J 353 25.70 -83.21 -39.89
N MET J 354 26.60 -82.64 -40.69
CA MET J 354 26.28 -81.65 -41.74
C MET J 354 25.78 -82.21 -43.10
N TRP J 355 25.96 -83.50 -43.38
CA TRP J 355 25.52 -84.07 -44.68
C TRP J 355 24.03 -83.96 -44.97
N ILE J 356 23.74 -83.69 -46.24
CA ILE J 356 22.37 -83.66 -46.71
C ILE J 356 22.11 -85.10 -47.15
N SER J 357 21.13 -85.73 -46.54
CA SER J 357 20.86 -87.14 -46.81
C SER J 357 19.64 -87.37 -47.67
N LYS J 358 19.61 -88.57 -48.27
CA LYS J 358 18.50 -89.01 -49.11
C LYS J 358 17.20 -89.03 -48.31
N GLN J 359 17.31 -89.48 -47.06
CA GLN J 359 16.15 -89.59 -46.17
C GLN J 359 15.50 -88.22 -45.92
N GLU J 360 16.33 -87.18 -45.75
CA GLU J 360 15.84 -85.82 -45.55
C GLU J 360 15.09 -85.27 -46.77
N TYR J 361 15.61 -85.57 -47.97
CA TYR J 361 15.00 -85.10 -49.22
C TYR J 361 13.57 -85.61 -49.38
N ASP J 362 13.34 -86.86 -49.02
CA ASP J 362 12.02 -87.47 -49.12
C ASP J 362 11.00 -86.69 -48.29
N GLU J 363 11.41 -86.26 -47.10
CA GLU J 363 10.50 -85.51 -46.22
C GLU J 363 10.20 -84.08 -46.75
N SER J 364 11.14 -83.15 -46.56
CA SER J 364 10.98 -81.75 -47.02
C SER J 364 10.84 -81.58 -48.54
N GLY J 365 11.61 -82.34 -49.30
CA GLY J 365 11.59 -82.22 -50.77
C GLY J 365 12.75 -81.36 -51.31
N PRO J 366 12.56 -80.74 -52.50
CA PRO J 366 13.58 -79.88 -53.16
C PRO J 366 13.99 -78.65 -52.32
N SER J 367 13.06 -78.18 -51.51
CA SER J 367 13.22 -76.99 -50.64
C SER J 367 14.37 -77.12 -49.62
N ILE J 368 14.72 -78.33 -49.25
CA ILE J 368 15.73 -78.59 -48.21
C ILE J 368 17.13 -78.01 -48.49
N VAL J 369 17.62 -78.05 -49.73
CA VAL J 369 18.97 -77.55 -50.03
C VAL J 369 19.12 -76.05 -49.68
N HIS J 370 18.12 -75.22 -49.98
CA HIS J 370 18.18 -73.80 -49.64
C HIS J 370 18.23 -73.54 -48.11
N ARG J 371 17.46 -74.32 -47.38
CA ARG J 371 17.29 -74.15 -45.92
C ARG J 371 18.49 -74.47 -45.00
N LYS J 372 19.27 -75.52 -45.25
CA LYS J 372 20.36 -75.85 -44.30
C LYS J 372 21.72 -75.19 -44.56
N CYS J 373 21.90 -74.44 -45.63
CA CYS J 373 23.20 -73.83 -45.83
C CYS J 373 23.25 -72.45 -45.19
N PHE J 374 24.02 -72.36 -44.11
CA PHE J 374 24.19 -71.13 -43.33
C PHE J 374 22.88 -70.68 -42.64
N ASP K 1 52.70 -49.32 -121.43
CA ASP K 1 54.04 -49.14 -122.06
C ASP K 1 54.71 -47.80 -121.70
N ASP K 2 55.72 -47.87 -120.80
CA ASP K 2 56.60 -46.72 -120.39
C ASP K 2 56.43 -46.12 -118.98
N ASP K 3 55.26 -45.60 -118.60
CA ASP K 3 55.15 -44.90 -117.29
C ASP K 3 55.48 -45.75 -116.06
N ILE K 4 54.99 -46.97 -116.06
CA ILE K 4 55.13 -48.03 -115.02
C ILE K 4 53.88 -48.90 -115.05
N ALA K 5 53.88 -49.81 -116.02
CA ALA K 5 52.74 -50.68 -116.31
C ALA K 5 52.31 -51.56 -115.14
N ALA K 6 53.21 -51.79 -114.18
CA ALA K 6 52.89 -52.59 -113.00
C ALA K 6 52.82 -54.08 -113.28
N LEU K 7 53.85 -54.77 -112.84
CA LEU K 7 53.94 -56.20 -113.01
C LEU K 7 53.34 -56.84 -111.77
N VAL K 8 52.33 -57.65 -111.93
CA VAL K 8 51.71 -58.25 -110.78
C VAL K 8 52.00 -59.74 -110.71
N VAL K 9 52.58 -60.16 -109.60
CA VAL K 9 52.88 -61.57 -109.41
C VAL K 9 51.95 -62.13 -108.33
N ASP K 10 51.17 -63.12 -108.72
CA ASP K 10 50.21 -63.74 -107.83
C ASP K 10 50.77 -65.08 -107.35
N ASN K 11 50.94 -65.21 -106.04
CA ASN K 11 51.50 -66.42 -105.46
C ASN K 11 50.50 -67.21 -104.61
N GLY K 12 50.62 -68.52 -104.72
CA GLY K 12 49.78 -69.46 -104.00
C GLY K 12 50.44 -70.83 -103.94
N SER K 13 49.71 -71.85 -103.46
CA SER K 13 50.28 -73.20 -103.36
C SER K 13 50.71 -73.72 -104.75
N GLY K 14 49.89 -73.43 -105.75
CA GLY K 14 50.17 -73.85 -107.10
C GLY K 14 49.39 -73.03 -108.11
N MET K 15 49.72 -73.19 -109.41
CA MET K 15 49.02 -72.47 -110.49
C MET K 15 49.14 -70.93 -110.34
N CYS K 16 50.37 -70.45 -110.13
CA CYS K 16 50.65 -69.01 -109.97
C CYS K 16 50.46 -68.26 -111.29
N LYS K 17 50.25 -66.95 -111.21
CA LYS K 17 49.99 -66.15 -112.43
C LYS K 17 50.49 -64.68 -112.34
N ALA K 18 50.65 -64.05 -113.51
CA ALA K 18 51.18 -62.67 -113.60
C ALA K 18 50.73 -61.91 -114.88
N GLY K 19 50.85 -60.57 -114.86
CA GLY K 19 50.45 -59.76 -116.03
C GLY K 19 50.85 -58.28 -115.96
N PHE K 20 50.05 -57.43 -116.62
CA PHE K 20 50.29 -55.96 -116.71
C PHE K 20 49.01 -55.18 -116.33
N ALA K 21 49.16 -53.92 -115.90
CA ALA K 21 48.00 -53.09 -115.52
C ALA K 21 47.15 -52.66 -116.72
N GLY K 22 45.86 -52.45 -116.44
CA GLY K 22 44.90 -52.09 -117.48
C GLY K 22 44.27 -53.32 -118.10
N ASP K 23 44.82 -54.48 -117.77
CA ASP K 23 44.32 -55.77 -118.25
C ASP K 23 43.08 -56.22 -117.50
N ASP K 24 42.30 -57.08 -118.14
CA ASP K 24 41.07 -57.60 -117.56
C ASP K 24 41.29 -58.99 -116.95
N ALA K 25 42.50 -59.50 -117.09
CA ALA K 25 42.90 -60.82 -116.59
C ALA K 25 44.42 -60.99 -116.72
N PRO K 26 45.07 -61.91 -115.99
CA PRO K 26 46.52 -62.08 -116.13
C PRO K 26 46.94 -62.69 -117.47
N ARG K 27 48.07 -62.24 -117.96
CA ARG K 27 48.62 -62.71 -119.23
C ARG K 27 49.11 -64.17 -119.24
N ALA K 28 49.78 -64.60 -118.15
CA ALA K 28 50.32 -65.96 -118.09
C ALA K 28 50.13 -66.65 -116.73
N VAL K 29 49.88 -67.95 -116.79
CA VAL K 29 49.69 -68.80 -115.61
C VAL K 29 50.64 -70.02 -115.65
N PHE K 30 51.38 -70.29 -114.58
CA PHE K 30 52.30 -71.44 -114.58
C PHE K 30 52.26 -72.25 -113.26
N PRO K 31 52.70 -73.53 -113.30
CA PRO K 31 52.77 -74.41 -112.11
C PRO K 31 53.84 -73.98 -111.10
N SER K 32 53.62 -74.23 -109.82
CA SER K 32 54.64 -73.90 -108.83
C SER K 32 55.35 -75.16 -108.33
N ILE K 33 56.39 -75.56 -109.05
CA ILE K 33 57.21 -76.72 -108.68
C ILE K 33 58.70 -76.46 -108.94
N VAL K 34 59.57 -76.99 -108.08
CA VAL K 34 61.03 -76.86 -108.24
C VAL K 34 61.69 -78.23 -108.13
N GLY K 35 62.55 -78.60 -109.09
CA GLY K 35 63.15 -79.94 -109.03
C GLY K 35 64.68 -80.01 -109.06
N ARG K 36 65.19 -80.92 -108.22
CA ARG K 36 66.62 -81.22 -108.06
C ARG K 36 66.78 -82.77 -107.94
N PRO K 37 67.98 -83.38 -108.09
CA PRO K 37 68.09 -84.88 -108.13
C PRO K 37 67.41 -85.70 -107.00
N ARG K 38 66.65 -86.71 -107.47
CA ARG K 38 65.93 -87.69 -106.63
C ARG K 38 66.30 -89.13 -107.04
N HIS K 39 66.48 -90.02 -106.07
CA HIS K 39 66.78 -91.43 -106.36
C HIS K 39 68.09 -91.52 -107.17
N GLN K 40 69.04 -90.68 -106.77
CA GLN K 40 70.37 -90.53 -107.40
C GLN K 40 70.30 -90.02 -108.86
N GLY K 41 69.16 -89.47 -109.26
CA GLY K 41 69.01 -88.94 -110.62
C GLY K 41 68.49 -89.92 -111.71
N VAL K 42 68.39 -91.23 -111.41
CA VAL K 42 67.83 -92.26 -112.37
C VAL K 42 68.86 -92.96 -113.34
N MET K 43 70.18 -92.75 -113.12
CA MET K 43 71.25 -93.47 -113.91
C MET K 43 71.93 -92.82 -115.14
N VAL K 44 73.27 -93.00 -115.10
CA VAL K 44 74.26 -92.59 -116.13
C VAL K 44 74.55 -91.09 -116.35
N GLY K 45 75.54 -90.59 -115.60
CA GLY K 45 76.01 -89.21 -115.74
C GLY K 45 75.32 -88.17 -114.88
N MET K 46 75.35 -88.34 -113.56
CA MET K 46 74.68 -87.39 -112.70
C MET K 46 75.56 -86.34 -112.03
N GLY K 47 75.00 -85.14 -112.01
CA GLY K 47 75.61 -83.96 -111.44
C GLY K 47 74.85 -82.73 -111.94
N GLN K 48 74.94 -82.55 -113.27
CA GLN K 48 74.30 -81.48 -114.11
C GLN K 48 73.64 -80.27 -113.39
N LYS K 49 72.92 -79.50 -114.21
CA LYS K 49 72.17 -78.35 -113.71
C LYS K 49 70.72 -78.72 -113.56
N ASP K 50 70.23 -78.66 -112.33
CA ASP K 50 68.85 -78.97 -112.07
C ASP K 50 68.26 -78.09 -110.97
N SER K 51 67.25 -77.39 -111.41
CA SER K 51 66.43 -76.48 -110.65
C SER K 51 65.45 -75.95 -111.65
N TYR K 52 64.43 -76.75 -111.93
CA TYR K 52 63.48 -76.39 -112.94
C TYR K 52 62.20 -75.81 -112.36
N VAL K 53 61.84 -74.66 -112.86
CA VAL K 53 60.63 -73.97 -112.45
C VAL K 53 59.70 -73.80 -113.65
N GLY K 54 58.45 -74.17 -113.50
CA GLY K 54 57.50 -74.07 -114.60
C GLY K 54 56.88 -75.41 -114.91
N ASP K 55 56.25 -75.55 -116.07
CA ASP K 55 55.64 -76.84 -116.40
C ASP K 55 56.61 -77.77 -117.15
N GLU K 56 57.81 -77.28 -117.45
CA GLU K 56 58.83 -78.13 -118.08
C GLU K 56 59.31 -79.17 -117.07
N ALA K 57 59.27 -78.76 -115.80
CA ALA K 57 59.65 -79.57 -114.65
C ALA K 57 58.65 -80.70 -114.39
N GLN K 58 57.40 -80.48 -114.79
CA GLN K 58 56.33 -81.46 -114.53
C GLN K 58 56.64 -82.80 -115.20
N SER K 59 57.10 -82.75 -116.44
CA SER K 59 57.53 -83.95 -117.17
C SER K 59 58.70 -84.64 -116.43
N LYS K 60 59.58 -83.79 -115.93
CA LYS K 60 60.82 -84.16 -115.23
C LYS K 60 60.61 -84.53 -113.76
N ARG K 61 59.35 -84.64 -113.32
CA ARG K 61 59.02 -84.95 -111.92
C ARG K 61 59.60 -86.30 -111.47
N GLY K 62 59.54 -87.29 -112.33
CA GLY K 62 60.08 -88.60 -111.99
C GLY K 62 61.58 -88.58 -111.65
N ILE K 63 62.37 -87.80 -112.41
CA ILE K 63 63.82 -87.74 -112.18
C ILE K 63 64.29 -86.56 -111.29
N LEU K 64 63.40 -85.61 -110.97
CA LEU K 64 63.75 -84.49 -110.06
C LEU K 64 62.83 -84.44 -108.84
N THR K 65 63.40 -84.14 -107.67
CA THR K 65 62.65 -84.00 -106.44
C THR K 65 61.93 -82.65 -106.45
N LEU K 66 60.64 -82.62 -106.18
CA LEU K 66 59.93 -81.36 -106.17
C LEU K 66 59.69 -80.87 -104.76
N LYS K 67 60.01 -79.61 -104.56
CA LYS K 67 59.83 -78.94 -103.29
C LYS K 67 58.88 -77.78 -103.49
N TYR K 68 57.98 -77.56 -102.55
CA TYR K 68 57.01 -76.49 -102.69
C TYR K 68 57.48 -75.21 -102.01
N PRO K 69 57.80 -74.18 -102.83
CA PRO K 69 58.25 -72.87 -102.33
C PRO K 69 57.20 -72.25 -101.44
N ILE K 70 55.96 -72.58 -101.76
CA ILE K 70 54.80 -72.09 -101.06
C ILE K 70 54.03 -73.26 -100.46
N GLU K 71 53.85 -73.30 -99.17
CA GLU K 71 53.03 -74.36 -98.63
C GLU K 71 51.76 -73.74 -98.09
N HIS K 72 50.68 -74.03 -98.80
CA HIS K 72 49.34 -73.56 -98.45
C HIS K 72 49.23 -72.04 -98.16
N GLY K 73 49.80 -71.22 -99.07
CA GLY K 73 49.72 -69.75 -98.95
C GLY K 73 50.92 -69.04 -98.28
N ILE K 74 51.91 -69.77 -97.81
CA ILE K 74 53.11 -69.18 -97.16
C ILE K 74 54.41 -69.72 -97.75
N VAL K 75 55.52 -68.99 -97.56
CA VAL K 75 56.80 -69.41 -98.13
C VAL K 75 57.74 -69.87 -97.01
N THR K 76 58.15 -71.12 -97.08
CA THR K 76 59.08 -71.66 -96.10
C THR K 76 60.51 -71.67 -96.62
N ASN K 77 60.66 -72.01 -97.90
CA ASN K 77 61.99 -72.02 -98.52
C ASN K 77 62.13 -70.91 -99.55
N TRP K 78 62.95 -69.93 -99.22
CA TRP K 78 63.21 -68.77 -100.07
C TRP K 78 64.02 -69.09 -101.34
N ASP K 79 64.92 -70.07 -101.25
CA ASP K 79 65.77 -70.42 -102.42
C ASP K 79 64.93 -70.85 -103.62
N ASP K 80 63.88 -71.62 -103.37
CA ASP K 80 62.98 -72.05 -104.44
C ASP K 80 62.17 -70.87 -104.99
N MET K 81 61.73 -70.00 -104.07
CA MET K 81 60.92 -68.82 -104.40
C MET K 81 61.65 -67.85 -105.35
N GLU K 82 62.94 -67.63 -105.11
CA GLU K 82 63.74 -66.72 -105.96
C GLU K 82 63.79 -67.18 -107.41
N LYS K 83 63.91 -68.50 -107.60
CA LYS K 83 63.96 -69.08 -108.94
C LYS K 83 62.66 -68.76 -109.70
N ILE K 84 61.54 -68.83 -109.00
CA ILE K 84 60.23 -68.53 -109.59
C ILE K 84 60.15 -67.08 -110.08
N TRP K 85 60.66 -66.14 -109.27
CA TRP K 85 60.60 -64.72 -109.68
C TRP K 85 61.53 -64.46 -110.86
N HIS K 86 62.71 -65.07 -110.84
CA HIS K 86 63.66 -64.96 -111.94
C HIS K 86 63.05 -65.49 -113.24
N HIS K 87 62.45 -66.65 -113.12
CA HIS K 87 61.86 -67.32 -114.27
C HIS K 87 60.62 -66.57 -114.78
N THR K 88 59.80 -66.05 -113.87
CA THR K 88 58.59 -65.31 -114.26
C THR K 88 58.90 -64.06 -115.09
N PHE K 89 59.82 -63.23 -114.63
CA PHE K 89 60.16 -62.02 -115.38
C PHE K 89 60.90 -62.29 -116.68
N TYR K 90 62.03 -62.96 -116.56
CA TYR K 90 62.90 -63.27 -117.69
C TYR K 90 62.34 -64.30 -118.68
N ASN K 91 61.68 -65.35 -118.20
CA ASN K 91 61.18 -66.40 -119.11
C ASN K 91 59.67 -66.41 -119.37
N GLU K 92 58.84 -66.18 -118.34
CA GLU K 92 57.39 -66.25 -118.56
C GLU K 92 56.73 -64.95 -119.08
N LEU K 93 56.92 -63.85 -118.36
CA LEU K 93 56.44 -62.51 -118.78
C LEU K 93 57.22 -61.93 -119.97
N ARG K 94 58.54 -62.19 -119.96
CA ARG K 94 59.47 -61.70 -120.99
C ARG K 94 59.51 -60.15 -121.04
N VAL K 95 59.46 -59.57 -119.84
CA VAL K 95 59.52 -58.11 -119.66
C VAL K 95 60.57 -57.77 -118.59
N ALA K 96 61.35 -56.71 -118.83
CA ALA K 96 62.37 -56.32 -117.85
C ALA K 96 61.74 -55.74 -116.57
N PRO K 97 62.10 -56.29 -115.38
CA PRO K 97 61.59 -55.82 -114.09
C PRO K 97 61.92 -54.36 -113.78
N GLU K 98 63.04 -53.93 -114.32
CA GLU K 98 63.52 -52.57 -114.12
C GLU K 98 62.57 -51.46 -114.61
N GLU K 99 62.00 -51.59 -115.81
CA GLU K 99 61.01 -50.60 -116.28
C GLU K 99 59.66 -50.63 -115.54
N HIS K 100 59.19 -51.84 -115.23
CA HIS K 100 57.88 -52.05 -114.59
C HIS K 100 57.94 -52.48 -113.11
N PRO K 101 57.23 -51.75 -112.22
CA PRO K 101 57.19 -52.07 -110.77
C PRO K 101 56.39 -53.36 -110.52
N VAL K 102 56.72 -54.11 -109.46
CA VAL K 102 56.02 -55.38 -109.24
C VAL K 102 55.16 -55.40 -107.96
N LEU K 103 53.96 -55.95 -108.10
CA LEU K 103 53.03 -56.09 -106.98
C LEU K 103 52.95 -57.57 -106.57
N LEU K 104 53.13 -57.84 -105.30
CA LEU K 104 53.09 -59.22 -104.80
C LEU K 104 51.84 -59.48 -103.95
N THR K 105 51.16 -60.58 -104.21
CA THR K 105 49.98 -60.95 -103.43
C THR K 105 50.38 -61.71 -102.16
N GLU K 106 49.47 -61.74 -101.19
CA GLU K 106 49.75 -62.44 -99.93
C GLU K 106 48.51 -63.18 -99.43
N ALA K 107 48.73 -64.23 -98.66
CA ALA K 107 47.65 -64.97 -98.02
C ALA K 107 47.16 -64.18 -96.80
N PRO K 108 45.87 -64.28 -96.43
CA PRO K 108 45.36 -63.57 -95.25
C PRO K 108 46.06 -64.01 -93.96
N LEU K 109 46.33 -63.03 -93.08
CA LEU K 109 47.04 -63.28 -91.81
C LEU K 109 48.43 -63.88 -92.05
N ASN K 110 49.14 -63.25 -92.98
CA ASN K 110 50.51 -63.61 -93.36
C ASN K 110 51.48 -63.25 -92.21
N PRO K 111 52.36 -64.19 -91.78
CA PRO K 111 53.26 -63.91 -90.65
C PRO K 111 54.18 -62.71 -90.89
N LYS K 112 54.44 -62.01 -89.79
CA LYS K 112 55.24 -60.78 -89.78
C LYS K 112 56.69 -60.94 -90.23
N ALA K 113 57.34 -62.04 -89.83
CA ALA K 113 58.75 -62.26 -90.23
C ALA K 113 58.92 -62.33 -91.75
N ASN K 114 57.99 -63.00 -92.41
CA ASN K 114 58.02 -63.15 -93.87
C ASN K 114 57.80 -61.81 -94.59
N ARG K 115 56.89 -61.00 -94.06
CA ARG K 115 56.53 -59.72 -94.67
C ARG K 115 57.71 -58.75 -94.80
N GLU K 116 58.54 -58.65 -93.78
CA GLU K 116 59.71 -57.77 -93.87
C GLU K 116 60.77 -58.29 -94.85
N LYS K 117 60.98 -59.60 -94.84
CA LYS K 117 62.00 -60.23 -95.69
C LYS K 117 61.67 -60.23 -97.19
N MET K 118 60.42 -60.48 -97.58
CA MET K 118 60.08 -60.48 -99.01
C MET K 118 60.36 -59.12 -99.64
N THR K 119 60.04 -58.07 -98.88
CA THR K 119 60.31 -56.69 -99.31
C THR K 119 61.82 -56.50 -99.49
N GLN K 120 62.58 -57.08 -98.57
CA GLN K 120 64.05 -57.02 -98.56
C GLN K 120 64.66 -57.64 -99.82
N ILE K 121 64.11 -58.76 -100.29
CA ILE K 121 64.65 -59.42 -101.47
C ILE K 121 64.40 -58.63 -102.76
N MET K 122 63.23 -58.02 -102.89
CA MET K 122 62.92 -57.24 -104.08
C MET K 122 63.84 -56.05 -104.28
N PHE K 123 64.12 -55.35 -103.21
CA PHE K 123 64.96 -54.16 -103.27
C PHE K 123 66.45 -54.44 -103.56
N GLU K 124 67.00 -55.50 -102.96
CA GLU K 124 68.42 -55.79 -103.21
C GLU K 124 68.70 -56.88 -104.27
N THR K 125 67.94 -57.98 -104.25
CA THR K 125 68.17 -59.06 -105.23
C THR K 125 67.78 -58.69 -106.68
N PHE K 126 66.62 -58.05 -106.86
CA PHE K 126 66.18 -57.67 -108.21
C PHE K 126 66.20 -56.16 -108.49
N ASN K 127 66.58 -55.36 -107.50
CA ASN K 127 66.64 -53.89 -107.66
C ASN K 127 65.33 -53.29 -108.25
N THR K 128 64.17 -53.79 -107.82
CA THR K 128 62.89 -53.26 -108.34
C THR K 128 62.58 -51.86 -107.79
N PRO K 129 62.24 -50.89 -108.67
CA PRO K 129 61.93 -49.50 -108.26
C PRO K 129 60.73 -49.37 -107.29
N ALA K 130 59.68 -50.16 -107.52
CA ALA K 130 58.50 -50.10 -106.65
C ALA K 130 57.81 -51.45 -106.49
N MET K 131 57.18 -51.65 -105.33
CA MET K 131 56.45 -52.88 -105.05
C MET K 131 55.33 -52.65 -104.01
N TYR K 132 54.37 -53.54 -103.98
CA TYR K 132 53.25 -53.42 -103.03
C TYR K 132 52.73 -54.81 -102.65
N VAL K 133 52.20 -54.95 -101.43
CA VAL K 133 51.68 -56.23 -100.97
C VAL K 133 50.16 -56.13 -100.76
N ALA K 134 49.43 -57.06 -101.35
CA ALA K 134 47.95 -57.07 -101.31
C ALA K 134 47.37 -58.41 -100.90
N ILE K 135 46.12 -58.40 -100.44
CA ILE K 135 45.45 -59.63 -100.00
C ILE K 135 44.36 -60.02 -101.00
N GLN K 136 44.41 -61.27 -101.40
CA GLN K 136 43.50 -61.80 -102.43
C GLN K 136 42.03 -61.71 -102.04
N ALA K 137 41.71 -61.97 -100.79
CA ALA K 137 40.33 -61.91 -100.32
C ALA K 137 39.80 -60.47 -100.29
N VAL K 138 40.67 -59.54 -99.86
CA VAL K 138 40.29 -58.12 -99.77
C VAL K 138 39.92 -57.56 -101.14
N LEU K 139 40.77 -57.83 -102.12
CA LEU K 139 40.53 -57.36 -103.49
C LEU K 139 39.23 -57.91 -104.08
N SER K 140 38.95 -59.20 -103.86
CA SER K 140 37.72 -59.80 -104.40
C SER K 140 36.44 -59.14 -103.88
N LEU K 141 36.40 -58.81 -102.59
CA LEU K 141 35.24 -58.11 -102.01
C LEU K 141 35.18 -56.69 -102.56
N TYR K 142 36.38 -56.13 -102.66
CA TYR K 142 36.62 -54.78 -103.16
C TYR K 142 36.14 -54.64 -104.61
N ALA K 143 36.40 -55.67 -105.40
CA ALA K 143 36.06 -55.71 -106.84
C ALA K 143 34.56 -55.55 -107.08
N SER K 144 33.75 -56.19 -106.24
CA SER K 144 32.29 -56.11 -106.36
C SER K 144 31.77 -54.70 -105.99
N GLY K 145 32.65 -53.86 -105.44
CA GLY K 145 32.28 -52.51 -105.03
C GLY K 145 31.70 -52.46 -103.63
N ARG K 146 31.89 -53.53 -102.90
CA ARG K 146 31.38 -53.63 -101.55
C ARG K 146 32.50 -53.85 -100.52
N THR K 147 32.52 -53.03 -99.48
CA THR K 147 33.56 -53.11 -98.44
C THR K 147 33.13 -53.93 -97.21
N THR K 148 31.82 -54.11 -97.04
CA THR K 148 31.29 -54.88 -95.90
C THR K 148 30.84 -56.25 -96.38
N GLY K 149 31.36 -57.32 -95.79
CA GLY K 149 30.93 -58.64 -96.21
C GLY K 149 31.86 -59.77 -95.86
N ILE K 150 31.56 -60.93 -96.41
CA ILE K 150 32.37 -62.13 -96.21
C ILE K 150 32.71 -62.77 -97.55
N VAL K 151 33.96 -63.06 -97.75
CA VAL K 151 34.38 -63.64 -99.02
C VAL K 151 34.94 -65.04 -98.85
N MET K 152 34.41 -65.95 -99.64
CA MET K 152 34.92 -67.30 -99.66
C MET K 152 35.81 -67.32 -100.90
N ASP K 153 37.09 -67.48 -100.69
CA ASP K 153 38.03 -67.43 -101.80
C ASP K 153 38.54 -68.78 -102.23
N SER K 154 38.28 -69.11 -103.47
CA SER K 154 38.79 -70.35 -104.02
C SER K 154 40.11 -70.02 -104.67
N GLY K 155 41.19 -70.32 -103.98
CA GLY K 155 42.48 -70.01 -104.53
C GLY K 155 42.93 -71.05 -105.52
N ASP K 156 43.96 -70.75 -106.28
CA ASP K 156 44.47 -71.68 -107.26
C ASP K 156 45.14 -72.86 -106.54
N GLY K 157 45.53 -72.63 -105.28
CA GLY K 157 46.16 -73.67 -104.49
C GLY K 157 45.60 -73.83 -103.08
N VAL K 158 45.10 -72.75 -102.48
CA VAL K 158 44.56 -72.81 -101.10
C VAL K 158 43.27 -71.97 -100.93
N THR K 159 42.30 -72.49 -100.18
CA THR K 159 41.03 -71.79 -99.94
C THR K 159 40.96 -71.15 -98.54
N HIS K 160 40.79 -69.84 -98.51
CA HIS K 160 40.70 -69.10 -97.24
C HIS K 160 39.38 -68.33 -97.09
N THR K 161 38.85 -68.35 -95.88
CA THR K 161 37.63 -67.62 -95.55
C THR K 161 38.06 -66.33 -94.84
N VAL K 162 37.70 -65.18 -95.40
CA VAL K 162 38.16 -63.90 -94.82
C VAL K 162 37.08 -62.80 -94.78
N PRO K 163 36.20 -62.78 -93.76
CA PRO K 163 35.20 -61.71 -93.66
C PRO K 163 35.91 -60.35 -93.54
N ILE K 164 35.46 -59.39 -94.32
CA ILE K 164 36.09 -58.07 -94.33
C ILE K 164 35.17 -56.92 -93.95
N TYR K 165 35.49 -56.20 -92.89
CA TYR K 165 34.68 -55.03 -92.54
C TYR K 165 35.58 -53.78 -92.58
N GLU K 166 35.27 -52.85 -93.49
CA GLU K 166 36.05 -51.60 -93.68
C GLU K 166 37.53 -51.79 -94.01
N GLY K 167 37.84 -52.78 -94.83
CA GLY K 167 39.23 -53.00 -95.25
C GLY K 167 40.02 -53.85 -94.26
N TYR K 168 39.42 -54.08 -93.10
CA TYR K 168 40.05 -54.85 -92.05
C TYR K 168 39.49 -56.27 -92.00
N ALA K 169 40.37 -57.25 -92.04
CA ALA K 169 39.96 -58.65 -91.99
C ALA K 169 39.73 -59.05 -90.53
N LEU K 170 38.82 -59.99 -90.29
CA LEU K 170 38.54 -60.40 -88.91
C LEU K 170 39.39 -61.61 -88.53
N PRO K 171 40.37 -61.42 -87.62
CA PRO K 171 41.29 -62.48 -87.16
C PRO K 171 40.58 -63.65 -86.50
N HIS K 172 39.45 -63.36 -85.88
CA HIS K 172 38.66 -64.37 -85.16
C HIS K 172 37.62 -65.05 -86.06
N ALA K 173 37.57 -64.65 -87.33
CA ALA K 173 36.62 -65.23 -88.28
C ALA K 173 37.30 -65.90 -89.47
N ILE K 174 38.63 -66.07 -89.41
CA ILE K 174 39.37 -66.68 -90.52
C ILE K 174 39.92 -68.07 -90.19
N LEU K 175 39.65 -69.02 -91.11
CA LEU K 175 40.13 -70.39 -90.97
C LEU K 175 40.81 -70.86 -92.26
N ARG K 176 41.78 -71.76 -92.11
CA ARG K 176 42.53 -72.29 -93.24
C ARG K 176 42.04 -73.68 -93.67
N LEU K 177 41.62 -73.82 -94.92
CA LEU K 177 41.20 -75.12 -95.45
C LEU K 177 42.12 -75.43 -96.63
N ASP K 178 42.63 -76.65 -96.70
CA ASP K 178 43.64 -76.98 -97.71
C ASP K 178 43.12 -77.50 -99.06
N LEU K 179 41.82 -77.62 -99.25
CA LEU K 179 41.32 -78.08 -100.54
C LEU K 179 40.85 -76.86 -101.37
N ALA K 180 41.45 -76.64 -102.54
CA ALA K 180 41.11 -75.47 -103.37
C ALA K 180 41.00 -75.75 -104.87
N GLY K 181 42.14 -75.90 -105.55
CA GLY K 181 42.10 -76.16 -106.98
C GLY K 181 42.98 -77.33 -107.44
N ARG K 182 44.29 -77.25 -107.18
CA ARG K 182 45.20 -78.33 -107.59
C ARG K 182 44.82 -79.67 -106.95
N ASP K 183 44.44 -79.61 -105.68
CA ASP K 183 44.04 -80.81 -104.93
C ASP K 183 42.83 -81.50 -105.54
N LEU K 184 41.85 -80.71 -106.00
CA LEU K 184 40.67 -81.25 -106.68
C LEU K 184 41.06 -82.00 -107.94
N THR K 185 42.03 -81.46 -108.67
CA THR K 185 42.50 -82.09 -109.90
C THR K 185 43.05 -83.49 -109.59
N ASP K 186 43.81 -83.60 -108.49
CA ASP K 186 44.32 -84.91 -108.04
C ASP K 186 43.13 -85.84 -107.75
N TYR K 187 42.16 -85.29 -107.01
CA TYR K 187 40.92 -86.00 -106.63
C TYR K 187 40.08 -86.47 -107.82
N LEU K 188 39.91 -85.60 -108.82
CA LEU K 188 39.12 -85.94 -109.98
C LEU K 188 39.72 -87.16 -110.68
N MET K 189 41.05 -87.16 -110.83
CA MET K 189 41.75 -88.29 -111.43
C MET K 189 41.52 -89.57 -110.61
N LYS K 190 41.58 -89.42 -109.28
CA LYS K 190 41.43 -90.53 -108.35
C LYS K 190 40.07 -91.26 -108.47
N ILE K 191 38.99 -90.50 -108.65
CA ILE K 191 37.66 -91.12 -108.79
C ILE K 191 37.44 -91.66 -110.21
N LEU K 192 38.06 -90.99 -111.18
CA LEU K 192 38.01 -91.40 -112.59
C LEU K 192 38.59 -92.82 -112.74
N THR K 193 39.69 -93.03 -112.02
CA THR K 193 40.42 -94.30 -111.99
C THR K 193 39.53 -95.44 -111.46
N GLU K 194 38.72 -95.12 -110.44
CA GLU K 194 37.86 -96.12 -109.80
C GLU K 194 36.85 -96.74 -110.79
N ARG K 195 36.27 -95.93 -111.67
CA ARG K 195 35.31 -96.43 -112.65
C ARG K 195 35.92 -97.48 -113.60
N GLY K 196 37.17 -97.25 -114.03
CA GLY K 196 37.82 -98.20 -114.93
C GLY K 196 38.78 -97.57 -115.93
N TYR K 197 39.45 -96.48 -115.56
CA TYR K 197 40.38 -95.81 -116.47
C TYR K 197 41.79 -95.80 -115.86
N SER K 198 42.81 -96.02 -116.69
CA SER K 198 44.19 -96.17 -116.19
C SER K 198 45.00 -94.89 -115.99
N PHE K 199 45.25 -94.57 -114.72
CA PHE K 199 46.13 -93.46 -114.33
C PHE K 199 47.16 -94.01 -113.31
N THR K 200 48.42 -94.13 -113.70
CA THR K 200 49.44 -94.66 -112.78
C THR K 200 50.72 -93.80 -112.70
N THR K 201 50.79 -92.78 -113.52
CA THR K 201 51.98 -91.92 -113.62
C THR K 201 51.63 -90.43 -113.53
N THR K 202 52.48 -89.68 -112.86
CA THR K 202 52.28 -88.24 -112.63
C THR K 202 52.25 -87.41 -113.93
N ALA K 203 52.80 -87.95 -115.00
CA ALA K 203 52.83 -87.29 -116.32
C ALA K 203 51.43 -86.96 -116.86
N GLU K 204 50.48 -87.89 -116.69
CA GLU K 204 49.12 -87.70 -117.22
C GLU K 204 48.18 -86.98 -116.22
N ARG K 205 48.71 -86.64 -115.05
CA ARG K 205 47.94 -85.90 -114.03
C ARG K 205 47.48 -84.53 -114.54
N GLU K 206 48.37 -83.89 -115.30
CA GLU K 206 48.10 -82.58 -115.90
C GLU K 206 46.91 -82.63 -116.87
N ILE K 207 46.73 -83.77 -117.52
CA ILE K 207 45.67 -83.96 -118.51
C ILE K 207 44.28 -83.74 -117.91
N VAL K 208 44.06 -84.22 -116.69
CA VAL K 208 42.77 -84.05 -116.02
C VAL K 208 42.46 -82.55 -115.72
N ARG K 209 43.49 -81.68 -115.70
CA ARG K 209 43.25 -80.24 -115.44
C ARG K 209 42.32 -79.68 -116.52
N ASP K 210 42.58 -80.10 -117.76
CA ASP K 210 41.77 -79.68 -118.90
C ASP K 210 40.34 -80.16 -118.69
N ILE K 211 40.25 -81.37 -118.15
CA ILE K 211 38.97 -82.00 -117.82
C ILE K 211 38.21 -81.16 -116.80
N LYS K 212 38.94 -80.64 -115.82
CA LYS K 212 38.33 -79.88 -114.74
C LYS K 212 37.54 -78.64 -115.16
N GLU K 213 38.11 -77.76 -115.97
CA GLU K 213 37.30 -76.59 -116.36
C GLU K 213 36.14 -76.94 -117.31
N LYS K 214 36.39 -77.82 -118.28
CA LYS K 214 35.35 -78.28 -119.22
C LYS K 214 34.25 -79.20 -118.66
N LEU K 215 34.62 -80.14 -117.79
CA LEU K 215 33.65 -81.13 -117.28
C LEU K 215 33.21 -81.04 -115.82
N CYS K 216 33.69 -80.11 -115.03
CA CYS K 216 33.22 -80.10 -113.63
C CYS K 216 31.89 -79.38 -113.52
N TYR K 217 30.91 -80.08 -112.96
CA TYR K 217 29.55 -79.54 -112.83
C TYR K 217 29.03 -79.70 -111.39
N VAL K 218 28.10 -78.86 -110.99
CA VAL K 218 27.51 -79.00 -109.67
C VAL K 218 26.00 -79.23 -109.80
N ALA K 219 25.50 -80.26 -109.14
CA ALA K 219 24.07 -80.62 -109.22
C ALA K 219 23.21 -79.79 -108.27
N LEU K 220 21.95 -79.53 -108.69
CA LEU K 220 21.01 -78.78 -107.87
C LEU K 220 20.73 -79.50 -106.54
N ASP K 221 20.61 -80.82 -106.61
CA ASP K 221 20.41 -81.66 -105.43
C ASP K 221 21.19 -82.97 -105.64
N PHE K 222 22.19 -83.21 -104.79
CA PHE K 222 23.05 -84.40 -104.92
C PHE K 222 22.40 -85.79 -104.84
N GLU K 223 21.56 -86.07 -103.84
CA GLU K 223 21.01 -87.44 -103.74
C GLU K 223 20.03 -87.80 -104.85
N GLN K 224 19.17 -86.86 -105.23
CA GLN K 224 18.20 -87.09 -106.30
C GLN K 224 18.95 -87.38 -107.61
N GLU K 225 20.02 -86.61 -107.78
CA GLU K 225 20.91 -86.67 -108.94
C GLU K 225 21.55 -88.06 -109.09
N MET K 226 21.95 -88.65 -107.96
CA MET K 226 22.58 -89.98 -107.94
C MET K 226 21.67 -91.06 -108.54
N ALA K 227 20.36 -90.98 -108.22
CA ALA K 227 19.39 -91.95 -108.74
C ALA K 227 19.24 -91.86 -110.27
N THR K 228 19.26 -90.62 -110.77
CA THR K 228 19.16 -90.34 -112.21
C THR K 228 20.34 -90.94 -112.98
N ALA K 229 21.51 -90.83 -112.36
CA ALA K 229 22.80 -91.28 -112.89
C ALA K 229 22.89 -92.78 -113.21
N ALA K 230 22.25 -93.61 -112.40
CA ALA K 230 22.33 -95.08 -112.57
C ALA K 230 21.79 -95.55 -113.93
N SER K 231 20.71 -94.93 -114.39
CA SER K 231 20.11 -95.29 -115.70
C SER K 231 21.01 -94.83 -116.87
N SER K 232 21.87 -93.84 -116.62
CA SER K 232 22.79 -93.26 -117.62
C SER K 232 22.09 -92.27 -118.54
N SER K 233 21.55 -92.77 -119.65
CA SER K 233 20.83 -91.92 -120.63
C SER K 233 21.71 -90.76 -121.15
N SER K 234 21.30 -89.52 -120.88
CA SER K 234 22.03 -88.34 -121.34
C SER K 234 23.10 -87.84 -120.35
N LEU K 235 23.23 -88.52 -119.21
CA LEU K 235 24.23 -88.12 -118.20
C LEU K 235 25.66 -88.17 -118.71
N GLU K 236 25.99 -89.19 -119.49
CA GLU K 236 27.35 -89.34 -120.01
C GLU K 236 27.72 -88.13 -120.87
N LYS K 237 28.91 -87.55 -120.65
CA LYS K 237 29.31 -86.35 -121.40
C LYS K 237 30.69 -86.53 -122.04
N SER K 238 30.81 -86.18 -123.33
CA SER K 238 32.07 -86.33 -124.08
C SER K 238 33.21 -85.36 -123.68
N TYR K 239 34.44 -85.85 -123.85
CA TYR K 239 35.68 -85.10 -123.56
C TYR K 239 36.83 -85.50 -124.51
N GLU K 240 37.73 -84.55 -124.79
CA GLU K 240 38.84 -84.80 -125.72
C GLU K 240 40.21 -85.11 -125.07
N LEU K 241 40.73 -86.30 -125.37
CA LEU K 241 42.07 -86.72 -124.94
C LEU K 241 43.03 -86.47 -126.10
N PRO K 242 44.28 -86.01 -125.84
CA PRO K 242 45.25 -85.72 -126.92
C PRO K 242 45.42 -86.88 -127.94
N ASP K 243 45.44 -88.11 -127.43
CA ASP K 243 45.59 -89.31 -128.27
C ASP K 243 44.40 -89.58 -129.21
N GLY K 244 43.17 -89.33 -128.75
CA GLY K 244 42.01 -89.58 -129.60
C GLY K 244 40.83 -90.22 -128.88
N GLN K 245 41.09 -91.02 -127.85
CA GLN K 245 39.99 -91.63 -127.09
C GLN K 245 39.25 -90.58 -126.28
N VAL K 246 37.98 -90.83 -126.08
CA VAL K 246 37.16 -89.94 -125.30
C VAL K 246 36.75 -90.64 -124.02
N ILE K 247 37.03 -90.02 -122.88
CA ILE K 247 36.68 -90.62 -121.62
C ILE K 247 35.34 -90.05 -121.19
N THR K 248 34.38 -90.94 -121.10
CA THR K 248 33.03 -90.56 -120.78
C THR K 248 32.80 -90.47 -119.27
N ILE K 249 32.24 -89.35 -118.87
CA ILE K 249 31.93 -89.08 -117.46
C ILE K 249 30.43 -88.86 -117.27
N GLY K 250 29.81 -89.70 -116.43
CA GLY K 250 28.36 -89.60 -116.21
C GLY K 250 27.95 -89.07 -114.84
N ASN K 251 28.10 -89.88 -113.79
CA ASN K 251 27.70 -89.43 -112.45
C ASN K 251 28.84 -88.73 -111.72
N GLU K 252 29.98 -88.66 -112.39
CA GLU K 252 31.17 -88.01 -111.85
C GLU K 252 31.09 -86.50 -112.11
N ARG K 253 30.12 -86.11 -112.94
CA ARG K 253 29.92 -84.71 -113.33
C ARG K 253 29.63 -83.80 -112.13
N PHE K 254 28.83 -84.31 -111.21
CA PHE K 254 28.45 -83.57 -110.01
C PHE K 254 29.15 -84.03 -108.73
N ARG K 255 29.52 -85.30 -108.68
CA ARG K 255 30.19 -85.88 -107.51
C ARG K 255 31.55 -85.24 -107.12
N CYS K 256 32.39 -84.89 -108.11
CA CYS K 256 33.72 -84.26 -107.82
C CYS K 256 33.67 -82.99 -106.93
N PRO K 257 32.83 -81.97 -107.28
CA PRO K 257 32.67 -80.72 -106.49
C PRO K 257 32.15 -80.99 -105.08
N GLU K 258 31.41 -82.07 -104.98
CA GLU K 258 30.76 -82.54 -103.76
C GLU K 258 31.77 -82.82 -102.66
N ALA K 259 33.00 -83.16 -103.04
CA ALA K 259 34.03 -83.46 -102.04
C ALA K 259 34.25 -82.24 -101.14
N LEU K 260 34.24 -81.03 -101.71
CA LEU K 260 34.38 -79.81 -100.90
C LEU K 260 33.23 -79.73 -99.85
N PHE K 261 32.02 -79.95 -100.35
CA PHE K 261 30.76 -79.95 -99.56
C PHE K 261 30.62 -81.14 -98.58
N GLN K 262 31.05 -82.30 -99.05
CA GLN K 262 30.93 -83.58 -98.32
C GLN K 262 32.27 -84.34 -98.27
N PRO K 263 33.16 -83.93 -97.35
CA PRO K 263 34.53 -84.49 -97.17
C PRO K 263 34.54 -86.00 -96.87
N SER K 264 33.42 -86.51 -96.40
CA SER K 264 33.29 -87.93 -96.03
C SER K 264 33.67 -88.87 -97.18
N PHE K 265 33.40 -88.49 -98.44
CA PHE K 265 33.76 -89.34 -99.59
C PHE K 265 35.29 -89.57 -99.65
N LEU K 266 36.05 -88.53 -99.34
CA LEU K 266 37.53 -88.59 -99.25
C LEU K 266 38.01 -89.56 -98.18
N GLY K 267 37.30 -89.54 -97.07
CA GLY K 267 37.69 -90.31 -95.92
C GLY K 267 37.97 -89.39 -94.75
N MET K 268 37.51 -88.14 -94.89
CA MET K 268 37.68 -87.13 -93.86
C MET K 268 36.45 -87.01 -92.98
N GLU K 269 36.72 -86.85 -91.70
CA GLU K 269 35.70 -86.69 -90.69
C GLU K 269 35.37 -85.20 -90.50
N SER K 270 36.11 -84.37 -91.23
CA SER K 270 35.99 -82.91 -91.17
C SER K 270 34.67 -82.39 -91.79
N CYS K 271 34.21 -81.26 -91.24
CA CYS K 271 32.98 -80.60 -91.72
C CYS K 271 33.18 -79.99 -93.12
N GLY K 272 32.10 -79.93 -93.90
CA GLY K 272 32.17 -79.35 -95.23
C GLY K 272 32.60 -77.89 -95.23
N ILE K 273 33.26 -77.46 -96.30
CA ILE K 273 33.77 -76.09 -96.41
C ILE K 273 32.65 -75.02 -96.35
N HIS K 274 31.50 -75.27 -96.99
CA HIS K 274 30.41 -74.30 -96.95
C HIS K 274 29.97 -74.08 -95.49
N GLU K 275 29.93 -75.17 -94.74
CA GLU K 275 29.63 -75.17 -93.30
C GLU K 275 30.67 -74.34 -92.54
N THR K 276 31.93 -74.49 -92.96
CA THR K 276 33.06 -73.77 -92.34
C THR K 276 32.86 -72.26 -92.44
N THR K 277 32.36 -71.80 -93.59
CA THR K 277 32.06 -70.38 -93.79
C THR K 277 31.00 -69.92 -92.77
N PHE K 278 30.02 -70.81 -92.56
CA PHE K 278 28.93 -70.58 -91.59
C PHE K 278 29.44 -70.40 -90.16
N ASN K 279 30.44 -71.19 -89.76
CA ASN K 279 31.02 -71.08 -88.41
C ASN K 279 31.60 -69.68 -88.19
N SER K 280 32.26 -69.14 -89.21
CA SER K 280 32.84 -67.80 -89.12
C SER K 280 31.75 -66.75 -88.84
N ILE K 281 30.58 -66.93 -89.50
CA ILE K 281 29.44 -66.02 -89.33
C ILE K 281 28.85 -66.11 -87.91
N MET K 282 28.79 -67.33 -87.37
CA MET K 282 28.27 -67.57 -86.01
C MET K 282 29.10 -66.83 -84.95
N LYS K 283 30.42 -66.83 -85.17
CA LYS K 283 31.39 -66.17 -84.30
C LYS K 283 31.28 -64.64 -84.38
N CYS K 284 30.86 -64.18 -85.55
CA CYS K 284 30.71 -62.75 -85.87
C CYS K 284 29.56 -62.07 -85.14
N ASP K 285 29.64 -60.74 -85.07
CA ASP K 285 28.64 -59.93 -84.38
C ASP K 285 27.25 -60.16 -85.00
N VAL K 286 26.30 -60.40 -84.11
CA VAL K 286 24.91 -60.75 -84.47
C VAL K 286 24.17 -59.68 -85.30
N ASP K 287 24.36 -58.42 -84.95
CA ASP K 287 23.69 -57.30 -85.64
C ASP K 287 24.05 -57.24 -87.13
N ILE K 288 25.31 -57.50 -87.47
CA ILE K 288 25.76 -57.40 -88.86
C ILE K 288 25.59 -58.71 -89.65
N ARG K 289 25.07 -59.77 -89.00
CA ARG K 289 24.90 -61.05 -89.70
C ARG K 289 23.97 -60.96 -90.90
N LYS K 290 22.88 -60.20 -90.80
CA LYS K 290 21.95 -60.06 -91.94
C LYS K 290 22.64 -59.37 -93.12
N ASP K 291 23.43 -58.35 -92.82
CA ASP K 291 24.20 -57.64 -93.84
C ASP K 291 25.19 -58.57 -94.54
N LEU K 292 25.82 -59.44 -93.76
CA LEU K 292 26.82 -60.38 -94.27
C LEU K 292 26.23 -61.32 -95.32
N TYR K 293 25.01 -61.79 -95.09
CA TYR K 293 24.34 -62.69 -96.04
C TYR K 293 24.17 -62.01 -97.40
N ALA K 294 23.83 -60.73 -97.40
CA ALA K 294 23.66 -59.98 -98.65
C ALA K 294 25.00 -59.52 -99.26
N ASN K 295 26.07 -59.67 -98.49
CA ASN K 295 27.42 -59.24 -98.91
C ASN K 295 28.36 -60.39 -99.35
N THR K 296 27.85 -61.62 -99.50
CA THR K 296 28.71 -62.78 -99.86
C THR K 296 29.23 -62.76 -101.31
N VAL K 297 30.55 -62.95 -101.47
CA VAL K 297 31.21 -62.95 -102.80
C VAL K 297 31.93 -64.29 -103.13
N LEU K 298 31.66 -64.86 -104.33
CA LEU K 298 32.35 -66.10 -104.75
C LEU K 298 33.42 -65.77 -105.81
N SER K 299 34.70 -66.00 -105.50
CA SER K 299 35.78 -65.70 -106.46
C SER K 299 36.93 -66.73 -106.51
N GLY K 300 37.61 -66.80 -107.67
CA GLY K 300 38.82 -67.62 -107.80
C GLY K 300 38.74 -69.02 -108.42
N GLY K 301 39.97 -69.51 -108.61
CA GLY K 301 40.34 -70.82 -109.18
C GLY K 301 39.27 -71.76 -109.70
N THR K 302 38.61 -72.48 -108.81
CA THR K 302 37.62 -73.48 -109.22
C THR K 302 36.15 -73.15 -108.95
N THR K 303 35.83 -71.91 -108.60
CA THR K 303 34.43 -71.51 -108.37
C THR K 303 33.67 -71.42 -109.70
N MET K 304 34.40 -71.50 -110.79
CA MET K 304 33.85 -71.37 -112.12
C MET K 304 33.17 -72.66 -112.65
N TYR K 305 33.01 -73.67 -111.80
CA TYR K 305 32.29 -74.90 -112.19
C TYR K 305 30.82 -74.51 -112.34
N PRO K 306 30.12 -74.84 -113.44
CA PRO K 306 28.73 -74.41 -113.55
C PRO K 306 27.82 -75.15 -112.57
N GLY K 307 26.80 -74.43 -112.11
CA GLY K 307 25.86 -74.98 -111.16
C GLY K 307 26.28 -74.76 -109.71
N ILE K 308 27.52 -74.30 -109.50
CA ILE K 308 28.03 -74.07 -108.14
C ILE K 308 27.22 -73.00 -107.40
N ALA K 309 26.85 -71.94 -108.11
CA ALA K 309 26.07 -70.86 -107.52
C ALA K 309 24.72 -71.37 -107.03
N ASP K 310 24.11 -72.27 -107.81
CA ASP K 310 22.82 -72.84 -107.45
C ASP K 310 22.90 -73.70 -106.19
N ARG K 311 23.98 -74.48 -106.07
CA ARG K 311 24.19 -75.33 -104.89
C ARG K 311 24.40 -74.55 -103.60
N MET K 312 25.16 -73.45 -103.71
CA MET K 312 25.48 -72.62 -102.54
C MET K 312 24.24 -72.05 -101.88
N GLN K 313 23.30 -71.61 -102.70
CA GLN K 313 22.06 -71.04 -102.16
C GLN K 313 21.31 -72.06 -101.31
N LYS K 314 21.19 -73.30 -101.82
CA LYS K 314 20.51 -74.38 -101.10
C LYS K 314 21.11 -74.75 -99.74
N GLU K 315 22.42 -74.94 -99.69
CA GLU K 315 23.07 -75.30 -98.43
C GLU K 315 23.03 -74.19 -97.39
N ILE K 316 23.24 -72.95 -97.83
CA ILE K 316 23.20 -71.82 -96.91
C ILE K 316 21.81 -71.66 -96.32
N THR K 317 20.77 -71.85 -97.13
CA THR K 317 19.40 -71.75 -96.66
C THR K 317 19.10 -72.81 -95.59
N ALA K 318 19.62 -74.02 -95.78
CA ALA K 318 19.44 -75.09 -94.81
C ALA K 318 20.23 -74.83 -93.51
N LEU K 319 21.44 -74.31 -93.68
CA LEU K 319 22.32 -73.97 -92.54
C LEU K 319 21.81 -72.77 -91.72
N ALA K 320 21.29 -71.76 -92.41
CA ALA K 320 20.79 -70.54 -91.77
C ALA K 320 19.49 -70.76 -90.97
N PRO K 321 19.30 -69.99 -89.86
CA PRO K 321 18.10 -70.10 -89.00
C PRO K 321 16.74 -70.03 -89.72
N SER K 322 16.64 -69.11 -90.73
CA SER K 322 15.43 -68.88 -91.58
C SER K 322 14.90 -67.45 -91.42
N THR K 323 13.70 -67.19 -91.98
CA THR K 323 13.03 -65.89 -91.88
C THR K 323 13.83 -64.69 -92.48
N MET K 324 14.92 -64.96 -93.20
CA MET K 324 15.67 -63.85 -93.79
C MET K 324 16.25 -64.13 -95.18
N LYS K 325 16.54 -63.02 -95.84
CA LYS K 325 17.09 -62.97 -97.19
C LYS K 325 18.57 -63.36 -97.29
N ILE K 326 18.88 -64.21 -98.26
CA ILE K 326 20.26 -64.62 -98.52
C ILE K 326 20.60 -64.23 -99.97
N LYS K 327 21.60 -63.39 -100.14
CA LYS K 327 21.97 -62.94 -101.48
C LYS K 327 23.43 -63.22 -101.81
N ILE K 328 23.68 -63.73 -103.00
CA ILE K 328 25.03 -64.06 -103.43
C ILE K 328 25.49 -63.12 -104.54
N ILE K 329 26.67 -62.55 -104.36
CA ILE K 329 27.23 -61.61 -105.32
C ILE K 329 28.06 -62.38 -106.34
N ALA K 330 27.67 -62.27 -107.59
CA ALA K 330 28.33 -63.00 -108.66
C ALA K 330 28.95 -62.11 -109.76
N PRO K 331 30.25 -61.83 -109.66
CA PRO K 331 30.97 -61.06 -110.67
C PRO K 331 31.36 -61.97 -111.86
N PRO K 332 31.07 -61.52 -113.10
CA PRO K 332 31.37 -62.28 -114.35
C PRO K 332 32.82 -62.78 -114.41
N GLU K 333 33.73 -61.93 -113.97
CA GLU K 333 35.17 -62.20 -114.00
C GLU K 333 35.69 -62.81 -112.69
N ARG K 334 34.89 -63.65 -112.03
CA ARG K 334 35.25 -64.23 -110.71
C ARG K 334 36.55 -65.06 -110.73
N LYS K 335 36.82 -65.81 -111.80
CA LYS K 335 38.08 -66.58 -111.89
C LYS K 335 39.31 -65.69 -111.82
N TYR K 336 39.27 -64.57 -112.49
CA TYR K 336 40.39 -63.66 -112.52
C TYR K 336 40.22 -62.49 -111.56
N SER K 337 39.18 -62.53 -110.71
CA SER K 337 38.88 -61.41 -109.81
C SER K 337 40.04 -61.10 -108.85
N VAL K 338 40.69 -62.12 -108.33
CA VAL K 338 41.80 -61.90 -107.43
C VAL K 338 42.92 -61.10 -108.11
N TRP K 339 43.33 -61.55 -109.31
CA TRP K 339 44.38 -60.87 -110.06
C TRP K 339 43.90 -59.49 -110.57
N ILE K 340 42.65 -59.45 -111.02
CA ILE K 340 42.04 -58.24 -111.60
C ILE K 340 42.03 -57.07 -110.61
N GLY K 341 41.69 -57.34 -109.35
CA GLY K 341 41.67 -56.27 -108.37
C GLY K 341 43.04 -55.62 -108.22
N GLY K 342 44.09 -56.43 -108.24
CA GLY K 342 45.44 -55.91 -108.12
C GLY K 342 45.93 -55.12 -109.35
N SER K 343 45.61 -55.61 -110.54
CA SER K 343 46.05 -55.00 -111.82
C SER K 343 45.60 -53.54 -112.09
N ILE K 344 44.31 -53.25 -111.90
CA ILE K 344 43.78 -51.91 -112.20
C ILE K 344 44.30 -50.74 -111.35
N LEU K 345 44.37 -50.89 -110.04
CA LEU K 345 44.80 -49.76 -109.21
C LEU K 345 46.31 -49.69 -108.99
N ALA K 346 47.10 -49.98 -110.01
CA ALA K 346 48.55 -49.91 -109.87
C ALA K 346 49.22 -48.83 -110.73
N SER K 347 48.47 -48.15 -111.62
CA SER K 347 49.10 -47.13 -112.49
C SER K 347 48.33 -45.78 -112.68
N LEU K 348 47.29 -45.46 -111.90
CA LEU K 348 46.50 -44.23 -112.22
C LEU K 348 47.26 -42.89 -112.19
N SER K 349 48.01 -42.64 -111.10
CA SER K 349 48.77 -41.38 -110.89
C SER K 349 48.76 -41.04 -109.41
N THR K 350 47.62 -41.29 -108.78
CA THR K 350 47.47 -41.03 -107.35
C THR K 350 47.87 -42.28 -106.58
N PHE K 351 48.19 -43.31 -107.34
CA PHE K 351 48.72 -44.53 -106.77
C PHE K 351 50.25 -44.41 -106.73
N GLN K 352 50.74 -43.35 -107.41
CA GLN K 352 52.16 -42.98 -107.35
C GLN K 352 52.57 -42.48 -105.99
N GLN K 353 51.68 -41.70 -105.40
CA GLN K 353 51.86 -41.13 -104.08
C GLN K 353 52.02 -42.22 -102.99
N MET K 354 51.21 -43.27 -103.17
CA MET K 354 51.10 -44.40 -102.24
C MET K 354 52.17 -45.53 -102.37
N TRP K 355 52.91 -45.59 -103.49
CA TRP K 355 53.93 -46.66 -103.67
C TRP K 355 55.04 -46.69 -102.64
N ILE K 356 55.42 -47.91 -102.28
CA ILE K 356 56.55 -48.12 -101.40
C ILE K 356 57.74 -48.24 -102.34
N SER K 357 58.69 -47.35 -102.19
CA SER K 357 59.84 -47.31 -103.09
C SER K 357 61.12 -47.88 -102.51
N LYS K 358 62.02 -48.21 -103.42
CA LYS K 358 63.33 -48.75 -103.07
C LYS K 358 64.12 -47.73 -102.22
N GLN K 359 64.00 -46.46 -102.61
CA GLN K 359 64.68 -45.38 -101.92
C GLN K 359 64.25 -45.28 -100.45
N GLU K 360 62.96 -45.45 -100.19
CA GLU K 360 62.44 -45.42 -98.81
C GLU K 360 62.96 -46.57 -97.95
N TYR K 361 63.07 -47.76 -98.54
CA TYR K 361 63.57 -48.95 -97.83
C TYR K 361 64.99 -48.75 -97.31
N ASP K 362 65.82 -48.12 -98.11
CA ASP K 362 67.21 -47.88 -97.73
C ASP K 362 67.29 -47.03 -96.45
N GLU K 363 66.41 -46.03 -96.35
CA GLU K 363 66.40 -45.16 -95.17
C GLU K 363 65.88 -45.88 -93.90
N SER K 364 64.55 -46.03 -93.78
CA SER K 364 63.93 -46.72 -92.63
C SER K 364 64.32 -48.20 -92.44
N GLY K 365 64.41 -48.93 -93.54
CA GLY K 365 64.73 -50.36 -93.47
C GLY K 365 63.48 -51.26 -93.58
N PRO K 366 63.54 -52.48 -93.02
CA PRO K 366 62.42 -53.48 -93.02
C PRO K 366 61.14 -52.97 -92.32
N SER K 367 61.34 -52.10 -91.35
CA SER K 367 60.27 -51.51 -90.51
C SER K 367 59.22 -50.70 -91.32
N ILE K 368 59.61 -50.19 -92.47
CA ILE K 368 58.75 -49.32 -93.29
C ILE K 368 57.42 -49.95 -93.75
N VAL K 369 57.41 -51.23 -94.12
CA VAL K 369 56.17 -51.85 -94.62
C VAL K 369 55.04 -51.83 -93.56
N HIS K 370 55.36 -52.08 -92.29
CA HIS K 370 54.34 -52.03 -91.22
C HIS K 370 53.75 -50.63 -91.02
N ARG K 371 54.62 -49.61 -91.11
CA ARG K 371 54.27 -48.22 -90.83
C ARG K 371 53.33 -47.49 -91.82
N LYS K 372 53.46 -47.68 -93.14
CA LYS K 372 52.60 -46.89 -94.06
C LYS K 372 51.26 -47.51 -94.44
N CYS K 373 50.95 -48.72 -94.00
CA CYS K 373 49.65 -49.25 -94.38
C CYS K 373 48.60 -48.91 -93.33
N PHE K 374 47.69 -48.02 -93.72
CA PHE K 374 46.60 -47.52 -92.87
C PHE K 374 47.12 -46.71 -91.67
N ASP L 1 32.10 -132.16 -96.65
CA ASP L 1 31.16 -133.05 -97.39
C ASP L 1 29.75 -133.07 -96.78
N ASP L 2 28.81 -132.36 -97.45
CA ASP L 2 27.35 -132.35 -97.12
C ASP L 2 26.72 -131.07 -96.52
N ASP L 3 27.18 -130.58 -95.35
CA ASP L 3 26.48 -129.43 -94.71
C ASP L 3 26.45 -128.14 -95.54
N ILE L 4 27.58 -127.82 -96.17
CA ILE L 4 27.84 -126.66 -97.04
C ILE L 4 29.32 -126.29 -96.90
N ALA L 5 30.14 -127.06 -97.62
CA ALA L 5 31.59 -126.97 -97.56
C ALA L 5 32.14 -125.60 -97.93
N ALA L 6 31.37 -124.79 -98.65
CA ALA L 6 31.80 -123.44 -99.03
C ALA L 6 32.85 -123.43 -100.14
N LEU L 7 32.39 -123.07 -101.32
CA LEU L 7 33.25 -122.97 -102.48
C LEU L 7 33.76 -121.55 -102.53
N VAL L 8 35.05 -121.38 -102.52
CA VAL L 8 35.59 -120.03 -102.54
C VAL L 8 36.27 -119.74 -103.87
N VAL L 9 35.82 -118.69 -104.53
CA VAL L 9 36.41 -118.31 -105.80
C VAL L 9 37.17 -117.00 -105.60
N ASP L 10 38.46 -117.04 -105.87
CA ASP L 10 39.32 -115.89 -105.70
C ASP L 10 39.61 -115.28 -107.08
N ASN L 11 39.23 -114.02 -107.25
CA ASN L 11 39.40 -113.34 -108.52
C ASN L 11 40.41 -112.20 -108.47
N GLY L 12 41.16 -112.08 -109.55
CA GLY L 12 42.18 -111.05 -109.70
C GLY L 12 42.52 -110.86 -111.17
N SER L 13 43.56 -110.08 -111.47
CA SER L 13 43.95 -109.84 -112.87
C SER L 13 44.31 -111.15 -113.58
N GLY L 14 45.00 -112.02 -112.86
CA GLY L 14 45.39 -113.30 -113.40
C GLY L 14 45.73 -114.30 -112.30
N MET L 15 45.92 -115.57 -112.66
CA MET L 15 46.26 -116.62 -111.69
C MET L 15 45.20 -116.78 -110.59
N CYS L 16 43.93 -116.90 -111.01
CA CYS L 16 42.80 -117.06 -110.08
C CYS L 16 42.82 -118.44 -109.41
N LYS L 17 42.13 -118.57 -108.28
CA LYS L 17 42.15 -119.85 -107.53
C LYS L 17 40.86 -120.12 -106.72
N ALA L 18 40.65 -121.41 -106.38
CA ALA L 18 39.43 -121.84 -105.66
C ALA L 18 39.62 -123.14 -104.83
N GLY L 19 38.71 -123.39 -103.88
CA GLY L 19 38.82 -124.59 -103.03
C GLY L 19 37.58 -124.88 -102.16
N PHE L 20 37.82 -125.54 -101.01
CA PHE L 20 36.76 -125.93 -100.04
C PHE L 20 37.14 -125.49 -98.61
N ALA L 21 36.15 -125.32 -97.74
CA ALA L 21 36.39 -124.91 -96.34
C ALA L 21 37.08 -125.99 -95.50
N GLY L 22 37.84 -125.53 -94.51
CA GLY L 22 38.59 -126.42 -93.65
C GLY L 22 39.99 -126.68 -94.19
N ASP L 23 40.20 -126.24 -95.43
CA ASP L 23 41.49 -126.38 -96.10
C ASP L 23 42.50 -125.33 -95.63
N ASP L 24 43.77 -125.67 -95.81
CA ASP L 24 44.86 -124.78 -95.40
C ASP L 24 45.39 -123.96 -96.58
N ALA L 25 44.84 -124.23 -97.76
CA ALA L 25 45.23 -123.57 -99.02
C ALA L 25 44.24 -123.95 -100.13
N PRO L 26 44.13 -123.18 -101.23
CA PRO L 26 43.19 -123.55 -102.29
C PRO L 26 43.60 -124.81 -103.06
N ARG L 27 42.61 -125.58 -103.47
CA ARG L 27 42.82 -126.82 -104.21
C ARG L 27 43.35 -126.63 -105.64
N ALA L 28 42.84 -125.63 -106.36
CA ALA L 28 43.25 -125.40 -107.75
C ALA L 28 43.47 -123.93 -108.13
N VAL L 29 44.47 -123.71 -108.96
CA VAL L 29 44.84 -122.37 -109.46
C VAL L 29 44.89 -122.36 -111.00
N PHE L 30 44.22 -121.40 -111.66
CA PHE L 30 44.25 -121.36 -113.13
C PHE L 30 44.44 -119.93 -113.68
N PRO L 31 44.91 -119.81 -114.95
CA PRO L 31 45.09 -118.50 -115.63
C PRO L 31 43.76 -117.80 -115.97
N SER L 32 43.76 -116.48 -115.99
CA SER L 32 42.54 -115.77 -116.36
C SER L 32 42.66 -115.18 -117.77
N ILE L 33 42.32 -115.99 -118.76
CA ILE L 33 42.33 -115.56 -120.16
C ILE L 33 41.13 -116.14 -120.93
N VAL L 34 40.59 -115.36 -121.87
CA VAL L 34 39.45 -115.80 -122.71
C VAL L 34 39.78 -115.56 -124.18
N GLY L 35 39.61 -116.57 -125.05
CA GLY L 35 39.97 -116.37 -126.45
C GLY L 35 38.89 -116.66 -127.50
N ARG L 36 38.86 -115.79 -128.50
CA ARG L 36 37.93 -115.83 -129.64
C ARG L 36 38.74 -115.46 -130.93
N PRO L 37 38.26 -115.71 -132.17
CA PRO L 37 39.10 -115.47 -133.39
C PRO L 37 39.83 -114.11 -133.54
N ARG L 38 41.13 -114.23 -133.85
CA ARG L 38 42.06 -113.12 -134.12
C ARG L 38 42.77 -113.32 -135.46
N HIS L 39 42.94 -112.24 -136.23
CA HIS L 39 43.66 -112.32 -137.51
C HIS L 39 42.95 -113.32 -138.46
N GLN L 40 41.61 -113.25 -138.41
CA GLN L 40 40.69 -114.13 -139.16
C GLN L 40 40.81 -115.62 -138.76
N GLY L 41 41.43 -115.91 -137.62
CA GLY L 41 41.58 -117.30 -137.16
C GLY L 41 42.84 -118.07 -137.60
N VAL L 42 43.64 -117.52 -138.54
CA VAL L 42 44.93 -118.16 -138.99
C VAL L 42 44.85 -119.15 -140.21
N MET L 43 43.68 -119.22 -140.90
CA MET L 43 43.53 -120.03 -142.16
C MET L 43 42.94 -121.46 -142.13
N VAL L 44 42.04 -121.63 -143.12
CA VAL L 44 41.33 -122.89 -143.48
C VAL L 44 40.24 -123.43 -142.51
N GLY L 45 39.00 -122.97 -142.76
CA GLY L 45 37.84 -123.46 -142.00
C GLY L 45 37.49 -122.69 -140.74
N MET L 46 37.22 -121.40 -140.86
CA MET L 46 36.92 -120.61 -139.66
C MET L 46 35.45 -120.32 -139.41
N GLY L 47 35.13 -120.41 -138.13
CA GLY L 47 33.79 -120.21 -137.60
C GLY L 47 33.73 -120.78 -136.19
N GLN L 48 33.90 -122.12 -136.15
CA GLN L 48 33.93 -123.01 -134.94
C GLN L 48 33.50 -122.43 -133.56
N LYS L 49 33.77 -123.22 -132.54
CA LYS L 49 33.48 -122.82 -131.17
C LYS L 49 34.77 -122.34 -130.51
N ASP L 50 34.76 -121.08 -130.12
CA ASP L 50 35.92 -120.52 -129.46
C ASP L 50 35.53 -119.51 -128.38
N SER L 51 35.96 -119.90 -127.20
CA SER L 51 35.81 -119.17 -125.96
C SER L 51 36.49 -120.06 -124.95
N TYR L 52 37.80 -119.99 -124.91
CA TYR L 52 38.56 -120.87 -124.06
C TYR L 52 39.00 -120.18 -122.78
N VAL L 53 38.69 -120.83 -121.68
CA VAL L 53 39.06 -120.33 -120.36
C VAL L 53 39.94 -121.36 -119.67
N GLY L 54 41.07 -120.92 -119.15
CA GLY L 54 42.00 -121.82 -118.49
C GLY L 54 43.37 -121.77 -119.13
N ASP L 55 44.23 -122.74 -118.86
CA ASP L 55 45.56 -122.72 -119.45
C ASP L 55 45.61 -123.44 -120.81
N GLU L 56 44.48 -124.03 -121.22
CA GLU L 56 44.40 -124.67 -122.54
C GLU L 56 44.43 -123.59 -123.62
N ALA L 57 43.88 -122.44 -123.25
CA ALA L 57 43.81 -121.24 -124.08
C ALA L 57 45.17 -120.60 -124.29
N GLN L 58 46.08 -120.79 -123.33
CA GLN L 58 47.41 -120.17 -123.38
C GLN L 58 48.17 -120.62 -124.64
N SER L 59 48.12 -121.92 -124.93
CA SER L 59 48.72 -122.47 -126.14
C SER L 59 48.09 -121.85 -127.39
N LYS L 60 46.78 -121.68 -127.29
CA LYS L 60 45.91 -121.15 -128.35
C LYS L 60 45.92 -119.62 -128.46
N ARG L 61 46.81 -118.96 -127.74
CA ARG L 61 46.87 -117.49 -127.72
C ARG L 61 47.17 -116.90 -129.11
N GLY L 62 48.04 -117.54 -129.86
CA GLY L 62 48.35 -117.06 -131.20
C GLY L 62 47.13 -117.02 -132.13
N ILE L 63 46.27 -118.03 -132.06
CA ILE L 63 45.09 -118.08 -132.94
C ILE L 63 43.78 -117.52 -132.32
N LEU L 64 43.77 -117.24 -131.02
CA LEU L 64 42.61 -116.63 -130.36
C LEU L 64 42.94 -115.29 -129.68
N THR L 65 42.02 -114.33 -129.79
CA THR L 65 42.18 -113.03 -129.16
C THR L 65 41.89 -113.17 -127.68
N LEU L 66 42.76 -112.67 -126.83
CA LEU L 66 42.51 -112.76 -125.40
C LEU L 66 42.02 -111.45 -124.82
N LYS L 67 40.95 -111.56 -124.07
CA LYS L 67 40.34 -110.41 -123.40
C LYS L 67 40.40 -110.66 -121.91
N TYR L 68 40.69 -109.62 -121.14
CA TYR L 68 40.79 -109.79 -119.70
C TYR L 68 39.47 -109.45 -119.01
N PRO L 69 38.81 -110.49 -118.44
CA PRO L 69 37.54 -110.33 -117.72
C PRO L 69 37.71 -109.40 -116.53
N ILE L 70 38.93 -109.43 -116.00
CA ILE L 70 39.30 -108.63 -114.86
C ILE L 70 40.44 -107.70 -115.23
N GLU L 71 40.26 -106.40 -115.12
CA GLU L 71 41.38 -105.54 -115.39
C GLU L 71 41.82 -104.90 -114.09
N HIS L 72 42.98 -105.34 -113.63
CA HIS L 72 43.60 -104.85 -112.41
C HIS L 72 42.66 -104.84 -111.17
N GLY L 73 41.98 -105.98 -110.93
CA GLY L 73 41.09 -106.11 -109.75
C GLY L 73 39.60 -105.81 -109.96
N ILE L 74 39.19 -105.40 -111.15
CA ILE L 74 37.76 -105.11 -111.43
C ILE L 74 37.27 -105.80 -112.71
N VAL L 75 35.96 -105.96 -112.86
CA VAL L 75 35.41 -106.66 -114.02
C VAL L 75 34.70 -105.66 -114.93
N THR L 76 35.19 -105.58 -116.16
CA THR L 76 34.57 -104.69 -117.14
C THR L 76 33.65 -105.46 -118.09
N ASN L 77 34.07 -106.66 -118.49
CA ASN L 77 33.26 -107.48 -119.36
C ASN L 77 32.73 -108.72 -118.62
N TRP L 78 31.43 -108.72 -118.39
CA TRP L 78 30.75 -109.82 -117.70
C TRP L 78 30.66 -111.12 -118.50
N ASP L 79 30.58 -111.02 -119.83
CA ASP L 79 30.46 -112.22 -120.67
C ASP L 79 31.66 -113.17 -120.49
N ASP L 80 32.85 -112.59 -120.40
CA ASP L 80 34.06 -113.38 -120.18
C ASP L 80 34.08 -113.99 -118.76
N MET L 81 33.63 -113.18 -117.80
CA MET L 81 33.59 -113.57 -116.38
C MET L 81 32.70 -114.81 -116.13
N GLU L 82 31.53 -114.85 -116.79
CA GLU L 82 30.60 -115.97 -116.63
C GLU L 82 31.23 -117.30 -117.05
N LYS L 83 31.99 -117.27 -118.15
CA LYS L 83 32.66 -118.47 -118.65
C LYS L 83 33.62 -119.02 -117.61
N ILE L 84 34.32 -118.12 -116.92
CA ILE L 84 35.27 -118.51 -115.87
C ILE L 84 34.56 -119.23 -114.72
N TRP L 85 33.39 -118.73 -114.29
CA TRP L 85 32.67 -119.38 -113.19
C TRP L 85 32.12 -120.73 -113.62
N HIS L 86 31.62 -120.82 -114.84
CA HIS L 86 31.12 -122.07 -115.39
C HIS L 86 32.23 -123.12 -115.44
N HIS L 87 33.38 -122.67 -115.94
CA HIS L 87 34.53 -123.55 -116.11
C HIS L 87 35.11 -123.96 -114.76
N THR L 88 35.16 -123.03 -113.80
CA THR L 88 35.71 -123.33 -112.48
C THR L 88 34.94 -124.42 -111.73
N PHE L 89 33.61 -124.29 -111.68
CA PHE L 89 32.81 -125.31 -110.98
C PHE L 89 32.76 -126.65 -111.71
N TYR L 90 32.31 -126.60 -112.95
CA TYR L 90 32.14 -127.80 -113.78
C TYR L 90 33.45 -128.46 -114.22
N ASN L 91 34.45 -127.68 -114.59
CA ASN L 91 35.69 -128.28 -115.10
C ASN L 91 36.90 -128.25 -114.14
N GLU L 92 37.11 -127.15 -113.40
CA GLU L 92 38.30 -127.09 -112.52
C GLU L 92 38.11 -127.72 -111.13
N LEU L 93 37.11 -127.26 -110.39
CA LEU L 93 36.75 -127.82 -109.08
C LEU L 93 36.13 -129.23 -109.17
N ARG L 94 35.31 -129.41 -110.20
CA ARG L 94 34.57 -130.65 -110.45
C ARG L 94 33.60 -131.00 -109.29
N VAL L 95 32.98 -129.95 -108.78
CA VAL L 95 31.99 -130.05 -107.71
C VAL L 95 30.71 -129.27 -108.08
N ALA L 96 29.54 -129.83 -107.79
CA ALA L 96 28.29 -129.15 -108.11
C ALA L 96 28.07 -127.91 -107.23
N PRO L 97 27.83 -126.73 -107.85
CA PRO L 97 27.60 -125.46 -107.12
C PRO L 97 26.38 -125.51 -106.21
N GLU L 98 25.40 -126.31 -106.61
CA GLU L 98 24.16 -126.45 -105.88
C GLU L 98 24.31 -126.96 -104.42
N GLU L 99 25.13 -128.00 -104.19
CA GLU L 99 25.36 -128.46 -102.81
C GLU L 99 26.20 -127.48 -101.96
N HIS L 100 27.22 -126.88 -102.57
CA HIS L 100 28.17 -125.99 -101.87
C HIS L 100 28.00 -124.49 -102.20
N PRO L 101 27.84 -123.63 -101.16
CA PRO L 101 27.71 -122.17 -101.33
C PRO L 101 29.02 -121.54 -101.80
N VAL L 102 28.97 -120.45 -102.56
CA VAL L 102 30.22 -119.86 -103.08
C VAL L 102 30.54 -118.47 -102.50
N LEU L 103 31.81 -118.29 -102.16
CA LEU L 103 32.30 -117.01 -101.63
C LEU L 103 33.17 -116.32 -102.70
N LEU L 104 32.87 -115.07 -102.99
CA LEU L 104 33.61 -114.33 -104.00
C LEU L 104 34.48 -113.24 -103.38
N THR L 105 35.74 -113.16 -103.80
CA THR L 105 36.64 -112.12 -103.30
C THR L 105 36.49 -110.82 -104.10
N GLU L 106 36.92 -109.72 -103.52
CA GLU L 106 36.83 -108.42 -104.20
C GLU L 106 38.08 -107.57 -103.95
N ALA L 107 38.36 -106.68 -104.88
CA ALA L 107 39.47 -105.73 -104.73
C ALA L 107 39.02 -104.60 -103.78
N PRO L 108 39.95 -104.00 -103.02
CA PRO L 108 39.58 -102.90 -102.11
C PRO L 108 38.99 -101.69 -102.86
N LEU L 109 37.97 -101.08 -102.26
CA LEU L 109 37.27 -99.94 -102.87
C LEU L 109 36.66 -100.31 -104.23
N ASN L 110 35.98 -101.45 -104.24
CA ASN L 110 35.29 -102.00 -105.41
C ASN L 110 34.05 -101.13 -105.72
N PRO L 111 33.86 -100.70 -106.99
CA PRO L 111 32.73 -99.82 -107.32
C PRO L 111 31.36 -100.44 -107.01
N LYS L 112 30.46 -99.56 -106.59
CA LYS L 112 29.10 -99.92 -106.17
C LYS L 112 28.24 -100.59 -107.24
N ALA L 113 28.31 -100.12 -108.49
CA ALA L 113 27.51 -100.71 -109.57
C ALA L 113 27.82 -102.20 -109.79
N ASN L 114 29.11 -102.55 -109.72
CA ASN L 114 29.55 -103.94 -109.88
C ASN L 114 29.07 -104.84 -108.74
N ARG L 115 29.11 -104.30 -107.53
CA ARG L 115 28.75 -105.07 -106.33
C ARG L 115 27.31 -105.60 -106.35
N GLU L 116 26.37 -104.77 -106.78
CA GLU L 116 24.97 -105.24 -106.86
C GLU L 116 24.75 -106.29 -107.96
N LYS L 117 25.40 -106.06 -109.11
CA LYS L 117 25.25 -106.95 -110.26
C LYS L 117 25.88 -108.35 -110.10
N MET L 118 27.07 -108.45 -109.49
CA MET L 118 27.70 -109.77 -109.31
C MET L 118 26.81 -110.67 -108.46
N THR L 119 26.20 -110.09 -107.44
CA THR L 119 25.27 -110.79 -106.57
C THR L 119 24.07 -111.29 -107.39
N GLN L 120 23.63 -110.43 -108.30
CA GLN L 120 22.49 -110.69 -109.20
C GLN L 120 22.73 -111.91 -110.10
N ILE L 121 23.96 -112.04 -110.62
CA ILE L 121 24.28 -113.17 -111.51
C ILE L 121 24.30 -114.52 -110.77
N MET L 122 24.84 -114.54 -109.56
CA MET L 122 24.90 -115.78 -108.79
C MET L 122 23.53 -116.37 -108.48
N PHE L 123 22.60 -115.50 -108.09
CA PHE L 123 21.26 -115.94 -107.73
C PHE L 123 20.41 -116.43 -108.91
N GLU L 124 20.49 -115.76 -110.06
CA GLU L 124 19.68 -116.20 -111.21
C GLU L 124 20.42 -117.07 -112.23
N THR L 125 21.66 -116.71 -112.59
CA THR L 125 22.40 -117.50 -113.59
C THR L 125 22.84 -118.90 -113.09
N PHE L 126 23.35 -118.98 -111.86
CA PHE L 126 23.79 -120.28 -111.34
C PHE L 126 22.93 -120.84 -110.20
N ASN L 127 21.89 -120.10 -109.79
CA ASN L 127 20.98 -120.53 -108.71
C ASN L 127 21.74 -120.98 -107.43
N THR L 128 22.80 -120.27 -107.06
CA THR L 128 23.57 -120.62 -105.85
C THR L 128 22.79 -120.30 -104.56
N PRO L 129 22.67 -121.27 -103.61
CA PRO L 129 21.95 -121.08 -102.34
C PRO L 129 22.51 -119.95 -101.45
N ALA L 130 23.83 -119.83 -101.38
CA ALA L 130 24.45 -118.80 -100.55
C ALA L 130 25.75 -118.26 -101.14
N MET L 131 26.04 -116.99 -100.86
CA MET L 131 27.28 -116.36 -101.32
C MET L 131 27.69 -115.20 -100.40
N TYR L 132 28.96 -114.83 -100.46
CA TYR L 132 29.47 -113.73 -99.63
C TYR L 132 30.62 -113.01 -100.34
N VAL L 133 30.78 -111.71 -100.07
CA VAL L 133 31.84 -110.93 -100.71
C VAL L 133 32.85 -110.48 -99.65
N ALA L 134 34.12 -110.74 -99.92
CA ALA L 134 35.21 -110.44 -98.96
C ALA L 134 36.38 -109.67 -99.61
N ILE L 135 37.19 -109.02 -98.78
CA ILE L 135 38.32 -108.24 -99.28
C ILE L 135 39.61 -108.94 -98.91
N GLN L 136 40.47 -109.10 -99.91
CA GLN L 136 41.73 -109.83 -99.76
C GLN L 136 42.68 -109.21 -98.73
N ALA L 137 42.76 -107.88 -98.71
CA ALA L 137 43.62 -107.20 -97.74
C ALA L 137 43.11 -107.34 -96.30
N VAL L 138 41.79 -107.25 -96.14
CA VAL L 138 41.18 -107.37 -94.81
C VAL L 138 41.45 -108.73 -94.17
N LEU L 139 41.24 -109.78 -94.95
CA LEU L 139 41.49 -111.14 -94.47
C LEU L 139 42.94 -111.37 -94.08
N SER L 140 43.89 -110.87 -94.89
CA SER L 140 45.31 -111.05 -94.57
C SER L 140 45.73 -110.44 -93.22
N LEU L 141 45.22 -109.25 -92.90
CA LEU L 141 45.51 -108.62 -91.62
C LEU L 141 44.82 -109.41 -90.50
N TYR L 142 43.61 -109.81 -90.85
CA TYR L 142 42.73 -110.59 -89.98
C TYR L 142 43.36 -111.93 -89.60
N ALA L 143 44.02 -112.56 -90.58
CA ALA L 143 44.66 -113.87 -90.44
C ALA L 143 45.75 -113.87 -89.35
N SER L 144 46.51 -112.79 -89.30
CA SER L 144 47.59 -112.66 -88.31
C SER L 144 47.01 -112.48 -86.88
N GLY L 145 45.70 -112.25 -86.79
CA GLY L 145 45.04 -112.04 -85.51
C GLY L 145 45.08 -110.59 -85.06
N ARG L 146 45.41 -109.72 -85.97
CA ARG L 146 45.51 -108.30 -85.70
C ARG L 146 44.53 -107.48 -86.56
N THR L 147 43.74 -106.63 -85.91
CA THR L 147 42.76 -105.79 -86.60
C THR L 147 43.26 -104.37 -86.92
N THR L 148 44.30 -103.94 -86.22
CA THR L 148 44.87 -102.61 -86.44
C THR L 148 46.17 -102.73 -87.21
N GLY L 149 46.29 -102.05 -88.35
CA GLY L 149 47.55 -102.13 -89.08
C GLY L 149 47.46 -101.75 -90.55
N ILE L 150 48.53 -102.02 -91.26
CA ILE L 150 48.61 -101.74 -92.69
C ILE L 150 49.11 -102.98 -93.42
N VAL L 151 48.41 -103.35 -94.47
CA VAL L 151 48.78 -104.54 -95.22
C VAL L 151 49.18 -104.22 -96.64
N MET L 152 50.33 -104.71 -97.02
CA MET L 152 50.79 -104.58 -98.37
C MET L 152 50.47 -105.92 -99.00
N ASP L 153 49.55 -105.93 -99.94
CA ASP L 153 49.11 -107.18 -100.53
C ASP L 153 49.67 -107.44 -101.91
N SER L 154 50.40 -108.53 -102.03
CA SER L 154 50.92 -108.92 -103.31
C SER L 154 49.90 -109.85 -103.94
N GLY L 155 49.10 -109.32 -104.83
CA GLY L 155 48.08 -110.14 -105.45
C GLY L 155 48.66 -110.99 -106.56
N ASP L 156 47.89 -111.96 -107.00
CA ASP L 156 48.34 -112.82 -108.08
C ASP L 156 48.37 -112.04 -109.39
N GLY L 157 47.63 -110.93 -109.43
CA GLY L 157 47.59 -110.10 -110.61
C GLY L 157 47.74 -108.60 -110.34
N VAL L 158 47.29 -108.12 -109.17
CA VAL L 158 47.38 -106.68 -108.83
C VAL L 158 47.77 -106.45 -107.36
N THR L 159 48.63 -105.44 -107.12
CA THR L 159 49.08 -105.12 -105.75
C THR L 159 48.37 -103.87 -105.18
N HIS L 160 47.68 -104.06 -104.06
CA HIS L 160 46.98 -102.95 -103.40
C HIS L 160 47.44 -102.72 -101.96
N THR L 161 47.54 -101.45 -101.60
CA THR L 161 47.91 -101.04 -100.25
C THR L 161 46.61 -100.67 -99.52
N VAL L 162 46.31 -101.36 -98.43
CA VAL L 162 45.04 -101.12 -97.72
C VAL L 162 45.16 -101.10 -96.20
N PRO L 163 45.55 -99.95 -95.58
CA PRO L 163 45.60 -99.88 -94.12
C PRO L 163 44.20 -100.14 -93.53
N ILE L 164 44.14 -101.00 -92.53
CA ILE L 164 42.86 -101.36 -91.92
C ILE L 164 42.75 -101.04 -90.43
N TYR L 165 41.79 -100.21 -90.06
CA TYR L 165 41.58 -99.95 -88.63
C TYR L 165 40.15 -100.38 -88.25
N GLU L 166 40.04 -101.38 -87.38
CA GLU L 166 38.75 -101.93 -86.91
C GLU L 166 37.84 -102.47 -88.03
N GLY L 167 38.43 -103.15 -89.01
CA GLY L 167 37.64 -103.76 -90.08
C GLY L 167 37.31 -102.79 -91.21
N TYR L 168 37.60 -101.51 -90.97
CA TYR L 168 37.34 -100.47 -91.94
C TYR L 168 38.63 -100.06 -92.66
N ALA L 169 38.58 -100.08 -93.98
CA ALA L 169 39.73 -99.69 -94.78
C ALA L 169 39.78 -98.17 -94.91
N LEU L 170 40.97 -97.60 -95.04
CA LEU L 170 41.07 -96.14 -95.13
C LEU L 170 41.09 -95.69 -96.60
N PRO L 171 40.00 -95.04 -97.04
CA PRO L 171 39.85 -94.56 -98.45
C PRO L 171 40.94 -93.56 -98.87
N HIS L 172 41.44 -92.82 -97.89
CA HIS L 172 42.46 -91.80 -98.15
C HIS L 172 43.89 -92.35 -98.02
N ALA L 173 44.00 -93.64 -97.71
CA ALA L 173 45.31 -94.28 -97.57
C ALA L 173 45.53 -95.43 -98.57
N ILE L 174 44.64 -95.57 -99.54
CA ILE L 174 44.74 -96.67 -100.51
C ILE L 174 45.11 -96.20 -101.92
N LEU L 175 46.12 -96.86 -102.50
CA LEU L 175 46.58 -96.55 -103.86
C LEU L 175 46.69 -97.83 -104.70
N ARG L 176 46.48 -97.68 -105.99
CA ARG L 176 46.54 -98.83 -106.91
C ARG L 176 47.88 -98.89 -107.67
N LEU L 177 48.60 -100.00 -107.55
CA LEU L 177 49.85 -100.19 -108.28
C LEU L 177 49.65 -101.44 -109.15
N ASP L 178 50.04 -101.37 -110.41
CA ASP L 178 49.76 -102.47 -111.35
C ASP L 178 50.81 -103.58 -111.45
N LEU L 179 51.89 -103.51 -110.70
CA LEU L 179 52.89 -104.58 -110.78
C LEU L 179 52.71 -105.52 -109.56
N ALA L 180 52.44 -106.80 -109.81
CA ALA L 180 52.18 -107.76 -108.71
C ALA L 180 52.81 -109.13 -108.90
N GLY L 181 52.24 -109.96 -109.77
CA GLY L 181 52.79 -111.30 -109.99
C GLY L 181 52.97 -111.68 -111.44
N ARG L 182 51.88 -111.68 -112.23
CA ARG L 182 51.97 -112.05 -113.65
C ARG L 182 52.92 -111.11 -114.42
N ASP L 183 52.84 -109.82 -114.09
CA ASP L 183 53.67 -108.80 -114.73
C ASP L 183 55.17 -109.04 -114.50
N LEU L 184 55.52 -109.45 -113.28
CA LEU L 184 56.92 -109.80 -112.95
C LEU L 184 57.41 -110.94 -113.82
N THR L 185 56.54 -111.92 -114.03
CA THR L 185 56.89 -113.08 -114.85
C THR L 185 57.27 -112.62 -116.27
N ASP L 186 56.49 -111.67 -116.82
CA ASP L 186 56.79 -111.09 -118.13
C ASP L 186 58.18 -110.42 -118.08
N TYR L 187 58.38 -109.63 -117.01
CA TYR L 187 59.64 -108.92 -116.75
C TYR L 187 60.86 -109.82 -116.60
N LEU L 188 60.71 -110.91 -115.85
CA LEU L 188 61.81 -111.84 -115.64
C LEU L 188 62.29 -112.39 -116.98
N MET L 189 61.34 -112.77 -117.83
CA MET L 189 61.67 -113.26 -119.15
C MET L 189 62.41 -112.20 -119.98
N LYS L 190 61.93 -110.96 -119.86
CA LYS L 190 62.49 -109.82 -120.59
C LYS L 190 63.98 -109.56 -120.27
N ILE L 191 64.37 -109.68 -119.00
CA ILE L 191 65.77 -109.45 -118.63
C ILE L 191 66.64 -110.68 -118.94
N LEU L 192 66.01 -111.86 -118.86
CA LEU L 192 66.67 -113.13 -119.17
C LEU L 192 67.14 -113.13 -120.64
N THR L 193 66.26 -112.58 -121.49
CA THR L 193 66.50 -112.45 -122.93
C THR L 193 67.73 -111.57 -123.21
N GLU L 194 67.88 -110.50 -122.43
CA GLU L 194 68.97 -109.54 -122.61
C GLU L 194 70.35 -110.19 -122.47
N ARG L 195 70.51 -111.10 -121.50
CA ARG L 195 71.79 -111.77 -121.29
C ARG L 195 72.23 -112.59 -122.52
N GLY L 196 71.27 -113.28 -123.15
CA GLY L 196 71.60 -114.09 -124.32
C GLY L 196 70.75 -115.36 -124.49
N TYR L 197 69.49 -115.31 -124.07
CA TYR L 197 68.61 -116.49 -124.17
C TYR L 197 67.40 -116.16 -125.06
N SER L 198 67.00 -117.10 -125.91
CA SER L 198 65.94 -116.84 -126.90
C SER L 198 64.48 -117.03 -126.43
N PHE L 199 63.78 -115.91 -126.31
CA PHE L 199 62.35 -115.90 -126.02
C PHE L 199 61.65 -115.00 -127.06
N THR L 200 60.89 -115.59 -127.99
CA THR L 200 60.21 -114.78 -129.02
C THR L 200 58.71 -115.09 -129.19
N THR L 201 58.24 -116.10 -128.47
CA THR L 201 56.85 -116.56 -128.58
C THR L 201 56.18 -116.69 -127.22
N THR L 202 54.90 -116.34 -127.17
CA THR L 202 54.11 -116.34 -125.92
C THR L 202 53.95 -117.75 -125.30
N ALA L 203 54.15 -118.78 -126.10
CA ALA L 203 54.05 -120.18 -125.64
C ALA L 203 55.05 -120.51 -124.52
N GLU L 204 56.27 -120.00 -124.60
CA GLU L 204 57.31 -120.31 -123.60
C GLU L 204 57.32 -119.31 -122.43
N ARG L 205 56.41 -118.33 -122.47
CA ARG L 205 56.25 -117.34 -121.38
C ARG L 205 55.89 -118.02 -120.06
N GLU L 206 55.03 -119.02 -120.15
CA GLU L 206 54.58 -119.80 -119.00
C GLU L 206 55.74 -120.51 -118.29
N ILE L 207 56.75 -120.89 -119.07
CA ILE L 207 57.91 -121.63 -118.55
C ILE L 207 58.66 -120.83 -117.47
N VAL L 208 58.80 -119.52 -117.67
CA VAL L 208 59.48 -118.67 -116.69
C VAL L 208 58.71 -118.61 -115.34
N ARG L 209 57.41 -118.93 -115.33
CA ARG L 209 56.62 -118.91 -114.07
C ARG L 209 57.25 -119.89 -113.08
N ASP L 210 57.64 -121.06 -113.60
CA ASP L 210 58.29 -122.09 -112.79
C ASP L 210 59.58 -121.54 -112.23
N ILE L 211 60.27 -120.78 -113.08
CA ILE L 211 61.51 -120.11 -112.74
C ILE L 211 61.30 -119.14 -111.58
N LYS L 212 60.17 -118.43 -111.62
CA LYS L 212 59.89 -117.40 -110.62
C LYS L 212 59.82 -117.90 -109.17
N GLU L 213 59.07 -118.96 -108.88
CA GLU L 213 59.05 -119.41 -107.48
C GLU L 213 60.38 -120.04 -107.02
N LYS L 214 60.98 -120.87 -107.89
CA LYS L 214 62.28 -121.50 -107.59
C LYS L 214 63.51 -120.58 -107.58
N LEU L 215 63.60 -119.64 -108.52
CA LEU L 215 64.80 -118.79 -108.64
C LEU L 215 64.70 -117.31 -108.25
N CYS L 216 63.56 -116.80 -107.82
CA CYS L 216 63.53 -115.38 -107.47
C CYS L 216 64.07 -115.17 -106.05
N TYR L 217 65.08 -114.32 -105.94
CA TYR L 217 65.72 -114.04 -104.66
C TYR L 217 65.84 -112.53 -104.42
N VAL L 218 65.91 -112.13 -103.17
CA VAL L 218 66.09 -110.72 -102.85
C VAL L 218 67.40 -110.55 -102.06
N ALA L 219 68.24 -109.62 -102.51
CA ALA L 219 69.53 -109.36 -101.86
C ALA L 219 69.43 -108.45 -100.65
N LEU L 220 70.31 -108.67 -99.67
CA LEU L 220 70.33 -107.85 -98.45
C LEU L 220 70.64 -106.38 -98.79
N ASP L 221 71.56 -106.19 -99.72
CA ASP L 221 71.92 -104.86 -100.21
C ASP L 221 72.21 -104.95 -101.72
N PHE L 222 71.40 -104.27 -102.52
CA PHE L 222 71.52 -104.33 -103.98
C PHE L 222 72.84 -103.87 -104.63
N GLU L 223 73.38 -102.70 -104.28
CA GLU L 223 74.59 -102.25 -104.98
C GLU L 223 75.85 -103.08 -104.65
N GLN L 224 76.00 -103.46 -103.39
CA GLN L 224 77.14 -104.28 -102.97
C GLN L 224 77.09 -105.63 -103.71
N GLU L 225 75.87 -106.13 -103.81
CA GLU L 225 75.55 -107.40 -104.47
C GLU L 225 75.96 -107.41 -105.94
N MET L 226 75.74 -106.27 -106.62
CA MET L 226 76.08 -106.12 -108.04
C MET L 226 77.58 -106.33 -108.30
N ALA L 227 78.42 -105.80 -107.39
CA ALA L 227 79.88 -105.95 -107.53
C ALA L 227 80.32 -107.42 -107.40
N THR L 228 79.69 -108.13 -106.48
CA THR L 228 79.95 -109.56 -106.24
C THR L 228 79.64 -110.41 -107.48
N ALA L 229 78.54 -110.04 -108.12
CA ALA L 229 78.00 -110.70 -109.32
C ALA L 229 78.93 -110.74 -110.53
N ALA L 230 79.71 -109.69 -110.74
CA ALA L 230 80.60 -109.59 -111.91
C ALA L 230 81.64 -110.72 -111.96
N SER L 231 82.19 -111.09 -110.81
CA SER L 231 83.18 -112.18 -110.73
C SER L 231 82.54 -113.56 -111.00
N SER L 232 81.23 -113.65 -110.78
CA SER L 232 80.44 -114.89 -110.96
C SER L 232 80.60 -115.84 -109.78
N SER L 233 81.59 -116.72 -109.84
CA SER L 233 81.85 -117.69 -108.76
C SER L 233 80.62 -118.57 -108.45
N SER L 234 80.10 -118.46 -107.23
CA SER L 234 78.94 -119.27 -106.80
C SER L 234 77.58 -118.59 -107.08
N LEU L 235 77.60 -117.39 -107.66
CA LEU L 235 76.35 -116.67 -107.96
C LEU L 235 75.45 -117.41 -108.93
N GLU L 236 76.04 -118.04 -109.95
CA GLU L 236 75.26 -118.76 -110.95
C GLU L 236 74.44 -119.88 -110.28
N LYS L 237 73.15 -119.98 -110.59
CA LYS L 237 72.31 -121.01 -109.96
C LYS L 237 71.55 -121.85 -111.01
N SER L 238 71.58 -123.17 -110.84
CA SER L 238 70.94 -124.11 -111.78
C SER L 238 69.39 -124.10 -111.76
N TYR L 239 68.81 -124.39 -112.93
CA TYR L 239 67.36 -124.48 -113.15
C TYR L 239 66.99 -125.54 -114.22
N GLU L 240 65.80 -126.14 -114.09
CA GLU L 240 65.38 -127.20 -115.02
C GLU L 240 64.38 -126.75 -116.12
N LEU L 241 64.81 -126.91 -117.36
CA LEU L 241 63.95 -126.66 -118.54
C LEU L 241 63.38 -128.01 -119.00
N PRO L 242 62.10 -128.07 -119.43
CA PRO L 242 61.47 -129.34 -119.87
C PRO L 242 62.32 -130.14 -120.89
N ASP L 243 62.94 -129.42 -121.83
CA ASP L 243 63.78 -130.03 -122.87
C ASP L 243 65.08 -130.68 -122.33
N GLY L 244 65.72 -130.06 -121.35
CA GLY L 244 66.96 -130.62 -120.81
C GLY L 244 68.04 -129.60 -120.53
N GLN L 245 68.08 -128.49 -121.28
CA GLN L 245 69.07 -127.46 -121.02
C GLN L 245 68.77 -126.73 -119.72
N VAL L 246 69.82 -126.26 -119.08
CA VAL L 246 69.67 -125.52 -117.86
C VAL L 246 70.09 -124.08 -118.09
N ILE L 247 69.21 -123.16 -117.77
CA ILE L 247 69.51 -121.75 -117.96
C ILE L 247 70.04 -121.22 -116.67
N THR L 248 71.28 -120.79 -116.73
CA THR L 248 71.96 -120.30 -115.56
C THR L 248 71.69 -118.82 -115.29
N ILE L 249 71.32 -118.53 -114.06
CA ILE L 249 71.02 -117.18 -113.62
C ILE L 249 71.95 -116.75 -112.48
N GLY L 250 72.72 -115.67 -112.70
CA GLY L 250 73.67 -115.23 -111.69
C GLY L 250 73.31 -113.92 -110.98
N ASN L 251 73.42 -112.79 -111.66
CA ASN L 251 73.09 -111.50 -111.03
C ASN L 251 71.63 -111.13 -111.22
N GLU L 252 70.90 -111.99 -111.91
CA GLU L 252 69.49 -111.82 -112.15
C GLU L 252 68.67 -112.34 -110.97
N ARG L 253 69.37 -113.03 -110.06
CA ARG L 253 68.76 -113.63 -108.87
C ARG L 253 68.11 -112.60 -107.96
N PHE L 254 68.78 -111.46 -107.81
CA PHE L 254 68.30 -110.37 -106.96
C PHE L 254 67.72 -109.18 -107.73
N ARG L 255 68.22 -108.96 -108.94
CA ARG L 255 67.78 -107.84 -109.78
C ARG L 255 66.27 -107.83 -110.15
N CYS L 256 65.69 -109.00 -110.46
CA CYS L 256 64.24 -109.08 -110.82
C CYS L 256 63.27 -108.44 -109.79
N PRO L 257 63.33 -108.83 -108.48
CA PRO L 257 62.49 -108.27 -107.40
C PRO L 257 62.68 -106.76 -107.23
N GLU L 258 63.88 -106.33 -107.58
CA GLU L 258 64.32 -104.95 -107.48
C GLU L 258 63.46 -104.02 -108.32
N ALA L 259 62.86 -104.53 -109.38
CA ALA L 259 62.02 -103.70 -110.25
C ALA L 259 60.87 -103.10 -109.43
N LEU L 260 60.28 -103.88 -108.51
CA LEU L 260 59.21 -103.34 -107.64
C LEU L 260 59.75 -102.14 -106.81
N PHE L 261 60.93 -102.37 -106.22
CA PHE L 261 61.65 -101.38 -105.38
C PHE L 261 62.23 -100.18 -106.17
N GLN L 262 62.76 -100.48 -107.36
CA GLN L 262 63.43 -99.53 -108.25
C GLN L 262 62.90 -99.58 -109.69
N PRO L 263 61.74 -98.94 -109.92
CA PRO L 263 61.03 -98.90 -111.23
C PRO L 263 61.86 -98.33 -112.38
N SER L 264 62.89 -97.58 -112.04
CA SER L 264 63.77 -96.93 -113.03
C SER L 264 64.37 -97.95 -114.02
N PHE L 265 64.66 -99.18 -113.59
CA PHE L 265 65.21 -100.20 -114.51
C PHE L 265 64.22 -100.47 -115.67
N LEU L 266 62.94 -100.52 -115.35
CA LEU L 266 61.86 -100.69 -116.35
C LEU L 266 61.82 -99.56 -117.36
N GLY L 267 62.05 -98.36 -116.87
CA GLY L 267 61.94 -97.18 -117.68
C GLY L 267 60.86 -96.27 -117.11
N MET L 268 60.46 -96.56 -115.88
CA MET L 268 59.45 -95.78 -115.19
C MET L 268 60.06 -94.74 -114.27
N GLU L 269 59.44 -93.58 -114.29
CA GLU L 269 59.83 -92.44 -113.49
C GLU L 269 59.11 -92.48 -112.13
N SER L 270 58.24 -93.48 -111.99
CA SER L 270 57.42 -93.67 -110.78
C SER L 270 58.23 -94.11 -109.56
N CYS L 271 57.75 -93.73 -108.38
CA CYS L 271 58.38 -94.09 -107.11
C CYS L 271 58.21 -95.58 -106.80
N GLY L 272 59.18 -96.15 -106.08
CA GLY L 272 59.12 -97.56 -105.72
C GLY L 272 57.90 -97.91 -104.87
N ILE L 273 57.42 -99.14 -105.01
CA ILE L 273 56.22 -99.59 -104.28
C ILE L 273 56.38 -99.53 -102.75
N HIS L 274 57.56 -99.90 -102.22
CA HIS L 274 57.76 -99.84 -100.77
C HIS L 274 57.57 -98.39 -100.27
N GLU L 275 58.08 -97.46 -101.08
CA GLU L 275 57.93 -96.01 -100.83
C GLU L 275 56.45 -95.62 -100.84
N THR L 276 55.71 -96.23 -101.78
CA THR L 276 54.28 -95.96 -101.94
C THR L 276 53.52 -96.31 -100.65
N THR L 277 53.91 -97.42 -100.02
CA THR L 277 53.31 -97.82 -98.74
C THR L 277 53.56 -96.73 -97.68
N PHE L 278 54.77 -96.18 -97.72
CA PHE L 278 55.19 -95.10 -96.83
C PHE L 278 54.33 -93.83 -96.97
N ASN L 279 53.97 -93.48 -98.22
CA ASN L 279 53.12 -92.30 -98.45
C ASN L 279 51.77 -92.46 -97.75
N SER L 280 51.22 -93.66 -97.79
CA SER L 280 49.93 -93.93 -97.13
C SER L 280 50.03 -93.66 -95.62
N ILE L 281 51.16 -94.06 -95.03
CA ILE L 281 51.42 -93.85 -93.60
C ILE L 281 51.55 -92.35 -93.24
N MET L 282 52.20 -91.59 -94.12
CA MET L 282 52.39 -90.15 -93.94
C MET L 282 51.04 -89.41 -93.88
N LYS L 283 50.12 -89.86 -94.73
CA LYS L 283 48.76 -89.32 -94.84
C LYS L 283 47.92 -89.66 -93.59
N CYS L 284 48.24 -90.80 -92.99
CA CYS L 284 47.56 -91.36 -91.81
C CYS L 284 47.82 -90.56 -90.53
N ASP L 285 46.91 -90.75 -89.56
CA ASP L 285 46.98 -90.06 -88.28
C ASP L 285 48.32 -90.37 -87.58
N VAL L 286 48.96 -89.30 -87.13
CA VAL L 286 50.30 -89.33 -86.52
C VAL L 286 50.40 -90.19 -85.25
N ASP L 287 49.39 -90.12 -84.40
CA ASP L 287 49.38 -90.86 -83.13
C ASP L 287 49.47 -92.39 -83.35
N ILE L 288 48.76 -92.89 -84.36
CA ILE L 288 48.73 -94.34 -84.62
C ILE L 288 49.87 -94.82 -85.54
N ARG L 289 50.73 -93.91 -85.99
CA ARG L 289 51.84 -94.30 -86.88
C ARG L 289 52.79 -95.33 -86.25
N LYS L 290 53.11 -95.17 -84.96
CA LYS L 290 54.00 -96.13 -84.30
C LYS L 290 53.37 -97.52 -84.24
N ASP L 291 52.07 -97.56 -83.96
CA ASP L 291 51.32 -98.82 -83.93
C ASP L 291 51.34 -99.50 -85.30
N LEU L 292 51.20 -98.69 -86.36
CA LEU L 292 51.18 -99.20 -87.74
C LEU L 292 52.46 -99.93 -88.11
N TYR L 293 53.60 -99.39 -87.67
CA TYR L 293 54.89 -100.02 -87.95
C TYR L 293 54.96 -101.44 -87.36
N ALA L 294 54.42 -101.62 -86.16
CA ALA L 294 54.41 -102.93 -85.52
C ALA L 294 53.28 -103.84 -86.04
N ASN L 295 52.37 -103.27 -86.82
CA ASN L 295 51.23 -104.00 -87.36
C ASN L 295 51.34 -104.38 -88.87
N THR L 296 52.51 -104.20 -89.49
CA THR L 296 52.68 -104.48 -90.93
C THR L 296 52.65 -105.99 -91.29
N VAL L 297 51.83 -106.34 -92.29
CA VAL L 297 51.69 -107.75 -92.75
C VAL L 297 52.06 -107.96 -94.25
N LEU L 298 52.91 -108.94 -94.55
CA LEU L 298 53.28 -109.25 -95.94
C LEU L 298 52.56 -110.53 -96.41
N SER L 299 51.66 -110.42 -97.40
CA SER L 299 50.92 -111.60 -97.89
C SER L 299 50.71 -111.66 -99.42
N GLY L 300 50.55 -112.89 -99.94
CA GLY L 300 50.19 -113.09 -101.34
C GLY L 300 51.27 -113.41 -102.39
N GLY L 301 50.70 -113.72 -103.57
CA GLY L 301 51.37 -114.10 -104.82
C GLY L 301 52.90 -114.23 -104.86
N THR L 302 53.60 -113.12 -104.97
CA THR L 302 55.05 -113.15 -105.12
C THR L 302 55.88 -112.68 -103.90
N THR L 303 55.25 -112.51 -102.74
CA THR L 303 56.00 -112.12 -101.53
C THR L 303 56.85 -113.28 -101.00
N MET L 304 56.63 -114.45 -101.57
CA MET L 304 57.32 -115.66 -101.15
C MET L 304 58.75 -115.82 -101.72
N TYR L 305 59.28 -114.77 -102.36
CA TYR L 305 60.67 -114.80 -102.85
C TYR L 305 61.56 -114.74 -101.61
N PRO L 306 62.57 -115.61 -101.45
CA PRO L 306 63.36 -115.55 -100.23
C PRO L 306 64.24 -114.30 -100.18
N GLY L 307 64.43 -113.81 -98.97
CA GLY L 307 65.24 -112.62 -98.76
C GLY L 307 64.42 -111.34 -98.82
N ILE L 308 63.15 -111.43 -99.25
CA ILE L 308 62.28 -110.25 -99.37
C ILE L 308 62.02 -109.59 -98.01
N ALA L 309 61.83 -110.42 -96.98
CA ALA L 309 61.60 -109.91 -95.64
C ALA L 309 62.80 -109.09 -95.14
N ASP L 310 64.00 -109.57 -95.46
CA ASP L 310 65.23 -108.88 -95.06
C ASP L 310 65.37 -107.51 -95.74
N ARG L 311 65.00 -107.45 -97.03
CA ARG L 311 65.08 -106.19 -97.78
C ARG L 311 64.10 -105.13 -97.27
N MET L 312 62.89 -105.57 -96.93
CA MET L 312 61.84 -104.66 -96.47
C MET L 312 62.24 -103.91 -95.21
N GLN L 313 62.88 -104.60 -94.28
CA GLN L 313 63.32 -103.98 -93.05
C GLN L 313 64.29 -102.82 -93.32
N LYS L 314 65.26 -103.06 -94.21
CA LYS L 314 66.25 -102.04 -94.58
C LYS L 314 65.68 -100.76 -95.21
N GLU L 315 64.81 -100.92 -96.19
CA GLU L 315 64.23 -99.75 -96.86
C GLU L 315 63.30 -98.95 -95.95
N ILE L 316 62.50 -99.65 -95.15
CA ILE L 316 61.59 -98.96 -94.23
C ILE L 316 62.37 -98.16 -93.20
N THR L 317 63.48 -98.73 -92.71
CA THR L 317 64.31 -98.04 -91.73
C THR L 317 64.91 -96.76 -92.32
N ALA L 318 65.32 -96.81 -93.58
CA ALA L 318 65.87 -95.64 -94.25
C ALA L 318 64.78 -94.59 -94.53
N LEU L 319 63.59 -95.06 -94.92
CA LEU L 319 62.44 -94.18 -95.20
C LEU L 319 61.88 -93.52 -93.92
N ALA L 320 61.82 -94.28 -92.84
CA ALA L 320 61.28 -93.80 -91.55
C ALA L 320 62.17 -92.75 -90.87
N PRO L 321 61.56 -91.79 -90.13
CA PRO L 321 62.29 -90.72 -89.43
C PRO L 321 63.44 -91.19 -88.51
N SER L 322 63.21 -92.31 -87.78
CA SER L 322 64.19 -92.96 -86.85
C SER L 322 63.66 -92.96 -85.40
N THR L 323 64.55 -93.34 -84.46
CA THR L 323 64.22 -93.36 -83.01
C THR L 323 63.04 -94.32 -82.64
N MET L 324 62.57 -95.15 -83.56
CA MET L 324 61.48 -96.08 -83.21
C MET L 324 61.58 -97.47 -83.84
N LYS L 325 60.85 -98.37 -83.20
CA LYS L 325 60.77 -99.79 -83.54
C LYS L 325 59.92 -100.07 -84.79
N ILE L 326 60.47 -100.90 -85.68
CA ILE L 326 59.77 -101.33 -86.87
C ILE L 326 59.64 -102.86 -86.84
N LYS L 327 58.42 -103.37 -86.84
CA LYS L 327 58.21 -104.81 -86.76
C LYS L 327 57.38 -105.34 -87.93
N ILE L 328 57.83 -106.43 -88.51
CA ILE L 328 57.13 -107.03 -89.64
C ILE L 328 56.50 -108.36 -89.24
N ILE L 329 55.22 -108.51 -89.57
CA ILE L 329 54.47 -109.71 -89.24
C ILE L 329 54.60 -110.70 -90.38
N ALA L 330 55.14 -111.87 -90.09
CA ALA L 330 55.38 -112.89 -91.10
C ALA L 330 54.66 -114.22 -90.85
N PRO L 331 53.48 -114.41 -91.47
CA PRO L 331 52.74 -115.66 -91.37
C PRO L 331 53.31 -116.71 -92.34
N PRO L 332 53.58 -117.94 -91.85
CA PRO L 332 54.14 -119.05 -92.65
C PRO L 332 53.38 -119.28 -93.98
N GLU L 333 52.07 -119.18 -93.89
CA GLU L 333 51.17 -119.42 -95.03
C GLU L 333 50.82 -118.13 -95.80
N ARG L 334 51.76 -117.19 -95.90
CA ARG L 334 51.51 -115.88 -96.54
C ARG L 334 51.06 -115.99 -98.02
N LYS L 335 51.60 -116.92 -98.79
CA LYS L 335 51.15 -117.09 -100.19
C LYS L 335 49.66 -117.41 -100.31
N TYR L 336 49.19 -118.26 -99.43
CA TYR L 336 47.79 -118.66 -99.46
C TYR L 336 46.94 -117.92 -98.43
N SER L 337 47.53 -116.91 -97.77
CA SER L 337 46.83 -116.20 -96.69
C SER L 337 45.54 -115.54 -97.17
N VAL L 338 45.55 -114.96 -98.35
CA VAL L 338 44.35 -114.33 -98.88
C VAL L 338 43.19 -115.34 -99.01
N TRP L 339 43.49 -116.48 -99.64
CA TRP L 339 42.47 -117.53 -99.82
C TRP L 339 42.12 -118.20 -98.47
N ILE L 340 43.14 -118.41 -97.64
CA ILE L 340 42.99 -119.09 -96.34
C ILE L 340 42.03 -118.35 -95.41
N GLY L 341 42.12 -117.02 -95.37
CA GLY L 341 41.22 -116.27 -94.52
C GLY L 341 39.76 -116.49 -94.88
N GLY L 342 39.48 -116.54 -96.19
CA GLY L 342 38.12 -116.78 -96.65
C GLY L 342 37.59 -118.20 -96.40
N SER L 343 38.45 -119.20 -96.60
CA SER L 343 38.07 -120.62 -96.45
C SER L 343 37.58 -121.07 -95.05
N ILE L 344 38.30 -120.71 -93.99
CA ILE L 344 37.96 -121.16 -92.62
C ILE L 344 36.63 -120.65 -92.04
N LEU L 345 36.33 -119.36 -92.18
CA LEU L 345 35.10 -118.85 -91.56
C LEU L 345 33.88 -118.92 -92.47
N ALA L 346 33.74 -120.00 -93.22
CA ALA L 346 32.58 -120.13 -94.11
C ALA L 346 31.64 -121.30 -93.73
N SER L 347 31.99 -122.14 -92.75
CA SER L 347 31.13 -123.28 -92.39
C SER L 347 30.92 -123.58 -90.88
N LEU L 348 31.30 -122.71 -89.94
CA LEU L 348 31.21 -123.09 -88.50
C LEU L 348 29.81 -123.45 -87.97
N SER L 349 28.82 -122.59 -88.22
CA SER L 349 27.42 -122.75 -87.74
C SER L 349 26.83 -121.39 -87.44
N THR L 350 27.68 -120.52 -86.87
CA THR L 350 27.26 -119.17 -86.55
C THR L 350 27.53 -118.27 -87.73
N PHE L 351 28.13 -118.86 -88.75
CA PHE L 351 28.33 -118.17 -90.00
C PHE L 351 27.11 -118.44 -90.89
N GLN L 352 26.27 -119.38 -90.43
CA GLN L 352 24.96 -119.66 -91.05
C GLN L 352 24.01 -118.50 -90.89
N GLN L 353 24.04 -117.91 -89.70
CA GLN L 353 23.21 -116.77 -89.35
C GLN L 353 23.48 -115.56 -90.26
N MET L 354 24.77 -115.38 -90.55
CA MET L 354 25.32 -114.25 -91.32
C MET L 354 25.25 -114.37 -92.88
N TRP L 355 25.02 -115.56 -93.43
CA TRP L 355 24.97 -115.74 -94.91
C TRP L 355 23.89 -114.93 -95.61
N ILE L 356 24.27 -114.42 -96.78
CA ILE L 356 23.32 -113.74 -97.64
C ILE L 356 22.76 -114.84 -98.53
N SER L 357 21.45 -115.03 -98.45
CA SER L 357 20.82 -116.11 -99.18
C SER L 357 20.06 -115.68 -100.42
N LYS L 358 19.84 -116.66 -101.28
CA LYS L 358 19.09 -116.45 -102.53
C LYS L 358 17.67 -115.98 -102.23
N GLN L 359 17.08 -116.56 -101.20
CA GLN L 359 15.72 -116.22 -100.79
C GLN L 359 15.59 -114.74 -100.39
N GLU L 360 16.60 -114.23 -99.68
CA GLU L 360 16.62 -112.80 -99.28
C GLU L 360 16.70 -111.85 -100.49
N TYR L 361 17.51 -112.22 -101.48
CA TYR L 361 17.70 -111.41 -102.68
C TYR L 361 16.38 -111.20 -103.44
N ASP L 362 15.58 -112.24 -103.52
CA ASP L 362 14.30 -112.16 -104.21
C ASP L 362 13.39 -111.11 -103.57
N GLU L 363 13.40 -111.03 -102.23
CA GLU L 363 12.57 -110.05 -101.54
C GLU L 363 13.07 -108.59 -101.72
N SER L 364 14.13 -108.22 -100.98
CA SER L 364 14.70 -106.86 -101.07
C SER L 364 15.28 -106.47 -102.45
N GLY L 365 15.95 -107.42 -103.10
CA GLY L 365 16.57 -107.14 -104.40
C GLY L 365 18.08 -106.85 -104.29
N PRO L 366 18.65 -106.09 -105.26
CA PRO L 366 20.09 -105.71 -105.29
C PRO L 366 20.55 -104.90 -104.06
N SER L 367 19.62 -104.16 -103.50
CA SER L 367 19.84 -103.27 -102.33
C SER L 367 20.33 -104.00 -101.06
N ILE L 368 20.02 -105.28 -100.95
CA ILE L 368 20.33 -106.07 -99.75
C ILE L 368 21.84 -106.16 -99.40
N VAL L 369 22.72 -106.29 -100.38
CA VAL L 369 24.16 -106.43 -100.07
C VAL L 369 24.71 -105.20 -99.29
N HIS L 370 24.30 -103.98 -99.67
CA HIS L 370 24.75 -102.78 -98.94
C HIS L 370 24.27 -102.74 -97.47
N ARG L 371 23.03 -103.17 -97.27
CA ARG L 371 22.36 -103.10 -95.97
C ARG L 371 22.86 -104.02 -94.83
N LYS L 372 23.22 -105.28 -95.09
CA LYS L 372 23.62 -106.17 -93.96
C LYS L 372 25.10 -106.17 -93.59
N CYS L 373 25.96 -105.47 -94.29
CA CYS L 373 27.36 -105.50 -93.88
C CYS L 373 27.65 -104.36 -92.91
N PHE L 374 27.88 -104.75 -91.66
CA PHE L 374 28.17 -103.81 -90.56
C PHE L 374 26.97 -102.90 -90.24
N MET M 1 -56.89 78.52 124.33
CA MET M 1 -57.16 77.96 125.67
C MET M 1 -57.85 79.01 126.56
N ALA M 2 -58.38 78.61 127.72
CA ALA M 2 -59.08 79.59 128.58
C ALA M 2 -58.77 79.48 130.09
N SER M 3 -59.15 78.38 130.73
CA SER M 3 -58.92 78.22 132.19
C SER M 3 -58.72 76.74 132.57
N GLY M 4 -57.47 76.30 132.55
CA GLY M 4 -57.13 74.89 132.78
C GLY M 4 -57.66 74.22 134.07
N VAL M 5 -57.77 74.96 135.17
CA VAL M 5 -58.24 74.37 136.46
C VAL M 5 -59.49 75.08 137.06
N ALA M 6 -60.34 74.32 137.77
CA ALA M 6 -61.60 74.88 138.36
C ALA M 6 -61.58 75.34 139.86
N VAL M 7 -60.64 74.87 140.71
CA VAL M 7 -60.52 75.25 142.18
C VAL M 7 -60.90 74.07 143.13
N SER M 8 -60.14 73.87 144.23
CA SER M 8 -60.46 72.78 145.18
C SER M 8 -60.86 73.26 146.60
N ASP M 9 -61.07 74.57 146.77
CA ASP M 9 -61.46 75.17 148.08
C ASP M 9 -60.23 75.40 149.00
N GLY M 10 -59.16 74.63 148.79
CA GLY M 10 -57.95 74.77 149.59
C GLY M 10 -57.28 76.15 149.50
N VAL M 11 -57.11 76.67 148.28
CA VAL M 11 -56.48 77.98 148.08
C VAL M 11 -57.24 79.11 148.77
N ILE M 12 -58.56 79.08 148.65
CA ILE M 12 -59.42 80.08 149.25
C ILE M 12 -59.27 80.07 150.77
N LYS M 13 -59.21 78.87 151.35
CA LYS M 13 -59.06 78.71 152.79
C LYS M 13 -57.77 79.36 153.32
N VAL M 14 -56.64 79.06 152.66
CA VAL M 14 -55.36 79.66 153.07
C VAL M 14 -55.29 81.16 152.74
N PHE M 15 -55.81 81.55 151.58
CA PHE M 15 -55.85 82.96 151.17
C PHE M 15 -56.65 83.81 152.15
N ASN M 16 -57.78 83.26 152.60
CA ASN M 16 -58.67 83.92 153.56
C ASN M 16 -57.92 84.20 154.85
N ASP M 17 -57.10 83.24 155.26
CA ASP M 17 -56.30 83.35 156.47
C ASP M 17 -55.36 84.57 156.35
N MET M 18 -54.66 84.68 155.22
CA MET M 18 -53.77 85.82 154.96
C MET M 18 -54.50 87.17 154.97
N LYS M 19 -55.69 87.18 154.36
CA LYS M 19 -56.50 88.40 154.21
C LYS M 19 -56.91 89.06 155.55
N VAL M 20 -57.27 88.25 156.54
CA VAL M 20 -57.67 88.78 157.87
C VAL M 20 -56.51 88.76 158.90
N ARG M 21 -55.43 88.09 158.50
CA ARG M 21 -54.17 87.88 159.28
C ARG M 21 -54.30 86.74 160.28
N LYS M 22 -55.50 86.55 160.81
CA LYS M 22 -55.78 85.48 161.79
C LYS M 22 -54.80 85.62 162.99
N SER M 23 -54.52 86.86 163.42
CA SER M 23 -53.56 87.11 164.53
C SER M 23 -54.00 88.22 165.51
N SER M 24 -53.58 88.07 166.76
CA SER M 24 -53.84 89.05 167.83
C SER M 24 -52.60 89.23 168.73
N THR M 25 -52.29 88.16 169.46
CA THR M 25 -51.15 88.08 170.39
C THR M 25 -49.80 88.07 169.67
N PRO M 26 -48.72 88.42 170.40
CA PRO M 26 -47.34 88.44 169.83
C PRO M 26 -46.94 87.06 169.32
N GLU M 27 -47.49 86.02 169.95
CA GLU M 27 -47.21 84.64 169.59
C GLU M 27 -47.58 84.28 168.13
N GLU M 28 -48.72 84.78 167.64
CA GLU M 28 -49.15 84.45 166.28
C GLU M 28 -48.88 85.52 165.23
N VAL M 29 -48.37 86.68 165.62
CA VAL M 29 -48.03 87.72 164.64
C VAL M 29 -46.81 87.24 163.84
N LYS M 30 -45.93 86.57 164.56
CA LYS M 30 -44.71 86.00 163.99
C LYS M 30 -44.99 84.67 163.26
N LYS M 31 -46.19 84.12 163.41
CA LYS M 31 -46.54 82.88 162.73
C LYS M 31 -47.38 83.19 161.48
N ARG M 32 -47.54 84.48 161.19
CA ARG M 32 -48.29 84.91 160.00
C ARG M 32 -47.46 84.56 158.76
N LYS M 33 -48.13 84.23 157.68
CA LYS M 33 -47.46 83.74 156.49
C LYS M 33 -47.06 84.85 155.52
N LYS M 34 -45.78 85.23 155.52
CA LYS M 34 -45.29 86.23 154.58
C LYS M 34 -45.46 85.73 153.15
N ALA M 35 -45.17 84.45 152.96
CA ALA M 35 -45.29 83.81 151.66
C ALA M 35 -45.84 82.39 151.77
N VAL M 36 -46.65 82.02 150.82
CA VAL M 36 -47.22 80.68 150.77
C VAL M 36 -47.06 80.08 149.38
N LEU M 37 -46.74 78.80 149.31
CA LEU M 37 -46.59 78.14 148.03
C LEU M 37 -47.81 77.32 147.66
N PHE M 38 -48.24 77.52 146.44
CA PHE M 38 -49.41 76.87 145.91
C PHE M 38 -49.03 76.03 144.70
N CYS M 39 -49.62 74.89 144.60
CA CYS M 39 -49.36 74.04 143.46
C CYS M 39 -50.58 73.22 143.18
N LEU M 40 -50.59 72.54 142.07
CA LEU M 40 -51.71 71.70 141.76
C LEU M 40 -51.28 70.26 142.00
N SER M 41 -52.10 69.55 142.73
CA SER M 41 -51.83 68.18 143.13
C SER M 41 -51.90 67.25 141.93
N GLU M 42 -51.39 66.02 142.07
CA GLU M 42 -51.35 65.10 140.94
C GLU M 42 -52.72 64.84 140.34
N ASP M 43 -52.64 64.80 139.00
CA ASP M 43 -53.74 64.68 138.04
C ASP M 43 -54.18 66.09 137.63
N LYS M 44 -53.76 67.07 138.45
CA LYS M 44 -53.97 68.52 138.23
C LYS M 44 -55.45 68.91 138.14
N LYS M 45 -56.27 68.05 138.67
CA LYS M 45 -57.71 68.26 138.77
C LYS M 45 -58.03 69.37 139.77
N ASN M 46 -57.26 69.39 140.87
CA ASN M 46 -57.46 70.33 141.99
C ASN M 46 -56.24 71.24 142.27
N ILE M 47 -56.51 72.47 142.74
CA ILE M 47 -55.43 73.40 143.14
C ILE M 47 -55.45 73.56 144.66
N ILE M 48 -54.28 73.39 145.26
CA ILE M 48 -54.14 73.41 146.72
C ILE M 48 -52.90 74.16 147.20
N LEU M 49 -52.72 74.10 148.51
CA LEU M 49 -51.58 74.73 149.18
C LEU M 49 -50.56 73.65 149.59
N GLU M 50 -49.27 73.94 149.47
CA GLU M 50 -48.26 72.95 149.83
C GLU M 50 -47.90 73.09 151.30
N GLU M 51 -48.13 72.01 152.04
CA GLU M 51 -47.87 71.98 153.49
C GLU M 51 -46.38 72.10 153.81
N GLY M 52 -45.59 71.43 152.99
CA GLY M 52 -44.15 71.42 153.13
C GLY M 52 -43.44 72.76 152.95
N LYS M 53 -43.89 73.54 151.98
CA LYS M 53 -43.20 74.80 151.67
C LYS M 53 -44.02 76.08 151.92
N GLU M 54 -43.53 76.91 152.85
CA GLU M 54 -44.13 78.22 153.14
C GLU M 54 -43.13 79.15 153.85
N ILE M 55 -43.39 80.46 153.80
CA ILE M 55 -42.53 81.46 154.44
C ILE M 55 -43.28 82.29 155.50
N LEU M 56 -42.72 82.41 156.70
CA LEU M 56 -43.34 83.16 157.79
C LEU M 56 -42.63 84.49 158.07
N VAL M 57 -43.42 85.54 158.38
CA VAL M 57 -42.86 86.87 158.70
C VAL M 57 -42.01 86.80 159.99
N GLY M 58 -42.44 85.93 160.89
CA GLY M 58 -41.77 85.70 162.17
C GLY M 58 -40.34 85.22 162.01
N ASP M 59 -40.05 84.67 160.84
CA ASP M 59 -38.74 84.15 160.49
C ASP M 59 -37.68 85.24 160.53
N VAL M 60 -38.03 86.46 160.08
CA VAL M 60 -37.06 87.56 160.06
C VAL M 60 -36.55 87.84 161.47
N GLY M 61 -37.45 87.81 162.44
CA GLY M 61 -37.04 87.99 163.82
C GLY M 61 -36.49 86.69 164.44
N GLN M 62 -37.16 85.57 164.14
CA GLN M 62 -36.81 84.24 164.67
C GLN M 62 -35.39 83.73 164.34
N THR M 63 -34.97 83.82 163.07
CA THR M 63 -33.67 83.27 162.67
C THR M 63 -33.20 83.64 161.25
N VAL M 64 -34.11 83.86 160.31
CA VAL M 64 -33.72 84.22 158.93
C VAL M 64 -34.08 85.68 158.66
N ASP M 65 -33.09 86.50 158.35
CA ASP M 65 -33.36 87.92 158.12
C ASP M 65 -33.70 88.30 156.67
N ASP M 66 -33.65 87.33 155.76
CA ASP M 66 -34.01 87.59 154.36
C ASP M 66 -35.01 86.60 153.78
N PRO M 67 -36.31 86.69 154.16
CA PRO M 67 -37.38 85.83 153.61
C PRO M 67 -37.33 85.80 152.09
N TYR M 68 -37.07 86.97 151.50
CA TYR M 68 -36.99 87.08 150.06
C TYR M 68 -35.54 86.77 149.68
N ALA M 69 -35.30 85.46 149.64
CA ALA M 69 -34.02 84.83 149.35
C ALA M 69 -34.24 83.35 149.59
N THR M 70 -34.89 83.06 150.73
CA THR M 70 -35.29 81.69 151.07
C THR M 70 -36.24 81.21 150.00
N PHE M 71 -37.12 82.13 149.58
CA PHE M 71 -38.10 81.90 148.53
C PHE M 71 -37.36 81.54 147.23
N VAL M 72 -36.26 82.26 146.97
CA VAL M 72 -35.43 82.02 145.79
C VAL M 72 -34.81 80.61 145.83
N LYS M 73 -34.37 80.21 147.04
CA LYS M 73 -33.75 78.90 147.30
C LYS M 73 -34.71 77.72 147.12
N MET M 74 -35.94 77.92 147.58
CA MET M 74 -36.96 76.88 147.57
C MET M 74 -37.86 76.92 146.34
N LEU M 75 -37.43 77.67 145.33
CA LEU M 75 -38.18 77.77 144.08
C LEU M 75 -37.27 77.51 142.89
N PRO M 76 -36.82 76.25 142.73
CA PRO M 76 -35.97 75.84 141.60
C PRO M 76 -36.67 76.05 140.27
N ASP M 77 -35.92 76.31 139.21
CA ASP M 77 -36.56 76.42 137.89
C ASP M 77 -36.95 75.01 137.49
N LYS M 78 -36.45 74.09 138.29
CA LYS M 78 -36.64 72.67 138.15
C LYS M 78 -38.10 72.28 138.45
N ASP M 79 -38.76 73.04 139.34
CA ASP M 79 -40.17 72.81 139.66
C ASP M 79 -41.00 74.09 139.43
N CYS M 80 -42.17 73.95 138.82
CA CYS M 80 -43.02 75.11 138.55
C CYS M 80 -44.13 75.21 139.61
N ARG M 81 -44.17 76.33 140.35
CA ARG M 81 -45.15 76.51 141.44
C ARG M 81 -45.84 77.88 141.44
N TYR M 82 -46.99 77.95 142.11
CA TYR M 82 -47.76 79.19 142.25
C TYR M 82 -47.49 79.76 143.65
N ALA M 83 -47.33 81.06 143.82
CA ALA M 83 -47.09 81.55 145.18
C ALA M 83 -47.71 82.92 145.50
N LEU M 84 -47.99 83.11 146.79
CA LEU M 84 -48.45 84.40 147.31
C LEU M 84 -47.40 84.93 148.26
N TYR M 85 -47.01 86.17 148.07
CA TYR M 85 -45.99 86.77 148.91
C TYR M 85 -46.42 88.17 149.33
N ASP M 86 -46.14 88.54 150.56
CA ASP M 86 -46.47 89.88 151.04
C ASP M 86 -45.30 90.81 150.77
N ALA M 87 -45.56 91.96 150.18
CA ALA M 87 -44.48 92.89 149.82
C ALA M 87 -43.67 93.35 151.03
N THR M 88 -44.33 93.77 152.11
CA THR M 88 -43.62 94.17 153.35
C THR M 88 -42.39 95.06 153.06
N TYR M 89 -42.61 96.22 152.46
CA TYR M 89 -41.49 97.08 152.07
C TYR M 89 -41.68 98.50 152.57
N GLU M 90 -40.58 99.24 152.64
CA GLU M 90 -40.64 100.61 153.12
C GLU M 90 -40.55 101.64 151.99
N THR M 91 -41.48 102.58 152.02
CA THR M 91 -41.46 103.70 151.12
C THR M 91 -41.38 104.91 152.05
N LYS M 92 -40.28 105.67 151.92
CA LYS M 92 -39.85 106.86 152.78
C LYS M 92 -40.81 107.52 153.84
N GLU M 93 -41.84 106.86 154.30
CA GLU M 93 -42.73 107.40 155.34
C GLU M 93 -42.81 106.39 156.49
N SER M 94 -43.08 105.17 156.06
CA SER M 94 -43.24 103.99 156.88
C SER M 94 -43.40 102.80 155.94
N LYS M 95 -43.95 101.69 156.40
CA LYS M 95 -44.16 100.54 155.52
C LYS M 95 -45.59 100.01 155.60
N LYS M 96 -46.07 99.44 154.50
CA LYS M 96 -47.43 98.90 154.45
C LYS M 96 -47.40 97.40 154.14
N GLU M 97 -47.86 97.01 152.92
CA GLU M 97 -47.95 95.62 152.42
C GLU M 97 -48.85 95.51 151.18
N ASP M 98 -48.28 95.06 150.09
CA ASP M 98 -49.04 94.85 148.86
C ASP M 98 -49.21 93.36 148.62
N LEU M 99 -50.42 92.92 148.36
CA LEU M 99 -50.63 91.51 148.10
C LEU M 99 -50.24 91.23 146.67
N VAL M 100 -49.29 90.36 146.50
CA VAL M 100 -48.82 90.02 145.18
C VAL M 100 -48.77 88.54 144.99
N PHE M 101 -49.16 88.13 143.82
CA PHE M 101 -49.12 86.74 143.52
C PHE M 101 -47.84 86.54 142.74
N ILE M 102 -47.05 85.59 143.13
CA ILE M 102 -45.81 85.37 142.45
C ILE M 102 -45.94 84.17 141.56
N PHE M 103 -45.74 84.38 140.28
CA PHE M 103 -45.82 83.29 139.36
C PHE M 103 -44.44 82.80 139.01
N TRP M 104 -44.23 81.56 139.32
CA TRP M 104 -43.00 80.93 138.99
C TRP M 104 -43.29 79.95 137.88
N ALA M 105 -42.93 80.37 136.68
CA ALA M 105 -43.14 79.57 135.49
C ALA M 105 -41.87 79.47 134.68
N PRO M 106 -40.86 78.73 135.16
CA PRO M 106 -39.63 78.60 134.42
C PRO M 106 -39.81 77.81 133.13
N GLU M 107 -39.27 78.33 132.04
CA GLU M 107 -39.34 77.65 130.74
C GLU M 107 -38.63 76.28 130.80
N SER M 108 -37.51 76.30 131.50
CA SER M 108 -36.61 75.14 131.67
C SER M 108 -37.15 74.04 132.60
N ALA M 109 -38.24 74.28 133.32
CA ALA M 109 -38.79 73.29 134.24
C ALA M 109 -39.34 72.10 133.47
N PRO M 110 -39.51 70.91 134.12
CA PRO M 110 -40.05 69.76 133.42
C PRO M 110 -41.31 70.18 132.72
N LEU M 111 -41.35 69.85 131.46
CA LEU M 111 -42.42 70.24 130.58
C LEU M 111 -43.79 69.76 131.00
N LYS M 112 -43.89 68.53 131.47
CA LYS M 112 -45.20 67.97 131.79
C LYS M 112 -45.94 68.77 132.89
N SER M 113 -45.27 69.05 134.00
CA SER M 113 -45.88 69.85 135.08
C SER M 113 -46.05 71.32 134.73
N LYS M 114 -44.98 71.87 134.13
CA LYS M 114 -44.90 73.28 133.75
C LYS M 114 -45.98 73.69 132.74
N MET M 115 -46.23 72.85 131.76
CA MET M 115 -47.21 73.16 130.73
C MET M 115 -48.64 73.36 131.26
N ILE M 116 -49.06 72.55 132.22
CA ILE M 116 -50.38 72.73 132.82
C ILE M 116 -50.41 74.05 133.60
N TYR M 117 -49.30 74.33 134.29
CA TYR M 117 -49.16 75.54 135.09
C TYR M 117 -49.29 76.80 134.23
N ALA M 118 -48.60 76.79 133.12
CA ALA M 118 -48.59 77.92 132.20
C ALA M 118 -50.00 78.22 131.69
N SER M 119 -50.69 77.16 131.28
CA SER M 119 -52.04 77.22 130.74
C SER M 119 -53.11 77.55 131.82
N SER M 120 -52.77 77.30 133.06
CA SER M 120 -53.68 77.50 134.19
C SER M 120 -53.64 78.90 134.82
N LYS M 121 -52.80 79.83 134.34
CA LYS M 121 -52.76 81.17 134.97
C LYS M 121 -54.12 81.90 134.95
N ASP M 122 -54.84 81.86 133.83
CA ASP M 122 -56.16 82.49 133.79
C ASP M 122 -57.11 81.84 134.79
N ALA M 123 -57.03 80.52 134.88
CA ALA M 123 -57.85 79.76 135.81
C ALA M 123 -57.49 80.01 137.27
N ILE M 124 -56.19 80.11 137.54
CA ILE M 124 -55.75 80.33 138.91
C ILE M 124 -56.10 81.75 139.38
N LYS M 125 -55.97 82.76 138.51
CA LYS M 125 -56.34 84.12 138.91
C LYS M 125 -57.85 84.33 138.80
N LYS M 126 -58.52 83.41 138.10
CA LYS M 126 -59.97 83.48 137.97
C LYS M 126 -60.61 83.41 139.35
N LYS M 127 -60.04 82.54 140.19
CA LYS M 127 -60.47 82.39 141.58
C LYS M 127 -59.87 83.49 142.47
N LEU M 128 -58.87 84.20 141.94
CA LEU M 128 -58.21 85.29 142.66
C LEU M 128 -59.05 86.58 142.59
N THR M 129 -60.08 86.54 141.74
CA THR M 129 -60.98 87.69 141.51
C THR M 129 -60.19 88.97 141.22
N GLY M 130 -59.26 88.84 140.28
CA GLY M 130 -58.41 89.96 139.89
C GLY M 130 -57.43 90.34 140.98
N ILE M 131 -56.14 90.22 140.71
CA ILE M 131 -55.18 90.53 141.74
C ILE M 131 -54.33 91.75 141.40
N LYS M 132 -54.31 92.59 142.40
CA LYS M 132 -53.65 93.88 142.48
C LYS M 132 -52.38 94.02 141.62
N HIS M 133 -51.33 93.31 142.01
CA HIS M 133 -50.05 93.38 141.30
C HIS M 133 -49.47 91.97 141.19
N GLU M 134 -48.64 91.71 140.19
CA GLU M 134 -48.03 90.40 140.11
C GLU M 134 -46.56 90.47 139.66
N LEU M 135 -45.77 89.52 140.12
CA LEU M 135 -44.38 89.40 139.71
C LEU M 135 -44.20 88.05 139.06
N GLN M 136 -43.60 88.00 137.89
CA GLN M 136 -43.39 86.72 137.25
C GLN M 136 -42.01 86.60 136.63
N ALA M 137 -41.33 85.52 136.94
CA ALA M 137 -40.01 85.25 136.41
C ALA M 137 -39.86 83.78 136.06
N ASN M 138 -39.10 83.48 135.02
CA ASN M 138 -38.88 82.09 134.61
C ASN M 138 -37.44 81.66 134.90
N CYS M 139 -36.74 82.44 135.72
CA CYS M 139 -35.35 82.15 136.07
C CYS M 139 -34.99 82.67 137.47
N TYR M 140 -33.94 82.10 138.07
CA TYR M 140 -33.46 82.52 139.38
C TYR M 140 -33.04 83.99 139.47
N GLU M 141 -32.37 84.50 138.45
CA GLU M 141 -31.88 85.88 138.49
C GLU M 141 -33.01 86.93 138.63
N GLU M 142 -34.13 86.74 137.93
CA GLU M 142 -35.24 87.69 138.05
C GLU M 142 -35.91 87.59 139.43
N VAL M 143 -36.07 86.36 139.93
CA VAL M 143 -36.66 86.14 141.26
C VAL M 143 -35.72 86.65 142.38
N LYS M 144 -34.43 86.39 142.20
CA LYS M 144 -33.37 86.81 143.12
C LYS M 144 -33.25 88.33 143.30
N ASP M 145 -33.39 89.06 142.19
CA ASP M 145 -33.19 90.50 142.18
C ASP M 145 -34.23 91.35 142.91
N ARG M 146 -33.68 92.24 143.71
CA ARG M 146 -34.39 93.24 144.50
C ARG M 146 -35.22 94.19 143.63
N CYS M 147 -34.64 94.55 142.49
CA CYS M 147 -35.21 95.51 141.56
C CYS M 147 -36.58 95.07 141.02
N THR M 148 -36.75 93.79 140.71
CA THR M 148 -38.04 93.33 140.17
C THR M 148 -39.20 93.60 141.16
N LEU M 149 -38.95 93.36 142.46
CA LEU M 149 -39.95 93.65 143.51
C LEU M 149 -40.18 95.19 143.57
N ALA M 150 -39.10 95.94 143.44
CA ALA M 150 -39.10 97.41 143.49
C ALA M 150 -39.78 98.07 142.27
N GLU M 151 -39.78 97.36 141.14
CA GLU M 151 -40.37 97.84 139.86
C GLU M 151 -41.86 98.11 140.05
N LYS M 152 -42.50 97.24 140.79
CA LYS M 152 -43.93 97.33 141.10
C LYS M 152 -44.28 98.62 141.84
N LEU M 153 -43.38 98.94 142.75
CA LEU M 153 -43.46 100.09 143.63
C LEU M 153 -43.42 101.41 142.85
N GLY M 154 -42.56 101.39 141.85
CA GLY M 154 -42.25 102.55 141.01
C GLY M 154 -40.73 102.68 140.87
N GLY M 155 -40.05 102.57 142.01
CA GLY M 155 -38.59 102.56 142.06
C GLY M 155 -37.89 103.92 142.21
N SER M 156 -38.61 105.03 142.10
CA SER M 156 -37.97 106.34 142.29
C SER M 156 -38.23 106.91 143.69
N ALA M 157 -39.01 106.19 144.49
CA ALA M 157 -39.36 106.62 145.84
C ALA M 157 -39.32 105.47 146.82
N VAL M 158 -38.22 104.72 146.82
CA VAL M 158 -38.08 103.55 147.69
C VAL M 158 -36.63 103.29 148.08
N ILE M 159 -36.17 103.86 149.18
CA ILE M 159 -34.80 103.60 149.60
C ILE M 159 -34.82 102.60 150.77
N SER M 160 -34.93 101.31 150.38
CA SER M 160 -34.89 100.12 151.27
C SER M 160 -36.02 99.11 150.97
N LEU M 161 -35.79 98.14 150.09
CA LEU M 161 -36.84 97.14 149.83
C LEU M 161 -37.19 96.41 151.15
N GLU M 162 -36.14 95.93 151.82
CA GLU M 162 -36.23 95.27 153.14
C GLU M 162 -35.56 96.06 154.25
N GLY M 163 -35.35 97.35 154.05
CA GLY M 163 -34.66 98.15 155.06
C GLY M 163 -33.13 98.06 154.96
N LYS M 164 -32.62 97.47 153.88
CA LYS M 164 -31.15 97.33 153.69
C LYS M 164 -30.67 97.08 152.23
N PRO M 165 -31.31 96.20 151.43
CA PRO M 165 -30.84 95.87 150.05
C PRO M 165 -30.73 97.02 149.02
N LEU M 166 -31.58 98.05 149.13
CA LEU M 166 -31.54 99.15 148.15
C LEU M 166 -31.12 100.49 148.76
N MET N 1 -28.43 101.17 78.39
CA MET N 1 -28.24 102.63 78.19
C MET N 1 -28.59 103.41 79.46
N ALA N 2 -28.26 104.70 79.53
CA ALA N 2 -28.56 105.47 80.74
C ALA N 2 -29.11 106.89 80.50
N SER N 3 -28.31 107.79 79.92
CA SER N 3 -28.76 109.19 79.69
C SER N 3 -28.10 109.79 78.44
N GLY N 4 -28.76 109.64 77.30
CA GLY N 4 -28.20 110.07 76.00
C GLY N 4 -27.73 111.52 75.87
N VAL N 5 -28.38 112.47 76.53
CA VAL N 5 -28.01 113.91 76.43
C VAL N 5 -27.67 114.58 77.79
N ALA N 6 -26.74 115.56 77.78
CA ALA N 6 -26.31 116.25 79.02
C ALA N 6 -26.98 117.61 79.41
N VAL N 7 -27.63 118.35 78.46
CA VAL N 7 -28.32 119.68 78.72
C VAL N 7 -27.57 120.88 78.10
N SER N 8 -28.29 121.85 77.48
CA SER N 8 -27.62 123.03 76.87
C SER N 8 -27.99 124.38 77.53
N ASP N 9 -28.68 124.34 78.68
CA ASP N 9 -29.10 125.56 79.43
C ASP N 9 -30.39 126.18 78.83
N GLY N 10 -30.66 125.93 77.55
CA GLY N 10 -31.85 126.46 76.90
C GLY N 10 -33.18 126.00 77.52
N VAL N 11 -33.30 124.70 77.78
CA VAL N 11 -34.53 124.14 78.37
C VAL N 11 -34.84 124.74 79.75
N ILE N 12 -33.80 124.85 80.57
CA ILE N 12 -33.95 125.42 81.91
C ILE N 12 -34.44 126.86 81.85
N LYS N 13 -33.89 127.62 80.90
CA LYS N 13 -34.29 129.02 80.72
C LYS N 13 -35.78 129.17 80.41
N VAL N 14 -36.27 128.40 79.43
CA VAL N 14 -37.69 128.44 79.08
C VAL N 14 -38.58 127.84 80.17
N PHE N 15 -38.13 126.73 80.77
CA PHE N 15 -38.87 126.07 81.88
C PHE N 15 -39.04 127.02 83.06
N ASN N 16 -37.98 127.75 83.37
CA ASN N 16 -37.98 128.71 84.47
C ASN N 16 -39.05 129.78 84.25
N ASP N 17 -39.16 130.21 83.00
CA ASP N 17 -40.14 131.21 82.60
C ASP N 17 -41.56 130.69 82.93
N MET N 18 -41.86 129.45 82.53
CA MET N 18 -43.16 128.84 82.82
C MET N 18 -43.45 128.73 84.33
N LYS N 19 -42.42 128.35 85.09
CA LYS N 19 -42.52 128.11 86.53
C LYS N 19 -42.97 129.36 87.34
N VAL N 20 -42.46 130.55 86.98
CA VAL N 20 -42.82 131.80 87.68
C VAL N 20 -43.95 132.58 86.95
N ARG N 21 -44.24 132.13 85.73
CA ARG N 21 -45.25 132.70 84.79
C ARG N 21 -44.70 133.89 84.01
N LYS N 22 -43.83 134.66 84.65
CA LYS N 22 -43.22 135.86 84.06
C LYS N 22 -44.34 136.82 83.55
N SER N 23 -45.43 136.95 84.34
CA SER N 23 -46.57 137.79 83.95
C SER N 23 -47.18 138.61 85.10
N SER N 24 -47.73 139.78 84.74
CA SER N 24 -48.42 140.68 85.70
C SER N 24 -49.68 141.29 85.06
N THR N 25 -49.44 142.13 84.06
CA THR N 25 -50.48 142.84 83.30
C THR N 25 -51.30 141.91 82.40
N PRO N 26 -52.50 142.34 81.99
CA PRO N 26 -53.39 141.55 81.12
C PRO N 26 -52.71 141.24 79.77
N GLU N 27 -51.83 142.13 79.36
CA GLU N 27 -51.09 142.00 78.11
C GLU N 27 -50.22 140.72 78.03
N GLU N 28 -49.55 140.36 79.14
CA GLU N 28 -48.68 139.18 79.12
C GLU N 28 -49.27 137.92 79.74
N VAL N 29 -50.47 138.00 80.30
CA VAL N 29 -51.09 136.80 80.85
C VAL N 29 -51.51 135.90 79.69
N LYS N 30 -51.93 136.54 78.62
CA LYS N 30 -52.34 135.89 77.39
C LYS N 30 -51.12 135.48 76.53
N LYS N 31 -49.94 135.95 76.88
CA LYS N 31 -48.74 135.57 76.14
C LYS N 31 -47.97 134.46 76.88
N ARG N 32 -48.58 133.97 77.97
CA ARG N 32 -47.98 132.88 78.75
C ARG N 32 -48.05 131.60 77.91
N LYS N 33 -47.07 130.75 78.06
CA LYS N 33 -46.97 129.56 77.22
C LYS N 33 -47.70 128.34 77.80
N LYS N 34 -48.88 128.05 77.25
CA LYS N 34 -49.63 126.85 77.67
C LYS N 34 -48.83 125.59 77.36
N ALA N 35 -48.20 125.60 76.19
CA ALA N 35 -47.38 124.49 75.74
C ALA N 35 -46.13 124.96 75.02
N VAL N 36 -45.05 124.26 75.23
CA VAL N 36 -43.78 124.56 74.56
C VAL N 36 -43.17 123.30 73.97
N LEU N 37 -42.61 123.42 72.78
CA LEU N 37 -41.98 122.27 72.13
C LEU N 37 -40.47 122.30 72.29
N PHE N 38 -39.96 121.16 72.68
CA PHE N 38 -38.55 120.97 72.93
C PHE N 38 -38.01 119.90 72.01
N CYS N 39 -36.84 120.11 71.50
CA CYS N 39 -36.21 119.13 70.65
C CYS N 39 -34.72 119.24 70.80
N LEU N 40 -34.02 118.28 70.27
CA LEU N 40 -32.58 118.34 70.33
C LEU N 40 -32.09 118.76 68.95
N SER N 41 -31.22 119.75 68.96
CA SER N 41 -30.69 120.33 67.74
C SER N 41 -29.75 119.37 67.04
N GLU N 42 -29.42 119.65 65.79
CA GLU N 42 -28.59 118.72 65.02
C GLU N 42 -27.26 118.43 65.69
N ASP N 43 -26.94 117.14 65.56
CA ASP N 43 -25.79 116.43 66.16
C ASP N 43 -26.23 115.85 67.51
N LYS N 44 -27.36 116.38 68.01
CA LYS N 44 -28.03 115.93 69.25
C LYS N 44 -27.16 116.04 70.50
N LYS N 45 -26.15 116.86 70.39
CA LYS N 45 -25.23 117.18 71.47
C LYS N 45 -25.95 118.00 72.56
N ASN N 46 -26.81 118.92 72.11
CA ASN N 46 -27.51 119.87 72.98
C ASN N 46 -29.07 119.75 72.90
N ILE N 47 -29.75 120.02 74.03
CA ILE N 47 -31.23 120.03 74.06
C ILE N 47 -31.70 121.48 74.22
N ILE N 48 -32.61 121.88 73.37
CA ILE N 48 -33.11 123.26 73.35
C ILE N 48 -34.62 123.36 73.12
N LEU N 49 -35.07 124.60 73.01
CA LEU N 49 -36.47 124.93 72.77
C LEU N 49 -36.66 125.34 71.30
N GLU N 50 -37.77 124.92 70.69
CA GLU N 50 -38.01 125.27 69.29
C GLU N 50 -38.74 126.62 69.20
N GLU N 51 -38.10 127.57 68.54
CA GLU N 51 -38.65 128.93 68.40
C GLU N 51 -39.92 128.93 67.55
N GLY N 52 -39.88 128.13 66.50
CA GLY N 52 -40.99 128.01 65.57
C GLY N 52 -42.29 127.46 66.14
N LYS N 53 -42.18 126.45 66.99
CA LYS N 53 -43.38 125.80 67.50
C LYS N 53 -43.64 125.96 69.02
N GLU N 54 -44.75 126.61 69.35
CA GLU N 54 -45.18 126.75 70.76
C GLU N 54 -46.69 127.08 70.85
N ILE N 55 -47.28 126.84 72.01
CA ILE N 55 -48.72 127.11 72.25
C ILE N 55 -48.93 128.11 73.40
N LEU N 56 -49.73 129.15 73.15
CA LEU N 56 -50.01 130.17 74.17
C LEU N 56 -51.43 130.08 74.74
N VAL N 57 -51.57 130.31 76.05
CA VAL N 57 -52.90 130.28 76.71
C VAL N 57 -53.81 131.39 76.16
N GLY N 58 -53.18 132.50 75.78
CA GLY N 58 -53.88 133.65 75.22
C GLY N 58 -54.61 133.32 73.93
N ASP N 59 -54.18 132.25 73.29
CA ASP N 59 -54.75 131.76 72.04
C ASP N 59 -56.22 131.41 72.20
N VAL N 60 -56.59 130.82 73.35
CA VAL N 60 -57.99 130.41 73.56
C VAL N 60 -58.90 131.64 73.49
N GLY N 61 -58.47 132.74 74.06
CA GLY N 61 -59.23 133.97 73.97
C GLY N 61 -59.01 134.70 72.65
N GLN N 62 -57.74 134.74 72.21
CA GLN N 62 -57.32 135.44 70.98
C GLN N 62 -57.97 134.96 69.68
N THR N 63 -58.01 133.64 69.44
CA THR N 63 -58.54 133.12 68.17
C THR N 63 -58.75 131.59 68.11
N VAL N 64 -57.97 130.81 68.84
CA VAL N 64 -58.13 129.35 68.83
C VAL N 64 -58.69 128.88 70.17
N ASP N 65 -59.85 128.24 70.15
CA ASP N 65 -60.46 127.80 71.41
C ASP N 65 -60.07 126.40 71.87
N ASP N 66 -59.27 125.69 71.08
CA ASP N 66 -58.81 124.35 71.46
C ASP N 66 -57.29 124.16 71.33
N PRO N 67 -56.48 124.74 72.25
CA PRO N 67 -55.02 124.56 72.25
C PRO N 67 -54.64 123.09 72.16
N TYR N 68 -55.40 122.26 72.89
CA TYR N 68 -55.17 120.83 72.87
C TYR N 68 -55.96 120.27 71.69
N ALA N 69 -55.32 120.43 70.55
CA ALA N 69 -55.81 120.03 69.23
C ALA N 69 -54.79 120.58 68.24
N THR N 70 -54.42 121.86 68.47
CA THR N 70 -53.37 122.50 67.68
C THR N 70 -52.09 121.73 67.89
N PHE N 71 -51.89 121.32 69.15
CA PHE N 71 -50.76 120.52 69.57
C PHE N 71 -50.74 119.20 68.79
N VAL N 72 -51.94 118.61 68.63
CA VAL N 72 -52.11 117.37 67.88
C VAL N 72 -51.72 117.56 66.39
N LYS N 73 -52.11 118.71 65.85
CA LYS N 73 -51.83 119.10 64.45
C LYS N 73 -50.34 119.33 64.16
N MET N 74 -49.67 119.96 65.12
CA MET N 74 -48.27 120.33 64.97
C MET N 74 -47.31 119.29 65.55
N LEU N 75 -47.82 118.10 65.83
CA LEU N 75 -47.00 117.01 66.35
C LEU N 75 -47.21 115.75 65.53
N PRO N 76 -46.74 115.74 64.27
CA PRO N 76 -46.81 114.58 63.38
C PRO N 76 -46.08 113.38 63.95
N ASP N 77 -46.52 112.17 63.64
CA ASP N 77 -45.78 110.99 64.10
C ASP N 77 -44.51 110.93 63.26
N LYS N 78 -44.53 111.80 62.26
CA LYS N 78 -43.48 111.96 61.28
C LYS N 78 -42.23 112.58 61.94
N ASP N 79 -42.43 113.41 62.96
CA ASP N 79 -41.32 114.03 63.71
C ASP N 79 -41.43 113.71 65.21
N CYS N 80 -40.32 113.36 65.84
CA CYS N 80 -40.34 113.04 67.27
C CYS N 80 -39.84 114.24 68.09
N ARG N 81 -40.69 114.75 68.99
CA ARG N 81 -40.35 115.95 69.78
C ARG N 81 -40.69 115.82 71.28
N TYR N 82 -40.05 116.65 72.09
CA TYR N 82 -40.28 116.71 73.54
C TYR N 82 -41.18 117.90 73.83
N ALA N 83 -42.14 117.80 74.74
CA ALA N 83 -42.98 118.98 75.00
C ALA N 83 -43.44 119.15 76.45
N LEU N 84 -43.68 120.40 76.82
CA LEU N 84 -44.26 120.75 78.11
C LEU N 84 -45.62 121.37 77.86
N TYR N 85 -46.63 120.89 78.57
CA TYR N 85 -47.97 121.41 78.39
C TYR N 85 -48.63 121.63 79.75
N ASP N 86 -49.38 122.70 79.89
CA ASP N 86 -50.08 122.98 81.14
C ASP N 86 -51.45 122.34 81.08
N ALA N 87 -51.82 121.59 82.13
CA ALA N 87 -53.10 120.87 82.12
C ALA N 87 -54.30 121.81 81.99
N THR N 88 -54.35 122.89 82.77
CA THR N 88 -55.45 123.89 82.66
C THR N 88 -56.83 123.22 82.54
N TYR N 89 -57.22 122.47 83.55
CA TYR N 89 -58.48 121.72 83.48
C TYR N 89 -59.35 121.98 84.70
N GLU N 90 -60.64 121.72 84.56
CA GLU N 90 -61.57 121.93 85.66
C GLU N 90 -61.97 120.64 86.36
N THR N 91 -61.86 120.66 87.68
CA THR N 91 -62.35 119.57 88.50
C THR N 91 -63.38 120.23 89.40
N LYS N 92 -64.64 119.77 89.28
CA LYS N 92 -65.91 120.29 89.93
C LYS N 92 -65.88 121.36 91.08
N GLU N 93 -64.81 122.12 91.25
CA GLU N 93 -64.76 123.19 92.26
C GLU N 93 -64.38 124.49 91.57
N SER N 94 -63.31 124.36 90.80
CA SER N 94 -62.67 125.41 90.02
C SER N 94 -61.58 124.74 89.20
N LYS N 95 -60.61 125.50 88.71
CA LYS N 95 -59.52 124.90 87.95
C LYS N 95 -58.15 125.33 88.45
N LYS N 96 -57.16 124.45 88.30
CA LYS N 96 -55.80 124.76 88.75
C LYS N 96 -54.81 124.73 87.58
N GLU N 97 -53.93 123.71 87.55
CA GLU N 97 -52.86 123.50 86.51
C GLU N 97 -51.82 122.49 86.99
N ASP N 98 -51.67 121.42 86.24
CA ASP N 98 -50.67 120.40 86.53
C ASP N 98 -49.57 120.47 85.49
N LEU N 99 -48.32 120.53 85.93
CA LEU N 99 -47.23 120.59 84.98
C LEU N 99 -46.98 119.18 84.48
N VAL N 100 -47.11 119.01 83.19
CA VAL N 100 -46.91 117.72 82.59
C VAL N 100 -45.98 117.79 81.42
N PHE N 101 -45.14 116.81 81.32
CA PHE N 101 -44.23 116.78 80.22
C PHE N 101 -44.86 115.83 79.23
N ILE N 102 -44.96 116.24 78.01
CA ILE N 102 -45.58 115.40 77.02
C ILE N 102 -44.51 114.79 76.17
N PHE N 103 -44.46 113.48 76.16
CA PHE N 103 -43.49 112.80 75.35
C PHE N 103 -44.13 112.31 74.09
N TRP N 104 -43.60 112.80 73.01
CA TRP N 104 -44.04 112.38 71.72
C TRP N 104 -42.94 111.53 71.13
N ALA N 105 -43.16 110.24 71.18
CA ALA N 105 -42.20 109.27 70.68
C ALA N 105 -42.87 108.28 69.76
N PRO N 106 -43.29 108.70 68.57
CA PRO N 106 -43.95 107.78 67.65
C PRO N 106 -42.98 106.71 67.12
N GLU N 107 -43.43 105.46 67.14
CA GLU N 107 -42.62 104.36 66.63
C GLU N 107 -42.32 104.54 65.14
N SER N 108 -43.35 105.01 64.44
CA SER N 108 -43.34 105.23 62.99
C SER N 108 -42.51 106.43 62.50
N ALA N 109 -42.04 107.27 63.42
CA ALA N 109 -41.25 108.46 63.02
C ALA N 109 -39.91 108.02 62.46
N PRO N 110 -39.22 108.90 61.68
CA PRO N 110 -37.92 108.54 61.13
C PRO N 110 -37.06 108.01 62.23
N LEU N 111 -36.50 106.87 61.96
CA LEU N 111 -35.73 106.14 62.94
C LEU N 111 -34.51 106.88 63.47
N LYS N 112 -33.80 107.58 62.60
CA LYS N 112 -32.57 108.24 63.01
C LYS N 112 -32.78 109.28 64.13
N SER N 113 -33.75 110.19 63.95
CA SER N 113 -34.07 111.19 64.98
C SER N 113 -34.76 110.59 66.20
N LYS N 114 -35.73 109.73 65.92
CA LYS N 114 -36.56 109.09 66.95
C LYS N 114 -35.77 108.23 67.93
N MET N 115 -34.80 107.48 67.41
CA MET N 115 -33.99 106.61 68.25
C MET N 115 -33.19 107.33 69.34
N ILE N 116 -32.62 108.48 69.02
CA ILE N 116 -31.91 109.27 70.02
C ILE N 116 -32.90 109.79 71.07
N TYR N 117 -34.07 110.21 70.58
CA TYR N 117 -35.14 110.72 71.46
C TYR N 117 -35.59 109.68 72.47
N ALA N 118 -35.81 108.48 71.99
CA ALA N 118 -36.27 107.39 72.82
C ALA N 118 -35.28 107.09 73.95
N SER N 119 -34.01 107.02 73.56
CA SER N 119 -32.90 106.74 74.47
C SER N 119 -32.59 107.91 75.43
N SER N 120 -33.01 109.10 75.06
CA SER N 120 -32.74 110.30 75.83
C SER N 120 -33.79 110.65 76.90
N LYS N 121 -34.87 109.85 77.06
CA LYS N 121 -35.89 110.22 78.06
C LYS N 121 -35.33 110.29 79.50
N ASP N 122 -34.47 109.35 79.90
CA ASP N 122 -33.87 109.45 81.24
C ASP N 122 -33.01 110.70 81.37
N ALA N 123 -32.28 111.02 80.31
CA ALA N 123 -31.44 112.20 80.29
C ALA N 123 -32.25 113.49 80.28
N ILE N 124 -33.35 113.51 79.53
CA ILE N 124 -34.17 114.71 79.46
C ILE N 124 -34.89 114.96 80.80
N LYS N 125 -35.39 113.91 81.45
CA LYS N 125 -36.05 114.11 82.74
C LYS N 125 -35.03 114.24 83.86
N LYS N 126 -33.79 113.87 83.58
CA LYS N 126 -32.71 113.98 84.55
C LYS N 126 -32.55 115.44 84.95
N LYS N 127 -32.65 116.32 83.94
CA LYS N 127 -32.60 117.78 84.14
C LYS N 127 -33.96 118.32 84.62
N LEU N 128 -35.00 117.48 84.51
CA LEU N 128 -36.35 117.86 84.94
C LEU N 128 -36.51 117.70 86.45
N THR N 129 -35.50 117.08 87.07
CA THR N 129 -35.47 116.80 88.52
C THR N 129 -36.77 116.14 88.98
N GLY N 130 -37.15 115.08 88.26
CA GLY N 130 -38.36 114.34 88.57
C GLY N 130 -39.60 115.16 88.26
N ILE N 131 -40.42 114.68 87.33
CA ILE N 131 -41.60 115.45 86.98
C ILE N 131 -42.89 114.73 87.35
N LYS N 132 -43.68 115.55 88.00
CA LYS N 132 -45.00 115.26 88.58
C LYS N 132 -45.79 114.17 87.84
N HIS N 133 -46.25 114.49 86.63
CA HIS N 133 -47.06 113.56 85.85
C HIS N 133 -46.59 113.61 84.40
N GLU N 134 -46.79 112.55 83.65
CA GLU N 134 -46.42 112.59 82.24
C GLU N 134 -47.44 111.89 81.34
N LEU N 135 -47.55 112.37 80.12
CA LEU N 135 -48.42 111.75 79.12
C LEU N 135 -47.56 111.33 77.94
N GLN N 136 -47.68 110.11 77.49
CA GLN N 136 -46.87 109.69 76.36
C GLN N 136 -47.67 108.86 75.36
N ALA N 137 -47.59 109.24 74.11
CA ALA N 137 -48.27 108.54 73.03
C ALA N 137 -47.37 108.45 71.80
N ASN N 138 -47.50 107.36 71.06
CA ASN N 138 -46.70 107.19 69.85
C ASN N 138 -47.57 107.29 68.60
N CYS N 139 -48.79 107.81 68.76
CA CYS N 139 -49.74 107.95 67.66
C CYS N 139 -50.68 109.14 67.87
N TYR N 140 -51.27 109.62 66.77
CA TYR N 140 -52.23 110.74 66.82
C TYR N 140 -53.47 110.47 67.69
N GLU N 141 -54.02 109.26 67.62
CA GLU N 141 -55.25 108.97 68.36
C GLU N 141 -55.09 109.10 69.88
N GLU N 142 -53.96 108.67 70.44
CA GLU N 142 -53.74 108.81 71.89
C GLU N 142 -53.54 110.28 72.28
N VAL N 143 -52.80 111.02 71.45
CA VAL N 143 -52.56 112.46 71.70
C VAL N 143 -53.85 113.27 71.52
N LYS N 144 -54.61 112.91 70.48
CA LYS N 144 -55.90 113.54 70.15
C LYS N 144 -56.97 113.39 71.24
N ASP N 145 -57.03 112.22 71.85
CA ASP N 145 -58.07 111.91 72.84
C ASP N 145 -58.00 112.64 74.18
N ARG N 146 -59.17 113.15 74.52
CA ARG N 146 -59.45 113.85 75.77
C ARG N 146 -59.19 112.98 77.00
N CYS N 147 -59.56 111.71 76.87
CA CYS N 147 -59.48 110.73 77.95
C CYS N 147 -58.05 110.53 78.48
N THR N 148 -57.06 110.51 77.60
CA THR N 148 -55.67 110.31 78.07
C THR N 148 -55.24 111.43 79.04
N LEU N 149 -55.60 112.68 78.73
CA LEU N 149 -55.31 113.82 79.62
C LEU N 149 -56.10 113.64 80.95
N ALA N 150 -57.34 113.17 80.83
CA ALA N 150 -58.25 112.94 81.96
C ALA N 150 -57.83 111.76 82.87
N GLU N 151 -57.11 110.81 82.29
CA GLU N 151 -56.63 109.59 83.01
C GLU N 151 -55.74 109.99 84.19
N LYS N 152 -54.91 110.99 83.94
CA LYS N 152 -53.99 111.53 84.94
C LYS N 152 -54.72 112.07 86.17
N LEU N 153 -55.82 112.72 85.86
CA LEU N 153 -56.69 113.37 86.81
C LEU N 153 -57.33 112.37 87.78
N GLY N 154 -57.71 111.23 87.19
CA GLY N 154 -58.43 110.17 87.86
C GLY N 154 -59.61 109.73 86.98
N GLY N 155 -60.34 110.72 86.48
CA GLY N 155 -61.45 110.51 85.54
C GLY N 155 -62.84 110.28 86.13
N SER N 156 -62.96 110.10 87.44
CA SER N 156 -64.30 109.92 88.03
C SER N 156 -64.80 111.21 88.68
N ALA N 157 -63.99 112.26 88.64
CA ALA N 157 -64.35 113.54 89.25
C ALA N 157 -63.92 114.72 88.36
N VAL N 158 -64.27 114.64 87.08
CA VAL N 158 -63.88 115.68 86.12
C VAL N 158 -64.90 115.84 85.00
N ILE N 159 -65.88 116.72 85.18
CA ILE N 159 -66.85 116.91 84.11
C ILE N 159 -66.52 118.24 83.39
N SER N 160 -65.53 118.12 82.45
CA SER N 160 -65.07 119.20 81.54
C SER N 160 -63.53 119.29 81.49
N LEU N 161 -62.87 118.60 80.57
CA LEU N 161 -61.40 118.71 80.47
C LEU N 161 -61.03 120.18 80.17
N GLU N 162 -61.69 120.73 79.15
CA GLU N 162 -61.57 122.14 78.73
C GLU N 162 -62.84 122.95 78.94
N GLY N 163 -63.74 122.48 79.79
CA GLY N 163 -65.00 123.17 79.99
C GLY N 163 -66.06 122.82 78.94
N LYS N 164 -65.80 121.79 78.12
CA LYS N 164 -66.76 121.38 77.07
C LYS N 164 -66.59 119.93 76.53
N PRO N 165 -65.35 119.43 76.24
CA PRO N 165 -65.15 118.07 75.65
C PRO N 165 -65.68 116.85 76.44
N LEU N 166 -65.71 116.92 77.77
CA LEU N 166 -66.16 115.75 78.56
C LEU N 166 -67.45 116.02 79.33
N MET O 1 -51.71 47.45 76.21
CA MET O 1 -52.70 46.94 77.19
C MET O 1 -53.25 48.10 78.05
N ALA O 2 -54.31 47.86 78.82
CA ALA O 2 -54.88 48.95 79.64
C ALA O 2 -55.28 48.55 81.08
N SER O 3 -56.27 47.68 81.24
CA SER O 3 -56.73 47.27 82.59
C SER O 3 -57.28 45.83 82.60
N GLY O 4 -56.40 44.88 82.86
CA GLY O 4 -56.74 43.45 82.80
C GLY O 4 -57.96 42.96 83.61
N VAL O 5 -58.24 43.54 84.77
CA VAL O 5 -59.36 43.11 85.62
C VAL O 5 -60.38 44.24 85.96
N ALA O 6 -61.67 43.88 86.12
CA ALA O 6 -62.74 44.87 86.40
C ALA O 6 -63.17 45.11 87.88
N VAL O 7 -62.90 44.17 88.84
CA VAL O 7 -63.27 44.30 90.32
C VAL O 7 -64.41 43.33 90.72
N SER O 8 -64.32 42.69 91.91
CA SER O 8 -65.38 41.76 92.37
C SER O 8 -66.10 42.22 93.67
N ASP O 9 -65.87 43.46 94.11
CA ASP O 9 -66.50 44.03 95.34
C ASP O 9 -65.76 43.58 96.62
N GLY O 10 -65.09 42.43 96.57
CA GLY O 10 -64.35 41.93 97.72
C GLY O 10 -63.24 42.85 98.25
N VAL O 11 -62.41 43.37 97.33
CA VAL O 11 -61.30 44.26 97.71
C VAL O 11 -61.80 45.53 98.39
N ILE O 12 -62.85 46.11 97.85
CA ILE O 12 -63.44 47.33 98.41
C ILE O 12 -63.95 47.09 99.82
N LYS O 13 -64.58 45.94 100.03
CA LYS O 13 -65.10 45.57 101.35
C LYS O 13 -64.00 45.51 102.42
N VAL O 14 -62.91 44.80 102.11
CA VAL O 14 -61.79 44.71 103.05
C VAL O 14 -61.03 46.04 103.20
N PHE O 15 -60.84 46.75 102.07
CA PHE O 15 -60.17 48.06 102.07
C PHE O 15 -60.93 49.07 102.95
N ASN O 16 -62.26 49.04 102.83
CA ASN O 16 -63.13 49.92 103.59
C ASN O 16 -62.94 49.69 105.09
N ASP O 17 -62.78 48.43 105.46
CA ASP O 17 -62.58 48.04 106.84
C ASP O 17 -61.29 48.70 107.37
N MET O 18 -60.20 48.61 106.60
CA MET O 18 -58.92 49.24 106.98
C MET O 18 -59.03 50.77 107.10
N LYS O 19 -59.77 51.38 106.18
CA LYS O 19 -59.91 52.84 106.12
C LYS O 19 -60.56 53.47 107.38
N VAL O 20 -61.57 52.82 107.94
CA VAL O 20 -62.25 53.32 109.15
C VAL O 20 -61.71 52.67 110.46
N ARG O 21 -60.89 51.63 110.27
CA ARG O 21 -60.25 50.79 111.32
C ARG O 21 -61.19 49.72 111.87
N LYS O 22 -62.49 50.04 111.91
CA LYS O 22 -63.52 49.13 112.42
C LYS O 22 -63.15 48.67 113.86
N SER O 23 -62.62 49.61 114.68
CA SER O 23 -62.19 49.27 116.05
C SER O 23 -62.53 50.35 117.11
N SER O 24 -62.76 49.89 118.34
CA SER O 24 -63.04 50.76 119.49
C SER O 24 -62.31 50.26 120.76
N THR O 25 -62.76 49.09 121.22
CA THR O 25 -62.22 48.42 122.41
C THR O 25 -60.80 47.87 122.19
N PRO O 26 -60.06 47.61 123.29
CA PRO O 26 -58.69 47.07 123.23
C PRO O 26 -58.66 45.72 122.52
N GLU O 27 -59.77 44.98 122.63
CA GLU O 27 -59.90 43.67 122.00
C GLU O 27 -59.74 43.67 120.48
N GLU O 28 -60.31 44.69 119.80
CA GLU O 28 -60.23 44.72 118.33
C GLU O 28 -59.17 45.67 117.77
N VAL O 29 -58.48 46.42 118.61
CA VAL O 29 -57.41 47.29 118.11
C VAL O 29 -56.25 46.40 117.65
N LYS O 30 -56.05 45.33 118.40
CA LYS O 30 -55.02 44.33 118.12
C LYS O 30 -55.46 43.35 117.00
N LYS O 31 -56.72 43.41 116.61
CA LYS O 31 -57.20 42.54 115.53
C LYS O 31 -57.27 43.33 114.20
N ARG O 32 -56.80 44.57 114.25
CA ARG O 32 -56.77 45.42 113.05
C ARG O 32 -55.71 44.86 112.10
N LYS O 33 -55.95 44.99 110.81
CA LYS O 33 -55.08 44.38 109.81
C LYS O 33 -53.94 45.30 109.36
N LYS O 34 -52.73 45.05 109.89
CA LYS O 34 -51.56 45.80 109.46
C LYS O 34 -51.30 45.60 107.98
N ALA O 35 -51.46 44.35 107.56
CA ALA O 35 -51.28 43.98 106.16
C ALA O 35 -52.31 42.96 105.69
N VAL O 36 -52.74 43.10 104.46
CA VAL O 36 -53.69 42.18 103.87
C VAL O 36 -53.22 41.71 102.49
N LEU O 37 -53.41 40.45 102.20
CA LEU O 37 -53.00 39.93 100.89
C LEU O 37 -54.18 39.80 99.95
N PHE O 38 -53.95 40.29 98.76
CA PHE O 38 -54.96 40.32 97.72
C PHE O 38 -54.46 39.53 96.53
N CYS O 39 -55.33 38.79 95.92
CA CYS O 39 -54.97 38.04 94.74
C CYS O 39 -56.19 37.90 93.86
N LEU O 40 -56.00 37.42 92.68
CA LEU O 40 -57.11 37.22 91.80
C LEU O 40 -57.38 35.72 91.76
N SER O 41 -58.63 35.39 91.96
CA SER O 41 -59.08 34.00 92.04
C SER O 41 -59.00 33.34 90.67
N GLU O 42 -59.10 32.01 90.64
CA GLU O 42 -58.95 31.30 89.37
C GLU O 42 -59.94 31.76 88.30
N ASP O 43 -59.34 31.81 87.12
CA ASP O 43 -59.91 32.31 85.86
C ASP O 43 -59.58 33.82 85.73
N LYS O 44 -59.20 34.40 86.87
CA LYS O 44 -58.74 35.79 86.99
C LYS O 44 -59.78 36.83 86.55
N LYS O 45 -61.01 36.39 86.53
CA LYS O 45 -62.16 37.21 86.21
C LYS O 45 -62.42 38.23 87.33
N ASN O 46 -62.23 37.78 88.57
CA ASN O 46 -62.50 38.58 89.79
C ASN O 46 -61.26 38.81 90.68
N ILE O 47 -61.22 39.96 91.36
CA ILE O 47 -60.13 40.26 92.32
C ILE O 47 -60.71 40.23 93.73
N ILE O 48 -60.06 39.50 94.61
CA ILE O 48 -60.51 39.31 95.98
C ILE O 48 -59.40 39.34 97.02
N LEU O 49 -59.80 39.08 98.26
CA LEU O 49 -58.90 39.05 99.41
C LEU O 49 -58.63 37.59 99.81
N GLU O 50 -57.40 37.28 100.19
CA GLU O 50 -57.07 35.91 100.57
C GLU O 50 -57.33 35.70 102.05
N GLU O 51 -58.23 34.76 102.36
CA GLU O 51 -58.62 34.48 103.75
C GLU O 51 -57.46 33.88 104.54
N GLY O 52 -56.72 33.01 103.88
CA GLY O 52 -55.58 32.33 104.47
C GLY O 52 -54.42 33.22 104.90
N LYS O 53 -54.11 34.22 104.08
CA LYS O 53 -52.93 35.05 104.37
C LYS O 53 -53.23 36.53 104.69
N GLU O 54 -52.89 36.94 105.91
CA GLU O 54 -53.02 38.35 106.34
C GLU O 54 -52.13 38.65 107.57
N ILE O 55 -51.83 39.92 107.79
CA ILE O 55 -51.00 40.36 108.93
C ILE O 55 -51.75 41.32 109.88
N LEU O 56 -51.72 41.03 111.17
CA LEU O 56 -52.42 41.87 112.16
C LEU O 56 -51.44 42.70 113.02
N VAL O 57 -51.82 43.95 113.32
CA VAL O 57 -50.98 44.83 114.16
C VAL O 57 -50.85 44.26 115.58
N GLY O 58 -51.90 43.57 116.02
CA GLY O 58 -51.94 42.93 117.33
C GLY O 58 -50.86 41.88 117.52
N ASP O 59 -50.36 41.39 116.41
CA ASP O 59 -49.32 40.38 116.36
C ASP O 59 -48.05 40.86 117.04
N VAL O 60 -47.70 42.14 116.86
CA VAL O 60 -46.47 42.68 117.45
C VAL O 60 -46.51 42.55 118.98
N GLY O 61 -47.67 42.81 119.55
CA GLY O 61 -47.83 42.64 120.98
C GLY O 61 -48.11 41.19 121.37
N GLN O 62 -48.96 40.53 120.57
CA GLN O 62 -49.39 39.13 120.80
C GLN O 62 -48.27 38.07 120.81
N THR O 63 -47.37 38.11 119.83
CA THR O 63 -46.33 37.07 119.73
C THR O 63 -45.22 37.34 118.70
N VAL O 64 -45.51 38.05 117.62
CA VAL O 64 -44.49 38.33 116.59
C VAL O 64 -44.13 39.82 116.63
N ASP O 65 -42.86 40.13 116.88
CA ASP O 65 -42.46 41.54 116.99
C ASP O 65 -42.01 42.17 115.67
N ASP O 66 -41.96 41.39 114.60
CA ASP O 66 -41.59 41.94 113.28
C ASP O 66 -42.56 41.57 112.16
N PRO O 67 -43.76 42.20 112.10
CA PRO O 67 -44.74 41.97 111.03
C PRO O 67 -44.10 42.10 109.66
N TYR O 68 -43.20 43.08 109.53
CA TYR O 68 -42.49 43.29 108.28
C TYR O 68 -41.25 42.39 108.33
N ALA O 69 -41.53 41.15 108.01
CA ALA O 69 -40.58 40.03 107.98
C ALA O 69 -41.41 38.79 107.73
N THR O 70 -42.53 38.71 108.47
CA THR O 70 -43.51 37.64 108.28
C THR O 70 -44.05 37.75 106.86
N PHE O 71 -44.26 39.01 106.45
CA PHE O 71 -44.72 39.36 105.12
C PHE O 71 -43.72 38.86 104.08
N VAL O 72 -42.44 39.03 104.40
CA VAL O 72 -41.35 38.56 103.54
C VAL O 72 -41.38 37.02 103.39
N LYS O 73 -41.66 36.34 104.51
CA LYS O 73 -41.74 34.87 104.58
C LYS O 73 -42.91 34.29 103.79
N MET O 74 -44.04 34.97 103.87
CA MET O 74 -45.28 34.51 103.25
C MET O 74 -45.50 35.09 101.85
N LEU O 75 -44.45 35.67 101.28
CA LEU O 75 -44.53 36.22 99.93
C LEU O 75 -43.37 35.70 99.07
N PRO O 76 -43.41 34.40 98.73
CA PRO O 76 -42.41 33.78 97.87
C PRO O 76 -42.36 34.42 96.49
N ASP O 77 -41.21 34.43 95.84
CA ASP O 77 -41.15 34.95 94.47
C ASP O 77 -41.85 33.93 93.60
N LYS O 78 -42.10 32.81 94.24
CA LYS O 78 -42.73 31.63 93.66
C LYS O 78 -44.22 31.93 93.36
N ASP O 79 -44.84 32.80 94.15
CA ASP O 79 -46.24 33.21 93.92
C ASP O 79 -46.35 34.73 93.80
N CYS O 80 -47.13 35.20 92.82
CA CYS O 80 -47.29 36.65 92.63
C CYS O 80 -48.61 37.13 93.26
N ARG O 81 -48.52 38.06 94.22
CA ARG O 81 -49.72 38.54 94.95
C ARG O 81 -49.77 40.07 95.10
N TYR O 82 -50.97 40.58 95.35
CA TYR O 82 -51.20 42.01 95.58
C TYR O 82 -51.35 42.24 97.08
N ALA O 83 -50.81 43.30 97.65
CA ALA O 83 -50.97 43.49 99.09
C ALA O 83 -51.11 44.94 99.55
N LEU O 84 -51.80 45.11 100.68
CA LEU O 84 -51.90 46.39 101.36
C LEU O 84 -51.22 46.29 102.70
N TYR O 85 -50.34 47.23 102.99
CA TYR O 85 -49.63 47.21 104.25
C TYR O 85 -49.63 48.60 104.88
N ASP O 86 -49.75 48.68 106.19
CA ASP O 86 -49.74 49.96 106.88
C ASP O 86 -48.29 50.27 107.27
N ALA O 87 -47.83 51.48 106.96
CA ALA O 87 -46.44 51.84 107.23
C ALA O 87 -46.09 51.76 108.72
N THR O 88 -46.92 52.32 109.61
CA THR O 88 -46.68 52.22 111.07
C THR O 88 -45.22 52.48 111.44
N TYR O 89 -44.72 53.67 111.15
CA TYR O 89 -43.31 53.97 111.38
C TYR O 89 -43.13 55.26 112.17
N GLU O 90 -41.97 55.41 112.80
CA GLU O 90 -41.69 56.60 113.59
C GLU O 90 -40.78 57.59 112.88
N THR O 91 -41.21 58.83 112.87
CA THR O 91 -40.40 59.92 112.36
C THR O 91 -40.27 60.85 113.56
N LYS O 92 -39.02 61.04 114.01
CA LYS O 92 -38.56 61.81 115.25
C LYS O 92 -39.54 62.71 116.07
N GLU O 93 -40.85 62.54 115.98
CA GLU O 93 -41.80 63.31 116.78
C GLU O 93 -42.71 62.33 117.52
N SER O 94 -43.23 61.43 116.70
CA SER O 94 -44.15 60.36 117.08
C SER O 94 -44.34 59.48 115.85
N LYS O 95 -45.40 58.70 115.79
CA LYS O 95 -45.63 57.88 114.60
C LYS O 95 -47.06 58.04 114.08
N LYS O 96 -47.21 57.88 112.77
CA LYS O 96 -48.53 58.00 112.13
C LYS O 96 -48.95 56.70 111.44
N GLU O 97 -48.97 56.70 110.10
CA GLU O 97 -49.37 55.55 109.22
C GLU O 97 -49.65 56.00 107.78
N ASP O 98 -48.89 55.46 106.85
CA ASP O 98 -49.10 55.75 105.43
C ASP O 98 -49.70 54.54 104.76
N LEU O 99 -50.77 54.73 104.01
CA LEU O 99 -51.37 53.59 103.33
C LEU O 99 -50.57 53.33 102.08
N VAL O 100 -50.04 52.14 101.99
CA VAL O 100 -49.22 51.76 100.87
C VAL O 100 -49.66 50.46 100.29
N PHE O 101 -49.66 50.39 98.99
CA PHE O 101 -50.03 49.17 98.35
C PHE O 101 -48.72 48.50 98.01
N ILE O 102 -48.58 47.26 98.35
CA ILE O 102 -47.35 46.58 98.08
C ILE O 102 -47.55 45.67 96.90
N PHE O 103 -46.78 45.91 95.86
CA PHE O 103 -46.88 45.07 94.70
C PHE O 103 -45.77 44.06 94.70
N TRP O 104 -46.19 42.83 94.71
CA TRP O 104 -45.27 41.75 94.63
C TRP O 104 -45.41 41.13 93.26
N ALA O 105 -44.47 41.46 92.41
CA ALA O 105 -44.46 40.98 91.04
C ALA O 105 -43.11 40.40 90.68
N PRO O 106 -42.74 39.24 91.25
CA PRO O 106 -41.46 38.65 90.94
C PRO O 106 -41.39 38.17 89.49
N GLU O 107 -40.29 38.49 88.82
CA GLU O 107 -40.07 38.07 87.44
C GLU O 107 -40.03 36.54 87.34
N SER O 108 -39.37 35.96 88.35
CA SER O 108 -39.13 34.51 88.47
C SER O 108 -40.37 33.67 88.84
N ALA O 109 -41.48 34.31 89.20
CA ALA O 109 -42.69 33.58 89.59
C ALA O 109 -43.28 32.86 88.38
N PRO O 110 -44.13 31.81 88.59
CA PRO O 110 -44.73 31.12 87.48
C PRO O 110 -45.34 32.14 86.55
N LEU O 111 -44.98 31.99 85.30
CA LEU O 111 -45.35 32.92 84.27
C LEU O 111 -46.85 33.07 84.08
N LYS O 112 -47.58 31.97 84.12
CA LYS O 112 -49.02 32.03 83.84
C LYS O 112 -49.79 32.96 84.81
N SER O 113 -49.57 32.79 86.13
CA SER O 113 -50.23 33.65 87.13
C SER O 113 -49.66 35.08 87.16
N LYS O 114 -48.32 35.14 87.10
CA LYS O 114 -47.58 36.39 87.17
C LYS O 114 -47.90 37.36 86.03
N MET O 115 -48.02 36.82 84.83
CA MET O 115 -48.30 37.65 83.66
C MET O 115 -49.63 38.41 83.73
N ILE O 116 -50.67 37.79 84.24
CA ILE O 116 -51.96 38.49 84.41
C ILE O 116 -51.80 39.58 85.47
N TYR O 117 -51.06 39.25 86.53
CA TYR O 117 -50.81 40.18 87.64
C TYR O 117 -50.10 41.44 87.16
N ALA O 118 -49.07 41.24 86.37
CA ALA O 118 -48.27 42.33 85.85
C ALA O 118 -49.12 43.29 85.02
N SER O 119 -49.91 42.71 84.13
CA SER O 119 -50.81 43.43 83.23
C SER O 119 -52.00 44.09 83.94
N SER O 120 -52.32 43.58 85.11
CA SER O 120 -53.47 44.05 85.89
C SER O 120 -53.17 45.21 86.87
N LYS O 121 -51.92 45.71 86.95
CA LYS O 121 -51.65 46.80 87.91
C LYS O 121 -52.48 48.07 87.65
N ASP O 122 -52.65 48.47 86.39
CA ASP O 122 -53.49 49.64 86.10
C ASP O 122 -54.94 49.38 86.52
N ALA O 123 -55.41 48.17 86.27
CA ALA O 123 -56.76 47.77 86.63
C ALA O 123 -56.95 47.67 88.14
N ILE O 124 -55.95 47.14 88.83
CA ILE O 124 -56.06 47.00 90.28
C ILE O 124 -56.01 48.36 90.98
N LYS O 125 -55.16 49.29 90.52
CA LYS O 125 -55.13 50.61 91.13
C LYS O 125 -56.27 51.49 90.60
N LYS O 126 -56.88 51.07 89.51
CA LYS O 126 -58.00 51.79 88.92
C LYS O 126 -59.13 51.87 89.95
N LYS O 127 -59.33 50.75 90.66
CA LYS O 127 -60.31 50.67 91.75
C LYS O 127 -59.76 51.28 93.05
N LEU O 128 -58.44 51.50 93.08
CA LEU O 128 -57.78 52.10 94.24
C LEU O 128 -57.96 53.62 94.27
N THR O 129 -58.49 54.14 93.16
CA THR O 129 -58.70 55.59 92.97
C THR O 129 -57.46 56.40 93.31
N GLY O 130 -56.34 55.97 92.72
CA GLY O 130 -55.05 56.62 92.94
C GLY O 130 -54.55 56.39 94.35
N ILE O 131 -53.42 55.73 94.50
CA ILE O 131 -52.91 55.46 95.82
C ILE O 131 -51.62 56.20 96.12
N LYS O 132 -51.68 56.81 97.27
CA LYS O 132 -50.68 57.66 97.92
C LYS O 132 -49.23 57.29 97.57
N HIS O 133 -48.78 56.15 98.07
CA HIS O 133 -47.40 55.71 97.86
C HIS O 133 -47.40 54.22 97.56
N GLU O 134 -46.40 53.72 96.86
CA GLU O 134 -46.34 52.29 96.62
C GLU O 134 -44.91 51.74 96.70
N LEU O 135 -44.81 50.48 97.11
CA LEU O 135 -43.53 49.80 97.17
C LEU O 135 -43.61 48.58 96.26
N GLN O 136 -42.66 48.39 95.38
CA GLN O 136 -42.71 47.24 94.52
C GLN O 136 -41.34 46.57 94.37
N ALA O 137 -41.32 45.27 94.57
CA ALA O 137 -40.10 44.49 94.44
C ALA O 137 -40.39 43.15 93.77
N ASN O 138 -39.44 42.66 92.99
CA ASN O 138 -39.62 41.37 92.32
C ASN O 138 -38.69 40.31 92.93
N CYS O 139 -38.16 40.60 94.11
CA CYS O 139 -37.26 39.68 94.79
C CYS O 139 -37.33 39.83 96.32
N TYR O 140 -36.91 38.78 97.03
CA TYR O 140 -36.91 38.80 98.50
C TYR O 140 -36.04 39.90 99.12
N GLU O 141 -34.86 40.16 98.55
CA GLU O 141 -33.96 41.15 99.12
C GLU O 141 -34.56 42.57 99.17
N GLU O 142 -35.27 42.99 98.12
CA GLU O 142 -35.89 44.32 98.14
C GLU O 142 -37.06 44.39 99.15
N VAL O 143 -37.85 43.32 99.21
CA VAL O 143 -38.98 43.25 100.16
C VAL O 143 -38.46 43.16 101.61
N LYS O 144 -37.40 42.36 101.80
CA LYS O 144 -36.75 42.16 103.09
C LYS O 144 -36.14 43.43 103.71
N ASP O 145 -35.54 44.25 102.86
CA ASP O 145 -34.82 45.44 103.31
C ASP O 145 -35.67 46.59 103.87
N ARG O 146 -35.20 47.04 105.02
CA ARG O 146 -35.74 48.16 105.78
C ARG O 146 -35.72 49.47 104.97
N CYS O 147 -34.63 49.64 104.23
CA CYS O 147 -34.37 50.86 103.46
C CYS O 147 -35.44 51.14 102.41
N THR O 148 -35.95 50.13 101.72
CA THR O 148 -36.97 50.36 100.70
C THR O 148 -38.24 51.02 101.30
N LEU O 149 -38.66 50.55 102.48
CA LEU O 149 -39.81 51.15 103.18
C LEU O 149 -39.46 52.60 103.60
N ALA O 150 -38.20 52.79 104.03
CA ALA O 150 -37.68 54.11 104.48
C ALA O 150 -37.50 55.12 103.32
N GLU O 151 -37.30 54.61 102.11
CA GLU O 151 -37.09 55.44 100.91
C GLU O 151 -38.30 56.34 100.67
N LYS O 152 -39.47 55.77 100.88
CA LYS O 152 -40.75 56.46 100.74
C LYS O 152 -40.85 57.68 101.65
N LEU O 153 -40.36 57.46 102.85
CA LEU O 153 -40.36 58.42 103.94
C LEU O 153 -39.51 59.65 103.60
N GLY O 154 -38.39 59.36 102.97
CA GLY O 154 -37.35 60.34 102.62
C GLY O 154 -35.98 59.79 103.03
N GLY O 155 -35.93 59.25 104.25
CA GLY O 155 -34.72 58.58 104.76
C GLY O 155 -33.71 59.45 105.50
N SER O 156 -33.84 60.76 105.48
CA SER O 156 -32.89 61.61 106.21
C SER O 156 -33.47 62.09 107.55
N ALA O 157 -34.71 61.72 107.82
CA ALA O 157 -35.40 62.12 109.05
C ALA O 157 -36.20 60.97 109.64
N VAL O 158 -35.57 59.81 109.79
CA VAL O 158 -36.24 58.62 110.30
C VAL O 158 -35.29 57.69 111.05
N ILE O 159 -35.15 57.88 112.36
CA ILE O 159 -34.29 56.98 113.10
C ILE O 159 -35.16 55.98 113.89
N SER O 160 -35.57 54.93 113.14
CA SER O 160 -36.35 53.76 113.63
C SER O 160 -37.53 53.41 112.72
N LEU O 161 -37.36 52.54 111.73
CA LEU O 161 -38.50 52.15 110.88
C LEU O 161 -39.61 51.52 111.76
N GLU O 162 -39.18 50.55 112.57
CA GLU O 162 -40.05 49.86 113.56
C GLU O 162 -39.64 50.14 115.00
N GLY O 163 -38.90 51.22 115.24
CA GLY O 163 -38.45 51.50 116.60
C GLY O 163 -37.17 50.75 116.98
N LYS O 164 -36.52 50.10 116.00
CA LYS O 164 -35.28 49.33 116.27
C LYS O 164 -34.37 49.05 115.03
N PRO O 165 -34.91 48.65 113.85
CA PRO O 165 -34.07 48.30 112.67
C PRO O 165 -33.13 49.38 112.09
N LEU O 166 -33.49 50.65 112.19
CA LEU O 166 -32.65 51.72 111.61
C LEU O 166 -32.04 52.65 112.68
N MET P 1 -0.75 59.55 49.97
CA MET P 1 0.05 60.77 50.25
C MET P 1 -0.47 61.48 51.50
N ALA P 2 0.27 62.47 52.02
CA ALA P 2 -0.19 63.16 53.24
C ALA P 2 -0.03 64.70 53.24
N SER P 3 1.22 65.19 53.20
CA SER P 3 1.47 66.66 53.24
C SER P 3 2.75 67.03 52.48
N GLY P 4 2.61 67.31 51.20
CA GLY P 4 3.76 67.57 50.32
C GLY P 4 4.77 68.67 50.75
N VAL P 5 4.31 69.73 51.41
CA VAL P 5 5.19 70.84 51.82
C VAL P 5 5.18 71.14 53.34
N ALA P 6 6.31 71.59 53.90
CA ALA P 6 6.43 71.87 55.36
C ALA P 6 6.22 73.34 55.87
N VAL P 7 6.36 74.39 55.00
CA VAL P 7 6.16 75.85 55.38
C VAL P 7 7.51 76.64 55.38
N SER P 8 7.51 77.88 54.86
CA SER P 8 8.76 78.69 54.84
C SER P 8 8.69 79.98 55.69
N ASP P 9 7.63 80.14 56.50
CA ASP P 9 7.43 81.34 57.37
C ASP P 9 6.84 82.53 56.59
N GLY P 10 7.05 82.56 55.27
CA GLY P 10 6.52 83.65 54.45
C GLY P 10 4.99 83.77 54.45
N VAL P 11 4.29 82.65 54.30
CA VAL P 11 2.81 82.65 54.28
C VAL P 11 2.22 83.17 55.59
N ILE P 12 2.80 82.72 56.70
CA ILE P 12 2.34 83.13 58.02
C ILE P 12 2.49 84.64 58.21
N LYS P 13 3.62 85.16 57.73
CA LYS P 13 3.89 86.60 57.83
C LYS P 13 2.84 87.45 57.10
N VAL P 14 2.54 87.08 55.84
CA VAL P 14 1.52 87.81 55.08
C VAL P 14 0.10 87.56 55.62
N PHE P 15 -0.19 86.31 56.01
CA PHE P 15 -1.50 85.95 56.59
C PHE P 15 -1.78 86.74 57.86
N ASN P 16 -0.73 86.88 58.69
CA ASN P 16 -0.83 87.61 59.95
C ASN P 16 -1.22 89.05 59.69
N ASP P 17 -0.65 89.61 58.64
CA ASP P 17 -0.92 90.99 58.24
C ASP P 17 -2.43 91.15 57.94
N MET P 18 -2.98 90.23 57.14
CA MET P 18 -4.41 90.24 56.82
C MET P 18 -5.31 90.09 58.06
N LYS P 19 -4.90 89.22 58.97
CA LYS P 19 -5.68 88.91 60.19
C LYS P 19 -5.90 90.13 61.12
N VAL P 20 -4.89 90.98 61.27
CA VAL P 20 -5.01 92.19 62.13
C VAL P 20 -5.35 93.46 61.33
N ARG P 21 -5.26 93.33 60.01
CA ARG P 21 -5.51 94.38 58.98
C ARG P 21 -4.29 95.28 58.78
N LYS P 22 -3.52 95.49 59.86
CA LYS P 22 -2.33 96.34 59.83
C LYS P 22 -2.69 97.75 59.29
N SER P 23 -3.88 98.27 59.68
CA SER P 23 -4.35 99.59 59.19
C SER P 23 -5.02 100.47 60.26
N SER P 24 -4.90 101.78 60.08
CA SER P 24 -5.52 102.79 60.97
C SER P 24 -6.08 103.97 60.16
N THR P 25 -5.15 104.71 59.56
CA THR P 25 -5.43 105.89 58.73
C THR P 25 -6.11 105.53 57.39
N PRO P 26 -6.77 106.51 56.75
CA PRO P 26 -7.44 106.30 55.45
C PRO P 26 -6.45 105.86 54.38
N GLU P 27 -5.21 106.30 54.54
CA GLU P 27 -4.14 105.97 53.59
C GLU P 27 -3.86 104.46 53.45
N GLU P 28 -3.89 103.73 54.57
CA GLU P 28 -3.60 102.28 54.51
C GLU P 28 -4.82 101.37 54.53
N VAL P 29 -6.01 101.91 54.69
CA VAL P 29 -7.22 101.08 54.65
C VAL P 29 -7.42 100.59 53.21
N LYS P 30 -7.09 101.48 52.29
CA LYS P 30 -7.17 101.21 50.87
C LYS P 30 -5.96 100.39 50.36
N LYS P 31 -4.94 100.23 51.20
CA LYS P 31 -3.78 99.43 50.81
C LYS P 31 -3.87 98.02 51.43
N ARG P 32 -5.00 97.75 52.09
CA ARG P 32 -5.24 96.44 52.67
C ARG P 32 -5.43 95.42 51.54
N LYS P 33 -5.00 94.20 51.77
CA LYS P 33 -5.01 93.19 50.70
C LYS P 33 -6.31 92.38 50.66
N LYS P 34 -7.19 92.72 49.70
CA LYS P 34 -8.43 91.95 49.52
C LYS P 34 -8.11 90.51 49.15
N ALA P 35 -7.11 90.37 48.29
CA ALA P 35 -6.66 89.05 47.85
C ALA P 35 -5.14 88.98 47.73
N VAL P 36 -4.59 87.84 48.07
CA VAL P 36 -3.16 87.60 47.96
C VAL P 36 -2.87 86.28 47.27
N LEU P 37 -1.87 86.26 46.41
CA LEU P 37 -1.53 85.03 45.72
C LEU P 37 -0.32 84.35 46.34
N PHE P 38 -0.49 83.06 46.56
CA PHE P 38 0.52 82.24 47.18
C PHE P 38 0.94 81.14 46.22
N CYS P 39 2.20 80.85 46.20
CA CYS P 39 2.69 79.80 45.37
C CYS P 39 3.92 79.20 46.02
N LEU P 40 4.37 78.09 45.49
CA LEU P 40 5.56 77.49 46.02
C LEU P 40 6.68 77.79 45.05
N SER P 41 7.77 78.27 45.61
CA SER P 41 8.94 78.67 44.85
C SER P 41 9.64 77.47 44.24
N GLU P 42 10.54 77.70 43.29
CA GLU P 42 11.20 76.58 42.61
C GLU P 42 11.92 75.65 43.57
N ASP P 43 11.74 74.38 43.21
CA ASP P 43 12.19 73.17 43.91
C ASP P 43 11.05 72.71 44.84
N LYS P 44 10.11 73.64 45.09
CA LYS P 44 8.88 73.41 45.86
C LYS P 44 9.13 72.98 47.30
N LYS P 45 10.33 73.26 47.75
CA LYS P 45 10.77 73.01 49.11
C LYS P 45 10.04 73.94 50.10
N ASN P 46 9.85 75.20 49.67
CA ASN P 46 9.25 76.26 50.48
C ASN P 46 7.96 76.87 49.88
N ILE P 47 7.03 77.30 50.76
CA ILE P 47 5.80 77.97 50.31
C ILE P 47 5.87 79.44 50.71
N ILE P 48 5.61 80.31 49.74
CA ILE P 48 5.73 81.76 49.94
C ILE P 48 4.60 82.56 49.28
N LEU P 49 4.74 83.87 49.37
CA LEU P 49 3.80 84.82 48.80
C LEU P 49 4.39 85.43 47.51
N GLU P 50 3.57 85.62 46.49
CA GLU P 50 4.07 86.20 45.24
C GLU P 50 4.00 87.72 45.30
N GLU P 51 5.16 88.35 45.16
CA GLU P 51 5.27 89.82 45.22
C GLU P 51 4.58 90.49 44.05
N GLY P 52 4.73 89.86 42.89
CA GLY P 52 4.15 90.37 41.65
C GLY P 52 2.64 90.40 41.60
N LYS P 53 1.99 89.38 42.14
CA LYS P 53 0.54 89.28 42.03
C LYS P 53 -0.24 89.37 43.36
N GLU P 54 -1.06 90.41 43.50
CA GLU P 54 -1.95 90.59 44.66
C GLU P 54 -3.11 91.56 44.35
N ILE P 55 -4.17 91.48 45.14
CA ILE P 55 -5.34 92.35 44.97
C ILE P 55 -5.62 93.21 46.22
N LEU P 56 -5.81 94.52 46.02
CA LEU P 56 -6.06 95.45 47.13
C LEU P 56 -7.52 95.93 47.17
N VAL P 57 -8.09 96.06 48.37
CA VAL P 57 -9.46 96.57 48.53
C VAL P 57 -9.58 98.01 48.04
N GLY P 58 -8.49 98.76 48.21
CA GLY P 58 -8.39 100.16 47.78
C GLY P 58 -8.61 100.33 46.30
N ASP P 59 -8.38 99.25 45.56
CA ASP P 59 -8.53 99.22 44.11
C ASP P 59 -9.96 99.55 43.69
N VAL P 60 -10.95 99.08 44.44
CA VAL P 60 -12.36 99.31 44.07
C VAL P 60 -12.63 100.83 44.05
N GLY P 61 -12.08 101.55 45.01
CA GLY P 61 -12.23 102.99 45.02
C GLY P 61 -11.22 103.68 44.10
N GLN P 62 -9.98 103.19 44.12
CA GLN P 62 -8.86 103.75 43.32
C GLN P 62 -9.05 103.76 41.80
N THR P 63 -9.48 102.63 41.22
CA THR P 63 -9.59 102.55 39.75
C THR P 63 -10.32 101.30 39.21
N VAL P 64 -10.26 100.17 39.92
CA VAL P 64 -10.94 98.95 39.46
C VAL P 64 -12.13 98.64 40.36
N ASP P 65 -13.33 98.60 39.79
CA ASP P 65 -14.52 98.36 40.61
C ASP P 65 -14.90 96.89 40.78
N ASP P 66 -14.18 95.99 40.12
CA ASP P 66 -14.46 94.56 40.25
C ASP P 66 -13.21 93.72 40.57
N PRO P 67 -12.70 93.76 41.81
CA PRO P 67 -11.55 92.95 42.25
C PRO P 67 -11.74 91.48 41.89
N TYR P 68 -12.98 91.01 42.07
CA TYR P 68 -13.32 89.64 41.74
C TYR P 68 -13.71 89.63 40.26
N ALA P 69 -12.65 89.60 39.47
CA ALA P 69 -12.66 89.61 38.00
C ALA P 69 -11.22 89.75 37.58
N THR P 70 -10.52 90.68 38.26
CA THR P 70 -9.08 90.87 38.07
C THR P 70 -8.39 89.57 38.46
N PHE P 71 -8.90 88.99 39.54
CA PHE P 71 -8.43 87.72 40.08
C PHE P 71 -8.59 86.63 39.02
N VAL P 72 -9.73 86.67 38.33
CA VAL P 72 -10.04 85.73 37.25
C VAL P 72 -9.04 85.88 36.08
N LYS P 73 -8.70 87.13 35.78
CA LYS P 73 -7.75 87.50 34.71
C LYS P 73 -6.31 87.05 34.99
N MET P 74 -5.91 87.20 36.24
CA MET P 74 -4.55 86.91 36.67
C MET P 74 -4.37 85.49 37.22
N LEU P 75 -5.36 84.64 36.97
CA LEU P 75 -5.30 83.25 37.41
C LEU P 75 -5.62 82.31 36.25
N PRO P 76 -4.70 82.24 35.25
CA PRO P 76 -4.84 81.34 34.12
C PRO P 76 -4.92 79.88 34.54
N ASP P 77 -5.62 79.04 33.78
CA ASP P 77 -5.63 77.61 34.11
C ASP P 77 -4.25 77.08 33.75
N LYS P 78 -3.53 77.95 33.08
CA LYS P 78 -2.20 77.73 32.56
C LYS P 78 -1.18 77.66 33.75
N ASP P 79 -1.47 78.37 34.83
CA ASP P 79 -0.62 78.33 36.04
C ASP P 79 -1.44 77.93 37.27
N CYS P 80 -0.90 77.06 38.10
CA CYS P 80 -1.62 76.63 39.31
C CYS P 80 -1.10 77.38 40.53
N ARG P 81 -1.98 78.13 41.22
CA ARG P 81 -1.58 78.95 42.37
C ARG P 81 -2.53 78.82 43.59
N TYR P 82 -2.00 79.19 44.75
CA TYR P 82 -2.77 79.18 46.01
C TYR P 82 -3.19 80.62 46.31
N ALA P 83 -4.40 80.86 46.80
CA ALA P 83 -4.76 82.26 47.09
C ALA P 83 -5.67 82.46 48.30
N LEU P 84 -5.55 83.64 48.89
CA LEU P 84 -6.44 84.08 49.97
C LEU P 84 -7.23 85.26 49.49
N TYR P 85 -8.54 85.22 49.66
CA TYR P 85 -9.38 86.31 49.21
C TYR P 85 -10.41 86.65 50.29
N ASP P 86 -10.69 87.93 50.46
CA ASP P 86 -11.67 88.35 51.45
C ASP P 86 -13.04 88.41 50.79
N ALA P 87 -14.05 87.81 51.40
CA ALA P 87 -15.38 87.75 50.80
C ALA P 87 -15.98 89.13 50.54
N THR P 88 -15.93 90.04 51.53
CA THR P 88 -16.42 91.42 51.35
C THR P 88 -17.76 91.47 50.61
N TYR P 89 -18.79 90.87 51.19
CA TYR P 89 -20.09 90.80 50.52
C TYR P 89 -21.22 91.28 51.42
N GLU P 90 -22.33 91.65 50.81
CA GLU P 90 -23.48 92.14 51.56
C GLU P 90 -24.59 91.11 51.71
N THR P 91 -25.02 90.93 52.94
CA THR P 91 -26.17 90.10 53.23
C THR P 91 -27.15 91.06 53.89
N LYS P 92 -28.32 91.23 53.26
CA LYS P 92 -29.44 92.21 53.58
C LYS P 92 -29.49 93.01 54.92
N GLU P 93 -28.39 93.18 55.64
CA GLU P 93 -28.36 93.99 56.85
C GLU P 93 -27.27 95.05 56.72
N SER P 94 -26.12 94.53 56.32
CA SER P 94 -24.87 95.25 56.11
C SER P 94 -23.87 94.27 55.52
N LYS P 95 -22.58 94.54 55.61
CA LYS P 95 -21.60 93.60 55.10
C LYS P 95 -20.49 93.32 56.12
N LYS P 96 -19.94 92.10 56.06
CA LYS P 96 -18.88 91.70 56.99
C LYS P 96 -17.59 91.36 56.25
N GLU P 97 -17.23 90.06 56.22
CA GLU P 97 -16.00 89.51 55.57
C GLU P 97 -15.69 88.08 56.06
N ASP P 98 -15.68 87.15 55.13
CA ASP P 98 -15.33 85.76 55.45
C ASP P 98 -13.97 85.45 54.88
N LEU P 99 -13.09 84.88 55.70
CA LEU P 99 -11.78 84.54 55.19
C LEU P 99 -11.89 83.24 54.45
N VAL P 100 -11.53 83.28 53.19
CA VAL P 100 -11.61 82.11 52.35
C VAL P 100 -10.33 81.88 51.62
N PHE P 101 -9.96 80.63 51.52
CA PHE P 101 -8.77 80.32 50.81
C PHE P 101 -9.25 79.87 49.45
N ILE P 102 -8.67 80.41 48.42
CA ILE P 102 -9.09 80.05 47.10
C ILE P 102 -8.09 79.12 46.49
N PHE P 103 -8.54 77.93 46.16
CA PHE P 103 -7.65 76.99 45.54
C PHE P 103 -7.85 76.97 44.06
N TRP P 104 -6.78 77.28 43.38
CA TRP P 104 -6.78 77.25 41.96
C TRP P 104 -5.94 76.06 41.55
N ALA P 105 -6.63 75.01 41.17
CA ALA P 105 -5.98 73.78 40.76
C ALA P 105 -6.54 73.29 39.43
N PRO P 106 -6.24 73.98 38.34
CA PRO P 106 -6.75 73.56 37.04
C PRO P 106 -6.14 72.24 36.59
N GLU P 107 -6.98 71.34 36.12
CA GLU P 107 -6.53 70.04 35.62
C GLU P 107 -5.60 70.23 34.41
N SER P 108 -5.99 71.19 33.58
CA SER P 108 -5.31 71.53 32.32
C SER P 108 -3.96 72.27 32.48
N ALA P 109 -3.63 72.71 33.69
CA ALA P 109 -2.37 73.44 33.91
C ALA P 109 -1.18 72.51 33.71
N PRO P 110 0.04 73.05 33.47
CA PRO P 110 1.20 72.21 33.28
C PRO P 110 1.27 71.23 34.42
N LEU P 111 1.42 70.00 34.05
CA LEU P 111 1.38 68.90 34.97
C LEU P 111 2.46 68.95 36.05
N LYS P 112 3.67 69.34 35.68
CA LYS P 112 4.77 69.31 36.63
C LYS P 112 4.53 70.22 37.87
N SER P 113 4.14 71.48 37.64
CA SER P 113 3.83 72.40 38.75
C SER P 113 2.53 72.06 39.47
N LYS P 114 1.51 71.76 38.67
CA LYS P 114 0.17 71.46 39.14
C LYS P 114 0.10 70.23 40.05
N MET P 115 0.83 69.19 39.69
CA MET P 115 0.83 67.96 40.47
C MET P 115 1.32 68.12 41.92
N ILE P 116 2.36 68.92 42.13
CA ILE P 116 2.84 69.19 43.48
C ILE P 116 1.78 69.98 44.26
N TYR P 117 1.16 70.93 43.55
CA TYR P 117 0.11 71.78 44.14
C TYR P 117 -1.07 70.96 44.63
N ALA P 118 -1.51 70.05 43.79
CA ALA P 118 -2.65 69.20 44.10
C ALA P 118 -2.39 68.37 45.35
N SER P 119 -1.21 67.76 45.39
CA SER P 119 -0.76 66.92 46.50
C SER P 119 -0.46 67.70 47.80
N SER P 120 -0.21 68.98 47.64
CA SER P 120 0.16 69.85 48.77
C SER P 120 -1.03 70.53 49.49
N LYS P 121 -2.29 70.30 49.06
CA LYS P 121 -3.40 70.97 49.75
C LYS P 121 -3.50 70.63 51.25
N ASP P 122 -3.31 69.36 51.63
CA ASP P 122 -3.32 69.02 53.07
C ASP P 122 -2.20 69.74 53.80
N ALA P 123 -1.03 69.81 53.16
CA ALA P 123 0.12 70.48 53.74
C ALA P 123 -0.06 71.99 53.83
N ILE P 124 -0.66 72.58 52.80
CA ILE P 124 -0.86 74.01 52.80
C ILE P 124 -1.91 74.43 53.84
N LYS P 125 -2.99 73.65 53.99
CA LYS P 125 -4.00 73.99 55.00
C LYS P 125 -3.56 73.52 56.38
N LYS P 126 -2.55 72.65 56.42
CA LYS P 126 -2.01 72.17 57.68
C LYS P 126 -1.49 73.35 58.50
N LYS P 127 -0.83 74.27 57.79
CA LYS P 127 -0.33 75.51 58.39
C LYS P 127 -1.45 76.56 58.53
N LEU P 128 -2.58 76.31 57.86
CA LEU P 128 -3.74 77.21 57.92
C LEU P 128 -4.54 76.97 59.20
N THR P 129 -4.20 75.90 59.92
CA THR P 129 -4.87 75.49 61.16
C THR P 129 -6.40 75.44 60.98
N GLY P 130 -6.81 74.75 59.92
CA GLY P 130 -8.22 74.61 59.59
C GLY P 130 -8.82 75.93 59.13
N ILE P 131 -9.29 75.98 57.91
CA ILE P 131 -9.85 77.22 57.41
C ILE P 131 -11.34 77.14 57.15
N LYS P 132 -11.96 78.15 57.71
CA LYS P 132 -13.40 78.42 57.72
C LYS P 132 -14.16 77.90 56.50
N HIS P 133 -13.93 78.52 55.35
CA HIS P 133 -14.63 78.15 54.11
C HIS P 133 -13.63 78.13 52.96
N GLU P 134 -13.89 77.37 51.92
CA GLU P 134 -12.99 77.39 50.78
C GLU P 134 -13.74 77.32 49.44
N LEU P 135 -13.14 77.93 48.43
CA LEU P 135 -13.69 77.87 47.08
C LEU P 135 -12.64 77.25 46.18
N GLN P 136 -13.02 76.26 45.40
CA GLN P 136 -12.04 75.65 44.51
C GLN P 136 -12.61 75.38 43.13
N ALA P 137 -11.88 75.82 42.12
CA ALA P 137 -12.27 75.62 40.74
C ALA P 137 -11.06 75.27 39.89
N ASN P 138 -11.26 74.44 38.88
CA ASN P 138 -10.17 74.06 37.98
C ASN P 138 -10.35 74.68 36.60
N CYS P 139 -11.23 75.66 36.51
CA CYS P 139 -11.51 76.34 35.24
C CYS P 139 -11.94 77.79 35.44
N TYR P 140 -11.81 78.60 34.39
CA TYR P 140 -12.20 80.02 34.44
C TYR P 140 -13.68 80.25 34.74
N GLU P 141 -14.57 79.44 34.17
CA GLU P 141 -16.00 79.65 34.37
C GLU P 141 -16.44 79.53 35.83
N GLU P 142 -15.89 78.57 36.59
CA GLU P 142 -16.25 78.45 38.01
C GLU P 142 -15.69 79.63 38.83
N VAL P 143 -14.45 80.03 38.53
CA VAL P 143 -13.82 81.17 39.22
C VAL P 143 -14.53 82.49 38.86
N LYS P 144 -14.86 82.62 37.58
CA LYS P 144 -15.56 83.81 37.03
C LYS P 144 -16.95 84.05 37.64
N ASP P 145 -17.69 82.97 37.85
CA ASP P 145 -19.08 83.05 38.33
C ASP P 145 -19.29 83.53 39.75
N ARG P 146 -20.22 84.47 39.83
CA ARG P 146 -20.70 85.09 41.07
C ARG P 146 -21.32 84.07 42.03
N CYS P 147 -22.04 83.13 41.44
CA CYS P 147 -22.79 82.11 42.18
C CYS P 147 -21.89 81.23 43.06
N THR P 148 -20.71 80.85 42.59
CA THR P 148 -19.83 80.00 43.40
C THR P 148 -19.44 80.68 44.73
N LEU P 149 -19.15 81.98 44.67
CA LEU P 149 -18.84 82.77 45.89
C LEU P 149 -20.11 82.83 46.78
N ALA P 150 -21.26 82.99 46.14
CA ALA P 150 -22.58 83.08 46.82
C ALA P 150 -23.05 81.75 47.44
N GLU P 151 -22.57 80.64 46.90
CA GLU P 151 -22.92 79.27 47.36
C GLU P 151 -22.51 79.09 48.83
N LYS P 152 -21.35 79.63 49.15
CA LYS P 152 -20.79 79.58 50.50
C LYS P 152 -21.69 80.26 51.52
N LEU P 153 -22.24 81.37 51.07
CA LEU P 153 -23.11 82.23 51.83
C LEU P 153 -24.41 81.53 52.22
N GLY P 154 -24.91 80.77 51.25
CA GLY P 154 -26.19 80.07 51.33
C GLY P 154 -26.96 80.31 50.04
N GLY P 155 -26.99 81.58 49.63
CA GLY P 155 -27.61 81.99 48.36
C GLY P 155 -29.10 82.36 48.38
N SER P 156 -29.79 82.10 49.48
CA SER P 156 -31.22 82.48 49.54
C SER P 156 -31.43 83.80 50.31
N ALA P 157 -30.34 84.36 50.83
CA ALA P 157 -30.39 85.60 51.62
C ALA P 157 -29.25 86.52 51.27
N VAL P 158 -29.04 86.76 49.98
CA VAL P 158 -27.93 87.60 49.52
C VAL P 158 -28.26 88.33 48.21
N ILE P 159 -28.82 89.53 48.29
CA ILE P 159 -29.10 90.26 47.08
C ILE P 159 -28.04 91.37 46.89
N SER P 160 -26.89 90.91 46.34
CA SER P 160 -25.73 91.74 45.95
C SER P 160 -24.38 91.13 46.42
N LEU P 161 -23.73 90.32 45.61
CA LEU P 161 -22.42 89.77 46.02
C LEU P 161 -21.43 90.94 46.28
N GLU P 162 -21.37 91.83 45.29
CA GLU P 162 -20.55 93.07 45.34
C GLU P 162 -21.41 94.34 45.34
N GLY P 163 -22.67 94.23 45.69
CA GLY P 163 -23.54 95.40 45.65
C GLY P 163 -24.12 95.69 44.26
N LYS P 164 -23.95 94.74 43.33
CA LYS P 164 -24.47 94.92 41.95
C LYS P 164 -24.66 93.61 41.11
N PRO P 165 -23.70 92.64 41.12
CA PRO P 165 -23.80 91.42 40.28
C PRO P 165 -25.02 90.48 40.49
N LEU P 166 -25.57 90.42 41.70
CA LEU P 166 -26.70 89.50 41.95
C LEU P 166 -27.99 90.25 42.31
N MET Q 1 -39.37 22.75 25.76
CA MET Q 1 -40.79 22.64 26.19
C MET Q 1 -41.16 23.82 27.11
N ALA Q 2 -42.46 24.01 27.41
CA ALA Q 2 -42.84 25.14 28.26
C ALA Q 2 -43.91 24.81 29.33
N SER Q 3 -45.14 24.47 28.91
CA SER Q 3 -46.22 24.18 29.87
C SER Q 3 -47.23 23.15 29.32
N GLY Q 4 -46.96 21.89 29.58
CA GLY Q 4 -47.76 20.78 29.01
C GLY Q 4 -49.28 20.80 29.22
N VAL Q 5 -49.76 21.32 30.35
CA VAL Q 5 -51.22 21.36 30.65
C VAL Q 5 -51.78 22.78 30.92
N ALA Q 6 -53.05 23.03 30.55
CA ALA Q 6 -53.68 24.36 30.73
C ALA Q 6 -54.57 24.61 32.01
N VAL Q 7 -55.09 23.56 32.70
CA VAL Q 7 -55.95 23.68 33.96
C VAL Q 7 -57.43 23.30 33.69
N SER Q 8 -58.06 22.56 34.62
CA SER Q 8 -59.49 22.17 34.45
C SER Q 8 -60.45 22.76 35.50
N ASP Q 9 -59.98 23.72 36.32
CA ASP Q 9 -60.78 24.37 37.39
C ASP Q 9 -60.87 23.49 38.66
N GLY Q 10 -60.71 22.18 38.51
CA GLY Q 10 -60.76 21.28 39.68
C GLY Q 10 -59.70 21.53 40.75
N VAL Q 11 -58.45 21.71 40.33
CA VAL Q 11 -57.35 21.97 41.28
C VAL Q 11 -57.57 23.24 42.09
N ILE Q 12 -58.00 24.29 41.41
CA ILE Q 12 -58.26 25.58 42.06
C ILE Q 12 -59.35 25.44 43.12
N LYS Q 13 -60.39 24.68 42.79
CA LYS Q 13 -61.51 24.46 43.71
C LYS Q 13 -61.05 23.78 45.02
N VAL Q 14 -60.28 22.70 44.90
CA VAL Q 14 -59.77 22.00 46.08
C VAL Q 14 -58.69 22.83 46.82
N PHE Q 15 -57.82 23.50 46.06
CA PHE Q 15 -56.76 24.36 46.63
C PHE Q 15 -57.38 25.49 47.46
N ASN Q 16 -58.44 26.08 46.92
CA ASN Q 16 -59.15 27.17 47.57
C ASN Q 16 -59.69 26.73 48.93
N ASP Q 17 -60.18 25.50 48.96
CA ASP Q 17 -60.72 24.91 50.18
C ASP Q 17 -59.62 24.86 51.26
N MET Q 18 -58.44 24.37 50.88
CA MET Q 18 -57.30 24.31 51.81
C MET Q 18 -56.86 25.70 52.31
N LYS Q 19 -56.86 26.67 51.40
CA LYS Q 19 -56.41 28.04 51.69
C LYS Q 19 -57.23 28.76 52.80
N VAL Q 20 -58.55 28.56 52.81
CA VAL Q 20 -59.42 29.20 53.83
C VAL Q 20 -59.75 28.23 55.00
N ARG Q 21 -59.38 26.96 54.81
CA ARG Q 21 -59.59 25.82 55.73
C ARG Q 21 -61.00 25.24 55.64
N LYS Q 22 -61.98 26.11 55.34
CA LYS Q 22 -63.38 25.71 55.22
C LYS Q 22 -63.84 24.98 56.53
N SER Q 23 -63.38 25.48 57.69
CA SER Q 23 -63.72 24.85 58.98
C SER Q 23 -64.03 25.84 60.12
N SER Q 24 -64.89 25.39 61.05
CA SER Q 24 -65.27 26.19 62.23
C SER Q 24 -65.37 25.28 63.48
N THR Q 25 -66.37 24.40 63.44
CA THR Q 25 -66.67 23.42 64.50
C THR Q 25 -65.61 22.32 64.61
N PRO Q 26 -65.54 21.63 65.78
CA PRO Q 26 -64.57 20.55 66.01
C PRO Q 26 -64.77 19.41 65.00
N GLU Q 27 -66.00 19.25 64.54
CA GLU Q 27 -66.36 18.22 63.58
C GLU Q 27 -65.60 18.32 62.25
N GLU Q 28 -65.40 19.54 61.73
CA GLU Q 28 -64.72 19.69 60.44
C GLU Q 28 -63.25 20.10 60.52
N VAL Q 29 -62.74 20.36 61.72
CA VAL Q 29 -61.32 20.70 61.85
C VAL Q 29 -60.51 19.46 61.56
N LYS Q 30 -61.05 18.33 62.01
CA LYS Q 30 -60.46 17.02 61.81
C LYS Q 30 -60.73 16.46 60.39
N LYS Q 31 -61.61 17.12 59.64
CA LYS Q 31 -61.87 16.69 58.28
C LYS Q 31 -61.11 17.56 57.27
N ARG Q 32 -60.26 18.44 57.80
CA ARG Q 32 -59.43 19.31 56.96
C ARG Q 32 -58.37 18.44 56.29
N LYS Q 33 -58.00 18.80 55.08
CA LYS Q 33 -57.08 17.97 54.29
C LYS Q 33 -55.61 18.31 54.49
N LYS Q 34 -54.92 17.49 55.29
CA LYS Q 34 -53.48 17.67 55.50
C LYS Q 34 -52.74 17.52 54.17
N ALA Q 35 -53.17 16.54 53.40
CA ALA Q 35 -52.58 16.28 52.09
C ALA Q 35 -53.63 15.90 51.06
N VAL Q 36 -53.43 16.35 49.85
CA VAL Q 36 -54.33 16.02 48.75
C VAL Q 36 -53.54 15.54 47.53
N LEU Q 37 -54.05 14.53 46.84
CA LEU Q 37 -53.38 14.03 45.66
C LEU Q 37 -54.02 14.55 44.38
N PHE Q 38 -53.15 15.03 43.51
CA PHE Q 38 -53.55 15.60 42.25
C PHE Q 38 -52.95 14.81 41.11
N CYS Q 39 -53.71 14.62 40.08
CA CYS Q 39 -53.21 13.91 38.93
C CYS Q 39 -53.91 14.43 37.70
N LEU Q 40 -53.44 14.05 36.55
CA LEU Q 40 -54.09 14.46 35.34
C LEU Q 40 -54.85 13.27 34.82
N SER Q 41 -56.11 13.52 34.50
CA SER Q 41 -57.03 12.49 34.04
C SER Q 41 -56.66 12.00 32.65
N GLU Q 42 -57.22 10.87 32.22
CA GLU Q 42 -56.85 10.31 30.93
C GLU Q 42 -57.06 11.28 29.77
N ASP Q 43 -56.05 11.19 28.90
CA ASP Q 43 -55.82 12.03 27.72
C ASP Q 43 -54.93 13.21 28.12
N LYS Q 44 -54.87 13.44 29.44
CA LYS Q 44 -54.01 14.47 30.07
C LYS Q 44 -54.30 15.89 29.63
N LYS Q 45 -55.48 16.05 29.09
CA LYS Q 45 -56.01 17.33 28.65
C LYS Q 45 -56.29 18.25 29.86
N ASN Q 46 -56.82 17.62 30.92
CA ASN Q 46 -57.24 18.32 32.15
C ASN Q 46 -56.49 17.86 33.42
N ILE Q 47 -56.29 18.80 34.38
CA ILE Q 47 -55.67 18.46 35.68
C ILE Q 47 -56.74 18.56 36.77
N ILE Q 48 -56.82 17.51 37.57
CA ILE Q 48 -57.85 17.41 38.61
C ILE Q 48 -57.33 16.82 39.92
N LEU Q 49 -58.27 16.64 40.84
CA LEU Q 49 -58.00 16.09 42.16
C LEU Q 49 -58.49 14.63 42.21
N GLU Q 50 -57.73 13.75 42.87
CA GLU Q 50 -58.14 12.35 42.93
C GLU Q 50 -59.04 12.13 44.15
N GLU Q 51 -60.26 11.68 43.88
CA GLU Q 51 -61.26 11.43 44.93
C GLU Q 51 -60.84 10.30 45.87
N GLY Q 52 -60.28 9.27 45.27
CA GLY Q 52 -59.84 8.10 45.97
C GLY Q 52 -58.72 8.31 46.98
N LYS Q 53 -57.74 9.14 46.63
CA LYS Q 53 -56.58 9.31 47.49
C LYS Q 53 -56.40 10.72 48.08
N GLU Q 54 -56.47 10.80 49.42
CA GLU Q 54 -56.22 12.06 50.15
C GLU Q 54 -55.87 11.79 51.63
N ILE Q 55 -55.23 12.76 52.28
CA ILE Q 55 -54.85 12.65 53.70
C ILE Q 55 -55.49 13.74 54.57
N LEU Q 56 -56.11 13.34 55.67
CA LEU Q 56 -56.78 14.29 56.59
C LEU Q 56 -56.01 14.49 57.90
N VAL Q 57 -55.98 15.73 58.39
CA VAL Q 57 -55.29 16.05 59.67
C VAL Q 57 -55.97 15.32 60.84
N GLY Q 58 -57.29 15.15 60.72
CA GLY Q 58 -58.11 14.46 61.71
C GLY Q 58 -57.67 13.03 61.94
N ASP Q 59 -56.99 12.48 60.95
CA ASP Q 59 -56.48 11.11 60.97
C ASP Q 59 -55.52 10.90 62.14
N VAL Q 60 -54.67 11.88 62.44
CA VAL Q 60 -53.68 11.75 63.52
C VAL Q 60 -54.40 11.49 64.85
N GLY Q 61 -55.50 12.19 65.07
CA GLY Q 61 -56.28 11.95 66.27
C GLY Q 61 -57.22 10.75 66.12
N GLN Q 62 -57.85 10.64 64.95
CA GLN Q 62 -58.82 9.56 64.64
C GLN Q 62 -58.29 8.12 64.72
N THR Q 63 -57.13 7.85 64.12
CA THR Q 63 -56.62 6.46 64.09
C THR Q 63 -55.17 6.32 63.59
N VAL Q 64 -54.70 7.19 62.71
CA VAL Q 64 -53.32 7.10 62.19
C VAL Q 64 -52.48 8.24 62.74
N ASP Q 65 -51.42 7.92 63.47
CA ASP Q 65 -50.60 8.97 64.08
C ASP Q 65 -49.44 9.47 63.20
N ASP Q 66 -49.26 8.87 62.03
CA ASP Q 66 -48.20 9.32 61.11
C ASP Q 66 -48.69 9.56 59.67
N PRO Q 67 -49.43 10.66 59.42
CA PRO Q 67 -49.89 11.02 58.06
C PRO Q 67 -48.75 10.98 57.05
N TYR Q 68 -47.58 11.47 57.51
CA TYR Q 68 -46.40 11.46 56.65
C TYR Q 68 -45.73 10.11 56.86
N ALA Q 69 -46.30 9.16 56.13
CA ALA Q 69 -45.91 7.76 56.11
C ALA Q 69 -46.96 7.05 55.27
N THR Q 70 -48.23 7.41 55.56
CA THR Q 70 -49.37 6.93 54.78
C THR Q 70 -49.19 7.42 53.34
N PHE Q 71 -48.73 8.67 53.26
CA PHE Q 71 -48.43 9.34 51.99
C PHE Q 71 -47.37 8.55 51.24
N VAL Q 72 -46.36 8.08 51.98
CA VAL Q 72 -45.28 7.27 51.43
C VAL Q 72 -45.82 5.94 50.86
N LYS Q 73 -46.76 5.35 51.60
CA LYS Q 73 -47.41 4.07 51.24
C LYS Q 73 -48.29 4.17 49.99
N MET Q 74 -49.00 5.27 49.88
CA MET Q 74 -49.96 5.50 48.80
C MET Q 74 -49.35 6.26 47.61
N LEU Q 75 -48.02 6.36 47.59
CA LEU Q 75 -47.34 7.03 46.49
C LEU Q 75 -46.22 6.13 45.95
N PRO Q 76 -46.59 5.03 45.27
CA PRO Q 76 -45.63 4.12 44.64
C PRO Q 76 -44.80 4.82 43.59
N ASP Q 77 -43.57 4.37 43.38
CA ASP Q 77 -42.76 4.96 42.30
C ASP Q 77 -43.36 4.46 40.99
N LYS Q 78 -44.27 3.51 41.18
CA LYS Q 78 -44.99 2.82 40.14
C LYS Q 78 -46.00 3.79 39.46
N ASP Q 79 -46.51 4.75 40.22
CA ASP Q 79 -47.42 5.77 39.68
C ASP Q 79 -46.89 7.18 39.94
N CYS Q 80 -46.97 8.06 38.94
CA CYS Q 80 -46.47 9.42 39.11
C CYS Q 80 -47.65 10.38 39.38
N ARG Q 81 -47.63 11.07 40.54
CA ARG Q 81 -48.73 11.95 40.94
C ARG Q 81 -48.27 13.32 41.49
N TYR Q 82 -49.18 14.29 41.46
CA TYR Q 82 -48.92 15.64 41.99
C TYR Q 82 -49.57 15.74 43.37
N ALA Q 83 -48.95 16.38 44.34
CA ALA Q 83 -49.61 16.46 45.64
C ALA Q 83 -49.38 17.76 46.43
N LEU Q 84 -50.34 18.10 47.27
CA LEU Q 84 -50.24 19.21 48.21
C LEU Q 84 -50.24 18.67 49.61
N TYR Q 85 -49.29 19.08 50.42
CA TYR Q 85 -49.21 18.59 51.78
C TYR Q 85 -48.95 19.76 52.73
N ASP Q 86 -49.56 19.74 53.89
CA ASP Q 86 -49.34 20.80 54.88
C ASP Q 86 -48.19 20.38 55.79
N ALA Q 87 -47.23 21.28 55.98
CA ALA Q 87 -46.04 20.94 56.78
C ALA Q 87 -46.39 20.54 58.22
N THR Q 88 -47.24 21.32 58.91
CA THR Q 88 -47.68 20.97 60.28
C THR Q 88 -46.51 20.50 61.16
N TYR Q 89 -45.53 21.36 61.38
CA TYR Q 89 -44.34 20.96 62.14
C TYR Q 89 -44.03 21.94 63.26
N GLU Q 90 -43.27 21.48 64.23
CA GLU Q 90 -42.91 22.32 65.37
C GLU Q 90 -41.49 22.86 65.29
N THR Q 91 -41.38 24.16 65.47
CA THR Q 91 -40.09 24.81 65.58
C THR Q 91 -40.12 25.45 66.96
N LYS Q 92 -39.19 25.01 67.83
CA LYS Q 92 -39.04 25.34 69.31
C LYS Q 92 -39.85 26.49 69.99
N GLU Q 93 -40.96 26.95 69.44
CA GLU Q 93 -41.79 27.97 70.07
C GLU Q 93 -43.22 27.44 70.18
N SER Q 94 -43.65 26.95 69.02
CA SER Q 94 -44.97 26.39 68.78
C SER Q 94 -44.95 25.83 67.35
N LYS Q 95 -46.10 25.62 66.75
CA LYS Q 95 -46.13 25.13 65.38
C LYS Q 95 -47.04 25.97 64.48
N LYS Q 96 -46.69 26.04 63.19
CA LYS Q 96 -47.47 26.83 62.23
C LYS Q 96 -48.03 25.93 61.11
N GLU Q 97 -47.49 26.09 59.88
CA GLU Q 97 -47.90 25.33 58.65
C GLU Q 97 -47.37 26.01 57.38
N ASP Q 98 -46.57 25.30 56.63
CA ASP Q 98 -46.06 25.79 55.36
C ASP Q 98 -46.73 25.06 54.23
N LEU Q 99 -47.25 25.79 53.25
CA LEU Q 99 -47.89 25.14 52.13
C LEU Q 99 -46.80 24.67 51.18
N VAL Q 100 -46.78 23.39 50.96
CA VAL Q 100 -45.79 22.82 50.09
C VAL Q 100 -46.40 21.91 49.06
N PHE Q 101 -45.89 21.99 47.87
CA PHE Q 101 -46.39 21.15 46.84
C PHE Q 101 -45.41 20.00 46.76
N ILE Q 102 -45.91 18.80 46.78
CA ILE Q 102 -45.04 17.67 46.75
C ILE Q 102 -45.05 17.08 45.37
N PHE Q 103 -43.90 17.05 44.74
CA PHE Q 103 -43.82 16.47 43.43
C PHE Q 103 -43.28 15.08 43.50
N TRP Q 104 -44.09 14.18 43.03
CA TRP Q 104 -43.70 12.81 42.97
C TRP Q 104 -43.49 12.48 41.51
N ALA Q 105 -42.23 12.43 41.14
CA ALA Q 105 -41.84 12.16 39.77
C ALA Q 105 -40.79 11.06 39.72
N PRO Q 106 -41.16 9.82 40.03
CA PRO Q 106 -40.18 8.74 40.00
C PRO Q 106 -39.71 8.43 38.58
N GLU Q 107 -38.40 8.31 38.42
CA GLU Q 107 -37.82 7.97 37.12
C GLU Q 107 -38.31 6.61 36.63
N SER Q 108 -38.40 5.69 37.59
CA SER Q 108 -38.79 4.30 37.38
C SER Q 108 -40.29 4.07 37.09
N ALA Q 109 -41.11 5.09 37.24
CA ALA Q 109 -42.56 4.95 37.00
C ALA Q 109 -42.82 4.72 35.52
N PRO Q 110 -44.01 4.16 35.15
CA PRO Q 110 -44.31 3.92 33.75
C PRO Q 110 -44.05 5.20 32.99
N LEU Q 111 -43.30 5.04 31.94
CA LEU Q 111 -42.84 6.14 31.14
C LEU Q 111 -43.95 6.98 30.52
N LYS Q 112 -44.99 6.32 30.03
CA LYS Q 112 -46.05 7.05 29.33
C LYS Q 112 -46.74 8.12 30.21
N SER Q 113 -47.16 7.73 31.42
CA SER Q 113 -47.78 8.69 32.35
C SER Q 113 -46.79 9.69 32.95
N LYS Q 114 -45.64 9.15 33.36
CA LYS Q 114 -44.59 9.92 34.00
C LYS Q 114 -44.01 11.03 33.13
N MET Q 115 -43.82 10.74 31.85
CA MET Q 115 -43.27 11.73 30.93
C MET Q 115 -44.11 13.00 30.78
N ILE Q 116 -45.43 12.87 30.73
CA ILE Q 116 -46.29 14.04 30.66
C ILE Q 116 -46.19 14.83 31.97
N TYR Q 117 -46.14 14.09 33.08
CA TYR Q 117 -46.03 14.69 34.42
C TYR Q 117 -44.78 15.52 34.56
N ALA Q 118 -43.66 14.96 34.12
CA ALA Q 118 -42.38 15.63 34.20
C ALA Q 118 -42.38 16.95 33.44
N SER Q 119 -42.90 16.89 32.22
CA SER Q 119 -43.01 18.03 31.31
C SER Q 119 -44.04 19.07 31.77
N SER Q 120 -44.98 18.64 32.58
CA SER Q 120 -46.07 19.50 33.03
C SER Q 120 -45.79 20.28 34.34
N LYS Q 121 -44.60 20.15 34.95
CA LYS Q 121 -44.36 20.89 36.21
C LYS Q 121 -44.46 22.42 36.05
N ASP Q 122 -43.93 22.99 34.97
CA ASP Q 122 -44.08 24.44 34.75
C ASP Q 122 -45.55 24.81 34.61
N ALA Q 123 -46.29 23.98 33.89
CA ALA Q 123 -47.72 24.19 33.67
C ALA Q 123 -48.53 24.04 34.94
N ILE Q 124 -48.18 23.04 35.76
CA ILE Q 124 -48.91 22.81 36.99
C ILE Q 124 -48.65 23.93 38.01
N LYS Q 125 -47.41 24.41 38.12
CA LYS Q 125 -47.14 25.50 39.04
C LYS Q 125 -47.53 26.85 38.45
N LYS Q 126 -47.76 26.86 37.13
CA LYS Q 126 -48.18 28.08 36.45
C LYS Q 126 -49.51 28.55 37.04
N LYS Q 127 -50.39 27.57 37.30
CA LYS Q 127 -51.67 27.83 37.95
C LYS Q 127 -51.52 27.98 39.48
N LEU Q 128 -50.36 27.58 40.00
CA LEU Q 128 -50.06 27.69 41.42
C LEU Q 128 -49.65 29.11 41.80
N THR Q 129 -49.44 29.93 40.77
CA THR Q 129 -49.00 31.33 40.92
C THR Q 129 -47.78 31.44 41.85
N GLY Q 130 -46.78 30.61 41.57
CA GLY Q 130 -45.57 30.59 42.36
C GLY Q 130 -45.81 30.01 43.74
N ILE Q 131 -45.17 28.89 44.05
CA ILE Q 131 -45.39 28.29 45.35
C ILE Q 131 -44.16 28.32 46.23
N LYS Q 132 -44.46 28.78 47.42
CA LYS Q 132 -43.57 29.00 48.56
C LYS Q 132 -42.36 28.05 48.61
N HIS Q 133 -42.62 26.79 48.91
CA HIS Q 133 -41.55 25.80 49.04
C HIS Q 133 -41.99 24.51 48.35
N GLU Q 134 -41.05 23.69 47.90
CA GLU Q 134 -41.45 22.42 47.31
C GLU Q 134 -40.51 21.28 47.70
N LEU Q 135 -41.06 20.08 47.76
CA LEU Q 135 -40.27 18.89 48.03
C LEU Q 135 -40.43 17.94 46.85
N GLN Q 136 -39.33 17.44 46.32
CA GLN Q 136 -39.46 16.53 45.20
C GLN Q 136 -38.52 15.34 45.32
N ALA Q 137 -39.07 14.16 45.16
CA ALA Q 137 -38.30 12.93 45.22
C ALA Q 137 -38.77 11.95 44.14
N ASN Q 138 -37.84 11.17 43.61
CA ASN Q 138 -38.19 10.18 42.59
C ASN Q 138 -38.07 8.75 43.14
N CYS Q 139 -38.00 8.64 44.48
CA CYS Q 139 -37.88 7.34 45.14
C CYS Q 139 -38.51 7.34 46.53
N TYR Q 140 -38.85 6.15 47.03
CA TYR Q 140 -39.43 6.01 48.37
C TYR Q 140 -38.56 6.52 49.51
N GLU Q 141 -37.24 6.29 49.43
CA GLU Q 141 -36.35 6.70 50.53
C GLU Q 141 -36.34 8.22 50.76
N GLU Q 142 -36.35 9.02 49.70
CA GLU Q 142 -36.38 10.47 49.88
C GLU Q 142 -37.72 10.96 50.43
N VAL Q 143 -38.82 10.36 49.94
CA VAL Q 143 -40.16 10.71 50.43
C VAL Q 143 -40.37 10.24 51.88
N LYS Q 144 -39.87 9.04 52.16
CA LYS Q 144 -39.93 8.42 53.50
C LYS Q 144 -39.20 9.21 54.59
N ASP Q 145 -38.04 9.76 54.25
CA ASP Q 145 -37.18 10.44 55.22
C ASP Q 145 -37.68 11.77 55.76
N ARG Q 146 -37.59 11.84 57.08
CA ARG Q 146 -37.94 13.00 57.90
C ARG Q 146 -37.10 14.23 57.54
N CYS Q 147 -35.82 13.96 57.26
CA CYS Q 147 -34.83 15.01 56.98
C CYS Q 147 -35.19 15.86 55.76
N THR Q 148 -35.70 15.26 54.70
CA THR Q 148 -36.05 16.04 53.50
C THR Q 148 -37.11 17.13 53.82
N LEU Q 149 -38.11 16.79 54.62
CA LEU Q 149 -39.14 17.75 55.06
C LEU Q 149 -38.46 18.84 55.94
N ALA Q 150 -37.53 18.39 56.79
CA ALA Q 150 -36.78 19.27 57.72
C ALA Q 150 -35.78 20.21 57.02
N GLU Q 151 -35.31 19.80 55.84
CA GLU Q 151 -34.33 20.56 55.04
C GLU Q 151 -34.90 21.94 54.68
N LYS Q 152 -36.18 21.94 54.35
CA LYS Q 152 -36.92 23.15 53.98
C LYS Q 152 -36.92 24.17 55.12
N LEU Q 153 -37.08 23.63 56.31
CA LEU Q 153 -37.16 24.37 57.56
C LEU Q 153 -35.86 25.11 57.87
N GLY Q 154 -34.77 24.41 57.57
CA GLY Q 154 -33.42 24.85 57.86
C GLY Q 154 -32.65 23.69 58.51
N GLY Q 155 -33.30 23.06 59.49
CA GLY Q 155 -32.76 21.87 60.16
C GLY Q 155 -31.89 22.09 61.40
N SER Q 156 -31.49 23.33 61.69
CA SER Q 156 -30.69 23.57 62.89
C SER Q 156 -31.54 24.11 64.05
N ALA Q 157 -32.83 24.32 63.80
CA ALA Q 157 -33.75 24.85 64.80
C ALA Q 157 -35.10 24.13 64.77
N VAL Q 158 -35.06 22.80 64.78
CA VAL Q 158 -36.28 22.00 64.71
C VAL Q 158 -36.15 20.66 65.43
N ILE Q 159 -36.48 20.63 66.72
CA ILE Q 159 -36.41 19.36 67.43
C ILE Q 159 -37.83 18.78 67.58
N SER Q 160 -38.27 18.12 66.47
CA SER Q 160 -39.55 17.39 66.36
C SER Q 160 -40.30 17.71 65.05
N LEU Q 161 -40.07 16.97 63.97
CA LEU Q 161 -40.82 17.24 62.73
C LEU Q 161 -42.33 17.08 62.99
N GLU Q 162 -42.68 15.94 63.60
CA GLU Q 162 -44.06 15.62 64.03
C GLU Q 162 -44.21 15.53 65.55
N GLY Q 163 -43.29 16.12 66.28
CA GLY Q 163 -43.36 16.03 67.74
C GLY Q 163 -42.74 14.73 68.30
N LYS Q 164 -42.03 13.97 67.44
CA LYS Q 164 -41.41 12.71 67.87
C LYS Q 164 -40.25 12.17 66.98
N PRO Q 165 -40.37 12.19 65.61
CA PRO Q 165 -39.32 11.62 64.72
C PRO Q 165 -37.90 12.22 64.79
N LEU Q 166 -37.76 13.50 65.12
CA LEU Q 166 -36.42 14.12 65.16
C LEU Q 166 -36.00 14.56 66.57
N MET R 1 18.29 13.20 21.75
CA MET R 1 19.30 13.91 22.58
C MET R 1 18.62 14.63 23.75
N ALA R 2 19.39 15.12 24.73
CA ALA R 2 18.77 15.81 25.87
C ALA R 2 19.49 17.09 26.34
N SER R 3 20.72 16.98 26.85
CA SER R 3 21.46 18.15 27.36
C SER R 3 22.98 17.98 27.20
N GLY R 4 23.50 18.42 26.06
CA GLY R 4 24.92 18.23 25.71
C GLY R 4 25.98 18.70 26.72
N VAL R 5 25.73 19.78 27.45
CA VAL R 5 26.72 20.32 28.42
C VAL R 5 26.19 20.42 29.88
N ALA R 6 27.07 20.26 30.88
CA ALA R 6 26.68 20.30 32.31
C ALA R 6 26.85 21.64 33.10
N VAL R 7 27.71 22.59 32.65
CA VAL R 7 27.95 23.94 33.34
C VAL R 7 29.36 24.03 33.98
N SER R 8 30.04 25.18 33.86
CA SER R 8 31.39 25.34 34.47
C SER R 8 31.47 26.42 35.57
N ASP R 9 30.32 26.95 36.01
CA ASP R 9 30.24 28.00 37.06
C ASP R 9 30.51 29.42 36.48
N GLY R 10 31.24 29.49 35.37
CA GLY R 10 31.54 30.78 34.75
C GLY R 10 30.31 31.58 34.29
N VAL R 11 29.37 30.92 33.61
CA VAL R 11 28.16 31.58 33.12
C VAL R 11 27.33 32.18 34.26
N ILE R 12 27.18 31.40 35.33
CA ILE R 12 26.41 31.83 36.49
C ILE R 12 27.04 33.08 37.12
N LYS R 13 28.37 33.09 37.20
CA LYS R 13 29.09 34.22 37.77
C LYS R 13 28.83 35.53 36.99
N VAL R 14 28.96 35.48 35.67
CA VAL R 14 28.70 36.65 34.85
C VAL R 14 27.20 37.02 34.81
N PHE R 15 26.33 36.00 34.72
CA PHE R 15 24.88 36.21 34.73
C PHE R 15 24.41 36.91 36.02
N ASN R 16 24.99 36.46 37.13
CA ASN R 16 24.67 37.02 38.44
C ASN R 16 24.99 38.51 38.48
N ASP R 17 26.11 38.86 37.86
CA ASP R 17 26.56 40.24 37.79
C ASP R 17 25.49 41.10 37.07
N MET R 18 25.02 40.61 35.93
CA MET R 18 23.96 41.31 35.17
C MET R 18 22.65 41.46 35.97
N LYS R 19 22.29 40.39 36.69
CA LYS R 19 21.03 40.34 37.46
C LYS R 19 20.91 41.43 38.56
N VAL R 20 22.01 41.71 39.26
CA VAL R 20 22.02 42.73 40.34
C VAL R 20 22.55 44.11 39.84
N ARG R 21 23.10 44.08 38.64
CA ARG R 21 23.72 45.24 37.91
C ARG R 21 25.16 45.50 38.38
N LYS R 22 25.42 45.23 39.65
CA LYS R 22 26.75 45.45 40.25
C LYS R 22 27.20 46.91 40.02
N SER R 23 26.25 47.88 40.14
CA SER R 23 26.56 49.30 39.90
C SER R 23 25.88 50.27 40.90
N SER R 24 26.56 51.39 41.14
CA SER R 24 26.06 52.47 42.02
C SER R 24 26.37 53.86 41.43
N THR R 25 27.66 54.17 41.38
CA THR R 25 28.21 55.43 40.86
C THR R 25 28.06 55.55 39.34
N PRO R 26 28.14 56.78 38.80
CA PRO R 26 28.03 57.04 37.36
C PRO R 26 29.14 56.32 36.58
N GLU R 27 30.27 56.13 37.25
CA GLU R 27 31.42 55.46 36.65
C GLU R 27 31.13 54.00 36.21
N GLU R 28 30.38 53.25 37.00
CA GLU R 28 30.11 51.84 36.65
C GLU R 28 28.73 51.58 36.03
N VAL R 29 27.89 52.60 35.92
CA VAL R 29 26.59 52.41 35.28
C VAL R 29 26.82 52.21 33.77
N LYS R 30 27.80 52.96 33.29
CA LYS R 30 28.23 52.90 31.89
C LYS R 30 29.12 51.68 31.61
N LYS R 31 29.57 50.99 32.65
CA LYS R 31 30.40 49.80 32.45
C LYS R 31 29.54 48.53 32.60
N ARG R 32 28.23 48.73 32.75
CA ARG R 32 27.30 47.61 32.85
C ARG R 32 27.22 46.92 31.48
N LYS R 33 27.03 45.62 31.48
CA LYS R 33 27.07 44.85 30.25
C LYS R 33 25.70 44.72 29.57
N LYS R 34 25.49 45.52 28.51
CA LYS R 34 24.25 45.42 27.74
C LYS R 34 24.13 44.04 27.12
N ALA R 35 25.25 43.54 26.62
CA ALA R 35 25.32 42.23 26.00
C ALA R 35 26.60 41.49 26.36
N VAL R 36 26.49 40.20 26.54
CA VAL R 36 27.64 39.35 26.83
C VAL R 36 27.67 38.13 25.93
N LEU R 37 28.84 37.75 25.47
CA LEU R 37 28.96 36.57 24.61
C LEU R 37 29.44 35.36 25.39
N PHE R 38 28.73 34.27 25.17
CA PHE R 38 29.00 33.02 25.83
C PHE R 38 29.33 31.96 24.81
N CYS R 39 30.28 31.14 25.12
CA CYS R 39 30.64 30.06 24.23
C CYS R 39 31.16 28.91 25.04
N LEU R 40 31.34 27.79 24.42
CA LEU R 40 31.88 26.67 25.12
C LEU R 40 33.32 26.51 24.69
N SER R 41 34.19 26.38 25.67
CA SER R 41 35.62 26.31 25.46
C SER R 41 36.00 24.98 24.81
N GLU R 42 37.23 24.88 24.30
CA GLU R 42 37.63 23.67 23.59
C GLU R 42 37.49 22.41 24.44
N ASP R 43 37.02 21.41 23.70
CA ASP R 43 36.64 20.06 24.16
C ASP R 43 35.14 20.07 24.51
N LYS R 44 34.62 21.29 24.67
CA LYS R 44 33.18 21.56 24.92
C LYS R 44 32.64 20.91 26.19
N LYS R 45 33.55 20.58 27.06
CA LYS R 45 33.27 20.01 28.36
C LYS R 45 32.61 21.06 29.28
N ASN R 46 33.11 22.30 29.18
CA ASN R 46 32.67 23.43 30.01
C ASN R 46 32.06 24.61 29.22
N ILE R 47 31.10 25.32 29.83
CA ILE R 47 30.51 26.52 29.21
C ILE R 47 30.96 27.75 29.99
N ILE R 48 31.46 28.74 29.28
CA ILE R 48 32.02 29.95 29.89
C ILE R 48 31.66 31.24 29.14
N LEU R 49 32.24 32.31 29.63
CA LEU R 49 32.04 33.64 29.07
C LEU R 49 33.29 34.05 28.26
N GLU R 50 33.09 34.72 27.13
CA GLU R 50 34.24 35.12 26.31
C GLU R 50 34.73 36.50 26.76
N GLU R 51 35.99 36.54 27.18
CA GLU R 51 36.61 37.78 27.68
C GLU R 51 36.75 38.82 26.57
N GLY R 52 37.13 38.33 25.40
CA GLY R 52 37.34 39.16 24.23
C GLY R 52 36.11 39.88 23.71
N LYS R 53 34.97 39.21 23.70
CA LYS R 53 33.77 39.80 23.10
C LYS R 53 32.62 40.08 24.09
N GLU R 54 32.27 41.37 24.23
CA GLU R 54 31.12 41.79 25.05
C GLU R 54 30.64 43.21 24.66
N ILE R 55 29.41 43.53 25.01
CA ILE R 55 28.83 44.86 24.72
C ILE R 55 28.41 45.61 25.99
N LEU R 56 28.84 46.88 26.12
CA LEU R 56 28.51 47.69 27.29
C LEU R 56 27.47 48.78 26.99
N VAL R 57 26.56 49.03 27.93
CA VAL R 57 25.52 50.08 27.77
C VAL R 57 26.17 51.47 27.68
N GLY R 58 27.29 51.61 28.40
CA GLY R 58 28.07 52.85 28.42
C GLY R 58 28.57 53.26 27.05
N ASP R 59 28.65 52.29 26.16
CA ASP R 59 29.11 52.47 24.79
C ASP R 59 28.23 53.47 24.04
N VAL R 60 26.91 53.41 24.27
CA VAL R 60 25.98 54.30 23.55
C VAL R 60 26.33 55.76 23.85
N GLY R 61 26.66 56.05 25.10
CA GLY R 61 27.08 57.39 25.46
C GLY R 61 28.56 57.65 25.13
N GLN R 62 29.40 56.65 25.42
CA GLN R 62 30.87 56.72 25.22
C GLN R 62 31.33 56.97 23.76
N THR R 63 30.79 56.24 22.80
CA THR R 63 31.27 56.37 21.41
C THR R 63 30.41 55.65 20.35
N VAL R 64 29.75 54.55 20.69
CA VAL R 64 28.92 53.83 19.73
C VAL R 64 27.44 53.98 20.07
N ASP R 65 26.67 54.56 19.17
CA ASP R 65 25.25 54.80 19.46
C ASP R 65 24.32 53.65 19.07
N ASP R 66 24.84 52.60 18.47
CA ASP R 66 24.01 51.44 18.10
C ASP R 66 24.60 50.10 18.56
N PRO R 67 24.54 49.78 19.87
CA PRO R 67 25.01 48.48 20.41
C PRO R 67 24.44 47.32 19.62
N TYR R 68 23.17 47.44 19.25
CA TYR R 68 22.50 46.42 18.47
C TYR R 68 22.78 46.74 16.99
N ALA R 69 23.98 46.32 16.62
CA ALA R 69 24.57 46.49 15.30
C ALA R 69 26.00 46.00 15.42
N THR R 70 26.65 46.44 16.51
CA THR R 70 27.99 45.98 16.85
C THR R 70 27.92 44.47 17.08
N PHE R 71 26.83 44.08 17.74
CA PHE R 71 26.53 42.67 18.02
C PHE R 71 26.42 41.89 16.71
N VAL R 72 25.77 42.53 15.72
CA VAL R 72 25.60 41.95 14.39
C VAL R 72 26.97 41.74 13.71
N LYS R 73 27.84 42.74 13.88
CA LYS R 73 29.20 42.75 13.31
C LYS R 73 30.12 41.68 13.91
N MET R 74 30.01 41.50 15.22
CA MET R 74 30.85 40.57 15.96
C MET R 74 30.24 39.18 16.13
N LEU R 75 29.20 38.90 15.35
CA LEU R 75 28.56 37.60 15.39
C LEU R 75 28.41 37.04 13.97
N PRO R 76 29.54 36.65 13.36
CA PRO R 76 29.55 36.04 12.02
C PRO R 76 28.77 34.74 11.99
N ASP R 77 28.18 34.40 10.85
CA ASP R 77 27.51 33.11 10.75
C ASP R 77 28.60 32.04 10.73
N LYS R 78 29.81 32.57 10.58
CA LYS R 78 31.03 31.81 10.49
C LYS R 78 31.37 31.16 11.86
N ASP R 79 30.96 31.81 12.95
CA ASP R 79 31.15 31.26 14.30
C ASP R 79 29.82 31.16 15.05
N CYS R 80 29.59 30.04 15.73
CA CYS R 80 28.34 29.86 16.47
C CYS R 80 28.56 30.16 17.98
N ARG R 81 27.83 31.15 18.50
CA ARG R 81 27.99 31.56 19.91
C ARG R 81 26.66 31.75 20.66
N TYR R 82 26.75 31.72 22.00
CA TYR R 82 25.60 31.93 22.88
C TYR R 82 25.66 33.36 23.41
N ALA R 83 24.56 34.07 23.54
CA ALA R 83 24.66 35.44 24.05
C ALA R 83 23.48 35.90 24.91
N LEU R 84 23.79 36.82 25.81
CA LEU R 84 22.77 37.49 26.63
C LEU R 84 22.76 38.96 26.25
N TYR R 85 21.58 39.49 25.98
CA TYR R 85 21.47 40.88 25.60
C TYR R 85 20.31 41.54 26.34
N ASP R 86 20.48 42.77 26.75
CA ASP R 86 19.41 43.49 27.45
C ASP R 86 18.57 44.24 26.42
N ALA R 87 17.26 44.09 26.49
CA ALA R 87 16.38 44.70 25.50
C ALA R 87 16.50 46.23 25.46
N THR R 88 16.48 46.90 26.62
CA THR R 88 16.67 48.36 26.67
C THR R 88 15.87 49.10 25.58
N TYR R 89 14.54 48.98 25.61
CA TYR R 89 13.71 49.56 24.56
C TYR R 89 12.60 50.41 25.15
N GLU R 90 12.05 51.30 24.33
CA GLU R 90 10.97 52.18 24.78
C GLU R 90 9.60 51.74 24.27
N THR R 91 8.67 51.66 25.21
CA THR R 91 7.28 51.41 24.87
C THR R 91 6.56 52.63 25.42
N LYS R 92 5.91 53.39 24.51
CA LYS R 92 5.21 54.72 24.70
C LYS R 92 4.93 55.31 26.13
N GLU R 93 5.62 54.89 27.17
CA GLU R 93 5.45 55.46 28.52
C GLU R 93 6.81 55.92 29.03
N SER R 94 7.72 54.97 28.90
CA SER R 94 9.12 55.08 29.31
C SER R 94 9.82 53.81 28.83
N LYS R 95 10.96 53.47 29.40
CA LYS R 95 11.63 52.23 29.00
C LYS R 95 12.03 51.37 30.20
N LYS R 96 12.06 50.06 29.99
CA LYS R 96 12.41 49.13 31.06
C LYS R 96 13.66 48.32 30.71
N GLU R 97 13.49 47.00 30.45
CA GLU R 97 14.56 46.03 30.11
C GLU R 97 14.08 44.58 30.25
N ASP R 98 14.12 43.84 29.16
CA ASP R 98 13.76 42.43 29.18
C ASP R 98 15.01 41.59 29.02
N LEU R 99 15.19 40.61 29.89
CA LEU R 99 16.36 39.76 29.77
C LEU R 99 16.08 38.74 28.69
N VAL R 100 16.91 38.75 27.68
CA VAL R 100 16.75 37.84 26.57
C VAL R 100 18.03 37.14 26.26
N PHE R 101 17.91 35.89 25.96
CA PHE R 101 19.07 35.13 25.61
C PHE R 101 19.06 35.09 24.10
N ILE R 102 20.17 35.43 23.49
CA ILE R 102 20.22 35.44 22.06
C ILE R 102 20.96 34.22 21.59
N PHE R 103 20.28 33.41 20.81
CA PHE R 103 20.91 32.24 20.28
C PHE R 103 21.35 32.47 18.87
N TRP R 104 22.62 32.33 18.69
CA TRP R 104 23.20 32.46 17.39
C TRP R 104 23.62 31.08 16.96
N ALA R 105 22.81 30.49 16.11
CA ALA R 105 23.05 29.15 15.60
C ALA R 105 22.95 29.12 14.09
N PRO R 106 23.90 29.71 13.39
CA PRO R 106 23.85 29.72 11.93
C PRO R 106 24.05 28.31 11.36
N GLU R 107 23.19 27.94 10.41
CA GLU R 107 23.31 26.65 9.75
C GLU R 107 24.64 26.51 9.00
N SER R 108 25.02 27.63 8.38
CA SER R 108 26.23 27.76 7.56
C SER R 108 27.55 27.79 8.34
N ALA R 109 27.50 27.90 9.66
CA ALA R 109 28.72 27.95 10.47
C ALA R 109 29.45 26.61 10.42
N PRO R 110 30.77 26.57 10.74
CA PRO R 110 31.50 25.32 10.72
C PRO R 110 30.72 24.30 11.52
N LEU R 111 30.54 23.18 10.88
CA LEU R 111 29.72 22.12 11.40
C LEU R 111 30.18 21.57 12.74
N LYS R 112 31.48 21.40 12.90
CA LYS R 112 32.00 20.78 14.12
C LYS R 112 31.64 21.56 15.40
N SER R 113 31.88 22.87 15.41
CA SER R 113 31.52 23.71 16.56
C SER R 113 30.00 23.92 16.71
N LYS R 114 29.39 24.20 15.57
CA LYS R 114 27.95 24.49 15.49
C LYS R 114 27.07 23.34 15.96
N MET R 115 27.43 22.12 15.58
CA MET R 115 26.65 20.96 15.96
C MET R 115 26.54 20.72 17.46
N ILE R 116 27.61 20.93 18.20
CA ILE R 116 27.55 20.81 19.66
C ILE R 116 26.66 21.91 20.24
N TYR R 117 26.78 23.11 19.66
CA TYR R 117 25.98 24.27 20.08
C TYR R 117 24.49 24.02 19.92
N ALA R 118 24.13 23.50 18.77
CA ALA R 118 22.74 23.23 18.45
C ALA R 118 22.12 22.25 19.45
N SER R 119 22.87 21.17 19.70
CA SER R 119 22.47 20.10 20.62
C SER R 119 22.48 20.52 22.09
N SER R 120 23.23 21.57 22.39
CA SER R 120 23.41 22.05 23.76
C SER R 120 22.38 23.10 24.21
N LYS R 121 21.42 23.51 23.37
CA LYS R 121 20.45 24.55 23.81
C LYS R 121 19.63 24.12 25.05
N ASP R 122 19.17 22.87 25.11
CA ASP R 122 18.45 22.43 26.31
C ASP R 122 19.35 22.48 27.54
N ALA R 123 20.60 22.08 27.35
CA ALA R 123 21.58 22.09 28.43
C ALA R 123 21.95 23.49 28.87
N ILE R 124 22.10 24.40 27.90
CA ILE R 124 22.47 25.77 28.23
C ILE R 124 21.32 26.50 28.95
N LYS R 125 20.08 26.28 28.52
CA LYS R 125 18.95 26.93 29.21
C LYS R 125 18.58 26.16 30.48
N LYS R 126 19.07 24.93 30.59
CA LYS R 126 18.81 24.13 31.78
C LYS R 126 19.36 24.85 33.01
N LYS R 127 20.55 25.45 32.83
CA LYS R 127 21.18 26.26 33.88
C LYS R 127 20.59 27.67 33.93
N LEU R 128 19.83 28.03 32.89
CA LEU R 128 19.18 29.34 32.82
C LEU R 128 17.90 29.37 33.65
N THR R 129 17.49 28.18 34.11
CA THR R 129 16.27 27.99 34.92
C THR R 129 15.05 28.65 34.25
N GLY R 130 14.89 28.35 32.97
CA GLY R 130 13.79 28.90 32.18
C GLY R 130 13.98 30.39 31.93
N ILE R 131 14.10 30.77 30.68
CA ILE R 131 14.31 32.18 30.39
C ILE R 131 13.15 32.81 29.65
N LYS R 132 12.79 33.92 30.22
CA LYS R 132 11.68 34.81 29.85
C LYS R 132 11.36 34.83 28.36
N HIS R 133 12.25 35.39 27.55
CA HIS R 133 12.03 35.51 26.12
C HIS R 133 13.34 35.17 25.40
N GLU R 134 13.25 34.71 24.15
CA GLU R 134 14.49 34.46 23.42
C GLU R 134 14.38 34.86 21.95
N LEU R 135 15.52 35.25 21.39
CA LEU R 135 15.59 35.59 19.97
C LEU R 135 16.60 34.66 19.32
N GLN R 136 16.23 34.04 18.22
CA GLN R 136 17.18 33.15 17.57
C GLN R 136 17.17 33.32 16.05
N ALA R 137 18.36 33.48 15.50
CA ALA R 137 18.52 33.64 14.07
C ALA R 137 19.75 32.86 13.58
N ASN R 138 19.68 32.33 12.38
CA ASN R 138 20.81 31.59 11.82
C ASN R 138 21.46 32.37 10.67
N CYS R 139 21.13 33.66 10.57
CA CYS R 139 21.67 34.51 9.52
C CYS R 139 21.78 35.98 9.96
N TYR R 140 22.64 36.74 9.29
CA TYR R 140 22.81 38.17 9.58
C TYR R 140 21.55 39.01 9.45
N GLU R 141 20.73 38.75 8.42
CA GLU R 141 19.54 39.57 8.20
C GLU R 141 18.53 39.50 9.35
N GLU R 142 18.32 38.34 9.95
CA GLU R 142 17.40 38.24 11.08
C GLU R 142 17.97 38.93 12.34
N VAL R 143 19.27 38.76 12.57
CA VAL R 143 19.94 39.40 13.71
C VAL R 143 20.00 40.94 13.52
N LYS R 144 20.30 41.34 12.29
CA LYS R 144 20.37 42.76 11.88
C LYS R 144 19.06 43.54 12.06
N ASP R 145 17.95 42.90 11.71
CA ASP R 145 16.65 43.55 11.72
C ASP R 145 16.05 43.91 13.07
N ARG R 146 15.61 45.16 13.11
CA ARG R 146 14.94 45.80 14.24
C ARG R 146 13.65 45.06 14.63
N CYS R 147 12.94 44.62 13.61
CA CYS R 147 11.63 43.98 13.75
C CYS R 147 11.68 42.71 14.60
N THR R 148 12.72 41.88 14.45
CA THR R 148 12.80 40.65 15.23
C THR R 148 12.83 40.94 16.75
N LEU R 149 13.59 41.96 17.16
CA LEU R 149 13.63 42.38 18.57
C LEU R 149 12.23 42.92 18.99
N ALA R 150 11.59 43.65 18.07
CA ALA R 150 10.27 44.25 18.28
C ALA R 150 9.12 43.22 18.34
N GLU R 151 9.32 42.07 17.70
CA GLU R 151 8.33 40.98 17.64
C GLU R 151 8.00 40.48 19.04
N LYS R 152 9.04 40.39 19.85
CA LYS R 152 8.94 39.95 21.25
C LYS R 152 8.02 40.85 22.07
N LEU R 153 8.16 42.12 21.78
CA LEU R 153 7.45 43.21 22.44
C LEU R 153 5.94 43.14 22.18
N GLY R 154 5.65 42.78 20.93
CA GLY R 154 4.28 42.74 20.40
C GLY R 154 4.26 43.44 19.04
N GLY R 155 4.87 44.62 19.00
CA GLY R 155 5.05 45.40 17.76
C GLY R 155 3.93 46.39 17.41
N SER R 156 2.81 46.37 18.11
CA SER R 156 1.75 47.35 17.81
C SER R 156 1.74 48.51 18.80
N ALA R 157 2.64 48.46 19.78
CA ALA R 157 2.74 49.50 20.81
C ALA R 157 4.19 49.84 21.12
N VAL R 158 4.97 50.09 20.07
CA VAL R 158 6.40 50.40 20.25
C VAL R 158 6.95 51.32 19.16
N ILE R 159 6.88 52.63 19.39
CA ILE R 159 7.43 53.53 18.39
C ILE R 159 8.81 54.05 18.86
N SER R 160 9.81 53.19 18.61
CA SER R 160 11.25 53.44 18.86
C SER R 160 11.95 52.25 19.55
N LEU R 161 12.52 51.31 18.81
CA LEU R 161 13.23 50.19 19.46
C LEU R 161 14.39 50.75 20.33
N GLU R 162 15.18 51.62 19.70
CA GLU R 162 16.30 52.34 20.35
C GLU R 162 16.08 53.84 20.42
N GLY R 163 14.84 54.28 20.30
CA GLY R 163 14.58 55.72 20.31
C GLY R 163 14.77 56.38 18.93
N LYS R 164 14.93 55.57 17.88
CA LYS R 164 15.12 56.12 16.52
C LYS R 164 14.82 55.14 15.34
N PRO R 165 15.26 53.84 15.39
CA PRO R 165 15.06 52.89 14.26
C PRO R 165 13.60 52.59 13.80
N LEU R 166 12.63 52.65 14.69
CA LEU R 166 11.25 52.33 14.32
C LEU R 166 10.29 53.53 14.43
N MET S 1 -17.72 0.68 -22.73
CA MET S 1 -19.12 1.18 -22.82
C MET S 1 -19.37 2.29 -21.79
N ALA S 2 -20.49 3.01 -21.90
CA ALA S 2 -20.75 4.09 -20.93
C ALA S 2 -22.20 4.18 -20.40
N SER S 3 -23.16 4.48 -21.26
CA SER S 3 -24.58 4.61 -20.82
C SER S 3 -25.56 4.21 -21.94
N GLY S 4 -25.92 2.94 -21.97
CA GLY S 4 -26.78 2.38 -23.03
C GLY S 4 -28.12 3.06 -23.33
N VAL S 5 -28.78 3.62 -22.32
CA VAL S 5 -30.10 4.29 -22.52
C VAL S 5 -30.14 5.77 -22.05
N ALA S 6 -30.96 6.60 -22.73
CA ALA S 6 -31.06 8.05 -22.40
C ALA S 6 -32.22 8.53 -21.46
N VAL S 7 -33.34 7.76 -21.29
CA VAL S 7 -34.51 8.13 -20.40
C VAL S 7 -35.78 8.49 -21.22
N SER S 8 -36.97 8.03 -20.78
CA SER S 8 -38.23 8.34 -21.52
C SER S 8 -39.24 9.19 -20.70
N ASP S 9 -38.82 9.72 -19.54
CA ASP S 9 -39.68 10.56 -18.65
C ASP S 9 -40.61 9.68 -17.77
N GLY S 10 -40.91 8.46 -18.21
CA GLY S 10 -41.76 7.57 -17.43
C GLY S 10 -41.23 7.20 -16.04
N VAL S 11 -39.94 6.84 -15.97
CA VAL S 11 -39.32 6.46 -14.68
C VAL S 11 -39.35 7.60 -13.67
N ILE S 12 -39.04 8.80 -14.14
CA ILE S 12 -39.04 9.99 -13.28
C ILE S 12 -40.44 10.25 -12.72
N LYS S 13 -41.45 10.08 -13.55
CA LYS S 13 -42.84 10.29 -13.15
C LYS S 13 -43.25 9.35 -11.99
N VAL S 14 -42.97 8.05 -12.16
CA VAL S 14 -43.29 7.08 -11.10
C VAL S 14 -42.39 7.26 -9.86
N PHE S 15 -41.10 7.51 -10.09
CA PHE S 15 -40.14 7.74 -8.99
C PHE S 15 -40.56 8.94 -8.13
N ASN S 16 -41.00 10.00 -8.81
CA ASN S 16 -41.44 11.23 -8.14
C ASN S 16 -42.61 10.92 -7.21
N ASP S 17 -43.50 10.06 -7.67
CA ASP S 17 -44.67 9.65 -6.90
C ASP S 17 -44.21 8.99 -5.58
N MET S 18 -43.26 8.06 -5.67
CA MET S 18 -42.71 7.39 -4.49
C MET S 18 -42.04 8.36 -3.51
N LYS S 19 -41.29 9.33 -4.07
CA LYS S 19 -40.52 10.30 -3.29
C LYS S 19 -41.39 11.19 -2.35
N VAL S 20 -42.57 11.62 -2.82
CA VAL S 20 -43.47 12.46 -2.01
C VAL S 20 -44.59 11.63 -1.31
N ARG S 21 -44.68 10.37 -1.72
CA ARG S 21 -45.66 9.34 -1.25
C ARG S 21 -47.01 9.49 -1.96
N LYS S 22 -47.37 10.72 -2.30
CA LYS S 22 -48.64 11.02 -2.97
C LYS S 22 -49.83 10.44 -2.15
N SER S 23 -49.75 10.56 -0.80
CA SER S 23 -50.79 10.00 0.09
C SER S 23 -51.14 10.90 1.30
N SER S 24 -52.39 10.80 1.73
CA SER S 24 -52.91 11.55 2.90
C SER S 24 -53.84 10.66 3.75
N THR S 25 -54.99 10.33 3.15
CA THR S 25 -56.03 9.49 3.75
C THR S 25 -55.61 8.02 3.90
N PRO S 26 -56.29 7.26 4.78
CA PRO S 26 -56.00 5.84 5.00
C PRO S 26 -56.17 5.02 3.72
N GLU S 27 -57.07 5.49 2.87
CA GLU S 27 -57.36 4.83 1.59
C GLU S 27 -56.14 4.72 0.65
N GLU S 28 -55.31 5.78 0.58
CA GLU S 28 -54.15 5.74 -0.32
C GLU S 28 -52.81 5.44 0.34
N VAL S 29 -52.77 5.30 1.65
CA VAL S 29 -51.52 4.95 2.32
C VAL S 29 -51.19 3.50 1.99
N LYS S 30 -52.26 2.71 1.90
CA LYS S 30 -52.18 1.29 1.56
C LYS S 30 -52.03 1.08 0.04
N LYS S 31 -52.20 2.13 -0.75
CA LYS S 31 -52.03 2.02 -2.19
C LYS S 31 -50.64 2.55 -2.61
N ARG S 32 -49.83 2.89 -1.63
CA ARG S 32 -48.47 3.37 -1.88
C ARG S 32 -47.63 2.19 -2.38
N LYS S 33 -46.70 2.47 -3.27
CA LYS S 33 -45.93 1.42 -3.91
C LYS S 33 -44.67 1.03 -3.15
N LYS S 34 -44.72 -0.10 -2.43
CA LYS S 34 -43.55 -0.61 -1.73
C LYS S 34 -42.44 -0.93 -2.73
N ALA S 35 -42.84 -1.53 -3.84
CA ALA S 35 -41.92 -1.89 -4.91
C ALA S 35 -42.51 -1.63 -6.29
N VAL S 36 -41.68 -1.20 -7.20
CA VAL S 36 -42.10 -0.97 -8.57
C VAL S 36 -41.13 -1.61 -9.55
N LEU S 37 -41.65 -2.20 -10.61
CA LEU S 37 -40.79 -2.82 -11.61
C LEU S 37 -40.60 -1.94 -12.83
N PHE S 38 -39.36 -1.82 -13.21
CA PHE S 38 -38.96 -0.99 -14.33
C PHE S 38 -38.27 -1.84 -15.38
N CYS S 39 -38.56 -1.57 -16.61
CA CYS S 39 -37.93 -2.29 -17.69
C CYS S 39 -37.82 -1.38 -18.89
N LEU S 40 -37.11 -1.81 -19.87
CA LEU S 40 -36.99 -1.03 -21.07
C LEU S 40 -37.87 -1.67 -22.12
N SER S 41 -38.69 -0.85 -22.74
CA SER S 41 -39.66 -1.31 -23.74
C SER S 41 -38.95 -1.75 -25.01
N GLU S 42 -39.67 -2.45 -25.88
CA GLU S 42 -39.04 -2.97 -27.09
C GLU S 42 -38.38 -1.90 -27.94
N ASP S 43 -37.22 -2.34 -28.44
CA ASP S 43 -36.23 -1.58 -29.21
C ASP S 43 -35.21 -0.98 -28.23
N LYS S 44 -35.61 -0.94 -26.95
CA LYS S 44 -34.78 -0.50 -25.82
C LYS S 44 -34.30 0.95 -25.93
N LYS S 45 -35.00 1.69 -26.75
CA LYS S 45 -34.77 3.10 -26.96
C LYS S 45 -35.17 3.90 -25.71
N ASN S 46 -36.28 3.48 -25.09
CA ASN S 46 -36.85 4.16 -23.92
C ASN S 46 -36.93 3.28 -22.65
N ILE S 47 -36.80 3.91 -21.47
CA ILE S 47 -36.95 3.19 -20.18
C ILE S 47 -38.24 3.65 -19.51
N ILE S 48 -39.04 2.68 -19.09
CA ILE S 48 -40.36 2.94 -18.52
C ILE S 48 -40.69 2.05 -17.32
N LEU S 49 -41.91 2.22 -16.84
CA LEU S 49 -42.44 1.46 -15.71
C LEU S 49 -43.41 0.38 -16.22
N GLU S 50 -43.37 -0.80 -15.63
CA GLU S 50 -44.26 -1.88 -16.07
C GLU S 50 -45.59 -1.79 -15.32
N GLU S 51 -46.67 -1.62 -16.09
CA GLU S 51 -48.03 -1.48 -15.52
C GLU S 51 -48.49 -2.77 -14.85
N GLY S 52 -48.16 -3.87 -15.50
CA GLY S 52 -48.52 -5.20 -15.03
C GLY S 52 -47.92 -5.62 -13.70
N LYS S 53 -46.66 -5.28 -13.48
CA LYS S 53 -45.97 -5.75 -12.28
C LYS S 53 -45.54 -4.65 -11.29
N GLU S 54 -46.12 -4.69 -10.09
CA GLU S 54 -45.73 -3.77 -8.99
C GLU S 54 -46.15 -4.33 -7.62
N ILE S 55 -45.52 -3.82 -6.56
CA ILE S 55 -45.83 -4.25 -5.18
C ILE S 55 -46.31 -3.08 -4.30
N LEU S 56 -47.43 -3.28 -3.61
CA LEU S 56 -48.00 -2.23 -2.74
C LEU S 56 -47.82 -2.54 -1.25
N VAL S 57 -47.53 -1.51 -0.45
CA VAL S 57 -47.37 -1.67 1.02
C VAL S 57 -48.69 -2.13 1.66
N GLY S 58 -49.78 -1.67 1.08
CA GLY S 58 -51.13 -2.02 1.53
C GLY S 58 -51.41 -3.51 1.48
N ASP S 59 -50.64 -4.20 0.66
CA ASP S 59 -50.74 -5.64 0.46
C ASP S 59 -50.50 -6.39 1.77
N VAL S 60 -49.55 -5.93 2.58
CA VAL S 60 -49.22 -6.62 3.85
C VAL S 60 -50.46 -6.66 4.75
N GLY S 61 -51.20 -5.58 4.79
CA GLY S 61 -52.43 -5.55 5.55
C GLY S 61 -53.60 -6.17 4.80
N GLN S 62 -53.68 -5.87 3.50
CA GLN S 62 -54.77 -6.34 2.61
C GLN S 62 -54.91 -7.88 2.46
N THR S 63 -53.79 -8.58 2.21
CA THR S 63 -53.87 -10.03 1.98
C THR S 63 -52.52 -10.76 1.94
N VAL S 64 -51.44 -10.11 1.54
CA VAL S 64 -50.13 -10.77 1.48
C VAL S 64 -49.22 -10.19 2.57
N ASP S 65 -48.75 -11.02 3.48
CA ASP S 65 -47.92 -10.53 4.59
C ASP S 65 -46.42 -10.52 4.30
N ASP S 66 -46.01 -11.00 3.13
CA ASP S 66 -44.59 -10.99 2.77
C ASP S 66 -44.32 -10.40 1.37
N PRO S 67 -44.41 -9.06 1.21
CA PRO S 67 -44.10 -8.39 -0.08
C PRO S 67 -42.76 -8.83 -0.62
N TYR S 68 -41.78 -8.99 0.29
CA TYR S 68 -40.46 -9.43 -0.09
C TYR S 68 -40.49 -10.96 -0.07
N ALA S 69 -41.02 -11.46 -1.17
CA ALA S 69 -41.22 -12.88 -1.46
C ALA S 69 -42.02 -12.93 -2.75
N THR S 70 -43.06 -12.07 -2.79
CA THR S 70 -43.86 -11.90 -4.00
C THR S 70 -42.94 -11.38 -5.11
N PHE S 71 -42.06 -10.48 -4.69
CA PHE S 71 -41.04 -9.89 -5.56
C PHE S 71 -40.14 -11.00 -6.12
N VAL S 72 -39.79 -11.94 -5.24
CA VAL S 72 -38.96 -13.09 -5.62
C VAL S 72 -39.68 -13.97 -6.67
N LYS S 73 -40.99 -14.14 -6.47
CA LYS S 73 -41.86 -14.94 -7.35
C LYS S 73 -42.05 -14.32 -8.75
N MET S 74 -42.17 -13.01 -8.77
CA MET S 74 -42.44 -12.27 -10.00
C MET S 74 -41.16 -11.74 -10.67
N LEU S 75 -40.01 -12.25 -10.24
CA LEU S 75 -38.74 -11.85 -10.82
C LEU S 75 -37.92 -13.09 -11.20
N PRO S 76 -38.37 -13.83 -12.24
CA PRO S 76 -37.66 -15.00 -12.75
C PRO S 76 -36.27 -14.65 -13.24
N ASP S 77 -35.32 -15.58 -13.16
CA ASP S 77 -34.00 -15.31 -13.72
C ASP S 77 -34.16 -15.34 -15.23
N LYS S 78 -35.34 -15.79 -15.61
CA LYS S 78 -35.76 -15.96 -16.98
C LYS S 78 -35.97 -14.58 -17.66
N ASP S 79 -36.35 -13.57 -16.86
CA ASP S 79 -36.50 -12.19 -17.37
C ASP S 79 -35.63 -11.22 -16.58
N CYS S 80 -34.95 -10.30 -17.26
CA CYS S 80 -34.10 -9.33 -16.58
C CYS S 80 -34.83 -7.98 -16.45
N ARG S 81 -35.03 -7.51 -15.20
CA ARG S 81 -35.77 -6.26 -14.96
C ARG S 81 -35.10 -5.33 -13.94
N TYR S 82 -35.49 -4.06 -13.99
CA TYR S 82 -34.99 -3.03 -13.06
C TYR S 82 -36.05 -2.79 -11.99
N ALA S 83 -35.70 -2.62 -10.73
CA ALA S 83 -36.75 -2.38 -9.74
C ALA S 83 -36.38 -1.43 -8.60
N LEU S 84 -37.41 -0.77 -8.06
CA LEU S 84 -37.27 0.07 -6.87
C LEU S 84 -38.06 -0.57 -5.75
N TYR S 85 -37.44 -0.72 -4.61
CA TYR S 85 -38.13 -1.33 -3.47
C TYR S 85 -37.85 -0.51 -2.20
N ASP S 86 -38.85 -0.38 -1.36
CA ASP S 86 -38.68 0.35 -0.10
C ASP S 86 -38.24 -0.63 0.98
N ALA S 87 -37.19 -0.29 1.72
CA ALA S 87 -36.66 -1.22 2.72
C ALA S 87 -37.68 -1.57 3.81
N THR S 88 -38.38 -0.56 4.37
CA THR S 88 -39.43 -0.82 5.37
C THR S 88 -39.00 -1.86 6.42
N TYR S 89 -37.95 -1.57 7.18
CA TYR S 89 -37.42 -2.54 8.13
C TYR S 89 -37.27 -1.93 9.51
N GLU S 90 -37.20 -2.79 10.52
CA GLU S 90 -37.05 -2.33 11.90
C GLU S 90 -35.64 -2.48 12.43
N THR S 91 -35.13 -1.40 12.98
CA THR S 91 -33.86 -1.42 13.68
C THR S 91 -34.21 -0.99 15.10
N LYS S 92 -33.96 -1.90 16.06
CA LYS S 92 -34.30 -1.83 17.54
C LYS S 92 -34.83 -0.51 18.22
N GLU S 93 -35.35 0.45 17.48
CA GLU S 93 -35.92 1.67 18.07
C GLU S 93 -37.34 1.83 17.55
N SER S 94 -37.42 1.72 16.23
CA SER S 94 -38.63 1.85 15.43
C SER S 94 -38.24 1.50 13.99
N LYS S 95 -39.03 1.90 13.02
CA LYS S 95 -38.67 1.61 11.63
C LYS S 95 -38.75 2.87 10.75
N LYS S 96 -37.90 2.91 9.72
CA LYS S 96 -37.87 4.06 8.82
C LYS S 96 -38.21 3.63 7.38
N GLU S 97 -37.20 3.66 6.47
CA GLU S 97 -37.32 3.32 5.03
C GLU S 97 -36.11 3.81 4.23
N ASP S 98 -35.40 2.89 3.61
CA ASP S 98 -34.26 3.24 2.77
C ASP S 98 -34.63 3.02 1.31
N LEU S 99 -34.40 4.01 0.47
CA LEU S 99 -34.71 3.83 -0.94
C LEU S 99 -33.59 3.03 -1.56
N VAL S 100 -33.96 1.90 -2.12
CA VAL S 100 -33.00 1.04 -2.74
C VAL S 100 -33.43 0.63 -4.11
N PHE S 101 -32.49 0.60 -5.00
CA PHE S 101 -32.79 0.19 -6.34
C PHE S 101 -32.39 -1.26 -6.41
N ILE S 102 -33.26 -2.11 -6.88
CA ILE S 102 -32.94 -3.51 -6.93
C ILE S 102 -32.60 -3.86 -8.36
N PHE S 103 -31.40 -4.35 -8.56
CA PHE S 103 -31.01 -4.75 -9.87
C PHE S 103 -31.12 -6.23 -10.02
N TRP S 104 -31.94 -6.62 -10.95
CA TRP S 104 -32.10 -8.00 -11.26
C TRP S 104 -31.46 -8.23 -12.60
N ALA S 105 -30.27 -8.80 -12.55
CA ALA S 105 -29.50 -9.08 -13.75
C ALA S 105 -29.01 -10.51 -13.74
N PRO S 106 -29.91 -11.48 -13.92
CA PRO S 106 -29.49 -12.88 -13.93
C PRO S 106 -28.64 -13.21 -15.15
N GLU S 107 -27.53 -13.90 -14.90
CA GLU S 107 -26.63 -14.32 -15.98
C GLU S 107 -27.36 -15.25 -16.97
N SER S 108 -28.16 -16.13 -16.37
CA SER S 108 -28.93 -17.16 -17.07
C SER S 108 -30.14 -16.66 -17.88
N ALA S 109 -30.51 -15.38 -17.73
CA ALA S 109 -31.66 -14.84 -18.46
C ALA S 109 -31.37 -14.77 -19.94
N PRO S 110 -32.41 -14.69 -20.82
CA PRO S 110 -32.16 -14.61 -22.25
C PRO S 110 -31.16 -13.51 -22.50
N LEU S 111 -30.18 -13.88 -23.26
CA LEU S 111 -29.04 -13.03 -23.53
C LEU S 111 -29.40 -11.72 -24.21
N LYS S 112 -30.31 -11.77 -25.18
CA LYS S 112 -30.62 -10.57 -25.96
C LYS S 112 -31.16 -9.41 -25.09
N SER S 113 -32.16 -9.69 -24.23
CA SER S 113 -32.71 -8.67 -23.33
C SER S 113 -31.74 -8.30 -22.19
N LYS S 114 -31.16 -9.33 -21.61
CA LYS S 114 -30.25 -9.21 -20.46
C LYS S 114 -29.00 -8.38 -20.76
N MET S 115 -28.43 -8.58 -21.94
CA MET S 115 -27.22 -7.87 -22.33
C MET S 115 -27.38 -6.35 -22.39
N ILE S 116 -28.50 -5.86 -22.89
CA ILE S 116 -28.76 -4.42 -22.91
C ILE S 116 -28.92 -3.91 -21.48
N TYR S 117 -29.60 -4.71 -20.66
CA TYR S 117 -29.83 -4.37 -19.24
C TYR S 117 -28.53 -4.21 -18.48
N ALA S 118 -27.64 -5.16 -18.68
CA ALA S 118 -26.36 -5.16 -18.00
C ALA S 118 -25.55 -3.92 -18.33
N SER S 119 -25.51 -3.61 -19.63
CA SER S 119 -24.79 -2.45 -20.16
C SER S 119 -25.45 -1.10 -19.81
N SER S 120 -26.72 -1.14 -19.48
CA SER S 120 -27.50 0.06 -19.19
C SER S 120 -27.49 0.48 -17.71
N LYS S 121 -26.82 -0.23 -16.80
CA LYS S 121 -26.85 0.18 -15.39
C LYS S 121 -26.29 1.60 -15.14
N ASP S 122 -25.20 1.97 -15.80
CA ASP S 122 -24.70 3.34 -15.64
C ASP S 122 -25.71 4.36 -16.15
N ALA S 123 -26.35 4.02 -17.26
CA ALA S 123 -27.36 4.89 -17.86
C ALA S 123 -28.62 4.98 -17.01
N ILE S 124 -29.03 3.86 -16.43
CA ILE S 124 -30.23 3.84 -15.62
C ILE S 124 -30.02 4.61 -14.30
N LYS S 125 -28.85 4.47 -13.68
CA LYS S 125 -28.59 5.21 -12.44
C LYS S 125 -28.17 6.65 -12.75
N LYS S 126 -27.81 6.90 -14.00
CA LYS S 126 -27.43 8.24 -14.43
C LYS S 126 -28.60 9.20 -14.20
N LYS S 127 -29.80 8.70 -14.50
CA LYS S 127 -31.04 9.44 -14.27
C LYS S 127 -31.48 9.34 -12.80
N LEU S 128 -30.88 8.41 -12.06
CA LEU S 128 -31.18 8.21 -10.64
C LEU S 128 -30.45 9.24 -9.77
N THR S 129 -29.54 9.99 -10.41
CA THR S 129 -28.72 11.01 -9.75
C THR S 129 -28.05 10.46 -8.48
N GLY S 130 -27.40 9.31 -8.64
CA GLY S 130 -26.73 8.65 -7.54
C GLY S 130 -27.71 8.10 -6.52
N ILE S 131 -27.73 6.79 -6.34
CA ILE S 131 -28.68 6.22 -5.42
C ILE S 131 -28.00 5.60 -4.20
N LYS S 132 -28.56 6.01 -3.10
CA LYS S 132 -28.21 5.69 -1.72
C LYS S 132 -27.57 4.30 -1.54
N HIS S 133 -28.39 3.26 -1.70
CA HIS S 133 -27.92 1.88 -1.52
C HIS S 133 -28.49 1.01 -2.63
N GLU S 134 -27.84 -0.09 -2.96
CA GLU S 134 -28.41 -0.97 -3.97
C GLU S 134 -28.21 -2.45 -3.63
N LEU S 135 -29.14 -3.27 -4.08
CA LEU S 135 -29.04 -4.71 -3.90
C LEU S 135 -29.05 -5.35 -5.28
N GLN S 136 -28.12 -6.23 -5.55
CA GLN S 136 -28.10 -6.87 -6.86
C GLN S 136 -27.81 -8.36 -6.76
N ALA S 137 -28.64 -9.13 -7.42
CA ALA S 137 -28.49 -10.58 -7.46
C ALA S 137 -28.80 -11.12 -8.83
N ASN S 138 -28.12 -12.17 -9.24
CA ASN S 138 -28.36 -12.79 -10.54
C ASN S 138 -29.02 -14.16 -10.40
N CYS S 139 -29.55 -14.42 -9.21
CA CYS S 139 -30.21 -15.70 -8.93
C CYS S 139 -31.30 -15.56 -7.86
N TYR S 140 -32.23 -16.52 -7.84
CA TYR S 140 -33.32 -16.53 -6.86
C TYR S 140 -32.86 -16.59 -5.41
N GLU S 141 -31.83 -17.38 -5.11
CA GLU S 141 -31.39 -17.54 -3.72
C GLU S 141 -30.90 -16.23 -3.08
N GLU S 142 -30.17 -15.40 -3.83
CA GLU S 142 -29.72 -14.12 -3.27
C GLU S 142 -30.89 -13.14 -3.09
N VAL S 143 -31.81 -13.12 -4.04
CA VAL S 143 -33.01 -12.26 -3.94
C VAL S 143 -33.94 -12.74 -2.82
N LYS S 144 -34.10 -14.06 -2.73
CA LYS S 144 -34.93 -14.72 -1.71
C LYS S 144 -34.48 -14.47 -0.26
N ASP S 145 -33.16 -14.48 -0.06
CA ASP S 145 -32.59 -14.36 1.30
C ASP S 145 -32.73 -13.00 1.98
N ARG S 146 -33.17 -13.13 3.23
CA ARG S 146 -33.35 -12.04 4.17
C ARG S 146 -32.05 -11.29 4.45
N CYS S 147 -30.97 -12.06 4.55
CA CYS S 147 -29.65 -11.56 4.90
C CYS S 147 -29.12 -10.51 3.90
N THR S 148 -29.34 -10.69 2.62
CA THR S 148 -28.85 -9.72 1.63
C THR S 148 -29.44 -8.32 1.88
N LEU S 149 -30.74 -8.26 2.19
CA LEU S 149 -31.40 -6.99 2.52
C LEU S 149 -30.79 -6.42 3.84
N ALA S 150 -30.53 -7.32 4.79
CA ALA S 150 -29.97 -6.99 6.10
C ALA S 150 -28.49 -6.53 6.06
N GLU S 151 -27.78 -6.98 5.03
CA GLU S 151 -26.35 -6.66 4.83
C GLU S 151 -26.15 -5.14 4.69
N LYS S 152 -27.08 -4.54 3.98
CA LYS S 152 -27.10 -3.09 3.75
C LYS S 152 -27.18 -2.30 5.05
N LEU S 153 -28.00 -2.84 5.92
CA LEU S 153 -28.31 -2.28 7.23
C LEU S 153 -27.07 -2.25 8.14
N GLY S 154 -26.30 -3.33 8.02
CA GLY S 154 -25.13 -3.59 8.85
C GLY S 154 -25.20 -5.02 9.37
N GLY S 155 -26.37 -5.39 9.87
CA GLY S 155 -26.65 -6.77 10.32
C GLY S 155 -26.35 -7.09 11.78
N SER S 156 -25.68 -6.21 12.52
CA SER S 156 -25.41 -6.49 13.94
C SER S 156 -26.38 -5.74 14.86
N ALA S 157 -27.27 -4.96 14.26
CA ALA S 157 -28.24 -4.17 15.03
C ALA S 157 -29.62 -4.20 14.37
N VAL S 158 -30.09 -5.39 14.02
CA VAL S 158 -31.38 -5.54 13.34
C VAL S 158 -32.07 -6.86 13.68
N ILE S 159 -32.89 -6.88 14.72
CA ILE S 159 -33.59 -8.11 15.05
C ILE S 159 -35.06 -7.99 14.56
N SER S 160 -35.22 -8.27 13.25
CA SER S 160 -36.51 -8.32 12.52
C SER S 160 -36.47 -7.56 11.19
N LEU S 161 -36.13 -8.21 10.07
CA LEU S 161 -36.14 -7.50 8.78
C LEU S 161 -37.56 -6.98 8.48
N GLU S 162 -38.53 -7.88 8.63
CA GLU S 162 -39.97 -7.60 8.47
C GLU S 162 -40.76 -7.77 9.78
N GLY S 163 -40.07 -7.75 10.90
CA GLY S 163 -40.76 -7.96 12.17
C GLY S 163 -40.95 -9.44 12.52
N LYS S 164 -40.31 -10.33 11.77
CA LYS S 164 -40.43 -11.78 12.02
C LYS S 164 -39.31 -12.69 11.42
N PRO S 165 -38.84 -12.48 10.16
CA PRO S 165 -37.81 -13.36 9.53
C PRO S 165 -36.43 -13.48 10.22
N LEU S 166 -35.97 -12.45 10.92
CA LEU S 166 -34.64 -12.51 11.56
C LEU S 166 -34.71 -12.45 13.08
N MET T 1 28.28 -33.43 -10.39
CA MET T 1 29.04 -33.36 -9.11
C MET T 1 28.27 -32.53 -8.08
N ALA T 2 28.69 -32.55 -6.82
CA ALA T 2 27.97 -31.78 -5.78
C ALA T 2 28.85 -31.02 -4.77
N SER T 3 29.62 -31.74 -3.95
CA SER T 3 30.47 -31.08 -2.93
C SER T 3 31.74 -31.90 -2.63
N GLY T 4 32.80 -31.63 -3.37
CA GLY T 4 34.05 -32.40 -3.28
C GLY T 4 34.70 -32.56 -1.90
N VAL T 5 34.59 -31.58 -1.01
CA VAL T 5 35.22 -31.65 0.33
C VAL T 5 34.22 -31.47 1.51
N ALA T 6 34.48 -32.13 2.65
CA ALA T 6 33.58 -32.07 3.83
C ALA T 6 33.91 -31.04 4.97
N VAL T 7 35.18 -30.54 5.10
CA VAL T 7 35.59 -29.54 6.17
C VAL T 7 36.53 -30.16 7.22
N SER T 8 37.59 -29.44 7.66
CA SER T 8 38.51 -29.97 8.68
C SER T 8 38.53 -29.16 10.00
N ASP T 9 37.60 -28.22 10.17
CA ASP T 9 37.50 -27.37 11.39
C ASP T 9 38.49 -26.17 11.35
N GLY T 10 39.58 -26.32 10.59
CA GLY T 10 40.58 -25.25 10.47
C GLY T 10 40.04 -23.94 9.89
N VAL T 11 39.29 -24.03 8.80
CA VAL T 11 38.73 -22.83 8.14
C VAL T 11 37.79 -22.05 9.07
N ILE T 12 36.94 -22.79 9.76
CA ILE T 12 35.98 -22.19 10.69
C ILE T 12 36.71 -21.43 11.81
N LYS T 13 37.79 -22.03 12.31
CA LYS T 13 38.59 -21.41 13.37
C LYS T 13 39.18 -20.07 12.94
N VAL T 14 39.81 -20.02 11.77
CA VAL T 14 40.37 -18.78 11.26
C VAL T 14 39.28 -17.76 10.84
N PHE T 15 38.21 -18.27 10.21
CA PHE T 15 37.08 -17.42 9.79
C PHE T 15 36.43 -16.74 11.01
N ASN T 16 36.28 -17.50 12.08
CA ASN T 16 35.68 -17.01 13.32
C ASN T 16 36.50 -15.84 13.87
N ASP T 17 37.82 -15.97 13.76
CA ASP T 17 38.73 -14.95 14.22
C ASP T 17 38.46 -13.63 13.46
N MET T 18 38.36 -13.72 12.14
CA MET T 18 38.05 -12.54 11.30
C MET T 18 36.69 -11.91 11.64
N LYS T 19 35.69 -12.76 11.89
CA LYS T 19 34.31 -12.32 12.16
C LYS T 19 34.17 -11.42 13.43
N VAL T 20 34.90 -11.75 14.49
CA VAL T 20 34.85 -10.96 15.75
C VAL T 20 36.01 -9.93 15.84
N ARG T 21 36.97 -10.07 14.92
CA ARG T 21 38.21 -9.25 14.78
C ARG T 21 39.31 -9.71 15.74
N LYS T 22 38.91 -10.20 16.92
CA LYS T 22 39.84 -10.68 17.94
C LYS T 22 40.86 -9.55 18.28
N SER T 23 40.38 -8.30 18.35
CA SER T 23 41.26 -7.14 18.61
C SER T 23 40.67 -6.09 19.57
N SER T 24 41.55 -5.42 20.31
CA SER T 24 41.17 -4.34 21.24
C SER T 24 42.20 -3.18 21.19
N THR T 25 43.41 -3.50 21.64
CA THR T 25 44.54 -2.57 21.70
C THR T 25 45.10 -2.24 20.30
N PRO T 26 45.85 -1.12 20.18
CA PRO T 26 46.45 -0.69 18.90
C PRO T 26 47.40 -1.74 18.36
N GLU T 27 48.01 -2.49 19.27
CA GLU T 27 48.96 -3.55 18.92
C GLU T 27 48.36 -4.66 18.04
N GLU T 28 47.12 -5.07 18.30
CA GLU T 28 46.51 -6.15 17.51
C GLU T 28 45.52 -5.70 16.44
N VAL T 29 45.24 -4.40 16.34
CA VAL T 29 44.35 -3.92 15.28
C VAL T 29 45.09 -4.03 13.96
N LYS T 30 46.39 -3.77 14.03
CA LYS T 30 47.29 -3.86 12.88
C LYS T 30 47.70 -5.31 12.58
N LYS T 31 47.39 -6.23 13.48
CA LYS T 31 47.70 -7.64 13.24
C LYS T 31 46.46 -8.40 12.74
N ARG T 32 45.38 -7.65 12.52
CA ARG T 32 44.13 -8.23 12.00
C ARG T 32 44.37 -8.65 10.55
N LYS T 33 43.72 -9.73 10.14
CA LYS T 33 43.97 -10.29 8.82
C LYS T 33 43.07 -9.72 7.72
N LYS T 34 43.63 -8.80 6.91
CA LYS T 34 42.87 -8.24 5.78
C LYS T 34 42.52 -9.34 4.80
N ALA T 35 43.47 -10.24 4.57
CA ALA T 35 43.28 -11.36 3.69
C ALA T 35 43.92 -12.63 4.22
N VAL T 36 43.27 -13.75 3.99
CA VAL T 36 43.79 -15.05 4.39
C VAL T 36 43.71 -16.05 3.25
N LEU T 37 44.74 -16.87 3.11
CA LEU T 37 44.74 -17.87 2.04
C LEU T 37 44.37 -19.25 2.57
N PHE T 38 43.48 -19.87 1.86
CA PHE T 38 42.96 -21.17 2.20
C PHE T 38 43.25 -22.15 1.08
N CYS T 39 43.60 -23.34 1.44
CA CYS T 39 43.86 -24.35 0.46
C CYS T 39 43.53 -25.69 1.05
N LEU T 40 43.51 -26.70 0.23
CA LEU T 40 43.25 -28.02 0.73
C LEU T 40 44.57 -28.76 0.77
N SER T 41 44.84 -29.36 1.91
CA SER T 41 46.09 -30.07 2.16
C SER T 41 46.17 -31.34 1.32
N GLU T 42 47.36 -31.92 1.24
CA GLU T 42 47.53 -33.10 0.39
C GLU T 42 46.60 -34.25 0.76
N ASP T 43 46.13 -34.85 -0.34
CA ASP T 43 45.12 -35.91 -0.41
C ASP T 43 43.74 -35.27 -0.57
N LYS T 44 43.68 -33.97 -0.26
CA LYS T 44 42.50 -33.11 -0.42
C LYS T 44 41.28 -33.57 0.37
N LYS T 45 41.56 -34.37 1.37
CA LYS T 45 40.58 -34.89 2.31
C LYS T 45 40.05 -33.76 3.21
N ASN T 46 40.98 -32.86 3.61
CA ASN T 46 40.69 -31.76 4.53
C ASN T 46 40.96 -30.36 3.94
N ILE T 47 40.17 -29.36 4.38
CA ILE T 47 40.38 -27.96 3.95
C ILE T 47 40.90 -27.16 5.15
N ILE T 48 41.98 -26.44 4.94
CA ILE T 48 42.65 -25.69 6.00
C ILE T 48 43.13 -24.31 5.56
N LEU T 49 43.82 -23.65 6.48
CA LEU T 49 44.39 -22.33 6.28
C LEU T 49 45.91 -22.44 6.06
N GLU T 50 46.47 -21.66 5.15
CA GLU T 50 47.90 -21.73 4.89
C GLU T 50 48.65 -20.78 5.84
N GLU T 51 49.53 -21.36 6.63
CA GLU T 51 50.31 -20.59 7.63
C GLU T 51 51.27 -19.61 6.95
N GLY T 52 51.88 -20.09 5.88
CA GLY T 52 52.85 -19.33 5.11
C GLY T 52 52.31 -18.08 4.44
N LYS T 53 51.11 -18.16 3.88
CA LYS T 53 50.58 -17.04 3.12
C LYS T 53 49.33 -16.36 3.72
N GLU T 54 49.45 -15.08 4.09
CA GLU T 54 48.33 -14.28 4.58
C GLU T 54 48.62 -12.77 4.45
N ILE T 55 47.57 -11.94 4.47
CA ILE T 55 47.70 -10.48 4.37
C ILE T 55 47.12 -9.76 5.60
N LEU T 56 47.90 -8.85 6.19
CA LEU T 56 47.45 -8.10 7.38
C LEU T 56 47.12 -6.64 7.07
N VAL T 57 46.07 -6.11 7.70
CA VAL T 57 45.67 -4.69 7.51
C VAL T 57 46.76 -3.75 8.02
N GLY T 58 47.46 -4.20 9.06
CA GLY T 58 48.56 -3.45 9.68
C GLY T 58 49.69 -3.18 8.71
N ASP T 59 49.75 -3.98 7.67
CA ASP T 59 50.77 -3.88 6.62
C ASP T 59 50.72 -2.52 5.93
N VAL T 60 49.51 -2.00 5.70
CA VAL T 60 49.36 -0.71 4.99
C VAL T 60 50.08 0.39 5.77
N GLY T 61 49.95 0.36 7.08
CA GLY T 61 50.65 1.31 7.92
C GLY T 61 52.11 0.91 8.17
N GLN T 62 52.32 -0.38 8.42
CA GLN T 62 53.65 -0.96 8.73
C GLN T 62 54.73 -0.79 7.64
N THR T 63 54.39 -1.10 6.38
CA THR T 63 55.42 -1.04 5.33
C THR T 63 54.87 -1.17 3.88
N VAL T 64 53.76 -1.89 3.68
CA VAL T 64 53.19 -2.06 2.34
C VAL T 64 51.89 -1.28 2.22
N ASP T 65 51.82 -0.33 1.30
CA ASP T 65 50.61 0.51 1.18
C ASP T 65 49.57 -0.05 0.21
N ASP T 66 49.86 -1.16 -0.46
CA ASP T 66 48.88 -1.78 -1.36
C ASP T 66 48.68 -3.28 -1.13
N PRO T 67 47.97 -3.67 -0.05
CA PRO T 67 47.66 -5.09 0.23
C PRO T 67 47.07 -5.78 -0.99
N TYR T 68 46.21 -5.05 -1.70
CA TYR T 68 45.59 -5.58 -2.90
C TYR T 68 46.55 -5.26 -4.05
N ALA T 69 47.54 -6.13 -4.13
CA ALA T 69 48.63 -6.12 -5.09
C ALA T 69 49.60 -7.21 -4.65
N THR T 70 49.85 -7.22 -3.33
CA THR T 70 50.66 -8.27 -2.72
C THR T 70 49.94 -9.61 -2.94
N PHE T 71 48.61 -9.54 -2.81
CA PHE T 71 47.72 -10.67 -3.03
C PHE T 71 47.87 -11.16 -4.48
N VAL T 72 47.97 -10.21 -5.41
CA VAL T 72 48.16 -10.50 -6.82
C VAL T 72 49.51 -11.23 -7.06
N LYS T 73 50.54 -10.76 -6.35
CA LYS T 73 51.90 -11.31 -6.42
C LYS T 73 52.01 -12.74 -5.87
N MET T 74 51.31 -12.98 -4.78
CA MET T 74 51.37 -14.26 -4.08
C MET T 74 50.27 -15.23 -4.51
N LEU T 75 49.62 -14.92 -5.63
CA LEU T 75 48.58 -15.80 -6.16
C LEU T 75 48.82 -16.08 -7.64
N PRO T 76 49.87 -16.86 -7.94
CA PRO T 76 50.20 -17.27 -9.31
C PRO T 76 49.08 -18.06 -9.95
N ASP T 77 48.93 -17.98 -11.27
CA ASP T 77 47.91 -18.81 -11.93
C ASP T 77 48.44 -20.23 -11.90
N LYS T 78 49.70 -20.29 -11.49
CA LYS T 78 50.47 -21.51 -11.38
C LYS T 78 49.95 -22.38 -10.21
N ASP T 79 49.40 -21.75 -9.18
CA ASP T 79 48.80 -22.46 -8.04
C ASP T 79 47.34 -22.03 -7.82
N CYS T 80 46.46 -22.98 -7.58
CA CYS T 80 45.05 -22.66 -7.37
C CYS T 80 44.73 -22.66 -5.85
N ARG T 81 44.26 -21.50 -5.34
CA ARG T 81 43.99 -21.36 -3.89
C ARG T 81 42.64 -20.67 -3.58
N TYR T 82 42.17 -20.89 -2.37
CA TYR T 82 40.92 -20.28 -1.87
C TYR T 82 41.30 -19.10 -0.98
N ALA T 83 40.59 -17.98 -1.04
CA ALA T 83 40.98 -16.87 -0.16
C ALA T 83 39.82 -16.02 0.37
N LEU T 84 40.04 -15.43 1.54
CA LEU T 84 39.12 -14.46 2.13
C LEU T 84 39.81 -13.12 2.19
N TYR T 85 39.14 -12.09 1.71
CA TYR T 85 39.74 -10.77 1.71
C TYR T 85 38.71 -9.74 2.19
N ASP T 86 39.14 -8.77 2.95
CA ASP T 86 38.24 -7.73 3.44
C ASP T 86 38.25 -6.58 2.44
N ALA T 87 37.07 -6.12 2.04
CA ALA T 87 36.98 -5.07 1.02
C ALA T 87 37.67 -3.78 1.44
N THR T 88 37.43 -3.29 2.67
CA THR T 88 38.11 -2.08 3.18
C THR T 88 38.16 -0.95 2.13
N TYR T 89 37.01 -0.47 1.70
CA TYR T 89 36.97 0.53 0.65
C TYR T 89 36.12 1.73 1.05
N GLU T 90 36.34 2.85 0.38
CA GLU T 90 35.58 4.07 0.67
C GLU T 90 34.48 4.36 -0.34
N THR T 91 33.30 4.60 0.18
CA THR T 91 32.19 5.04 -0.63
C THR T 91 31.82 6.39 -0.05
N LYS T 92 31.94 7.45 -0.87
CA LYS T 92 31.78 8.93 -0.56
C LYS T 92 31.18 9.43 0.81
N GLU T 93 31.17 8.63 1.86
CA GLU T 93 30.69 9.07 3.17
C GLU T 93 31.79 8.81 4.20
N SER T 94 32.25 7.57 4.13
CA SER T 94 33.27 6.99 4.98
C SER T 94 33.58 5.60 4.42
N LYS T 95 34.17 4.72 5.21
CA LYS T 95 34.44 3.37 4.72
C LYS T 95 33.95 2.30 5.71
N LYS T 96 33.56 1.14 5.17
CA LYS T 96 33.06 0.04 6.00
C LYS T 96 33.95 -1.20 5.86
N GLU T 97 33.42 -2.26 5.21
CA GLU T 97 34.08 -3.57 4.98
C GLU T 97 33.08 -4.66 4.56
N ASP T 98 33.28 -5.20 3.38
CA ASP T 98 32.44 -6.29 2.90
C ASP T 98 33.23 -7.58 2.92
N LEU T 99 32.65 -8.63 3.50
CA LEU T 99 33.36 -9.90 3.53
C LEU T 99 33.19 -10.55 2.19
N VAL T 100 34.30 -10.82 1.55
CA VAL T 100 34.27 -11.44 0.24
C VAL T 100 35.20 -12.60 0.17
N PHE T 101 34.75 -13.63 -0.48
CA PHE T 101 35.57 -14.78 -0.63
C PHE T 101 36.18 -14.65 -2.02
N ILE T 102 37.47 -14.79 -2.11
CA ILE T 102 38.11 -14.64 -3.39
C ILE T 102 38.45 -16.01 -3.91
N PHE T 103 37.90 -16.34 -5.06
CA PHE T 103 38.20 -17.60 -5.66
C PHE T 103 39.23 -17.44 -6.73
N TRP T 104 40.33 -18.12 -6.52
CA TRP T 104 41.37 -18.14 -7.49
C TRP T 104 41.38 -19.50 -8.11
N ALA T 105 40.84 -19.57 -9.31
CA ALA T 105 40.74 -20.80 -10.05
C ALA T 105 41.26 -20.63 -11.47
N PRO T 106 42.57 -20.45 -11.64
CA PRO T 106 43.11 -20.27 -12.97
C PRO T 106 43.00 -21.55 -13.81
N GLU T 107 42.54 -21.39 -15.04
CA GLU T 107 42.40 -22.52 -15.97
C GLU T 107 43.77 -23.15 -16.24
N SER T 108 44.76 -22.27 -16.38
CA SER T 108 46.15 -22.62 -16.70
C SER T 108 46.95 -23.27 -15.56
N ALA T 109 46.40 -23.29 -14.35
CA ALA T 109 47.11 -23.89 -13.20
C ALA T 109 47.23 -25.40 -13.38
N PRO T 110 48.19 -26.07 -12.67
CA PRO T 110 48.33 -27.51 -12.80
C PRO T 110 46.97 -28.14 -12.62
N LEU T 111 46.65 -28.97 -13.56
CA LEU T 111 45.36 -29.60 -13.63
C LEU T 111 44.99 -30.44 -12.42
N LYS T 112 45.95 -31.19 -11.90
CA LYS T 112 45.65 -32.12 -10.80
C LYS T 112 45.11 -31.39 -9.55
N SER T 113 45.80 -30.34 -9.10
CA SER T 113 45.35 -29.55 -7.94
C SER T 113 44.10 -28.70 -8.24
N LYS T 114 44.16 -28.05 -9.40
CA LYS T 114 43.11 -27.13 -9.85
C LYS T 114 41.75 -27.80 -10.03
N MET T 115 41.75 -29.00 -10.59
CA MET T 115 40.51 -29.72 -10.82
C MET T 115 39.70 -30.04 -9.55
N ILE T 116 40.37 -30.43 -8.48
CA ILE T 116 39.69 -30.66 -7.21
C ILE T 116 39.12 -29.34 -6.68
N TYR T 117 39.90 -28.28 -6.83
CA TYR T 117 39.51 -26.93 -6.38
C TYR T 117 38.25 -26.46 -7.08
N ALA T 118 38.22 -26.64 -8.38
CA ALA T 118 37.08 -26.21 -9.19
C ALA T 118 35.80 -26.91 -8.76
N SER T 119 35.91 -28.22 -8.58
CA SER T 119 34.80 -29.10 -8.18
C SER T 119 34.37 -28.88 -6.71
N SER T 120 35.27 -28.32 -5.92
CA SER T 120 35.02 -28.13 -4.49
C SER T 120 34.38 -26.77 -4.13
N LYS T 121 34.09 -25.89 -5.09
CA LYS T 121 33.49 -24.59 -4.72
C LYS T 121 32.14 -24.72 -3.97
N ASP T 122 31.26 -25.63 -4.41
CA ASP T 122 30.00 -25.82 -3.68
C ASP T 122 30.26 -26.32 -2.27
N ALA T 123 31.23 -27.22 -2.14
CA ALA T 123 31.60 -27.77 -0.84
C ALA T 123 32.26 -26.74 0.06
N ILE T 124 33.12 -25.90 -0.52
CA ILE T 124 33.82 -24.89 0.27
C ILE T 124 32.84 -23.80 0.75
N LYS T 125 31.89 -23.38 -0.10
CA LYS T 125 30.93 -22.37 0.34
C LYS T 125 29.81 -23.01 1.16
N LYS T 126 29.71 -24.33 1.09
CA LYS T 126 28.71 -25.07 1.86
C LYS T 126 28.93 -24.80 3.35
N LYS T 127 30.21 -24.79 3.74
CA LYS T 127 30.62 -24.48 5.11
C LYS T 127 30.63 -22.96 5.35
N LEU T 128 30.56 -22.18 4.26
CA LEU T 128 30.54 -20.72 4.34
C LEU T 128 29.14 -20.21 4.70
N THR T 129 28.17 -21.13 4.67
CA THR T 129 26.75 -20.83 4.94
C THR T 129 26.27 -19.63 4.12
N GLY T 130 26.54 -19.68 2.83
CA GLY T 130 26.16 -18.61 1.91
C GLY T 130 26.97 -17.35 2.15
N ILE T 131 27.73 -16.93 1.17
CA ILE T 131 28.56 -15.76 1.36
C ILE T 131 28.12 -14.60 0.48
N LYS T 132 28.00 -13.50 1.19
CA LYS T 132 27.58 -12.17 0.75
C LYS T 132 27.92 -11.86 -0.71
N HIS T 133 29.21 -11.67 -0.99
CA HIS T 133 29.66 -11.32 -2.34
C HIS T 133 30.91 -12.13 -2.67
N GLU T 134 31.18 -12.36 -3.94
CA GLU T 134 32.41 -13.07 -4.28
C GLU T 134 33.08 -12.50 -5.53
N LEU T 135 34.39 -12.61 -5.57
CA LEU T 135 35.17 -12.20 -6.74
C LEU T 135 35.92 -13.41 -7.26
N GLN T 136 35.84 -13.68 -8.54
CA GLN T 136 36.56 -14.82 -9.07
C GLN T 136 37.23 -14.51 -10.40
N ALA T 137 38.50 -14.84 -10.47
CA ALA T 137 39.28 -14.63 -11.68
C ALA T 137 40.21 -15.81 -11.93
N ASN T 138 40.44 -16.13 -13.19
CA ASN T 138 41.34 -17.23 -13.53
C ASN T 138 42.65 -16.71 -14.15
N CYS T 139 42.90 -15.42 -13.99
CA CYS T 139 44.10 -14.79 -14.54
C CYS T 139 44.55 -13.59 -13.70
N TYR T 140 45.83 -13.22 -13.83
CA TYR T 140 46.40 -12.07 -13.11
C TYR T 140 45.71 -10.74 -13.42
N GLU T 141 45.37 -10.49 -14.67
CA GLU T 141 44.76 -9.20 -15.04
C GLU T 141 43.44 -8.93 -14.34
N GLU T 142 42.57 -9.93 -14.19
CA GLU T 142 41.30 -9.71 -13.48
C GLU T 142 41.52 -9.50 -11.98
N VAL T 143 42.44 -10.26 -11.39
CA VAL T 143 42.77 -10.11 -9.96
C VAL T 143 43.48 -8.77 -9.69
N LYS T 144 44.39 -8.41 -10.61
CA LYS T 144 45.15 -7.15 -10.55
C LYS T 144 44.28 -5.88 -10.61
N ASP T 145 43.25 -5.91 -11.45
CA ASP T 145 42.41 -4.74 -11.69
C ASP T 145 41.50 -4.30 -10.56
N ARG T 146 41.58 -3.00 -10.33
CA ARG T 146 40.81 -2.25 -9.35
C ARG T 146 39.30 -2.36 -9.60
N CYS T 147 38.95 -2.32 -10.89
CA CYS T 147 37.56 -2.31 -11.36
C CYS T 147 36.79 -3.56 -10.91
N THR T 148 37.40 -4.74 -10.94
CA THR T 148 36.68 -5.95 -10.55
C THR T 148 36.19 -5.87 -9.08
N LEU T 149 37.04 -5.34 -8.19
CA LEU T 149 36.66 -5.15 -6.78
C LEU T 149 35.53 -4.09 -6.69
N ALA T 150 35.65 -3.05 -7.53
CA ALA T 150 34.67 -1.94 -7.60
C ALA T 150 33.31 -2.34 -8.20
N GLU T 151 33.31 -3.38 -9.04
CA GLU T 151 32.10 -3.89 -9.72
C GLU T 151 31.07 -4.34 -8.69
N LYS T 152 31.57 -4.97 -7.64
CA LYS T 152 30.75 -5.46 -6.53
C LYS T 152 29.99 -4.33 -5.84
N LEU T 153 30.70 -3.25 -5.69
CA LEU T 153 30.25 -2.03 -5.04
C LEU T 153 29.08 -1.38 -5.79
N GLY T 154 29.20 -1.43 -7.11
CA GLY T 154 28.28 -0.80 -8.03
C GLY T 154 29.07 -0.01 -9.08
N GLY T 155 30.04 0.75 -8.60
CA GLY T 155 30.98 1.49 -9.45
C GLY T 155 30.58 2.91 -9.86
N SER T 156 29.34 3.33 -9.60
CA SER T 156 28.96 4.71 -9.94
C SER T 156 28.98 5.64 -8.72
N ALA T 157 29.31 5.08 -7.56
CA ALA T 157 29.37 5.84 -6.31
C ALA T 157 30.57 5.45 -5.47
N VAL T 158 31.74 5.44 -6.09
CA VAL T 158 32.96 5.04 -5.39
C VAL T 158 34.21 5.73 -5.95
N ILE T 159 34.56 6.89 -5.41
CA ILE T 159 35.76 7.55 -5.89
C ILE T 159 36.90 7.34 -4.87
N SER T 160 37.52 6.14 -5.01
CA SER T 160 38.72 5.69 -4.24
C SER T 160 38.56 4.24 -3.72
N LEU T 161 38.99 3.24 -4.47
CA LEU T 161 38.89 1.85 -3.96
C LEU T 161 39.71 1.73 -2.65
N GLU T 162 40.95 2.21 -2.73
CA GLU T 162 41.89 2.27 -1.58
C GLU T 162 42.24 3.70 -1.17
N GLY T 163 41.43 4.66 -1.56
CA GLY T 163 41.75 6.05 -1.25
C GLY T 163 42.71 6.70 -2.24
N LYS T 164 42.98 6.02 -3.36
CA LYS T 164 43.90 6.56 -4.39
C LYS T 164 43.76 5.95 -5.82
N PRO T 165 43.61 4.61 -6.00
CA PRO T 165 43.56 3.97 -7.35
C PRO T 165 42.42 4.42 -8.31
N LEU T 166 41.27 4.81 -7.79
CA LEU T 166 40.15 5.19 -8.68
C LEU T 166 39.76 6.68 -8.56
N MET U 1 11.85 -23.48 -65.73
CA MET U 1 10.91 -22.39 -66.13
C MET U 1 10.70 -21.41 -64.98
N ALA U 2 10.07 -20.25 -65.23
CA ALA U 2 9.87 -19.28 -64.15
C ALA U 2 8.49 -18.60 -64.10
N SER U 3 8.14 -17.81 -65.12
CA SER U 3 6.84 -17.09 -65.14
C SER U 3 6.33 -16.89 -66.58
N GLY U 4 5.56 -17.85 -67.06
CA GLY U 4 5.08 -17.85 -68.46
C GLY U 4 4.34 -16.59 -68.97
N VAL U 5 3.59 -15.90 -68.12
CA VAL U 5 2.82 -14.71 -68.54
C VAL U 5 3.15 -13.42 -67.73
N ALA U 6 3.06 -12.24 -68.38
CA ALA U 6 3.39 -10.95 -67.72
C ALA U 6 2.22 -10.10 -67.11
N VAL U 7 0.93 -10.30 -67.52
CA VAL U 7 -0.27 -9.53 -66.99
C VAL U 7 -0.86 -8.56 -68.04
N SER U 8 -2.20 -8.47 -68.17
CA SER U 8 -2.83 -7.55 -69.15
C SER U 8 -3.69 -6.43 -68.50
N ASP U 9 -3.61 -6.27 -67.18
CA ASP U 9 -4.38 -5.23 -66.41
C ASP U 9 -5.84 -5.68 -66.14
N GLY U 10 -6.37 -6.57 -66.98
CA GLY U 10 -7.73 -7.06 -66.80
C GLY U 10 -7.99 -7.79 -65.47
N VAL U 11 -7.09 -8.69 -65.08
CA VAL U 11 -7.24 -9.44 -63.83
C VAL U 11 -7.26 -8.53 -62.60
N ILE U 12 -6.36 -7.56 -62.60
CA ILE U 12 -6.26 -6.60 -61.50
C ILE U 12 -7.55 -5.80 -61.36
N LYS U 13 -8.11 -5.40 -62.50
CA LYS U 13 -9.36 -4.63 -62.51
C LYS U 13 -10.52 -5.41 -61.86
N VAL U 14 -10.71 -6.66 -62.27
CA VAL U 14 -11.77 -7.48 -61.69
C VAL U 14 -11.47 -7.87 -60.23
N PHE U 15 -10.20 -8.20 -59.94
CA PHE U 15 -9.77 -8.55 -58.57
C PHE U 15 -10.02 -7.40 -57.60
N ASN U 16 -9.71 -6.18 -58.07
CA ASN U 16 -9.89 -4.96 -57.27
C ASN U 16 -11.36 -4.81 -56.88
N ASP U 17 -12.24 -5.12 -57.84
CA ASP U 17 -13.68 -5.04 -57.63
C ASP U 17 -14.08 -5.97 -56.47
N MET U 18 -13.60 -7.21 -56.50
CA MET U 18 -13.88 -8.18 -55.43
C MET U 18 -13.36 -7.72 -54.06
N LYS U 19 -12.15 -7.15 -54.06
CA LYS U 19 -11.47 -6.71 -52.83
C LYS U 19 -12.23 -5.65 -52.02
N VAL U 20 -12.85 -4.68 -52.71
CA VAL U 20 -13.63 -3.61 -52.03
C VAL U 20 -15.15 -3.91 -51.99
N ARG U 21 -15.54 -4.94 -52.73
CA ARG U 21 -16.93 -5.45 -52.91
C ARG U 21 -17.71 -4.65 -53.95
N LYS U 22 -17.41 -3.35 -54.04
CA LYS U 22 -18.08 -2.44 -54.97
C LYS U 22 -19.62 -2.51 -54.76
N SER U 23 -20.05 -2.59 -53.49
CA SER U 23 -21.50 -2.71 -53.16
C SER U 23 -21.94 -1.88 -51.94
N SER U 24 -23.21 -1.44 -51.98
CA SER U 24 -23.83 -0.67 -50.88
C SER U 24 -25.28 -1.13 -50.66
N THR U 25 -26.12 -0.85 -51.66
CA THR U 25 -27.55 -1.17 -51.68
C THR U 25 -27.80 -2.68 -51.82
N PRO U 26 -29.02 -3.14 -51.44
CA PRO U 26 -29.40 -4.56 -51.53
C PRO U 26 -29.33 -5.07 -52.97
N GLU U 27 -29.54 -4.15 -53.91
CA GLU U 27 -29.51 -4.47 -55.34
C GLU U 27 -28.15 -5.01 -55.83
N GLU U 28 -27.04 -4.45 -55.34
CA GLU U 28 -25.73 -4.91 -55.80
C GLU U 28 -24.99 -5.85 -54.85
N VAL U 29 -25.55 -6.12 -53.68
CA VAL U 29 -24.92 -7.08 -52.77
C VAL U 29 -25.05 -8.48 -53.37
N LYS U 30 -26.20 -8.69 -53.99
CA LYS U 30 -26.52 -9.93 -54.67
C LYS U 30 -25.85 -10.04 -56.05
N LYS U 31 -25.28 -8.94 -56.53
CA LYS U 31 -24.58 -8.96 -57.83
C LYS U 31 -23.07 -9.07 -57.61
N ARG U 32 -22.67 -9.24 -56.35
CA ARG U 32 -21.25 -9.41 -56.02
C ARG U 32 -20.79 -10.77 -56.53
N LYS U 33 -19.54 -10.86 -56.95
CA LYS U 33 -19.04 -12.07 -57.58
C LYS U 33 -18.45 -13.07 -56.59
N LYS U 34 -19.21 -14.12 -56.27
CA LYS U 34 -18.71 -15.18 -55.38
C LYS U 34 -17.50 -15.87 -56.03
N ALA U 35 -17.61 -16.08 -57.32
CA ALA U 35 -16.54 -16.70 -58.10
C ALA U 35 -16.38 -16.07 -59.47
N VAL U 36 -15.14 -15.97 -59.91
CA VAL U 36 -14.84 -15.42 -61.22
C VAL U 36 -13.87 -16.32 -61.97
N LEU U 37 -14.09 -16.49 -63.26
CA LEU U 37 -13.20 -17.33 -64.06
C LEU U 37 -12.22 -16.51 -64.86
N PHE U 38 -10.98 -16.92 -64.77
CA PHE U 38 -9.88 -16.26 -65.43
C PHE U 38 -9.20 -17.21 -66.40
N CYS U 39 -8.84 -16.70 -67.53
CA CYS U 39 -8.15 -17.50 -68.50
C CYS U 39 -7.22 -16.62 -69.29
N LEU U 40 -6.38 -17.22 -70.08
CA LEU U 40 -5.50 -16.45 -70.91
C LEU U 40 -6.04 -16.51 -72.32
N SER U 41 -6.17 -15.35 -72.93
CA SER U 41 -6.72 -15.20 -74.27
C SER U 41 -5.79 -15.78 -75.31
N GLU U 42 -6.29 -15.98 -76.53
CA GLU U 42 -5.47 -16.60 -77.56
C GLU U 42 -4.17 -15.86 -77.83
N ASP U 43 -3.17 -16.73 -78.01
CA ASP U 43 -1.74 -16.42 -78.19
C ASP U 43 -1.07 -16.44 -76.81
N LYS U 44 -1.91 -16.38 -75.77
CA LYS U 44 -1.51 -16.48 -74.35
C LYS U 44 -0.52 -15.40 -73.90
N LYS U 45 -0.50 -14.34 -74.67
CA LYS U 45 0.31 -13.17 -74.41
C LYS U 45 -0.23 -12.41 -73.18
N ASN U 46 -1.57 -12.35 -73.09
CA ASN U 46 -2.28 -11.62 -72.03
C ASN U 46 -3.18 -12.49 -71.13
N ILE U 47 -3.33 -12.12 -69.85
CA ILE U 47 -4.24 -12.82 -68.93
C ILE U 47 -5.42 -11.91 -68.62
N ILE U 48 -6.61 -12.44 -68.76
CA ILE U 48 -7.86 -11.69 -68.59
C ILE U 48 -8.95 -12.46 -67.86
N LEU U 49 -10.09 -11.81 -67.77
CA LEU U 49 -11.29 -12.36 -67.13
C LEU U 49 -12.29 -12.82 -68.21
N GLU U 50 -12.96 -13.94 -67.97
CA GLU U 50 -13.91 -14.44 -68.96
C GLU U 50 -15.29 -13.84 -68.69
N GLU U 51 -15.81 -13.12 -69.68
CA GLU U 51 -17.11 -12.45 -69.56
C GLU U 51 -18.26 -13.46 -69.46
N GLY U 52 -18.13 -14.51 -70.24
CA GLY U 52 -19.13 -15.57 -70.30
C GLY U 52 -19.32 -16.36 -69.02
N LYS U 53 -18.24 -16.66 -68.32
CA LYS U 53 -18.34 -17.51 -67.14
C LYS U 53 -17.97 -16.83 -65.80
N GLU U 54 -18.96 -16.74 -64.90
CA GLU U 54 -18.74 -16.21 -63.54
C GLU U 54 -19.86 -16.66 -62.58
N ILE U 55 -19.58 -16.61 -61.28
CA ILE U 55 -20.56 -16.99 -60.24
C ILE U 55 -20.89 -15.84 -59.29
N LEU U 56 -22.17 -15.58 -59.07
CA LEU U 56 -22.61 -14.50 -58.18
C LEU U 56 -23.18 -15.01 -56.86
N VAL U 57 -22.89 -14.31 -55.75
CA VAL U 57 -23.41 -14.68 -54.42
C VAL U 57 -24.94 -14.56 -54.39
N GLY U 58 -25.45 -13.60 -55.15
CA GLY U 58 -26.89 -13.34 -55.27
C GLY U 58 -27.66 -14.53 -55.81
N ASP U 59 -26.93 -15.40 -56.49
CA ASP U 59 -27.49 -16.61 -57.10
C ASP U 59 -28.10 -17.53 -56.04
N VAL U 60 -27.47 -17.64 -54.87
CA VAL U 60 -27.96 -18.53 -53.82
C VAL U 60 -29.38 -18.10 -53.41
N GLY U 61 -29.61 -16.81 -53.31
CA GLY U 61 -30.93 -16.31 -53.01
C GLY U 61 -31.83 -16.25 -54.25
N GLN U 62 -31.26 -15.80 -55.37
CA GLN U 62 -31.97 -15.63 -56.65
C GLN U 62 -32.60 -16.92 -57.25
N THR U 63 -31.84 -18.01 -57.30
CA THR U 63 -32.35 -19.24 -57.94
C THR U 63 -31.49 -20.50 -57.73
N VAL U 64 -30.17 -20.36 -57.58
CA VAL U 64 -29.31 -21.53 -57.38
C VAL U 64 -28.78 -21.55 -55.94
N ASP U 65 -29.09 -22.60 -55.20
CA ASP U 65 -28.66 -22.65 -53.79
C ASP U 65 -27.29 -23.30 -53.57
N ASP U 66 -26.65 -23.79 -54.63
CA ASP U 66 -25.31 -24.37 -54.49
C ASP U 66 -24.30 -23.83 -55.51
N PRO U 67 -23.81 -22.59 -55.32
CA PRO U 67 -22.77 -22.00 -56.20
C PRO U 67 -21.60 -22.94 -56.38
N TYR U 68 -21.22 -23.60 -55.29
CA TYR U 68 -20.13 -24.56 -55.33
C TYR U 68 -20.73 -25.90 -55.74
N ALA U 69 -20.92 -25.98 -57.04
CA ALA U 69 -21.49 -27.13 -57.75
C ALA U 69 -21.65 -26.67 -59.19
N THR U 70 -22.17 -25.43 -59.34
CA THR U 70 -22.28 -24.79 -60.64
C THR U 70 -20.87 -24.63 -61.21
N PHE U 71 -19.96 -24.28 -60.30
CA PHE U 71 -18.54 -24.12 -60.60
C PHE U 71 -17.97 -25.45 -61.11
N VAL U 72 -18.40 -26.54 -60.47
CA VAL U 72 -18.00 -27.89 -60.85
C VAL U 72 -18.49 -28.23 -62.28
N LYS U 73 -19.73 -27.82 -62.57
CA LYS U 73 -20.38 -28.02 -63.87
C LYS U 73 -19.73 -27.25 -65.03
N MET U 74 -19.34 -26.03 -64.73
CA MET U 74 -18.78 -25.12 -65.72
C MET U 74 -17.25 -25.16 -65.77
N LEU U 75 -16.66 -26.18 -65.15
CA LEU U 75 -15.21 -26.33 -65.16
C LEU U 75 -14.84 -27.76 -65.58
N PRO U 76 -15.06 -28.10 -66.86
CA PRO U 76 -14.71 -29.40 -67.41
C PRO U 76 -13.22 -29.67 -67.32
N ASP U 77 -12.82 -30.93 -67.19
CA ASP U 77 -11.38 -31.23 -67.20
C ASP U 77 -10.90 -31.02 -68.63
N LYS U 78 -11.90 -30.85 -69.48
CA LYS U 78 -11.76 -30.66 -70.90
C LYS U 78 -11.13 -29.28 -71.20
N ASP U 79 -11.39 -28.30 -70.33
CA ASP U 79 -10.79 -26.95 -70.46
C ASP U 79 -10.03 -26.56 -69.19
N CYS U 80 -8.84 -25.99 -69.35
CA CYS U 80 -8.05 -25.59 -68.19
C CYS U 80 -8.20 -24.07 -67.93
N ARG U 81 -8.70 -23.70 -66.74
CA ARG U 81 -8.95 -22.29 -66.41
C ARG U 81 -8.46 -21.88 -65.02
N TYR U 82 -8.29 -20.57 -64.84
CA TYR U 82 -7.87 -19.98 -63.56
C TYR U 82 -9.10 -19.41 -62.87
N ALA U 83 -9.25 -19.54 -61.56
CA ALA U 83 -10.44 -18.97 -60.94
C ALA U 83 -10.24 -18.41 -59.53
N LEU U 84 -11.08 -17.43 -59.19
CA LEU U 84 -11.13 -16.87 -57.84
C LEU U 84 -12.49 -17.19 -57.25
N TYR U 85 -12.51 -17.72 -56.05
CA TYR U 85 -13.76 -18.08 -55.41
C TYR U 85 -13.75 -17.62 -53.96
N ASP U 86 -14.88 -17.14 -53.47
CA ASP U 86 -14.96 -16.71 -52.08
C ASP U 86 -15.42 -17.88 -51.24
N ALA U 87 -14.71 -18.15 -50.13
CA ALA U 87 -15.04 -19.31 -49.30
C ALA U 87 -16.46 -19.27 -48.75
N THR U 88 -16.89 -18.13 -48.18
CA THR U 88 -18.27 -17.98 -47.68
C THR U 88 -18.74 -19.21 -46.88
N TYR U 89 -18.07 -19.51 -45.79
CA TYR U 89 -18.38 -20.71 -45.01
C TYR U 89 -18.59 -20.39 -43.54
N GLU U 90 -19.27 -21.29 -42.84
CA GLU U 90 -19.53 -21.09 -41.42
C GLU U 90 -18.63 -21.92 -40.52
N THR U 91 -18.04 -21.25 -39.56
CA THR U 91 -17.27 -21.93 -38.52
C THR U 91 -17.98 -21.53 -37.23
N LYS U 92 -18.51 -22.56 -36.52
CA LYS U 92 -19.37 -22.50 -35.28
C LYS U 92 -19.59 -21.16 -34.48
N GLU U 93 -19.36 -20.00 -35.05
CA GLU U 93 -19.62 -18.73 -34.37
C GLU U 93 -20.53 -17.88 -35.25
N SER U 94 -20.10 -17.81 -36.50
CA SER U 94 -20.73 -17.06 -37.58
C SER U 94 -19.96 -17.40 -38.86
N LYS U 95 -20.05 -16.58 -39.89
CA LYS U 95 -19.29 -16.84 -41.10
C LYS U 95 -18.53 -15.60 -41.57
N LYS U 96 -17.39 -15.84 -42.23
CA LYS U 96 -16.55 -14.75 -42.73
C LYS U 96 -16.41 -14.80 -44.25
N GLU U 97 -15.19 -15.14 -44.74
CA GLU U 97 -14.82 -15.24 -46.18
C GLU U 97 -13.31 -15.26 -46.37
N ASP U 98 -12.82 -16.33 -46.96
CA ASP U 98 -11.39 -16.45 -47.27
C ASP U 98 -11.19 -16.32 -48.76
N LEU U 99 -10.27 -15.47 -49.18
CA LEU U 99 -10.02 -15.33 -50.60
C LEU U 99 -9.14 -16.47 -51.03
N VAL U 100 -9.64 -17.25 -51.96
CA VAL U 100 -8.90 -18.39 -52.45
C VAL U 100 -8.86 -18.40 -53.95
N PHE U 101 -7.72 -18.77 -54.46
CA PHE U 101 -7.59 -18.85 -55.88
C PHE U 101 -7.76 -20.31 -56.20
N ILE U 102 -8.60 -20.61 -57.14
CA ILE U 102 -8.84 -21.99 -57.48
C ILE U 102 -8.12 -22.30 -58.76
N PHE U 103 -7.22 -23.25 -58.69
CA PHE U 103 -6.51 -23.64 -59.87
C PHE U 103 -7.09 -24.90 -60.44
N TRP U 104 -7.55 -24.77 -61.65
CA TRP U 104 -8.07 -25.88 -62.36
C TRP U 104 -7.07 -26.23 -63.43
N ALA U 105 -6.31 -27.28 -63.16
CA ALA U 105 -5.29 -27.75 -64.06
C ALA U 105 -5.43 -29.24 -64.30
N PRO U 106 -6.46 -29.67 -65.02
CA PRO U 106 -6.63 -31.09 -65.27
C PRO U 106 -5.55 -31.65 -66.18
N GLU U 107 -4.98 -32.78 -65.80
CA GLU U 107 -3.95 -33.44 -66.61
C GLU U 107 -4.51 -33.84 -67.99
N SER U 108 -5.75 -34.31 -67.95
CA SER U 108 -6.50 -34.81 -69.11
C SER U 108 -6.98 -33.72 -70.10
N ALA U 109 -6.87 -32.46 -69.73
CA ALA U 109 -7.33 -31.37 -70.61
C ALA U 109 -6.45 -31.29 -71.84
N PRO U 110 -6.92 -30.64 -72.96
CA PRO U 110 -6.10 -30.53 -74.14
C PRO U 110 -4.76 -29.99 -73.76
N LEU U 111 -3.76 -30.68 -74.21
CA LEU U 111 -2.39 -30.41 -73.86
C LEU U 111 -1.91 -29.01 -74.25
N LYS U 112 -2.30 -28.54 -75.42
CA LYS U 112 -1.80 -27.26 -75.90
C LYS U 112 -2.15 -26.08 -74.96
N SER U 113 -3.44 -25.97 -74.60
CA SER U 113 -3.88 -24.92 -73.67
C SER U 113 -3.41 -25.13 -72.22
N LYS U 114 -3.55 -26.39 -71.79
CA LYS U 114 -3.21 -26.80 -70.43
C LYS U 114 -1.74 -26.61 -70.08
N MET U 115 -0.86 -26.93 -71.01
CA MET U 115 0.57 -26.79 -70.77
C MET U 115 1.04 -25.36 -70.46
N ILE U 116 0.49 -24.37 -71.15
CA ILE U 116 0.83 -22.98 -70.86
C ILE U 116 0.29 -22.61 -69.47
N TYR U 117 -0.90 -23.10 -69.17
CA TYR U 117 -1.55 -22.84 -67.87
C TYR U 117 -0.72 -23.37 -66.72
N ALA U 118 -0.26 -24.60 -66.87
CA ALA U 118 0.53 -25.24 -65.83
C ALA U 118 1.81 -24.47 -65.53
N SER U 119 2.49 -24.08 -66.61
CA SER U 119 3.74 -23.32 -66.55
C SER U 119 3.56 -21.87 -66.06
N SER U 120 2.35 -21.37 -66.20
CA SER U 120 2.03 -19.99 -65.85
C SER U 120 1.59 -19.76 -64.39
N LYS U 121 1.52 -20.80 -63.54
CA LYS U 121 1.06 -20.58 -62.16
C LYS U 121 1.95 -19.60 -61.37
N ASP U 122 3.28 -19.69 -61.51
CA ASP U 122 4.15 -18.72 -60.83
C ASP U 122 3.89 -17.31 -61.34
N ALA U 123 3.69 -17.20 -62.65
CA ALA U 123 3.42 -15.91 -63.28
C ALA U 123 2.06 -15.35 -62.88
N ILE U 124 1.05 -16.22 -62.81
CA ILE U 124 -0.28 -15.77 -62.46
C ILE U 124 -0.35 -15.33 -60.99
N LYS U 125 0.31 -16.05 -60.08
CA LYS U 125 0.30 -15.65 -58.68
C LYS U 125 1.31 -14.54 -58.43
N LYS U 126 2.22 -14.34 -59.38
CA LYS U 126 3.22 -13.28 -59.27
C LYS U 126 2.51 -11.92 -59.17
N LYS U 127 1.45 -11.80 -59.98
CA LYS U 127 0.59 -10.59 -59.96
C LYS U 127 -0.42 -10.64 -58.79
N LEU U 128 -0.55 -11.83 -58.19
CA LEU U 128 -1.47 -12.02 -57.06
C LEU U 128 -0.83 -11.51 -55.75
N THR U 129 0.47 -11.21 -55.83
CA THR U 129 1.27 -10.74 -54.69
C THR U 129 1.10 -11.66 -53.47
N GLY U 130 1.26 -12.96 -53.72
CA GLY U 130 1.13 -13.97 -52.69
C GLY U 130 -0.31 -14.12 -52.24
N ILE U 131 -0.89 -15.28 -52.44
CA ILE U 131 -2.27 -15.46 -52.06
C ILE U 131 -2.44 -16.45 -50.92
N LYS U 132 -3.21 -15.95 -49.98
CA LYS U 132 -3.59 -16.55 -48.71
C LYS U 132 -3.67 -18.08 -48.71
N HIS U 133 -4.67 -18.62 -49.42
CA HIS U 133 -4.88 -20.07 -49.48
C HIS U 133 -5.21 -20.45 -50.90
N GLU U 134 -4.95 -21.70 -51.29
CA GLU U 134 -5.34 -22.11 -52.63
C GLU U 134 -5.86 -23.54 -52.67
N LEU U 135 -6.77 -23.80 -53.60
CA LEU U 135 -7.31 -25.15 -53.81
C LEU U 135 -6.98 -25.56 -55.23
N GLN U 136 -6.42 -26.73 -55.41
CA GLN U 136 -6.12 -27.16 -56.77
C GLN U 136 -6.47 -28.62 -57.00
N ALA U 137 -7.20 -28.87 -58.07
CA ALA U 137 -7.59 -30.21 -58.45
C ALA U 137 -7.49 -30.40 -59.96
N ASN U 138 -7.14 -31.60 -60.39
CA ASN U 138 -7.04 -31.89 -61.81
C ASN U 138 -8.17 -32.82 -62.27
N CYS U 139 -9.20 -32.95 -61.43
CA CYS U 139 -10.33 -33.81 -61.74
C CYS U 139 -11.63 -33.31 -61.09
N TYR U 140 -12.77 -33.74 -61.64
CA TYR U 140 -14.09 -33.35 -61.11
C TYR U 140 -14.32 -33.77 -59.65
N GLU U 141 -13.89 -34.97 -59.27
CA GLU U 141 -14.14 -35.46 -57.90
C GLU U 141 -13.50 -34.58 -56.81
N GLU U 142 -12.28 -34.10 -57.03
CA GLU U 142 -11.65 -33.23 -56.03
C GLU U 142 -12.34 -31.86 -55.96
N VAL U 143 -12.71 -31.31 -57.12
CA VAL U 143 -13.41 -30.02 -57.19
C VAL U 143 -14.84 -30.14 -56.60
N LYS U 144 -15.49 -31.26 -56.94
CA LYS U 144 -16.85 -31.57 -56.46
C LYS U 144 -16.97 -31.71 -54.93
N ASP U 145 -15.97 -32.33 -54.32
CA ASP U 145 -16.00 -32.63 -52.89
C ASP U 145 -15.89 -31.44 -51.93
N ARG U 146 -16.82 -31.48 -50.98
CA ARG U 146 -16.95 -30.53 -49.88
C ARG U 146 -15.69 -30.50 -49.00
N CYS U 147 -15.13 -31.68 -48.78
CA CYS U 147 -13.98 -31.87 -47.90
C CYS U 147 -12.74 -31.07 -48.34
N THR U 148 -12.47 -31.00 -49.64
CA THR U 148 -11.28 -30.26 -50.10
C THR U 148 -11.35 -28.77 -49.68
N LEU U 149 -12.54 -28.16 -49.80
CA LEU U 149 -12.74 -26.77 -49.37
C LEU U 149 -12.57 -26.68 -47.83
N ALA U 150 -13.08 -27.70 -47.13
CA ALA U 150 -13.02 -27.81 -45.65
C ALA U 150 -11.60 -28.06 -45.11
N GLU U 151 -10.76 -28.68 -45.92
CA GLU U 151 -9.37 -29.01 -45.56
C GLU U 151 -8.58 -27.75 -45.21
N LYS U 152 -8.84 -26.71 -45.99
CA LYS U 152 -8.21 -25.40 -45.80
C LYS U 152 -8.52 -24.80 -44.43
N LEU U 153 -9.75 -25.00 -44.05
CA LEU U 153 -10.34 -24.50 -42.81
C LEU U 153 -9.66 -25.14 -41.58
N GLY U 154 -9.39 -26.43 -41.74
CA GLY U 154 -8.85 -27.28 -40.68
C GLY U 154 -9.65 -28.58 -40.62
N GLY U 155 -10.97 -28.43 -40.65
CA GLY U 155 -11.91 -29.56 -40.70
C GLY U 155 -12.38 -30.14 -39.37
N SER U 156 -11.78 -29.75 -38.25
CA SER U 156 -12.26 -30.26 -36.96
C SER U 156 -13.16 -29.26 -36.23
N ALA U 157 -13.36 -28.10 -36.84
CA ALA U 157 -14.19 -27.04 -36.25
C ALA U 157 -15.08 -26.37 -37.30
N VAL U 158 -15.78 -27.18 -38.08
CA VAL U 158 -16.62 -26.66 -39.16
C VAL U 158 -17.83 -27.54 -39.44
N ILE U 159 -18.94 -27.31 -38.77
CA ILE U 159 -20.12 -28.11 -39.04
C ILE U 159 -21.10 -27.29 -39.91
N SER U 160 -20.80 -27.32 -41.23
CA SER U 160 -21.60 -26.71 -42.32
C SER U 160 -20.73 -25.91 -43.32
N LEU U 161 -20.23 -26.52 -44.38
CA LEU U 161 -19.44 -25.75 -45.36
C LEU U 161 -20.31 -24.61 -45.94
N GLU U 162 -21.52 -24.99 -46.38
CA GLU U 162 -22.54 -24.06 -46.90
C GLU U 162 -23.79 -24.01 -46.03
N GLY U 163 -23.67 -24.41 -44.77
CA GLY U 163 -24.85 -24.43 -43.90
C GLY U 163 -25.70 -25.69 -44.06
N LYS U 164 -25.20 -26.70 -44.78
CA LYS U 164 -25.95 -27.94 -44.99
C LYS U 164 -25.10 -29.20 -45.41
N PRO U 165 -24.12 -29.09 -46.35
CA PRO U 165 -23.35 -30.26 -46.83
C PRO U 165 -22.52 -31.06 -45.79
N LEU U 166 -22.04 -30.43 -44.73
CA LEU U 166 -21.22 -31.15 -43.74
C LEU U 166 -21.87 -31.25 -42.36
N MET V 1 32.23 -75.80 -49.07
CA MET V 1 32.37 -76.22 -47.64
C MET V 1 31.62 -75.25 -46.73
N ALA V 2 31.44 -75.60 -45.44
CA ALA V 2 30.70 -74.70 -44.55
C ALA V 2 31.32 -74.54 -43.13
N SER V 3 31.35 -75.60 -42.33
CA SER V 3 31.88 -75.52 -40.95
C SER V 3 32.51 -76.84 -40.51
N GLY V 4 33.80 -77.01 -40.75
CA GLY V 4 34.51 -78.26 -40.48
C GLY V 4 34.42 -78.85 -39.07
N VAL V 5 34.34 -78.02 -38.03
CA VAL V 5 34.28 -78.52 -36.63
C VAL V 5 33.04 -78.04 -35.84
N ALA V 6 32.55 -78.87 -34.89
CA ALA V 6 31.33 -78.53 -34.10
C ALA V 6 31.53 -77.88 -32.68
N VAL V 7 32.71 -78.02 -32.01
CA VAL V 7 32.99 -77.43 -30.64
C VAL V 7 33.11 -78.52 -29.55
N SER V 8 34.08 -78.40 -28.62
CA SER V 8 34.24 -79.41 -27.54
C SER V 8 34.01 -78.85 -26.11
N ASP V 9 33.52 -77.60 -26.00
CA ASP V 9 33.26 -76.93 -24.69
C ASP V 9 34.55 -76.33 -24.09
N GLY V 10 35.71 -76.87 -24.46
CA GLY V 10 36.98 -76.35 -23.95
C GLY V 10 37.27 -74.88 -24.29
N VAL V 11 37.06 -74.51 -25.56
CA VAL V 11 37.31 -73.12 -26.01
C VAL V 11 36.45 -72.11 -25.25
N ILE V 12 35.17 -72.46 -25.10
CA ILE V 12 34.23 -71.58 -24.40
C ILE V 12 34.66 -71.37 -22.95
N LYS V 13 35.13 -72.44 -22.31
CA LYS V 13 35.59 -72.37 -20.92
C LYS V 13 36.76 -71.39 -20.75
N VAL V 14 37.78 -71.51 -21.60
CA VAL V 14 38.93 -70.61 -21.53
C VAL V 14 38.57 -69.18 -21.99
N PHE V 15 37.75 -69.07 -23.05
CA PHE V 15 37.29 -67.77 -23.55
C PHE V 15 36.52 -66.99 -22.49
N ASN V 16 35.66 -67.73 -21.76
CA ASN V 16 34.84 -67.15 -20.70
C ASN V 16 35.73 -66.54 -19.62
N ASP V 17 36.83 -67.24 -19.33
CA ASP V 17 37.79 -66.79 -18.33
C ASP V 17 38.36 -65.43 -18.75
N MET V 18 38.79 -65.31 -20.01
CA MET V 18 39.31 -64.04 -20.54
C MET V 18 38.28 -62.90 -20.49
N LYS V 19 37.04 -63.23 -20.83
CA LYS V 19 35.94 -62.25 -20.91
C LYS V 19 35.65 -61.53 -19.55
N VAL V 20 35.69 -62.26 -18.44
CA VAL V 20 35.43 -61.67 -17.12
C VAL V 20 36.75 -61.29 -16.36
N ARG V 21 37.86 -61.75 -16.93
CA ARG V 21 39.25 -61.57 -16.42
C ARG V 21 39.61 -62.58 -15.33
N LYS V 22 38.60 -62.96 -14.54
CA LYS V 22 38.79 -63.92 -13.44
C LYS V 22 39.92 -63.42 -12.49
N SER V 23 39.97 -62.10 -12.24
CA SER V 23 41.03 -61.50 -11.39
C SER V 23 40.53 -60.40 -10.44
N SER V 24 41.21 -60.29 -9.29
CA SER V 24 40.92 -59.26 -8.28
C SER V 24 42.23 -58.69 -7.68
N THR V 25 42.93 -59.57 -6.96
CA THR V 25 44.20 -59.27 -6.30
C THR V 25 45.37 -59.08 -7.29
N PRO V 26 46.45 -58.40 -6.84
CA PRO V 26 47.64 -58.15 -7.69
C PRO V 26 48.26 -59.48 -8.17
N GLU V 27 48.11 -60.51 -7.35
CA GLU V 27 48.64 -61.84 -7.65
C GLU V 27 48.09 -62.45 -8.96
N GLU V 28 46.80 -62.28 -9.23
CA GLU V 28 46.21 -62.88 -10.44
C GLU V 28 46.00 -61.92 -11.60
N VAL V 29 46.29 -60.63 -11.42
CA VAL V 29 46.17 -59.69 -12.54
C VAL V 29 47.28 -59.98 -13.53
N LYS V 30 48.43 -60.34 -12.98
CA LYS V 30 49.61 -60.70 -13.75
C LYS V 30 49.54 -62.14 -14.29
N LYS V 31 48.56 -62.92 -13.82
CA LYS V 31 48.39 -64.28 -14.33
C LYS V 31 47.26 -64.33 -15.38
N ARG V 32 46.74 -63.16 -15.73
CA ARG V 32 45.72 -63.06 -16.76
C ARG V 32 46.35 -63.38 -18.12
N LYS V 33 45.58 -64.00 -18.99
CA LYS V 33 46.10 -64.47 -20.27
C LYS V 33 46.02 -63.43 -21.38
N LYS V 34 47.16 -62.79 -21.68
CA LYS V 34 47.21 -61.84 -22.80
C LYS V 34 46.89 -62.53 -24.11
N ALA V 35 47.44 -63.74 -24.25
CA ALA V 35 47.22 -64.56 -25.43
C ALA V 35 47.06 -66.03 -25.09
N VAL V 36 46.20 -66.70 -25.82
CA VAL V 36 45.98 -68.12 -25.63
C VAL V 36 46.01 -68.85 -26.97
N LEU V 37 46.62 -70.03 -26.98
CA LEU V 37 46.67 -70.81 -28.22
C LEU V 37 45.64 -71.91 -28.24
N PHE V 38 44.95 -71.98 -29.35
CA PHE V 38 43.89 -72.93 -29.57
C PHE V 38 44.22 -73.81 -30.75
N CYS V 39 43.93 -75.06 -30.63
CA CYS V 39 44.15 -75.97 -31.73
C CYS V 39 43.13 -77.07 -31.66
N LEU V 40 43.08 -77.88 -32.68
CA LEU V 40 42.16 -78.98 -32.67
C LEU V 40 42.97 -80.23 -32.42
N SER V 41 42.49 -81.01 -31.47
CA SER V 41 43.17 -82.23 -31.03
C SER V 41 43.10 -83.30 -32.11
N GLU V 42 43.91 -84.34 -31.97
CA GLU V 42 43.95 -85.38 -33.00
C GLU V 42 42.59 -86.01 -33.27
N ASP V 43 42.42 -86.21 -34.58
CA ASP V 43 41.22 -86.69 -35.28
C ASP V 43 40.38 -85.48 -35.68
N LYS V 44 40.70 -84.34 -35.06
CA LYS V 44 40.10 -83.02 -35.36
C LYS V 44 38.58 -82.96 -35.16
N LYS V 45 38.11 -83.90 -34.38
CA LYS V 45 36.72 -84.01 -34.00
C LYS V 45 36.33 -82.87 -33.04
N ASN V 46 37.27 -82.55 -32.14
CA ASN V 46 37.06 -81.53 -31.08
C ASN V 46 38.06 -80.35 -31.15
N ILE V 47 37.60 -79.16 -30.73
CA ILE V 47 38.48 -77.98 -30.66
C ILE V 47 38.72 -77.63 -29.20
N ILE V 48 39.97 -77.45 -28.84
CA ILE V 48 40.38 -77.20 -27.46
C ILE V 48 41.48 -76.14 -27.32
N LEU V 49 41.92 -75.98 -26.09
CA LEU V 49 42.97 -75.04 -25.73
C LEU V 49 44.28 -75.81 -25.46
N GLU V 50 45.40 -75.26 -25.90
CA GLU V 50 46.68 -75.95 -25.68
C GLU V 50 47.27 -75.55 -24.33
N GLU V 51 47.47 -76.54 -23.48
CA GLU V 51 48.00 -76.33 -22.12
C GLU V 51 49.44 -75.83 -22.15
N GLY V 52 50.20 -76.41 -23.06
CA GLY V 52 51.61 -76.09 -23.23
C GLY V 52 51.91 -74.66 -23.67
N LYS V 53 51.10 -74.14 -24.59
CA LYS V 53 51.40 -72.81 -25.14
C LYS V 53 50.36 -71.72 -24.81
N GLU V 54 50.80 -70.69 -24.09
CA GLU V 54 49.97 -69.51 -23.78
C GLU V 54 50.83 -68.29 -23.39
N ILE V 55 50.25 -67.10 -23.50
CA ILE V 55 50.96 -65.85 -23.13
C ILE V 55 50.24 -65.08 -22.01
N LEU V 56 50.98 -64.69 -20.98
CA LEU V 56 50.41 -63.95 -19.84
C LEU V 56 50.81 -62.47 -19.83
N VAL V 57 49.87 -61.59 -19.45
CA VAL V 57 50.15 -60.14 -19.37
C VAL V 57 51.21 -59.85 -18.29
N GLY V 58 51.19 -60.69 -17.25
CA GLY V 58 52.14 -60.58 -16.14
C GLY V 58 53.58 -60.75 -16.57
N ASP V 59 53.76 -61.38 -17.71
CA ASP V 59 55.07 -61.63 -18.31
C ASP V 59 55.81 -60.33 -18.58
N VAL V 60 55.11 -59.29 -19.03
CA VAL V 60 55.76 -58.01 -19.37
C VAL V 60 56.45 -57.45 -18.12
N GLY V 61 55.79 -57.56 -16.99
CA GLY V 61 56.39 -57.12 -15.74
C GLY V 61 57.35 -58.16 -15.15
N GLN V 62 56.93 -59.43 -15.21
CA GLN V 62 57.69 -60.57 -14.66
C GLN V 62 59.09 -60.80 -15.25
N THR V 63 59.22 -60.78 -16.59
CA THR V 63 60.52 -61.08 -17.20
C THR V 63 60.61 -60.80 -18.72
N VAL V 64 59.50 -60.91 -19.45
CA VAL V 64 59.53 -60.66 -20.91
C VAL V 64 58.77 -59.37 -21.22
N ASP V 65 59.45 -58.39 -21.81
CA ASP V 65 58.81 -57.10 -22.09
C ASP V 65 58.12 -57.01 -23.45
N ASP V 66 58.22 -58.06 -24.26
CA ASP V 66 57.56 -58.06 -25.57
C ASP V 66 56.72 -59.33 -25.84
N PRO V 67 55.54 -59.47 -25.20
CA PRO V 67 54.64 -60.61 -25.42
C PRO V 67 54.39 -60.83 -26.91
N TYR V 68 54.23 -59.71 -27.64
CA TYR V 68 54.02 -59.78 -29.06
C TYR V 68 55.41 -59.81 -29.72
N ALA V 69 55.93 -61.02 -29.70
CA ALA V 69 57.24 -61.39 -30.21
C ALA V 69 57.45 -62.84 -29.81
N THR V 70 57.12 -63.11 -28.53
CA THR V 70 57.14 -64.47 -28.01
C THR V 70 56.14 -65.31 -28.81
N PHE V 71 55.01 -64.65 -29.09
CA PHE V 71 53.93 -65.23 -29.89
C PHE V 71 54.47 -65.59 -31.29
N VAL V 72 55.28 -64.68 -31.84
CA VAL V 72 55.92 -64.88 -33.14
C VAL V 72 56.86 -66.11 -33.11
N LYS V 73 57.60 -66.23 -32.01
CA LYS V 73 58.55 -67.33 -31.78
C LYS V 73 57.90 -68.70 -31.65
N MET V 74 56.77 -68.72 -30.95
CA MET V 74 56.04 -69.95 -30.65
C MET V 74 54.94 -70.26 -31.66
N LEU V 75 54.97 -69.59 -32.80
CA LEU V 75 54.00 -69.83 -33.85
C LEU V 75 54.70 -70.03 -35.19
N PRO V 76 55.41 -71.17 -35.34
CA PRO V 76 56.09 -71.53 -36.59
C PRO V 76 55.12 -71.65 -37.75
N ASP V 77 55.57 -71.37 -38.96
CA ASP V 77 54.68 -71.58 -40.12
C ASP V 77 54.56 -73.08 -40.31
N LYS V 78 55.42 -73.75 -39.56
CA LYS V 78 55.57 -75.19 -39.53
C LYS V 78 54.33 -75.85 -38.89
N ASP V 79 53.69 -75.14 -37.96
CA ASP V 79 52.45 -75.63 -37.31
C ASP V 79 51.32 -74.62 -37.47
N CYS V 80 50.12 -75.09 -37.79
CA CYS V 80 48.98 -74.18 -37.96
C CYS V 80 48.10 -74.19 -36.70
N ARG V 81 47.94 -73.02 -36.07
CA ARG V 81 47.17 -72.92 -34.81
C ARG V 81 46.19 -71.74 -34.77
N TYR V 82 45.21 -71.84 -33.88
CA TYR V 82 44.20 -70.79 -33.67
C TYR V 82 44.58 -70.00 -32.42
N ALA V 83 44.44 -68.69 -32.39
CA ALA V 83 44.82 -67.98 -31.16
C ALA V 83 43.96 -66.76 -30.82
N LEU V 84 43.89 -66.46 -29.53
CA LEU V 84 43.24 -65.25 -29.02
C LEU V 84 44.30 -64.38 -28.39
N TYR V 85 44.32 -63.13 -28.75
CA TYR V 85 45.31 -62.21 -28.21
C TYR V 85 44.65 -60.90 -27.82
N ASP V 86 45.06 -60.31 -26.71
CA ASP V 86 44.51 -59.04 -26.28
C ASP V 86 45.35 -57.91 -26.87
N ALA V 87 44.70 -56.93 -27.49
CA ALA V 87 45.44 -55.85 -28.15
C ALA V 87 46.33 -55.06 -27.19
N THR V 88 45.81 -54.66 -26.02
CA THR V 88 46.62 -53.95 -25.01
C THR V 88 47.52 -52.87 -25.63
N TYR V 89 46.92 -51.87 -26.25
CA TYR V 89 47.70 -50.84 -26.96
C TYR V 89 47.26 -49.44 -26.53
N GLU V 90 48.15 -48.47 -26.77
CA GLU V 90 47.86 -47.10 -26.41
C GLU V 90 47.47 -46.23 -27.60
N THR V 91 46.36 -45.53 -27.45
CA THR V 91 45.94 -44.56 -28.42
C THR V 91 45.90 -43.25 -27.64
N LYS V 92 46.73 -42.28 -28.06
CA LYS V 92 47.02 -40.93 -27.42
C LYS V 92 46.15 -40.37 -26.24
N GLU V 93 45.41 -41.17 -25.52
CA GLU V 93 44.64 -40.71 -24.34
C GLU V 93 45.03 -41.55 -23.14
N SER V 94 44.98 -42.85 -23.39
CA SER V 94 45.27 -43.92 -22.45
C SER V 94 45.23 -45.23 -23.25
N LYS V 95 45.06 -46.36 -22.58
CA LYS V 95 44.98 -47.62 -23.30
C LYS V 95 43.77 -48.44 -22.86
N LYS V 96 43.24 -49.24 -23.80
CA LYS V 96 42.07 -50.08 -23.50
C LYS V 96 42.39 -51.57 -23.68
N GLU V 97 41.82 -52.19 -24.74
CA GLU V 97 41.97 -53.63 -25.08
C GLU V 97 40.91 -54.10 -26.09
N ASP V 98 41.34 -54.55 -27.24
CA ASP V 98 40.44 -55.08 -28.25
C ASP V 98 40.60 -56.58 -28.33
N LEU V 99 39.50 -57.31 -28.27
CA LEU V 99 39.59 -58.76 -28.37
C LEU V 99 39.76 -59.12 -29.82
N VAL V 100 40.84 -59.78 -30.12
CA VAL V 100 41.13 -60.18 -31.47
C VAL V 100 41.48 -61.62 -31.55
N PHE V 101 40.99 -62.26 -32.57
CA PHE V 101 41.31 -63.63 -32.77
C PHE V 101 42.42 -63.64 -33.79
N ILE V 102 43.48 -64.34 -33.49
CA ILE V 102 44.59 -64.36 -34.41
C ILE V 102 44.58 -65.67 -35.14
N PHE V 103 44.47 -65.60 -36.45
CA PHE V 103 44.50 -66.79 -37.25
C PHE V 103 45.85 -66.99 -37.84
N TRP V 104 46.41 -68.12 -37.49
CA TRP V 104 47.67 -68.50 -38.02
C TRP V 104 47.42 -69.64 -38.96
N ALA V 105 47.43 -69.32 -40.24
CA ALA V 105 47.20 -70.30 -41.28
C ALA V 105 48.27 -70.23 -42.35
N PRO V 106 49.49 -70.65 -42.03
CA PRO V 106 50.57 -70.60 -43.01
C PRO V 106 50.33 -71.58 -44.16
N GLU V 107 50.51 -71.09 -45.38
CA GLU V 107 50.36 -71.94 -46.57
C GLU V 107 51.37 -73.09 -46.55
N SER V 108 52.58 -72.74 -46.12
CA SER V 108 53.74 -73.65 -46.05
C SER V 108 53.68 -74.71 -44.94
N ALA V 109 52.72 -74.61 -44.03
CA ALA V 109 52.62 -75.58 -42.92
C ALA V 109 52.24 -76.94 -43.46
N PRO V 110 52.48 -78.05 -42.70
CA PRO V 110 52.12 -79.36 -43.16
C PRO V 110 50.68 -79.34 -43.60
N LEU V 111 50.49 -79.83 -44.79
CA LEU V 111 49.20 -79.79 -45.45
C LEU V 111 48.09 -80.50 -44.70
N LYS V 112 48.39 -81.66 -44.13
CA LYS V 112 47.35 -82.45 -43.48
C LYS V 112 46.65 -81.70 -42.32
N SER V 113 47.43 -81.14 -41.40
CA SER V 113 46.87 -80.36 -40.28
C SER V 113 46.29 -79.01 -40.72
N LYS V 114 47.05 -78.33 -41.58
CA LYS V 114 46.70 -77.00 -42.07
C LYS V 114 45.40 -76.96 -42.85
N MET V 115 45.18 -77.96 -43.69
CA MET V 115 43.97 -78.01 -44.50
C MET V 115 42.66 -78.07 -43.70
N ILE V 116 42.64 -78.82 -42.60
CA ILE V 116 41.45 -78.85 -41.75
C ILE V 116 41.26 -77.49 -41.09
N TYR V 117 42.38 -76.88 -40.68
CA TYR V 117 42.37 -75.56 -40.03
C TYR V 117 41.78 -74.49 -40.94
N ALA V 118 42.23 -74.50 -42.18
CA ALA V 118 41.78 -73.52 -43.16
C ALA V 118 40.27 -73.62 -43.38
N SER V 119 39.80 -74.84 -43.54
CA SER V 119 38.39 -75.15 -43.77
C SER V 119 37.50 -74.92 -42.53
N SER V 120 38.13 -74.93 -41.36
CA SER V 120 37.42 -74.79 -40.09
C SER V 120 37.24 -73.34 -39.60
N LYS V 121 37.72 -72.32 -40.32
CA LYS V 121 37.56 -70.94 -39.82
C LYS V 121 36.09 -70.53 -39.62
N ASP V 122 35.19 -70.88 -40.54
CA ASP V 122 33.77 -70.56 -40.34
C ASP V 122 33.23 -71.27 -39.11
N ALA V 123 33.64 -72.52 -38.94
CA ALA V 123 33.21 -73.32 -37.79
C ALA V 123 33.79 -72.79 -36.47
N ILE V 124 35.05 -72.38 -36.49
CA ILE V 124 35.68 -71.88 -35.29
C ILE V 124 35.08 -70.53 -34.86
N LYS V 125 34.79 -69.64 -35.82
CA LYS V 125 34.20 -68.36 -35.46
C LYS V 125 32.69 -68.50 -35.25
N LYS V 126 32.14 -69.63 -35.70
CA LYS V 126 30.72 -69.90 -35.54
C LYS V 126 30.39 -69.93 -34.04
N LYS V 127 31.30 -70.54 -33.28
CA LYS V 127 31.20 -70.59 -31.82
C LYS V 127 31.68 -69.28 -31.18
N LEU V 128 32.35 -68.44 -31.97
CA LEU V 128 32.85 -67.14 -31.51
C LEU V 128 31.74 -66.10 -31.49
N THR V 129 30.59 -66.47 -32.09
CA THR V 129 29.43 -65.59 -32.22
C THR V 129 29.80 -64.22 -32.78
N GLY V 130 30.54 -64.25 -33.88
CA GLY V 130 31.00 -63.04 -34.54
C GLY V 130 32.05 -62.32 -33.72
N ILE V 131 33.25 -62.18 -34.25
CA ILE V 131 34.29 -61.53 -33.48
C ILE V 131 34.72 -60.22 -34.10
N LYS V 132 34.75 -59.27 -33.20
CA LYS V 132 35.08 -57.86 -33.37
C LYS V 132 36.08 -57.57 -34.50
N HIS V 133 37.33 -57.96 -34.29
CA HIS V 133 38.39 -57.71 -35.26
C HIS V 133 39.25 -58.96 -35.39
N GLU V 134 39.91 -59.15 -36.51
CA GLU V 134 40.81 -60.30 -36.62
C GLU V 134 42.09 -59.96 -37.38
N LEU V 135 43.16 -60.66 -37.02
CA LEU V 135 44.44 -60.52 -37.71
C LEU V 135 44.83 -61.87 -38.27
N GLN V 136 45.18 -61.93 -39.54
CA GLN V 136 45.56 -63.21 -40.10
C GLN V 136 46.79 -63.10 -40.99
N ALA V 137 47.75 -63.96 -40.75
CA ALA V 137 48.97 -64.00 -41.54
C ALA V 137 49.40 -65.44 -41.78
N ASN V 138 50.00 -65.69 -42.94
CA ASN V 138 50.47 -67.04 -43.27
C ASN V 138 52.00 -67.10 -43.27
N CYS V 139 52.63 -66.08 -42.68
CA CYS V 139 54.09 -66.01 -42.62
C CYS V 139 54.57 -65.24 -41.37
N TYR V 140 55.82 -65.49 -40.99
CA TYR V 140 56.42 -64.80 -39.84
C TYR V 140 56.48 -63.28 -39.96
N GLU V 141 56.80 -62.77 -41.16
CA GLU V 141 56.94 -61.32 -41.32
C GLU V 141 55.65 -60.54 -41.04
N GLU V 142 54.49 -61.06 -41.46
CA GLU V 142 53.23 -60.37 -41.17
C GLU V 142 52.88 -60.44 -39.67
N VAL V 143 53.13 -61.59 -39.05
CA VAL V 143 52.87 -61.76 -37.61
C VAL V 143 53.84 -60.92 -36.77
N LYS V 144 55.11 -60.92 -37.21
CA LYS V 144 56.19 -60.15 -36.57
C LYS V 144 55.98 -58.63 -36.56
N ASP V 145 55.45 -58.11 -37.66
CA ASP V 145 55.29 -56.66 -37.83
C ASP V 145 54.23 -55.97 -36.97
N ARG V 146 54.70 -54.88 -36.39
CA ARG V 146 53.93 -53.97 -35.54
C ARG V 146 52.74 -53.36 -36.29
N CYS V 147 52.99 -53.03 -37.55
CA CYS V 147 52.03 -52.35 -38.41
C CYS V 147 50.73 -53.14 -38.61
N THR V 148 50.81 -54.46 -38.77
CA THR V 148 49.60 -55.26 -38.97
C THR V 148 48.62 -55.12 -37.77
N LEU V 149 49.16 -55.15 -36.55
CA LEU V 149 48.35 -54.94 -35.34
C LEU V 149 47.77 -53.50 -35.34
N ALA V 150 48.59 -52.55 -35.78
CA ALA V 150 48.24 -51.11 -35.85
C ALA V 150 47.20 -50.80 -36.95
N GLU V 151 47.15 -51.62 -37.98
CA GLU V 151 46.23 -51.45 -39.13
C GLU V 151 44.77 -51.50 -38.65
N LYS V 152 44.52 -52.39 -37.71
CA LYS V 152 43.21 -52.58 -37.11
C LYS V 152 42.71 -51.30 -36.42
N LEU V 153 43.66 -50.68 -35.76
CA LEU V 153 43.47 -49.47 -34.97
C LEU V 153 43.04 -48.28 -35.85
N GLY V 154 43.68 -48.25 -37.02
CA GLY V 154 43.52 -47.16 -38.00
C GLY V 154 44.90 -46.72 -38.47
N GLY V 155 45.79 -46.53 -37.50
CA GLY V 155 47.21 -46.21 -37.77
C GLY V 155 47.57 -44.73 -37.88
N SER V 156 46.60 -43.82 -37.93
CA SER V 156 46.92 -42.39 -37.99
C SER V 156 46.80 -41.71 -36.62
N ALA V 157 46.39 -42.48 -35.62
CA ALA V 157 46.21 -41.96 -34.27
C ALA V 157 46.72 -42.94 -33.22
N VAL V 158 47.94 -43.42 -33.40
CA VAL V 158 48.52 -44.40 -32.49
C VAL V 158 50.04 -44.29 -32.40
N ILE V 159 50.56 -43.49 -31.48
CA ILE V 159 51.99 -43.38 -31.34
C ILE V 159 52.45 -44.20 -30.11
N SER V 160 52.58 -45.52 -30.37
CA SER V 160 53.08 -46.54 -29.41
C SER V 160 52.20 -47.81 -29.39
N LEU V 161 52.48 -48.82 -30.20
CA LEU V 161 51.67 -50.06 -30.14
C LEU V 161 51.77 -50.67 -28.73
N GLU V 162 53.01 -50.81 -28.26
CA GLU V 162 53.35 -51.29 -26.91
C GLU V 162 54.01 -50.23 -26.04
N GLY V 163 53.85 -48.97 -26.39
CA GLY V 163 54.51 -47.91 -25.62
C GLY V 163 55.97 -47.67 -26.04
N LYS V 164 56.40 -48.28 -27.15
CA LYS V 164 57.77 -48.11 -27.64
C LYS V 164 58.03 -48.44 -29.14
N PRO V 165 57.46 -49.53 -29.72
CA PRO V 165 57.73 -49.92 -31.13
C PRO V 165 57.35 -48.92 -32.25
N LEU V 166 56.32 -48.10 -32.04
CA LEU V 166 55.90 -47.16 -33.10
C LEU V 166 56.09 -45.69 -32.70
N MET W 1 44.97 -53.66 -101.78
CA MET W 1 44.76 -52.22 -102.15
C MET W 1 44.49 -51.38 -100.90
N ALA W 2 44.50 -50.04 -101.01
CA ALA W 2 44.26 -49.21 -99.83
C ALA W 2 43.34 -47.99 -100.05
N SER W 3 43.77 -47.02 -100.88
CA SER W 3 42.96 -45.81 -101.12
C SER W 3 43.20 -45.23 -102.52
N GLY W 4 42.40 -45.68 -103.48
CA GLY W 4 42.58 -45.31 -104.88
C GLY W 4 42.64 -43.82 -105.25
N VAL W 5 41.92 -42.96 -104.53
CA VAL W 5 41.91 -41.50 -104.83
C VAL W 5 42.33 -40.60 -103.64
N ALA W 6 42.97 -39.44 -103.94
CA ALA W 6 43.45 -38.53 -102.87
C ALA W 6 42.55 -37.31 -102.46
N VAL W 7 41.58 -36.86 -103.31
CA VAL W 7 40.64 -35.69 -103.01
C VAL W 7 40.95 -34.44 -103.89
N SER W 8 39.92 -33.75 -104.40
CA SER W 8 40.14 -32.54 -105.24
C SER W 8 39.60 -31.24 -104.63
N ASP W 9 39.17 -31.27 -103.35
CA ASP W 9 38.62 -30.09 -102.64
C ASP W 9 37.13 -29.84 -102.99
N GLY W 10 36.69 -30.31 -104.15
CA GLY W 10 35.30 -30.15 -104.56
C GLY W 10 34.26 -30.81 -103.63
N VAL W 11 34.51 -32.06 -103.25
CA VAL W 11 33.59 -32.80 -102.36
C VAL W 11 33.41 -32.11 -101.01
N ILE W 12 34.53 -31.66 -100.45
CA ILE W 12 34.53 -30.97 -99.16
C ILE W 12 33.69 -29.70 -99.23
N LYS W 13 33.84 -28.96 -100.33
CA LYS W 13 33.10 -27.71 -100.53
C LYS W 13 31.57 -27.94 -100.53
N VAL W 14 31.12 -28.93 -101.31
CA VAL W 14 29.68 -29.23 -101.35
C VAL W 14 29.18 -29.87 -100.04
N PHE W 15 30.00 -30.77 -99.46
CA PHE W 15 29.67 -31.42 -98.18
C PHE W 15 29.50 -30.39 -97.06
N ASN W 16 30.40 -29.40 -97.05
CA ASN W 16 30.38 -28.33 -96.06
C ASN W 16 29.06 -27.57 -96.13
N ASP W 17 28.61 -27.35 -97.36
CA ASP W 17 27.36 -26.64 -97.61
C ASP W 17 26.19 -27.41 -96.95
N MET W 18 26.13 -28.72 -97.17
CA MET W 18 25.10 -29.56 -96.55
C MET W 18 25.15 -29.55 -95.01
N LYS W 19 26.37 -29.58 -94.47
CA LYS W 19 26.60 -29.64 -93.02
C LYS W 19 26.03 -28.42 -92.23
N VAL W 20 26.15 -27.22 -92.79
CA VAL W 20 25.63 -26.00 -92.14
C VAL W 20 24.24 -25.58 -92.67
N ARG W 21 23.83 -26.25 -93.75
CA ARG W 21 22.56 -26.05 -94.51
C ARG W 21 22.64 -24.87 -95.47
N LYS W 22 23.41 -23.85 -95.10
CA LYS W 22 23.58 -22.63 -95.92
C LYS W 22 22.19 -22.02 -96.24
N SER W 23 21.27 -22.03 -95.24
CA SER W 23 19.90 -21.52 -95.45
C SER W 23 19.34 -20.71 -94.27
N SER W 24 18.47 -19.75 -94.59
CA SER W 24 17.79 -18.91 -93.58
C SER W 24 16.31 -18.68 -93.98
N THR W 25 16.15 -17.94 -95.07
CA THR W 25 14.84 -17.58 -95.65
C THR W 25 14.11 -18.78 -96.26
N PRO W 26 12.78 -18.69 -96.44
CA PRO W 26 11.96 -19.77 -97.03
C PRO W 26 12.43 -20.09 -98.45
N GLU W 27 12.97 -19.08 -99.13
CA GLU W 27 13.47 -19.22 -100.49
C GLU W 27 14.59 -20.27 -100.65
N GLU W 28 15.52 -20.32 -99.69
CA GLU W 28 16.64 -21.27 -99.81
C GLU W 28 16.49 -22.54 -98.97
N VAL W 29 15.45 -22.65 -98.17
CA VAL W 29 15.25 -23.89 -97.40
C VAL W 29 14.85 -25.00 -98.37
N LYS W 30 14.08 -24.60 -99.36
CA LYS W 30 13.62 -25.49 -100.41
C LYS W 30 14.70 -25.73 -101.48
N LYS W 31 15.80 -24.97 -101.44
CA LYS W 31 16.89 -25.16 -102.39
C LYS W 31 18.02 -25.97 -101.74
N ARG W 32 17.78 -26.44 -100.51
CA ARG W 32 18.75 -27.26 -99.79
C ARG W 32 18.83 -28.62 -100.49
N LYS W 33 20.00 -29.21 -100.49
CA LYS W 33 20.23 -30.45 -101.23
C LYS W 33 19.95 -31.71 -100.41
N LYS W 34 18.78 -32.33 -100.66
CA LYS W 34 18.44 -33.59 -99.98
C LYS W 34 19.45 -34.67 -100.36
N ALA W 35 19.82 -34.68 -101.63
CA ALA W 35 20.78 -35.63 -102.15
C ALA W 35 21.73 -34.99 -103.17
N VAL W 36 22.97 -35.41 -103.14
CA VAL W 36 23.96 -34.93 -104.09
C VAL W 36 24.74 -36.09 -104.71
N LEU W 37 25.01 -36.00 -106.00
CA LEU W 37 25.76 -37.05 -106.66
C LEU W 37 27.22 -36.68 -106.84
N PHE W 38 28.07 -37.62 -106.47
CA PHE W 38 29.49 -37.45 -106.53
C PHE W 38 30.09 -38.50 -107.45
N CYS W 39 31.05 -38.10 -108.22
CA CYS W 39 31.72 -39.02 -109.10
C CYS W 39 33.15 -38.57 -109.29
N LEU W 40 33.94 -39.40 -109.88
CA LEU W 40 35.31 -39.02 -110.14
C LEU W 40 35.41 -38.69 -111.61
N SER W 41 36.00 -37.54 -111.88
CA SER W 41 36.13 -37.01 -113.24
C SER W 41 37.12 -37.83 -114.04
N GLU W 42 37.12 -37.65 -115.36
CA GLU W 42 37.99 -38.47 -116.20
C GLU W 42 39.47 -38.37 -115.81
N ASP W 43 40.05 -39.57 -115.90
CA ASP W 43 41.42 -39.92 -115.52
C ASP W 43 41.41 -40.40 -114.05
N LYS W 44 40.31 -40.07 -113.37
CA LYS W 44 40.02 -40.49 -111.98
C LYS W 44 41.06 -40.03 -110.97
N LYS W 45 41.79 -39.03 -111.36
CA LYS W 45 42.80 -38.38 -110.54
C LYS W 45 42.14 -37.60 -109.38
N ASN W 46 41.01 -36.95 -109.71
CA ASN W 46 40.26 -36.09 -108.79
C ASN W 46 38.81 -36.55 -108.51
N ILE W 47 38.31 -36.29 -107.30
CA ILE W 47 36.91 -36.60 -106.94
C ILE W 47 36.14 -35.29 -106.80
N ILE W 48 35.00 -35.21 -107.46
CA ILE W 48 34.19 -33.99 -107.49
C ILE W 48 32.69 -34.25 -107.39
N LEU W 49 31.94 -33.17 -107.51
CA LEU W 49 30.48 -33.19 -107.46
C LEU W 49 29.91 -33.03 -108.88
N GLU W 50 28.85 -33.75 -109.20
CA GLU W 50 28.26 -33.66 -110.54
C GLU W 50 27.23 -32.53 -110.57
N GLU W 51 27.48 -31.55 -111.44
CA GLU W 51 26.60 -30.38 -111.57
C GLU W 51 25.23 -30.76 -112.12
N GLY W 52 25.25 -31.67 -113.08
CA GLY W 52 24.05 -32.15 -113.74
C GLY W 52 23.07 -32.89 -112.86
N LYS W 53 23.58 -33.73 -111.96
CA LYS W 53 22.68 -34.56 -111.15
C LYS W 53 22.70 -34.27 -109.64
N GLU W 54 21.55 -33.84 -109.11
CA GLU W 54 21.37 -33.61 -107.67
C GLU W 54 19.87 -33.61 -107.28
N ILE W 55 19.59 -33.83 -106.00
CA ILE W 55 18.20 -33.84 -105.48
C ILE W 55 17.97 -32.78 -104.40
N LEU W 56 16.92 -31.99 -104.55
CA LEU W 56 16.60 -30.91 -103.59
C LEU W 56 15.38 -31.25 -102.71
N VAL W 57 15.44 -30.89 -101.42
CA VAL W 57 14.32 -31.12 -100.49
C VAL W 57 13.08 -30.33 -100.92
N GLY W 58 13.33 -29.15 -101.51
CA GLY W 58 12.29 -28.28 -102.01
C GLY W 58 11.42 -28.92 -103.07
N ASP W 59 11.97 -29.94 -103.71
CA ASP W 59 11.31 -30.71 -104.77
C ASP W 59 10.02 -31.35 -104.25
N VAL W 60 10.03 -31.86 -103.01
CA VAL W 60 8.84 -32.53 -102.46
C VAL W 60 7.66 -31.56 -102.43
N GLY W 61 7.92 -30.32 -102.07
CA GLY W 61 6.88 -29.31 -102.08
C GLY W 61 6.65 -28.72 -103.48
N GLN W 62 7.77 -28.46 -104.18
CA GLN W 62 7.76 -27.85 -105.53
C GLN W 62 7.00 -28.64 -106.63
N THR W 63 7.25 -29.96 -106.73
CA THR W 63 6.63 -30.74 -107.82
C THR W 63 6.78 -32.27 -107.69
N VAL W 64 7.86 -32.75 -107.10
CA VAL W 64 8.06 -34.20 -106.95
C VAL W 64 7.91 -34.61 -105.49
N ASP W 65 6.95 -35.48 -105.20
CA ASP W 65 6.70 -35.88 -103.80
C ASP W 65 7.52 -37.09 -103.33
N ASP W 66 8.29 -37.70 -104.21
CA ASP W 66 9.13 -38.84 -103.83
C ASP W 66 10.59 -38.71 -104.27
N PRO W 67 11.39 -37.85 -103.60
CA PRO W 67 12.83 -37.70 -103.90
C PRO W 67 13.54 -39.04 -103.94
N TYR W 68 13.15 -39.92 -103.01
CA TYR W 68 13.72 -41.25 -102.96
C TYR W 68 12.88 -42.13 -103.90
N ALA W 69 13.23 -41.98 -105.15
CA ALA W 69 12.61 -42.64 -106.30
C ALA W 69 13.25 -42.02 -107.53
N THR W 70 13.33 -40.68 -107.49
CA THR W 70 14.02 -39.92 -108.54
C THR W 70 15.48 -40.36 -108.55
N PHE W 71 16.00 -40.55 -107.33
CA PHE W 71 17.35 -41.02 -107.11
C PHE W 71 17.54 -42.40 -107.75
N VAL W 72 16.51 -43.25 -107.60
CA VAL W 72 16.51 -44.58 -108.19
C VAL W 72 16.55 -44.50 -109.74
N LYS W 73 15.79 -43.55 -110.28
CA LYS W 73 15.70 -43.30 -111.74
C LYS W 73 17.00 -42.78 -112.36
N MET W 74 17.67 -41.90 -111.63
CA MET W 74 18.88 -41.25 -112.10
C MET W 74 20.16 -41.97 -111.65
N LEU W 75 20.01 -43.20 -111.18
CA LEU W 75 21.16 -44.00 -110.78
C LEU W 75 21.10 -45.39 -111.41
N PRO W 76 21.32 -45.45 -112.75
CA PRO W 76 21.35 -46.71 -113.49
C PRO W 76 22.46 -47.63 -113.01
N ASP W 77 22.27 -48.94 -113.10
CA ASP W 77 23.34 -49.85 -112.73
C ASP W 77 24.41 -49.74 -113.81
N LYS W 78 23.99 -49.03 -114.85
CA LYS W 78 24.76 -48.78 -116.05
C LYS W 78 25.92 -47.81 -115.73
N ASP W 79 25.72 -46.92 -114.76
CA ASP W 79 26.78 -45.98 -114.31
C ASP W 79 27.03 -46.12 -112.81
N CYS W 80 28.30 -46.13 -112.42
CA CYS W 80 28.64 -46.26 -111.00
C CYS W 80 28.98 -44.87 -110.40
N ARG W 81 28.22 -44.45 -109.39
CA ARG W 81 28.40 -43.11 -108.78
C ARG W 81 28.39 -43.13 -107.24
N TYR W 82 28.95 -42.07 -106.66
CA TYR W 82 29.01 -41.87 -105.21
C TYR W 82 27.91 -40.88 -104.82
N ALA W 83 27.20 -41.07 -103.73
CA ALA W 83 26.17 -40.09 -103.39
C ALA W 83 25.97 -39.83 -101.90
N LEU W 84 25.50 -38.63 -101.59
CA LEU W 84 25.11 -38.25 -100.23
C LEU W 84 23.62 -37.98 -100.22
N TYR W 85 22.92 -38.58 -99.29
CA TYR W 85 21.48 -38.39 -99.21
C TYR W 85 21.07 -38.14 -97.75
N ASP W 86 20.11 -37.27 -97.55
CA ASP W 86 19.62 -36.98 -96.20
C ASP W 86 18.46 -37.91 -95.90
N ALA W 87 18.50 -38.58 -94.75
CA ALA W 87 17.46 -39.56 -94.41
C ALA W 87 16.06 -38.93 -94.37
N THR W 88 15.90 -37.79 -93.68
CA THR W 88 14.59 -37.09 -93.63
C THR W 88 13.42 -38.05 -93.40
N TYR W 89 13.41 -38.73 -92.27
CA TYR W 89 12.39 -39.74 -91.99
C TYR W 89 11.73 -39.52 -90.63
N GLU W 90 10.54 -40.08 -90.47
CA GLU W 90 9.81 -39.94 -89.22
C GLU W 90 9.88 -41.18 -88.34
N THR W 91 10.24 -40.96 -87.09
CA THR W 91 10.19 -42.01 -86.09
C THR W 91 9.23 -41.49 -85.04
N LYS W 92 8.12 -42.22 -84.86
CA LYS W 92 6.91 -41.91 -83.99
C LYS W 92 6.90 -40.72 -82.97
N GLU W 93 7.76 -39.73 -83.09
CA GLU W 93 7.75 -38.56 -82.21
C GLU W 93 7.67 -37.30 -83.07
N SER W 94 8.56 -37.30 -84.04
CA SER W 94 8.76 -36.24 -85.02
C SER W 94 9.81 -36.75 -86.02
N LYS W 95 10.45 -35.87 -86.76
CA LYS W 95 11.48 -36.32 -87.69
C LYS W 95 12.78 -35.52 -87.53
N LYS W 96 13.91 -36.18 -87.82
CA LYS W 96 15.21 -35.53 -87.70
C LYS W 96 15.94 -35.48 -89.05
N GLU W 97 17.02 -36.28 -89.19
CA GLU W 97 17.88 -36.38 -90.41
C GLU W 97 19.21 -37.07 -90.10
N ASP W 98 19.47 -38.17 -90.76
CA ASP W 98 20.73 -38.89 -90.62
C ASP W 98 21.55 -38.72 -91.87
N LEU W 99 22.81 -38.32 -91.72
CA LEU W 99 23.65 -38.16 -92.90
C LEU W 99 24.13 -39.53 -93.31
N VAL W 100 23.81 -39.89 -94.53
CA VAL W 100 24.19 -41.18 -95.05
C VAL W 100 24.84 -41.05 -96.39
N PHE W 101 25.85 -41.83 -96.58
CA PHE W 101 26.51 -41.81 -97.85
C PHE W 101 25.95 -42.99 -98.60
N ILE W 102 25.52 -42.77 -99.80
CA ILE W 102 24.94 -43.85 -100.56
C ILE W 102 25.95 -44.32 -101.57
N PHE W 103 26.32 -45.57 -101.48
CA PHE W 103 27.24 -46.12 -102.43
C PHE W 103 26.52 -46.90 -103.48
N TRP W 104 26.69 -46.45 -104.69
CA TRP W 104 26.12 -47.13 -105.81
C TRP W 104 27.26 -47.78 -106.55
N ALA W 105 27.38 -49.07 -106.34
CA ALA W 105 28.43 -49.86 -106.97
C ALA W 105 27.86 -51.10 -107.63
N PRO W 106 27.12 -50.93 -108.74
CA PRO W 106 26.55 -52.09 -109.41
C PRO W 106 27.63 -52.97 -110.04
N GLU W 107 27.51 -54.27 -109.82
CA GLU W 107 28.44 -55.24 -110.40
C GLU W 107 28.40 -55.19 -111.93
N SER W 108 27.18 -55.05 -112.43
CA SER W 108 26.86 -55.03 -113.87
C SER W 108 27.26 -53.75 -114.61
N ALA W 109 27.67 -52.71 -113.89
CA ALA W 109 28.07 -51.44 -114.55
C ALA W 109 29.34 -51.64 -115.36
N PRO W 110 29.64 -50.74 -116.34
CA PRO W 110 30.84 -50.87 -117.12
C PRO W 110 32.01 -51.04 -116.19
N LEU W 111 32.76 -52.07 -116.48
CA LEU W 111 33.86 -52.48 -115.64
C LEU W 111 34.94 -51.41 -115.45
N LYS W 112 35.27 -50.70 -116.52
CA LYS W 112 36.37 -49.74 -116.43
C LYS W 112 36.13 -48.64 -115.38
N SER W 113 34.96 -48.01 -115.42
CA SER W 113 34.61 -46.96 -114.43
C SER W 113 34.33 -47.53 -113.04
N LYS W 114 33.56 -48.62 -113.03
CA LYS W 114 33.13 -49.28 -111.81
C LYS W 114 34.27 -49.81 -110.96
N MET W 115 35.27 -50.39 -111.60
CA MET W 115 36.42 -50.95 -110.89
C MET W 115 37.22 -49.92 -110.07
N ILE W 116 37.42 -48.73 -110.59
CA ILE W 116 38.09 -47.68 -109.85
C ILE W 116 37.22 -47.26 -108.65
N TYR W 117 35.92 -47.17 -108.89
CA TYR W 117 34.94 -46.80 -107.87
C TYR W 117 34.97 -47.77 -106.69
N ALA W 118 34.94 -49.05 -107.02
CA ALA W 118 34.94 -50.10 -106.01
C ALA W 118 36.17 -50.01 -105.12
N SER W 119 37.32 -49.86 -105.75
CA SER W 119 38.62 -49.77 -105.09
C SER W 119 38.82 -48.45 -104.31
N SER W 120 38.06 -47.43 -104.69
CA SER W 120 38.18 -46.11 -104.10
C SER W 120 37.28 -45.87 -102.85
N LYS W 121 36.49 -46.85 -102.40
CA LYS W 121 35.62 -46.59 -101.23
C LYS W 121 36.41 -46.21 -99.96
N ASP W 122 37.54 -46.87 -99.68
CA ASP W 122 38.34 -46.48 -98.52
C ASP W 122 38.87 -45.06 -98.67
N ALA W 123 39.28 -44.73 -99.90
CA ALA W 123 39.80 -43.40 -100.20
C ALA W 123 38.71 -42.33 -100.13
N ILE W 124 37.52 -42.66 -100.63
CA ILE W 124 36.44 -41.69 -100.62
C ILE W 124 35.94 -41.43 -99.18
N LYS W 125 35.85 -42.47 -98.35
CA LYS W 125 35.42 -42.25 -96.97
C LYS W 125 36.58 -41.74 -96.10
N LYS W 126 37.79 -41.88 -96.62
CA LYS W 126 38.98 -41.41 -95.91
C LYS W 126 38.85 -39.90 -95.68
N LYS W 127 38.35 -39.21 -96.72
CA LYS W 127 38.08 -37.77 -96.65
C LYS W 127 36.75 -37.49 -95.93
N LEU W 128 35.94 -38.53 -95.75
CA LEU W 128 34.65 -38.41 -95.06
C LEU W 128 34.83 -38.39 -93.55
N THR W 129 36.06 -38.70 -93.12
CA THR W 129 36.43 -38.77 -91.70
C THR W 129 35.44 -39.63 -90.91
N GLY W 130 35.20 -40.83 -91.44
CA GLY W 130 34.28 -41.78 -90.82
C GLY W 130 32.85 -41.31 -90.92
N ILE W 131 32.01 -42.06 -91.60
CA ILE W 131 30.64 -41.62 -91.75
C ILE W 131 29.65 -42.56 -91.04
N LYS W 132 28.83 -41.85 -90.30
CA LYS W 132 27.75 -42.35 -89.43
C LYS W 132 27.13 -43.67 -89.89
N HIS W 133 26.38 -43.62 -90.99
CA HIS W 133 25.69 -44.80 -91.51
C HIS W 133 25.84 -44.85 -93.02
N GLU W 134 25.76 -46.01 -93.63
CA GLU W 134 25.82 -46.07 -95.08
C GLU W 134 24.86 -47.09 -95.67
N LEU W 135 24.40 -46.81 -96.87
CA LEU W 135 23.54 -47.74 -97.60
C LEU W 135 24.24 -48.10 -98.90
N GLN W 136 24.34 -49.37 -99.22
CA GLN W 136 24.98 -49.74 -100.45
C GLN W 136 24.23 -50.85 -101.19
N ALA W 137 23.98 -50.63 -102.45
CA ALA W 137 23.30 -51.60 -103.29
C ALA W 137 23.93 -51.65 -104.68
N ASN W 138 23.94 -52.82 -105.28
CA ASN W 138 24.50 -52.97 -106.62
C ASN W 138 23.40 -53.24 -107.66
N CYS W 139 22.16 -52.98 -107.27
CA CYS W 139 21.01 -53.19 -108.14
C CYS W 139 19.86 -52.23 -107.84
N TYR W 140 18.97 -52.03 -108.82
CA TYR W 140 17.80 -51.15 -108.65
C TYR W 140 16.85 -51.57 -107.53
N GLU W 141 16.61 -52.88 -107.38
CA GLU W 141 15.66 -53.34 -106.35
C GLU W 141 16.07 -52.97 -104.92
N GLU W 142 17.35 -53.07 -104.59
CA GLU W 142 17.80 -52.69 -103.24
C GLU W 142 17.71 -51.17 -103.02
N VAL W 143 18.08 -50.39 -104.05
CA VAL W 143 18.01 -48.93 -103.98
C VAL W 143 16.54 -48.45 -103.94
N LYS W 144 15.71 -49.10 -104.76
CA LYS W 144 14.26 -48.82 -104.85
C LYS W 144 13.49 -49.06 -103.54
N ASP W 145 13.85 -50.13 -102.84
CA ASP W 145 13.12 -50.53 -101.63
C ASP W 145 13.26 -49.63 -100.41
N ARG W 146 12.09 -49.36 -99.85
CA ARG W 146 11.89 -48.57 -98.63
C ARG W 146 12.58 -49.20 -97.43
N CYS W 147 12.53 -50.52 -97.37
CA CYS W 147 13.04 -51.31 -96.25
C CYS W 147 14.55 -51.11 -96.04
N THR W 148 15.34 -51.03 -97.10
CA THR W 148 16.79 -50.86 -96.93
C THR W 148 17.11 -49.56 -96.17
N LEU W 149 16.42 -48.47 -96.50
CA LEU W 149 16.58 -47.19 -95.79
C LEU W 149 16.13 -47.35 -94.31
N ALA W 150 15.04 -48.10 -94.12
CA ALA W 150 14.45 -48.37 -92.80
C ALA W 150 15.30 -49.31 -91.91
N GLU W 151 16.11 -50.14 -92.55
CA GLU W 151 17.00 -51.12 -91.86
C GLU W 151 17.98 -50.38 -90.94
N LYS W 152 18.47 -49.27 -91.44
CA LYS W 152 19.41 -48.41 -90.72
C LYS W 152 18.82 -47.89 -89.40
N LEU W 153 17.56 -47.54 -89.52
CA LEU W 153 16.76 -46.97 -88.46
C LEU W 153 16.57 -47.97 -87.29
N GLY W 154 16.38 -49.21 -87.69
CA GLY W 154 16.08 -50.33 -86.80
C GLY W 154 14.90 -51.11 -87.36
N GLY W 155 13.86 -50.38 -87.77
CA GLY W 155 12.69 -50.96 -88.43
C GLY W 155 11.53 -51.40 -87.53
N SER W 156 11.71 -51.45 -86.22
CA SER W 156 10.61 -51.83 -85.34
C SER W 156 9.93 -50.60 -84.70
N ALA W 157 10.44 -49.42 -85.00
CA ALA W 157 9.90 -48.18 -84.44
C ALA W 157 9.86 -47.08 -85.50
N VAL W 158 9.30 -47.39 -86.65
CA VAL W 158 9.22 -46.42 -87.76
C VAL W 158 8.01 -46.63 -88.64
N ILE W 159 6.89 -46.00 -88.33
CA ILE W 159 5.72 -46.14 -89.18
C ILE W 159 5.58 -44.89 -90.06
N SER W 160 6.35 -44.91 -91.16
CA SER W 160 6.36 -43.88 -92.24
C SER W 160 7.80 -43.46 -92.64
N LEU W 161 8.41 -44.11 -93.62
CA LEU W 161 9.76 -43.69 -94.03
C LEU W 161 9.70 -42.22 -94.53
N GLU W 162 8.74 -41.97 -95.42
CA GLU W 162 8.45 -40.62 -95.97
C GLU W 162 7.07 -40.11 -95.57
N GLY W 163 6.50 -40.65 -94.50
CA GLY W 163 5.17 -40.22 -94.10
C GLY W 163 4.04 -40.94 -94.85
N LYS W 164 4.38 -41.98 -95.62
CA LYS W 164 3.37 -42.73 -96.40
C LYS W 164 3.78 -44.17 -96.85
N PRO W 165 5.02 -44.41 -97.35
CA PRO W 165 5.42 -45.76 -97.86
C PRO W 165 5.38 -46.95 -96.87
N LEU W 166 5.59 -46.72 -95.59
CA LEU W 166 5.60 -47.84 -94.62
C LEU W 166 4.45 -47.77 -93.61
N MET X 1 35.45 -110.99 -94.44
CA MET X 1 34.83 -111.57 -93.23
C MET X 1 34.19 -110.46 -92.37
N ALA X 2 33.39 -110.83 -91.37
CA ALA X 2 32.75 -109.79 -90.53
C ALA X 2 32.74 -110.08 -89.01
N SER X 3 32.04 -111.12 -88.57
CA SER X 3 31.94 -111.44 -87.13
C SER X 3 31.78 -112.95 -86.88
N GLY X 4 32.90 -113.64 -86.74
CA GLY X 4 32.91 -115.11 -86.61
C GLY X 4 32.03 -115.74 -85.51
N VAL X 5 31.85 -115.08 -84.38
CA VAL X 5 31.04 -115.64 -83.25
C VAL X 5 29.87 -114.73 -82.80
N ALA X 6 28.76 -115.34 -82.34
CA ALA X 6 27.55 -114.58 -81.92
C ALA X 6 27.37 -114.25 -80.39
N VAL X 7 28.03 -114.98 -79.45
CA VAL X 7 27.93 -114.73 -77.95
C VAL X 7 27.16 -115.87 -77.23
N SER X 8 27.64 -116.31 -76.03
CA SER X 8 26.94 -117.38 -75.28
C SER X 8 26.39 -116.94 -73.91
N ASP X 9 26.39 -115.62 -73.63
CA ASP X 9 25.90 -115.05 -72.35
C ASP X 9 26.95 -115.16 -71.21
N GLY X 10 27.86 -116.13 -71.32
CA GLY X 10 28.91 -116.29 -70.31
C GLY X 10 29.84 -115.10 -70.12
N VAL X 11 30.33 -114.53 -71.23
CA VAL X 11 31.24 -113.37 -71.18
C VAL X 11 30.59 -112.16 -70.51
N ILE X 12 29.34 -111.91 -70.86
CA ILE X 12 28.59 -110.78 -70.29
C ILE X 12 28.44 -110.94 -68.78
N LYS X 13 28.17 -112.17 -68.34
CA LYS X 13 28.01 -112.46 -66.92
C LYS X 13 29.28 -112.15 -66.12
N VAL X 14 30.43 -112.63 -66.59
CA VAL X 14 31.69 -112.36 -65.92
C VAL X 14 32.11 -110.87 -66.06
N PHE X 15 31.91 -110.29 -67.24
CA PHE X 15 32.23 -108.88 -67.49
C PHE X 15 31.43 -107.96 -66.56
N ASN X 16 30.15 -108.30 -66.38
CA ASN X 16 29.26 -107.53 -65.53
C ASN X 16 29.78 -107.52 -64.10
N ASP X 17 30.31 -108.66 -63.66
CA ASP X 17 30.87 -108.80 -62.34
C ASP X 17 32.03 -107.81 -62.16
N MET X 18 32.95 -107.76 -63.13
CA MET X 18 34.07 -106.82 -63.09
C MET X 18 33.62 -105.35 -63.06
N LYS X 19 32.60 -105.04 -63.86
CA LYS X 19 32.09 -103.67 -64.02
C LYS X 19 31.56 -103.04 -62.70
N VAL X 20 30.87 -103.83 -61.87
CA VAL X 20 30.33 -103.33 -60.58
C VAL X 20 31.25 -103.67 -59.39
N ARG X 21 32.24 -104.51 -59.66
CA ARG X 21 33.27 -105.04 -58.71
C ARG X 21 32.74 -106.21 -57.89
N LYS X 22 31.44 -106.19 -57.59
CA LYS X 22 30.77 -107.23 -56.79
C LYS X 22 31.51 -107.40 -55.43
N SER X 23 31.95 -106.28 -54.83
CA SER X 23 32.70 -106.33 -53.56
C SER X 23 32.31 -105.23 -52.55
N SER X 24 32.46 -105.56 -51.26
CA SER X 24 32.19 -104.63 -50.15
C SER X 24 33.24 -104.78 -49.04
N THR X 25 33.20 -105.94 -48.39
CA THR X 25 34.10 -106.33 -47.29
C THR X 25 35.54 -106.57 -47.77
N PRO X 26 36.51 -106.52 -46.84
CA PRO X 26 37.94 -106.74 -47.15
C PRO X 26 38.16 -108.14 -47.74
N GLU X 27 37.31 -109.07 -47.33
CA GLU X 27 37.38 -110.46 -47.80
C GLU X 27 37.23 -110.61 -49.33
N GLU X 28 36.32 -109.85 -49.94
CA GLU X 28 36.10 -109.99 -51.39
C GLU X 28 36.77 -108.91 -52.25
N VAL X 29 37.42 -107.93 -51.65
CA VAL X 29 38.13 -106.93 -52.44
C VAL X 29 39.35 -107.57 -53.06
N LYS X 30 39.94 -108.48 -52.29
CA LYS X 30 41.11 -109.25 -52.71
C LYS X 30 40.72 -110.43 -53.62
N LYS X 31 39.42 -110.71 -53.72
CA LYS X 31 38.98 -111.80 -54.60
C LYS X 31 38.47 -111.23 -55.93
N ARG X 32 38.61 -109.91 -56.10
CA ARG X 32 38.22 -109.25 -57.34
C ARG X 32 39.18 -109.68 -58.45
N LYS X 33 38.66 -109.78 -59.66
CA LYS X 33 39.44 -110.31 -60.77
C LYS X 33 40.22 -109.22 -61.52
N LYS X 34 41.53 -109.14 -61.26
CA LYS X 34 42.39 -108.19 -61.99
C LYS X 34 42.40 -108.53 -63.47
N ALA X 35 42.46 -109.83 -63.75
CA ALA X 35 42.47 -110.33 -65.11
C ALA X 35 41.63 -111.60 -65.26
N VAL X 36 40.96 -111.72 -66.38
CA VAL X 36 40.16 -112.91 -66.67
C VAL X 36 40.46 -113.42 -68.07
N LEU X 37 40.53 -114.74 -68.22
CA LEU X 37 40.80 -115.31 -69.53
C LEU X 37 39.52 -115.83 -70.18
N PHE X 38 39.39 -115.45 -71.44
CA PHE X 38 38.23 -115.79 -72.23
C PHE X 38 38.67 -116.59 -73.44
N CYS X 39 37.90 -117.58 -73.77
CA CYS X 39 38.20 -118.38 -74.94
C CYS X 39 36.91 -118.90 -75.51
N LEU X 40 36.98 -119.47 -76.67
CA LEU X 40 35.80 -120.03 -77.27
C LEU X 40 35.90 -121.54 -77.12
N SER X 41 34.83 -122.11 -76.62
CA SER X 41 34.74 -123.54 -76.33
C SER X 41 34.72 -124.34 -77.63
N GLU X 42 34.95 -125.66 -77.53
CA GLU X 42 35.02 -126.48 -78.74
C GLU X 42 33.77 -126.38 -79.60
N ASP X 43 34.08 -126.36 -80.89
CA ASP X 43 33.18 -126.16 -82.03
C ASP X 43 33.12 -124.66 -82.35
N LYS X 44 33.56 -123.85 -81.37
CA LYS X 44 33.67 -122.39 -81.47
C LYS X 44 32.35 -121.67 -81.76
N LYS X 45 31.28 -122.38 -81.47
CA LYS X 45 29.92 -121.89 -81.59
C LYS X 45 29.64 -120.81 -80.54
N ASN X 46 30.17 -121.05 -79.33
CA ASN X 46 29.95 -120.17 -78.16
C ASN X 46 31.25 -119.56 -77.58
N ILE X 47 31.15 -118.34 -77.02
CA ILE X 47 32.29 -117.69 -76.35
C ILE X 47 32.02 -117.66 -74.85
N ILE X 48 32.99 -118.10 -74.07
CA ILE X 48 32.85 -118.21 -72.63
C ILE X 48 34.11 -117.79 -71.86
N LEU X 49 34.03 -117.97 -70.55
CA LEU X 49 35.11 -117.66 -69.62
C LEU X 49 35.80 -118.96 -69.18
N GLU X 50 37.12 -118.94 -69.06
CA GLU X 50 37.83 -120.14 -68.64
C GLU X 50 37.92 -120.20 -67.11
N GLU X 51 37.36 -121.26 -66.54
CA GLU X 51 37.33 -121.45 -65.09
C GLU X 51 38.73 -121.66 -64.51
N GLY X 52 39.51 -122.43 -65.25
CA GLY X 52 40.87 -122.75 -64.87
C GLY X 52 41.84 -121.59 -64.78
N LYS X 53 41.74 -120.66 -65.72
CA LYS X 53 42.71 -119.57 -65.77
C LYS X 53 42.13 -118.16 -65.50
N GLU X 54 42.59 -117.52 -64.43
CA GLU X 54 42.21 -116.14 -64.10
C GLU X 54 43.22 -115.49 -63.12
N ILE X 55 43.24 -114.16 -63.07
CA ILE X 55 44.14 -113.42 -62.19
C ILE X 55 43.38 -112.52 -61.18
N LEU X 56 43.71 -112.62 -59.90
CA LEU X 56 43.04 -111.84 -58.86
C LEU X 56 43.94 -110.70 -58.30
N VAL X 57 43.33 -109.54 -58.03
CA VAL X 57 44.07 -108.39 -57.46
C VAL X 57 44.62 -108.74 -56.07
N GLY X 58 43.87 -109.56 -55.36
CA GLY X 58 44.23 -110.03 -54.02
C GLY X 58 45.55 -110.78 -53.99
N ASP X 59 45.92 -111.29 -55.14
CA ASP X 59 47.16 -112.05 -55.32
C ASP X 59 48.38 -111.21 -54.98
N VAL X 60 48.37 -109.92 -55.33
CA VAL X 60 49.53 -109.05 -55.08
C VAL X 60 49.80 -108.98 -53.58
N GLY X 61 48.74 -108.91 -52.78
CA GLY X 61 48.91 -108.93 -51.34
C GLY X 61 49.08 -110.34 -50.78
N GLN X 62 48.28 -111.28 -51.32
CA GLN X 62 48.25 -112.69 -50.89
C GLN X 62 49.57 -113.45 -51.03
N THR X 63 50.23 -113.36 -52.20
CA THR X 63 51.46 -114.15 -52.42
C THR X 63 52.25 -113.78 -53.69
N VAL X 64 51.59 -113.29 -54.74
CA VAL X 64 52.30 -112.93 -55.98
C VAL X 64 52.28 -111.41 -56.15
N ASP X 65 53.46 -110.79 -56.19
CA ASP X 65 53.52 -109.33 -56.30
C ASP X 65 53.54 -108.80 -57.74
N ASP X 66 53.57 -109.67 -58.73
CA ASP X 66 53.54 -109.24 -60.13
C ASP X 66 52.49 -109.96 -60.99
N PRO X 67 51.19 -109.61 -60.82
CA PRO X 67 50.10 -110.19 -61.64
C PRO X 67 50.42 -110.11 -63.12
N TYR X 68 51.01 -108.98 -63.51
CA TYR X 68 51.39 -108.79 -64.91
C TYR X 68 52.80 -109.37 -65.06
N ALA X 69 52.77 -110.68 -65.21
CA ALA X 69 53.94 -111.55 -65.35
C ALA X 69 53.40 -112.96 -65.31
N THR X 70 52.50 -113.20 -64.34
CA THR X 70 51.79 -114.47 -64.23
C THR X 70 50.98 -114.66 -65.51
N PHE X 71 50.40 -113.54 -65.95
CA PHE X 71 49.61 -113.48 -67.17
C PHE X 71 50.49 -113.89 -68.37
N VAL X 72 51.74 -113.40 -68.35
CA VAL X 72 52.71 -113.72 -69.39
C VAL X 72 53.04 -115.23 -69.39
N LYS X 73 53.15 -115.80 -68.19
CA LYS X 73 53.44 -117.23 -67.99
C LYS X 73 52.31 -118.16 -68.44
N MET X 74 51.09 -117.75 -68.18
CA MET X 74 49.90 -118.54 -68.48
C MET X 74 49.29 -118.21 -69.83
N LEU X 75 50.04 -117.50 -70.67
CA LEU X 75 49.56 -117.16 -72.01
C LEU X 75 50.62 -117.51 -73.05
N PRO X 76 50.84 -118.82 -73.27
CA PRO X 76 51.78 -119.32 -74.27
C PRO X 76 51.40 -118.87 -75.67
N ASP X 77 52.38 -118.69 -76.55
CA ASP X 77 52.04 -118.35 -77.94
C ASP X 77 51.45 -119.61 -78.57
N LYS X 78 51.61 -120.67 -77.79
CA LYS X 78 51.18 -122.02 -78.11
C LYS X 78 49.64 -122.11 -78.11
N ASP X 79 48.99 -121.29 -77.27
CA ASP X 79 47.51 -121.23 -77.23
C ASP X 79 47.02 -119.80 -77.46
N CYS X 80 45.97 -119.64 -78.26
CA CYS X 80 45.44 -118.31 -78.54
C CYS X 80 44.19 -118.05 -77.69
N ARG X 81 44.22 -117.01 -76.84
CA ARG X 81 43.11 -116.71 -75.92
C ARG X 81 42.72 -115.22 -75.88
N TYR X 82 41.50 -114.96 -75.42
CA TYR X 82 40.98 -113.61 -75.26
C TYR X 82 41.08 -113.22 -73.78
N ALA X 83 41.44 -111.99 -73.44
CA ALA X 83 41.52 -111.66 -72.01
C ALA X 83 41.13 -110.23 -71.65
N LEU X 84 40.65 -110.08 -70.43
CA LEU X 84 40.36 -108.76 -69.84
C LEU X 84 41.30 -108.54 -68.68
N TYR X 85 41.95 -107.39 -68.67
CA TYR X 85 42.89 -107.10 -67.60
C TYR X 85 42.67 -105.67 -67.10
N ASP X 86 42.78 -105.46 -65.81
CA ASP X 86 42.62 -104.12 -65.25
C ASP X 86 43.99 -103.44 -65.20
N ALA X 87 44.07 -102.21 -65.70
CA ALA X 87 45.36 -101.52 -65.77
C ALA X 87 46.01 -101.33 -64.39
N THR X 88 45.24 -100.86 -63.40
CA THR X 88 45.77 -100.71 -62.02
C THR X 88 47.18 -100.09 -62.00
N TYR X 89 47.31 -98.86 -62.49
CA TYR X 89 48.63 -98.23 -62.59
C TYR X 89 48.62 -96.85 -61.97
N GLU X 90 49.81 -96.36 -61.62
CA GLU X 90 49.94 -95.05 -61.01
C GLU X 90 50.43 -93.98 -61.98
N THR X 91 49.71 -92.88 -62.01
CA THR X 91 50.13 -91.72 -62.76
C THR X 91 50.26 -90.63 -61.70
N LYS X 92 51.49 -90.11 -61.55
CA LYS X 92 51.97 -89.11 -60.52
C LYS X 92 50.98 -88.34 -59.56
N GLU X 93 49.76 -88.80 -59.37
CA GLU X 93 48.82 -88.16 -58.43
C GLU X 93 48.33 -89.22 -57.44
N SER X 94 47.91 -90.32 -58.04
CA SER X 94 47.37 -91.50 -57.39
C SER X 94 47.16 -92.55 -58.48
N LYS X 95 46.33 -93.54 -58.24
CA LYS X 95 46.08 -94.55 -59.27
C LYS X 95 44.58 -94.77 -59.48
N LYS X 96 44.22 -95.14 -60.71
CA LYS X 96 42.82 -95.38 -61.06
C LYS X 96 42.60 -96.83 -61.53
N GLU X 97 42.32 -97.00 -62.84
CA GLU X 97 42.06 -98.32 -63.51
C GLU X 97 41.41 -98.14 -64.87
N ASP X 98 42.07 -98.62 -65.91
CA ASP X 98 41.53 -98.57 -67.26
C ASP X 98 41.14 -99.96 -67.69
N LEU X 99 39.92 -100.12 -68.19
CA LEU X 99 39.50 -101.43 -68.64
C LEU X 99 40.09 -101.67 -70.01
N VAL X 100 40.86 -102.71 -70.11
CA VAL X 100 41.51 -103.05 -71.35
C VAL X 100 41.29 -104.48 -71.71
N PHE X 101 41.07 -104.71 -72.97
CA PHE X 101 40.89 -106.06 -73.41
C PHE X 101 42.23 -106.46 -73.97
N ILE X 102 42.72 -107.58 -73.57
CA ILE X 102 44.01 -108.01 -74.04
C ILE X 102 43.82 -109.09 -75.07
N PHE X 103 44.29 -108.83 -76.27
CA PHE X 103 44.19 -109.82 -77.31
C PHE X 103 45.47 -110.54 -77.47
N TRP X 104 45.38 -111.83 -77.27
CA TRP X 104 46.51 -112.68 -77.45
C TRP X 104 46.25 -113.48 -78.70
N ALA X 105 46.91 -113.07 -79.77
CA ALA X 105 46.77 -113.70 -81.06
C ALA X 105 48.13 -114.02 -81.65
N PRO X 106 48.85 -114.98 -81.09
CA PRO X 106 50.17 -115.32 -81.62
C PRO X 106 50.08 -115.95 -83.00
N GLU X 107 50.91 -115.48 -83.91
CA GLU X 107 50.96 -116.03 -85.27
C GLU X 107 51.35 -117.51 -85.26
N SER X 108 52.31 -117.80 -84.37
CA SER X 108 52.91 -119.12 -84.18
C SER X 108 52.01 -120.15 -83.49
N ALA X 109 50.88 -119.73 -82.94
CA ALA X 109 49.98 -120.66 -82.24
C ALA X 109 49.36 -121.64 -83.23
N PRO X 110 48.84 -122.81 -82.75
CA PRO X 110 48.23 -123.76 -83.66
C PRO X 110 47.22 -123.04 -84.52
N LEU X 111 47.36 -123.26 -85.80
CA LEU X 111 46.58 -122.58 -86.79
C LEU X 111 45.08 -122.78 -86.67
N LYS X 112 44.66 -124.00 -86.36
CA LYS X 112 43.23 -124.31 -86.33
C LYS X 112 42.46 -123.45 -85.30
N SER X 113 42.95 -123.40 -84.05
CA SER X 113 42.32 -122.57 -83.02
C SER X 113 42.52 -121.07 -83.22
N LYS X 114 43.75 -120.72 -83.57
CA LYS X 114 44.17 -119.34 -83.76
C LYS X 114 43.42 -118.63 -84.89
N MET X 115 43.21 -119.32 -85.98
CA MET X 115 42.51 -118.74 -87.12
C MET X 115 41.08 -118.28 -86.83
N ILE X 116 40.33 -119.05 -86.06
CA ILE X 116 38.98 -118.64 -85.67
C ILE X 116 39.06 -117.41 -84.76
N TYR X 117 40.05 -117.42 -83.87
CA TYR X 117 40.27 -116.31 -82.92
C TYR X 117 40.55 -115.02 -83.65
N ALA X 118 41.43 -115.08 -84.62
CA ALA X 118 41.82 -113.92 -85.39
C ALA X 118 40.62 -113.29 -86.09
N SER X 119 39.84 -114.14 -86.74
CA SER X 119 38.64 -113.76 -87.48
C SER X 119 37.49 -113.29 -86.57
N SER X 120 37.53 -113.69 -85.33
CA SER X 120 36.46 -113.39 -84.36
C SER X 120 36.67 -112.08 -83.58
N LYS X 121 37.74 -111.32 -83.80
CA LYS X 121 37.92 -110.08 -83.02
C LYS X 121 36.77 -109.06 -83.19
N ASP X 122 36.27 -108.88 -84.42
CA ASP X 122 35.13 -107.97 -84.61
C ASP X 122 33.91 -108.48 -83.86
N ALA X 123 33.70 -109.80 -83.91
CA ALA X 123 32.58 -110.43 -83.23
C ALA X 123 32.72 -110.36 -81.71
N ILE X 124 33.93 -110.57 -81.21
CA ILE X 124 34.14 -110.55 -79.77
C ILE X 124 33.98 -109.12 -79.22
N LYS X 125 34.48 -108.11 -79.93
CA LYS X 125 34.30 -106.74 -79.44
C LYS X 125 32.91 -106.20 -79.78
N LYS X 126 32.22 -106.90 -80.68
CA LYS X 126 30.87 -106.51 -81.06
C LYS X 126 29.97 -106.55 -79.82
N LYS X 127 30.19 -107.58 -79.00
CA LYS X 127 29.48 -107.73 -77.72
C LYS X 127 30.11 -106.87 -76.63
N LEU X 128 31.31 -106.35 -76.90
CA LEU X 128 32.03 -105.47 -75.96
C LEU X 128 31.48 -104.05 -76.03
N THR X 129 30.64 -103.80 -77.04
CA THR X 129 30.05 -102.47 -77.29
C THR X 129 31.10 -101.37 -77.30
N GLY X 130 32.17 -101.61 -78.07
CA GLY X 130 33.27 -100.67 -78.19
C GLY X 130 34.08 -100.60 -76.91
N ILE X 131 35.34 -100.97 -76.96
CA ILE X 131 36.13 -100.94 -75.75
C ILE X 131 37.25 -99.91 -75.81
N LYS X 132 37.25 -99.18 -74.73
CA LYS X 132 38.12 -98.05 -74.39
C LYS X 132 39.53 -98.13 -75.01
N HIS X 133 40.34 -99.08 -74.52
CA HIS X 133 41.71 -99.23 -75.00
C HIS X 133 42.01 -100.71 -75.17
N GLU X 134 42.95 -101.06 -76.03
CA GLU X 134 43.31 -102.47 -76.15
C GLU X 134 44.81 -102.67 -76.34
N LEU X 135 45.29 -103.81 -75.86
CA LEU X 135 46.69 -104.18 -76.02
C LEU X 135 46.74 -105.50 -76.79
N GLN X 136 47.52 -105.57 -77.84
CA GLN X 136 47.59 -106.82 -78.58
C GLN X 136 49.02 -107.18 -78.96
N ALA X 137 49.40 -108.41 -78.66
CA ALA X 137 50.72 -108.91 -78.99
C ALA X 137 50.64 -110.35 -79.48
N ASN X 138 51.51 -110.72 -80.39
CA ASN X 138 51.52 -112.08 -80.91
C ASN X 138 52.77 -112.84 -80.42
N CYS X 139 53.44 -112.28 -79.42
CA CYS X 139 54.66 -112.89 -78.87
C CYS X 139 54.84 -112.56 -77.38
N TYR X 140 55.64 -113.39 -76.69
CA TYR X 140 55.92 -113.17 -75.27
C TYR X 140 56.59 -111.84 -74.94
N GLU X 141 57.54 -111.40 -75.78
CA GLU X 141 58.26 -110.16 -75.49
C GLU X 141 57.36 -108.92 -75.44
N GLU X 142 56.38 -108.82 -76.33
CA GLU X 142 55.47 -107.66 -76.29
C GLU X 142 54.54 -107.72 -75.06
N VAL X 143 54.06 -108.92 -74.74
CA VAL X 143 53.18 -109.11 -73.57
C VAL X 143 53.98 -108.90 -72.26
N LYS X 144 55.21 -109.42 -72.24
CA LYS X 144 56.14 -109.29 -71.11
C LYS X 144 56.52 -107.85 -70.75
N ASP X 145 56.73 -107.03 -71.77
CA ASP X 145 57.21 -105.66 -71.58
C ASP X 145 56.24 -104.67 -70.95
N ARG X 146 56.79 -103.98 -69.98
CA ARG X 146 56.14 -102.92 -69.21
C ARG X 146 55.70 -101.75 -70.10
N CYS X 147 56.55 -101.44 -71.07
CA CYS X 147 56.35 -100.31 -71.98
C CYS X 147 55.06 -100.41 -72.79
N THR X 148 54.69 -101.59 -73.26
CA THR X 148 53.47 -101.73 -74.06
C THR X 148 52.22 -101.30 -73.26
N LEU X 149 52.16 -101.68 -71.99
CA LEU X 149 51.06 -101.27 -71.09
C LEU X 149 51.12 -99.72 -70.89
N ALA X 150 52.34 -99.21 -70.75
CA ALA X 150 52.61 -97.77 -70.55
C ALA X 150 52.32 -96.91 -71.79
N GLU X 151 52.40 -97.50 -72.96
CA GLU X 151 52.16 -96.82 -74.25
C GLU X 151 50.74 -96.25 -74.30
N LYS X 152 49.81 -97.02 -73.78
CA LYS X 152 48.40 -96.66 -73.70
C LYS X 152 48.19 -95.38 -72.89
N LEU X 153 48.93 -95.32 -71.82
CA LEU X 153 48.92 -94.25 -70.84
C LEU X 153 49.36 -92.92 -71.45
N GLY X 154 50.38 -93.04 -72.29
CA GLY X 154 51.05 -91.91 -72.92
C GLY X 154 52.56 -92.09 -72.79
N GLY X 155 52.99 -92.44 -71.58
CA GLY X 155 54.39 -92.75 -71.27
C GLY X 155 55.29 -91.60 -70.85
N SER X 156 54.84 -90.35 -70.96
CA SER X 156 55.68 -89.23 -70.52
C SER X 156 55.26 -88.72 -69.12
N ALA X 157 54.23 -89.32 -68.56
CA ALA X 157 53.71 -88.92 -67.25
C ALA X 157 53.35 -90.13 -66.40
N VAL X 158 54.26 -91.09 -66.31
CA VAL X 158 54.00 -92.32 -65.56
C VAL X 158 55.27 -92.92 -64.96
N ILE X 159 55.62 -92.54 -63.74
CA ILE X 159 56.80 -93.12 -63.13
C ILE X 159 56.37 -94.18 -62.09
N SER X 160 56.08 -95.38 -62.65
CA SER X 160 55.73 -96.61 -61.90
C SER X 160 54.50 -97.34 -62.50
N LEU X 161 54.69 -98.27 -63.43
CA LEU X 161 53.54 -99.00 -63.98
C LEU X 161 52.81 -99.73 -62.83
N GLU X 162 53.60 -100.47 -62.05
CA GLU X 162 53.13 -101.19 -60.85
C GLU X 162 53.73 -100.66 -59.55
N GLY X 163 54.22 -99.42 -59.57
CA GLY X 163 54.84 -98.86 -58.38
C GLY X 163 56.31 -99.27 -58.21
N LYS X 164 56.90 -99.87 -59.26
CA LYS X 164 58.32 -100.30 -59.20
C LYS X 164 59.01 -100.54 -60.57
N PRO X 165 58.37 -101.21 -61.58
CA PRO X 165 59.03 -101.52 -62.88
C PRO X 165 59.54 -100.34 -63.74
N LEU X 166 58.91 -99.18 -63.66
CA LEU X 166 59.34 -98.04 -64.50
C LEU X 166 59.90 -96.86 -63.68
#